data_4AU6
#
_entry.id   4AU6
#
_cell.length_a   1.000
_cell.length_b   1.000
_cell.length_c   1.000
_cell.angle_alpha   90.00
_cell.angle_beta   90.00
_cell.angle_gamma   90.00
#
_symmetry.space_group_name_H-M   'P 1'
#
_entity_poly.entity_id   1
_entity_poly.type   'polypeptide(L)'
_entity_poly.pdbx_seq_one_letter_code
;HHHHHHMGKYNLILSEYLSFIYNSQSAVQIPIYYSSNSELENRCIEFHSKCLENSKNGLSLRKLFVEYNDVIENATLLSI
LSYSYDKYNAVERKLVKYAKGKPLEADLTVNELDYENNKMTSELFPTAEEYTDSLMDPAILTSLSSNLNAVMFWLEKHEN
DVAEKLKVYKRRLDLFTIVASTINKYGVPRHNAKYRYEYDVMKDKPYYLVTWANSSIEMLMSVFSHDDYLIAKELIVLSY
SNRSTLAKLVSSPMSILVALVDINGTFITNEELELEFSNKYVRAIVPDQTFDELNQMLDNMRKAGLVDIPKMIQDWLVDR
SIEKFPLMAKIYSWSFHVGFRKQKMLDAALDQLKTEYTENVDDEMYREYTMLIRDEVVKMLEEPVKHDDHLLRDSELAGL
LSMSSASNGESRQLKFGRKTIFSTKKNMHVMDDMANERYTPGIIPPVNVDKPIPLGRRDVPGRRTRIIFILPYEYFIAQH
AVVEKMLIYAKHTREYAEFYSQSNQLLSYGDVTRFLSNNTMVLYTDVSQWDSSQHNTQPFRKGIIMGLDILANMTNDAKV
LQTLNLYKQTQINLMDSYVQIPDGNVIKKIQYGAVASGEKQTKAANSIANLALIKTVLSRISNKHSFATKIIRVDGDDNY
AVLQFNTEVTKQMIQDVSNDVRETYARMNAKVKALVSTVGIEIAKRYIAGGKIFFRAGINLLNNEKRGQSTQWDQAAILY
SNYIVNRLRGFETDREFILTKIMQMTSVAITGSLRLFPSERVLTTNSTFKVFDSEDFIIEYGTTVDEVYIQRAFMSLSSQ
KSGIADEIAASSTFKNYVTRLSEQLLFSKNNIVSRGIALTEKAKLNSYAPISLEKRRAQISALLTMLQKPVTFKSSKITI
NDILRDIKPFFTVSDAHLPIQYQKFMPTLPDNVQYIIQCIGSRTYQIEDDGSKSAISRLISKYSVYKPSIEELYKVISLH
ENEIQLYLISLGIPKIDADTYVGSKIYSRDKYRILESYVYNLLSINYGCYQLFDFNSPDLEKLIRIPFKGKIPAVTFILH
LYAKLEVINYAIKNGSWISLFCNYPKSEMIKLWKKMWNITSLRSPYTNANFFQEP
;
_entity_poly.pdbx_strand_id   A,B,C,D,E
#
# COMPACT_ATOMS: atom_id res chain seq x y z
N GLY A 8 23.31 8.15 -2.27
CA GLY A 8 23.36 8.98 -3.52
C GLY A 8 24.60 8.71 -4.37
N LYS A 9 25.68 8.30 -3.72
CA LYS A 9 26.93 8.00 -4.40
C LYS A 9 26.80 6.67 -5.14
N TYR A 10 25.88 5.83 -4.70
CA TYR A 10 25.67 4.54 -5.34
C TYR A 10 25.12 4.71 -6.75
N ASN A 11 24.16 5.60 -6.92
CA ASN A 11 23.59 5.78 -8.25
C ASN A 11 24.63 6.29 -9.25
N LEU A 12 25.44 7.26 -8.85
CA LEU A 12 26.46 7.77 -9.74
C LEU A 12 27.58 6.77 -9.99
N ILE A 13 27.97 6.04 -8.94
CA ILE A 13 29.03 5.06 -9.06
C ILE A 13 28.63 4.05 -10.11
N LEU A 14 27.36 3.67 -10.11
CA LEU A 14 26.85 2.70 -11.04
C LEU A 14 27.09 3.16 -12.47
N SER A 15 27.04 4.47 -12.70
CA SER A 15 27.28 4.97 -14.04
C SER A 15 28.70 4.65 -14.51
N GLU A 16 29.66 4.77 -13.60
CA GLU A 16 31.05 4.52 -13.95
C GLU A 16 31.19 3.08 -14.35
N TYR A 17 30.57 2.22 -13.56
CA TYR A 17 30.64 0.78 -13.79
C TYR A 17 30.06 0.41 -15.15
N LEU A 18 28.92 1.01 -15.51
CA LEU A 18 28.34 0.69 -16.80
C LEU A 18 29.19 1.24 -17.94
N SER A 19 29.64 2.48 -17.82
CA SER A 19 30.44 3.08 -18.86
C SER A 19 31.71 2.27 -18.98
N PHE A 20 32.21 1.82 -17.83
CA PHE A 20 33.43 1.04 -17.81
C PHE A 20 33.27 -0.26 -18.59
N ILE A 21 32.21 -1.02 -18.29
CA ILE A 21 31.99 -2.29 -18.99
C ILE A 21 31.64 -2.14 -20.46
N TYR A 22 30.79 -1.17 -20.77
CA TYR A 22 30.32 -0.95 -22.14
C TYR A 22 31.02 0.22 -22.82
N ASN A 23 31.50 0.00 -24.04
CA ASN A 23 32.22 1.05 -24.78
C ASN A 23 31.63 1.33 -26.16
N SER A 24 30.70 0.47 -26.57
CA SER A 24 30.04 0.59 -27.87
C SER A 24 29.55 2.00 -28.18
N VAL A 28 24.70 2.69 -25.14
CA VAL A 28 23.99 3.87 -24.65
C VAL A 28 23.39 3.65 -23.26
N GLN A 29 23.24 4.75 -22.53
CA GLN A 29 22.67 4.70 -21.20
C GLN A 29 21.47 5.61 -21.12
N ILE A 30 20.29 5.01 -20.99
CA ILE A 30 19.05 5.74 -20.93
C ILE A 30 18.47 5.73 -19.52
N PRO A 31 18.79 6.75 -18.71
CA PRO A 31 18.27 6.80 -17.35
C PRO A 31 16.75 6.81 -17.37
N ILE A 32 16.13 6.45 -16.26
CA ILE A 32 14.66 6.45 -16.19
C ILE A 32 14.26 7.12 -14.90
N TYR A 33 13.46 8.17 -15.00
CA TYR A 33 13.02 8.88 -13.82
C TYR A 33 11.52 8.78 -13.57
N TYR A 34 11.15 8.59 -12.31
CA TYR A 34 9.75 8.52 -11.93
C TYR A 34 9.52 9.62 -10.91
N SER A 35 8.25 9.89 -10.61
CA SER A 35 7.89 10.91 -9.64
C SER A 35 6.43 10.86 -9.24
N SER A 36 6.19 11.23 -7.99
CA SER A 36 4.86 11.28 -7.44
C SER A 36 4.14 12.42 -8.13
N ASN A 37 4.88 13.49 -8.40
CA ASN A 37 4.31 14.66 -9.05
C ASN A 37 3.76 14.25 -10.42
N SER A 38 2.51 14.61 -10.70
CA SER A 38 1.89 14.23 -11.95
C SER A 38 2.42 14.95 -13.19
N GLU A 39 2.64 16.24 -13.08
CA GLU A 39 3.13 17.00 -14.22
C GLU A 39 4.55 16.58 -14.58
N LEU A 40 5.38 16.43 -13.55
CA LEU A 40 6.77 16.04 -13.69
C LEU A 40 6.83 14.68 -14.33
N GLU A 41 5.87 13.83 -13.96
CA GLU A 41 5.83 12.47 -14.47
C GLU A 41 5.70 12.44 -15.99
N ASN A 42 4.83 13.28 -16.53
CA ASN A 42 4.65 13.34 -17.99
C ASN A 42 5.96 13.86 -18.58
N ARG A 43 6.58 14.79 -17.86
CA ARG A 43 7.85 15.36 -18.28
C ARG A 43 8.87 14.23 -18.29
N CYS A 44 8.79 13.34 -17.29
CA CYS A 44 9.71 12.23 -17.21
C CYS A 44 9.51 11.33 -18.42
N ILE A 45 8.24 11.08 -18.78
CA ILE A 45 7.95 10.23 -19.92
C ILE A 45 8.45 10.84 -21.23
N GLU A 46 8.32 12.15 -21.38
CA GLU A 46 8.77 12.81 -22.60
C GLU A 46 10.27 12.67 -22.72
N PHE A 47 10.96 12.92 -21.62
CA PHE A 47 12.42 12.85 -21.56
C PHE A 47 12.90 11.46 -21.93
N HIS A 48 12.19 10.47 -21.38
CA HIS A 48 12.51 9.06 -21.62
C HIS A 48 12.32 8.69 -23.08
N SER A 49 11.17 9.08 -23.62
CA SER A 49 10.81 8.74 -25.01
C SER A 49 11.77 9.34 -26.00
N LYS A 50 12.11 10.61 -25.78
CA LYS A 50 13.03 11.29 -26.67
C LYS A 50 14.43 10.66 -26.63
N CYS A 51 14.82 10.20 -25.43
CA CYS A 51 16.13 9.59 -25.24
C CYS A 51 16.31 8.32 -26.08
N LEU A 52 15.29 7.48 -26.13
CA LEU A 52 15.41 6.28 -26.94
C LEU A 52 15.57 6.68 -28.40
N GLU A 53 14.73 7.61 -28.83
CA GLU A 53 14.77 8.03 -30.21
C GLU A 53 16.13 8.59 -30.56
N ASN A 54 16.68 9.43 -29.68
CA ASN A 54 17.96 10.01 -30.00
C ASN A 54 19.04 8.93 -30.11
N SER A 55 19.04 8.00 -29.18
CA SER A 55 20.04 6.94 -29.18
C SER A 55 19.88 5.96 -30.34
N LYS A 56 18.65 5.53 -30.63
CA LYS A 56 18.39 4.60 -31.73
C LYS A 56 18.56 5.30 -33.07
N ASN A 57 19.11 6.51 -33.05
CA ASN A 57 19.34 7.28 -34.24
C ASN A 57 20.76 7.83 -34.21
N GLY A 58 21.52 7.35 -33.23
CA GLY A 58 22.91 7.76 -33.09
C GLY A 58 23.12 9.24 -32.93
N LEU A 59 22.28 9.89 -32.13
CA LEU A 59 22.41 11.32 -31.89
C LEU A 59 22.77 11.57 -30.45
N SER A 60 23.26 12.78 -30.18
CA SER A 60 23.65 13.19 -28.83
C SER A 60 22.52 13.04 -27.83
N LEU A 61 22.72 13.58 -26.64
CA LEU A 61 21.72 13.53 -25.57
C LEU A 61 22.03 14.63 -24.59
N ARG A 62 23.05 15.41 -24.87
CA ARG A 62 23.44 16.50 -23.99
C ARG A 62 22.37 17.57 -23.97
N LYS A 63 21.84 17.87 -25.15
CA LYS A 63 20.80 18.88 -25.25
C LYS A 63 19.52 18.44 -24.51
N LEU A 64 19.18 17.16 -24.62
CA LEU A 64 18.00 16.63 -23.94
C LEU A 64 18.10 16.74 -22.43
N PHE A 65 19.27 16.49 -21.87
CA PHE A 65 19.45 16.57 -20.43
C PHE A 65 19.29 17.98 -19.93
N VAL A 66 19.77 18.93 -20.72
CA VAL A 66 19.62 20.33 -20.36
C VAL A 66 18.14 20.67 -20.45
N GLU A 67 17.47 20.06 -21.42
CA GLU A 67 16.04 20.28 -21.65
C GLU A 67 15.19 19.53 -20.64
N TYR A 68 15.81 18.91 -19.65
CA TYR A 68 15.08 18.17 -18.64
C TYR A 68 15.78 18.25 -17.30
N ASN A 69 16.34 19.41 -17.02
CA ASN A 69 17.07 19.61 -15.77
C ASN A 69 16.10 19.36 -14.62
N ASP A 70 14.85 19.71 -14.84
CA ASP A 70 13.85 19.49 -13.80
C ASP A 70 13.78 18.00 -13.48
N VAL A 71 13.81 17.17 -14.52
CA VAL A 71 13.75 15.73 -14.32
C VAL A 71 14.95 15.19 -13.59
N ILE A 72 16.14 15.66 -13.95
CA ILE A 72 17.38 15.18 -13.31
C ILE A 72 17.46 15.65 -11.86
N GLU A 73 17.26 16.94 -11.68
CA GLU A 73 17.31 17.55 -10.36
C GLU A 73 16.15 17.29 -9.42
N ASN A 74 14.92 17.26 -9.93
CA ASN A 74 13.74 17.08 -9.08
C ASN A 74 13.05 15.73 -9.01
N ALA A 75 13.30 14.84 -9.98
CA ALA A 75 12.66 13.52 -9.95
C ALA A 75 13.58 12.45 -9.38
N THR A 76 13.05 11.25 -9.24
CA THR A 76 13.83 10.14 -8.71
C THR A 76 14.28 9.23 -9.84
N LEU A 77 15.49 8.70 -9.71
CA LEU A 77 16.01 7.80 -10.73
C LEU A 77 15.39 6.46 -10.40
N LEU A 78 14.81 5.82 -11.39
CA LEU A 78 14.15 4.53 -11.17
C LEU A 78 15.04 3.35 -11.51
N SER A 79 15.92 3.55 -12.51
CA SER A 79 16.85 2.51 -12.98
C SER A 79 17.58 3.07 -14.19
N ILE A 80 18.63 2.39 -14.66
CA ILE A 80 19.34 2.85 -15.86
C ILE A 80 19.45 1.77 -16.92
N LEU A 81 18.72 1.94 -18.02
CA LEU A 81 18.73 0.98 -19.11
C LEU A 81 20.08 0.96 -19.80
N SER A 82 20.44 -0.19 -20.35
CA SER A 82 21.71 -0.31 -21.05
C SER A 82 21.57 -1.11 -22.32
N TYR A 83 21.79 -0.40 -23.43
CA TYR A 83 21.74 -1.01 -24.75
C TYR A 83 23.17 -1.34 -25.11
N SER A 84 23.45 -2.64 -25.24
CA SER A 84 24.78 -3.12 -25.57
C SER A 84 24.70 -4.05 -26.77
N TYR A 85 25.86 -4.34 -27.36
CA TYR A 85 25.92 -5.24 -28.51
C TYR A 85 27.32 -5.79 -28.76
N ASP A 86 27.93 -6.36 -27.71
CA ASP A 86 29.26 -6.96 -27.80
C ASP A 86 29.11 -8.47 -27.56
N LYS A 87 29.50 -8.93 -26.36
CA LYS A 87 29.40 -10.34 -26.01
C LYS A 87 29.67 -10.58 -24.53
N TYR A 88 29.96 -9.50 -23.81
CA TYR A 88 30.26 -9.60 -22.39
C TYR A 88 31.54 -10.40 -22.16
N ASN A 89 32.40 -10.41 -23.18
CA ASN A 89 33.67 -11.12 -23.11
C ASN A 89 34.80 -10.10 -22.99
N ALA A 90 34.49 -8.98 -22.34
CA ALA A 90 35.45 -7.91 -22.15
C ALA A 90 36.47 -8.33 -21.10
N VAL A 91 36.15 -9.38 -20.35
CA VAL A 91 37.04 -9.86 -19.30
C VAL A 91 38.34 -10.41 -19.87
N GLU A 92 38.22 -11.19 -20.94
CA GLU A 92 39.39 -11.80 -21.56
C GLU A 92 40.35 -10.68 -21.96
N ARG A 93 39.81 -9.65 -22.57
CA ARG A 93 40.62 -8.53 -23.04
C ARG A 93 41.22 -7.67 -21.91
N LYS A 94 40.42 -7.33 -20.91
CA LYS A 94 40.88 -6.51 -19.79
C LYS A 94 41.91 -7.17 -18.88
N LEU A 95 41.70 -8.46 -18.63
CA LEU A 95 42.56 -9.24 -17.74
C LEU A 95 44.04 -9.32 -18.12
N VAL A 96 44.30 -9.36 -19.43
CA VAL A 96 45.65 -9.49 -19.97
C VAL A 96 46.60 -8.41 -19.49
N LYS A 97 46.09 -7.21 -19.35
CA LYS A 97 46.91 -6.10 -18.90
C LYS A 97 47.51 -6.46 -17.54
N TYR A 98 46.78 -7.26 -16.77
CA TYR A 98 47.25 -7.67 -15.44
C TYR A 98 47.89 -9.06 -15.38
N ALA A 99 48.01 -9.73 -16.52
CA ALA A 99 48.59 -11.07 -16.54
C ALA A 99 50.11 -11.06 -16.65
N LYS A 100 50.70 -9.90 -16.35
CA LYS A 100 52.15 -9.72 -16.40
C LYS A 100 52.94 -10.60 -15.44
N GLY A 101 52.35 -10.91 -14.29
CA GLY A 101 53.02 -11.76 -13.31
C GLY A 101 53.15 -13.18 -13.80
N LYS A 102 53.88 -14.00 -13.03
CA LYS A 102 54.11 -15.39 -13.38
C LYS A 102 53.13 -16.31 -12.69
N PRO A 103 52.31 -17.06 -13.44
CA PRO A 103 51.31 -17.98 -12.90
C PRO A 103 51.81 -18.81 -11.73
N LEU A 104 50.89 -19.24 -10.87
CA LEU A 104 51.28 -20.03 -9.72
C LEU A 104 51.21 -21.50 -10.06
N GLU A 105 52.12 -22.26 -9.48
CA GLU A 105 52.16 -23.70 -9.72
C GLU A 105 51.90 -24.35 -8.37
N ALA A 106 50.83 -25.14 -8.33
CA ALA A 106 50.43 -25.82 -7.11
C ALA A 106 51.26 -27.06 -6.81
N ASP A 107 51.79 -27.13 -5.59
CA ASP A 107 52.59 -28.28 -5.18
C ASP A 107 51.61 -29.40 -4.86
N LEU A 108 51.23 -30.15 -5.89
CA LEU A 108 50.27 -31.24 -5.74
C LEU A 108 50.62 -32.28 -4.67
N THR A 109 51.66 -31.98 -3.90
CA THR A 109 52.12 -32.87 -2.84
C THR A 109 51.84 -32.22 -1.48
N VAL A 110 50.62 -31.77 -1.27
CA VAL A 110 50.30 -31.12 -0.01
C VAL A 110 49.09 -31.71 0.68
N ASN A 111 48.14 -32.21 -0.11
CA ASN A 111 46.92 -32.75 0.45
C ASN A 111 46.89 -34.23 0.76
N GLU A 112 46.72 -34.56 2.03
CA GLU A 112 46.66 -35.94 2.46
C GLU A 112 45.69 -36.70 1.57
N LEU A 113 44.58 -36.08 1.21
CA LEU A 113 43.60 -36.72 0.33
C LEU A 113 43.75 -36.21 -1.11
N ASP A 114 44.26 -37.10 -1.97
CA ASP A 114 44.51 -36.82 -3.37
C ASP A 114 43.67 -35.74 -4.02
N TYR A 115 42.34 -35.92 -4.02
CA TYR A 115 41.44 -34.94 -4.65
C TYR A 115 41.43 -33.57 -3.96
N GLU A 116 41.98 -33.50 -2.74
CA GLU A 116 42.03 -32.22 -2.04
C GLU A 116 43.12 -31.38 -2.71
N ASN A 117 44.06 -32.04 -3.40
CA ASN A 117 45.16 -31.37 -4.11
C ASN A 117 44.64 -30.63 -5.35
N ASN A 118 45.26 -29.52 -5.70
CA ASN A 118 44.78 -28.75 -6.84
C ASN A 118 45.28 -29.26 -8.19
N LYS A 119 44.97 -30.52 -8.50
CA LYS A 119 45.41 -31.10 -9.76
C LYS A 119 44.66 -30.54 -10.96
N MET A 120 44.94 -31.10 -12.13
CA MET A 120 44.27 -30.68 -13.35
C MET A 120 42.97 -31.46 -13.34
N THR A 121 41.86 -30.77 -13.61
CA THR A 121 40.56 -31.39 -13.61
C THR A 121 40.53 -32.69 -14.41
N SER A 122 41.10 -32.67 -15.61
CA SER A 122 41.14 -33.84 -16.49
C SER A 122 41.79 -35.04 -15.81
N GLU A 123 42.50 -34.79 -14.71
CA GLU A 123 43.18 -35.83 -13.96
C GLU A 123 42.24 -36.41 -12.91
N LEU A 124 41.63 -35.55 -12.12
CA LEU A 124 40.72 -35.98 -11.07
C LEU A 124 39.48 -36.61 -11.69
N PHE A 125 39.09 -36.11 -12.88
CA PHE A 125 37.93 -36.60 -13.63
C PHE A 125 38.31 -36.70 -15.10
N PRO A 126 38.76 -37.90 -15.51
CA PRO A 126 39.18 -38.18 -16.89
C PRO A 126 38.06 -38.02 -17.91
N THR A 127 36.87 -38.48 -17.56
CA THR A 127 35.70 -38.41 -18.44
C THR A 127 34.62 -37.48 -17.92
N ALA A 128 33.78 -37.00 -18.83
CA ALA A 128 32.70 -36.09 -18.48
C ALA A 128 31.69 -36.71 -17.51
N GLU A 129 31.33 -37.96 -17.73
CA GLU A 129 30.38 -38.61 -16.84
C GLU A 129 31.00 -38.90 -15.48
N GLU A 130 32.26 -38.51 -15.32
CA GLU A 130 32.94 -38.74 -14.07
C GLU A 130 33.12 -37.46 -13.28
N TYR A 131 33.14 -36.34 -14.00
CA TYR A 131 33.30 -35.03 -13.40
C TYR A 131 32.15 -34.62 -12.49
N THR A 132 32.49 -33.84 -11.47
CA THR A 132 31.52 -33.37 -10.50
C THR A 132 32.02 -32.14 -9.77
N ASP A 133 31.44 -30.99 -10.07
CA ASP A 133 31.83 -29.76 -9.39
C ASP A 133 31.42 -29.86 -7.92
N SER A 134 30.96 -31.03 -7.50
CA SER A 134 30.53 -31.22 -6.13
C SER A 134 31.65 -31.00 -5.12
N LEU A 135 32.86 -30.80 -5.59
CA LEU A 135 33.99 -30.60 -4.69
C LEU A 135 34.59 -29.21 -4.68
N MET A 136 34.08 -28.30 -5.51
CA MET A 136 34.63 -26.95 -5.56
C MET A 136 33.60 -25.86 -5.88
N ASP A 137 32.38 -26.26 -6.14
CA ASP A 137 31.30 -25.33 -6.48
C ASP A 137 31.15 -24.13 -5.57
N PRO A 138 31.36 -22.93 -6.11
CA PRO A 138 31.23 -21.71 -5.33
C PRO A 138 29.84 -21.67 -4.73
N ALA A 139 28.89 -22.32 -5.42
CA ALA A 139 27.50 -22.41 -4.99
C ALA A 139 26.82 -21.05 -4.86
N ILE A 140 27.44 -20.03 -5.43
CA ILE A 140 26.91 -18.68 -5.35
C ILE A 140 26.42 -18.23 -6.73
N LEU A 141 25.31 -17.51 -6.77
CA LEU A 141 24.75 -17.06 -8.04
C LEU A 141 25.42 -15.86 -8.66
N THR A 142 26.75 -15.83 -8.61
CA THR A 142 27.51 -14.75 -9.24
C THR A 142 28.66 -15.40 -10.00
N SER A 143 29.16 -14.74 -11.03
CA SER A 143 30.22 -15.33 -11.80
C SER A 143 31.62 -14.85 -11.49
N LEU A 144 32.59 -15.72 -11.76
CA LEU A 144 34.00 -15.44 -11.55
C LEU A 144 34.44 -14.28 -12.43
N SER A 145 33.90 -14.25 -13.64
CA SER A 145 34.21 -13.19 -14.59
C SER A 145 33.70 -11.88 -14.02
N SER A 146 32.54 -11.95 -13.37
CA SER A 146 31.95 -10.76 -12.77
C SER A 146 32.88 -10.23 -11.71
N ASN A 147 33.37 -11.12 -10.85
CA ASN A 147 34.27 -10.72 -9.77
C ASN A 147 35.50 -10.08 -10.40
N LEU A 148 36.01 -10.73 -11.44
CA LEU A 148 37.19 -10.23 -12.13
C LEU A 148 36.83 -8.90 -12.72
N ASN A 149 35.63 -8.80 -13.27
CA ASN A 149 35.25 -7.55 -13.85
C ASN A 149 35.13 -6.48 -12.80
N ALA A 150 34.49 -6.83 -11.69
CA ALA A 150 34.29 -5.89 -10.61
C ALA A 150 35.62 -5.41 -10.05
N VAL A 151 36.58 -6.32 -9.92
CA VAL A 151 37.87 -5.94 -9.38
C VAL A 151 38.60 -4.98 -10.30
N MET A 152 38.48 -5.23 -11.59
CA MET A 152 39.16 -4.38 -12.55
C MET A 152 38.60 -3.00 -12.54
N PHE A 153 37.29 -2.90 -12.33
CA PHE A 153 36.65 -1.60 -12.29
C PHE A 153 37.18 -0.74 -11.16
N TRP A 154 37.39 -1.33 -9.99
CA TRP A 154 37.90 -0.58 -8.85
C TRP A 154 39.29 -0.04 -9.10
N LEU A 155 40.14 -0.87 -9.70
CA LEU A 155 41.51 -0.51 -10.02
C LEU A 155 41.60 0.61 -11.04
N GLU A 156 40.69 0.59 -12.00
CA GLU A 156 40.66 1.61 -13.03
C GLU A 156 40.31 2.91 -12.34
N LYS A 157 39.34 2.83 -11.44
CA LYS A 157 38.91 4.01 -10.71
C LYS A 157 39.93 4.54 -9.73
N HIS A 158 40.64 3.65 -9.05
CA HIS A 158 41.64 4.09 -8.09
C HIS A 158 43.08 3.90 -8.54
N GLU A 159 43.32 4.09 -9.84
CA GLU A 159 44.64 3.98 -10.44
C GLU A 159 45.44 5.27 -10.27
N ASN A 160 44.78 6.33 -9.80
CA ASN A 160 45.43 7.62 -9.61
C ASN A 160 45.30 8.16 -8.20
N ASP A 161 44.69 7.41 -7.29
CA ASP A 161 44.56 7.88 -5.91
C ASP A 161 45.93 8.25 -5.40
N VAL A 162 46.01 9.14 -4.40
CA VAL A 162 47.31 9.54 -3.88
C VAL A 162 47.49 9.23 -2.41
N ALA A 163 48.69 9.49 -1.90
CA ALA A 163 49.02 9.26 -0.51
C ALA A 163 48.70 7.84 -0.09
N GLU A 164 48.15 7.69 1.12
CA GLU A 164 47.83 6.37 1.63
C GLU A 164 46.81 5.61 0.80
N LYS A 165 45.89 6.33 0.18
CA LYS A 165 44.88 5.66 -0.63
C LYS A 165 45.58 4.88 -1.73
N LEU A 166 46.62 5.48 -2.29
CA LEU A 166 47.36 4.86 -3.36
C LEU A 166 47.99 3.56 -2.92
N LYS A 167 48.51 3.53 -1.70
CA LYS A 167 49.18 2.35 -1.19
C LYS A 167 48.22 1.18 -1.18
N VAL A 168 46.95 1.45 -0.89
CA VAL A 168 45.96 0.41 -0.89
C VAL A 168 45.90 -0.12 -2.30
N TYR A 169 45.98 0.79 -3.27
CA TYR A 169 45.94 0.38 -4.66
C TYR A 169 47.14 -0.47 -5.03
N LYS A 170 48.34 -0.05 -4.61
CA LYS A 170 49.55 -0.78 -4.94
C LYS A 170 49.42 -2.18 -4.40
N ARG A 171 48.89 -2.30 -3.19
CA ARG A 171 48.73 -3.60 -2.60
C ARG A 171 47.71 -4.40 -3.38
N ARG A 172 46.58 -3.76 -3.68
CA ARG A 172 45.49 -4.40 -4.40
C ARG A 172 45.94 -4.76 -5.79
N LEU A 173 46.72 -3.86 -6.38
CA LEU A 173 47.23 -4.08 -7.73
C LEU A 173 48.16 -5.29 -7.78
N ASP A 174 49.10 -5.33 -6.85
CA ASP A 174 50.07 -6.41 -6.76
C ASP A 174 49.32 -7.74 -6.70
N LEU A 175 48.65 -7.95 -5.58
CA LEU A 175 47.88 -9.17 -5.35
C LEU A 175 47.03 -9.59 -6.53
N PHE A 176 46.14 -8.71 -6.96
CA PHE A 176 45.28 -9.05 -8.06
C PHE A 176 46.04 -9.67 -9.20
N THR A 177 47.27 -9.20 -9.40
CA THR A 177 48.09 -9.71 -10.49
C THR A 177 48.30 -11.21 -10.33
N ILE A 178 48.45 -11.67 -9.09
CA ILE A 178 48.64 -13.09 -8.85
C ILE A 178 47.41 -13.78 -9.43
N VAL A 179 46.24 -13.23 -9.16
CA VAL A 179 45.02 -13.85 -9.67
C VAL A 179 44.90 -13.74 -11.17
N ALA A 180 45.18 -12.55 -11.70
CA ALA A 180 45.05 -12.33 -13.12
C ALA A 180 46.04 -13.19 -13.91
N SER A 181 47.27 -13.25 -13.41
CA SER A 181 48.33 -14.00 -14.06
C SER A 181 48.04 -15.49 -14.14
N THR A 182 47.58 -16.05 -13.04
CA THR A 182 47.26 -17.47 -13.00
C THR A 182 46.04 -17.78 -13.84
N ILE A 183 45.00 -16.98 -13.70
CA ILE A 183 43.77 -17.22 -14.43
C ILE A 183 44.04 -17.10 -15.91
N ASN A 184 44.84 -16.12 -16.28
CA ASN A 184 45.11 -15.88 -17.67
C ASN A 184 45.72 -17.09 -18.36
N LYS A 185 46.61 -17.78 -17.67
CA LYS A 185 47.24 -18.96 -18.23
C LYS A 185 46.22 -19.97 -18.75
N TYR A 186 45.13 -20.15 -18.02
CA TYR A 186 44.09 -21.10 -18.40
C TYR A 186 42.87 -20.40 -18.99
N GLY A 187 42.87 -19.07 -18.94
CA GLY A 187 41.75 -18.31 -19.47
C GLY A 187 40.72 -18.15 -18.38
N VAL A 188 39.72 -17.31 -18.63
CA VAL A 188 38.69 -17.09 -17.64
C VAL A 188 37.50 -18.01 -17.92
N PRO A 189 37.29 -19.00 -17.03
CA PRO A 189 36.23 -20.00 -17.09
C PRO A 189 34.86 -19.39 -17.36
N ARG A 190 34.09 -20.02 -18.23
CA ARG A 190 32.76 -19.51 -18.55
C ARG A 190 31.72 -20.20 -17.72
N HIS A 191 30.80 -19.39 -17.20
CA HIS A 191 29.71 -19.85 -16.34
C HIS A 191 28.40 -19.98 -17.09
N ASN A 192 27.65 -21.03 -16.78
CA ASN A 192 26.37 -21.25 -17.41
C ASN A 192 25.27 -20.58 -16.59
N ALA A 193 24.08 -20.49 -17.16
CA ALA A 193 22.92 -19.90 -16.50
C ALA A 193 22.83 -20.25 -15.02
N LYS A 194 23.06 -21.53 -14.68
CA LYS A 194 23.01 -21.96 -13.29
C LYS A 194 24.25 -21.58 -12.52
N TYR A 195 25.03 -20.67 -13.08
CA TYR A 195 26.24 -20.19 -12.42
C TYR A 195 27.16 -21.32 -11.94
N ARG A 196 27.00 -22.49 -12.54
CA ARG A 196 27.83 -23.65 -12.23
C ARG A 196 29.01 -23.67 -13.20
N TYR A 197 29.93 -24.61 -13.01
CA TYR A 197 31.07 -24.71 -13.91
C TYR A 197 31.15 -26.14 -14.46
N GLU A 198 30.72 -26.28 -15.72
CA GLU A 198 30.66 -27.58 -16.40
C GLU A 198 32.00 -28.30 -16.53
N TYR A 199 32.00 -29.43 -17.23
CA TYR A 199 33.21 -30.23 -17.42
C TYR A 199 34.14 -29.77 -18.54
N ASP A 200 33.56 -29.29 -19.64
CA ASP A 200 34.41 -28.85 -20.75
C ASP A 200 35.27 -27.65 -20.42
N VAL A 201 34.70 -26.67 -19.73
CA VAL A 201 35.46 -25.47 -19.37
C VAL A 201 36.55 -25.82 -18.39
N MET A 202 36.15 -26.58 -17.38
CA MET A 202 37.01 -27.06 -16.31
C MET A 202 38.05 -28.13 -16.66
N LYS A 203 37.76 -28.95 -17.67
CA LYS A 203 38.60 -30.07 -18.02
C LYS A 203 40.10 -29.80 -18.16
N ASP A 204 40.51 -28.67 -18.71
CA ASP A 204 41.94 -28.40 -18.85
C ASP A 204 42.47 -27.37 -17.85
N LYS A 205 41.74 -27.14 -16.77
CA LYS A 205 42.18 -26.14 -15.79
C LYS A 205 42.27 -26.72 -14.39
N PRO A 206 43.09 -26.11 -13.52
CA PRO A 206 43.28 -26.55 -12.14
C PRO A 206 41.96 -26.60 -11.37
N TYR A 207 41.35 -27.78 -11.35
CA TYR A 207 40.07 -28.00 -10.68
C TYR A 207 39.63 -26.95 -9.65
N TYR A 208 40.47 -26.72 -8.65
CA TYR A 208 40.15 -25.73 -7.62
C TYR A 208 40.49 -24.31 -8.01
N LEU A 209 40.31 -23.97 -9.29
CA LEU A 209 40.63 -22.63 -9.72
C LEU A 209 39.54 -21.61 -9.41
N VAL A 210 38.32 -21.88 -9.87
CA VAL A 210 37.23 -20.93 -9.69
C VAL A 210 36.99 -20.55 -8.23
N THR A 211 36.94 -21.53 -7.34
CA THR A 211 36.68 -21.20 -5.96
C THR A 211 37.80 -20.38 -5.41
N TRP A 212 39.01 -20.74 -5.82
CA TRP A 212 40.19 -20.05 -5.33
C TRP A 212 40.19 -18.58 -5.74
N ALA A 213 39.81 -18.33 -6.98
CA ALA A 213 39.80 -16.97 -7.48
C ALA A 213 38.81 -16.14 -6.67
N ASN A 214 37.67 -16.73 -6.31
CA ASN A 214 36.66 -16.03 -5.53
C ASN A 214 37.20 -15.65 -4.16
N SER A 215 37.86 -16.59 -3.50
CA SER A 215 38.43 -16.37 -2.20
C SER A 215 39.57 -15.36 -2.23
N SER A 216 40.41 -15.45 -3.27
CA SER A 216 41.54 -14.54 -3.46
C SER A 216 41.02 -13.14 -3.74
N ILE A 217 39.98 -13.07 -4.57
CA ILE A 217 39.36 -11.81 -4.92
C ILE A 217 38.64 -11.21 -3.71
N GLU A 218 37.99 -12.08 -2.94
CA GLU A 218 37.27 -11.65 -1.74
C GLU A 218 38.24 -11.07 -0.72
N MET A 219 39.39 -11.71 -0.55
CA MET A 219 40.42 -11.24 0.36
C MET A 219 41.22 -10.03 -0.08
N LEU A 220 41.61 -9.99 -1.37
CA LEU A 220 42.44 -8.88 -1.84
C LEU A 220 41.65 -7.60 -1.91
N MET A 221 40.34 -7.75 -1.94
CA MET A 221 39.43 -6.61 -1.96
C MET A 221 38.97 -6.35 -0.54
N SER A 222 39.79 -6.75 0.43
CA SER A 222 39.52 -6.57 1.84
C SER A 222 40.81 -6.10 2.52
N VAL A 223 41.77 -5.71 1.71
CA VAL A 223 43.05 -5.26 2.23
C VAL A 223 43.10 -3.75 2.30
N PHE A 224 43.81 -3.23 3.30
CA PHE A 224 43.98 -1.80 3.45
C PHE A 224 45.38 -1.48 3.96
N SER A 225 45.71 -1.99 5.14
CA SER A 225 47.01 -1.71 5.72
C SER A 225 47.96 -2.75 5.24
N HIS A 226 49.24 -2.45 5.42
CA HIS A 226 50.32 -3.32 5.01
C HIS A 226 50.15 -4.77 5.45
N ASP A 227 49.76 -4.94 6.71
CA ASP A 227 49.55 -6.25 7.29
C ASP A 227 48.44 -7.00 6.55
N ASP A 228 47.41 -6.28 6.14
CA ASP A 228 46.32 -6.94 5.44
C ASP A 228 46.92 -7.56 4.19
N TYR A 229 47.80 -6.81 3.55
CA TYR A 229 48.44 -7.27 2.33
C TYR A 229 49.30 -8.51 2.47
N LEU A 230 50.12 -8.57 3.51
CA LEU A 230 50.97 -9.73 3.71
C LEU A 230 50.06 -10.90 3.94
N ILE A 231 49.05 -10.68 4.78
CA ILE A 231 48.09 -11.71 5.13
C ILE A 231 47.27 -12.17 3.95
N ALA A 232 46.74 -11.23 3.19
CA ALA A 232 45.96 -11.60 2.03
C ALA A 232 46.90 -12.31 1.11
N LYS A 233 48.14 -11.83 1.04
CA LYS A 233 49.14 -12.38 0.14
C LYS A 233 49.59 -13.80 0.51
N GLU A 234 49.86 -14.05 1.77
CA GLU A 234 50.31 -15.37 2.16
C GLU A 234 49.20 -16.38 2.00
N LEU A 235 47.99 -16.05 2.45
CA LEU A 235 46.85 -16.95 2.34
C LEU A 235 46.47 -17.19 0.90
N ILE A 236 46.49 -16.12 0.11
CA ILE A 236 46.15 -16.23 -1.28
C ILE A 236 47.06 -17.24 -1.97
N VAL A 237 48.36 -17.15 -1.70
CA VAL A 237 49.32 -18.05 -2.34
C VAL A 237 49.31 -19.49 -1.84
N LEU A 238 49.37 -19.68 -0.54
CA LEU A 238 49.38 -21.03 -0.04
C LEU A 238 48.09 -21.80 -0.31
N SER A 239 46.97 -21.08 -0.31
CA SER A 239 45.65 -21.66 -0.55
C SER A 239 45.53 -22.30 -1.93
N TYR A 240 46.30 -21.78 -2.88
CA TYR A 240 46.25 -22.30 -4.25
C TYR A 240 46.63 -23.77 -4.33
N SER A 241 47.53 -24.21 -3.45
CA SER A 241 47.97 -25.59 -3.39
C SER A 241 47.43 -26.29 -2.14
N ASN A 242 47.52 -25.63 -0.99
CA ASN A 242 46.99 -26.20 0.26
C ASN A 242 45.49 -25.91 0.32
N ARG A 243 44.69 -26.97 0.43
CA ARG A 243 43.25 -26.81 0.50
C ARG A 243 42.70 -27.76 1.54
N SER A 244 43.39 -27.91 2.66
CA SER A 244 42.92 -28.80 3.69
C SER A 244 43.45 -28.58 5.10
N THR A 245 44.35 -27.61 5.29
CA THR A 245 44.89 -27.35 6.62
C THR A 245 45.35 -25.92 6.80
N LEU A 246 45.26 -25.13 5.73
CA LEU A 246 45.71 -23.75 5.80
C LEU A 246 44.87 -22.96 6.81
N ALA A 247 43.55 -23.13 6.73
CA ALA A 247 42.61 -22.44 7.62
C ALA A 247 42.73 -22.93 9.05
N LYS A 248 42.87 -24.24 9.21
CA LYS A 248 43.02 -24.82 10.53
C LYS A 248 44.37 -24.39 11.13
N LEU A 249 45.44 -24.43 10.34
CA LEU A 249 46.76 -24.08 10.82
C LEU A 249 46.93 -22.61 11.21
N VAL A 250 46.39 -21.73 10.40
CA VAL A 250 46.48 -20.29 10.66
C VAL A 250 45.72 -19.89 11.91
N SER A 251 44.56 -20.50 12.12
CA SER A 251 43.73 -20.21 13.27
C SER A 251 44.19 -20.88 14.56
N SER A 252 44.40 -22.19 14.52
CA SER A 252 44.80 -22.99 15.67
C SER A 252 45.49 -22.35 16.90
N PRO A 253 46.54 -21.53 16.71
CA PRO A 253 47.25 -20.87 17.81
C PRO A 253 46.46 -19.86 18.61
N MET A 254 45.37 -19.36 18.03
CA MET A 254 44.54 -18.36 18.69
C MET A 254 44.02 -18.84 20.04
N SER A 255 43.79 -20.14 20.16
CA SER A 255 43.31 -20.66 21.42
C SER A 255 44.35 -20.46 22.52
N ILE A 256 45.62 -20.75 22.24
CA ILE A 256 46.64 -20.56 23.26
C ILE A 256 46.97 -19.11 23.55
N LEU A 257 46.87 -18.27 22.53
CA LEU A 257 47.16 -16.83 22.65
C LEU A 257 46.29 -16.07 23.65
N VAL A 258 45.02 -16.45 23.75
CA VAL A 258 44.10 -15.78 24.64
C VAL A 258 44.57 -15.90 26.09
N ALA A 259 45.13 -17.04 26.44
CA ALA A 259 45.64 -17.26 27.78
C ALA A 259 46.80 -16.33 28.11
N LEU A 260 47.60 -16.02 27.09
CA LEU A 260 48.77 -15.17 27.26
C LEU A 260 48.59 -13.74 27.83
N VAL A 261 47.59 -12.99 27.39
CA VAL A 261 47.44 -11.62 27.91
C VAL A 261 46.67 -11.42 29.21
N ASP A 262 47.21 -10.55 30.07
CA ASP A 262 46.62 -10.22 31.36
C ASP A 262 45.28 -9.54 31.14
N ILE A 263 44.73 -8.96 32.20
CA ILE A 263 43.44 -8.25 32.12
C ILE A 263 43.55 -6.93 32.90
N ASN A 264 43.58 -5.82 32.16
CA ASN A 264 43.67 -4.49 32.77
C ASN A 264 42.28 -3.87 32.69
N GLY A 265 41.47 -4.13 33.70
CA GLY A 265 40.12 -3.61 33.68
C GLY A 265 39.26 -4.33 32.66
N THR A 266 38.16 -4.90 33.13
CA THR A 266 37.25 -5.65 32.27
C THR A 266 35.82 -5.49 32.75
N PHE A 267 34.86 -5.88 31.92
CA PHE A 267 33.46 -5.79 32.29
C PHE A 267 33.00 -7.12 32.83
N ILE A 268 32.09 -7.09 33.79
CA ILE A 268 31.58 -8.30 34.42
C ILE A 268 30.06 -8.35 34.48
N THR A 269 29.52 -9.42 35.06
CA THR A 269 28.09 -9.57 35.20
C THR A 269 27.68 -9.42 36.67
N ASN A 270 26.91 -8.38 36.94
CA ASN A 270 26.46 -8.09 38.29
C ASN A 270 25.13 -8.77 38.56
N GLU A 271 24.66 -8.67 39.80
CA GLU A 271 23.42 -9.30 40.24
C GLU A 271 22.21 -9.06 39.35
N GLU A 272 22.19 -7.92 38.67
CA GLU A 272 21.09 -7.58 37.76
C GLU A 272 21.38 -8.05 36.35
N LEU A 273 22.35 -8.97 36.24
CA LEU A 273 22.79 -9.58 34.99
C LEU A 273 23.00 -8.60 33.85
N GLU A 274 23.72 -7.53 34.15
CA GLU A 274 24.04 -6.49 33.18
C GLU A 274 25.54 -6.24 33.25
N LEU A 275 26.16 -6.02 32.09
CA LEU A 275 27.58 -5.78 32.03
C LEU A 275 27.96 -4.59 32.89
N GLU A 276 28.91 -4.81 33.79
CA GLU A 276 29.34 -3.77 34.69
C GLU A 276 30.85 -3.67 34.60
N PHE A 277 31.37 -2.46 34.39
CA PHE A 277 32.81 -2.27 34.30
C PHE A 277 33.51 -2.50 35.62
N SER A 278 34.49 -3.40 35.60
CA SER A 278 35.27 -3.71 36.80
C SER A 278 36.71 -3.33 36.51
N ASN A 279 37.42 -2.84 37.52
CA ASN A 279 38.80 -2.42 37.34
C ASN A 279 39.79 -3.55 37.62
N LYS A 280 39.26 -4.69 38.07
CA LYS A 280 40.08 -5.86 38.39
C LYS A 280 41.25 -6.08 37.43
N TYR A 281 42.32 -6.64 37.98
CA TYR A 281 43.54 -6.93 37.22
C TYR A 281 43.87 -8.40 37.42
N VAL A 282 44.16 -9.10 36.34
CA VAL A 282 44.52 -10.51 36.45
C VAL A 282 45.76 -10.84 35.62
N ARG A 283 46.79 -11.37 36.26
CA ARG A 283 48.02 -11.72 35.56
C ARG A 283 47.83 -13.02 34.82
N ALA A 284 47.99 -12.95 33.49
CA ALA A 284 47.85 -14.13 32.65
C ALA A 284 49.07 -15.01 32.83
N ILE A 285 48.99 -15.92 33.79
CA ILE A 285 50.12 -16.81 34.04
C ILE A 285 49.98 -18.14 33.33
N VAL A 286 50.99 -18.49 32.53
CA VAL A 286 50.96 -19.75 31.80
C VAL A 286 52.19 -20.61 32.09
N PRO A 287 51.99 -21.94 32.17
CA PRO A 287 53.06 -22.91 32.44
C PRO A 287 54.00 -23.06 31.25
N ASP A 288 55.22 -23.50 31.52
CA ASP A 288 56.23 -23.67 30.46
C ASP A 288 55.77 -24.58 29.31
N GLN A 289 55.19 -25.73 29.65
CA GLN A 289 54.76 -26.70 28.64
C GLN A 289 53.76 -26.08 27.66
N THR A 290 52.90 -25.20 28.17
CA THR A 290 51.90 -24.53 27.35
C THR A 290 52.57 -23.70 26.27
N PHE A 291 53.69 -23.10 26.60
CA PHE A 291 54.41 -22.30 25.63
C PHE A 291 54.93 -23.16 24.49
N ASP A 292 55.40 -24.36 24.82
CA ASP A 292 55.91 -25.29 23.83
C ASP A 292 54.78 -25.70 22.90
N GLU A 293 53.59 -25.87 23.47
CA GLU A 293 52.43 -26.26 22.67
C GLU A 293 52.26 -25.18 21.61
N LEU A 294 52.40 -23.91 22.01
CA LEU A 294 52.25 -22.81 21.06
C LEU A 294 53.39 -22.80 20.05
N ASN A 295 54.60 -23.14 20.48
CA ASN A 295 55.71 -23.13 19.53
C ASN A 295 55.45 -24.13 18.40
N GLN A 296 54.96 -25.32 18.75
CA GLN A 296 54.67 -26.36 17.77
C GLN A 296 53.61 -25.89 16.76
N MET A 297 52.65 -25.11 17.23
CA MET A 297 51.61 -24.57 16.36
C MET A 297 52.28 -23.64 15.37
N LEU A 298 53.26 -22.88 15.86
CA LEU A 298 54.00 -21.97 15.02
C LEU A 298 54.88 -22.75 14.05
N ASP A 299 55.52 -23.81 14.54
CA ASP A 299 56.38 -24.62 13.69
C ASP A 299 55.59 -25.28 12.59
N ASN A 300 54.44 -25.83 12.93
CA ASN A 300 53.56 -26.52 11.97
C ASN A 300 53.15 -25.54 10.90
N MET A 301 52.92 -24.30 11.31
CA MET A 301 52.56 -23.25 10.38
C MET A 301 53.76 -22.99 9.50
N ARG A 302 54.94 -22.98 10.11
CA ARG A 302 56.16 -22.71 9.37
C ARG A 302 56.51 -23.85 8.40
N LYS A 303 56.48 -25.09 8.88
CA LYS A 303 56.83 -26.24 8.06
C LYS A 303 55.84 -26.40 6.92
N ALA A 304 54.75 -25.62 6.96
CA ALA A 304 53.69 -25.71 5.95
C ALA A 304 53.70 -24.63 4.89
N GLY A 305 54.76 -23.82 4.87
CA GLY A 305 54.87 -22.79 3.86
C GLY A 305 54.81 -21.36 4.38
N LEU A 306 54.00 -21.17 5.42
CA LEU A 306 53.84 -19.87 6.05
C LEU A 306 55.16 -19.22 6.39
N VAL A 307 55.17 -17.89 6.46
CA VAL A 307 56.39 -17.16 6.75
C VAL A 307 56.10 -15.89 7.53
N ASP A 308 55.43 -14.94 6.88
CA ASP A 308 55.07 -13.66 7.51
C ASP A 308 54.06 -13.75 8.62
N ILE A 309 53.00 -14.53 8.44
CA ILE A 309 51.99 -14.67 9.49
C ILE A 309 52.62 -15.27 10.76
N PRO A 310 53.46 -16.31 10.62
CA PRO A 310 54.05 -16.87 11.81
C PRO A 310 54.93 -15.84 12.47
N LYS A 311 55.62 -15.07 11.65
CA LYS A 311 56.52 -14.06 12.17
C LYS A 311 55.74 -13.06 13.00
N MET A 312 54.54 -12.68 12.53
CA MET A 312 53.73 -11.67 13.23
C MET A 312 53.36 -12.11 14.63
N ILE A 313 52.91 -13.34 14.77
CA ILE A 313 52.54 -13.86 16.08
C ILE A 313 53.79 -13.88 16.95
N GLN A 314 54.91 -14.19 16.34
CA GLN A 314 56.17 -14.27 17.06
C GLN A 314 56.51 -12.90 17.66
N ASP A 315 56.31 -11.85 16.86
CA ASP A 315 56.59 -10.50 17.32
C ASP A 315 55.63 -10.15 18.43
N TRP A 316 54.40 -10.61 18.29
CA TRP A 316 53.39 -10.32 19.31
C TRP A 316 53.74 -10.93 20.67
N LEU A 317 54.28 -12.13 20.66
CA LEU A 317 54.66 -12.82 21.89
C LEU A 317 55.79 -12.20 22.70
N VAL A 318 56.46 -11.17 22.17
CA VAL A 318 57.57 -10.55 22.90
C VAL A 318 57.08 -9.69 24.04
N ASP A 319 55.89 -9.12 23.87
CA ASP A 319 55.31 -8.28 24.91
C ASP A 319 53.85 -8.64 25.19
N ARG A 320 53.22 -9.34 24.26
CA ARG A 320 51.84 -9.78 24.42
C ARG A 320 50.97 -8.66 24.98
N SER A 321 50.99 -7.52 24.30
CA SER A 321 50.21 -6.36 24.72
C SER A 321 48.85 -6.36 24.07
N ILE A 322 47.80 -6.38 24.88
CA ILE A 322 46.45 -6.36 24.33
C ILE A 322 46.31 -5.18 23.35
N GLU A 323 47.14 -4.15 23.55
CA GLU A 323 47.11 -2.97 22.70
C GLU A 323 47.46 -3.28 21.26
N LYS A 324 48.20 -4.36 21.07
CA LYS A 324 48.62 -4.82 19.75
C LYS A 324 48.00 -6.18 19.43
N PHE A 325 46.90 -6.50 20.11
CA PHE A 325 46.21 -7.75 19.90
C PHE A 325 45.35 -7.74 18.63
N PRO A 326 44.80 -6.56 18.27
CA PRO A 326 43.98 -6.47 17.07
C PRO A 326 44.50 -7.27 15.88
N LEU A 327 45.82 -7.34 15.75
CA LEU A 327 46.44 -8.07 14.65
C LEU A 327 46.22 -9.55 14.74
N MET A 328 46.35 -10.09 15.94
CA MET A 328 46.17 -11.52 16.16
C MET A 328 44.77 -11.88 15.73
N ALA A 329 43.85 -10.96 15.96
CA ALA A 329 42.44 -11.13 15.59
C ALA A 329 42.22 -11.13 14.09
N LYS A 330 42.90 -10.24 13.39
CA LYS A 330 42.74 -10.14 11.96
C LYS A 330 43.15 -11.45 11.33
N ILE A 331 44.17 -12.10 11.90
CA ILE A 331 44.67 -13.38 11.38
C ILE A 331 43.66 -14.52 11.54
N TYR A 332 43.10 -14.64 12.74
CA TYR A 332 42.13 -15.66 13.07
C TYR A 332 40.86 -15.47 12.22
N SER A 333 40.45 -14.22 12.02
CA SER A 333 39.29 -13.95 11.17
C SER A 333 39.58 -14.18 9.69
N TRP A 334 40.78 -13.78 9.27
CA TRP A 334 41.19 -13.92 7.87
C TRP A 334 41.38 -15.37 7.41
N SER A 335 41.83 -16.22 8.30
CA SER A 335 42.08 -17.61 7.95
C SER A 335 40.83 -18.30 7.40
N PHE A 336 39.66 -17.80 7.79
CA PHE A 336 38.38 -18.36 7.33
C PHE A 336 38.01 -18.05 5.88
N HIS A 337 38.49 -16.93 5.34
CA HIS A 337 38.16 -16.50 3.97
C HIS A 337 38.96 -17.21 2.89
N VAL A 338 39.49 -18.37 3.22
CA VAL A 338 40.27 -19.14 2.27
C VAL A 338 39.35 -20.10 1.50
N GLY A 339 38.13 -20.27 1.99
CA GLY A 339 37.17 -21.14 1.33
C GLY A 339 36.57 -22.22 2.21
N PHE A 340 35.74 -23.08 1.62
CA PHE A 340 35.11 -24.18 2.34
C PHE A 340 35.76 -25.53 2.06
N ARG A 341 36.13 -26.27 3.11
CA ARG A 341 36.73 -27.59 2.88
C ARG A 341 35.66 -28.58 2.43
N LYS A 342 35.44 -28.69 1.12
CA LYS A 342 34.44 -29.62 0.61
C LYS A 342 35.04 -30.91 0.06
N GLN A 343 35.14 -31.91 0.96
CA GLN A 343 35.68 -33.22 0.60
C GLN A 343 34.58 -34.21 0.24
N LYS A 344 34.98 -35.36 -0.29
CA LYS A 344 34.01 -36.38 -0.67
C LYS A 344 33.22 -36.90 0.54
N MET A 345 31.92 -37.06 0.38
CA MET A 345 31.06 -37.51 1.47
C MET A 345 31.60 -38.67 2.30
N LEU A 346 32.15 -39.68 1.63
CA LEU A 346 32.68 -40.88 2.31
C LEU A 346 33.88 -40.60 3.16
N ASP A 347 34.74 -39.71 2.69
CA ASP A 347 35.91 -39.37 3.45
C ASP A 347 35.48 -38.68 4.73
N ALA A 348 34.48 -37.80 4.60
CA ALA A 348 33.99 -37.06 5.75
C ALA A 348 33.42 -38.05 6.75
N ALA A 349 32.66 -39.02 6.23
CA ALA A 349 32.03 -40.06 7.04
C ALA A 349 33.02 -40.97 7.73
N LEU A 350 34.13 -41.23 7.06
CA LEU A 350 35.18 -42.13 7.53
C LEU A 350 35.88 -41.78 8.83
N ASP A 351 36.03 -40.49 9.14
CA ASP A 351 36.76 -40.09 10.34
C ASP A 351 36.20 -40.77 11.59
N GLN A 352 34.89 -40.95 11.65
CA GLN A 352 34.26 -41.61 12.79
C GLN A 352 34.66 -43.09 12.88
N GLU A 364 32.36 -49.10 31.10
CA GLU A 364 32.99 -49.30 32.39
C GLU A 364 33.20 -48.00 33.15
N MET A 365 33.78 -46.99 32.49
CA MET A 365 34.01 -45.70 33.14
C MET A 365 33.02 -44.64 32.66
N TYR A 366 31.91 -45.11 32.09
CA TYR A 366 30.85 -44.25 31.58
C TYR A 366 29.64 -44.33 32.48
N ARG A 367 29.79 -45.00 33.62
CA ARG A 367 28.70 -45.15 34.57
C ARG A 367 28.36 -43.77 35.16
N GLU A 368 29.39 -43.03 35.55
CA GLU A 368 29.20 -41.71 36.12
C GLU A 368 28.69 -40.76 35.06
N TYR A 369 29.26 -40.86 33.87
CA TYR A 369 28.90 -40.00 32.76
C TYR A 369 27.47 -40.14 32.24
N THR A 370 27.07 -41.37 31.94
CA THR A 370 25.73 -41.61 31.43
C THR A 370 24.69 -41.36 32.51
N MET A 371 25.04 -41.62 33.76
CA MET A 371 24.13 -41.43 34.90
C MET A 371 23.68 -39.97 34.96
N LEU A 372 24.60 -39.03 34.74
CA LEU A 372 24.24 -37.62 34.77
C LEU A 372 23.36 -37.25 33.58
N ILE A 373 23.65 -37.82 32.43
CA ILE A 373 22.87 -37.53 31.23
C ILE A 373 21.42 -37.93 31.45
N ARG A 374 21.20 -39.09 32.05
CA ARG A 374 19.86 -39.59 32.33
C ARG A 374 19.17 -38.67 33.32
N ASP A 375 19.87 -38.34 34.40
CA ASP A 375 19.32 -37.51 35.45
C ASP A 375 18.92 -36.14 34.94
N GLU A 376 19.75 -35.55 34.08
CA GLU A 376 19.48 -34.25 33.51
C GLU A 376 18.21 -34.32 32.68
N VAL A 377 18.04 -35.43 31.98
CA VAL A 377 16.88 -35.65 31.13
C VAL A 377 15.63 -35.69 31.97
N VAL A 378 15.74 -36.33 33.12
CA VAL A 378 14.61 -36.45 34.01
C VAL A 378 14.17 -35.11 34.57
N LYS A 379 15.13 -34.30 35.00
CA LYS A 379 14.77 -33.01 35.59
C LYS A 379 14.01 -32.18 34.58
N MET A 380 14.53 -32.16 33.36
CA MET A 380 13.90 -31.40 32.31
C MET A 380 12.46 -31.86 32.08
N LEU A 381 12.16 -33.12 32.41
CA LEU A 381 10.83 -33.66 32.16
C LEU A 381 10.21 -34.33 33.39
N GLU A 382 10.54 -33.83 34.58
CA GLU A 382 10.02 -34.43 35.80
C GLU A 382 8.64 -33.89 36.15
N GLU A 383 8.54 -32.58 36.34
CA GLU A 383 7.26 -32.01 36.69
C GLU A 383 6.20 -32.17 35.61
N PRO A 384 6.57 -31.93 34.36
CA PRO A 384 5.59 -32.07 33.29
C PRO A 384 4.97 -33.44 33.18
N VAL A 385 5.78 -34.46 33.36
CA VAL A 385 5.30 -35.84 33.25
C VAL A 385 4.30 -36.26 34.30
N LYS A 386 4.55 -35.92 35.57
CA LYS A 386 3.64 -36.32 36.62
C LYS A 386 2.30 -35.62 36.49
N HIS A 387 2.34 -34.31 36.23
CA HIS A 387 1.13 -33.53 36.07
C HIS A 387 0.34 -33.97 34.84
N ASP A 388 1.04 -34.47 33.82
CA ASP A 388 0.42 -34.95 32.59
C ASP A 388 0.19 -33.77 31.69
N ASP A 389 1.26 -33.04 31.45
CA ASP A 389 1.23 -31.85 30.61
C ASP A 389 0.47 -32.13 29.34
N HIS A 390 -0.35 -31.18 28.92
CA HIS A 390 -1.13 -31.36 27.71
C HIS A 390 -0.21 -31.53 26.50
N LEU A 391 0.94 -30.84 26.53
CA LEU A 391 1.90 -30.91 25.43
C LEU A 391 2.40 -32.33 25.27
N LEU A 392 2.70 -32.99 26.38
CA LEU A 392 3.17 -34.36 26.35
C LEU A 392 2.05 -35.27 25.88
N ARG A 393 0.84 -35.00 26.33
CA ARG A 393 -0.28 -35.82 25.93
C ARG A 393 -0.59 -35.68 24.44
N ASP A 394 -0.59 -34.46 23.92
CA ASP A 394 -0.90 -34.27 22.50
C ASP A 394 0.31 -34.02 21.61
N SER A 395 1.46 -34.50 22.06
CA SER A 395 2.72 -34.36 21.36
C SER A 395 2.64 -34.60 19.85
N GLU A 396 1.74 -35.47 19.43
CA GLU A 396 1.59 -35.79 18.00
C GLU A 396 1.09 -34.60 17.18
N LEU A 397 0.14 -33.84 17.72
CA LEU A 397 -0.37 -32.68 17.00
C LEU A 397 0.70 -31.57 16.94
N ALA A 398 1.36 -31.35 18.07
CA ALA A 398 2.38 -30.29 18.14
C ALA A 398 3.50 -30.57 17.15
N GLY A 399 3.99 -31.80 17.15
CA GLY A 399 5.07 -32.15 16.25
C GLY A 399 4.58 -31.99 14.83
N LEU A 400 3.32 -32.35 14.61
CA LEU A 400 2.74 -32.25 13.29
C LEU A 400 2.68 -30.81 12.85
N LEU A 401 2.28 -29.94 13.76
CA LEU A 401 2.16 -28.52 13.46
C LEU A 401 3.53 -27.88 13.20
N SER A 402 4.51 -28.30 13.99
CA SER A 402 5.87 -27.82 13.91
C SER A 402 6.59 -28.07 12.57
N MET A 403 6.23 -29.16 11.90
CA MET A 403 6.82 -29.51 10.61
C MET A 403 7.39 -28.35 9.80
N SER A 404 6.75 -27.18 9.85
CA SER A 404 7.26 -26.01 9.12
C SER A 404 8.68 -25.68 9.59
N SER A 405 8.93 -25.92 10.86
CA SER A 405 10.24 -25.67 11.46
C SER A 405 10.88 -27.03 11.73
N ALA A 406 10.68 -27.97 10.81
CA ALA A 406 11.26 -29.30 10.94
C ALA A 406 12.43 -29.41 10.01
N SER A 407 13.25 -30.45 10.20
CA SER A 407 14.42 -30.67 9.37
C SER A 407 14.04 -30.95 7.92
N ASN A 408 14.76 -31.87 7.29
CA ASN A 408 14.49 -32.24 5.89
C ASN A 408 14.62 -33.74 5.67
N GLY A 409 13.90 -34.25 4.67
CA GLY A 409 13.93 -35.66 4.35
C GLY A 409 14.18 -35.86 2.86
N GLU A 410 14.25 -37.11 2.42
CA GLU A 410 14.50 -37.42 1.02
C GLU A 410 13.44 -36.80 0.10
N SER A 411 13.86 -36.36 -1.10
CA SER A 411 12.93 -35.75 -2.03
C SER A 411 12.06 -36.84 -2.65
N ARG A 412 11.06 -37.27 -1.89
CA ARG A 412 10.16 -38.32 -2.33
C ARG A 412 9.35 -37.93 -3.56
N GLN A 413 8.51 -38.85 -4.01
CA GLN A 413 7.65 -38.62 -5.16
C GLN A 413 6.23 -38.49 -4.64
N LEU A 414 5.47 -37.56 -5.20
CA LEU A 414 4.10 -37.34 -4.74
C LEU A 414 3.11 -37.10 -5.87
N LYS A 415 1.83 -37.18 -5.51
CA LYS A 415 0.72 -36.99 -6.43
C LYS A 415 -0.45 -36.35 -5.69
N PHE A 416 -0.84 -35.16 -6.12
CA PHE A 416 -1.94 -34.43 -5.51
C PHE A 416 -2.94 -33.99 -6.57
N GLY A 417 -4.12 -34.61 -6.57
CA GLY A 417 -5.13 -34.28 -7.56
C GLY A 417 -4.96 -35.13 -8.81
N ARG A 418 -4.10 -34.68 -9.71
CA ARG A 418 -3.86 -35.40 -10.96
C ARG A 418 -2.47 -35.08 -11.53
N LYS A 419 -1.50 -34.86 -10.65
CA LYS A 419 -0.15 -34.55 -11.09
C LYS A 419 0.92 -35.20 -10.20
N THR A 420 2.18 -34.91 -10.52
CA THR A 420 3.30 -35.48 -9.80
C THR A 420 4.33 -34.40 -9.43
N ILE A 421 4.93 -34.54 -8.25
CA ILE A 421 5.95 -33.58 -7.81
C ILE A 421 7.10 -34.24 -7.03
N PHE A 422 8.22 -33.53 -6.95
CA PHE A 422 9.40 -34.02 -6.25
C PHE A 422 9.68 -33.20 -4.99
N SER A 423 8.74 -33.19 -4.06
CA SER A 423 8.94 -32.44 -2.83
C SER A 423 9.86 -33.13 -1.85
N THR A 424 10.69 -32.33 -1.19
CA THR A 424 11.64 -32.84 -0.22
C THR A 424 11.25 -32.44 1.20
N LYS A 425 10.26 -31.55 1.31
CA LYS A 425 9.79 -31.08 2.60
C LYS A 425 9.03 -32.15 3.37
N LYS A 426 9.43 -32.36 4.61
CA LYS A 426 8.86 -33.38 5.48
C LYS A 426 7.37 -33.23 5.76
N ASN A 427 6.88 -31.98 5.81
CA ASN A 427 5.46 -31.73 6.07
C ASN A 427 4.57 -32.31 4.97
N MET A 428 4.95 -32.09 3.72
CA MET A 428 4.16 -32.60 2.62
C MET A 428 4.08 -34.12 2.66
N HIS A 429 5.16 -34.76 3.11
CA HIS A 429 5.17 -36.21 3.16
C HIS A 429 4.00 -36.61 4.05
N VAL A 430 3.76 -35.86 5.12
CA VAL A 430 2.67 -36.18 6.01
C VAL A 430 1.36 -36.11 5.26
N MET A 431 1.24 -35.15 4.34
CA MET A 431 0.01 -35.00 3.57
C MET A 431 -0.26 -36.20 2.66
N ASP A 432 0.78 -36.64 1.96
CA ASP A 432 0.64 -37.76 1.03
C ASP A 432 0.27 -39.01 1.82
N ASP A 433 0.96 -39.21 2.93
CA ASP A 433 0.74 -40.38 3.77
C ASP A 433 -0.62 -40.43 4.47
N MET A 434 -1.11 -39.30 4.94
CA MET A 434 -2.40 -39.27 5.61
C MET A 434 -3.53 -39.58 4.62
N ALA A 435 -3.43 -38.98 3.43
CA ALA A 435 -4.43 -39.16 2.38
C ALA A 435 -4.17 -40.44 1.63
N ASN A 436 -3.34 -41.32 2.20
CA ASN A 436 -3.06 -42.59 1.57
C ASN A 436 -3.04 -43.74 2.57
N GLU A 437 -3.51 -43.49 3.78
CA GLU A 437 -3.57 -44.51 4.81
C GLU A 437 -2.16 -45.04 5.17
N ARG A 438 -1.14 -44.41 4.59
CA ARG A 438 0.25 -44.78 4.82
C ARG A 438 0.77 -44.12 6.10
N TYR A 439 0.22 -42.95 6.42
CA TYR A 439 0.61 -42.22 7.61
C TYR A 439 0.49 -43.14 8.83
N THR A 440 1.61 -43.45 9.48
CA THR A 440 1.59 -44.31 10.65
C THR A 440 2.67 -43.95 11.67
N PRO A 441 2.54 -42.79 12.33
CA PRO A 441 3.51 -42.34 13.32
C PRO A 441 3.78 -43.28 14.49
N GLY A 442 2.77 -44.05 14.87
CA GLY A 442 2.96 -44.97 15.98
C GLY A 442 4.05 -45.98 15.63
N ILE A 443 4.36 -46.05 14.35
CA ILE A 443 5.36 -46.97 13.83
C ILE A 443 6.48 -46.16 13.21
N ILE A 444 7.54 -45.91 13.99
CA ILE A 444 8.70 -45.14 13.54
C ILE A 444 9.69 -46.02 12.79
N PRO A 445 9.82 -45.80 11.48
CA PRO A 445 10.73 -46.53 10.60
C PRO A 445 12.08 -46.88 11.19
N PRO A 446 12.52 -48.14 10.99
CA PRO A 446 13.81 -48.57 11.54
C PRO A 446 14.92 -47.95 10.70
N VAL A 447 15.96 -47.50 11.39
CA VAL A 447 17.08 -46.88 10.71
C VAL A 447 18.30 -47.77 10.78
N ASN A 448 18.21 -48.94 10.14
CA ASN A 448 19.33 -49.88 10.09
C ASN A 448 19.54 -50.42 8.68
N VAL A 449 20.19 -51.58 8.62
CA VAL A 449 20.51 -52.24 7.37
C VAL A 449 19.35 -52.31 6.39
N ASP A 450 18.17 -52.68 6.87
CA ASP A 450 17.01 -52.76 6.00
C ASP A 450 16.70 -51.38 5.41
N LYS A 451 16.37 -50.44 6.27
CA LYS A 451 16.07 -49.08 5.82
C LYS A 451 17.06 -48.07 6.42
N PRO A 452 18.29 -48.01 5.86
CA PRO A 452 19.34 -47.10 6.32
C PRO A 452 18.93 -45.64 6.29
N ILE A 453 19.87 -44.78 6.67
CA ILE A 453 19.65 -43.34 6.73
C ILE A 453 20.36 -42.57 5.65
N PRO A 454 19.63 -41.79 4.85
CA PRO A 454 20.30 -41.02 3.80
C PRO A 454 21.27 -40.09 4.48
N LEU A 455 21.90 -39.19 3.74
CA LEU A 455 22.84 -38.30 4.40
C LEU A 455 22.89 -36.88 3.87
N GLY A 456 23.10 -35.97 4.81
CA GLY A 456 23.21 -34.56 4.50
C GLY A 456 24.54 -34.11 5.04
N ARG A 457 24.93 -32.88 4.76
CA ARG A 457 26.21 -32.39 5.20
C ARG A 457 26.27 -30.92 5.58
N ARG A 458 27.32 -30.57 6.31
CA ARG A 458 27.58 -29.22 6.77
C ARG A 458 29.07 -28.89 6.65
N ASP A 459 29.40 -27.94 5.80
CA ASP A 459 30.79 -27.58 5.63
C ASP A 459 31.11 -26.29 6.37
N VAL A 460 32.35 -26.17 6.81
CA VAL A 460 32.80 -24.98 7.53
C VAL A 460 34.29 -24.80 7.30
N PRO A 461 34.76 -23.55 7.14
CA PRO A 461 36.19 -23.33 6.91
C PRO A 461 37.03 -23.81 8.08
N GLY A 462 38.12 -24.49 7.77
CA GLY A 462 39.02 -24.97 8.79
C GLY A 462 38.54 -26.07 9.72
N ARG A 463 37.85 -27.07 9.17
CA ARG A 463 37.38 -28.20 9.96
C ARG A 463 36.90 -29.35 9.11
N ARG A 464 37.19 -30.57 9.57
CA ARG A 464 36.79 -31.78 8.85
C ARG A 464 35.29 -31.78 8.66
N THR A 465 34.87 -32.13 7.46
CA THR A 465 33.45 -32.18 7.13
C THR A 465 32.67 -33.11 8.04
N ARG A 466 31.51 -32.65 8.48
CA ARG A 466 30.64 -33.46 9.34
C ARG A 466 29.36 -33.81 8.60
N ILE A 467 28.86 -35.03 8.86
CA ILE A 467 27.64 -35.49 8.20
C ILE A 467 26.36 -35.27 9.02
N ILE A 468 25.24 -35.25 8.31
CA ILE A 468 23.93 -35.00 8.87
C ILE A 468 22.98 -36.13 8.44
N PHE A 469 22.36 -36.80 9.42
CA PHE A 469 21.42 -37.89 9.13
C PHE A 469 20.33 -37.35 8.25
N ILE A 470 19.37 -38.20 7.92
CA ILE A 470 18.24 -37.80 7.13
C ILE A 470 17.15 -38.78 7.51
N LEU A 471 16.68 -38.65 8.75
CA LEU A 471 15.65 -39.51 9.28
C LEU A 471 14.30 -39.06 8.75
N PRO A 472 13.32 -39.98 8.66
CA PRO A 472 11.97 -39.66 8.16
C PRO A 472 11.24 -38.75 9.14
N TYR A 473 9.99 -38.43 8.85
CA TYR A 473 9.19 -37.56 9.72
C TYR A 473 8.68 -38.19 11.03
N GLU A 474 8.61 -39.51 11.10
CA GLU A 474 8.14 -40.13 12.32
C GLU A 474 9.06 -39.71 13.45
N TYR A 475 10.34 -39.51 13.13
CA TYR A 475 11.35 -39.12 14.12
C TYR A 475 11.19 -37.69 14.72
N PHE A 476 10.84 -36.72 13.86
CA PHE A 476 10.65 -35.34 14.32
C PHE A 476 9.42 -35.21 15.22
N ILE A 477 8.38 -35.92 14.82
CA ILE A 477 7.12 -35.96 15.53
C ILE A 477 7.29 -36.57 16.91
N ALA A 478 8.08 -37.63 16.98
CA ALA A 478 8.30 -38.30 18.25
C ALA A 478 9.36 -37.58 19.06
N GLN A 479 9.80 -36.42 18.59
CA GLN A 479 10.81 -35.67 19.31
C GLN A 479 10.54 -34.20 19.60
N HIS A 480 9.55 -33.60 18.93
CA HIS A 480 9.28 -32.18 19.14
C HIS A 480 8.78 -31.77 20.53
N ALA A 481 7.79 -32.48 21.06
CA ALA A 481 7.26 -32.11 22.35
C ALA A 481 8.26 -32.28 23.47
N VAL A 482 8.95 -33.41 23.50
CA VAL A 482 9.91 -33.68 24.57
C VAL A 482 11.06 -32.67 24.58
N VAL A 483 11.57 -32.35 23.41
CA VAL A 483 12.69 -31.42 23.27
C VAL A 483 12.25 -30.03 23.69
N GLU A 484 11.04 -29.67 23.24
CA GLU A 484 10.47 -28.37 23.52
C GLU A 484 10.31 -28.17 25.00
N LYS A 485 9.90 -29.24 25.68
CA LYS A 485 9.75 -29.20 27.12
C LYS A 485 11.13 -29.17 27.79
N MET A 486 12.10 -29.81 27.14
CA MET A 486 13.46 -29.85 27.66
C MET A 486 14.04 -28.45 27.63
N LEU A 487 13.83 -27.78 26.51
CA LEU A 487 14.35 -26.43 26.33
C LEU A 487 13.85 -25.43 27.38
N ILE A 488 12.59 -25.55 27.77
CA ILE A 488 12.02 -24.63 28.74
C ILE A 488 12.84 -24.71 30.03
N TYR A 489 13.28 -25.91 30.37
CA TYR A 489 14.10 -26.10 31.57
C TYR A 489 15.43 -25.41 31.35
N ALA A 490 15.98 -25.60 30.15
CA ALA A 490 17.26 -25.01 29.81
C ALA A 490 17.13 -23.51 29.86
N LYS A 491 16.02 -23.04 29.30
CA LYS A 491 15.69 -21.63 29.21
C LYS A 491 15.91 -20.87 30.51
N HIS A 492 15.72 -21.56 31.64
CA HIS A 492 15.91 -20.92 32.95
C HIS A 492 17.07 -21.48 33.78
N THR A 493 17.98 -22.18 33.10
CA THR A 493 19.16 -22.79 33.72
C THR A 493 20.42 -22.18 33.07
N ARG A 494 21.17 -21.41 33.85
CA ARG A 494 22.35 -20.72 33.35
C ARG A 494 23.48 -21.57 32.81
N GLU A 495 23.57 -22.82 33.26
CA GLU A 495 24.61 -23.73 32.80
C GLU A 495 24.62 -23.81 31.28
N TYR A 496 23.43 -23.78 30.68
CA TYR A 496 23.29 -23.82 29.23
C TYR A 496 23.35 -22.40 28.67
N ALA A 497 24.55 -21.85 28.57
CA ALA A 497 24.76 -20.48 28.10
C ALA A 497 24.15 -20.13 26.75
N GLU A 498 23.57 -21.11 26.06
CA GLU A 498 22.99 -20.84 24.76
C GLU A 498 21.50 -20.57 24.86
N PHE A 499 20.84 -21.21 25.82
CA PHE A 499 19.41 -21.07 25.97
C PHE A 499 18.90 -20.04 26.98
N TYR A 500 19.52 -20.01 28.15
CA TYR A 500 19.12 -19.11 29.23
C TYR A 500 18.47 -17.77 28.88
N SER A 501 17.21 -17.63 29.25
CA SER A 501 16.45 -16.41 29.00
C SER A 501 16.68 -15.86 27.61
N GLN A 502 16.67 -14.54 27.50
CA GLN A 502 16.88 -13.90 26.21
C GLN A 502 18.34 -13.53 26.07
N SER A 503 19.15 -14.05 27.00
CA SER A 503 20.59 -13.80 27.05
C SER A 503 21.28 -13.71 25.70
N ASN A 504 22.13 -12.70 25.55
CA ASN A 504 22.91 -12.49 24.34
C ASN A 504 24.34 -12.87 24.75
N GLN A 505 25.23 -13.02 23.76
CA GLN A 505 26.61 -13.41 24.01
C GLN A 505 27.37 -12.55 25.01
N LEU A 506 26.89 -11.31 25.21
CA LEU A 506 27.52 -10.37 26.13
C LEU A 506 27.40 -10.83 27.57
N LEU A 507 26.25 -11.42 27.90
CA LEU A 507 26.04 -11.91 29.24
C LEU A 507 27.00 -13.04 29.53
N SER A 508 27.17 -13.91 28.53
CA SER A 508 28.05 -15.05 28.63
C SER A 508 29.47 -14.54 28.83
N TYR A 509 29.81 -13.47 28.13
CA TYR A 509 31.14 -12.88 28.20
C TYR A 509 31.43 -12.34 29.61
N GLY A 510 30.47 -11.61 30.16
CA GLY A 510 30.61 -11.03 31.48
C GLY A 510 30.72 -12.04 32.60
N ASP A 511 30.02 -13.16 32.46
CA ASP A 511 30.04 -14.21 33.47
C ASP A 511 31.43 -14.79 33.68
N VAL A 512 32.19 -14.97 32.60
CA VAL A 512 33.55 -15.51 32.68
C VAL A 512 34.57 -14.58 33.37
N THR A 513 34.56 -13.31 33.00
CA THR A 513 35.45 -12.34 33.60
C THR A 513 35.08 -12.15 35.07
N ARG A 514 33.79 -12.24 35.36
CA ARG A 514 33.23 -12.10 36.72
C ARG A 514 34.13 -12.57 37.87
N PHE A 515 34.26 -13.89 38.01
CA PHE A 515 35.06 -14.46 39.09
C PHE A 515 36.57 -14.52 38.88
N LEU A 516 37.03 -14.13 37.70
CA LEU A 516 38.46 -14.16 37.43
C LEU A 516 39.26 -13.35 38.45
N SER A 517 40.12 -14.07 39.17
CA SER A 517 40.97 -13.46 40.19
C SER A 517 42.25 -14.28 40.25
N ASN A 518 43.25 -13.75 40.94
CA ASN A 518 44.53 -14.43 41.06
C ASN A 518 44.44 -15.73 41.86
N ASN A 519 43.23 -16.17 42.19
CA ASN A 519 43.09 -17.38 42.94
C ASN A 519 42.07 -18.28 42.27
N THR A 520 41.96 -18.11 40.96
CA THR A 520 41.01 -18.90 40.19
C THR A 520 41.41 -18.99 38.73
N MET A 521 41.50 -20.22 38.23
CA MET A 521 41.88 -20.49 36.86
C MET A 521 40.71 -20.99 36.00
N VAL A 522 40.64 -20.50 34.78
CA VAL A 522 39.57 -20.86 33.86
C VAL A 522 39.98 -22.03 33.00
N LEU A 523 39.01 -22.84 32.62
CA LEU A 523 39.27 -24.01 31.80
C LEU A 523 38.24 -24.14 30.67
N TYR A 524 38.72 -24.16 29.44
CA TYR A 524 37.84 -24.30 28.29
C TYR A 524 38.16 -25.54 27.48
N THR A 525 37.19 -26.04 26.73
CA THR A 525 37.41 -27.25 25.96
C THR A 525 36.79 -27.14 24.58
N ASP A 526 37.08 -28.14 23.75
CA ASP A 526 36.60 -28.21 22.38
C ASP A 526 36.08 -29.60 22.09
N VAL A 527 35.07 -30.03 22.85
CA VAL A 527 34.50 -31.36 22.67
C VAL A 527 33.76 -31.63 21.37
N SER A 528 34.17 -31.00 20.28
CA SER A 528 33.49 -31.22 19.00
C SER A 528 33.62 -32.67 18.49
N GLN A 529 34.82 -33.21 18.57
CA GLN A 529 35.10 -34.56 18.12
C GLN A 529 34.42 -35.59 19.03
N TRP A 530 34.36 -35.29 20.32
CA TRP A 530 33.74 -36.17 21.31
C TRP A 530 32.26 -36.40 21.03
N ASP A 531 31.59 -35.40 20.49
CA ASP A 531 30.17 -35.53 20.19
C ASP A 531 29.91 -36.51 19.05
N SER A 532 30.96 -36.95 18.38
CA SER A 532 30.81 -37.89 17.27
C SER A 532 31.74 -39.09 17.44
N SER A 533 32.26 -39.26 18.65
CA SER A 533 33.15 -40.36 18.96
C SER A 533 32.31 -41.62 19.19
N GLN A 534 32.53 -42.65 18.37
CA GLN A 534 31.79 -43.90 18.47
C GLN A 534 31.57 -44.32 19.92
N HIS A 535 32.49 -43.93 20.78
CA HIS A 535 32.43 -44.24 22.19
C HIS A 535 31.21 -43.58 22.82
N ASN A 536 30.98 -42.34 22.44
CA ASN A 536 29.90 -41.52 22.96
C ASN A 536 28.47 -42.03 22.75
N THR A 537 28.22 -42.66 21.61
CA THR A 537 26.87 -43.08 21.29
C THR A 537 26.20 -44.00 22.31
N GLN A 538 26.91 -45.01 22.80
CA GLN A 538 26.30 -45.89 23.78
C GLN A 538 25.84 -45.12 25.03
N PRO A 539 26.76 -44.42 25.69
CA PRO A 539 26.39 -43.68 26.89
C PRO A 539 25.26 -42.70 26.59
N PHE A 540 25.49 -41.84 25.61
CA PHE A 540 24.53 -40.84 25.21
C PHE A 540 23.13 -41.44 25.06
N ARG A 541 23.01 -42.50 24.27
CA ARG A 541 21.72 -43.14 24.06
C ARG A 541 21.20 -43.83 25.33
N LYS A 542 22.10 -44.48 26.06
CA LYS A 542 21.68 -45.17 27.27
C LYS A 542 21.06 -44.20 28.25
N GLY A 543 21.70 -43.06 28.44
CA GLY A 543 21.20 -42.07 29.39
C GLY A 543 19.84 -41.52 29.03
N ILE A 544 19.62 -41.21 27.75
CA ILE A 544 18.36 -40.66 27.32
C ILE A 544 17.25 -41.67 27.49
N ILE A 545 17.54 -42.90 27.11
CA ILE A 545 16.55 -43.98 27.22
C ILE A 545 16.26 -44.31 28.67
N MET A 546 17.30 -44.31 29.50
CA MET A 546 17.14 -44.63 30.89
C MET A 546 16.22 -43.61 31.54
N GLY A 547 16.44 -42.33 31.24
CA GLY A 547 15.61 -41.31 31.83
C GLY A 547 14.17 -41.47 31.41
N LEU A 548 13.96 -41.79 30.14
CA LEU A 548 12.60 -41.95 29.66
C LEU A 548 11.93 -43.05 30.46
N ASP A 549 12.71 -44.08 30.82
CA ASP A 549 12.17 -45.17 31.60
C ASP A 549 11.70 -44.66 32.97
N ILE A 550 12.53 -43.83 33.60
CA ILE A 550 12.20 -43.30 34.93
C ILE A 550 10.97 -42.41 34.88
N LEU A 551 10.87 -41.62 33.83
CA LEU A 551 9.72 -40.74 33.66
C LEU A 551 8.43 -41.52 33.40
N ALA A 552 8.54 -42.60 32.62
CA ALA A 552 7.39 -43.43 32.30
C ALA A 552 6.76 -44.04 33.54
N ASN A 553 7.58 -44.35 34.55
CA ASN A 553 7.09 -44.92 35.81
C ASN A 553 6.75 -43.75 36.74
N MET A 554 6.20 -42.69 36.16
CA MET A 554 5.80 -41.52 36.91
C MET A 554 4.39 -41.10 36.51
N THR A 555 3.88 -41.66 35.42
CA THR A 555 2.54 -41.31 34.97
C THR A 555 1.71 -42.51 34.57
N ASN A 556 0.41 -42.29 34.49
CA ASN A 556 -0.56 -43.33 34.12
C ASN A 556 -1.35 -42.83 32.92
N ASP A 557 -0.83 -41.80 32.26
CA ASP A 557 -1.50 -41.22 31.11
C ASP A 557 -1.02 -41.91 29.84
N ALA A 558 -1.96 -42.54 29.14
CA ALA A 558 -1.64 -43.28 27.91
C ALA A 558 -1.00 -42.37 26.86
N LYS A 559 -1.51 -41.15 26.75
CA LYS A 559 -0.99 -40.21 25.76
C LYS A 559 0.47 -39.92 26.07
N VAL A 560 0.77 -39.64 27.33
CA VAL A 560 2.13 -39.34 27.74
C VAL A 560 3.05 -40.54 27.65
N LEU A 561 2.58 -41.68 28.16
CA LEU A 561 3.38 -42.89 28.12
C LEU A 561 3.62 -43.24 26.67
N GLN A 562 2.62 -43.02 25.82
CA GLN A 562 2.80 -43.32 24.42
C GLN A 562 3.95 -42.49 23.89
N THR A 563 3.97 -41.20 24.24
CA THR A 563 5.01 -40.28 23.80
C THR A 563 6.37 -40.60 24.44
N LEU A 564 6.36 -40.91 25.72
CA LEU A 564 7.57 -41.24 26.45
C LEU A 564 8.22 -42.48 25.85
N ASN A 565 7.39 -43.44 25.45
CA ASN A 565 7.90 -44.67 24.86
C ASN A 565 8.45 -44.48 23.44
N LEU A 566 7.70 -43.77 22.60
CA LEU A 566 8.10 -43.56 21.21
C LEU A 566 9.46 -42.88 21.06
N TYR A 567 9.71 -41.93 21.95
CA TYR A 567 10.97 -41.19 21.96
C TYR A 567 12.10 -42.17 22.28
N LYS A 568 11.81 -43.09 23.21
CA LYS A 568 12.78 -44.09 23.64
C LYS A 568 13.20 -44.95 22.44
N GLN A 569 12.22 -45.32 21.63
CA GLN A 569 12.47 -46.15 20.48
C GLN A 569 13.41 -45.48 19.49
N THR A 570 13.32 -44.15 19.36
CA THR A 570 14.16 -43.42 18.41
C THR A 570 15.59 -43.72 18.76
N GLN A 571 15.87 -43.75 20.05
CA GLN A 571 17.21 -44.03 20.49
C GLN A 571 17.61 -45.45 20.17
N ILE A 572 16.70 -46.40 20.40
CA ILE A 572 17.00 -47.80 20.13
C ILE A 572 17.26 -48.08 18.66
N ASN A 573 16.46 -47.50 17.77
CA ASN A 573 16.67 -47.69 16.35
C ASN A 573 18.03 -47.11 15.97
N LEU A 574 18.39 -46.00 16.60
CA LEU A 574 19.66 -45.32 16.37
C LEU A 574 20.87 -46.11 16.84
N MET A 575 20.74 -46.76 17.99
CA MET A 575 21.82 -47.55 18.56
C MET A 575 22.58 -48.30 17.50
N ASP A 576 21.86 -48.78 16.48
CA ASP A 576 22.44 -49.52 15.36
C ASP A 576 21.88 -48.86 14.09
N SER A 577 22.61 -47.90 13.54
CA SER A 577 22.16 -47.18 12.36
C SER A 577 23.10 -47.24 11.16
N TYR A 578 22.59 -47.70 10.02
CA TYR A 578 23.43 -47.78 8.84
C TYR A 578 23.28 -46.53 8.00
N VAL A 579 24.33 -46.17 7.28
CA VAL A 579 24.31 -44.97 6.47
C VAL A 579 24.40 -45.20 4.98
N GLN A 580 23.49 -44.55 4.27
CA GLN A 580 23.46 -44.63 2.83
C GLN A 580 24.56 -43.68 2.33
N ILE A 581 25.82 -44.07 2.52
CA ILE A 581 26.92 -43.21 2.06
C ILE A 581 27.34 -43.40 0.62
N PRO A 582 27.26 -42.34 -0.19
CA PRO A 582 27.66 -42.45 -1.59
C PRO A 582 29.16 -42.66 -1.70
N ASP A 583 29.58 -43.12 -2.87
CA ASP A 583 31.00 -43.37 -3.14
C ASP A 583 31.16 -43.37 -4.65
N GLY A 584 30.90 -42.20 -5.23
CA GLY A 584 31.01 -42.05 -6.67
C GLY A 584 29.62 -41.89 -7.24
N ASN A 585 29.40 -42.34 -8.46
CA ASN A 585 28.08 -42.25 -9.07
C ASN A 585 27.26 -43.41 -8.51
N VAL A 586 27.85 -44.11 -7.54
CA VAL A 586 27.23 -45.26 -6.87
C VAL A 586 26.93 -44.92 -5.41
N ILE A 587 25.93 -45.59 -4.82
CA ILE A 587 25.58 -45.32 -3.43
C ILE A 587 25.94 -46.50 -2.56
N LYS A 588 27.10 -46.45 -1.93
CA LYS A 588 27.53 -47.56 -1.09
C LYS A 588 26.58 -47.68 0.09
N LYS A 589 26.97 -48.44 1.10
CA LYS A 589 26.12 -48.63 2.27
C LYS A 589 26.92 -49.24 3.39
N ILE A 590 27.54 -48.41 4.20
CA ILE A 590 28.34 -48.89 5.31
C ILE A 590 27.61 -48.73 6.65
N GLN A 591 28.23 -49.22 7.72
CA GLN A 591 27.63 -49.12 9.04
C GLN A 591 27.95 -47.74 9.61
N TYR A 592 27.70 -47.56 10.91
CA TYR A 592 27.96 -46.26 11.54
C TYR A 592 27.66 -46.30 13.03
N GLY A 593 28.70 -46.44 13.84
CA GLY A 593 28.52 -46.51 15.28
C GLY A 593 28.71 -45.18 16.01
N ALA A 594 28.61 -44.08 15.27
CA ALA A 594 28.76 -42.76 15.86
C ALA A 594 27.44 -42.03 15.84
N VAL A 595 27.33 -40.94 16.61
CA VAL A 595 26.11 -40.15 16.64
C VAL A 595 26.30 -38.95 15.72
N ALA A 596 25.25 -38.58 15.01
CA ALA A 596 25.30 -37.42 14.13
C ALA A 596 24.11 -36.50 14.40
N SER A 597 24.03 -35.39 13.68
CA SER A 597 22.92 -34.46 13.86
C SER A 597 21.80 -34.79 12.88
N GLY A 598 20.59 -34.31 13.17
CA GLY A 598 19.47 -34.56 12.30
C GLY A 598 18.21 -34.84 13.10
N GLU A 599 18.38 -34.96 14.42
CA GLU A 599 17.26 -35.21 15.28
C GLU A 599 16.90 -33.91 15.96
N LYS A 600 15.66 -33.81 16.42
CA LYS A 600 15.21 -32.61 17.11
C LYS A 600 16.13 -32.42 18.30
N GLN A 601 16.29 -33.50 19.07
CA GLN A 601 17.10 -33.47 20.28
C GLN A 601 18.57 -33.21 20.08
N THR A 602 19.01 -33.19 18.82
CA THR A 602 20.41 -32.94 18.52
C THR A 602 21.00 -31.80 19.35
N LYS A 603 20.65 -30.57 18.99
CA LYS A 603 21.20 -29.40 19.66
C LYS A 603 20.92 -29.39 21.16
N ALA A 604 19.71 -29.75 21.54
CA ALA A 604 19.37 -29.78 22.97
C ALA A 604 20.03 -30.94 23.72
N ALA A 605 19.91 -32.16 23.18
CA ALA A 605 20.49 -33.36 23.80
C ALA A 605 22.02 -33.32 23.80
N ASN A 606 22.58 -32.73 22.75
CA ASN A 606 24.02 -32.66 22.63
C ASN A 606 24.54 -31.89 23.85
N SER A 607 23.89 -30.78 24.18
CA SER A 607 24.32 -29.97 25.30
C SER A 607 24.25 -30.74 26.60
N ILE A 608 23.18 -31.51 26.74
CA ILE A 608 22.98 -32.28 27.95
C ILE A 608 24.20 -33.19 28.16
N ALA A 609 24.65 -33.80 27.08
CA ALA A 609 25.79 -34.70 27.11
C ALA A 609 27.09 -33.93 27.39
N ASN A 610 27.28 -32.81 26.69
CA ASN A 610 28.49 -32.02 26.87
C ASN A 610 28.55 -31.52 28.29
N LEU A 611 27.41 -31.11 28.83
CA LEU A 611 27.41 -30.61 30.20
C LEU A 611 27.72 -31.79 31.12
N ALA A 612 27.12 -32.94 30.80
CA ALA A 612 27.31 -34.15 31.59
C ALA A 612 28.80 -34.53 31.61
N LEU A 613 29.46 -34.34 30.47
CA LEU A 613 30.86 -34.68 30.34
C LEU A 613 31.79 -33.86 31.23
N ILE A 614 31.61 -32.55 31.20
CA ILE A 614 32.47 -31.68 32.00
C ILE A 614 32.27 -31.93 33.48
N LYS A 615 31.01 -32.20 33.87
CA LYS A 615 30.71 -32.45 35.27
C LYS A 615 31.49 -33.66 35.73
N THR A 616 31.58 -34.65 34.84
CA THR A 616 32.28 -35.89 35.12
C THR A 616 33.77 -35.69 35.25
N VAL A 617 34.35 -34.93 34.33
CA VAL A 617 35.77 -34.68 34.37
C VAL A 617 36.12 -33.80 35.55
N LEU A 618 35.32 -32.78 35.78
CA LEU A 618 35.61 -31.85 36.87
C LEU A 618 35.57 -32.53 38.23
N SER A 619 34.62 -33.42 38.44
CA SER A 619 34.51 -34.10 39.73
C SER A 619 35.71 -35.02 39.97
N ARG A 620 36.13 -35.74 38.93
CA ARG A 620 37.25 -36.66 39.03
C ARG A 620 38.57 -35.95 39.36
N ILE A 621 38.83 -34.84 38.71
CA ILE A 621 40.06 -34.10 38.96
C ILE A 621 40.09 -33.61 40.40
N SER A 622 38.91 -33.38 40.96
CA SER A 622 38.83 -32.87 42.32
C SER A 622 39.55 -33.79 43.29
N ASN A 623 39.44 -35.09 43.08
CA ASN A 623 40.13 -36.04 43.94
C ASN A 623 41.50 -35.55 44.38
N LYS A 624 42.22 -34.87 43.49
CA LYS A 624 43.54 -34.35 43.81
C LYS A 624 43.51 -32.95 44.43
N HIS A 625 43.26 -31.94 43.61
CA HIS A 625 43.23 -30.56 44.09
C HIS A 625 41.84 -30.10 44.51
N SER A 626 41.80 -29.28 45.55
CA SER A 626 40.53 -28.75 46.05
C SER A 626 40.31 -27.35 45.49
N PHE A 627 39.15 -27.16 44.89
CA PHE A 627 38.78 -25.88 44.30
C PHE A 627 37.36 -25.54 44.71
N ALA A 628 36.72 -24.69 43.91
CA ALA A 628 35.34 -24.27 44.14
C ALA A 628 34.77 -23.93 42.77
N THR A 629 33.75 -24.68 42.35
CA THR A 629 33.15 -24.42 41.04
C THR A 629 32.31 -23.15 41.07
N LYS A 630 32.87 -22.07 40.57
CA LYS A 630 32.16 -20.81 40.54
C LYS A 630 31.11 -20.80 39.42
N ILE A 631 31.50 -21.22 38.22
CA ILE A 631 30.55 -21.29 37.11
C ILE A 631 30.89 -22.45 36.20
N ILE A 632 29.86 -23.05 35.62
CA ILE A 632 30.01 -24.16 34.68
C ILE A 632 29.10 -23.82 33.55
N ARG A 633 29.53 -24.04 32.31
CA ARG A 633 28.71 -23.72 31.15
C ARG A 633 28.96 -24.62 29.94
N VAL A 634 27.95 -24.67 29.06
CA VAL A 634 28.03 -25.44 27.83
C VAL A 634 27.68 -24.49 26.68
N ASP A 635 28.07 -24.85 25.47
CA ASP A 635 27.78 -24.05 24.31
C ASP A 635 28.14 -24.80 23.03
N GLY A 636 27.32 -25.76 22.65
CA GLY A 636 27.59 -26.51 21.46
C GLY A 636 28.81 -27.41 21.57
N ASP A 637 29.87 -27.02 20.88
CA ASP A 637 31.10 -27.78 20.88
C ASP A 637 32.16 -27.27 21.86
N ASP A 638 31.72 -26.60 22.91
CA ASP A 638 32.62 -26.07 23.91
C ASP A 638 31.94 -26.03 25.27
N ASN A 639 32.69 -26.34 26.32
CA ASN A 639 32.17 -26.33 27.68
C ASN A 639 33.28 -25.79 28.55
N TYR A 640 32.94 -24.90 29.47
CA TYR A 640 33.96 -24.31 30.33
C TYR A 640 33.57 -24.20 31.80
N ALA A 641 34.49 -23.73 32.63
CA ALA A 641 34.24 -23.56 34.06
C ALA A 641 35.32 -22.77 34.77
N VAL A 642 34.93 -21.87 35.66
CA VAL A 642 35.89 -21.09 36.42
C VAL A 642 35.90 -21.70 37.81
N LEU A 643 37.05 -22.23 38.24
CA LEU A 643 37.16 -22.86 39.54
C LEU A 643 38.09 -22.03 40.41
N GLN A 644 37.72 -21.83 41.68
CA GLN A 644 38.52 -21.03 42.60
C GLN A 644 39.37 -21.91 43.51
N PHE A 645 40.57 -21.43 43.85
CA PHE A 645 41.50 -22.15 44.69
C PHE A 645 41.81 -21.47 46.01
N ASN A 646 41.89 -22.25 47.08
CA ASN A 646 42.16 -21.71 48.41
C ASN A 646 43.52 -21.05 48.57
N THR A 647 44.18 -20.78 47.44
CA THR A 647 45.50 -20.17 47.47
C THR A 647 45.82 -19.53 46.10
N GLU A 648 46.90 -18.78 46.03
CA GLU A 648 47.27 -18.12 44.78
C GLU A 648 47.68 -19.15 43.72
N VAL A 649 47.27 -18.89 42.49
CA VAL A 649 47.57 -19.77 41.38
C VAL A 649 49.00 -19.64 40.89
N THR A 650 49.70 -20.77 40.85
CA THR A 650 51.09 -20.82 40.39
C THR A 650 51.15 -21.50 39.03
N LYS A 651 52.21 -21.24 38.28
CA LYS A 651 52.34 -21.83 36.96
C LYS A 651 52.25 -23.34 37.12
N GLN A 652 52.87 -23.84 38.17
CA GLN A 652 52.89 -25.27 38.43
C GLN A 652 51.48 -25.80 38.59
N MET A 653 50.65 -25.05 39.29
CA MET A 653 49.28 -25.46 39.54
C MET A 653 48.49 -25.59 38.24
N ILE A 654 48.64 -24.63 37.34
CA ILE A 654 47.90 -24.67 36.10
C ILE A 654 48.38 -25.86 35.27
N GLN A 655 49.69 -26.09 35.29
CA GLN A 655 50.24 -27.20 34.54
C GLN A 655 49.73 -28.52 35.08
N ASP A 656 49.61 -28.64 36.40
CA ASP A 656 49.12 -29.87 37.00
C ASP A 656 47.65 -30.16 36.70
N VAL A 657 46.82 -29.14 36.87
CA VAL A 657 45.40 -29.29 36.64
C VAL A 657 45.13 -29.60 35.17
N SER A 658 45.83 -28.93 34.27
CA SER A 658 45.60 -29.16 32.86
C SER A 658 45.91 -30.61 32.52
N ASN A 659 47.02 -31.12 33.07
CA ASN A 659 47.44 -32.49 32.83
C ASN A 659 46.41 -33.46 33.35
N ASP A 660 45.96 -33.21 34.57
CA ASP A 660 44.99 -34.07 35.22
C ASP A 660 43.69 -34.04 34.42
N VAL A 661 43.36 -32.88 33.87
CA VAL A 661 42.16 -32.75 33.07
C VAL A 661 42.27 -33.53 31.75
N ARG A 662 43.38 -33.33 31.06
CA ARG A 662 43.60 -33.98 29.76
C ARG A 662 43.68 -35.50 29.89
N GLU A 663 44.34 -35.96 30.94
CA GLU A 663 44.47 -37.39 31.14
C GLU A 663 43.08 -37.92 31.40
N THR A 664 42.28 -37.19 32.18
CA THR A 664 40.93 -37.63 32.49
C THR A 664 40.11 -37.76 31.20
N TYR A 665 40.22 -36.75 30.33
CA TYR A 665 39.51 -36.77 29.06
C TYR A 665 40.02 -37.95 28.25
N ALA A 666 41.31 -38.21 28.40
CA ALA A 666 41.96 -39.31 27.71
C ALA A 666 41.42 -40.64 28.19
N ARG A 667 41.26 -40.79 29.49
CA ARG A 667 40.80 -42.06 30.03
C ARG A 667 39.48 -42.45 29.39
N MET A 668 38.61 -41.47 29.19
CA MET A 668 37.31 -41.73 28.60
C MET A 668 37.44 -41.86 27.09
N ASN A 669 38.66 -42.02 26.61
CA ASN A 669 38.93 -42.16 25.20
C ASN A 669 38.10 -41.17 24.39
N ALA A 670 38.46 -39.91 24.51
CA ALA A 670 37.77 -38.84 23.81
C ALA A 670 38.76 -37.80 23.31
N LYS A 671 38.69 -37.48 22.02
CA LYS A 671 39.58 -36.49 21.43
C LYS A 671 39.06 -35.10 21.80
N VAL A 672 39.86 -34.34 22.54
CA VAL A 672 39.46 -33.01 22.95
C VAL A 672 40.61 -32.05 23.15
N LYS A 673 40.28 -30.76 23.08
CA LYS A 673 41.23 -29.67 23.25
C LYS A 673 41.03 -29.06 24.63
N ALA A 674 41.53 -29.73 25.66
CA ALA A 674 41.37 -29.22 27.00
C ALA A 674 42.49 -28.27 27.36
N LEU A 675 42.21 -26.97 27.37
CA LEU A 675 43.20 -25.96 27.74
C LEU A 675 42.80 -25.37 29.09
N VAL A 676 43.66 -24.52 29.64
CA VAL A 676 43.39 -23.90 30.94
C VAL A 676 44.11 -22.57 31.07
N SER A 677 43.41 -21.54 31.52
CA SER A 677 44.05 -20.23 31.69
C SER A 677 43.58 -19.53 32.97
N THR A 678 43.90 -18.25 33.10
CA THR A 678 43.49 -17.49 34.25
C THR A 678 42.88 -16.15 33.83
N VAL A 679 42.89 -15.85 32.55
CA VAL A 679 42.35 -14.57 32.10
C VAL A 679 41.55 -14.63 30.81
N GLY A 680 41.75 -15.66 30.02
CA GLY A 680 41.02 -15.73 28.78
C GLY A 680 40.56 -17.10 28.35
N ILE A 681 39.60 -17.12 27.44
CA ILE A 681 39.08 -18.35 26.89
C ILE A 681 38.66 -18.17 25.44
N GLU A 682 38.77 -19.26 24.69
CA GLU A 682 38.41 -19.29 23.29
C GLU A 682 37.44 -20.44 23.08
N ILE A 683 36.49 -20.25 22.19
CA ILE A 683 35.56 -21.29 21.87
C ILE A 683 35.08 -20.96 20.48
N ALA A 684 34.27 -21.85 19.93
CA ALA A 684 33.79 -21.69 18.58
C ALA A 684 33.00 -20.41 18.27
N LYS A 685 32.24 -19.93 19.26
CA LYS A 685 31.44 -18.72 19.03
C LYS A 685 32.10 -17.40 19.44
N ARG A 686 32.91 -17.41 20.48
CA ARG A 686 33.52 -16.17 20.93
C ARG A 686 34.82 -16.35 21.70
N TYR A 687 35.78 -15.46 21.52
CA TYR A 687 37.01 -15.59 22.28
C TYR A 687 37.27 -14.36 23.12
N ILE A 688 37.58 -14.58 24.40
CA ILE A 688 37.83 -13.48 25.31
C ILE A 688 39.30 -13.26 25.60
N ALA A 689 39.95 -12.50 24.75
CA ALA A 689 41.36 -12.24 24.94
C ALA A 689 41.60 -10.86 25.54
N GLY A 690 42.27 -10.84 26.70
CA GLY A 690 42.57 -9.57 27.33
C GLY A 690 41.42 -8.98 28.12
N GLY A 691 40.47 -9.81 28.52
CA GLY A 691 39.35 -9.31 29.29
C GLY A 691 38.33 -8.64 28.39
N LYS A 692 38.65 -8.57 27.10
CA LYS A 692 37.76 -7.96 26.11
C LYS A 692 37.10 -9.06 25.29
N ILE A 693 35.84 -8.87 24.90
CA ILE A 693 35.13 -9.88 24.11
C ILE A 693 35.37 -9.74 22.63
N PHE A 694 35.75 -10.85 21.99
CA PHE A 694 36.02 -10.86 20.55
C PHE A 694 35.16 -11.89 19.81
N PHE A 695 34.87 -11.62 18.55
CA PHE A 695 34.05 -12.53 17.73
C PHE A 695 34.79 -12.76 16.41
N ARG A 696 34.75 -13.97 15.87
CA ARG A 696 35.46 -14.17 14.62
C ARG A 696 34.70 -13.46 13.53
N ALA A 697 35.40 -13.07 12.47
CA ALA A 697 34.78 -12.34 11.39
C ALA A 697 35.01 -12.92 10.00
N GLY A 698 34.99 -14.24 9.90
CA GLY A 698 35.26 -14.87 8.63
C GLY A 698 34.13 -15.52 7.87
N ILE A 699 33.21 -14.73 7.34
CA ILE A 699 32.10 -15.28 6.56
C ILE A 699 32.40 -15.11 5.09
N ASN A 700 32.79 -16.19 4.44
CA ASN A 700 33.09 -16.15 3.02
C ASN A 700 31.98 -15.41 2.29
N LEU A 701 32.36 -14.44 1.49
CA LEU A 701 31.42 -13.62 0.77
C LEU A 701 31.19 -14.01 -0.68
N LEU A 702 32.25 -14.45 -1.35
CA LEU A 702 32.20 -14.83 -2.75
C LEU A 702 32.23 -16.32 -3.03
N ASN A 703 31.93 -17.13 -2.01
CA ASN A 703 31.90 -18.58 -2.10
C ASN A 703 30.92 -19.10 -1.05
N ASN A 704 29.72 -19.50 -1.46
CA ASN A 704 28.74 -20.00 -0.48
C ASN A 704 28.96 -21.48 -0.15
N GLU A 705 28.43 -21.90 0.99
CA GLU A 705 28.57 -23.30 1.43
C GLU A 705 27.79 -24.27 0.56
N LYS A 706 26.49 -24.05 0.43
CA LYS A 706 25.66 -24.91 -0.39
C LYS A 706 24.70 -24.10 -1.24
N ARG A 707 24.24 -24.70 -2.33
CA ARG A 707 23.32 -24.05 -3.24
C ARG A 707 21.90 -24.22 -2.75
N GLY A 708 21.40 -23.22 -2.03
CA GLY A 708 20.04 -23.27 -1.51
C GLY A 708 19.01 -22.99 -2.59
N GLN A 709 17.92 -22.31 -2.21
CA GLN A 709 16.84 -21.99 -3.14
C GLN A 709 16.62 -20.48 -3.26
N SER A 710 17.57 -19.69 -2.74
CA SER A 710 17.48 -18.23 -2.79
C SER A 710 17.59 -17.78 -4.24
N THR A 711 17.30 -16.50 -4.49
CA THR A 711 17.38 -15.99 -5.85
C THR A 711 18.58 -15.08 -5.98
N GLN A 712 18.84 -14.60 -7.19
CA GLN A 712 19.98 -13.73 -7.41
C GLN A 712 19.81 -12.47 -6.57
N TRP A 713 18.58 -11.92 -6.52
CA TRP A 713 18.34 -10.68 -5.76
C TRP A 713 18.54 -10.90 -4.28
N ASP A 714 17.96 -11.97 -3.79
CA ASP A 714 18.06 -12.31 -2.39
C ASP A 714 19.51 -12.67 -2.07
N GLN A 715 20.20 -13.22 -3.07
CA GLN A 715 21.58 -13.61 -2.91
C GLN A 715 22.39 -12.35 -2.59
N ALA A 716 22.04 -11.24 -3.24
CA ALA A 716 22.73 -9.99 -3.02
C ALA A 716 22.42 -9.40 -1.65
N ALA A 717 21.15 -9.38 -1.29
CA ALA A 717 20.73 -8.83 0.00
C ALA A 717 21.39 -9.66 1.12
N ILE A 718 21.58 -10.94 0.83
CA ILE A 718 22.26 -11.84 1.75
C ILE A 718 23.74 -11.49 1.80
N LEU A 719 24.32 -11.17 0.65
CA LEU A 719 25.74 -10.82 0.56
C LEU A 719 26.00 -9.54 1.35
N TYR A 720 25.12 -8.55 1.18
CA TYR A 720 25.26 -7.31 1.92
C TYR A 720 25.09 -7.59 3.41
N SER A 721 24.20 -8.52 3.76
CA SER A 721 24.04 -8.81 5.17
C SER A 721 25.35 -9.33 5.70
N ASN A 722 25.95 -10.25 4.95
CA ASN A 722 27.20 -10.86 5.36
C ASN A 722 28.32 -9.86 5.53
N TYR A 723 28.36 -8.90 4.61
CA TYR A 723 29.36 -7.85 4.62
C TYR A 723 29.28 -7.02 5.91
N ILE A 724 28.07 -6.62 6.28
CA ILE A 724 27.87 -5.83 7.49
C ILE A 724 28.27 -6.60 8.73
N VAL A 725 27.95 -7.90 8.78
CA VAL A 725 28.30 -8.63 9.98
C VAL A 725 29.80 -8.66 10.12
N ASN A 726 30.50 -8.81 8.99
CA ASN A 726 31.95 -8.87 9.02
C ASN A 726 32.54 -7.56 9.43
N ARG A 727 32.02 -6.49 8.86
CA ARG A 727 32.56 -5.20 9.20
C ARG A 727 32.42 -5.03 10.70
N LEU A 728 31.25 -5.34 11.23
CA LEU A 728 31.01 -5.19 12.64
C LEU A 728 31.95 -6.05 13.46
N ARG A 729 32.23 -7.27 13.01
CA ARG A 729 33.12 -8.17 13.76
C ARG A 729 34.60 -7.91 13.62
N GLY A 730 35.02 -7.43 12.45
CA GLY A 730 36.43 -7.14 12.21
C GLY A 730 36.77 -7.02 10.74
N PHE A 731 36.75 -8.15 10.03
CA PHE A 731 37.05 -8.20 8.61
C PHE A 731 36.20 -7.16 7.90
N GLU A 732 36.74 -6.47 6.91
CA GLU A 732 35.98 -5.45 6.17
C GLU A 732 36.25 -5.42 4.66
N THR A 733 35.33 -5.95 3.87
CA THR A 733 35.51 -5.92 2.42
C THR A 733 35.10 -4.52 1.97
N ASP A 734 35.94 -3.88 1.16
CA ASP A 734 35.67 -2.53 0.66
C ASP A 734 34.25 -2.39 0.15
N ARG A 735 33.51 -1.43 0.71
CA ARG A 735 32.10 -1.19 0.38
C ARG A 735 31.85 -0.90 -1.09
N GLU A 736 32.82 -0.31 -1.77
CA GLU A 736 32.67 -0.04 -3.18
C GLU A 736 32.54 -1.35 -3.94
N PHE A 737 33.29 -2.36 -3.50
CA PHE A 737 33.25 -3.67 -4.15
C PHE A 737 31.88 -4.29 -3.99
N ILE A 738 31.34 -4.18 -2.78
CA ILE A 738 30.03 -4.70 -2.49
C ILE A 738 28.98 -4.00 -3.34
N LEU A 739 29.15 -2.70 -3.52
CA LEU A 739 28.18 -1.98 -4.32
C LEU A 739 28.21 -2.54 -5.72
N THR A 740 29.41 -2.86 -6.18
CA THR A 740 29.61 -3.39 -7.52
C THR A 740 28.90 -4.72 -7.68
N LYS A 741 28.99 -5.57 -6.68
CA LYS A 741 28.36 -6.88 -6.74
C LYS A 741 26.84 -6.77 -6.82
N ILE A 742 26.31 -5.86 -6.02
CA ILE A 742 24.88 -5.60 -5.98
C ILE A 742 24.43 -5.09 -7.34
N MET A 743 25.29 -4.31 -7.98
CA MET A 743 25.00 -3.78 -9.30
C MET A 743 24.92 -4.94 -10.29
N GLN A 744 25.84 -5.89 -10.17
CA GLN A 744 25.86 -7.05 -11.05
C GLN A 744 24.72 -8.02 -10.74
N MET A 745 24.55 -8.33 -9.45
CA MET A 745 23.53 -9.26 -8.99
C MET A 745 22.04 -8.86 -9.12
N THR A 746 21.74 -7.56 -9.03
CA THR A 746 20.38 -7.07 -9.15
C THR A 746 19.91 -6.85 -10.57
N SER A 747 20.78 -6.34 -11.42
CA SER A 747 20.41 -6.11 -12.81
C SER A 747 19.72 -7.30 -13.45
N VAL A 748 18.79 -7.00 -14.37
CA VAL A 748 18.04 -8.01 -15.09
C VAL A 748 17.88 -7.60 -16.54
N ALA A 749 18.02 -8.56 -17.44
CA ALA A 749 17.92 -8.30 -18.89
C ALA A 749 16.52 -8.51 -19.45
N ILE A 750 16.06 -7.58 -20.27
CA ILE A 750 14.75 -7.70 -20.89
C ILE A 750 14.93 -8.24 -22.31
N THR A 751 16.10 -7.99 -22.90
CA THR A 751 16.45 -8.48 -24.23
C THR A 751 17.84 -9.09 -24.15
N GLY A 752 18.35 -9.53 -25.29
CA GLY A 752 19.67 -10.13 -25.29
C GLY A 752 20.77 -9.10 -25.30
N SER A 753 20.40 -7.84 -25.50
CA SER A 753 21.37 -6.77 -25.55
C SER A 753 20.90 -5.56 -24.75
N LEU A 754 20.09 -5.82 -23.73
CA LEU A 754 19.56 -4.75 -22.89
C LEU A 754 19.31 -5.21 -21.46
N ARG A 755 20.17 -4.73 -20.56
CA ARG A 755 20.03 -5.04 -19.15
C ARG A 755 19.40 -3.83 -18.45
N LEU A 756 18.71 -4.06 -17.34
CA LEU A 756 18.06 -2.99 -16.59
C LEU A 756 18.58 -2.93 -15.15
N PHE A 757 19.50 -2.01 -14.88
CA PHE A 757 20.07 -1.88 -13.56
C PHE A 757 19.19 -1.03 -12.65
N PRO A 758 18.61 -1.65 -11.62
CA PRO A 758 17.74 -0.94 -10.67
C PRO A 758 18.50 0.16 -9.96
N SER A 759 17.80 1.24 -9.64
CA SER A 759 18.40 2.39 -8.97
C SER A 759 18.60 2.19 -7.48
N GLU A 760 19.28 3.16 -6.86
CA GLU A 760 19.56 3.14 -5.42
C GLU A 760 18.25 3.28 -4.63
N ARG A 761 17.34 4.13 -5.11
CA ARG A 761 16.07 4.29 -4.42
C ARG A 761 15.29 2.99 -4.48
N VAL A 762 15.30 2.31 -5.62
CA VAL A 762 14.59 1.06 -5.71
C VAL A 762 15.22 0.04 -4.77
N LEU A 763 16.54 0.00 -4.77
CA LEU A 763 17.30 -0.95 -3.96
C LEU A 763 17.33 -0.78 -2.43
N THR A 764 17.35 0.45 -1.95
CA THR A 764 17.42 0.67 -0.52
C THR A 764 16.12 1.06 0.17
N THR A 765 15.10 1.45 -0.60
CA THR A 765 13.84 1.82 0.00
C THR A 765 13.28 0.62 0.73
N ASN A 766 12.91 0.81 1.99
CA ASN A 766 12.37 -0.27 2.81
C ASN A 766 11.18 -1.00 2.17
N SER A 767 11.45 -2.17 1.60
CA SER A 767 10.41 -2.98 0.96
C SER A 767 10.80 -4.46 0.93
N THR A 768 10.03 -5.26 0.20
CA THR A 768 10.26 -6.70 0.08
C THR A 768 11.35 -7.01 -0.91
N PHE A 769 11.94 -5.96 -1.47
CA PHE A 769 13.03 -6.10 -2.43
C PHE A 769 14.24 -5.32 -1.96
N LYS A 770 14.16 -4.75 -0.76
CA LYS A 770 15.27 -3.96 -0.22
C LYS A 770 16.50 -4.82 -0.04
N VAL A 771 17.60 -4.41 -0.68
CA VAL A 771 18.85 -5.17 -0.60
C VAL A 771 19.86 -4.64 0.43
N PHE A 772 20.01 -3.32 0.55
CA PHE A 772 20.96 -2.75 1.51
C PHE A 772 20.51 -1.40 2.03
N ASP A 773 21.45 -0.60 2.55
CA ASP A 773 21.19 0.74 3.08
C ASP A 773 22.12 1.72 2.40
N SER A 774 21.71 2.98 2.30
CA SER A 774 22.56 3.97 1.63
C SER A 774 23.67 4.46 2.55
N GLU A 775 23.68 3.91 3.76
CA GLU A 775 24.68 4.24 4.78
C GLU A 775 24.66 3.10 5.79
N ASP A 776 25.63 2.20 5.67
CA ASP A 776 25.71 1.06 6.57
C ASP A 776 25.37 1.40 8.01
N PHE A 777 24.66 0.49 8.66
CA PHE A 777 24.26 0.64 10.05
C PHE A 777 23.11 1.59 10.29
N ILE A 778 22.63 2.23 9.23
CA ILE A 778 21.54 3.18 9.34
C ILE A 778 20.38 2.81 8.42
N ILE A 779 19.18 2.66 8.99
CA ILE A 779 18.00 2.32 8.20
C ILE A 779 17.11 3.55 7.99
N GLU A 780 16.77 3.88 6.73
CA GLU A 780 15.91 5.02 6.44
C GLU A 780 14.47 4.59 6.22
N TYR A 781 13.59 5.58 6.19
CA TYR A 781 12.16 5.37 5.99
C TYR A 781 11.60 6.52 5.15
N GLY A 782 10.73 6.17 4.22
CA GLY A 782 10.14 7.18 3.35
C GLY A 782 9.78 8.46 4.05
N THR A 783 10.48 9.53 3.71
CA THR A 783 10.18 10.81 4.32
C THR A 783 9.65 11.73 3.22
N THR A 784 10.15 11.54 2.00
CA THR A 784 9.70 12.35 0.89
C THR A 784 8.48 11.71 0.27
N VAL A 785 7.75 12.50 -0.52
CA VAL A 785 6.56 12.04 -1.20
C VAL A 785 6.91 10.93 -2.19
N ASP A 786 8.04 11.08 -2.88
CA ASP A 786 8.47 10.10 -3.85
C ASP A 786 8.71 8.74 -3.19
N GLU A 787 9.40 8.75 -2.06
CA GLU A 787 9.70 7.47 -1.40
C GLU A 787 8.42 6.76 -1.03
N VAL A 788 7.46 7.49 -0.48
CA VAL A 788 6.20 6.88 -0.12
C VAL A 788 5.41 6.51 -1.37
N TYR A 789 5.47 7.36 -2.39
CA TYR A 789 4.73 7.11 -3.62
C TYR A 789 5.22 5.78 -4.16
N ILE A 790 6.53 5.61 -4.21
CA ILE A 790 7.14 4.37 -4.67
C ILE A 790 6.93 3.25 -3.67
N GLN A 791 6.94 3.62 -2.40
CA GLN A 791 6.81 2.64 -1.32
C GLN A 791 5.46 1.90 -1.40
N ARG A 792 4.37 2.64 -1.61
CA ARG A 792 3.04 2.04 -1.73
C ARG A 792 2.95 1.25 -3.01
N ALA A 793 3.62 1.74 -4.05
CA ALA A 793 3.64 1.10 -5.34
C ALA A 793 4.33 -0.27 -5.33
N PHE A 794 5.43 -0.39 -4.59
CA PHE A 794 6.15 -1.65 -4.53
C PHE A 794 5.39 -2.76 -3.85
N MET A 795 4.67 -2.42 -2.78
CA MET A 795 3.94 -3.43 -2.03
C MET A 795 3.00 -4.17 -2.96
N SER A 796 2.42 -3.45 -3.93
CA SER A 796 1.51 -4.04 -4.89
C SER A 796 1.97 -5.40 -5.38
N LEU A 797 2.97 -5.41 -6.27
CA LEU A 797 3.50 -6.66 -6.80
C LEU A 797 4.45 -7.36 -5.84
N SER A 798 4.07 -7.42 -4.56
CA SER A 798 4.90 -8.06 -3.55
C SER A 798 4.65 -9.57 -3.49
N SER A 799 3.39 -9.95 -3.43
CA SER A 799 3.03 -11.36 -3.39
C SER A 799 2.20 -11.74 -4.61
N GLN A 800 2.84 -12.42 -5.56
CA GLN A 800 2.20 -12.84 -6.79
C GLN A 800 1.91 -14.33 -6.75
N LYS A 801 0.62 -14.67 -6.80
CA LYS A 801 0.17 -16.06 -6.76
C LYS A 801 1.04 -17.03 -7.57
N SER A 802 1.02 -18.29 -7.15
CA SER A 802 1.78 -19.33 -7.84
C SER A 802 0.78 -20.35 -8.41
N GLY A 803 0.84 -20.55 -9.73
CA GLY A 803 -0.06 -21.48 -10.38
C GLY A 803 0.23 -22.91 -10.01
N ILE A 804 0.58 -23.12 -8.74
CA ILE A 804 0.89 -24.45 -8.22
C ILE A 804 0.52 -24.47 -6.74
N ALA A 805 0.87 -23.40 -6.03
CA ALA A 805 0.61 -23.27 -4.61
C ALA A 805 -0.87 -23.18 -4.25
N ASP A 806 -1.71 -22.99 -5.27
CA ASP A 806 -3.15 -22.88 -5.06
C ASP A 806 -3.83 -24.22 -5.37
N GLU A 807 -3.44 -24.82 -6.50
CA GLU A 807 -3.98 -26.10 -6.92
C GLU A 807 -3.69 -27.18 -5.89
N ILE A 808 -2.55 -27.04 -5.22
CA ILE A 808 -2.14 -27.99 -4.19
C ILE A 808 -3.10 -27.98 -3.01
N ALA A 809 -3.70 -26.83 -2.76
CA ALA A 809 -4.66 -26.69 -1.68
C ALA A 809 -6.04 -27.06 -2.21
N ALA A 810 -6.09 -27.40 -3.49
CA ALA A 810 -7.33 -27.78 -4.17
C ALA A 810 -7.60 -29.28 -4.13
N SER A 811 -6.55 -30.06 -3.88
CA SER A 811 -6.69 -31.51 -3.82
C SER A 811 -7.24 -31.94 -2.46
N SER A 812 -7.83 -33.12 -2.42
CA SER A 812 -8.41 -33.66 -1.19
C SER A 812 -7.34 -33.81 -0.12
N THR A 813 -6.10 -33.99 -0.56
CA THR A 813 -4.97 -34.16 0.32
C THR A 813 -4.79 -32.98 1.25
N PHE A 814 -4.67 -31.80 0.67
CA PHE A 814 -4.48 -30.57 1.44
C PHE A 814 -5.69 -30.33 2.35
N LYS A 815 -6.88 -30.46 1.80
CA LYS A 815 -8.10 -30.25 2.57
C LYS A 815 -8.23 -31.23 3.73
N ASN A 816 -7.90 -32.50 3.48
CA ASN A 816 -7.97 -33.53 4.52
C ASN A 816 -6.94 -33.30 5.61
N TYR A 817 -5.73 -32.91 5.20
CA TYR A 817 -4.63 -32.67 6.11
C TYR A 817 -4.94 -31.49 7.05
N VAL A 818 -5.46 -30.41 6.47
CA VAL A 818 -5.80 -29.22 7.25
C VAL A 818 -6.95 -29.52 8.21
N THR A 819 -7.97 -30.15 7.66
CA THR A 819 -9.16 -30.49 8.44
C THR A 819 -8.78 -31.50 9.50
N ARG A 820 -7.97 -32.48 9.11
CA ARG A 820 -7.58 -33.51 10.05
C ARG A 820 -6.83 -32.90 11.21
N LEU A 821 -5.95 -31.95 10.92
CA LEU A 821 -5.20 -31.30 11.99
C LEU A 821 -6.13 -30.46 12.85
N SER A 822 -7.02 -29.72 12.20
CA SER A 822 -7.95 -28.86 12.91
C SER A 822 -8.99 -29.61 13.75
N GLU A 823 -9.57 -30.67 13.19
CA GLU A 823 -10.59 -31.46 13.90
C GLU A 823 -10.17 -31.84 15.31
N GLN A 824 -8.87 -31.89 15.56
CA GLN A 824 -8.35 -32.22 16.89
C GLN A 824 -7.73 -30.98 17.53
N LEU A 825 -8.09 -29.82 17.00
CA LEU A 825 -7.58 -28.55 17.51
C LEU A 825 -8.70 -27.54 17.74
N LEU A 826 -9.83 -27.72 17.06
CA LEU A 826 -10.95 -26.78 17.17
C LEU A 826 -12.26 -27.35 17.74
N PHE A 827 -13.16 -26.44 18.11
CA PHE A 827 -14.47 -26.79 18.65
C PHE A 827 -15.54 -25.87 18.05
N SER A 828 -15.33 -24.56 18.18
CA SER A 828 -16.26 -23.56 17.64
C SER A 828 -15.90 -23.23 16.19
N LYS A 829 -16.04 -21.96 15.81
CA LYS A 829 -15.72 -21.55 14.44
C LYS A 829 -14.34 -20.87 14.37
N ASN A 830 -13.32 -21.72 14.41
CA ASN A 830 -11.89 -21.41 14.37
C ASN A 830 -11.24 -20.72 13.18
N ASN A 831 -11.96 -20.59 12.06
CA ASN A 831 -11.40 -20.10 10.81
C ASN A 831 -10.32 -19.01 10.89
N ILE A 832 -10.32 -18.16 11.91
CA ILE A 832 -9.23 -17.19 11.99
C ILE A 832 -7.96 -18.02 12.08
N VAL A 833 -8.01 -19.07 12.90
CA VAL A 833 -6.90 -20.00 13.08
C VAL A 833 -6.73 -20.86 11.83
N SER A 834 -7.87 -21.27 11.27
CA SER A 834 -7.88 -22.10 10.08
C SER A 834 -7.29 -21.43 8.85
N ARG A 835 -7.59 -20.15 8.65
CA ARG A 835 -7.08 -19.42 7.50
C ARG A 835 -5.56 -19.34 7.54
N GLY A 836 -5.02 -19.15 8.74
CA GLY A 836 -3.58 -19.04 8.93
C GLY A 836 -2.78 -20.30 8.66
N ILE A 837 -3.33 -21.44 9.06
CA ILE A 837 -2.66 -22.72 8.87
C ILE A 837 -2.43 -22.99 7.40
N ALA A 838 -3.41 -22.68 6.57
CA ALA A 838 -3.31 -22.92 5.14
C ALA A 838 -2.18 -22.13 4.52
N LEU A 839 -2.11 -20.84 4.87
CA LEU A 839 -1.08 -19.97 4.34
C LEU A 839 0.27 -20.35 4.94
N THR A 840 0.23 -20.97 6.12
CA THR A 840 1.44 -21.40 6.80
C THR A 840 2.18 -22.36 5.87
N GLU A 841 1.42 -23.13 5.09
CA GLU A 841 1.98 -24.09 4.17
C GLU A 841 2.21 -23.43 2.81
N LYS A 842 1.26 -22.58 2.41
CA LYS A 842 1.35 -21.87 1.14
C LYS A 842 2.49 -20.87 1.13
N ALA A 843 3.17 -20.73 2.27
CA ALA A 843 4.28 -19.80 2.40
C ALA A 843 5.63 -20.51 2.24
N LYS A 844 5.62 -21.82 2.47
CA LYS A 844 6.84 -22.63 2.36
C LYS A 844 6.80 -23.44 1.07
N LEU A 845 5.58 -23.82 0.66
CA LEU A 845 5.36 -24.62 -0.55
C LEU A 845 6.18 -24.15 -1.75
N ASN A 846 6.38 -22.84 -1.87
CA ASN A 846 7.14 -22.26 -2.98
C ASN A 846 8.52 -22.90 -3.09
N SER A 847 9.06 -23.32 -1.96
CA SER A 847 10.37 -23.97 -1.92
C SER A 847 10.51 -24.90 -3.12
N TYR A 848 9.54 -25.80 -3.26
CA TYR A 848 9.53 -26.75 -4.37
C TYR A 848 9.86 -26.00 -5.65
N ALA A 849 11.01 -26.33 -6.24
CA ALA A 849 11.53 -25.70 -7.46
C ALA A 849 10.47 -25.20 -8.43
N PRO A 850 9.57 -26.09 -8.91
CA PRO A 850 8.53 -25.68 -9.84
C PRO A 850 7.70 -24.47 -9.37
N ILE A 851 7.73 -24.20 -8.06
CA ILE A 851 6.98 -23.09 -7.49
C ILE A 851 7.88 -21.86 -7.24
N SER A 852 9.06 -22.09 -6.68
CA SER A 852 10.00 -21.01 -6.41
C SER A 852 10.48 -20.43 -7.73
N LEU A 853 10.77 -21.33 -8.68
CA LEU A 853 11.21 -20.97 -10.03
C LEU A 853 10.12 -20.32 -10.86
N GLU A 854 8.90 -20.82 -10.71
CA GLU A 854 7.73 -20.28 -11.42
C GLU A 854 7.44 -18.87 -10.89
N LYS A 855 7.49 -18.72 -9.56
CA LYS A 855 7.25 -17.43 -8.94
C LYS A 855 8.37 -16.44 -9.24
N ARG A 856 9.62 -16.92 -9.19
CA ARG A 856 10.80 -16.10 -9.46
C ARG A 856 10.87 -15.62 -10.90
N ARG A 857 10.59 -16.51 -11.86
CA ARG A 857 10.62 -16.15 -13.29
C ARG A 857 9.47 -15.20 -13.68
N ALA A 858 8.30 -15.47 -13.11
CA ALA A 858 7.10 -14.66 -13.34
C ALA A 858 7.26 -13.25 -12.73
N GLN A 859 7.93 -13.19 -11.59
CA GLN A 859 8.19 -11.94 -10.87
C GLN A 859 8.98 -10.95 -11.73
N ILE A 860 9.87 -11.47 -12.55
CA ILE A 860 10.69 -10.65 -13.43
C ILE A 860 9.83 -9.87 -14.43
N SER A 861 8.83 -10.54 -15.02
CA SER A 861 7.95 -9.89 -15.98
C SER A 861 7.17 -8.75 -15.33
N ALA A 862 6.69 -9.02 -14.12
CA ALA A 862 5.95 -8.03 -13.36
C ALA A 862 6.88 -6.91 -12.91
N LEU A 863 8.06 -7.28 -12.44
CA LEU A 863 9.04 -6.32 -11.96
C LEU A 863 9.54 -5.38 -13.05
N LEU A 864 9.84 -5.93 -14.22
CA LEU A 864 10.34 -5.11 -15.34
C LEU A 864 9.27 -4.12 -15.76
N THR A 865 8.04 -4.61 -15.87
CA THR A 865 6.91 -3.79 -16.27
C THR A 865 6.63 -2.76 -15.18
N MET A 866 6.84 -3.15 -13.93
CA MET A 866 6.58 -2.27 -12.79
C MET A 866 7.37 -0.99 -12.88
N LEU A 867 8.64 -1.09 -13.23
CA LEU A 867 9.47 0.11 -13.34
C LEU A 867 8.89 1.01 -14.45
N GLN A 868 8.41 0.40 -15.53
CA GLN A 868 7.85 1.14 -16.65
C GLN A 868 6.82 2.20 -16.24
N LYS A 869 5.58 1.79 -16.01
CA LYS A 869 4.53 2.74 -15.64
C LYS A 869 3.54 2.25 -14.59
N PRO A 870 3.42 2.99 -13.47
CA PRO A 870 2.51 2.70 -12.36
C PRO A 870 1.29 3.63 -12.39
N VAL A 871 1.36 4.68 -11.58
CA VAL A 871 0.33 5.72 -11.45
C VAL A 871 -1.11 5.24 -11.18
N THR A 872 -1.32 3.94 -11.09
CA THR A 872 -2.66 3.41 -10.84
C THR A 872 -2.72 2.38 -9.70
N PHE A 873 -2.71 2.86 -8.47
CA PHE A 873 -2.76 1.97 -7.31
C PHE A 873 -3.78 2.42 -6.26
N LYS A 874 -4.60 1.48 -5.80
CA LYS A 874 -5.62 1.78 -4.81
C LYS A 874 -5.08 1.54 -3.41
N SER A 875 -4.10 2.35 -3.01
CA SER A 875 -3.50 2.24 -1.68
C SER A 875 -4.54 2.45 -0.60
N SER A 876 -4.32 1.80 0.54
CA SER A 876 -5.23 1.92 1.68
C SER A 876 -4.59 1.29 2.89
N LYS A 877 -3.58 0.46 2.65
CA LYS A 877 -2.86 -0.21 3.72
C LYS A 877 -1.75 0.67 4.25
N ILE A 878 -1.59 0.69 5.57
CA ILE A 878 -0.57 1.51 6.17
C ILE A 878 0.54 0.70 6.84
N THR A 879 1.75 1.26 6.79
CA THR A 879 2.93 0.61 7.34
C THR A 879 3.71 1.56 8.24
N ILE A 880 4.84 1.06 8.75
CA ILE A 880 5.70 1.83 9.63
C ILE A 880 6.10 3.11 8.92
N ASN A 881 6.29 3.01 7.61
CA ASN A 881 6.69 4.17 6.81
C ASN A 881 5.65 5.26 6.91
N ASP A 882 4.38 4.88 6.83
CA ASP A 882 3.31 5.84 6.91
C ASP A 882 3.17 6.40 8.32
N ILE A 883 3.31 5.55 9.32
CA ILE A 883 3.19 5.99 10.70
C ILE A 883 4.31 6.93 11.11
N LEU A 884 5.54 6.55 10.79
CA LEU A 884 6.69 7.36 11.16
C LEU A 884 6.68 8.68 10.45
N ARG A 885 6.27 8.69 9.19
CA ARG A 885 6.23 9.92 8.40
C ARG A 885 5.32 10.92 9.10
N ASP A 886 4.27 10.42 9.74
CA ASP A 886 3.34 11.29 10.43
C ASP A 886 3.96 12.00 11.63
N ILE A 887 4.69 11.23 12.45
CA ILE A 887 5.31 11.78 13.65
C ILE A 887 6.45 12.76 13.43
N LYS A 888 7.16 12.62 12.32
CA LYS A 888 8.30 13.46 12.04
C LYS A 888 8.11 14.97 12.31
N PRO A 889 7.10 15.58 11.69
CA PRO A 889 6.81 17.01 11.83
C PRO A 889 6.61 17.54 13.26
N PHE A 890 6.30 16.64 14.19
CA PHE A 890 6.05 17.02 15.58
C PHE A 890 7.26 16.97 16.49
N PHE A 891 8.42 16.62 15.92
CA PHE A 891 9.64 16.52 16.71
C PHE A 891 10.55 17.71 16.44
N THR A 892 11.00 18.35 17.51
CA THR A 892 11.88 19.51 17.37
C THR A 892 13.29 19.17 17.80
N VAL A 893 14.19 19.08 16.83
CA VAL A 893 15.58 18.73 17.10
C VAL A 893 16.52 19.90 17.44
N SER A 894 17.40 19.68 18.41
CA SER A 894 18.34 20.70 18.81
C SER A 894 19.64 20.05 19.32
N ASP A 895 20.76 20.62 18.92
CA ASP A 895 22.05 20.08 19.32
C ASP A 895 22.14 19.81 20.81
N ALA A 896 22.61 18.62 21.13
CA ALA A 896 22.79 18.18 22.51
C ALA A 896 24.17 17.54 22.59
N HIS A 897 24.66 17.28 23.80
CA HIS A 897 25.98 16.67 23.93
C HIS A 897 26.00 15.50 24.88
N LEU A 898 26.74 14.48 24.49
CA LEU A 898 26.89 13.26 25.27
C LEU A 898 28.36 12.86 25.39
N PRO A 899 28.85 12.72 26.63
CA PRO A 899 30.22 12.35 26.91
C PRO A 899 30.44 10.86 26.87
N ILE A 900 31.66 10.45 26.54
CA ILE A 900 32.01 9.04 26.47
C ILE A 900 32.41 8.57 27.86
N GLN A 901 31.66 7.64 28.44
CA GLN A 901 31.97 7.16 29.78
C GLN A 901 32.22 5.66 29.89
N TYR A 902 31.55 4.87 29.06
CA TYR A 902 31.71 3.42 29.10
C TYR A 902 32.91 3.01 28.27
N GLN A 903 33.76 2.17 28.85
CA GLN A 903 34.97 1.70 28.16
C GLN A 903 34.65 0.75 27.02
N LYS A 904 35.70 0.26 26.37
CA LYS A 904 35.51 -0.66 25.25
C LYS A 904 35.73 -2.10 25.65
N PHE A 905 34.94 -2.99 25.03
CA PHE A 905 35.04 -4.41 25.30
C PHE A 905 34.88 -5.24 24.02
N MET A 906 34.53 -4.57 22.92
CA MET A 906 34.38 -5.24 21.62
C MET A 906 35.19 -4.38 20.65
N PRO A 907 36.51 -4.27 20.89
CA PRO A 907 37.46 -3.49 20.12
C PRO A 907 37.34 -3.50 18.61
N THR A 908 36.64 -4.46 18.03
CA THR A 908 36.54 -4.49 16.58
C THR A 908 35.47 -3.60 15.98
N LEU A 909 34.44 -3.29 16.76
CA LEU A 909 33.37 -2.44 16.29
C LEU A 909 33.87 -1.18 15.62
N PRO A 910 33.34 -0.88 14.43
CA PRO A 910 33.73 0.31 13.68
C PRO A 910 33.54 1.51 14.60
N ASP A 911 34.43 2.49 14.49
CA ASP A 911 34.36 3.66 15.33
C ASP A 911 32.98 4.28 15.46
N ASN A 912 32.28 4.50 14.37
CA ASN A 912 30.97 5.11 14.52
C ASN A 912 30.04 4.22 15.38
N VAL A 913 30.11 2.91 15.21
CA VAL A 913 29.27 2.03 16.02
C VAL A 913 29.72 1.99 17.49
N GLN A 914 31.03 1.92 17.67
CA GLN A 914 31.63 1.85 18.99
C GLN A 914 31.32 3.10 19.80
N TYR A 915 31.24 4.23 19.12
CA TYR A 915 30.95 5.51 19.78
C TYR A 915 29.62 5.51 20.52
N ILE A 916 28.60 4.87 19.95
CA ILE A 916 27.29 4.82 20.59
C ILE A 916 27.35 4.06 21.89
N ILE A 917 28.04 2.92 21.89
CA ILE A 917 28.18 2.12 23.09
C ILE A 917 28.99 2.87 24.15
N GLN A 918 29.99 3.64 23.72
CA GLN A 918 30.85 4.43 24.61
C GLN A 918 30.04 5.49 25.34
N CYS A 919 28.99 5.99 24.70
CA CYS A 919 28.14 6.99 25.30
C CYS A 919 26.89 6.47 25.99
N ILE A 920 26.15 5.56 25.35
CA ILE A 920 24.93 5.05 26.00
C ILE A 920 25.02 3.62 26.53
N GLY A 921 26.08 2.91 26.21
CA GLY A 921 26.20 1.56 26.72
C GLY A 921 25.60 0.49 25.82
N SER A 922 25.58 -0.74 26.32
CA SER A 922 25.03 -1.86 25.55
C SER A 922 24.25 -2.80 26.42
N ARG A 923 23.39 -3.61 25.81
CA ARG A 923 22.60 -4.56 26.58
C ARG A 923 23.05 -6.02 26.47
N THR A 924 22.76 -6.81 27.49
CA THR A 924 23.12 -8.21 27.43
C THR A 924 21.82 -9.01 27.36
N TYR A 925 20.83 -8.44 26.67
CA TYR A 925 19.54 -9.10 26.52
C TYR A 925 18.88 -8.79 25.18
N GLN A 926 17.91 -9.64 24.82
CA GLN A 926 17.15 -9.50 23.58
C GLN A 926 15.82 -8.86 23.91
N ILE A 927 15.31 -8.03 23.01
CA ILE A 927 14.05 -7.35 23.26
C ILE A 927 12.86 -8.17 22.75
N GLU A 928 12.06 -8.68 23.68
CA GLU A 928 10.85 -9.46 23.36
C GLU A 928 10.20 -8.95 22.07
N ASP A 929 10.30 -9.73 21.00
CA ASP A 929 9.73 -9.32 19.72
C ASP A 929 8.78 -10.37 19.13
N ASP A 930 8.09 -11.11 19.98
CA ASP A 930 7.16 -12.14 19.53
C ASP A 930 5.90 -12.22 20.39
N GLY A 931 5.83 -11.41 21.43
CA GLY A 931 4.67 -11.41 22.32
C GLY A 931 4.63 -12.63 23.24
N SER A 932 5.68 -13.42 23.19
CA SER A 932 5.79 -14.62 24.00
C SER A 932 5.57 -14.35 25.49
N LYS A 933 5.89 -13.15 25.92
CA LYS A 933 5.76 -12.81 27.33
C LYS A 933 4.49 -12.03 27.69
N SER A 934 3.36 -12.42 27.09
CA SER A 934 2.07 -11.79 27.36
C SER A 934 1.15 -12.80 28.01
N ALA A 935 0.22 -12.31 28.81
CA ALA A 935 -0.72 -13.16 29.54
C ALA A 935 -1.61 -13.99 28.62
N ILE A 936 -2.09 -13.39 27.54
CA ILE A 936 -2.96 -14.12 26.62
C ILE A 936 -2.21 -15.28 26.00
N SER A 937 -0.97 -15.04 25.61
CA SER A 937 -0.17 -16.08 24.99
C SER A 937 -0.01 -17.22 25.99
N ARG A 938 0.33 -16.88 27.22
CA ARG A 938 0.56 -17.90 28.24
C ARG A 938 -0.70 -18.72 28.41
N LEU A 939 -1.85 -18.06 28.37
CA LEU A 939 -3.10 -18.77 28.54
C LEU A 939 -3.33 -19.71 27.36
N ILE A 940 -3.09 -19.24 26.15
CA ILE A 940 -3.29 -20.05 24.98
C ILE A 940 -2.38 -21.28 25.07
N SER A 941 -1.17 -21.08 25.60
CA SER A 941 -0.20 -22.15 25.78
C SER A 941 -0.51 -23.11 26.93
N LYS A 942 -1.01 -22.58 28.03
CA LYS A 942 -1.32 -23.38 29.21
C LYS A 942 -2.30 -24.51 28.93
N TYR A 943 -3.27 -24.26 28.07
CA TYR A 943 -4.28 -25.26 27.75
C TYR A 943 -4.16 -25.84 26.34
N SER A 944 -4.00 -24.99 25.34
CA SER A 944 -3.86 -25.48 23.97
C SER A 944 -2.38 -25.60 23.58
N VAL A 945 -2.12 -26.43 22.57
CA VAL A 945 -0.76 -26.68 22.09
C VAL A 945 -0.46 -25.75 20.91
N TYR A 946 -1.50 -25.16 20.37
CA TYR A 946 -1.37 -24.24 19.24
C TYR A 946 -0.46 -23.07 19.63
N LYS A 947 0.17 -22.47 18.62
CA LYS A 947 1.07 -21.36 18.85
C LYS A 947 0.85 -20.31 17.77
N PRO A 948 0.11 -19.24 18.11
CA PRO A 948 -0.18 -18.14 17.18
C PRO A 948 1.00 -17.15 17.15
N SER A 949 1.41 -16.74 15.96
CA SER A 949 2.53 -15.82 15.79
C SER A 949 2.22 -14.46 16.40
N ILE A 950 3.19 -13.56 16.34
CA ILE A 950 3.00 -12.21 16.87
C ILE A 950 1.90 -11.56 16.06
N GLU A 951 1.89 -11.83 14.75
CA GLU A 951 0.89 -11.24 13.86
C GLU A 951 -0.51 -11.64 14.28
N GLU A 952 -0.68 -12.92 14.59
CA GLU A 952 -1.99 -13.40 14.99
C GLU A 952 -2.39 -12.79 16.34
N LEU A 953 -1.47 -12.74 17.28
CA LEU A 953 -1.75 -12.17 18.58
C LEU A 953 -2.11 -10.70 18.39
N TYR A 954 -1.43 -10.05 17.44
CA TYR A 954 -1.67 -8.65 17.14
C TYR A 954 -3.07 -8.45 16.58
N LYS A 955 -3.47 -9.29 15.63
CA LYS A 955 -4.80 -9.18 15.04
C LYS A 955 -5.87 -9.52 16.06
N VAL A 956 -5.63 -10.59 16.82
CA VAL A 956 -6.55 -11.05 17.85
C VAL A 956 -6.76 -10.04 18.95
N ILE A 957 -5.67 -9.43 19.40
CA ILE A 957 -5.72 -8.44 20.47
C ILE A 957 -6.53 -7.23 20.01
N SER A 958 -6.41 -6.89 18.74
CA SER A 958 -7.14 -5.75 18.18
C SER A 958 -8.64 -6.05 18.04
N LEU A 959 -9.10 -7.17 18.59
CA LEU A 959 -10.52 -7.53 18.48
C LEU A 959 -11.37 -7.10 19.66
N HIS A 960 -12.68 -7.28 19.52
CA HIS A 960 -13.64 -6.92 20.56
C HIS A 960 -13.67 -8.02 21.62
N GLU A 961 -13.88 -7.61 22.87
CA GLU A 961 -13.93 -8.53 24.00
C GLU A 961 -14.74 -9.79 23.72
N ASN A 962 -15.86 -9.64 23.04
CA ASN A 962 -16.74 -10.77 22.72
C ASN A 962 -16.09 -11.78 21.80
N GLU A 963 -15.42 -11.27 20.76
CA GLU A 963 -14.74 -12.13 19.79
C GLU A 963 -13.54 -12.87 20.39
N ILE A 964 -12.74 -12.16 21.16
CA ILE A 964 -11.54 -12.69 21.79
C ILE A 964 -11.87 -13.84 22.73
N GLN A 965 -13.00 -13.75 23.42
CA GLN A 965 -13.42 -14.79 24.35
C GLN A 965 -13.64 -16.13 23.65
N LEU A 966 -14.28 -16.10 22.48
CA LEU A 966 -14.56 -17.30 21.69
C LEU A 966 -13.25 -17.95 21.17
N TYR A 967 -12.30 -17.09 20.82
CA TYR A 967 -11.01 -17.54 20.28
C TYR A 967 -10.37 -18.47 21.29
N LEU A 968 -10.34 -18.07 22.57
CA LEU A 968 -9.74 -18.87 23.63
C LEU A 968 -10.49 -20.19 23.80
N ILE A 969 -11.82 -20.10 23.75
CA ILE A 969 -12.67 -21.28 23.89
C ILE A 969 -12.39 -22.21 22.73
N SER A 970 -12.34 -21.64 21.53
CA SER A 970 -12.12 -22.42 20.32
C SER A 970 -10.84 -23.26 20.38
N LEU A 971 -9.88 -22.82 21.19
CA LEU A 971 -8.62 -23.53 21.34
C LEU A 971 -8.64 -24.49 22.52
N GLY A 972 -9.46 -24.19 23.52
CA GLY A 972 -9.54 -25.07 24.66
C GLY A 972 -9.45 -24.43 26.03
N ILE A 973 -9.16 -23.14 26.10
CA ILE A 973 -9.07 -22.50 27.40
C ILE A 973 -10.42 -22.66 28.09
N PRO A 974 -10.43 -22.98 29.40
CA PRO A 974 -11.67 -23.17 30.16
C PRO A 974 -12.45 -21.85 30.25
N LYS A 975 -13.77 -21.92 30.16
CA LYS A 975 -14.61 -20.73 30.17
C LYS A 975 -14.50 -19.86 31.41
N ILE A 976 -14.37 -20.49 32.57
CA ILE A 976 -14.25 -19.72 33.80
C ILE A 976 -13.00 -18.86 33.68
N ASP A 977 -11.91 -19.48 33.23
CA ASP A 977 -10.63 -18.81 33.03
C ASP A 977 -10.61 -17.86 31.85
N ALA A 978 -11.27 -18.27 30.75
CA ALA A 978 -11.32 -17.44 29.56
C ALA A 978 -12.06 -16.14 29.85
N ASP A 979 -13.17 -16.25 30.57
CA ASP A 979 -13.97 -15.08 30.92
C ASP A 979 -13.20 -14.13 31.84
N THR A 980 -12.41 -14.69 32.76
CA THR A 980 -11.63 -13.87 33.68
C THR A 980 -10.62 -12.99 32.96
N TYR A 981 -10.00 -13.52 31.90
CA TYR A 981 -9.04 -12.72 31.15
C TYR A 981 -9.71 -11.59 30.37
N VAL A 982 -10.79 -11.92 29.65
CA VAL A 982 -11.49 -10.94 28.82
C VAL A 982 -11.80 -9.61 29.51
N GLY A 983 -12.17 -9.68 30.77
CA GLY A 983 -12.49 -8.46 31.49
C GLY A 983 -11.24 -7.90 32.12
N SER A 984 -10.64 -8.70 33.00
CA SER A 984 -9.43 -8.35 33.74
C SER A 984 -8.59 -7.21 33.19
N LYS A 985 -7.98 -6.48 34.12
CA LYS A 985 -7.12 -5.35 33.81
C LYS A 985 -5.91 -5.83 33.01
N ILE A 986 -5.43 -7.03 33.34
CA ILE A 986 -4.27 -7.62 32.69
C ILE A 986 -4.43 -7.69 31.18
N TYR A 987 -5.65 -7.95 30.71
CA TYR A 987 -5.92 -8.02 29.28
C TYR A 987 -5.64 -6.68 28.59
N SER A 988 -5.98 -5.58 29.26
CA SER A 988 -5.77 -4.26 28.70
C SER A 988 -4.29 -4.01 28.48
N ARG A 989 -3.48 -4.37 29.47
CA ARG A 989 -2.03 -4.19 29.42
C ARG A 989 -1.51 -5.08 28.32
N ASP A 990 -2.07 -6.29 28.26
CA ASP A 990 -1.65 -7.26 27.27
C ASP A 990 -1.87 -6.70 25.88
N LYS A 991 -2.81 -5.76 25.76
CA LYS A 991 -3.06 -5.15 24.46
C LYS A 991 -1.87 -4.28 24.10
N TYR A 992 -1.26 -3.66 25.12
CA TYR A 992 -0.09 -2.82 24.92
C TYR A 992 1.14 -3.63 24.57
N ARG A 993 1.34 -4.73 25.28
CA ARG A 993 2.51 -5.58 25.04
C ARG A 993 2.55 -6.27 23.68
N ILE A 994 1.40 -6.70 23.19
CA ILE A 994 1.35 -7.35 21.89
C ILE A 994 1.82 -6.36 20.84
N LEU A 995 1.37 -5.11 20.95
CA LEU A 995 1.76 -4.08 19.99
C LEU A 995 3.23 -3.78 20.08
N GLU A 996 3.74 -3.76 21.30
CA GLU A 996 5.15 -3.46 21.46
C GLU A 996 5.99 -4.51 20.72
N SER A 997 5.68 -5.78 20.94
CA SER A 997 6.45 -6.84 20.30
C SER A 997 6.33 -6.74 18.77
N TYR A 998 5.13 -6.44 18.28
CA TYR A 998 4.94 -6.31 16.85
C TYR A 998 5.77 -5.16 16.27
N VAL A 999 5.80 -4.03 16.97
CA VAL A 999 6.55 -2.87 16.51
C VAL A 999 8.03 -3.08 16.50
N TYR A 1000 8.54 -3.66 17.58
CA TYR A 1000 9.97 -3.94 17.68
C TYR A 1000 10.37 -4.92 16.59
N ASN A 1001 9.48 -5.85 16.28
CA ASN A 1001 9.81 -6.81 15.24
C ASN A 1001 9.99 -6.07 13.92
N LEU A 1002 9.10 -5.12 13.64
CA LEU A 1002 9.17 -4.36 12.40
C LEU A 1002 10.33 -3.39 12.32
N LEU A 1003 11.04 -3.21 13.42
CA LEU A 1003 12.16 -2.29 13.42
C LEU A 1003 13.45 -3.06 13.54
N SER A 1004 13.34 -4.38 13.51
CA SER A 1004 14.49 -5.26 13.58
C SER A 1004 15.37 -4.82 14.73
N ILE A 1005 14.75 -4.29 15.77
CA ILE A 1005 15.50 -3.80 16.92
C ILE A 1005 16.36 -4.88 17.53
N ASN A 1006 16.09 -6.14 17.20
CA ASN A 1006 16.87 -7.26 17.74
C ASN A 1006 17.97 -7.79 16.81
N TYR A 1007 17.89 -7.44 15.54
CA TYR A 1007 18.89 -7.88 14.58
C TYR A 1007 19.92 -6.78 14.39
N GLY A 1008 20.45 -6.66 13.19
CA GLY A 1008 21.44 -5.63 12.89
C GLY A 1008 22.38 -5.15 13.99
N CYS A 1009 22.80 -3.90 13.90
CA CYS A 1009 23.71 -3.32 14.89
C CYS A 1009 22.94 -2.83 16.11
N TYR A 1010 21.65 -2.57 15.95
CA TYR A 1010 20.83 -2.11 17.08
C TYR A 1010 20.82 -3.10 18.23
N GLN A 1011 20.99 -4.38 17.95
CA GLN A 1011 20.96 -5.35 19.01
C GLN A 1011 22.07 -5.15 20.00
N LEU A 1012 23.02 -4.29 19.66
CA LEU A 1012 24.17 -4.01 20.52
C LEU A 1012 24.02 -2.72 21.31
N PHE A 1013 22.91 -2.02 21.10
CA PHE A 1013 22.63 -0.75 21.75
C PHE A 1013 21.65 -0.85 22.90
N ASP A 1014 21.97 -0.21 24.01
CA ASP A 1014 21.10 -0.22 25.16
C ASP A 1014 20.07 0.87 24.89
N PHE A 1015 18.92 0.49 24.34
CA PHE A 1015 17.85 1.43 23.99
C PHE A 1015 17.09 1.95 25.17
N ASN A 1016 17.54 1.60 26.37
CA ASN A 1016 16.88 2.09 27.56
C ASN A 1016 17.95 2.74 28.39
N SER A 1017 19.02 3.12 27.72
CA SER A 1017 20.15 3.79 28.34
C SER A 1017 19.70 5.07 29.00
N PRO A 1018 20.15 5.32 30.23
CA PRO A 1018 19.78 6.53 30.94
C PRO A 1018 20.32 7.71 30.15
N ASP A 1019 21.47 7.49 29.55
CA ASP A 1019 22.13 8.50 28.76
C ASP A 1019 21.33 8.86 27.50
N LEU A 1020 20.74 7.87 26.84
CA LEU A 1020 19.91 8.09 25.65
C LEU A 1020 18.57 8.71 26.00
N GLU A 1021 18.01 8.25 27.12
CA GLU A 1021 16.70 8.71 27.58
C GLU A 1021 16.67 10.21 27.84
N LYS A 1022 17.73 10.75 28.42
CA LYS A 1022 17.80 12.18 28.71
C LYS A 1022 17.71 12.99 27.42
N LEU A 1023 18.35 12.51 26.36
CA LEU A 1023 18.31 13.23 25.08
C LEU A 1023 16.90 13.32 24.48
N ILE A 1024 15.94 12.62 25.06
CA ILE A 1024 14.57 12.66 24.54
C ILE A 1024 13.65 13.38 25.50
N ARG A 1025 12.80 14.25 24.94
CA ARG A 1025 11.87 15.01 25.75
C ARG A 1025 10.45 14.79 25.26
N ILE A 1026 9.64 14.14 26.08
CA ILE A 1026 8.25 13.87 25.70
C ILE A 1026 7.23 14.05 26.84
N PRO A 1027 6.37 15.08 26.73
CA PRO A 1027 5.33 15.37 27.73
C PRO A 1027 4.17 14.39 27.60
N PHE A 1028 3.57 14.01 28.72
CA PHE A 1028 2.44 13.07 28.70
C PHE A 1028 1.10 13.77 28.47
N LYS A 1029 0.75 13.95 27.21
CA LYS A 1029 -0.50 14.60 26.82
C LYS A 1029 -1.67 13.83 27.46
N GLY A 1030 -1.47 12.52 27.60
CA GLY A 1030 -2.48 11.64 28.19
C GLY A 1030 -1.87 10.27 28.36
N LYS A 1031 -2.28 9.54 29.39
CA LYS A 1031 -1.74 8.19 29.64
C LYS A 1031 -2.13 7.19 28.56
N ILE A 1032 -1.72 7.49 27.32
CA ILE A 1032 -2.00 6.62 26.18
C ILE A 1032 -0.73 5.86 25.80
N PRO A 1033 -0.46 4.75 26.51
CA PRO A 1033 0.70 3.89 26.31
C PRO A 1033 1.15 3.57 24.88
N ALA A 1034 0.21 3.52 23.94
CA ALA A 1034 0.57 3.21 22.57
C ALA A 1034 1.34 4.34 21.93
N VAL A 1035 0.69 5.49 21.79
CA VAL A 1035 1.32 6.64 21.16
C VAL A 1035 2.54 7.14 21.94
N THR A 1036 2.49 7.14 23.26
CA THR A 1036 3.64 7.62 23.99
C THR A 1036 4.81 6.71 23.64
N PHE A 1037 4.52 5.42 23.47
CA PHE A 1037 5.56 4.45 23.14
C PHE A 1037 6.27 4.69 21.81
N ILE A 1038 5.51 4.88 20.73
CA ILE A 1038 6.12 5.08 19.43
C ILE A 1038 6.89 6.40 19.31
N LEU A 1039 6.35 7.44 19.91
CA LEU A 1039 6.99 8.74 19.83
C LEU A 1039 8.36 8.61 20.43
N HIS A 1040 8.44 7.86 21.53
CA HIS A 1040 9.69 7.64 22.25
C HIS A 1040 10.70 6.82 21.44
N LEU A 1041 10.24 5.70 20.91
CA LEU A 1041 11.09 4.81 20.13
C LEU A 1041 11.52 5.52 18.89
N TYR A 1042 10.61 6.27 18.30
CA TYR A 1042 10.95 7.03 17.11
C TYR A 1042 11.99 8.04 17.54
N ALA A 1043 11.81 8.58 18.74
CA ALA A 1043 12.76 9.56 19.24
C ALA A 1043 14.14 8.93 19.43
N LYS A 1044 14.17 7.75 20.03
CA LYS A 1044 15.42 7.07 20.26
C LYS A 1044 16.14 6.67 18.98
N LEU A 1045 15.43 6.12 18.01
CA LEU A 1045 16.06 5.70 16.76
C LEU A 1045 16.68 6.89 16.05
N GLU A 1046 15.94 8.00 16.02
CA GLU A 1046 16.41 9.20 15.34
C GLU A 1046 17.71 9.69 15.95
N VAL A 1047 17.77 9.72 17.27
CA VAL A 1047 18.96 10.19 17.93
C VAL A 1047 20.14 9.25 17.68
N ILE A 1048 19.88 7.95 17.72
CA ILE A 1048 20.95 6.98 17.52
C ILE A 1048 21.53 7.08 16.11
N ASN A 1049 20.64 7.13 15.12
CA ASN A 1049 21.04 7.19 13.74
C ASN A 1049 21.85 8.44 13.43
N TYR A 1050 21.48 9.53 14.07
CA TYR A 1050 22.19 10.78 13.87
C TYR A 1050 23.60 10.59 14.42
N ALA A 1051 23.69 9.89 15.55
CA ALA A 1051 24.95 9.66 16.22
C ALA A 1051 25.89 8.90 15.32
N ILE A 1052 25.35 7.87 14.66
CA ILE A 1052 26.13 7.04 13.75
C ILE A 1052 26.59 7.81 12.51
N LYS A 1053 25.74 8.69 12.01
CA LYS A 1053 26.06 9.46 10.83
C LYS A 1053 26.60 10.86 11.12
N ASN A 1054 27.11 11.10 12.32
CA ASN A 1054 27.62 12.43 12.65
C ASN A 1054 28.57 12.51 13.83
N GLY A 1055 28.58 11.51 14.66
CA GLY A 1055 29.50 11.54 15.79
C GLY A 1055 29.07 12.49 16.89
N SER A 1056 28.02 13.26 16.63
CA SER A 1056 27.51 14.18 17.62
C SER A 1056 26.06 13.83 17.90
N TRP A 1057 25.55 14.25 19.05
CA TRP A 1057 24.18 13.95 19.42
C TRP A 1057 23.25 15.13 19.22
N ILE A 1058 21.96 14.83 19.23
CA ILE A 1058 20.90 15.81 19.06
C ILE A 1058 19.82 15.47 20.06
N SER A 1059 19.13 16.49 20.57
CA SER A 1059 18.06 16.28 21.52
C SER A 1059 16.73 16.58 20.84
N LEU A 1060 15.76 15.71 21.04
CA LEU A 1060 14.44 15.89 20.42
C LEU A 1060 13.32 16.23 21.40
N PHE A 1061 12.50 17.19 20.99
CA PHE A 1061 11.37 17.64 21.78
C PHE A 1061 10.10 17.27 21.05
N CYS A 1062 9.06 16.89 21.80
CA CYS A 1062 7.79 16.53 21.18
C CYS A 1062 6.56 17.18 21.80
N ASN A 1063 5.83 17.92 20.97
CA ASN A 1063 4.62 18.62 21.38
C ASN A 1063 3.43 18.09 20.57
N TYR A 1064 3.33 16.77 20.47
CA TYR A 1064 2.25 16.12 19.73
C TYR A 1064 0.89 16.48 20.32
N PRO A 1065 0.04 17.16 19.55
CA PRO A 1065 -1.29 17.57 19.99
C PRO A 1065 -2.12 16.37 20.44
N LYS A 1066 -3.08 16.61 21.34
CA LYS A 1066 -3.95 15.56 21.85
C LYS A 1066 -4.86 15.02 20.75
N SER A 1067 -5.23 15.89 19.82
CA SER A 1067 -6.09 15.54 18.71
C SER A 1067 -5.43 14.58 17.74
N GLU A 1068 -4.17 14.86 17.45
CA GLU A 1068 -3.37 14.04 16.53
C GLU A 1068 -3.14 12.62 17.03
N MET A 1069 -3.06 12.46 18.34
CA MET A 1069 -2.82 11.16 18.97
C MET A 1069 -3.90 10.14 18.64
N ILE A 1070 -5.16 10.57 18.59
CA ILE A 1070 -6.25 9.64 18.26
C ILE A 1070 -6.16 9.16 16.82
N LYS A 1071 -5.79 10.04 15.90
CA LYS A 1071 -5.68 9.64 14.51
C LYS A 1071 -4.57 8.60 14.40
N LEU A 1072 -3.45 8.90 15.07
CA LEU A 1072 -2.28 8.03 15.08
C LEU A 1072 -2.56 6.68 15.71
N TRP A 1073 -3.39 6.71 16.75
CA TRP A 1073 -3.78 5.50 17.47
C TRP A 1073 -4.48 4.51 16.55
N LYS A 1074 -5.28 5.03 15.63
CA LYS A 1074 -5.98 4.15 14.71
C LYS A 1074 -4.98 3.48 13.77
N LYS A 1075 -4.01 4.26 13.32
CA LYS A 1075 -3.01 3.75 12.41
C LYS A 1075 -2.22 2.60 13.00
N MET A 1076 -1.94 2.67 14.29
CA MET A 1076 -1.14 1.65 14.96
C MET A 1076 -1.66 0.23 14.78
N TRP A 1077 -2.97 0.05 14.71
CA TRP A 1077 -3.52 -1.30 14.54
C TRP A 1077 -3.91 -1.64 13.10
N ASN A 1078 -3.07 -1.23 12.15
CA ASN A 1078 -3.32 -1.51 10.74
C ASN A 1078 -2.01 -1.52 9.94
N ILE A 1079 -0.90 -1.85 10.62
CA ILE A 1079 0.39 -1.87 9.96
C ILE A 1079 0.67 -3.24 9.35
N THR A 1080 1.04 -3.24 8.08
CA THR A 1080 1.35 -4.49 7.39
C THR A 1080 2.86 -4.69 7.37
N SER A 1081 3.31 -5.83 6.86
CA SER A 1081 4.75 -6.12 6.84
C SER A 1081 5.42 -6.07 5.47
N LEU A 1082 6.70 -6.49 5.47
CA LEU A 1082 7.56 -6.53 4.29
C LEU A 1082 8.59 -7.63 4.55
N ARG A 1083 8.25 -8.83 4.05
N ARG A 1083 8.04 -8.64 4.07
CA ARG A 1083 9.01 -10.08 4.21
CA ARG A 1083 8.76 -9.92 4.12
C ARG A 1083 10.55 -10.22 4.16
C ARG A 1083 10.29 -10.09 4.18
N SER A 1084 11.20 -9.67 3.12
N SER A 1084 11.10 -9.18 3.63
CA SER A 1084 12.66 -9.78 2.94
CA SER A 1084 12.55 -9.35 3.65
C SER A 1084 13.47 -10.26 4.15
C SER A 1084 13.15 -10.13 4.84
N PRO A 1085 13.84 -11.57 4.17
N PRO A 1085 13.57 -11.37 4.58
CA PRO A 1085 14.60 -12.28 5.20
CA PRO A 1085 14.18 -12.42 5.41
C PRO A 1085 16.12 -12.12 5.13
C PRO A 1085 14.68 -12.11 6.82
N TYR A 1086 16.60 -11.66 3.98
N TYR A 1086 14.34 -13.02 7.75
CA TYR A 1086 18.02 -11.49 3.72
CA TYR A 1086 14.71 -12.96 9.17
C TYR A 1086 18.68 -10.50 4.66
C TYR A 1086 14.03 -14.11 9.95
N THR A 1087 17.92 -9.47 4.98
N THR A 1087 14.17 -14.11 11.28
CA THR A 1087 18.29 -8.38 5.87
CA THR A 1087 13.57 -15.17 12.10
C THR A 1087 18.83 -8.87 7.25
C THR A 1087 12.14 -14.84 12.62
N ASN A 1088 18.71 -10.19 7.45
N ASN A 1088 11.15 -14.90 11.73
CA ASN A 1088 19.04 -11.00 8.63
CA ASN A 1088 9.76 -14.62 12.09
C ASN A 1088 20.20 -10.78 9.65
C ASN A 1088 8.73 -15.57 11.46
N ALA A 1089 20.99 -9.72 9.50
N ALA A 1089 7.77 -16.01 12.26
CA ALA A 1089 22.18 -9.36 10.32
CA ALA A 1089 6.74 -16.95 11.80
C ALA A 1089 22.38 -9.82 11.82
C ALA A 1089 5.49 -16.30 11.20
N ASN A 1090 21.37 -10.45 12.40
N ASN A 1090 4.96 -16.95 10.16
CA ASN A 1090 21.32 -10.99 13.78
CA ASN A 1090 3.76 -16.50 9.46
C ASN A 1090 22.52 -11.66 14.50
C ASN A 1090 3.93 -15.15 8.76
N PHE A 1091 23.73 -11.62 13.96
CA PHE A 1091 24.87 -12.41 14.46
C PHE A 1091 25.08 -12.82 15.95
N PHE A 1092 25.09 -11.98 16.97
CA PHE A 1092 25.18 -12.64 18.28
C PHE A 1092 23.85 -13.16 18.82
N GLY B 8 15.95 -18.75 2.96
CA GLY B 8 17.17 -18.42 2.14
C GLY B 8 17.70 -19.61 1.35
N LYS B 9 17.48 -20.81 1.88
CA LYS B 9 17.93 -22.03 1.23
C LYS B 9 17.04 -22.34 0.04
N TYR B 10 15.83 -21.80 0.04
CA TYR B 10 14.91 -22.02 -1.08
C TYR B 10 15.41 -21.34 -2.35
N ASN B 11 15.90 -20.12 -2.25
CA ASN B 11 16.37 -19.43 -3.44
C ASN B 11 17.56 -20.16 -4.07
N LEU B 12 18.51 -20.61 -3.26
CA LEU B 12 19.66 -21.32 -3.79
C LEU B 12 19.29 -22.71 -4.32
N ILE B 13 18.40 -23.39 -3.62
CA ILE B 13 17.98 -24.72 -4.03
C ILE B 13 17.39 -24.63 -5.41
N LEU B 14 16.63 -23.58 -5.65
CA LEU B 14 15.98 -23.38 -6.93
C LEU B 14 17.01 -23.35 -8.04
N SER B 15 18.20 -22.82 -7.76
CA SER B 15 19.24 -22.78 -8.77
C SER B 15 19.64 -24.18 -9.21
N GLU B 16 19.73 -25.10 -8.26
CA GLU B 16 20.13 -26.46 -8.55
C GLU B 16 19.12 -27.08 -9.47
N TYR B 17 17.85 -26.86 -9.14
CA TYR B 17 16.76 -27.40 -9.89
C TYR B 17 16.77 -26.90 -11.33
N LEU B 18 17.02 -25.61 -11.53
CA LEU B 18 17.05 -25.09 -12.88
C LEU B 18 18.25 -25.62 -13.65
N SER B 19 19.42 -25.60 -13.02
CA SER B 19 20.62 -26.07 -13.68
C SER B 19 20.42 -27.54 -14.00
N PHE B 20 19.76 -28.23 -13.08
CA PHE B 20 19.51 -29.65 -13.26
C PHE B 20 18.65 -29.90 -14.49
N ILE B 21 17.53 -29.21 -14.61
CA ILE B 21 16.65 -29.40 -15.75
C ILE B 21 17.22 -28.92 -17.08
N TYR B 22 17.86 -27.76 -17.05
CA TYR B 22 18.42 -27.16 -18.25
C TYR B 22 19.93 -27.36 -18.37
N ASN B 23 20.40 -27.79 -19.54
CA ASN B 23 21.82 -28.05 -19.75
C ASN B 23 22.39 -27.32 -20.96
N SER B 24 21.50 -26.71 -21.74
CA SER B 24 21.88 -25.96 -22.95
C SER B 24 23.04 -24.99 -22.71
N VAL B 28 20.74 -20.43 -20.05
CA VAL B 28 21.31 -19.38 -19.20
C VAL B 28 20.37 -18.99 -18.06
N GLN B 29 20.96 -18.52 -16.97
CA GLN B 29 20.20 -18.09 -15.81
C GLN B 29 20.53 -16.66 -15.48
N ILE B 30 19.56 -15.77 -15.69
CA ILE B 30 19.72 -14.36 -15.45
C ILE B 30 18.96 -13.92 -14.21
N PRO B 31 19.62 -13.92 -13.04
CA PRO B 31 18.95 -13.50 -11.81
C PRO B 31 18.44 -12.08 -11.95
N ILE B 32 17.48 -11.69 -11.12
CA ILE B 32 16.94 -10.34 -11.17
C ILE B 32 16.87 -9.81 -9.76
N TYR B 33 17.53 -8.69 -9.51
CA TYR B 33 17.51 -8.11 -8.18
C TYR B 33 16.80 -6.75 -8.12
N TYR B 34 16.02 -6.56 -7.06
CA TYR B 34 15.32 -5.31 -6.85
C TYR B 34 15.78 -4.78 -5.50
N SER B 35 15.45 -3.51 -5.23
CA SER B 35 15.82 -2.88 -3.98
C SER B 35 15.12 -1.57 -3.73
N SER B 36 14.85 -1.29 -2.46
CA SER B 36 14.21 -0.07 -2.05
C SER B 36 15.21 1.05 -2.29
N ASN B 37 16.47 0.75 -2.07
CA ASN B 37 17.54 1.74 -2.27
C ASN B 37 17.52 2.20 -3.72
N SER B 38 17.51 3.50 -3.94
CA SER B 38 17.45 4.04 -5.29
C SER B 38 18.74 3.89 -6.10
N GLU B 39 19.87 4.13 -5.48
CA GLU B 39 21.14 4.01 -6.19
C GLU B 39 21.41 2.56 -6.58
N LEU B 40 21.17 1.67 -5.61
CA LEU B 40 21.38 0.24 -5.78
C LEU B 40 20.48 -0.25 -6.89
N GLU B 41 19.29 0.31 -6.97
CA GLU B 41 18.31 -0.09 -7.96
C GLU B 41 18.83 0.13 -9.38
N ASN B 42 19.46 1.27 -9.63
CA ASN B 42 20.02 1.56 -10.95
C ASN B 42 21.15 0.56 -11.18
N ARG B 43 21.87 0.26 -10.11
CA ARG B 43 22.97 -0.70 -10.17
C ARG B 43 22.37 -2.05 -10.54
N CYS B 44 21.20 -2.35 -9.98
CA CYS B 44 20.54 -3.61 -10.27
C CYS B 44 20.18 -3.65 -11.74
N ILE B 45 19.66 -2.54 -12.27
CA ILE B 45 19.28 -2.48 -13.66
C ILE B 45 20.48 -2.65 -14.59
N GLU B 46 21.61 -2.05 -14.22
CA GLU B 46 22.81 -2.16 -15.06
C GLU B 46 23.27 -3.61 -15.10
N PHE B 47 23.28 -4.24 -13.94
CA PHE B 47 23.72 -5.63 -13.80
C PHE B 47 22.84 -6.54 -14.63
N HIS B 48 21.53 -6.27 -14.58
CA HIS B 48 20.54 -7.03 -15.32
C HIS B 48 20.73 -6.88 -16.81
N SER B 49 20.87 -5.64 -17.25
CA SER B 49 21.00 -5.35 -18.68
C SER B 49 22.24 -5.96 -19.28
N LYS B 50 23.34 -5.85 -18.57
CA LYS B 50 24.60 -6.40 -19.05
C LYS B 50 24.53 -7.93 -19.13
N CYS B 51 23.80 -8.54 -18.19
CA CYS B 51 23.67 -9.99 -18.15
C CYS B 51 22.98 -10.54 -19.38
N LEU B 52 21.93 -9.89 -19.85
CA LEU B 52 21.26 -10.37 -21.04
C LEU B 52 22.24 -10.28 -22.21
N GLU B 53 22.90 -9.14 -22.32
CA GLU B 53 23.81 -8.93 -23.43
C GLU B 53 24.90 -9.98 -23.42
N ASN B 54 25.46 -10.26 -22.24
CA ASN B 54 26.53 -11.23 -22.19
C ASN B 54 26.03 -12.61 -22.63
N SER B 55 24.86 -13.00 -22.14
CA SER B 55 24.32 -14.30 -22.47
C SER B 55 23.88 -14.42 -23.94
N LYS B 56 23.20 -13.40 -24.46
CA LYS B 56 22.75 -13.42 -25.85
C LYS B 56 23.92 -13.23 -26.80
N ASN B 57 25.13 -13.33 -26.26
CA ASN B 57 26.35 -13.19 -27.04
C ASN B 57 27.30 -14.33 -26.68
N GLY B 58 26.77 -15.28 -25.91
CA GLY B 58 27.54 -16.44 -25.51
C GLY B 58 28.82 -16.13 -24.78
N LEU B 59 28.77 -15.16 -23.86
CA LEU B 59 29.93 -14.80 -23.08
C LEU B 59 29.72 -15.15 -21.62
N SER B 60 30.81 -15.19 -20.86
CA SER B 60 30.76 -15.51 -19.44
C SER B 60 29.84 -14.57 -18.66
N LEU B 61 29.91 -14.65 -17.33
CA LEU B 61 29.11 -13.80 -16.47
C LEU B 61 29.76 -13.77 -15.11
N ARG B 62 30.90 -14.43 -14.99
CA ARG B 62 31.61 -14.47 -13.73
C ARG B 62 32.15 -13.10 -13.38
N LYS B 63 32.67 -12.41 -14.38
CA LYS B 63 33.21 -11.08 -14.17
C LYS B 63 32.10 -10.10 -13.76
N LEU B 64 30.94 -10.23 -14.38
CA LEU B 64 29.82 -9.35 -14.06
C LEU B 64 29.35 -9.51 -12.62
N PHE B 65 29.32 -10.73 -12.11
CA PHE B 65 28.88 -10.96 -10.75
C PHE B 65 29.85 -10.34 -9.75
N VAL B 66 31.13 -10.41 -10.07
CA VAL B 66 32.13 -9.81 -9.21
C VAL B 66 31.94 -8.30 -9.27
N GLU B 67 31.57 -7.82 -10.45
CA GLU B 67 31.34 -6.39 -10.70
C GLU B 67 30.01 -5.92 -10.13
N TYR B 68 29.31 -6.79 -9.42
CA TYR B 68 28.03 -6.43 -8.83
C TYR B 68 27.81 -7.15 -7.52
N ASN B 69 28.89 -7.30 -6.75
CA ASN B 69 28.83 -7.98 -5.47
C ASN B 69 27.82 -7.25 -4.60
N ASP B 70 27.77 -5.94 -4.76
CA ASP B 70 26.83 -5.15 -3.97
C ASP B 70 25.41 -5.62 -4.27
N VAL B 71 25.13 -5.88 -5.55
CA VAL B 71 23.80 -6.34 -5.93
C VAL B 71 23.47 -7.71 -5.37
N ILE B 72 24.43 -8.64 -5.43
CA ILE B 72 24.20 -9.99 -4.92
C ILE B 72 24.05 -10.00 -3.40
N GLU B 73 25.01 -9.37 -2.74
CA GLU B 73 25.04 -9.30 -1.30
C GLU B 73 24.05 -8.37 -0.62
N ASN B 74 23.78 -7.19 -1.21
CA ASN B 74 22.89 -6.22 -0.58
C ASN B 74 21.47 -6.05 -1.11
N ALA B 75 21.18 -6.53 -2.32
CA ALA B 75 19.82 -6.39 -2.86
C ALA B 75 19.01 -7.67 -2.69
N THR B 76 17.74 -7.61 -3.07
CA THR B 76 16.88 -8.77 -2.94
C THR B 76 16.69 -9.43 -4.30
N LEU B 77 16.61 -10.75 -4.30
CA LEU B 77 16.42 -11.49 -5.53
C LEU B 77 14.93 -11.40 -5.80
N LEU B 78 14.57 -11.01 -7.02
CA LEU B 78 13.17 -10.87 -7.35
C LEU B 78 12.61 -12.09 -8.05
N SER B 79 13.46 -12.77 -8.82
CA SER B 79 13.09 -13.97 -9.58
C SER B 79 14.31 -14.39 -10.42
N ILE B 80 14.27 -15.57 -11.03
CA ILE B 80 15.38 -15.99 -11.89
C ILE B 80 14.91 -16.40 -13.28
N LEU B 81 15.23 -15.58 -14.29
CA LEU B 81 14.85 -15.86 -15.67
C LEU B 81 15.56 -17.08 -16.19
N SER B 82 14.94 -17.78 -17.12
CA SER B 82 15.55 -18.97 -17.70
C SER B 82 15.32 -19.03 -19.18
N TYR B 83 16.42 -18.91 -19.91
CA TYR B 83 16.41 -18.98 -21.36
C TYR B 83 16.77 -20.42 -21.72
N SER B 84 15.82 -21.13 -22.32
CA SER B 84 16.00 -22.51 -22.70
C SER B 84 15.64 -22.69 -24.17
N TYR B 85 16.02 -23.83 -24.73
CA TYR B 85 15.74 -24.12 -26.13
C TYR B 85 15.85 -25.61 -26.47
N ASP B 86 15.17 -26.44 -25.67
CA ASP B 86 15.15 -27.89 -25.88
C ASP B 86 13.73 -28.32 -26.25
N LYS B 87 13.00 -28.90 -25.31
CA LYS B 87 11.62 -29.33 -25.54
C LYS B 87 10.93 -29.77 -24.24
N TYR B 88 11.67 -29.72 -23.15
CA TYR B 88 11.13 -30.13 -21.85
C TYR B 88 10.81 -31.62 -21.86
N ASN B 89 11.50 -32.36 -22.73
CA ASN B 89 11.32 -33.79 -22.84
C ASN B 89 12.54 -34.49 -22.24
N ALA B 90 13.13 -33.85 -21.23
CA ALA B 90 14.30 -34.40 -20.57
C ALA B 90 13.89 -35.57 -19.68
N VAL B 91 12.59 -35.68 -19.44
CA VAL B 91 12.07 -36.75 -18.59
C VAL B 91 12.27 -38.12 -19.21
N GLU B 92 12.00 -38.21 -20.51
CA GLU B 92 12.13 -39.48 -21.21
C GLU B 92 13.56 -39.95 -21.08
N ARG B 93 14.50 -39.04 -21.28
CA ARG B 93 15.91 -39.37 -21.20
C ARG B 93 16.42 -39.72 -19.79
N LYS B 94 16.03 -38.91 -18.80
CA LYS B 94 16.46 -39.12 -17.42
C LYS B 94 15.90 -40.37 -16.76
N LEU B 95 14.64 -40.66 -17.05
CA LEU B 95 13.92 -41.78 -16.46
C LEU B 95 14.51 -43.17 -16.73
N VAL B 96 15.08 -43.34 -17.91
CA VAL B 96 15.65 -44.61 -18.36
C VAL B 96 16.71 -45.16 -17.43
N LYS B 97 17.51 -44.26 -16.86
CA LYS B 97 18.57 -44.66 -15.96
C LYS B 97 17.93 -45.45 -14.82
N TYR B 98 16.69 -45.11 -14.46
CA TYR B 98 15.99 -45.78 -13.37
C TYR B 98 15.00 -46.86 -13.80
N ALA B 99 14.92 -47.14 -15.10
CA ALA B 99 13.98 -48.15 -15.59
C ALA B 99 14.57 -49.56 -15.57
N LYS B 100 15.64 -49.73 -14.79
CA LYS B 100 16.34 -51.00 -14.64
C LYS B 100 15.48 -52.12 -14.05
N GLY B 101 14.56 -51.76 -13.16
CA GLY B 101 13.69 -52.75 -12.54
C GLY B 101 12.71 -53.34 -13.53
N LYS B 102 11.97 -54.35 -13.09
CA LYS B 102 11.01 -55.03 -13.94
C LYS B 102 9.60 -54.49 -13.73
N PRO B 103 8.98 -53.94 -14.78
CA PRO B 103 7.64 -53.36 -14.73
C PRO B 103 6.64 -54.19 -13.93
N LEU B 104 5.61 -53.55 -13.38
CA LEU B 104 4.63 -54.26 -12.60
C LEU B 104 3.49 -54.69 -13.49
N GLU B 105 2.93 -55.85 -13.17
CA GLU B 105 1.82 -56.38 -13.94
C GLU B 105 0.63 -56.45 -12.99
N ALA B 106 -0.42 -55.73 -13.35
CA ALA B 106 -1.62 -55.68 -12.52
C ALA B 106 -2.50 -56.92 -12.67
N ASP B 107 -2.85 -57.52 -11.54
CA ASP B 107 -3.72 -58.69 -11.53
C ASP B 107 -5.13 -58.20 -11.75
N LEU B 108 -5.50 -58.04 -13.01
CA LEU B 108 -6.83 -57.53 -13.40
C LEU B 108 -8.01 -58.30 -12.78
N THR B 109 -7.70 -59.23 -11.88
CA THR B 109 -8.70 -60.03 -11.20
C THR B 109 -8.78 -59.64 -9.74
N VAL B 110 -8.90 -58.35 -9.46
CA VAL B 110 -8.96 -57.90 -8.08
C VAL B 110 -10.14 -57.02 -7.77
N ASN B 111 -10.60 -56.27 -8.77
CA ASN B 111 -11.70 -55.35 -8.56
C ASN B 111 -13.09 -55.87 -8.86
N GLU B 112 -13.92 -55.91 -7.83
CA GLU B 112 -15.30 -56.37 -7.98
C GLU B 112 -15.94 -55.67 -9.17
N LEU B 113 -15.65 -54.39 -9.35
CA LEU B 113 -16.18 -53.63 -10.48
C LEU B 113 -15.14 -53.51 -11.59
N ASP B 114 -15.39 -54.23 -12.68
CA ASP B 114 -14.52 -54.27 -13.85
C ASP B 114 -13.64 -53.07 -14.09
N TYR B 115 -14.24 -51.89 -14.26
CA TYR B 115 -13.48 -50.67 -14.54
C TYR B 115 -12.60 -50.21 -13.36
N GLU B 116 -12.81 -50.78 -12.17
CA GLU B 116 -11.98 -50.44 -11.03
C GLU B 116 -10.63 -51.11 -11.24
N ASN B 117 -10.59 -52.18 -12.05
CA ASN B 117 -9.36 -52.92 -12.35
C ASN B 117 -8.42 -52.08 -13.24
N ASN B 118 -7.13 -52.25 -13.08
CA ASN B 118 -6.20 -51.46 -13.88
C ASN B 118 -5.92 -52.02 -15.26
N LYS B 119 -6.97 -52.14 -16.05
CA LYS B 119 -6.84 -52.68 -17.41
C LYS B 119 -6.14 -51.70 -18.35
N MET B 120 -6.06 -52.08 -19.62
CA MET B 120 -5.47 -51.22 -20.63
C MET B 120 -6.58 -50.27 -21.03
N THR B 121 -6.27 -48.99 -21.10
CA THR B 121 -7.26 -47.99 -21.45
C THR B 121 -8.06 -48.36 -22.68
N SER B 122 -7.37 -48.81 -23.73
CA SER B 122 -8.02 -49.19 -24.99
C SER B 122 -9.08 -50.27 -24.78
N GLU B 123 -9.04 -50.92 -23.62
CA GLU B 123 -9.99 -51.97 -23.29
C GLU B 123 -11.22 -51.37 -22.62
N LEU B 124 -11.00 -50.55 -21.60
CA LEU B 124 -12.11 -49.91 -20.88
C LEU B 124 -12.83 -48.94 -21.80
N PHE B 125 -12.08 -48.32 -22.72
CA PHE B 125 -12.61 -47.36 -23.70
C PHE B 125 -11.99 -47.66 -25.06
N PRO B 126 -12.69 -48.47 -25.88
CA PRO B 126 -12.24 -48.87 -27.20
C PRO B 126 -12.09 -47.70 -28.18
N THR B 127 -13.04 -46.76 -28.12
CA THR B 127 -13.05 -45.59 -29.00
C THR B 127 -12.83 -44.29 -28.24
N ALA B 128 -12.35 -43.28 -28.96
CA ALA B 128 -12.10 -41.97 -28.37
C ALA B 128 -13.35 -41.32 -27.80
N GLU B 129 -14.47 -41.41 -28.52
CA GLU B 129 -15.69 -40.79 -28.03
C GLU B 129 -16.26 -41.57 -26.86
N GLU B 130 -15.55 -42.62 -26.45
CA GLU B 130 -16.00 -43.43 -25.33
C GLU B 130 -15.15 -43.20 -24.10
N TYR B 131 -13.91 -42.77 -24.33
CA TYR B 131 -12.97 -42.50 -23.26
C TYR B 131 -13.38 -41.35 -22.35
N THR B 132 -12.99 -41.46 -21.08
CA THR B 132 -13.31 -40.45 -20.09
C THR B 132 -12.38 -40.54 -18.90
N ASP B 133 -11.48 -39.56 -18.77
CA ASP B 133 -10.57 -39.55 -17.64
C ASP B 133 -11.37 -39.30 -16.36
N SER B 134 -12.69 -39.30 -16.47
CA SER B 134 -13.55 -39.07 -15.32
C SER B 134 -13.36 -40.09 -14.22
N LEU B 135 -12.58 -41.13 -14.49
CA LEU B 135 -12.37 -42.18 -13.48
C LEU B 135 -10.98 -42.25 -12.88
N MET B 136 -10.06 -41.40 -13.33
CA MET B 136 -8.70 -41.42 -12.81
C MET B 136 -8.00 -40.07 -12.76
N ASP B 137 -8.68 -39.05 -13.25
CA ASP B 137 -8.11 -37.70 -13.29
C ASP B 137 -7.51 -37.19 -11.99
N PRO B 138 -6.19 -36.93 -12.01
CA PRO B 138 -5.50 -36.43 -10.83
C PRO B 138 -6.21 -35.15 -10.37
N ALA B 139 -6.81 -34.46 -11.34
CA ALA B 139 -7.54 -33.22 -11.10
C ALA B 139 -6.68 -32.11 -10.51
N ILE B 140 -5.36 -32.30 -10.58
CA ILE B 140 -4.43 -31.33 -10.02
C ILE B 140 -3.67 -30.62 -11.14
N LEU B 141 -3.44 -29.33 -11.00
CA LEU B 141 -2.76 -28.57 -12.03
C LEU B 141 -1.25 -28.72 -12.09
N THR B 142 -0.79 -29.96 -11.92
CA THR B 142 0.65 -30.24 -12.01
C THR B 142 0.80 -31.49 -12.87
N SER B 143 1.93 -31.66 -13.51
CA SER B 143 2.10 -32.81 -14.37
C SER B 143 2.89 -33.96 -13.79
N LEU B 144 2.58 -35.16 -14.30
CA LEU B 144 3.23 -36.40 -13.88
C LEU B 144 4.71 -36.34 -14.19
N SER B 145 5.03 -35.74 -15.34
CA SER B 145 6.41 -35.60 -15.77
C SER B 145 7.12 -34.70 -14.78
N SER B 146 6.41 -33.68 -14.31
CA SER B 146 6.97 -32.75 -13.34
C SER B 146 7.33 -33.51 -12.09
N ASN B 147 6.41 -34.35 -11.60
CA ASN B 147 6.66 -35.11 -10.39
C ASN B 147 7.87 -35.99 -10.63
N LEU B 148 7.90 -36.63 -11.79
CA LEU B 148 9.00 -37.50 -12.13
C LEU B 148 10.24 -36.67 -12.18
N ASN B 149 10.13 -35.48 -12.75
CA ASN B 149 11.29 -34.63 -12.83
C ASN B 149 11.75 -34.21 -11.45
N ALA B 150 10.79 -33.82 -10.62
CA ALA B 150 11.10 -33.37 -9.28
C ALA B 150 11.75 -34.49 -8.48
N VAL B 151 11.25 -35.70 -8.64
CA VAL B 151 11.82 -36.82 -7.88
C VAL B 151 13.25 -37.10 -8.29
N MET B 152 13.50 -36.99 -9.58
CA MET B 152 14.83 -37.25 -10.09
C MET B 152 15.82 -36.24 -9.59
N PHE B 153 15.37 -35.02 -9.45
CA PHE B 153 16.22 -33.96 -8.97
C PHE B 153 16.71 -34.23 -7.55
N TRP B 154 15.82 -34.71 -6.69
CA TRP B 154 16.18 -35.00 -5.30
C TRP B 154 17.23 -36.09 -5.22
N LEU B 155 17.06 -37.12 -6.02
CA LEU B 155 17.96 -38.27 -6.07
C LEU B 155 19.35 -37.89 -6.55
N GLU B 156 19.40 -36.98 -7.52
CA GLU B 156 20.65 -36.52 -8.07
C GLU B 156 21.37 -35.78 -6.96
N LYS B 157 20.61 -34.96 -6.24
CA LYS B 157 21.18 -34.19 -5.15
C LYS B 157 21.59 -35.03 -3.97
N HIS B 158 20.82 -36.05 -3.63
CA HIS B 158 21.17 -36.90 -2.50
C HIS B 158 21.69 -38.28 -2.87
N GLU B 159 22.45 -38.34 -3.97
CA GLU B 159 23.04 -39.59 -4.46
C GLU B 159 24.36 -39.89 -3.73
N ASN B 160 24.84 -38.93 -2.95
CA ASN B 160 26.09 -39.09 -2.22
C ASN B 160 25.96 -38.88 -0.72
N ASP B 161 24.74 -38.64 -0.23
CA ASP B 161 24.56 -38.44 1.22
C ASP B 161 25.16 -39.63 1.94
N VAL B 162 25.56 -39.46 3.20
CA VAL B 162 26.15 -40.56 3.94
C VAL B 162 25.37 -40.94 5.19
N ALA B 163 25.81 -42.00 5.85
CA ALA B 163 25.18 -42.49 7.06
C ALA B 163 23.69 -42.71 6.87
N GLU B 164 22.91 -42.34 7.87
CA GLU B 164 21.47 -42.53 7.81
C GLU B 164 20.79 -41.79 6.68
N LYS B 165 21.33 -40.64 6.30
CA LYS B 165 20.72 -39.87 5.23
C LYS B 165 20.73 -40.72 3.97
N LEU B 166 21.82 -41.45 3.78
CA LEU B 166 21.98 -42.29 2.60
C LEU B 166 20.91 -43.37 2.55
N LYS B 167 20.60 -43.94 3.70
CA LYS B 167 19.62 -45.02 3.77
C LYS B 167 18.29 -44.53 3.24
N VAL B 168 17.96 -43.27 3.52
CA VAL B 168 16.72 -42.70 3.03
C VAL B 168 16.82 -42.73 1.52
N TYR B 169 17.99 -42.43 0.99
CA TYR B 169 18.17 -42.45 -0.45
C TYR B 169 18.01 -43.85 -1.02
N LYS B 170 18.62 -44.84 -0.37
CA LYS B 170 18.54 -46.21 -0.87
C LYS B 170 17.10 -46.61 -0.93
N ARG B 171 16.35 -46.24 0.10
CA ARG B 171 14.95 -46.59 0.12
C ARG B 171 14.21 -45.86 -0.99
N ARG B 172 14.48 -44.56 -1.10
CA ARG B 172 13.83 -43.73 -2.10
C ARG B 172 14.23 -44.18 -3.48
N LEU B 173 15.49 -44.55 -3.61
CA LEU B 173 16.02 -45.01 -4.89
C LEU B 173 15.33 -46.31 -5.34
N ASP B 174 15.26 -47.27 -4.42
CA ASP B 174 14.64 -48.55 -4.69
C ASP B 174 13.23 -48.32 -5.20
N LEU B 175 12.38 -47.85 -4.31
CA LEU B 175 10.99 -47.58 -4.64
C LEU B 175 10.79 -46.84 -5.95
N PHE B 176 11.41 -45.66 -6.08
CA PHE B 176 11.23 -44.91 -7.29
C PHE B 176 11.42 -45.77 -8.51
N THR B 177 12.34 -46.74 -8.42
CA THR B 177 12.62 -47.61 -9.55
C THR B 177 11.35 -48.34 -9.97
N ILE B 178 10.52 -48.73 -9.00
CA ILE B 178 9.28 -49.42 -9.32
C ILE B 178 8.49 -48.48 -10.22
N VAL B 179 8.44 -47.21 -9.85
CA VAL B 179 7.69 -46.25 -10.65
C VAL B 179 8.34 -46.00 -11.99
N ALA B 180 9.65 -45.80 -12.00
CA ALA B 180 10.34 -45.52 -13.23
C ALA B 180 10.27 -46.69 -14.20
N SER B 181 10.45 -47.90 -13.67
CA SER B 181 10.44 -49.11 -14.48
C SER B 181 9.11 -49.34 -15.14
N THR B 182 8.02 -49.19 -14.39
CA THR B 182 6.70 -49.40 -14.94
C THR B 182 6.33 -48.31 -15.94
N ILE B 183 6.59 -47.07 -15.57
CA ILE B 183 6.25 -45.96 -16.43
C ILE B 183 7.01 -46.07 -17.72
N ASN B 184 8.28 -46.43 -17.61
CA ASN B 184 9.13 -46.51 -18.78
C ASN B 184 8.58 -47.46 -19.84
N LYS B 185 8.02 -48.58 -19.39
CA LYS B 185 7.46 -49.56 -20.32
C LYS B 185 6.46 -48.92 -21.27
N TYR B 186 5.64 -48.01 -20.76
CA TYR B 186 4.61 -47.35 -21.56
C TYR B 186 5.01 -45.92 -21.93
N GLY B 187 6.13 -45.47 -21.36
CA GLY B 187 6.60 -44.11 -21.63
C GLY B 187 5.94 -43.16 -20.66
N VAL B 188 6.41 -41.92 -20.64
CA VAL B 188 5.84 -40.93 -19.73
C VAL B 188 4.75 -40.14 -20.44
N PRO B 189 3.49 -40.35 -20.03
CA PRO B 189 2.29 -39.70 -20.56
C PRO B 189 2.44 -38.20 -20.68
N ARG B 190 1.97 -37.63 -21.79
CA ARG B 190 2.07 -36.20 -21.98
C ARG B 190 0.79 -35.52 -21.58
N HIS B 191 0.96 -34.42 -20.86
CA HIS B 191 -0.15 -33.62 -20.33
C HIS B 191 -0.43 -32.39 -21.18
N ASN B 192 -1.70 -32.08 -21.37
CA ASN B 192 -2.08 -30.91 -22.13
C ASN B 192 -2.22 -29.71 -21.20
N ALA B 193 -2.35 -28.52 -21.79
CA ALA B 193 -2.50 -27.28 -21.05
C ALA B 193 -3.41 -27.43 -19.82
N LYS B 194 -4.54 -28.11 -19.99
CA LYS B 194 -5.48 -28.30 -18.89
C LYS B 194 -5.01 -29.38 -17.92
N TYR B 195 -3.75 -29.75 -18.03
CA TYR B 195 -3.18 -30.75 -17.15
C TYR B 195 -4.01 -32.05 -17.07
N ARG B 196 -4.82 -32.27 -18.09
CA ARG B 196 -5.64 -33.47 -18.19
C ARG B 196 -4.87 -34.51 -19.00
N TYR B 197 -5.43 -35.72 -19.11
CA TYR B 197 -4.76 -36.76 -19.89
C TYR B 197 -5.74 -37.29 -20.94
N GLU B 198 -5.52 -36.86 -22.18
CA GLU B 198 -6.37 -37.22 -23.31
C GLU B 198 -6.47 -38.71 -23.61
N TYR B 199 -7.17 -39.07 -24.70
CA TYR B 199 -7.35 -40.47 -25.08
C TYR B 199 -6.19 -41.09 -25.86
N ASP B 200 -5.55 -40.31 -26.73
CA ASP B 200 -4.46 -40.87 -27.51
C ASP B 200 -3.26 -41.28 -26.66
N VAL B 201 -2.88 -40.44 -25.71
CA VAL B 201 -1.74 -40.75 -24.84
C VAL B 201 -2.05 -41.98 -23.99
N MET B 202 -3.23 -41.93 -23.39
CA MET B 202 -3.75 -42.97 -22.52
C MET B 202 -4.16 -44.29 -23.18
N LYS B 203 -4.56 -44.24 -24.45
CA LYS B 203 -5.09 -45.41 -25.14
C LYS B 203 -4.29 -46.70 -25.04
N ASP B 204 -2.97 -46.64 -25.07
CA ASP B 204 -2.19 -47.88 -24.98
C ASP B 204 -1.51 -48.07 -23.62
N LYS B 205 -2.00 -47.39 -22.60
CA LYS B 205 -1.37 -47.51 -21.28
C LYS B 205 -2.39 -47.90 -20.21
N PRO B 206 -1.91 -48.50 -19.10
CA PRO B 206 -2.77 -48.92 -17.99
C PRO B 206 -3.57 -47.76 -17.41
N TYR B 207 -4.80 -47.62 -17.90
CA TYR B 207 -5.70 -46.54 -17.49
C TYR B 207 -5.35 -45.84 -16.16
N TYR B 208 -5.26 -46.60 -15.09
CA TYR B 208 -4.93 -46.03 -13.79
C TYR B 208 -3.44 -45.81 -13.57
N LEU B 209 -2.73 -45.43 -14.61
CA LEU B 209 -1.29 -45.23 -14.46
C LEU B 209 -0.93 -43.87 -13.87
N VAL B 210 -1.41 -42.81 -14.50
CA VAL B 210 -1.05 -41.47 -14.06
C VAL B 210 -1.38 -41.21 -12.58
N THR B 211 -2.59 -41.57 -12.15
CA THR B 211 -2.93 -41.30 -10.77
C THR B 211 -2.06 -42.10 -9.87
N TRP B 212 -1.78 -43.33 -10.27
CA TRP B 212 -0.96 -44.22 -9.47
C TRP B 212 0.44 -43.67 -9.27
N ALA B 213 1.01 -43.15 -10.33
CA ALA B 213 2.36 -42.61 -10.27
C ALA B 213 2.41 -41.46 -9.29
N ASN B 214 1.36 -40.63 -9.27
CA ASN B 214 1.30 -39.49 -8.37
C ASN B 214 1.27 -39.96 -6.92
N SER B 215 0.44 -40.94 -6.64
CA SER B 215 0.33 -41.49 -5.30
C SER B 215 1.60 -42.19 -4.86
N SER B 216 2.22 -42.94 -5.78
CA SER B 216 3.46 -43.67 -5.50
C SER B 216 4.58 -42.67 -5.26
N ILE B 217 4.61 -41.62 -6.07
CA ILE B 217 5.60 -40.56 -5.95
C ILE B 217 5.38 -39.77 -4.67
N GLU B 218 4.11 -39.52 -4.35
CA GLU B 218 3.76 -38.77 -3.14
C GLU B 218 4.20 -39.55 -1.90
N MET B 219 3.98 -40.86 -1.90
CA MET B 219 4.38 -41.72 -0.80
C MET B 219 5.87 -42.01 -0.67
N LEU B 220 6.54 -42.28 -1.80
CA LEU B 220 7.96 -42.63 -1.75
C LEU B 220 8.80 -41.44 -1.36
N MET B 221 8.23 -40.26 -1.56
CA MET B 221 8.89 -39.01 -1.21
C MET B 221 8.40 -38.58 0.16
N SER B 222 7.96 -39.55 0.96
CA SER B 222 7.47 -39.34 2.31
C SER B 222 8.05 -40.41 3.21
N VAL B 223 9.04 -41.13 2.69
CA VAL B 223 9.66 -42.19 3.46
C VAL B 223 10.94 -41.71 4.11
N PHE B 224 11.23 -42.26 5.28
CA PHE B 224 12.46 -41.93 5.99
C PHE B 224 13.02 -43.16 6.70
N SER B 225 12.24 -43.73 7.62
CA SER B 225 12.70 -44.88 8.36
C SER B 225 12.34 -46.10 7.58
N HIS B 226 12.96 -47.20 7.97
CA HIS B 226 12.76 -48.50 7.34
C HIS B 226 11.29 -48.87 7.16
N ASP B 227 10.52 -48.66 8.23
CA ASP B 227 9.11 -48.96 8.23
C ASP B 227 8.37 -48.13 7.18
N ASP B 228 8.78 -46.89 6.99
CA ASP B 228 8.11 -46.06 6.01
C ASP B 228 8.27 -46.75 4.67
N TYR B 229 9.48 -47.26 4.44
CA TYR B 229 9.79 -47.94 3.19
C TYR B 229 8.98 -49.20 2.91
N LEU B 230 8.81 -50.04 3.90
CA LEU B 230 8.04 -51.26 3.71
C LEU B 230 6.63 -50.84 3.39
N ILE B 231 6.14 -49.87 4.16
CA ILE B 231 4.78 -49.37 4.01
C ILE B 231 4.57 -48.67 2.67
N ALA B 232 5.50 -47.81 2.30
CA ALA B 232 5.35 -47.13 1.04
C ALA B 232 5.44 -48.19 -0.01
N LYS B 233 6.31 -49.17 0.21
CA LYS B 233 6.54 -50.25 -0.75
C LYS B 233 5.35 -51.19 -0.93
N GLU B 234 4.74 -51.62 0.17
CA GLU B 234 3.62 -52.52 0.05
C GLU B 234 2.43 -51.83 -0.60
N LEU B 235 2.11 -50.61 -0.15
CA LEU B 235 0.98 -49.87 -0.69
C LEU B 235 1.22 -49.50 -2.13
N ILE B 236 2.44 -49.08 -2.44
CA ILE B 236 2.78 -48.71 -3.79
C ILE B 236 2.49 -49.88 -4.73
N VAL B 237 2.93 -51.07 -4.35
CA VAL B 237 2.73 -52.24 -5.21
C VAL B 237 1.33 -52.77 -5.32
N LEU B 238 0.67 -52.98 -4.19
CA LEU B 238 -0.68 -53.50 -4.25
C LEU B 238 -1.67 -52.54 -4.91
N SER B 239 -1.45 -51.25 -4.72
CA SER B 239 -2.31 -50.20 -5.27
C SER B 239 -2.36 -50.23 -6.80
N TYR B 240 -1.27 -50.69 -7.41
CA TYR B 240 -1.20 -50.74 -8.86
C TYR B 240 -2.29 -51.60 -9.47
N SER B 241 -2.68 -52.65 -8.77
CA SER B 241 -3.74 -53.56 -9.21
C SER B 241 -5.00 -53.38 -8.38
N ASN B 242 -4.87 -53.32 -7.06
CA ASN B 242 -6.02 -53.10 -6.18
C ASN B 242 -6.33 -51.60 -6.13
N ARG B 243 -7.54 -51.24 -6.51
CA ARG B 243 -7.94 -49.84 -6.50
C ARG B 243 -9.35 -49.73 -5.96
N SER B 244 -9.66 -50.51 -4.93
CA SER B 244 -11.00 -50.46 -4.38
C SER B 244 -11.18 -50.96 -2.95
N THR B 245 -10.12 -51.47 -2.33
CA THR B 245 -10.23 -51.98 -0.96
C THR B 245 -8.92 -51.92 -0.21
N LEU B 246 -7.85 -51.48 -0.88
CA LEU B 246 -6.56 -51.42 -0.24
C LEU B 246 -6.56 -50.43 0.92
N ALA B 247 -7.15 -49.25 0.68
CA ALA B 247 -7.23 -48.18 1.68
C ALA B 247 -8.18 -48.57 2.81
N LYS B 248 -9.30 -49.16 2.46
CA LYS B 248 -10.25 -49.60 3.45
C LYS B 248 -9.66 -50.75 4.29
N LEU B 249 -9.00 -51.70 3.63
CA LEU B 249 -8.42 -52.85 4.32
C LEU B 249 -7.28 -52.52 5.26
N VAL B 250 -6.39 -51.65 4.82
CA VAL B 250 -5.24 -51.25 5.62
C VAL B 250 -5.66 -50.48 6.86
N SER B 251 -6.66 -49.63 6.72
CA SER B 251 -7.15 -48.83 7.82
C SER B 251 -8.06 -49.58 8.79
N SER B 252 -9.10 -50.23 8.25
CA SER B 252 -10.09 -50.98 9.03
C SER B 252 -9.78 -51.46 10.46
N PRO B 253 -8.65 -52.15 10.69
CA PRO B 253 -8.27 -52.66 12.02
C PRO B 253 -7.99 -51.62 13.08
N MET B 254 -7.71 -50.39 12.66
CA MET B 254 -7.41 -49.30 13.58
C MET B 254 -8.53 -49.08 14.60
N SER B 255 -9.76 -49.32 14.18
CA SER B 255 -10.86 -49.15 15.09
C SER B 255 -10.77 -50.12 16.27
N ILE B 256 -10.47 -51.38 16.00
CA ILE B 256 -10.35 -52.35 17.09
C ILE B 256 -9.11 -52.16 17.95
N LEU B 257 -8.02 -51.70 17.33
CA LEU B 257 -6.75 -51.47 18.03
C LEU B 257 -6.80 -50.46 19.16
N VAL B 258 -7.60 -49.41 19.00
CA VAL B 258 -7.70 -48.38 20.02
C VAL B 258 -8.20 -48.96 21.33
N ALA B 259 -9.11 -49.91 21.25
CA ALA B 259 -9.65 -50.56 22.44
C ALA B 259 -8.57 -51.33 23.20
N LEU B 260 -7.64 -51.90 22.46
CA LEU B 260 -6.58 -52.71 23.03
C LEU B 260 -5.64 -52.07 24.09
N VAL B 261 -5.17 -50.84 23.90
CA VAL B 261 -4.27 -50.26 24.90
C VAL B 261 -4.88 -49.55 26.11
N ASP B 262 -4.28 -49.81 27.28
CA ASP B 262 -4.71 -49.23 28.54
C ASP B 262 -4.52 -47.73 28.50
N ILE B 263 -4.63 -47.08 29.65
CA ILE B 263 -4.44 -45.63 29.75
C ILE B 263 -3.58 -45.32 30.99
N ASN B 264 -2.34 -44.91 30.75
CA ASN B 264 -1.41 -44.57 31.83
C ASN B 264 -1.34 -43.05 31.89
N GLY B 265 -2.24 -42.44 32.64
CA GLY B 265 -2.26 -41.00 32.72
C GLY B 265 -2.77 -40.38 31.43
N THR B 266 -3.83 -39.58 31.55
CA THR B 266 -4.46 -38.94 30.40
C THR B 266 -5.00 -37.59 30.79
N PHE B 267 -5.33 -36.76 29.80
CA PHE B 267 -5.90 -35.44 30.06
C PHE B 267 -7.41 -35.53 30.00
N ILE B 268 -8.07 -34.73 30.83
CA ILE B 268 -9.52 -34.72 30.89
C ILE B 268 -10.11 -33.33 30.81
N THR B 269 -11.44 -33.24 30.88
CA THR B 269 -12.13 -31.96 30.84
C THR B 269 -12.71 -31.62 32.20
N ASN B 270 -12.21 -30.57 32.81
CA ASN B 270 -12.64 -30.13 34.13
C ASN B 270 -13.79 -29.15 33.99
N GLU B 271 -14.35 -28.76 35.13
CA GLU B 271 -15.49 -27.84 35.19
C GLU B 271 -15.37 -26.58 34.37
N GLU B 272 -14.14 -26.11 34.19
CA GLU B 272 -13.87 -24.90 33.40
C GLU B 272 -13.62 -25.25 31.94
N LEU B 273 -14.03 -26.46 31.56
CA LEU B 273 -13.90 -27.01 30.22
C LEU B 273 -12.55 -26.77 29.57
N GLU B 274 -11.50 -27.10 30.32
CA GLU B 274 -10.13 -26.96 29.86
C GLU B 274 -9.41 -28.28 30.14
N LEU B 275 -8.57 -28.70 29.21
CA LEU B 275 -7.84 -29.94 29.36
C LEU B 275 -7.03 -29.94 30.64
N GLU B 276 -7.24 -30.96 31.47
CA GLU B 276 -6.55 -31.06 32.72
C GLU B 276 -5.91 -32.42 32.81
N PHE B 277 -4.61 -32.47 33.11
CA PHE B 277 -3.91 -33.74 33.22
C PHE B 277 -4.39 -34.57 34.40
N SER B 278 -4.81 -35.80 34.12
CA SER B 278 -5.26 -36.71 35.16
C SER B 278 -4.32 -37.91 35.16
N ASN B 279 -4.05 -38.46 36.33
CA ASN B 279 -3.14 -39.60 36.44
C ASN B 279 -3.87 -40.94 36.34
N LYS B 280 -5.20 -40.88 36.26
CA LYS B 280 -6.03 -42.07 36.16
C LYS B 280 -5.44 -43.17 35.29
N TYR B 281 -5.75 -44.41 35.67
CA TYR B 281 -5.28 -45.60 34.96
C TYR B 281 -6.49 -46.44 34.59
N VAL B 282 -6.57 -46.88 33.35
CA VAL B 282 -7.69 -47.73 32.95
C VAL B 282 -7.20 -48.93 32.14
N ARG B 283 -7.54 -50.13 32.61
CA ARG B 283 -7.15 -51.35 31.93
C ARG B 283 -8.03 -51.58 30.72
N ALA B 284 -7.40 -51.62 29.55
CA ALA B 284 -8.12 -51.84 28.31
C ALA B 284 -8.51 -53.30 28.23
N ILE B 285 -9.69 -53.63 28.74
CA ILE B 285 -10.15 -55.00 28.72
C ILE B 285 -11.06 -55.29 27.53
N VAL B 286 -10.70 -56.31 26.75
CA VAL B 286 -11.49 -56.67 25.60
C VAL B 286 -11.91 -58.13 25.62
N PRO B 287 -13.14 -58.43 25.16
CA PRO B 287 -13.70 -59.78 25.12
C PRO B 287 -13.03 -60.63 24.05
N ASP B 288 -13.08 -61.94 24.21
CA ASP B 288 -12.47 -62.87 23.26
C ASP B 288 -12.95 -62.69 21.81
N GLN B 289 -14.26 -62.57 21.63
CA GLN B 289 -14.84 -62.45 20.30
C GLN B 289 -14.29 -61.23 19.55
N THR B 290 -14.03 -60.16 20.30
CA THR B 290 -13.49 -58.92 19.72
C THR B 290 -12.12 -59.18 19.10
N PHE B 291 -11.35 -60.05 19.74
CA PHE B 291 -10.04 -60.38 19.22
C PHE B 291 -10.15 -61.09 17.87
N ASP B 292 -11.14 -61.96 17.76
CA ASP B 292 -11.36 -62.70 16.52
C ASP B 292 -11.73 -61.72 15.41
N GLU B 293 -12.53 -60.71 15.78
CA GLU B 293 -12.95 -59.72 14.80
C GLU B 293 -11.67 -59.11 14.23
N LEU B 294 -10.70 -58.82 15.10
CA LEU B 294 -9.45 -58.23 14.65
C LEU B 294 -8.63 -59.22 13.82
N ASN B 295 -8.68 -60.49 14.17
CA ASN B 295 -7.92 -61.46 13.40
C ASN B 295 -8.40 -61.50 11.94
N GLN B 296 -9.73 -61.48 11.76
CA GLN B 296 -10.34 -61.51 10.44
C GLN B 296 -9.91 -60.29 9.62
N MET B 297 -9.76 -59.15 10.28
CA MET B 297 -9.32 -57.94 9.60
C MET B 297 -7.91 -58.17 9.10
N LEU B 298 -7.11 -58.83 9.93
CA LEU B 298 -5.75 -59.16 9.57
C LEU B 298 -5.72 -60.18 8.45
N ASP B 299 -6.60 -61.19 8.54
CA ASP B 299 -6.66 -62.22 7.51
C ASP B 299 -7.06 -61.65 6.17
N ASN B 300 -8.08 -60.78 6.19
CA ASN B 300 -8.59 -60.15 4.97
C ASN B 300 -7.48 -59.34 4.33
N MET B 301 -6.66 -58.72 5.18
CA MET B 301 -5.52 -57.95 4.71
C MET B 301 -4.54 -58.92 4.08
N ARG B 302 -4.36 -60.06 4.75
CA ARG B 302 -3.43 -61.05 4.26
C ARG B 302 -3.89 -61.71 2.96
N LYS B 303 -5.14 -62.16 2.93
CA LYS B 303 -5.67 -62.83 1.76
C LYS B 303 -5.72 -61.88 0.57
N ALA B 304 -5.45 -60.60 0.82
CA ALA B 304 -5.50 -59.57 -0.23
C ALA B 304 -4.16 -59.13 -0.79
N GLY B 305 -3.09 -59.83 -0.41
CA GLY B 305 -1.77 -59.50 -0.92
C GLY B 305 -0.80 -58.98 0.11
N LEU B 306 -1.31 -58.24 1.08
CA LEU B 306 -0.50 -57.67 2.13
C LEU B 306 0.38 -58.70 2.81
N VAL B 307 1.48 -58.24 3.39
CA VAL B 307 2.42 -59.14 4.04
C VAL B 307 3.09 -58.47 5.23
N ASP B 308 3.91 -57.47 4.95
CA ASP B 308 4.64 -56.73 5.99
C ASP B 308 3.76 -55.90 6.91
N ILE B 309 2.80 -55.17 6.35
CA ILE B 309 1.93 -54.34 7.18
C ILE B 309 1.13 -55.22 8.15
N PRO B 310 0.61 -56.36 7.69
CA PRO B 310 -0.14 -57.19 8.61
C PRO B 310 0.79 -57.70 9.69
N LYS B 311 2.01 -58.01 9.29
CA LYS B 311 2.98 -58.53 10.23
C LYS B 311 3.23 -57.51 11.32
N MET B 312 3.33 -56.23 10.95
CA MET B 312 3.62 -55.17 11.91
C MET B 312 2.57 -55.06 12.99
N ILE B 313 1.31 -55.10 12.61
CA ILE B 313 0.23 -55.00 13.58
C ILE B 313 0.31 -56.24 14.47
N GLN B 314 0.67 -57.37 13.88
CA GLN B 314 0.77 -58.62 14.62
C GLN B 314 1.81 -58.50 15.72
N ASP B 315 2.94 -57.88 15.39
CA ASP B 315 4.02 -57.70 16.35
C ASP B 315 3.54 -56.75 17.43
N TRP B 316 2.78 -55.75 17.03
CA TRP B 316 2.27 -54.78 17.99
C TRP B 316 1.36 -55.41 19.03
N LEU B 317 0.52 -56.34 18.59
CA LEU B 317 -0.42 -57.01 19.48
C LEU B 317 0.19 -57.92 20.55
N VAL B 318 1.51 -58.14 20.53
CA VAL B 318 2.13 -59.01 21.53
C VAL B 318 2.25 -58.32 22.88
N ASP B 319 2.38 -57.00 22.85
CA ASP B 319 2.50 -56.22 24.08
C ASP B 319 1.57 -55.02 24.08
N ARG B 320 1.11 -54.61 22.89
CA ARG B 320 0.19 -53.48 22.77
C ARG B 320 0.63 -52.32 23.65
N SER B 321 1.87 -51.89 23.46
CA SER B 321 2.42 -50.80 24.24
C SER B 321 2.20 -49.46 23.54
N ILE B 322 1.50 -48.55 24.18
CA ILE B 322 1.27 -47.25 23.58
C ILE B 322 2.60 -46.64 23.14
N GLU B 323 3.69 -47.06 23.78
CA GLU B 323 5.02 -46.56 23.46
C GLU B 323 5.44 -46.90 22.04
N LYS B 324 4.85 -47.96 21.50
CA LYS B 324 5.13 -48.43 20.14
C LYS B 324 3.87 -48.29 19.28
N PHE B 325 2.95 -47.44 19.69
CA PHE B 325 1.72 -47.22 18.95
C PHE B 325 1.94 -46.32 17.73
N PRO B 326 2.89 -45.38 17.80
CA PRO B 326 3.15 -44.49 16.68
C PRO B 326 3.11 -45.18 15.32
N LEU B 327 3.56 -46.43 15.28
CA LEU B 327 3.59 -47.19 14.03
C LEU B 327 2.21 -47.51 13.51
N MET B 328 1.34 -47.90 14.42
CA MET B 328 -0.03 -48.25 14.05
C MET B 328 -0.65 -47.05 13.41
N ALA B 329 -0.28 -45.86 13.90
CA ALA B 329 -0.77 -44.59 13.38
C ALA B 329 -0.26 -44.28 12.00
N LYS B 330 1.00 -44.55 11.75
CA LYS B 330 1.59 -44.27 10.46
C LYS B 330 0.87 -45.09 9.40
N ILE B 331 0.44 -46.30 9.76
CA ILE B 331 -0.27 -47.17 8.82
C ILE B 331 -1.65 -46.64 8.45
N TYR B 332 -2.42 -46.25 9.47
CA TYR B 332 -3.75 -45.73 9.28
C TYR B 332 -3.70 -44.41 8.46
N SER B 333 -2.70 -43.58 8.74
CA SER B 333 -2.54 -42.34 7.98
C SER B 333 -2.07 -42.60 6.56
N TRP B 334 -1.14 -43.54 6.41
CA TRP B 334 -0.57 -43.89 5.12
C TRP B 334 -1.56 -44.53 4.13
N SER B 335 -2.47 -45.32 4.66
CA SER B 335 -3.43 -46.02 3.82
C SER B 335 -4.23 -45.05 2.96
N PHE B 336 -4.37 -43.81 3.40
CA PHE B 336 -5.11 -42.78 2.66
C PHE B 336 -4.41 -42.23 1.43
N HIS B 337 -3.08 -42.26 1.41
CA HIS B 337 -2.30 -41.70 0.30
C HIS B 337 -2.20 -42.62 -0.92
N VAL B 338 -3.14 -43.55 -1.03
CA VAL B 338 -3.14 -44.47 -2.15
C VAL B 338 -3.98 -43.91 -3.28
N GLY B 339 -4.74 -42.86 -2.99
CA GLY B 339 -5.56 -42.23 -4.02
C GLY B 339 -7.04 -42.11 -3.68
N PHE B 340 -7.82 -41.60 -4.62
CA PHE B 340 -9.26 -41.44 -4.45
C PHE B 340 -10.08 -42.50 -5.17
N ARG B 341 -10.99 -43.17 -4.46
CA ARG B 341 -11.81 -44.18 -5.13
C ARG B 341 -12.86 -43.50 -6.02
N LYS B 342 -12.51 -43.26 -7.28
CA LYS B 342 -13.45 -42.60 -8.20
C LYS B 342 -14.13 -43.59 -9.15
N GLN B 343 -15.29 -44.10 -8.71
CA GLN B 343 -16.07 -45.04 -9.50
C GLN B 343 -17.16 -44.33 -10.32
N LYS B 344 -17.80 -45.07 -11.21
CA LYS B 344 -18.87 -44.50 -12.03
C LYS B 344 -20.05 -44.02 -11.18
N MET B 345 -20.58 -42.85 -11.51
CA MET B 345 -21.68 -42.29 -10.75
C MET B 345 -22.81 -43.26 -10.39
N LEU B 346 -23.22 -44.08 -11.36
CA LEU B 346 -24.32 -45.03 -11.16
C LEU B 346 -23.99 -46.11 -10.16
N ASP B 347 -22.76 -46.57 -10.18
CA ASP B 347 -22.35 -47.60 -9.26
C ASP B 347 -22.42 -47.04 -7.86
N ALA B 348 -21.97 -45.80 -7.72
CA ALA B 348 -21.96 -45.15 -6.40
C ALA B 348 -23.39 -45.04 -5.93
N ALA B 349 -24.27 -44.63 -6.83
CA ALA B 349 -25.70 -44.46 -6.56
C ALA B 349 -26.41 -45.76 -6.20
N LEU B 350 -25.97 -46.84 -6.83
CA LEU B 350 -26.55 -48.16 -6.65
C LEU B 350 -26.52 -48.78 -5.26
N ASP B 351 -25.50 -48.49 -4.47
CA ASP B 351 -25.37 -49.11 -3.15
C ASP B 351 -26.63 -48.91 -2.31
N GLN B 352 -27.26 -47.76 -2.44
CA GLN B 352 -28.49 -47.48 -1.70
C GLN B 352 -29.65 -48.38 -2.16
N GLU B 364 -42.69 -49.56 12.04
CA GLU B 364 -43.15 -50.32 13.20
C GLU B 364 -42.27 -50.10 14.42
N MET B 365 -40.95 -50.25 14.26
CA MET B 365 -40.03 -50.05 15.38
C MET B 365 -39.28 -48.72 15.27
N TYR B 366 -39.84 -47.82 14.47
CA TYR B 366 -39.28 -46.50 14.26
C TYR B 366 -40.13 -45.44 14.95
N ARG B 367 -41.08 -45.90 15.75
CA ARG B 367 -41.96 -45.00 16.48
C ARG B 367 -41.15 -44.23 17.51
N GLU B 368 -40.31 -44.96 18.25
CA GLU B 368 -39.47 -44.36 19.27
C GLU B 368 -38.42 -43.47 18.63
N TYR B 369 -37.85 -43.96 17.54
CA TYR B 369 -36.80 -43.25 16.84
C TYR B 369 -37.22 -41.93 16.19
N THR B 370 -38.29 -41.97 15.40
CA THR B 370 -38.77 -40.77 14.74
C THR B 370 -39.32 -39.78 15.74
N MET B 371 -39.93 -40.29 16.81
CA MET B 371 -40.52 -39.44 17.85
C MET B 371 -39.46 -38.51 18.43
N LEU B 372 -38.26 -39.03 18.69
CA LEU B 372 -37.18 -38.20 19.22
C LEU B 372 -36.71 -37.17 18.21
N ILE B 373 -36.65 -37.56 16.95
CA ILE B 373 -36.21 -36.65 15.91
C ILE B 373 -37.14 -35.45 15.83
N ARG B 374 -38.43 -35.70 15.92
CA ARG B 374 -39.44 -34.63 15.86
C ARG B 374 -39.29 -33.73 17.07
N ASP B 375 -39.19 -34.35 18.25
CA ASP B 375 -39.08 -33.62 19.49
C ASP B 375 -37.84 -32.72 19.54
N GLU B 376 -36.73 -33.23 19.03
CA GLU B 376 -35.49 -32.48 19.00
C GLU B 376 -35.66 -31.26 18.11
N VAL B 377 -36.40 -31.46 17.02
CA VAL B 377 -36.65 -30.39 16.06
C VAL B 377 -37.45 -29.28 16.72
N VAL B 378 -38.40 -29.69 17.53
CA VAL B 378 -39.26 -28.75 18.21
C VAL B 378 -38.49 -27.91 19.21
N LYS B 379 -37.63 -28.54 20.01
CA LYS B 379 -36.88 -27.79 21.01
C LYS B 379 -36.05 -26.73 20.34
N MET B 380 -35.37 -27.12 19.28
CA MET B 380 -34.53 -26.18 18.56
C MET B 380 -35.33 -24.99 18.06
N LEU B 381 -36.64 -25.18 17.84
CA LEU B 381 -37.47 -24.10 17.30
C LEU B 381 -38.75 -23.85 18.11
N GLU B 382 -38.67 -24.06 19.42
CA GLU B 382 -39.83 -23.87 20.28
C GLU B 382 -39.99 -22.42 20.69
N GLU B 383 -38.99 -21.87 21.36
CA GLU B 383 -39.08 -20.49 21.81
C GLU B 383 -39.17 -19.50 20.67
N PRO B 384 -38.34 -19.68 19.64
CA PRO B 384 -38.38 -18.73 18.53
C PRO B 384 -39.73 -18.63 17.84
N VAL B 385 -40.39 -19.76 17.68
CA VAL B 385 -41.68 -19.78 17.00
C VAL B 385 -42.81 -19.06 17.72
N LYS B 386 -42.92 -19.28 19.04
CA LYS B 386 -43.99 -18.63 19.78
C LYS B 386 -43.80 -17.12 19.82
N HIS B 387 -42.58 -16.68 20.11
CA HIS B 387 -42.27 -15.27 20.16
C HIS B 387 -42.45 -14.61 18.79
N ASP B 388 -42.23 -15.37 17.72
CA ASP B 388 -42.37 -14.87 16.36
C ASP B 388 -41.10 -14.17 15.97
N ASP B 389 -40.00 -14.91 16.11
CA ASP B 389 -38.68 -14.41 15.81
C ASP B 389 -38.67 -13.71 14.47
N HIS B 390 -37.99 -12.58 14.39
CA HIS B 390 -37.94 -11.84 13.14
C HIS B 390 -37.29 -12.66 12.05
N LEU B 391 -36.32 -13.50 12.43
CA LEU B 391 -35.62 -14.34 11.47
C LEU B 391 -36.58 -15.31 10.81
N LEU B 392 -37.47 -15.89 11.60
CA LEU B 392 -38.47 -16.81 11.09
C LEU B 392 -39.45 -16.06 10.20
N ARG B 393 -39.83 -14.86 10.62
CA ARG B 393 -40.75 -14.07 9.85
C ARG B 393 -40.15 -13.63 8.50
N ASP B 394 -38.91 -13.16 8.50
CA ASP B 394 -38.29 -12.72 7.25
C ASP B 394 -37.32 -13.69 6.63
N SER B 395 -37.51 -14.98 6.95
CA SER B 395 -36.66 -16.06 6.45
C SER B 395 -36.31 -15.96 4.98
N GLU B 396 -37.20 -15.39 4.17
CA GLU B 396 -36.96 -15.28 2.74
C GLU B 396 -35.80 -14.33 2.39
N LEU B 397 -35.70 -13.21 3.11
CA LEU B 397 -34.61 -12.28 2.86
C LEU B 397 -33.27 -12.89 3.32
N ALA B 398 -33.29 -13.51 4.50
CA ALA B 398 -32.07 -14.09 5.05
C ALA B 398 -31.52 -15.17 4.13
N GLY B 399 -32.40 -16.06 3.69
CA GLY B 399 -31.97 -17.13 2.81
C GLY B 399 -31.45 -16.51 1.54
N LEU B 400 -32.10 -15.45 1.10
CA LEU B 400 -31.72 -14.79 -0.13
C LEU B 400 -30.33 -14.21 0.02
N LEU B 401 -30.09 -13.57 1.17
CA LEU B 401 -28.79 -12.94 1.44
C LEU B 401 -27.68 -13.98 1.55
N SER B 402 -28.01 -15.10 2.20
CA SER B 402 -27.07 -16.20 2.42
C SER B 402 -26.52 -16.86 1.15
N MET B 403 -27.31 -16.86 0.07
CA MET B 403 -26.90 -17.45 -1.19
C MET B 403 -25.39 -17.53 -1.44
N SER B 404 -24.64 -16.52 -0.98
CA SER B 404 -23.19 -16.53 -1.16
C SER B 404 -22.60 -17.77 -0.50
N SER B 405 -23.21 -18.19 0.61
CA SER B 405 -22.78 -19.35 1.34
C SER B 405 -23.82 -20.45 1.13
N ALA B 406 -24.32 -20.54 -0.09
CA ALA B 406 -25.30 -21.55 -0.44
C ALA B 406 -24.63 -22.62 -1.25
N SER B 407 -25.30 -23.76 -1.41
CA SER B 407 -24.75 -24.88 -2.17
C SER B 407 -24.56 -24.52 -3.64
N ASN B 408 -24.84 -25.47 -4.53
CA ASN B 408 -24.71 -25.25 -5.97
C ASN B 408 -25.86 -25.89 -6.74
N GLY B 409 -26.15 -25.33 -7.92
CA GLY B 409 -27.21 -25.83 -8.77
C GLY B 409 -26.70 -26.04 -10.18
N GLU B 410 -27.57 -26.50 -11.07
CA GLU B 410 -27.21 -26.75 -12.45
C GLU B 410 -26.69 -25.49 -13.15
N SER B 411 -25.70 -25.64 -14.02
CA SER B 411 -25.14 -24.50 -14.73
C SER B 411 -26.12 -24.03 -15.79
N ARG B 412 -27.14 -23.31 -15.35
CA ARG B 412 -28.18 -22.79 -16.22
C ARG B 412 -27.64 -21.83 -17.27
N GLN B 413 -28.54 -21.33 -18.10
CA GLN B 413 -28.20 -20.36 -19.14
C GLN B 413 -28.79 -19.03 -18.72
N LEU B 414 -28.04 -17.95 -18.94
CA LEU B 414 -28.51 -16.63 -18.54
C LEU B 414 -28.21 -15.54 -19.57
N LYS B 415 -28.88 -14.41 -19.37
CA LYS B 415 -28.74 -13.24 -20.23
C LYS B 415 -28.89 -11.97 -19.39
N PHE B 416 -27.83 -11.16 -19.36
CA PHE B 416 -27.84 -9.92 -18.60
C PHE B 416 -27.40 -8.76 -19.49
N GLY B 417 -28.34 -7.88 -19.83
CA GLY B 417 -28.03 -6.75 -20.68
C GLY B 417 -28.20 -7.11 -22.15
N ARG B 418 -27.16 -7.71 -22.73
CA ARG B 418 -27.20 -8.10 -24.13
C ARG B 418 -26.22 -9.24 -24.43
N LYS B 419 -26.03 -10.13 -23.45
CA LYS B 419 -25.14 -11.27 -23.63
C LYS B 419 -25.66 -12.54 -22.98
N THR B 420 -24.85 -13.60 -23.06
CA THR B 420 -25.22 -14.90 -22.52
C THR B 420 -24.10 -15.50 -21.68
N ILE B 421 -24.46 -16.19 -20.61
CA ILE B 421 -23.47 -16.83 -19.75
C ILE B 421 -23.93 -18.19 -19.21
N PHE B 422 -22.97 -18.99 -18.76
CA PHE B 422 -23.25 -20.31 -18.22
C PHE B 422 -22.95 -20.37 -16.72
N SER B 423 -23.63 -19.56 -15.93
CA SER B 423 -23.39 -19.55 -14.50
C SER B 423 -24.05 -20.72 -13.79
N THR B 424 -23.34 -21.26 -12.81
CA THR B 424 -23.81 -22.40 -12.04
C THR B 424 -24.17 -21.98 -10.61
N LYS B 425 -23.80 -20.76 -10.25
CA LYS B 425 -24.07 -20.24 -8.92
C LYS B 425 -25.55 -19.95 -8.69
N LYS B 426 -26.07 -20.49 -7.60
CA LYS B 426 -27.47 -20.37 -7.24
C LYS B 426 -27.98 -18.95 -7.05
N ASN B 427 -27.11 -18.07 -6.56
CA ASN B 427 -27.49 -16.66 -6.33
C ASN B 427 -27.86 -15.95 -7.63
N MET B 428 -27.07 -16.15 -8.66
CA MET B 428 -27.33 -15.52 -9.94
C MET B 428 -28.67 -15.98 -10.50
N HIS B 429 -29.01 -17.24 -10.25
CA HIS B 429 -30.27 -17.76 -10.77
C HIS B 429 -31.37 -16.88 -10.20
N VAL B 430 -31.22 -16.47 -8.94
CA VAL B 430 -32.24 -15.62 -8.34
C VAL B 430 -32.33 -14.32 -9.11
N MET B 431 -31.20 -13.80 -9.59
CA MET B 431 -31.20 -12.56 -10.33
C MET B 431 -31.95 -12.66 -11.66
N ASP B 432 -31.70 -13.73 -12.39
CA ASP B 432 -32.33 -13.94 -13.68
C ASP B 432 -33.84 -14.09 -13.48
N ASP B 433 -34.21 -14.88 -12.49
CA ASP B 433 -35.61 -15.15 -12.19
C ASP B 433 -36.40 -13.94 -11.68
N MET B 434 -35.78 -13.12 -10.83
CA MET B 434 -36.47 -11.93 -10.32
C MET B 434 -36.75 -10.93 -11.44
N ALA B 435 -35.73 -10.72 -12.28
CA ALA B 435 -35.82 -9.79 -13.40
C ALA B 435 -36.54 -10.43 -14.57
N ASN B 436 -37.22 -11.54 -14.32
CA ASN B 436 -37.95 -12.22 -15.36
C ASN B 436 -39.31 -12.71 -14.91
N GLU B 437 -39.74 -12.26 -13.72
CA GLU B 437 -41.04 -12.64 -13.18
C GLU B 437 -41.13 -14.16 -12.94
N ARG B 438 -40.02 -14.85 -13.15
CA ARG B 438 -39.94 -16.30 -12.96
C ARG B 438 -39.68 -16.64 -11.49
N TYR B 439 -39.01 -15.73 -10.79
CA TYR B 439 -38.73 -15.92 -9.38
C TYR B 439 -40.03 -16.21 -8.63
N THR B 440 -40.14 -17.41 -8.06
CA THR B 440 -41.35 -17.78 -7.32
C THR B 440 -41.06 -18.74 -6.17
N PRO B 441 -40.39 -18.24 -5.12
CA PRO B 441 -40.04 -19.06 -3.95
C PRO B 441 -41.21 -19.70 -3.22
N GLY B 442 -42.37 -19.07 -3.26
CA GLY B 442 -43.52 -19.65 -2.58
C GLY B 442 -43.86 -20.98 -3.21
N ILE B 443 -43.31 -21.22 -4.39
CA ILE B 443 -43.54 -22.45 -5.14
C ILE B 443 -42.21 -23.16 -5.31
N ILE B 444 -41.94 -24.11 -4.41
CA ILE B 444 -40.71 -24.90 -4.43
C ILE B 444 -40.81 -26.08 -5.37
N PRO B 445 -40.07 -26.05 -6.49
CA PRO B 445 -40.02 -27.08 -7.51
C PRO B 445 -40.08 -28.51 -6.98
N PRO B 446 -40.92 -29.35 -7.62
CA PRO B 446 -41.06 -30.74 -7.20
C PRO B 446 -39.82 -31.51 -7.63
N VAL B 447 -39.34 -32.36 -6.74
CA VAL B 447 -38.16 -33.15 -7.03
C VAL B 447 -38.51 -34.61 -7.23
N ASN B 448 -39.29 -34.89 -8.28
CA ASN B 448 -39.68 -36.25 -8.59
C ASN B 448 -39.52 -36.55 -10.07
N VAL B 449 -40.26 -37.55 -10.52
CA VAL B 449 -40.22 -38.01 -11.90
C VAL B 449 -40.29 -36.88 -12.93
N ASP B 450 -41.21 -35.95 -12.73
CA ASP B 450 -41.34 -34.83 -13.65
C ASP B 450 -40.06 -34.01 -13.68
N LYS B 451 -39.68 -33.43 -12.54
CA LYS B 451 -38.47 -32.64 -12.46
C LYS B 451 -37.50 -33.26 -11.44
N PRO B 452 -36.81 -34.34 -11.84
CA PRO B 452 -35.84 -35.04 -10.97
C PRO B 452 -34.72 -34.14 -10.45
N ILE B 453 -33.81 -34.75 -9.70
CA ILE B 453 -32.70 -34.03 -9.10
C ILE B 453 -31.36 -34.36 -9.74
N PRO B 454 -30.63 -33.35 -10.23
CA PRO B 454 -29.33 -33.63 -10.84
C PRO B 454 -28.47 -34.25 -9.76
N LEU B 455 -27.20 -34.49 -10.05
CA LEU B 455 -26.36 -35.09 -9.03
C LEU B 455 -24.94 -34.60 -8.95
N GLY B 456 -24.47 -34.54 -7.71
CA GLY B 456 -23.10 -34.11 -7.45
C GLY B 456 -22.47 -35.24 -6.68
N ARG B 457 -21.17 -35.14 -6.42
CA ARG B 457 -20.47 -36.21 -5.72
C ARG B 457 -19.36 -35.77 -4.80
N ARG B 458 -18.98 -36.68 -3.91
CA ARG B 458 -17.91 -36.47 -2.94
C ARG B 458 -17.07 -37.74 -2.79
N ASP B 459 -15.81 -37.66 -3.18
CA ASP B 459 -14.94 -38.82 -3.09
C ASP B 459 -14.03 -38.72 -1.88
N VAL B 460 -13.67 -39.86 -1.34
CA VAL B 460 -12.78 -39.91 -0.18
C VAL B 460 -12.01 -41.23 -0.20
N PRO B 461 -10.73 -41.22 0.18
CA PRO B 461 -9.95 -42.45 0.17
C PRO B 461 -10.53 -43.48 1.12
N GLY B 462 -10.60 -44.72 0.65
CA GLY B 462 -11.10 -45.80 1.49
C GLY B 462 -12.57 -45.80 1.87
N ARG B 463 -13.44 -45.47 0.91
CA ARG B 463 -14.87 -45.49 1.17
C ARG B 463 -15.70 -45.38 -0.09
N ARG B 464 -16.80 -46.12 -0.12
CA ARG B 464 -17.70 -46.12 -1.27
C ARG B 464 -18.15 -44.70 -1.58
N THR B 465 -18.13 -44.35 -2.85
CA THR B 465 -18.52 -43.03 -3.28
C THR B 465 -19.95 -42.68 -2.88
N ARG B 466 -20.13 -41.46 -2.39
CA ARG B 466 -21.45 -41.00 -1.99
C ARG B 466 -21.92 -39.87 -2.90
N ILE B 467 -23.23 -39.85 -3.19
CA ILE B 467 -23.79 -38.83 -4.06
C ILE B 467 -24.37 -37.62 -3.32
N ILE B 468 -24.46 -36.52 -4.06
CA ILE B 468 -24.94 -35.24 -3.55
C ILE B 468 -26.05 -34.73 -4.45
N PHE B 469 -27.22 -34.45 -3.88
CA PHE B 469 -28.37 -33.94 -4.63
C PHE B 469 -27.95 -32.67 -5.32
N ILE B 470 -28.88 -32.05 -6.03
CA ILE B 470 -28.62 -30.79 -6.70
C ILE B 470 -29.99 -30.14 -6.82
N LEU B 471 -30.53 -29.76 -5.66
CA LEU B 471 -31.83 -29.12 -5.59
C LEU B 471 -31.70 -27.66 -6.02
N PRO B 472 -32.79 -27.07 -6.54
CA PRO B 472 -32.79 -25.67 -6.98
C PRO B 472 -32.66 -24.73 -5.77
N TYR B 473 -32.71 -23.43 -6.02
CA TYR B 473 -32.59 -22.44 -4.95
C TYR B 473 -33.81 -22.28 -4.03
N GLU B 474 -34.99 -22.68 -4.49
CA GLU B 474 -36.16 -22.52 -3.65
C GLU B 474 -35.92 -23.32 -2.37
N TYR B 475 -35.19 -24.42 -2.49
CA TYR B 475 -34.88 -25.30 -1.34
C TYR B 475 -33.95 -24.68 -0.26
N PHE B 476 -32.91 -23.96 -0.69
CA PHE B 476 -31.99 -23.33 0.25
C PHE B 476 -32.66 -22.20 1.03
N ILE B 477 -33.46 -21.45 0.31
CA ILE B 477 -34.21 -20.33 0.84
C ILE B 477 -35.22 -20.80 1.88
N ALA B 478 -35.88 -21.91 1.60
CA ALA B 478 -36.86 -22.44 2.52
C ALA B 478 -36.20 -23.22 3.63
N GLN B 479 -34.87 -23.20 3.68
CA GLN B 479 -34.16 -23.94 4.72
C GLN B 479 -33.11 -23.18 5.53
N HIS B 480 -32.69 -22.01 5.07
CA HIS B 480 -31.66 -21.26 5.79
C HIS B 480 -32.02 -20.75 7.19
N ALA B 481 -33.18 -20.11 7.32
CA ALA B 481 -33.56 -19.58 8.60
C ALA B 481 -33.79 -20.64 9.65
N VAL B 482 -34.53 -21.68 9.29
CA VAL B 482 -34.83 -22.74 10.24
C VAL B 482 -33.59 -23.47 10.74
N VAL B 483 -32.67 -23.75 9.82
CA VAL B 483 -31.44 -24.46 10.16
C VAL B 483 -30.57 -23.58 11.05
N GLU B 484 -30.51 -22.30 10.67
CA GLU B 484 -29.71 -21.34 11.40
C GLU B 484 -30.18 -21.21 12.82
N LYS B 485 -31.49 -21.24 13.00
CA LYS B 485 -32.08 -21.19 14.32
C LYS B 485 -31.82 -22.50 15.05
N MET B 486 -31.78 -23.60 14.29
CA MET B 486 -31.54 -24.93 14.86
C MET B 486 -30.14 -24.97 15.42
N LEU B 487 -29.21 -24.46 14.64
CA LEU B 487 -27.81 -24.46 15.05
C LEU B 487 -27.53 -23.71 16.34
N ILE B 488 -28.23 -22.61 16.56
CA ILE B 488 -28.03 -21.82 17.76
C ILE B 488 -28.31 -22.69 18.98
N TYR B 489 -29.32 -23.56 18.86
CA TYR B 489 -29.66 -24.46 19.95
C TYR B 489 -28.52 -25.45 20.12
N ALA B 490 -28.02 -25.94 19.00
CA ALA B 490 -26.95 -26.91 19.01
C ALA B 490 -25.73 -26.27 19.63
N LYS B 491 -25.49 -25.02 19.22
CA LYS B 491 -24.37 -24.22 19.66
C LYS B 491 -24.16 -24.24 21.17
N HIS B 492 -25.25 -24.39 21.92
CA HIS B 492 -25.16 -24.43 23.38
C HIS B 492 -25.56 -25.76 24.01
N THR B 493 -25.58 -26.81 23.19
CA THR B 493 -25.91 -28.17 23.63
C THR B 493 -24.71 -29.09 23.36
N ARG B 494 -24.10 -29.58 24.44
CA ARG B 494 -22.90 -30.39 24.33
C ARG B 494 -23.01 -31.72 23.60
N GLU B 495 -24.23 -32.27 23.55
CA GLU B 495 -24.47 -33.53 22.85
C GLU B 495 -23.94 -33.46 21.43
N TYR B 496 -24.08 -32.31 20.78
CA TYR B 496 -23.60 -32.09 19.42
C TYR B 496 -22.15 -31.61 19.47
N ALA B 497 -21.22 -32.52 19.70
CA ALA B 497 -19.80 -32.21 19.80
C ALA B 497 -19.19 -31.43 18.66
N GLU B 498 -19.95 -31.19 17.60
CA GLU B 498 -19.42 -30.46 16.47
C GLU B 498 -19.75 -28.98 16.53
N PHE B 499 -20.90 -28.65 17.12
CA PHE B 499 -21.33 -27.27 17.20
C PHE B 499 -21.03 -26.51 18.47
N TYR B 500 -21.24 -27.16 19.62
CA TYR B 500 -21.04 -26.54 20.93
C TYR B 500 -20.00 -25.44 21.07
N SER B 501 -20.47 -24.23 21.37
CA SER B 501 -19.60 -23.09 21.55
C SER B 501 -18.50 -23.01 20.51
N GLN B 502 -17.34 -22.53 20.92
CA GLN B 502 -16.21 -22.40 20.01
C GLN B 502 -15.32 -23.64 20.13
N SER B 503 -15.85 -24.63 20.85
CA SER B 503 -15.15 -25.89 21.11
C SER B 503 -14.30 -26.42 19.96
N ASN B 504 -13.10 -26.84 20.28
CA ASN B 504 -12.17 -27.42 19.33
C ASN B 504 -12.15 -28.92 19.66
N GLN B 505 -11.59 -29.73 18.78
CA GLN B 505 -11.55 -31.18 18.95
C GLN B 505 -10.92 -31.64 20.27
N LEU B 506 -10.12 -30.78 20.89
CA LEU B 506 -9.46 -31.10 22.16
C LEU B 506 -10.46 -31.24 23.29
N LEU B 507 -11.48 -30.41 23.27
CA LEU B 507 -12.50 -30.46 24.29
C LEU B 507 -13.24 -31.79 24.19
N SER B 508 -13.53 -32.17 22.95
CA SER B 508 -14.23 -33.41 22.67
C SER B 508 -13.38 -34.57 23.17
N TYR B 509 -12.07 -34.46 22.97
CA TYR B 509 -11.14 -35.50 23.38
C TYR B 509 -11.13 -35.68 24.89
N GLY B 510 -11.06 -34.57 25.61
CA GLY B 510 -11.04 -34.58 27.06
C GLY B 510 -12.30 -35.12 27.70
N ASP B 511 -13.43 -34.84 27.08
CA ASP B 511 -14.72 -35.30 27.59
C ASP B 511 -14.81 -36.82 27.68
N VAL B 512 -14.27 -37.51 26.68
CA VAL B 512 -14.29 -38.97 26.64
C VAL B 512 -13.42 -39.65 27.72
N THR B 513 -12.20 -39.17 27.89
CA THR B 513 -11.29 -39.70 28.89
C THR B 513 -11.83 -39.39 30.28
N ARG B 514 -12.47 -38.23 30.40
CA ARG B 514 -13.08 -37.76 31.66
C ARG B 514 -13.62 -38.84 32.60
N PHE B 515 -14.74 -39.44 32.24
CA PHE B 515 -15.39 -40.45 33.07
C PHE B 515 -14.82 -41.87 32.97
N LEU B 516 -13.86 -42.08 32.07
CA LEU B 516 -13.28 -43.41 31.93
C LEU B 516 -12.72 -43.95 33.24
N SER B 517 -13.32 -45.05 33.70
CA SER B 517 -12.90 -45.69 34.93
C SER B 517 -13.17 -47.19 34.77
N ASN B 518 -12.63 -47.98 35.70
CA ASN B 518 -12.83 -49.42 35.64
C ASN B 518 -14.28 -49.84 35.86
N ASN B 519 -15.20 -48.89 35.90
CA ASN B 519 -16.58 -49.25 36.11
C ASN B 519 -17.43 -48.56 35.06
N THR B 520 -16.82 -48.30 33.91
CA THR B 520 -17.52 -47.64 32.83
C THR B 520 -16.88 -47.95 31.49
N MET B 521 -17.71 -48.44 30.55
CA MET B 521 -17.27 -48.79 29.21
C MET B 521 -17.77 -47.81 28.15
N VAL B 522 -16.89 -47.49 27.21
CA VAL B 522 -17.22 -46.56 26.15
C VAL B 522 -17.73 -47.30 24.93
N LEU B 523 -18.62 -46.65 24.18
CA LEU B 523 -19.20 -47.24 22.99
C LEU B 523 -19.22 -46.25 21.83
N TYR B 524 -18.59 -46.63 20.73
CA TYR B 524 -18.57 -45.77 19.55
C TYR B 524 -19.20 -46.46 18.35
N THR B 525 -19.67 -45.68 17.39
CA THR B 525 -20.31 -46.26 16.23
C THR B 525 -19.90 -45.54 14.95
N ASP B 526 -20.32 -46.11 13.82
CA ASP B 526 -20.01 -45.60 12.51
C ASP B 526 -21.28 -45.58 11.65
N VAL B 527 -22.28 -44.85 12.11
CA VAL B 527 -23.55 -44.77 11.37
C VAL B 527 -23.53 -44.09 10.02
N SER B 528 -22.42 -44.17 9.29
CA SER B 528 -22.34 -43.53 7.98
C SER B 528 -23.33 -44.12 6.96
N GLN B 529 -23.40 -45.44 6.92
CA GLN B 529 -24.29 -46.15 6.01
C GLN B 529 -25.75 -45.93 6.39
N TRP B 530 -26.02 -45.86 7.69
CA TRP B 530 -27.38 -45.65 8.20
C TRP B 530 -27.98 -44.33 7.73
N ASP B 531 -27.16 -43.32 7.57
CA ASP B 531 -27.63 -42.02 7.13
C ASP B 531 -28.12 -42.03 5.69
N SER B 532 -27.86 -43.14 4.98
CA SER B 532 -28.27 -43.25 3.58
C SER B 532 -29.05 -44.55 3.35
N SER B 533 -29.48 -45.17 4.43
CA SER B 533 -30.24 -46.42 4.36
C SER B 533 -31.68 -46.09 4.02
N GLN B 534 -32.16 -46.60 2.88
CA GLN B 534 -33.53 -46.35 2.43
C GLN B 534 -34.53 -46.40 3.57
N HIS B 535 -34.20 -47.18 4.59
CA HIS B 535 -35.06 -47.32 5.76
C HIS B 535 -35.15 -46.00 6.50
N ASN B 536 -34.03 -45.32 6.60
CA ASN B 536 -33.92 -44.06 7.32
C ASN B 536 -34.76 -42.89 6.82
N THR B 537 -34.94 -42.80 5.51
CA THR B 537 -35.66 -41.67 4.94
C THR B 537 -37.06 -41.44 5.47
N GLN B 538 -37.87 -42.48 5.58
CA GLN B 538 -39.22 -42.29 6.09
C GLN B 538 -39.21 -41.68 7.49
N PRO B 539 -38.55 -42.34 8.45
CA PRO B 539 -38.51 -41.80 9.81
C PRO B 539 -37.96 -40.39 9.83
N PHE B 540 -36.76 -40.23 9.28
CA PHE B 540 -36.10 -38.96 9.22
C PHE B 540 -37.02 -37.86 8.74
N ARG B 541 -37.67 -38.05 7.59
CA ARG B 541 -38.58 -37.06 7.05
C ARG B 541 -39.84 -36.90 7.91
N LYS B 542 -40.37 -38.03 8.40
CA LYS B 542 -41.58 -37.95 9.19
C LYS B 542 -41.35 -37.11 10.43
N GLY B 543 -40.22 -37.31 11.10
CA GLY B 543 -39.94 -36.56 12.31
C GLY B 543 -39.80 -35.06 12.09
N ILE B 544 -39.11 -34.68 11.02
CA ILE B 544 -38.91 -33.27 10.74
C ILE B 544 -40.22 -32.60 10.41
N ILE B 545 -41.03 -33.27 9.60
CA ILE B 545 -42.33 -32.75 9.21
C ILE B 545 -43.28 -32.69 10.39
N MET B 546 -43.24 -33.72 11.22
CA MET B 546 -44.12 -33.77 12.38
C MET B 546 -43.82 -32.60 13.29
N GLY B 547 -42.54 -32.34 13.53
CA GLY B 547 -42.19 -31.24 14.40
C GLY B 547 -42.66 -29.92 13.84
N LEU B 548 -42.51 -29.75 12.53
CA LEU B 548 -42.94 -28.51 11.91
C LEU B 548 -44.42 -28.34 12.17
N ASP B 549 -45.17 -29.43 12.16
CA ASP B 549 -46.59 -29.36 12.41
C ASP B 549 -46.85 -28.85 13.83
N ILE B 550 -46.11 -29.37 14.81
CA ILE B 550 -46.28 -28.97 16.20
C ILE B 550 -45.94 -27.50 16.40
N LEU B 551 -44.89 -27.05 15.73
CA LEU B 551 -44.47 -25.66 15.83
C LEU B 551 -45.49 -24.72 15.19
N ALA B 552 -46.06 -25.14 14.06
CA ALA B 552 -47.04 -24.34 13.35
C ALA B 552 -48.28 -24.05 14.20
N ASN B 553 -48.65 -24.99 15.06
CA ASN B 553 -49.79 -24.82 15.97
C ASN B 553 -49.29 -24.15 17.24
N MET B 554 -48.35 -23.23 17.08
CA MET B 554 -47.78 -22.49 18.20
C MET B 554 -47.75 -21.00 17.89
N THR B 555 -47.99 -20.65 16.62
CA THR B 555 -47.97 -19.25 16.24
C THR B 555 -49.13 -18.88 15.34
N ASN B 556 -49.37 -17.57 15.24
CA ASN B 556 -50.45 -17.02 14.42
C ASN B 556 -49.82 -16.00 13.45
N ASP B 557 -48.52 -16.09 13.28
CA ASP B 557 -47.80 -15.18 12.40
C ASP B 557 -47.72 -15.78 11.01
N ALA B 558 -48.31 -15.08 10.04
CA ALA B 558 -48.34 -15.56 8.65
C ALA B 558 -46.95 -15.76 8.09
N LYS B 559 -46.03 -14.85 8.43
CA LYS B 559 -44.67 -14.94 7.93
C LYS B 559 -44.03 -16.23 8.44
N VAL B 560 -44.18 -16.49 9.73
CA VAL B 560 -43.62 -17.68 10.34
C VAL B 560 -44.28 -18.96 9.85
N LEU B 561 -45.61 -18.96 9.84
CA LEU B 561 -46.34 -20.13 9.40
C LEU B 561 -46.00 -20.38 7.96
N GLN B 562 -45.83 -19.31 7.19
CA GLN B 562 -45.48 -19.48 5.80
C GLN B 562 -44.15 -20.24 5.71
N THR B 563 -43.19 -19.81 6.54
CA THR B 563 -41.87 -20.44 6.58
C THR B 563 -41.91 -21.86 7.15
N LEU B 564 -42.69 -22.05 8.21
CA LEU B 564 -42.83 -23.34 8.84
C LEU B 564 -43.42 -24.35 7.86
N ASN B 565 -44.38 -23.89 7.06
CA ASN B 565 -45.00 -24.75 6.08
C ASN B 565 -44.09 -25.10 4.89
N LEU B 566 -43.42 -24.10 4.34
CA LEU B 566 -42.58 -24.30 3.17
C LEU B 566 -41.46 -25.32 3.42
N TYR B 567 -40.91 -25.29 4.61
CA TYR B 567 -39.85 -26.20 5.02
C TYR B 567 -40.41 -27.62 5.03
N LYS B 568 -41.65 -27.74 5.48
CA LYS B 568 -42.34 -29.02 5.57
C LYS B 568 -42.46 -29.63 4.18
N GLN B 569 -42.80 -28.80 3.21
CA GLN B 569 -42.96 -29.25 1.85
C GLN B 569 -41.67 -29.82 1.27
N THR B 570 -40.53 -29.25 1.66
CA THR B 570 -39.24 -29.72 1.14
C THR B 570 -39.13 -31.19 1.47
N GLN B 571 -39.57 -31.54 2.67
CA GLN B 571 -39.51 -32.93 3.06
C GLN B 571 -40.46 -33.77 2.24
N ILE B 572 -41.67 -33.28 2.01
CA ILE B 572 -42.65 -34.03 1.25
C ILE B 572 -42.23 -34.27 -0.19
N ASN B 573 -41.67 -33.26 -0.84
CA ASN B 573 -41.20 -33.43 -2.21
C ASN B 573 -40.08 -34.47 -2.22
N LEU B 574 -39.26 -34.45 -1.18
CA LEU B 574 -38.14 -35.39 -1.03
C LEU B 574 -38.57 -36.84 -0.80
N MET B 575 -39.62 -37.00 -0.02
CA MET B 575 -40.14 -38.33 0.29
C MET B 575 -40.10 -39.24 -0.92
N ASP B 576 -40.37 -38.67 -2.09
CA ASP B 576 -40.36 -39.38 -3.36
C ASP B 576 -39.49 -38.55 -4.31
N SER B 577 -38.21 -38.86 -4.39
CA SER B 577 -37.29 -38.11 -5.23
C SER B 577 -36.54 -38.93 -6.28
N TYR B 578 -36.66 -38.54 -7.54
CA TYR B 578 -35.98 -39.26 -8.60
C TYR B 578 -34.64 -38.63 -8.88
N VAL B 579 -33.68 -39.44 -9.33
CA VAL B 579 -32.35 -38.95 -9.60
C VAL B 579 -31.93 -39.00 -11.05
N GLN B 580 -31.41 -37.89 -11.52
CA GLN B 580 -30.94 -37.77 -12.88
C GLN B 580 -29.55 -38.44 -12.88
N ILE B 581 -29.50 -39.77 -12.76
CA ILE B 581 -28.21 -40.45 -12.75
C ILE B 581 -27.67 -40.82 -14.13
N PRO B 582 -26.48 -40.32 -14.45
CA PRO B 582 -25.88 -40.64 -15.75
C PRO B 582 -25.50 -42.11 -15.81
N ASP B 583 -25.27 -42.59 -17.03
CA ASP B 583 -24.89 -43.97 -17.26
C ASP B 583 -24.24 -44.03 -18.63
N GLY B 584 -23.12 -43.33 -18.74
CA GLY B 584 -22.39 -43.28 -20.00
C GLY B 584 -22.51 -41.89 -20.55
N ASN B 585 -22.49 -41.77 -21.88
CA ASN B 585 -22.63 -40.47 -22.49
C ASN B 585 -24.13 -40.14 -22.51
N VAL B 586 -24.89 -41.00 -21.84
CA VAL B 586 -26.36 -40.87 -21.73
C VAL B 586 -26.75 -40.57 -20.28
N ILE B 587 -27.89 -39.91 -20.07
CA ILE B 587 -28.33 -39.58 -18.73
C ILE B 587 -29.56 -40.40 -18.36
N LYS B 588 -29.35 -41.51 -17.67
CA LYS B 588 -30.47 -42.35 -17.28
C LYS B 588 -31.36 -41.58 -16.32
N LYS B 589 -32.28 -42.28 -15.66
CA LYS B 589 -33.19 -41.63 -14.73
C LYS B 589 -33.87 -42.67 -13.88
N ILE B 590 -33.26 -43.02 -12.76
CA ILE B 590 -33.83 -44.01 -11.87
C ILE B 590 -34.46 -43.36 -10.64
N GLN B 591 -35.09 -44.18 -9.80
CA GLN B 591 -35.72 -43.68 -8.59
C GLN B 591 -34.67 -43.52 -7.50
N TYR B 592 -35.11 -43.32 -6.26
CA TYR B 592 -34.16 -43.14 -5.16
C TYR B 592 -34.88 -42.98 -3.83
N GLY B 593 -34.96 -44.06 -3.06
CA GLY B 593 -35.63 -44.00 -1.77
C GLY B 593 -34.73 -43.76 -0.58
N ALA B 594 -33.54 -43.24 -0.84
CA ALA B 594 -32.59 -42.95 0.24
C ALA B 594 -32.42 -41.46 0.39
N VAL B 595 -31.84 -41.04 1.51
CA VAL B 595 -31.59 -39.61 1.75
C VAL B 595 -30.15 -39.31 1.39
N ALA B 596 -29.93 -38.15 0.79
CA ALA B 596 -28.58 -37.73 0.44
C ALA B 596 -28.32 -36.30 0.96
N SER B 597 -27.11 -35.80 0.71
CA SER B 597 -26.78 -34.45 1.15
C SER B 597 -27.05 -33.45 0.04
N GLY B 598 -27.19 -32.18 0.40
CA GLY B 598 -27.45 -31.15 -0.59
C GLY B 598 -28.45 -30.12 -0.07
N GLU B 599 -29.00 -30.42 1.10
CA GLU B 599 -29.95 -29.52 1.72
C GLU B 599 -29.23 -28.76 2.82
N LYS B 600 -29.76 -27.61 3.19
CA LYS B 600 -29.16 -26.82 4.24
C LYS B 600 -29.14 -27.69 5.48
N GLN B 601 -30.31 -28.27 5.78
CA GLN B 601 -30.48 -29.10 6.97
C GLN B 601 -29.66 -30.36 7.01
N THR B 602 -29.00 -30.68 5.89
CA THR B 602 -28.19 -31.88 5.82
C THR B 602 -27.33 -32.09 7.07
N LYS B 603 -26.26 -31.31 7.20
CA LYS B 603 -25.33 -31.46 8.32
C LYS B 603 -26.01 -31.29 9.66
N ALA B 604 -26.88 -30.30 9.79
CA ALA B 604 -27.60 -30.10 11.04
C ALA B 604 -28.64 -31.18 11.34
N ALA B 605 -29.51 -31.46 10.37
CA ALA B 605 -30.58 -32.46 10.51
C ALA B 605 -30.02 -33.88 10.65
N ASN B 606 -28.90 -34.12 9.97
CA ASN B 606 -28.29 -35.43 10.00
C ASN B 606 -27.93 -35.73 11.46
N SER B 607 -27.35 -34.76 12.14
CA SER B 607 -26.94 -34.95 13.52
C SER B 607 -28.13 -35.23 14.40
N ILE B 608 -29.21 -34.53 14.15
CA ILE B 608 -30.41 -34.69 14.94
C ILE B 608 -30.84 -36.15 14.88
N ALA B 609 -30.78 -36.71 13.68
CA ALA B 609 -31.15 -38.09 13.45
C ALA B 609 -30.16 -39.07 14.11
N ASN B 610 -28.87 -38.80 13.92
CA ASN B 610 -27.86 -39.67 14.49
C ASN B 610 -27.95 -39.65 16.00
N LEU B 611 -28.22 -38.48 16.56
CA LEU B 611 -28.33 -38.39 18.01
C LEU B 611 -29.58 -39.15 18.41
N ALA B 612 -30.64 -38.98 17.63
CA ALA B 612 -31.92 -39.64 17.90
C ALA B 612 -31.74 -41.15 17.89
N LEU B 613 -30.89 -41.63 16.97
CA LEU B 613 -30.64 -43.06 16.84
C LEU B 613 -29.97 -43.68 18.04
N ILE B 614 -28.90 -43.06 18.51
CA ILE B 614 -28.18 -43.61 19.65
C ILE B 614 -29.05 -43.61 20.90
N LYS B 615 -29.86 -42.56 21.05
CA LYS B 615 -30.73 -42.46 22.21
C LYS B 615 -31.66 -43.64 22.22
N THR B 616 -32.13 -44.01 21.02
CA THR B 616 -33.05 -45.13 20.86
C THR B 616 -32.40 -46.46 21.18
N VAL B 617 -31.20 -46.66 20.67
CA VAL B 617 -30.51 -47.90 20.93
C VAL B 617 -30.10 -48.01 22.38
N LEU B 618 -29.59 -46.91 22.93
CA LEU B 618 -29.14 -46.92 24.31
C LEU B 618 -30.25 -47.22 25.29
N SER B 619 -31.43 -46.66 25.06
CA SER B 619 -32.55 -46.89 25.97
C SER B 619 -33.01 -48.35 25.93
N ARG B 620 -33.07 -48.92 24.73
CA ARG B 620 -33.50 -50.30 24.56
C ARG B 620 -32.57 -51.31 25.24
N ILE B 621 -31.27 -51.11 25.09
CA ILE B 621 -30.31 -52.02 25.72
C ILE B 621 -30.45 -51.97 27.22
N SER B 622 -30.89 -50.82 27.74
CA SER B 622 -31.02 -50.66 29.18
C SER B 622 -31.92 -51.73 29.76
N ASN B 623 -32.99 -52.07 29.05
CA ASN B 623 -33.90 -53.10 29.53
C ASN B 623 -33.16 -54.24 30.23
N LYS B 624 -31.98 -54.60 29.73
CA LYS B 624 -31.21 -55.68 30.35
C LYS B 624 -30.27 -55.20 31.46
N HIS B 625 -29.17 -54.56 31.07
CA HIS B 625 -28.20 -54.08 32.06
C HIS B 625 -28.46 -52.64 32.50
N SER B 626 -28.18 -52.38 33.78
CA SER B 626 -28.37 -51.06 34.34
C SER B 626 -27.03 -50.32 34.36
N PHE B 627 -27.03 -49.13 33.77
CA PHE B 627 -25.85 -48.29 33.70
C PHE B 627 -26.21 -46.87 34.10
N ALA B 628 -25.41 -45.92 33.64
CA ALA B 628 -25.62 -44.50 33.91
C ALA B 628 -25.00 -43.76 32.73
N THR B 629 -25.82 -43.04 31.98
CA THR B 629 -25.30 -42.31 30.84
C THR B 629 -24.52 -41.07 31.28
N LYS B 630 -23.20 -41.18 31.28
CA LYS B 630 -22.37 -40.06 31.69
C LYS B 630 -22.29 -39.02 30.59
N ILE B 631 -22.04 -39.45 29.35
CA ILE B 631 -21.99 -38.50 28.24
C ILE B 631 -22.51 -39.18 26.97
N ILE B 632 -23.15 -38.39 26.12
CA ILE B 632 -23.67 -38.85 24.84
C ILE B 632 -23.26 -37.79 23.85
N ARG B 633 -22.82 -38.20 22.68
CA ARG B 633 -22.37 -37.24 21.66
C ARG B 633 -22.59 -37.71 20.23
N VAL B 634 -22.63 -36.74 19.32
CA VAL B 634 -22.78 -36.99 17.90
C VAL B 634 -21.65 -36.25 17.18
N ASP B 635 -21.34 -36.67 15.97
CA ASP B 635 -20.30 -36.02 15.18
C ASP B 635 -20.31 -36.54 13.75
N GLY B 636 -21.26 -36.09 12.97
CA GLY B 636 -21.35 -36.52 11.59
C GLY B 636 -21.73 -37.98 11.44
N ASP B 637 -20.75 -38.80 11.05
CA ASP B 637 -20.99 -40.21 10.86
C ASP B 637 -20.57 -41.08 12.03
N ASP B 638 -20.56 -40.50 13.23
CA ASP B 638 -20.17 -41.24 14.42
C ASP B 638 -20.91 -40.67 15.63
N ASN B 639 -21.33 -41.56 16.54
CA ASN B 639 -22.03 -41.16 17.74
C ASN B 639 -21.53 -42.06 18.84
N TYR B 640 -21.25 -41.49 20.01
CA TYR B 640 -20.73 -42.31 21.11
C TYR B 640 -21.34 -41.99 22.47
N ALA B 641 -20.95 -42.75 23.48
CA ALA B 641 -21.45 -42.55 24.84
C ALA B 641 -20.68 -43.33 25.89
N VAL B 642 -20.39 -42.70 27.03
CA VAL B 642 -19.69 -43.38 28.10
C VAL B 642 -20.76 -43.70 29.14
N LEU B 643 -20.97 -44.98 29.42
CA LEU B 643 -21.97 -45.39 30.39
C LEU B 643 -21.29 -46.03 31.58
N GLN B 644 -21.75 -45.71 32.79
CA GLN B 644 -21.14 -46.24 34.00
C GLN B 644 -21.96 -47.39 34.57
N PHE B 645 -21.25 -48.37 35.16
CA PHE B 645 -21.88 -49.55 35.73
C PHE B 645 -21.70 -49.69 37.24
N ASN B 646 -22.77 -50.11 37.91
CA ASN B 646 -22.73 -50.25 39.37
C ASN B 646 -21.76 -51.31 39.88
N THR B 647 -20.86 -51.76 39.01
CA THR B 647 -19.87 -52.77 39.37
C THR B 647 -18.70 -52.75 38.40
N GLU B 648 -17.64 -53.50 38.70
CA GLU B 648 -16.47 -53.53 37.85
C GLU B 648 -16.78 -54.19 36.51
N VAL B 649 -16.22 -53.64 35.44
CA VAL B 649 -16.44 -54.15 34.10
C VAL B 649 -15.64 -55.42 33.82
N THR B 650 -16.33 -56.47 33.39
CA THR B 650 -15.71 -57.74 33.07
C THR B 650 -15.74 -57.94 31.57
N LYS B 651 -14.85 -58.80 31.06
CA LYS B 651 -14.80 -59.03 29.63
C LYS B 651 -16.17 -59.49 29.18
N GLN B 652 -16.80 -60.32 30.00
CA GLN B 652 -18.11 -60.86 29.68
C GLN B 652 -19.12 -59.73 29.51
N MET B 653 -19.03 -58.74 30.38
CA MET B 653 -19.96 -57.63 30.33
C MET B 653 -19.85 -56.86 29.04
N ILE B 654 -18.62 -56.59 28.60
CA ILE B 654 -18.43 -55.83 27.37
C ILE B 654 -18.95 -56.64 26.19
N GLN B 655 -18.70 -57.94 26.22
CA GLN B 655 -19.15 -58.80 25.15
C GLN B 655 -20.66 -58.81 25.09
N ASP B 656 -21.33 -58.85 26.25
CA ASP B 656 -22.79 -58.85 26.28
C ASP B 656 -23.43 -57.56 25.78
N VAL B 657 -22.91 -56.44 26.26
CA VAL B 657 -23.44 -55.16 25.87
C VAL B 657 -23.24 -54.91 24.39
N SER B 658 -22.06 -55.26 23.88
CA SER B 658 -21.80 -55.05 22.47
C SER B 658 -22.79 -55.82 21.62
N ASN B 659 -23.04 -57.06 22.02
CA ASN B 659 -23.97 -57.93 21.30
C ASN B 659 -25.36 -57.35 21.32
N ASP B 660 -25.79 -56.92 22.50
CA ASP B 660 -27.10 -56.35 22.68
C ASP B 660 -27.23 -55.08 21.86
N VAL B 661 -26.13 -54.33 21.77
CA VAL B 661 -26.13 -53.11 20.99
C VAL B 661 -26.23 -53.39 19.50
N ARG B 662 -25.40 -54.32 19.02
CA ARG B 662 -25.37 -54.66 17.60
C ARG B 662 -26.69 -55.27 17.13
N GLU B 663 -27.26 -56.13 17.96
CA GLU B 663 -28.51 -56.76 17.60
C GLU B 663 -29.56 -55.66 17.52
N THR B 664 -29.52 -54.72 18.46
CA THR B 664 -30.49 -53.63 18.46
C THR B 664 -30.37 -52.83 17.16
N TYR B 665 -29.14 -52.52 16.76
CA TYR B 665 -28.90 -51.78 15.54
C TYR B 665 -29.42 -52.61 14.38
N ALA B 666 -29.25 -53.92 14.52
CA ALA B 666 -29.69 -54.86 13.51
C ALA B 666 -31.19 -54.86 13.38
N ARG B 667 -31.89 -54.85 14.51
CA ARG B 667 -33.34 -54.91 14.46
C ARG B 667 -33.88 -53.77 13.63
N MET B 668 -33.27 -52.59 13.77
CA MET B 668 -33.72 -51.43 13.01
C MET B 668 -33.19 -51.50 11.58
N ASN B 669 -32.71 -52.66 11.19
CA ASN B 669 -32.18 -52.86 9.85
C ASN B 669 -31.31 -51.69 9.42
N ALA B 670 -30.16 -51.59 10.06
CA ALA B 670 -29.22 -50.51 9.77
C ALA B 670 -27.79 -51.05 9.81
N LYS B 671 -27.04 -50.78 8.74
CA LYS B 671 -25.65 -51.23 8.65
C LYS B 671 -24.80 -50.27 9.49
N VAL B 672 -24.16 -50.81 10.52
CA VAL B 672 -23.33 -49.99 11.40
C VAL B 672 -22.18 -50.75 12.04
N LYS B 673 -21.18 -49.98 12.45
CA LYS B 673 -19.98 -50.49 13.10
C LYS B 673 -20.07 -50.19 14.60
N ALA B 674 -20.87 -50.96 15.32
CA ALA B 674 -21.02 -50.72 16.73
C ALA B 674 -19.97 -51.46 17.52
N LEU B 675 -18.96 -50.74 18.01
CA LEU B 675 -17.90 -51.33 18.83
C LEU B 675 -18.06 -50.85 20.26
N VAL B 676 -17.25 -51.37 21.18
CA VAL B 676 -17.33 -51.00 22.59
C VAL B 676 -15.99 -51.21 23.28
N SER B 677 -15.53 -50.23 24.04
CA SER B 677 -14.26 -50.37 24.75
C SER B 677 -14.34 -49.77 26.16
N THR B 678 -13.18 -49.64 26.79
CA THR B 678 -13.13 -49.06 28.13
C THR B 678 -12.04 -48.00 28.21
N VAL B 679 -11.28 -47.81 27.15
CA VAL B 679 -10.21 -46.83 27.19
C VAL B 679 -10.02 -46.01 25.92
N GLY B 680 -10.52 -46.51 24.80
CA GLY B 680 -10.35 -45.77 23.58
C GLY B 680 -11.51 -45.79 22.63
N ILE B 681 -11.51 -44.83 21.70
CA ILE B 681 -12.52 -44.75 20.67
C ILE B 681 -11.94 -44.21 19.38
N GLU B 682 -12.54 -44.63 18.28
CA GLU B 682 -12.14 -44.21 16.95
C GLU B 682 -13.37 -43.70 16.24
N ILE B 683 -13.20 -42.68 15.42
CA ILE B 683 -14.28 -42.16 14.64
C ILE B 683 -13.63 -41.50 13.46
N ALA B 684 -14.45 -41.03 12.54
CA ALA B 684 -13.96 -40.42 11.32
C ALA B 684 -13.03 -39.22 11.48
N LYS B 685 -13.26 -38.41 12.51
CA LYS B 685 -12.43 -37.23 12.71
C LYS B 685 -11.23 -37.40 13.65
N ARG B 686 -11.37 -38.23 14.66
CA ARG B 686 -10.28 -38.39 15.62
C ARG B 686 -10.27 -39.73 16.35
N TYR B 687 -9.11 -40.29 16.61
CA TYR B 687 -9.10 -41.54 17.36
C TYR B 687 -8.28 -41.41 18.62
N ILE B 688 -8.86 -41.86 19.73
CA ILE B 688 -8.18 -41.76 21.02
C ILE B 688 -7.61 -43.07 21.49
N ALA B 689 -6.40 -43.37 21.05
CA ALA B 689 -5.75 -44.60 21.44
C ALA B 689 -4.73 -44.39 22.56
N GLY B 690 -4.93 -45.07 23.67
CA GLY B 690 -4.00 -44.95 24.77
C GLY B 690 -4.20 -43.73 25.64
N GLY B 691 -5.40 -43.16 25.61
CA GLY B 691 -5.67 -41.99 26.42
C GLY B 691 -5.09 -40.75 25.76
N LYS B 692 -4.41 -40.93 24.64
CA LYS B 692 -3.84 -39.82 23.90
C LYS B 692 -4.67 -39.54 22.66
N ILE B 693 -4.80 -38.26 22.27
CA ILE B 693 -5.60 -37.90 21.11
C ILE B 693 -4.81 -37.98 19.82
N PHE B 694 -5.36 -38.68 18.84
CA PHE B 694 -4.72 -38.83 17.53
C PHE B 694 -5.62 -38.35 16.38
N PHE B 695 -5.00 -37.90 15.29
CA PHE B 695 -5.74 -37.40 14.13
C PHE B 695 -5.16 -38.07 12.90
N ARG B 696 -5.99 -38.43 11.92
CA ARG B 696 -5.42 -39.08 10.75
C ARG B 696 -4.65 -38.04 9.97
N ALA B 697 -3.66 -38.49 9.20
CA ALA B 697 -2.83 -37.58 8.44
C ALA B 697 -2.70 -37.91 6.96
N GLY B 698 -3.81 -38.35 6.36
CA GLY B 698 -3.74 -38.73 4.96
C GLY B 698 -4.40 -37.86 3.91
N ILE B 699 -3.84 -36.68 3.66
CA ILE B 699 -4.39 -35.79 2.66
C ILE B 699 -3.56 -35.90 1.39
N ASN B 700 -4.09 -36.60 0.40
CA ASN B 700 -3.39 -36.78 -0.86
C ASN B 700 -2.87 -35.43 -1.33
N LEU B 701 -1.59 -35.40 -1.65
CA LEU B 701 -0.94 -34.17 -2.07
C LEU B 701 -0.79 -34.00 -3.59
N LEU B 702 -0.53 -35.11 -4.27
CA LEU B 702 -0.32 -35.10 -5.70
C LEU B 702 -1.47 -35.63 -6.54
N ASN B 703 -2.66 -35.71 -5.94
CA ASN B 703 -3.87 -36.17 -6.60
C ASN B 703 -5.07 -35.51 -5.92
N ASN B 704 -5.67 -34.50 -6.54
CA ASN B 704 -6.82 -33.83 -5.92
C ASN B 704 -8.13 -34.58 -6.17
N GLU B 705 -9.13 -34.32 -5.33
CA GLU B 705 -10.43 -34.96 -5.46
C GLU B 705 -11.20 -34.52 -6.70
N LYS B 706 -11.40 -33.21 -6.84
CA LYS B 706 -12.12 -32.69 -7.99
C LYS B 706 -11.43 -31.45 -8.53
N ARG B 707 -11.67 -31.16 -9.80
CA ARG B 707 -11.08 -30.00 -10.45
C ARG B 707 -11.91 -28.77 -10.19
N GLY B 708 -11.51 -28.01 -9.18
CA GLY B 708 -12.24 -26.79 -8.84
C GLY B 708 -11.94 -25.66 -9.80
N GLN B 709 -11.89 -24.43 -9.27
CA GLN B 709 -11.62 -23.25 -10.08
C GLN B 709 -10.37 -22.50 -9.62
N SER B 710 -9.57 -23.13 -8.77
CA SER B 710 -8.34 -22.55 -8.25
C SER B 710 -7.35 -22.39 -9.40
N THR B 711 -6.27 -21.66 -9.16
CA THR B 711 -5.27 -21.46 -10.19
C THR B 711 -4.02 -22.24 -9.86
N GLN B 712 -3.05 -22.23 -10.77
CA GLN B 712 -1.83 -22.98 -10.54
C GLN B 712 -1.14 -22.44 -9.29
N TRP B 713 -1.12 -21.10 -9.12
CA TRP B 713 -0.45 -20.50 -7.96
C TRP B 713 -1.13 -20.85 -6.68
N ASP B 714 -2.44 -20.72 -6.69
CA ASP B 714 -3.25 -21.03 -5.53
C ASP B 714 -3.17 -22.53 -5.27
N GLN B 715 -3.01 -23.29 -6.33
CA GLN B 715 -2.92 -24.74 -6.23
C GLN B 715 -1.69 -25.07 -5.39
N ALA B 716 -0.62 -24.32 -5.59
CA ALA B 716 0.60 -24.54 -4.83
C ALA B 716 0.46 -24.13 -3.37
N ALA B 717 -0.11 -22.96 -3.13
CA ALA B 717 -0.29 -22.46 -1.76
C ALA B 717 -1.19 -23.45 -1.01
N ILE B 718 -2.11 -24.06 -1.76
CA ILE B 718 -3.01 -25.07 -1.21
C ILE B 718 -2.21 -26.32 -0.91
N LEU B 719 -1.29 -26.67 -1.80
CA LEU B 719 -0.47 -27.88 -1.63
C LEU B 719 0.41 -27.72 -0.39
N TYR B 720 1.02 -26.55 -0.23
CA TYR B 720 1.83 -26.28 0.94
C TYR B 720 0.95 -26.33 2.19
N SER B 721 -0.28 -25.85 2.08
CA SER B 721 -1.14 -25.89 3.24
C SER B 721 -1.32 -27.34 3.64
N ASN B 722 -1.61 -28.17 2.64
CA ASN B 722 -1.86 -29.58 2.88
C ASN B 722 -0.68 -30.28 3.50
N TYR B 723 0.50 -29.92 3.04
CA TYR B 723 1.74 -30.49 3.54
C TYR B 723 1.92 -30.20 5.03
N ILE B 724 1.69 -28.96 5.44
CA ILE B 724 1.83 -28.57 6.84
C ILE B 724 0.82 -29.30 7.71
N VAL B 725 -0.42 -29.46 7.23
CA VAL B 725 -1.38 -30.13 8.07
C VAL B 725 -0.94 -31.56 8.32
N ASN B 726 -0.39 -32.18 7.27
CA ASN B 726 0.06 -33.56 7.39
C ASN B 726 1.22 -33.69 8.31
N ARG B 727 2.17 -32.78 8.18
CA ARG B 727 3.33 -32.85 9.03
C ARG B 727 2.83 -32.76 10.47
N LEU B 728 1.95 -31.81 10.73
CA LEU B 728 1.45 -31.63 12.07
C LEU B 728 0.72 -32.87 12.56
N ARG B 729 -0.04 -33.54 11.69
CA ARG B 729 -0.79 -34.71 12.11
C ARG B 729 0.01 -36.01 12.20
N GLY B 730 1.02 -36.15 11.34
CA GLY B 730 1.84 -37.35 11.35
C GLY B 730 2.65 -37.53 10.07
N PHE B 731 1.96 -37.86 8.98
CA PHE B 731 2.57 -38.05 7.68
C PHE B 731 3.44 -36.84 7.37
N GLU B 732 4.61 -37.04 6.76
CA GLU B 732 5.49 -35.93 6.42
C GLU B 732 6.21 -36.07 5.08
N THR B 733 5.74 -35.35 4.07
CA THR B 733 6.39 -35.40 2.76
C THR B 733 7.62 -34.50 2.87
N ASP B 734 8.78 -35.00 2.44
CA ASP B 734 10.03 -34.25 2.48
C ASP B 734 9.85 -32.83 1.96
N ARG B 735 10.19 -31.84 2.79
CA ARG B 735 10.04 -30.41 2.47
C ARG B 735 10.77 -29.98 1.20
N GLU B 736 11.88 -30.63 0.89
CA GLU B 736 12.60 -30.30 -0.32
C GLU B 736 11.74 -30.60 -1.54
N PHE B 737 10.97 -31.68 -1.47
CA PHE B 737 10.10 -32.06 -2.58
C PHE B 737 9.03 -31.01 -2.77
N ILE B 738 8.47 -30.55 -1.66
CA ILE B 738 7.44 -29.53 -1.71
C ILE B 738 8.02 -28.24 -2.29
N LEU B 739 9.24 -27.92 -1.94
CA LEU B 739 9.84 -26.72 -2.48
C LEU B 739 9.91 -26.86 -3.98
N THR B 740 10.24 -28.06 -4.43
CA THR B 740 10.39 -28.33 -5.85
C THR B 740 9.07 -28.13 -6.57
N LYS B 741 7.99 -28.58 -5.97
CA LYS B 741 6.67 -28.44 -6.59
C LYS B 741 6.26 -26.98 -6.74
N ILE B 742 6.54 -26.22 -5.69
CA ILE B 742 6.24 -24.80 -5.67
C ILE B 742 7.06 -24.10 -6.75
N MET B 743 8.27 -24.59 -6.97
CA MET B 743 9.13 -24.04 -8.00
C MET B 743 8.51 -24.31 -9.37
N GLN B 744 7.99 -25.52 -9.55
CA GLN B 744 7.34 -25.87 -10.81
C GLN B 744 6.00 -25.18 -10.99
N MET B 745 5.18 -25.21 -9.94
CA MET B 745 3.84 -24.62 -9.96
C MET B 745 3.71 -23.08 -10.05
N THR B 746 4.68 -22.35 -9.49
CA THR B 746 4.67 -20.89 -9.51
C THR B 746 5.25 -20.29 -10.77
N SER B 747 6.32 -20.87 -11.29
CA SER B 747 6.93 -20.34 -12.49
C SER B 747 5.93 -20.07 -13.61
N VAL B 748 6.22 -19.04 -14.39
CA VAL B 748 5.37 -18.65 -15.52
C VAL B 748 6.24 -18.25 -16.70
N ALA B 749 5.82 -18.65 -17.90
CA ALA B 749 6.58 -18.36 -19.13
C ALA B 749 6.13 -17.11 -19.84
N ILE B 750 7.08 -16.29 -20.26
CA ILE B 750 6.75 -15.06 -20.98
C ILE B 750 6.92 -15.33 -22.48
N THR B 751 7.77 -16.30 -22.83
CA THR B 751 8.00 -16.71 -24.22
C THR B 751 7.93 -18.22 -24.27
N GLY B 752 8.18 -18.78 -25.44
CA GLY B 752 8.13 -20.22 -25.57
C GLY B 752 9.40 -20.89 -25.10
N SER B 753 10.42 -20.08 -24.82
CA SER B 753 11.69 -20.61 -24.37
C SER B 753 12.24 -19.79 -23.21
N LEU B 754 11.33 -19.21 -22.43
CA LEU B 754 11.73 -18.40 -21.29
C LEU B 754 10.70 -18.41 -20.17
N ARG B 755 11.04 -19.11 -19.10
CA ARG B 755 10.19 -19.18 -17.93
C ARG B 755 10.73 -18.22 -16.87
N LEU B 756 9.86 -17.73 -15.99
CA LEU B 756 10.24 -16.80 -14.93
C LEU B 756 9.92 -17.35 -13.55
N PHE B 757 10.91 -17.91 -12.88
CA PHE B 757 10.70 -18.49 -11.56
C PHE B 757 10.76 -17.43 -10.48
N PRO B 758 9.64 -17.17 -9.81
CA PRO B 758 9.56 -16.18 -8.74
C PRO B 758 10.48 -16.55 -7.59
N SER B 759 11.04 -15.54 -6.93
CA SER B 759 11.97 -15.73 -5.83
C SER B 759 11.29 -16.09 -4.52
N GLU B 760 12.11 -16.42 -3.52
CA GLU B 760 11.62 -16.79 -2.20
C GLU B 760 10.97 -15.58 -1.51
N ARG B 761 11.56 -14.40 -1.69
CA ARG B 761 11.00 -13.19 -1.10
C ARG B 761 9.63 -12.93 -1.73
N VAL B 762 9.51 -13.10 -3.03
CA VAL B 762 8.22 -12.86 -3.66
C VAL B 762 7.21 -13.88 -3.15
N LEU B 763 7.63 -15.12 -3.06
CA LEU B 763 6.78 -16.22 -2.62
C LEU B 763 6.33 -16.30 -1.15
N THR B 764 7.20 -15.91 -0.22
CA THR B 764 6.85 -15.99 1.18
C THR B 764 6.46 -14.68 1.86
N THR B 765 6.73 -13.56 1.23
CA THR B 765 6.38 -12.28 1.82
C THR B 765 4.88 -12.23 1.98
N ASN B 766 4.42 -11.90 3.18
CA ASN B 766 2.99 -11.83 3.46
C ASN B 766 2.20 -10.94 2.51
N SER B 767 1.52 -11.55 1.55
CA SER B 767 0.71 -10.83 0.56
C SER B 767 -0.40 -11.71 -0.02
N THR B 768 -1.06 -11.23 -1.06
CA THR B 768 -2.15 -11.95 -1.70
C THR B 768 -1.65 -13.00 -2.65
N PHE B 769 -0.34 -13.15 -2.71
CA PHE B 769 0.30 -14.14 -3.56
C PHE B 769 1.21 -15.04 -2.72
N LYS B 770 1.19 -14.85 -1.41
CA LYS B 770 2.04 -15.64 -0.52
C LYS B 770 1.67 -17.10 -0.59
N VAL B 771 2.64 -17.94 -0.94
CA VAL B 771 2.41 -19.37 -1.05
C VAL B 771 2.80 -20.21 0.18
N PHE B 772 3.94 -19.89 0.81
CA PHE B 772 4.38 -20.64 1.99
C PHE B 772 5.18 -19.77 2.96
N ASP B 773 5.97 -20.41 3.82
CA ASP B 773 6.81 -19.73 4.81
C ASP B 773 8.25 -20.21 4.64
N SER B 774 9.22 -19.39 5.00
CA SER B 774 10.61 -19.78 4.84
C SER B 774 11.06 -20.71 5.98
N GLU B 775 10.12 -20.99 6.88
CA GLU B 775 10.34 -21.88 8.02
C GLU B 775 8.99 -22.33 8.49
N ASP B 776 8.59 -23.54 8.11
CA ASP B 776 7.30 -24.08 8.50
C ASP B 776 6.91 -23.73 9.93
N PHE B 777 5.63 -23.43 10.11
CA PHE B 777 5.07 -23.10 11.42
C PHE B 777 5.38 -21.70 11.92
N ILE B 778 6.18 -20.97 11.15
CA ILE B 778 6.56 -19.62 11.53
C ILE B 778 6.21 -18.61 10.46
N ILE B 779 5.44 -17.59 10.83
CA ILE B 779 5.06 -16.54 9.87
C ILE B 779 5.87 -15.26 10.08
N GLU B 780 6.51 -14.75 9.03
CA GLU B 780 7.31 -13.52 9.15
C GLU B 780 6.51 -12.32 8.65
N TYR B 781 7.06 -11.14 8.94
CA TYR B 781 6.47 -9.87 8.56
C TYR B 781 7.58 -8.88 8.19
N GLY B 782 7.35 -8.13 7.13
CA GLY B 782 8.34 -7.17 6.66
C GLY B 782 9.04 -6.43 7.79
N THR B 783 10.32 -6.68 7.95
CA THR B 783 11.08 -5.99 8.99
C THR B 783 12.10 -5.11 8.30
N THR B 784 12.58 -5.55 7.14
CA THR B 784 13.56 -4.77 6.40
C THR B 784 12.82 -3.82 5.48
N VAL B 785 13.55 -2.82 5.01
CA VAL B 785 13.01 -1.81 4.11
C VAL B 785 12.57 -2.46 2.79
N ASP B 786 13.37 -3.42 2.31
CA ASP B 786 13.05 -4.10 1.07
C ASP B 786 11.74 -4.85 1.17
N GLU B 787 11.53 -5.56 2.27
CA GLU B 787 10.30 -6.33 2.40
C GLU B 787 9.09 -5.41 2.35
N VAL B 788 9.17 -4.31 3.07
CA VAL B 788 8.07 -3.35 3.07
C VAL B 788 7.96 -2.67 1.71
N TYR B 789 9.11 -2.36 1.12
CA TYR B 789 9.13 -1.67 -0.18
C TYR B 789 8.37 -2.56 -1.16
N ILE B 790 8.70 -3.84 -1.16
CA ILE B 790 8.04 -4.81 -2.02
C ILE B 790 6.63 -5.08 -1.55
N GLN B 791 6.44 -5.05 -0.24
CA GLN B 791 5.14 -5.33 0.36
C GLN B 791 4.07 -4.34 -0.11
N ARG B 792 4.41 -3.05 -0.10
CA ARG B 792 3.47 -2.00 -0.54
C ARG B 792 3.27 -2.12 -2.04
N ALA B 793 4.33 -2.49 -2.74
CA ALA B 793 4.30 -2.66 -4.19
C ALA B 793 3.37 -3.79 -4.65
N PHE B 794 3.37 -4.90 -3.93
CA PHE B 794 2.52 -6.02 -4.31
C PHE B 794 1.03 -5.73 -4.17
N MET B 795 0.65 -5.03 -3.12
CA MET B 795 -0.75 -4.74 -2.89
C MET B 795 -1.34 -4.06 -4.10
N SER B 796 -0.55 -3.21 -4.75
CA SER B 796 -1.01 -2.49 -5.94
C SER B 796 -1.81 -3.37 -6.88
N LEU B 797 -1.11 -4.24 -7.62
CA LEU B 797 -1.79 -5.14 -8.55
C LEU B 797 -2.44 -6.34 -7.87
N SER B 798 -3.12 -6.10 -6.74
CA SER B 798 -3.77 -7.16 -5.99
C SER B 798 -5.16 -7.47 -6.55
N SER B 799 -5.95 -6.44 -6.75
CA SER B 799 -7.29 -6.60 -7.29
C SER B 799 -7.41 -5.87 -8.62
N GLN B 800 -7.40 -6.64 -9.70
CA GLN B 800 -7.51 -6.11 -11.05
C GLN B 800 -8.90 -6.36 -11.61
N LYS B 801 -9.61 -5.28 -11.90
CA LYS B 801 -10.97 -5.34 -12.43
C LYS B 801 -11.18 -6.45 -13.48
N SER B 802 -12.42 -6.91 -13.59
CA SER B 802 -12.78 -7.92 -14.57
C SER B 802 -13.76 -7.32 -15.58
N GLY B 803 -13.40 -7.35 -16.85
CA GLY B 803 -14.24 -6.80 -17.89
C GLY B 803 -15.51 -7.61 -18.08
N ILE B 804 -16.07 -8.08 -16.97
CA ILE B 804 -17.29 -8.87 -16.98
C ILE B 804 -18.02 -8.64 -15.66
N ALA B 805 -17.26 -8.64 -14.57
CA ALA B 805 -17.81 -8.44 -13.22
C ALA B 805 -18.38 -7.04 -12.99
N ASP B 806 -18.11 -6.13 -13.92
CA ASP B 806 -18.61 -4.76 -13.80
C ASP B 806 -19.86 -4.57 -14.66
N GLU B 807 -19.79 -5.08 -15.89
CA GLU B 807 -20.91 -4.99 -16.82
C GLU B 807 -22.13 -5.71 -16.27
N ILE B 808 -21.87 -6.77 -15.50
CA ILE B 808 -22.94 -7.56 -14.91
C ILE B 808 -23.73 -6.74 -13.89
N ALA B 809 -23.06 -5.79 -13.26
CA ALA B 809 -23.70 -4.91 -12.29
C ALA B 809 -24.29 -3.73 -13.03
N ALA B 810 -24.09 -3.71 -14.35
CA ALA B 810 -24.58 -2.63 -15.21
C ALA B 810 -25.97 -2.91 -15.78
N SER B 811 -26.37 -4.18 -15.78
CA SER B 811 -27.68 -4.57 -16.30
C SER B 811 -28.76 -4.29 -15.27
N SER B 812 -30.00 -4.16 -15.73
CA SER B 812 -31.14 -3.90 -14.86
C SER B 812 -31.30 -5.02 -13.85
N THR B 813 -30.86 -6.21 -14.22
CA THR B 813 -30.95 -7.39 -13.39
C THR B 813 -30.24 -7.21 -12.06
N PHE B 814 -28.96 -6.86 -12.13
CA PHE B 814 -28.16 -6.65 -10.93
C PHE B 814 -28.73 -5.51 -10.09
N LYS B 815 -29.05 -4.40 -10.75
CA LYS B 815 -29.59 -3.23 -10.06
C LYS B 815 -30.93 -3.54 -9.38
N ASN B 816 -31.80 -4.28 -10.07
CA ASN B 816 -33.10 -4.65 -9.53
C ASN B 816 -32.98 -5.61 -8.35
N TYR B 817 -32.06 -6.56 -8.49
CA TYR B 817 -31.83 -7.56 -7.46
C TYR B 817 -31.29 -6.93 -6.17
N VAL B 818 -30.34 -6.03 -6.31
CA VAL B 818 -29.74 -5.35 -5.18
C VAL B 818 -30.77 -4.43 -4.51
N THR B 819 -31.46 -3.66 -5.34
CA THR B 819 -32.46 -2.73 -4.85
C THR B 819 -33.61 -3.51 -4.24
N ARG B 820 -34.00 -4.59 -4.91
CA ARG B 820 -35.12 -5.37 -4.43
C ARG B 820 -34.78 -5.94 -3.05
N LEU B 821 -33.56 -6.42 -2.87
CA LEU B 821 -33.16 -6.95 -1.58
C LEU B 821 -33.10 -5.85 -0.54
N SER B 822 -32.53 -4.71 -0.92
CA SER B 822 -32.40 -3.58 -0.01
C SER B 822 -33.73 -2.94 0.38
N GLU B 823 -34.62 -2.73 -0.60
CA GLU B 823 -35.92 -2.10 -0.33
C GLU B 823 -36.65 -2.72 0.86
N GLN B 824 -36.33 -3.98 1.17
CA GLN B 824 -36.96 -4.67 2.30
C GLN B 824 -35.94 -4.84 3.43
N LEU B 825 -34.86 -4.07 3.35
CA LEU B 825 -33.81 -4.13 4.35
C LEU B 825 -33.43 -2.75 4.87
N LEU B 826 -33.71 -1.71 4.09
CA LEU B 826 -33.35 -0.35 4.47
C LEU B 826 -34.50 0.64 4.66
N PHE B 827 -34.19 1.77 5.28
CA PHE B 827 -35.15 2.84 5.55
C PHE B 827 -34.51 4.20 5.26
N SER B 828 -33.37 4.46 5.90
CA SER B 828 -32.63 5.72 5.72
C SER B 828 -31.67 5.59 4.55
N LYS B 829 -30.48 6.20 4.68
CA LYS B 829 -29.49 6.13 3.61
C LYS B 829 -28.40 5.09 3.93
N ASN B 830 -28.79 3.84 3.71
CA ASN B 830 -28.01 2.62 3.91
C ASN B 830 -26.73 2.32 3.13
N ASN B 831 -26.44 3.12 2.11
CA ASN B 831 -25.31 2.85 1.19
C ASN B 831 -24.05 2.22 1.78
N ILE B 832 -23.72 2.46 3.04
CA ILE B 832 -22.55 1.78 3.59
C ILE B 832 -22.84 0.28 3.44
N VAL B 833 -24.08 -0.10 3.79
CA VAL B 833 -24.56 -1.47 3.67
C VAL B 833 -24.75 -1.84 2.21
N SER B 834 -25.26 -0.88 1.45
CA SER B 834 -25.53 -1.08 0.02
C SER B 834 -24.25 -1.32 -0.80
N ARG B 835 -23.20 -0.58 -0.51
CA ARG B 835 -21.95 -0.72 -1.24
C ARG B 835 -21.35 -2.11 -1.04
N GLY B 836 -21.48 -2.63 0.18
CA GLY B 836 -20.95 -3.95 0.50
C GLY B 836 -21.65 -5.12 -0.16
N ILE B 837 -22.97 -5.03 -0.28
CA ILE B 837 -23.74 -6.10 -0.90
C ILE B 837 -23.32 -6.32 -2.34
N ALA B 838 -23.08 -5.22 -3.07
CA ALA B 838 -22.70 -5.31 -4.47
C ALA B 838 -21.38 -6.04 -4.64
N LEU B 839 -20.40 -5.67 -3.81
CA LEU B 839 -19.09 -6.30 -3.87
C LEU B 839 -19.17 -7.73 -3.36
N THR B 840 -20.17 -7.99 -2.53
CA THR B 840 -20.38 -9.33 -1.97
C THR B 840 -20.57 -10.30 -3.13
N GLU B 841 -21.19 -9.79 -4.20
CA GLU B 841 -21.46 -10.60 -5.39
C GLU B 841 -20.28 -10.49 -6.36
N LYS B 842 -19.73 -9.27 -6.47
CA LYS B 842 -18.60 -9.02 -7.35
C LYS B 842 -17.34 -9.74 -6.88
N ALA B 843 -17.44 -10.40 -5.72
CA ALA B 843 -16.30 -11.12 -5.15
C ALA B 843 -16.39 -12.61 -5.46
N LYS B 844 -17.59 -13.09 -5.77
CA LYS B 844 -17.81 -14.49 -6.09
C LYS B 844 -18.01 -14.66 -7.59
N LEU B 845 -18.60 -13.63 -8.21
CA LEU B 845 -18.88 -13.62 -9.64
C LEU B 845 -17.72 -14.14 -10.51
N ASN B 846 -16.49 -13.85 -10.10
CA ASN B 846 -15.30 -14.28 -10.81
C ASN B 846 -15.32 -15.79 -11.06
N SER B 847 -15.94 -16.53 -10.15
CA SER B 847 -16.04 -17.97 -10.25
C SER B 847 -16.32 -18.35 -11.70
N TYR B 848 -17.36 -17.75 -12.27
CA TYR B 848 -17.75 -18.00 -13.65
C TYR B 848 -16.49 -17.97 -14.51
N ALA B 849 -16.14 -19.12 -15.08
CA ALA B 849 -14.95 -19.30 -15.92
C ALA B 849 -14.52 -18.06 -16.70
N PRO B 850 -15.39 -17.51 -17.55
CA PRO B 850 -15.04 -16.33 -18.33
C PRO B 850 -14.49 -15.16 -17.50
N ILE B 851 -14.76 -15.18 -16.20
CA ILE B 851 -14.30 -14.12 -15.30
C ILE B 851 -13.04 -14.55 -14.51
N SER B 852 -13.04 -15.78 -13.99
CA SER B 852 -11.89 -16.29 -13.25
C SER B 852 -10.71 -16.44 -14.21
N LEU B 853 -11.01 -16.96 -15.40
CA LEU B 853 -10.02 -17.17 -16.47
C LEU B 853 -9.52 -15.86 -17.05
N GLU B 854 -10.44 -14.89 -17.21
CA GLU B 854 -10.11 -13.58 -17.75
C GLU B 854 -9.22 -12.85 -16.74
N LYS B 855 -9.59 -12.93 -15.47
CA LYS B 855 -8.82 -12.29 -14.40
C LYS B 855 -7.46 -12.98 -14.20
N ARG B 856 -7.46 -14.31 -14.24
CA ARG B 856 -6.25 -15.11 -14.08
C ARG B 856 -5.24 -14.90 -15.21
N ARG B 857 -5.72 -14.89 -16.45
CA ARG B 857 -4.85 -14.70 -17.63
C ARG B 857 -4.30 -13.27 -17.70
N ALA B 858 -5.14 -12.30 -17.39
CA ALA B 858 -4.78 -10.88 -17.37
C ALA B 858 -3.77 -10.58 -16.26
N GLN B 859 -3.93 -11.27 -15.12
CA GLN B 859 -3.06 -11.10 -13.96
C GLN B 859 -1.61 -11.44 -14.29
N ILE B 860 -1.42 -12.40 -15.19
CA ILE B 860 -0.09 -12.82 -15.62
C ILE B 860 0.67 -11.68 -16.30
N SER B 861 -0.02 -10.93 -17.16
CA SER B 861 0.61 -9.82 -17.88
C SER B 861 1.04 -8.75 -16.89
N ALA B 862 0.17 -8.47 -15.93
CA ALA B 862 0.47 -7.48 -14.91
C ALA B 862 1.57 -7.98 -13.98
N LEU B 863 1.47 -9.24 -13.60
CA LEU B 863 2.45 -9.85 -12.70
C LEU B 863 3.86 -9.92 -13.31
N LEU B 864 3.96 -10.31 -14.57
CA LEU B 864 5.25 -10.42 -15.24
C LEU B 864 5.90 -9.03 -15.33
N THR B 865 5.09 -8.06 -15.72
CA THR B 865 5.55 -6.69 -15.85
C THR B 865 5.91 -6.13 -14.48
N MET B 866 5.16 -6.55 -13.46
CA MET B 866 5.36 -6.07 -12.10
C MET B 866 6.76 -6.36 -11.60
N LEU B 867 7.27 -7.56 -11.87
CA LEU B 867 8.62 -7.89 -11.45
C LEU B 867 9.62 -6.98 -12.15
N GLN B 868 9.35 -6.67 -13.43
CA GLN B 868 10.23 -5.80 -14.20
C GLN B 868 10.61 -4.51 -13.50
N LYS B 869 9.73 -3.51 -13.55
CA LYS B 869 10.04 -2.22 -12.92
C LYS B 869 8.87 -1.53 -12.23
N PRO B 870 9.02 -1.23 -10.93
CA PRO B 870 8.01 -0.57 -10.09
C PRO B 870 8.38 0.90 -9.86
N VAL B 871 9.00 1.16 -8.70
CA VAL B 871 9.46 2.48 -8.26
C VAL B 871 8.46 3.63 -8.31
N THR B 872 7.23 3.36 -8.76
CA THR B 872 6.22 4.42 -8.84
C THR B 872 4.87 4.04 -8.21
N PHE B 873 4.80 4.10 -6.87
CA PHE B 873 3.57 3.76 -6.15
C PHE B 873 3.19 4.79 -5.10
N LYS B 874 1.92 5.21 -5.12
CA LYS B 874 1.43 6.20 -4.17
C LYS B 874 0.87 5.51 -2.93
N SER B 875 1.75 4.86 -2.18
CA SER B 875 1.35 4.17 -0.96
C SER B 875 0.74 5.13 0.04
N SER B 876 -0.18 4.63 0.85
CA SER B 876 -0.84 5.44 1.86
C SER B 876 -1.63 4.54 2.78
N LYS B 877 -1.90 3.33 2.32
CA LYS B 877 -2.64 2.35 3.11
C LYS B 877 -1.70 1.59 4.03
N ILE B 878 -2.15 1.35 5.26
CA ILE B 878 -1.33 0.64 6.22
C ILE B 878 -1.89 -0.72 6.59
N THR B 879 -0.97 -1.65 6.85
CA THR B 879 -1.32 -3.01 7.21
C THR B 879 -0.60 -3.47 8.47
N ILE B 880 -0.83 -4.73 8.83
CA ILE B 880 -0.23 -5.34 10.01
C ILE B 880 1.29 -5.20 9.89
N ASN B 881 1.78 -5.32 8.66
CA ASN B 881 3.21 -5.24 8.41
C ASN B 881 3.75 -3.89 8.85
N ASP B 882 3.02 -2.84 8.51
CA ASP B 882 3.43 -1.50 8.88
C ASP B 882 3.30 -1.26 10.38
N ILE B 883 2.23 -1.77 10.98
CA ILE B 883 2.02 -1.59 12.41
C ILE B 883 3.07 -2.33 13.24
N LEU B 884 3.29 -3.59 12.89
CA LEU B 884 4.23 -4.41 13.63
C LEU B 884 5.64 -3.89 13.51
N ARG B 885 5.99 -3.42 12.32
CA ARG B 885 7.33 -2.90 12.06
C ARG B 885 7.59 -1.73 13.03
N ASP B 886 6.55 -0.98 13.33
CA ASP B 886 6.70 0.16 14.23
C ASP B 886 7.05 -0.27 15.66
N ILE B 887 6.34 -1.27 16.17
CA ILE B 887 6.54 -1.74 17.54
C ILE B 887 7.86 -2.44 17.81
N LYS B 888 8.42 -3.08 16.79
CA LYS B 888 9.64 -3.83 16.95
C LYS B 888 10.75 -3.14 17.77
N PRO B 889 11.18 -1.94 17.35
CA PRO B 889 12.23 -1.18 18.02
C PRO B 889 12.05 -0.90 19.53
N PHE B 890 10.82 -0.99 20.00
CA PHE B 890 10.52 -0.72 21.40
C PHE B 890 10.53 -1.93 22.31
N PHE B 891 10.85 -3.09 21.75
CA PHE B 891 10.90 -4.32 22.53
C PHE B 891 12.33 -4.74 22.82
N THR B 892 12.62 -5.00 24.08
CA THR B 892 13.96 -5.40 24.48
C THR B 892 14.00 -6.88 24.86
N VAL B 893 14.60 -7.68 24.00
CA VAL B 893 14.69 -9.11 24.23
C VAL B 893 15.88 -9.60 25.07
N SER B 894 15.63 -10.57 25.94
CA SER B 894 16.66 -11.12 26.80
C SER B 894 16.37 -12.59 27.10
N ASP B 895 17.40 -13.42 27.04
CA ASP B 895 17.23 -14.84 27.31
C ASP B 895 16.45 -15.10 28.58
N ALA B 896 15.47 -16.00 28.45
CA ALA B 896 14.62 -16.41 29.56
C ALA B 896 14.53 -17.93 29.48
N HIS B 897 14.01 -18.55 30.53
CA HIS B 897 13.90 -20.00 30.53
C HIS B 897 12.53 -20.50 30.95
N LEU B 898 12.08 -21.53 30.26
CA LEU B 898 10.79 -22.15 30.51
C LEU B 898 10.91 -23.67 30.58
N PRO B 899 10.48 -24.25 31.69
CA PRO B 899 10.53 -25.70 31.92
C PRO B 899 9.35 -26.42 31.32
N ILE B 900 9.56 -27.67 30.96
CA ILE B 900 8.50 -28.50 30.37
C ILE B 900 7.70 -29.13 31.51
N GLN B 901 6.42 -28.79 31.60
CA GLN B 901 5.59 -29.34 32.67
C GLN B 901 4.36 -30.10 32.22
N TYR B 902 3.78 -29.71 31.10
CA TYR B 902 2.59 -30.37 30.58
C TYR B 902 2.98 -31.57 29.76
N GLN B 903 2.34 -32.71 30.03
CA GLN B 903 2.62 -33.95 29.31
C GLN B 903 2.15 -33.91 27.86
N LYS B 904 2.35 -35.01 27.16
CA LYS B 904 1.95 -35.10 25.77
C LYS B 904 0.63 -35.83 25.58
N PHE B 905 -0.15 -35.37 24.61
CA PHE B 905 -1.44 -35.97 24.31
C PHE B 905 -1.70 -36.03 22.80
N MET B 906 -0.82 -35.39 22.03
CA MET B 906 -0.93 -35.40 20.56
C MET B 906 0.46 -35.79 20.07
N PRO B 907 0.92 -36.99 20.44
CA PRO B 907 2.21 -37.56 20.11
C PRO B 907 2.76 -37.35 18.72
N THR B 908 1.93 -37.00 17.74
CA THR B 908 2.42 -36.81 16.40
C THR B 908 3.05 -35.46 16.11
N LEU B 909 2.65 -34.45 16.86
CA LEU B 909 3.18 -33.12 16.67
C LEU B 909 4.70 -33.09 16.59
N PRO B 910 5.23 -32.42 15.56
CA PRO B 910 6.68 -32.30 15.37
C PRO B 910 7.26 -31.76 16.67
N ASP B 911 8.45 -32.24 17.02
CA ASP B 911 9.10 -31.83 18.25
C ASP B 911 9.09 -30.33 18.50
N ASN B 912 9.47 -29.53 17.52
CA ASN B 912 9.47 -28.10 17.79
C ASN B 912 8.06 -27.60 18.17
N VAL B 913 7.02 -28.11 17.50
CA VAL B 913 5.66 -27.70 17.84
C VAL B 913 5.21 -28.24 19.20
N GLN B 914 5.54 -29.49 19.45
CA GLN B 914 5.18 -30.17 20.69
C GLN B 914 5.81 -29.50 21.89
N TYR B 915 7.02 -28.97 21.70
CA TYR B 915 7.74 -28.30 22.77
C TYR B 915 6.99 -27.10 23.35
N ILE B 916 6.31 -26.33 22.50
CA ILE B 916 5.57 -25.17 22.96
C ILE B 916 4.42 -25.58 23.85
N ILE B 917 3.71 -26.63 23.48
CA ILE B 917 2.60 -27.13 24.27
C ILE B 917 3.11 -27.69 25.60
N GLN B 918 4.28 -28.32 25.59
CA GLN B 918 4.90 -28.89 26.78
C GLN B 918 5.23 -27.82 27.80
N CYS B 919 5.55 -26.63 27.32
CA CYS B 919 5.87 -25.51 28.19
C CYS B 919 4.71 -24.59 28.53
N ILE B 920 3.93 -24.17 27.53
CA ILE B 920 2.83 -23.26 27.82
C ILE B 920 1.43 -23.87 27.76
N GLY B 921 1.31 -25.09 27.28
CA GLY B 921 0.01 -25.72 27.23
C GLY B 921 -0.76 -25.47 25.95
N SER B 922 -2.01 -25.92 25.92
CA SER B 922 -2.85 -25.74 24.74
C SER B 922 -4.27 -25.41 25.10
N ARG B 923 -5.01 -24.84 24.15
CA ARG B 923 -6.40 -24.50 24.44
C ARG B 923 -7.44 -25.42 23.81
N THR B 924 -8.62 -25.49 24.41
CA THR B 924 -9.66 -26.32 23.83
C THR B 924 -10.77 -25.38 23.35
N TYR B 925 -10.36 -24.21 22.87
CA TYR B 925 -11.30 -23.23 22.37
C TYR B 925 -10.76 -22.41 21.20
N GLN B 926 -11.67 -21.78 20.47
CA GLN B 926 -11.34 -20.94 19.31
C GLN B 926 -11.38 -19.49 19.77
N ILE B 927 -10.50 -18.67 19.22
CA ILE B 927 -10.47 -17.27 19.61
C ILE B 927 -11.37 -16.40 18.73
N GLU B 928 -12.45 -15.90 19.33
CA GLU B 928 -13.40 -15.04 18.63
C GLU B 928 -12.70 -14.16 17.59
N ASP B 929 -12.91 -14.45 16.31
CA ASP B 929 -12.27 -13.69 15.25
C ASP B 929 -13.26 -13.12 14.22
N ASP B 930 -14.46 -12.81 14.67
CA ASP B 930 -15.48 -12.27 13.77
C ASP B 930 -16.33 -11.18 14.42
N GLY B 931 -16.07 -10.90 15.71
CA GLY B 931 -16.83 -9.88 16.42
C GLY B 931 -18.24 -10.32 16.78
N SER B 932 -18.52 -11.59 16.51
CA SER B 932 -19.83 -12.15 16.80
C SER B 932 -20.25 -11.97 18.26
N LYS B 933 -19.28 -11.87 19.15
CA LYS B 933 -19.59 -11.72 20.57
C LYS B 933 -19.51 -10.28 21.09
N SER B 934 -20.00 -9.33 20.30
CA SER B 934 -20.02 -7.92 20.69
C SER B 934 -21.47 -7.46 20.83
N ALA B 935 -21.68 -6.46 21.67
CA ALA B 935 -23.02 -5.94 21.93
C ALA B 935 -23.68 -5.34 20.70
N ILE B 936 -22.91 -4.61 19.90
CA ILE B 936 -23.47 -3.99 18.71
C ILE B 936 -23.96 -5.05 17.74
N SER B 937 -23.16 -6.10 17.58
CA SER B 937 -23.54 -7.17 16.67
C SER B 937 -24.84 -7.80 17.15
N ARG B 938 -24.91 -8.07 18.45
CA ARG B 938 -26.10 -8.71 19.00
C ARG B 938 -27.30 -7.84 18.74
N LEU B 939 -27.12 -6.54 18.86
CA LEU B 939 -28.23 -5.62 18.64
C LEU B 939 -28.66 -5.66 17.19
N ILE B 940 -27.69 -5.64 16.27
CA ILE B 940 -28.00 -5.66 14.86
C ILE B 940 -28.76 -6.95 14.54
N SER B 941 -28.38 -8.04 15.20
CA SER B 941 -29.03 -9.33 15.04
C SER B 941 -30.40 -9.46 15.69
N LYS B 942 -30.55 -8.87 16.87
CA LYS B 942 -31.80 -8.95 17.61
C LYS B 942 -33.01 -8.41 16.84
N TYR B 943 -32.78 -7.36 16.07
CA TYR B 943 -33.86 -6.75 15.30
C TYR B 943 -33.76 -6.96 13.80
N SER B 944 -32.59 -6.76 13.22
CA SER B 944 -32.42 -6.96 11.78
C SER B 944 -31.87 -8.36 11.49
N VAL B 945 -32.08 -8.84 10.27
CA VAL B 945 -31.63 -10.15 9.83
C VAL B 945 -30.27 -10.03 9.14
N TYR B 946 -29.92 -8.81 8.79
CA TYR B 946 -28.66 -8.53 8.13
C TYR B 946 -27.49 -9.01 9.00
N LYS B 947 -26.37 -9.31 8.36
CA LYS B 947 -25.19 -9.78 9.07
C LYS B 947 -23.94 -9.13 8.48
N PRO B 948 -23.43 -8.08 9.15
CA PRO B 948 -22.23 -7.37 8.70
C PRO B 948 -20.97 -8.12 9.15
N SER B 949 -20.01 -8.27 8.25
CA SER B 949 -18.77 -8.98 8.55
C SER B 949 -17.95 -8.26 9.61
N ILE B 950 -16.82 -8.84 9.98
CA ILE B 950 -15.95 -8.23 10.97
C ILE B 950 -15.47 -6.92 10.39
N GLU B 951 -15.19 -6.92 9.10
CA GLU B 951 -14.69 -5.72 8.42
C GLU B 951 -15.68 -4.58 8.53
N GLU B 952 -16.96 -4.88 8.32
CA GLU B 952 -17.97 -3.86 8.39
C GLU B 952 -18.12 -3.36 9.83
N LEU B 953 -18.11 -4.27 10.79
CA LEU B 953 -18.25 -3.89 12.18
C LEU B 953 -17.04 -3.03 12.54
N TYR B 954 -15.88 -3.37 11.99
CA TYR B 954 -14.66 -2.63 12.23
C TYR B 954 -14.75 -1.21 11.68
N LYS B 955 -15.25 -1.08 10.45
CA LYS B 955 -15.37 0.24 9.85
C LYS B 955 -16.44 1.05 10.56
N VAL B 956 -17.56 0.40 10.87
CA VAL B 956 -18.68 1.02 11.55
C VAL B 956 -18.32 1.51 12.95
N ILE B 957 -17.61 0.67 13.69
CA ILE B 957 -17.19 1.00 15.06
C ILE B 957 -16.26 2.22 15.04
N SER B 958 -15.44 2.30 14.00
CA SER B 958 -14.51 3.42 13.86
C SER B 958 -15.23 4.73 13.51
N LEU B 959 -16.55 4.73 13.54
CA LEU B 959 -17.31 5.92 13.19
C LEU B 959 -17.70 6.79 14.37
N HIS B 960 -18.25 7.97 14.06
CA HIS B 960 -18.69 8.92 15.08
C HIS B 960 -20.05 8.49 15.62
N GLU B 961 -20.27 8.75 16.91
CA GLU B 961 -21.51 8.39 17.58
C GLU B 961 -22.77 8.72 16.78
N ASN B 962 -22.76 9.88 16.12
CA ASN B 962 -23.90 10.32 15.33
C ASN B 962 -24.17 9.41 14.13
N GLU B 963 -23.11 9.04 13.43
CA GLU B 963 -23.21 8.18 12.26
C GLU B 963 -23.66 6.75 12.61
N ILE B 964 -23.07 6.20 13.68
CA ILE B 964 -23.36 4.85 14.14
C ILE B 964 -24.82 4.68 14.53
N GLN B 965 -25.41 5.73 15.11
CA GLN B 965 -26.81 5.70 15.53
C GLN B 965 -27.75 5.48 14.34
N LEU B 966 -27.49 6.16 13.24
CA LEU B 966 -28.30 6.05 12.01
C LEU B 966 -28.20 4.65 11.39
N TYR B 967 -26.99 4.07 11.47
CA TYR B 967 -26.71 2.76 10.91
C TYR B 967 -27.68 1.76 11.53
N LEU B 968 -27.82 1.79 12.85
CA LEU B 968 -28.72 0.88 13.58
C LEU B 968 -30.16 1.11 13.16
N ILE B 969 -30.53 2.37 13.03
CA ILE B 969 -31.89 2.74 12.64
C ILE B 969 -32.13 2.24 11.24
N SER B 970 -31.16 2.47 10.36
CA SER B 970 -31.27 2.07 8.96
C SER B 970 -31.57 0.58 8.79
N LEU B 971 -31.18 -0.22 9.78
CA LEU B 971 -31.39 -1.66 9.74
C LEU B 971 -32.68 -2.06 10.45
N GLY B 972 -33.11 -1.25 11.42
CA GLY B 972 -34.32 -1.57 12.12
C GLY B 972 -34.29 -1.52 13.64
N ILE B 973 -33.12 -1.34 14.22
CA ILE B 973 -33.04 -1.28 15.67
C ILE B 973 -33.93 -0.12 16.13
N PRO B 974 -34.71 -0.32 17.20
CA PRO B 974 -35.60 0.73 17.74
C PRO B 974 -34.78 1.90 18.27
N LYS B 975 -35.27 3.12 18.05
CA LYS B 975 -34.55 4.33 18.45
C LYS B 975 -34.27 4.44 19.94
N ILE B 976 -35.21 4.03 20.78
CA ILE B 976 -34.99 4.10 22.21
C ILE B 976 -33.77 3.24 22.54
N ASP B 977 -33.75 2.04 21.96
CA ASP B 977 -32.66 1.09 22.15
C ASP B 977 -31.38 1.48 21.43
N ALA B 978 -31.52 2.03 20.22
CA ALA B 978 -30.37 2.45 19.44
C ALA B 978 -29.63 3.57 20.15
N ASP B 979 -30.39 4.53 20.69
CA ASP B 979 -29.82 5.66 21.39
C ASP B 979 -29.10 5.22 22.67
N THR B 980 -29.66 4.22 23.36
CA THR B 980 -29.05 3.72 24.59
C THR B 980 -27.66 3.13 24.34
N TYR B 981 -27.48 2.44 23.23
CA TYR B 981 -26.18 1.87 22.92
C TYR B 981 -25.14 2.96 22.59
N VAL B 982 -25.51 3.89 21.72
CA VAL B 982 -24.60 4.94 21.28
C VAL B 982 -23.85 5.65 22.40
N GLY B 983 -24.54 5.89 23.50
CA GLY B 983 -23.89 6.57 24.61
C GLY B 983 -23.22 5.55 25.51
N SER B 984 -24.04 4.66 26.05
CA SER B 984 -23.61 3.61 26.96
C SER B 984 -22.12 3.25 26.97
N LYS B 985 -21.65 2.88 28.15
CA LYS B 985 -20.27 2.50 28.37
C LYS B 985 -19.94 1.24 27.57
N ILE B 986 -20.93 0.36 27.42
CA ILE B 986 -20.76 -0.89 26.70
C ILE B 986 -20.30 -0.66 25.26
N TYR B 987 -20.77 0.41 24.65
CA TYR B 987 -20.35 0.75 23.29
C TYR B 987 -18.84 0.99 23.19
N SER B 988 -18.30 1.66 24.21
CA SER B 988 -16.87 1.96 24.22
C SER B 988 -16.05 0.67 24.23
N ARG B 989 -16.47 -0.26 25.08
CA ARG B 989 -15.78 -1.55 25.20
C ARG B 989 -15.94 -2.29 23.90
N ASP B 990 -17.14 -2.18 23.33
CA ASP B 990 -17.43 -2.84 22.07
C ASP B 990 -16.48 -2.35 20.99
N LYS B 991 -15.96 -1.14 21.17
CA LYS B 991 -15.03 -0.60 20.20
C LYS B 991 -13.72 -1.38 20.31
N TYR B 992 -13.39 -1.80 21.52
CA TYR B 992 -12.18 -2.58 21.78
C TYR B 992 -12.30 -3.99 21.22
N ARG B 993 -13.44 -4.62 21.47
CA ARG B 993 -13.67 -5.99 21.02
C ARG B 993 -13.71 -6.18 19.50
N ILE B 994 -14.29 -5.21 18.79
CA ILE B 994 -14.35 -5.32 17.33
C ILE B 994 -12.93 -5.34 16.80
N LEU B 995 -12.06 -4.49 17.35
CA LEU B 995 -10.68 -4.42 16.90
C LEU B 995 -9.95 -5.70 17.22
N GLU B 996 -10.22 -6.25 18.39
CA GLU B 996 -9.55 -7.47 18.76
C GLU B 996 -9.86 -8.57 17.75
N SER B 997 -11.14 -8.75 17.42
CA SER B 997 -11.52 -9.79 16.48
C SER B 997 -10.87 -9.54 15.12
N TYR B 998 -10.85 -8.29 14.69
CA TYR B 998 -10.24 -7.96 13.40
C TYR B 998 -8.74 -8.29 13.39
N VAL B 999 -8.05 -7.97 14.48
CA VAL B 999 -6.62 -8.23 14.56
C VAL B 999 -6.28 -9.69 14.59
N TYR B 1000 -7.02 -10.44 15.39
CA TYR B 1000 -6.80 -11.89 15.49
C TYR B 1000 -7.06 -12.53 14.15
N ASN B 1001 -8.05 -12.01 13.42
CA ASN B 1001 -8.35 -12.58 12.12
C ASN B 1001 -7.12 -12.41 11.22
N LEU B 1002 -6.52 -11.22 11.26
CA LEU B 1002 -5.37 -10.93 10.42
C LEU B 1002 -4.10 -11.66 10.81
N LEU B 1003 -4.14 -12.34 11.94
CA LEU B 1003 -2.97 -13.06 12.40
C LEU B 1003 -3.21 -14.54 12.32
N SER B 1004 -4.37 -14.91 11.77
CA SER B 1004 -4.74 -16.30 11.59
C SER B 1004 -4.51 -17.03 12.88
N ILE B 1005 -4.69 -16.35 13.99
CA ILE B 1005 -4.45 -16.94 15.29
C ILE B 1005 -5.32 -18.18 15.51
N ASN B 1006 -6.35 -18.34 14.69
CA ASN B 1006 -7.24 -19.50 14.82
C ASN B 1006 -6.95 -20.65 13.85
N TYR B 1007 -6.17 -20.37 12.80
CA TYR B 1007 -5.83 -21.38 11.82
C TYR B 1007 -4.46 -21.95 12.17
N GLY B 1008 -3.69 -22.33 11.15
CA GLY B 1008 -2.36 -22.87 11.37
C GLY B 1008 -2.06 -23.65 12.63
N CYS B 1009 -0.80 -23.60 13.07
CA CYS B 1009 -0.38 -24.31 14.28
C CYS B 1009 -0.70 -23.50 15.52
N TYR B 1010 -0.88 -22.19 15.37
CA TYR B 1010 -1.21 -21.34 16.52
C TYR B 1010 -2.51 -21.76 17.19
N GLN B 1011 -3.43 -22.35 16.45
CA GLN B 1011 -4.70 -22.72 17.05
C GLN B 1011 -4.51 -23.77 18.12
N LEU B 1012 -3.31 -24.33 18.22
CA LEU B 1012 -3.02 -25.36 19.22
C LEU B 1012 -2.28 -24.82 20.44
N PHE B 1013 -1.99 -23.53 20.42
CA PHE B 1013 -1.26 -22.86 21.49
C PHE B 1013 -2.13 -22.04 22.42
N ASP B 1014 -1.91 -22.21 23.72
CA ASP B 1014 -2.68 -21.48 24.70
C ASP B 1014 -2.00 -20.12 24.79
N PHE B 1015 -2.52 -19.14 24.05
CA PHE B 1015 -1.95 -17.78 24.01
C PHE B 1015 -2.22 -16.97 25.24
N ASN B 1016 -2.83 -17.59 26.23
CA ASN B 1016 -3.11 -16.88 27.46
C ASN B 1016 -2.51 -17.71 28.57
N SER B 1017 -1.55 -18.54 28.18
CA SER B 1017 -0.84 -19.40 29.10
C SER B 1017 -0.16 -18.56 30.16
N PRO B 1018 -0.27 -18.98 31.42
CA PRO B 1018 0.36 -18.26 32.52
C PRO B 1018 1.85 -18.29 32.29
N ASP B 1019 2.31 -19.42 31.75
CA ASP B 1019 3.71 -19.60 31.47
C ASP B 1019 4.23 -18.66 30.39
N LEU B 1020 3.43 -18.42 29.36
CA LEU B 1020 3.80 -17.49 28.28
C LEU B 1020 3.71 -16.03 28.74
N GLU B 1021 2.70 -15.73 29.55
CA GLU B 1021 2.45 -14.39 30.04
C GLU B 1021 3.61 -13.85 30.86
N LYS B 1022 4.22 -14.70 31.69
CA LYS B 1022 5.35 -14.27 32.51
C LYS B 1022 6.52 -13.82 31.63
N LEU B 1023 6.74 -14.51 30.53
CA LEU B 1023 7.83 -14.14 29.63
C LEU B 1023 7.66 -12.75 29.00
N ILE B 1024 6.50 -12.14 29.19
CA ILE B 1024 6.26 -10.82 28.61
C ILE B 1024 6.18 -9.76 29.70
N ARG B 1025 6.83 -8.63 29.46
CA ARG B 1025 6.85 -7.54 30.42
C ARG B 1025 6.36 -6.26 29.78
N ILE B 1026 5.19 -5.78 30.21
CA ILE B 1026 4.64 -4.55 29.65
C ILE B 1026 3.99 -3.62 30.67
N PRO B 1027 4.61 -2.45 30.91
CA PRO B 1027 4.10 -1.44 31.86
C PRO B 1027 2.91 -0.69 31.26
N PHE B 1028 1.93 -0.33 32.10
CA PHE B 1028 0.75 0.38 31.62
C PHE B 1028 0.97 1.89 31.57
N LYS B 1029 1.51 2.37 30.45
CA LYS B 1029 1.76 3.80 30.26
C LYS B 1029 0.45 4.57 30.45
N GLY B 1030 -0.65 3.91 30.08
CA GLY B 1030 -1.98 4.51 30.20
C GLY B 1030 -3.01 3.44 29.87
N LYS B 1031 -4.18 3.50 30.50
CA LYS B 1031 -5.23 2.51 30.25
C LYS B 1031 -5.79 2.59 28.83
N ILE B 1032 -4.92 2.40 27.85
CA ILE B 1032 -5.31 2.43 26.44
C ILE B 1032 -5.36 1.00 25.89
N PRO B 1033 -6.49 0.31 26.13
CA PRO B 1033 -6.74 -1.07 25.72
C PRO B 1033 -6.29 -1.49 24.31
N ALA B 1034 -6.30 -0.57 23.36
CA ALA B 1034 -5.90 -0.92 22.00
C ALA B 1034 -4.41 -1.21 21.92
N VAL B 1035 -3.61 -0.18 22.19
CA VAL B 1035 -2.17 -0.32 22.12
C VAL B 1035 -1.63 -1.34 23.11
N THR B 1036 -2.15 -1.37 24.32
CA THR B 1036 -1.63 -2.33 25.27
C THR B 1036 -1.86 -3.72 24.69
N PHE B 1037 -2.98 -3.89 24.00
CA PHE B 1037 -3.32 -5.19 23.42
C PHE B 1037 -2.35 -5.67 22.35
N ILE B 1038 -2.04 -4.83 21.37
CA ILE B 1038 -1.14 -5.24 20.29
C ILE B 1038 0.29 -5.48 20.76
N LEU B 1039 0.76 -4.66 21.68
CA LEU B 1039 2.13 -4.79 22.17
C LEU B 1039 2.25 -6.16 22.77
N HIS B 1040 1.21 -6.56 23.49
CA HIS B 1040 1.17 -7.86 24.17
C HIS B 1040 1.15 -9.04 23.19
N LEU B 1041 0.24 -8.97 22.22
CA LEU B 1041 0.08 -10.02 21.24
C LEU B 1041 1.33 -10.09 20.41
N TYR B 1042 1.89 -8.93 20.09
CA TYR B 1042 3.10 -8.90 19.32
C TYR B 1042 4.17 -9.55 20.19
N ALA B 1043 4.10 -9.27 21.49
CA ALA B 1043 5.07 -9.85 22.40
C ALA B 1043 4.93 -11.37 22.43
N LYS B 1044 3.70 -11.85 22.53
CA LYS B 1044 3.47 -13.28 22.58
C LYS B 1044 3.88 -14.02 21.30
N LEU B 1045 3.55 -13.47 20.14
CA LEU B 1045 3.90 -14.13 18.89
C LEU B 1045 5.41 -14.23 18.75
N GLU B 1046 6.10 -13.16 19.08
CA GLU B 1046 7.56 -13.12 18.97
C GLU B 1046 8.18 -14.21 19.82
N VAL B 1047 7.72 -14.34 21.05
CA VAL B 1047 8.27 -15.33 21.93
C VAL B 1047 7.98 -16.74 21.44
N ILE B 1048 6.77 -16.97 20.94
CA ILE B 1048 6.41 -18.29 20.47
C ILE B 1048 7.23 -18.70 19.26
N ASN B 1049 7.35 -17.78 18.31
CA ASN B 1049 8.09 -18.04 17.09
C ASN B 1049 9.55 -18.34 17.36
N TYR B 1050 10.11 -17.66 18.35
CA TYR B 1050 11.51 -17.87 18.70
C TYR B 1050 11.61 -19.29 19.24
N ALA B 1051 10.60 -19.69 20.01
CA ALA B 1051 10.58 -21.00 20.64
C ALA B 1051 10.62 -22.08 19.59
N ILE B 1052 9.81 -21.90 18.54
CA ILE B 1052 9.73 -22.85 17.45
C ILE B 1052 11.02 -22.93 16.66
N LYS B 1053 11.67 -21.78 16.47
CA LYS B 1053 12.90 -21.74 15.70
C LYS B 1053 14.17 -21.76 16.56
N ASN B 1054 14.09 -22.24 17.80
CA ASN B 1054 15.27 -22.27 18.65
C ASN B 1054 15.22 -23.20 19.84
N GLY B 1055 14.03 -23.63 20.24
CA GLY B 1055 13.95 -24.55 21.35
C GLY B 1055 14.18 -23.89 22.68
N SER B 1056 14.56 -22.63 22.66
CA SER B 1056 14.78 -21.89 23.89
C SER B 1056 13.86 -20.68 23.90
N TRP B 1057 13.60 -20.14 25.08
CA TRP B 1057 12.72 -18.98 25.19
C TRP B 1057 13.48 -17.69 25.39
N ILE B 1058 12.76 -16.59 25.17
CA ILE B 1058 13.30 -15.23 25.31
C ILE B 1058 12.24 -14.42 26.01
N SER B 1059 12.68 -13.45 26.82
CA SER B 1059 11.74 -12.59 27.53
C SER B 1059 11.81 -11.20 26.92
N LEU B 1060 10.64 -10.60 26.68
CA LEU B 1060 10.58 -9.27 26.07
C LEU B 1060 10.10 -8.17 27.03
N PHE B 1061 10.78 -7.04 26.95
CA PHE B 1061 10.46 -5.89 27.77
C PHE B 1061 9.98 -4.78 26.85
N CYS B 1062 9.02 -3.98 27.30
CA CYS B 1062 8.50 -2.89 26.49
C CYS B 1062 8.39 -1.56 27.22
N ASN B 1063 9.10 -0.56 26.68
CA ASN B 1063 9.11 0.79 27.23
C ASN B 1063 8.56 1.77 26.19
N TYR B 1064 7.43 1.40 25.57
CA TYR B 1064 6.80 2.24 24.56
C TYR B 1064 6.40 3.60 25.13
N PRO B 1065 6.98 4.68 24.62
CA PRO B 1065 6.69 6.03 25.07
C PRO B 1065 5.21 6.36 24.95
N LYS B 1066 4.72 7.28 25.79
CA LYS B 1066 3.32 7.69 25.79
C LYS B 1066 2.98 8.42 24.50
N SER B 1067 3.96 9.13 23.96
CA SER B 1067 3.78 9.90 22.73
C SER B 1067 3.58 9.00 21.52
N GLU B 1068 4.37 7.94 21.45
CA GLU B 1068 4.32 6.97 20.37
C GLU B 1068 2.98 6.23 20.28
N MET B 1069 2.36 6.00 21.44
CA MET B 1069 1.10 5.28 21.52
C MET B 1069 -0.03 5.95 20.73
N ILE B 1070 -0.08 7.28 20.76
CA ILE B 1070 -1.11 7.99 20.01
C ILE B 1070 -0.94 7.84 18.50
N LYS B 1071 0.31 7.87 18.03
CA LYS B 1071 0.55 7.72 16.61
C LYS B 1071 0.10 6.31 16.19
N LEU B 1072 0.48 5.34 17.00
CA LEU B 1072 0.15 3.93 16.78
C LEU B 1072 -1.36 3.69 16.81
N TRP B 1073 -2.03 4.40 17.71
CA TRP B 1073 -3.46 4.28 17.88
C TRP B 1073 -4.19 4.66 16.59
N LYS B 1074 -3.68 5.65 15.87
CA LYS B 1074 -4.30 6.05 14.63
C LYS B 1074 -4.16 4.95 13.59
N LYS B 1075 -2.98 4.35 13.56
CA LYS B 1075 -2.71 3.29 12.60
C LYS B 1075 -3.64 2.11 12.76
N MET B 1076 -3.99 1.79 13.99
CA MET B 1076 -4.85 0.63 14.29
C MET B 1076 -6.17 0.63 13.52
N TRP B 1077 -6.76 1.80 13.28
CA TRP B 1077 -8.02 1.85 12.55
C TRP B 1077 -7.89 2.20 11.08
N ASN B 1078 -6.87 1.61 10.43
CA ASN B 1078 -6.64 1.85 9.01
C ASN B 1078 -5.88 0.67 8.37
N ILE B 1079 -6.04 -0.52 8.95
CA ILE B 1079 -5.36 -1.70 8.45
C ILE B 1079 -6.18 -2.39 7.37
N THR B 1080 -5.56 -2.66 6.23
CA THR B 1080 -6.23 -3.34 5.15
C THR B 1080 -5.88 -4.82 5.17
N SER B 1081 -6.49 -5.60 4.29
CA SER B 1081 -6.23 -7.04 4.27
C SER B 1081 -5.41 -7.57 3.09
N LEU B 1082 -5.32 -8.90 3.04
CA LEU B 1082 -4.60 -9.64 2.00
C LEU B 1082 -5.28 -11.01 1.89
N ARG B 1083 -6.23 -11.08 0.95
N ARG B 1083 -6.15 -10.82 1.03
CA ARG B 1083 -7.09 -12.24 0.67
CA ARG B 1083 -7.00 -11.94 0.63
C ARG B 1083 -6.65 -13.72 0.69
C ARG B 1083 -6.65 -13.44 0.74
N SER B 1084 -5.55 -14.07 0.01
N SER B 1084 -5.37 -13.82 0.65
CA SER B 1084 -5.07 -15.45 -0.10
CA SER B 1084 -5.01 -15.26 0.72
C SER B 1084 -5.67 -16.46 0.90
C SER B 1084 -5.92 -16.16 1.55
N PRO B 1085 -6.66 -17.26 0.44
N PRO B 1085 -6.75 -16.98 0.87
CA PRO B 1085 -7.41 -18.30 1.17
CA PRO B 1085 -7.75 -17.97 1.27
C PRO B 1085 -6.71 -19.66 1.29
C PRO B 1085 -7.87 -18.42 2.73
N TYR B 1086 -5.70 -19.86 0.45
N TYR B 1086 -9.11 -18.50 3.19
CA TYR B 1086 -4.96 -21.11 0.39
CA TYR B 1086 -9.50 -18.90 4.56
C TYR B 1086 -4.25 -21.45 1.69
C TYR B 1086 -11.01 -18.73 4.78
N THR B 1087 -3.77 -20.41 2.33
N THR B 1087 -11.48 -18.95 6.01
CA THR B 1087 -3.04 -20.42 3.60
CA THR B 1087 -12.92 -18.82 6.31
C THR B 1087 -3.82 -21.19 4.71
C THR B 1087 -13.35 -17.41 6.79
N ASN B 1088 -5.06 -21.56 4.38
N ASN B 1088 -13.39 -16.45 5.87
CA ASN B 1088 -6.11 -22.23 5.17
CA ASN B 1088 -13.78 -15.06 6.20
C ASN B 1088 -5.91 -23.30 6.28
C ASN B 1088 -14.69 -14.40 5.16
N ALA B 1089 -4.67 -23.66 6.62
N ALA B 1089 -15.73 -13.71 5.65
CA ALA B 1089 -4.28 -24.70 7.61
CA ALA B 1089 -16.71 -13.04 4.79
C ALA B 1089 -5.19 -25.14 8.82
C ALA B 1089 -16.35 -11.61 4.37
N ASN B 1090 -6.30 -24.47 9.04
N ASN B 1090 -16.68 -11.27 3.12
CA ASN B 1090 -7.32 -24.70 10.09
CA ASN B 1090 -16.44 -9.94 2.56
C ASN B 1090 -7.75 -26.11 10.58
C ASN B 1090 -14.96 -9.57 2.46
N PHE B 1091 -7.08 -27.18 10.20
CA PHE B 1091 -7.56 -28.56 10.44
C PHE B 1091 -8.41 -29.00 11.66
N PHE B 1092 -8.08 -28.79 12.93
CA PHE B 1092 -9.13 -29.19 13.88
C PHE B 1092 -10.26 -28.16 14.07
N GLY C 8 -11.56 -21.68 -3.30
CA GLY C 8 -10.54 -22.65 -3.83
C GLY C 8 -11.05 -23.51 -4.97
N LYS C 9 -12.37 -23.76 -4.97
CA LYS C 9 -13.00 -24.57 -6.01
C LYS C 9 -13.09 -23.77 -7.29
N TYR C 10 -13.06 -22.44 -7.18
CA TYR C 10 -13.13 -21.59 -8.36
C TYR C 10 -11.88 -21.73 -9.23
N ASN C 11 -10.71 -21.77 -8.61
CA ASN C 11 -9.49 -21.89 -9.39
C ASN C 11 -9.45 -23.21 -10.17
N LEU C 12 -9.81 -24.32 -9.52
CA LEU C 12 -9.82 -25.59 -10.19
C LEU C 12 -10.92 -25.71 -11.25
N ILE C 13 -12.08 -25.16 -10.94
CA ILE C 13 -13.20 -25.20 -11.86
C ILE C 13 -12.80 -24.53 -13.15
N LEU C 14 -12.07 -23.44 -13.02
CA LEU C 14 -11.62 -22.67 -14.18
C LEU C 14 -10.80 -23.55 -15.09
N SER C 15 -10.06 -24.50 -14.53
CA SER C 15 -9.26 -25.39 -15.36
C SER C 15 -10.14 -26.22 -16.28
N GLU C 16 -11.27 -26.70 -15.75
CA GLU C 16 -12.17 -27.52 -16.53
C GLU C 16 -12.69 -26.73 -17.69
N TYR C 17 -13.06 -25.49 -17.40
CA TYR C 17 -13.62 -24.61 -18.40
C TYR C 17 -12.62 -24.34 -19.52
N LEU C 18 -11.37 -24.11 -19.18
CA LEU C 18 -10.38 -23.87 -20.21
C LEU C 18 -10.11 -25.13 -21.02
N SER C 19 -9.94 -26.25 -20.35
CA SER C 19 -9.66 -27.50 -21.04
C SER C 19 -10.85 -27.79 -21.92
N PHE C 20 -12.03 -27.50 -21.40
CA PHE C 20 -13.26 -27.75 -22.13
C PHE C 20 -13.29 -26.94 -23.44
N ILE C 21 -13.04 -25.65 -23.35
CA ILE C 21 -13.07 -24.81 -24.55
C ILE C 21 -11.94 -25.09 -25.54
N TYR C 22 -10.74 -25.29 -25.01
CA TYR C 22 -9.55 -25.52 -25.84
C TYR C 22 -9.16 -26.99 -25.89
N ASN C 23 -8.92 -27.50 -27.10
CA ASN C 23 -8.54 -28.91 -27.28
C ASN C 23 -7.25 -29.10 -28.06
N SER C 24 -6.73 -28.00 -28.62
CA SER C 24 -5.50 -28.02 -29.39
C SER C 24 -4.36 -28.77 -28.72
N VAL C 28 -2.32 -25.20 -24.68
CA VAL C 28 -1.57 -25.42 -23.45
C VAL C 28 -2.01 -24.48 -22.32
N GLN C 29 -1.82 -24.94 -21.09
CA GLN C 29 -2.17 -24.16 -19.93
C GLN C 29 -0.97 -23.98 -19.03
N ILE C 30 -0.47 -22.75 -18.97
CA ILE C 30 0.70 -22.43 -18.18
C ILE C 30 0.32 -21.63 -16.93
N PRO C 31 0.10 -22.33 -15.80
CA PRO C 31 -0.27 -21.65 -14.57
C PRO C 31 0.82 -20.65 -14.19
N ILE C 32 0.49 -19.68 -13.36
CA ILE C 32 1.48 -18.70 -12.92
C ILE C 32 1.35 -18.55 -11.42
N TYR C 33 2.44 -18.78 -10.70
CA TYR C 33 2.40 -18.65 -9.25
C TYR C 33 3.28 -17.52 -8.73
N TYR C 34 2.76 -16.79 -7.74
CA TYR C 34 3.50 -15.71 -7.13
C TYR C 34 3.59 -16.04 -5.64
N SER C 35 4.45 -15.31 -4.94
CA SER C 35 4.61 -15.52 -3.51
C SER C 35 5.40 -14.41 -2.82
N SER C 36 5.04 -14.15 -1.57
CA SER C 36 5.70 -13.16 -0.77
C SER C 36 7.09 -13.67 -0.48
N ASN C 37 7.19 -14.98 -0.28
CA ASN C 37 8.48 -15.61 0.00
C ASN C 37 9.44 -15.34 -1.15
N SER C 38 10.64 -14.85 -0.84
CA SER C 38 11.60 -14.52 -1.88
C SER C 38 12.23 -15.72 -2.59
N GLU C 39 12.59 -16.74 -1.83
CA GLU C 39 13.21 -17.91 -2.42
C GLU C 39 12.22 -18.66 -3.32
N LEU C 40 10.99 -18.80 -2.81
CA LEU C 40 9.92 -19.49 -3.50
C LEU C 40 9.63 -18.75 -4.78
N GLU C 41 9.72 -17.43 -4.72
CA GLU C 41 9.43 -16.60 -5.88
C GLU C 41 10.35 -16.90 -7.05
N ASN C 42 11.64 -17.08 -6.78
CA ASN C 42 12.59 -17.41 -7.84
C ASN C 42 12.24 -18.80 -8.34
N ARG C 43 11.80 -19.66 -7.42
CA ARG C 43 11.39 -21.01 -7.77
C ARG C 43 10.18 -20.90 -8.67
N CYS C 44 9.29 -19.95 -8.37
CA CYS C 44 8.11 -19.75 -9.18
C CYS C 44 8.52 -19.33 -10.59
N ILE C 45 9.49 -18.44 -10.67
CA ILE C 45 9.95 -17.96 -11.96
C ILE C 45 10.59 -19.07 -12.78
N GLU C 46 11.35 -19.94 -12.12
CA GLU C 46 12.00 -21.04 -12.83
C GLU C 46 10.94 -21.98 -13.40
N PHE C 47 9.96 -22.29 -12.57
CA PHE C 47 8.88 -23.19 -12.96
C PHE C 47 8.12 -22.63 -14.15
N HIS C 48 7.87 -21.32 -14.10
CA HIS C 48 7.16 -20.62 -15.15
C HIS C 48 7.94 -20.64 -16.45
N SER C 49 9.23 -20.30 -16.36
CA SER C 49 10.08 -20.23 -17.54
C SER C 49 10.22 -21.56 -18.23
N LYS C 50 10.42 -22.61 -17.45
CA LYS C 50 10.58 -23.94 -18.00
C LYS C 50 9.28 -24.41 -18.68
N CYS C 51 8.15 -24.01 -18.11
CA CYS C 51 6.84 -24.39 -18.64
C CYS C 51 6.62 -23.86 -20.05
N LEU C 52 6.99 -22.62 -20.31
CA LEU C 52 6.82 -22.08 -21.64
C LEU C 52 7.69 -22.88 -22.60
N GLU C 53 8.94 -23.10 -22.20
CA GLU C 53 9.86 -23.80 -23.06
C GLU C 53 9.34 -25.19 -23.37
N ASN C 54 8.84 -25.89 -22.36
CA ASN C 54 8.37 -27.22 -22.61
C ASN C 54 7.19 -27.21 -23.59
N SER C 55 6.26 -26.30 -23.38
CA SER C 55 5.10 -26.23 -24.25
C SER C 55 5.41 -25.76 -25.67
N LYS C 56 6.25 -24.73 -25.80
CA LYS C 56 6.62 -24.21 -27.13
C LYS C 56 7.56 -25.18 -27.83
N ASN C 57 7.69 -26.39 -27.27
CA ASN C 57 8.54 -27.43 -27.84
C ASN C 57 7.76 -28.72 -27.87
N GLY C 58 6.47 -28.62 -27.58
CA GLY C 58 5.59 -29.78 -27.60
C GLY C 58 6.01 -30.91 -26.70
N LEU C 59 6.46 -30.58 -25.49
CA LEU C 59 6.87 -31.60 -24.53
C LEU C 59 5.92 -31.61 -23.35
N SER C 60 5.96 -32.70 -22.59
CA SER C 60 5.13 -32.87 -21.40
C SER C 60 5.30 -31.73 -20.40
N LEU C 61 4.74 -31.91 -19.21
CA LEU C 61 4.84 -30.93 -18.15
C LEU C 61 4.56 -31.62 -16.84
N ARG C 62 4.36 -32.91 -16.89
CA ARG C 62 4.08 -33.68 -15.68
C ARG C 62 5.29 -33.72 -14.79
N LYS C 63 6.45 -33.90 -15.41
CA LYS C 63 7.69 -33.96 -14.64
C LYS C 63 7.98 -32.60 -13.98
N LEU C 64 7.71 -31.51 -14.70
CA LEU C 64 7.93 -30.18 -14.15
C LEU C 64 7.08 -29.89 -12.93
N PHE C 65 5.83 -30.33 -12.94
CA PHE C 65 4.95 -30.10 -11.81
C PHE C 65 5.42 -30.86 -10.58
N VAL C 66 5.93 -32.05 -10.79
CA VAL C 66 6.45 -32.83 -9.70
C VAL C 66 7.70 -32.11 -9.18
N GLU C 67 8.44 -31.52 -10.11
CA GLU C 67 9.66 -30.79 -9.79
C GLU C 67 9.38 -29.42 -9.21
N TYR C 68 8.12 -29.12 -8.94
CA TYR C 68 7.75 -27.84 -8.37
C TYR C 68 6.54 -27.98 -7.46
N ASN C 69 6.50 -29.09 -6.72
CA ASN C 69 5.40 -29.36 -5.82
C ASN C 69 5.33 -28.22 -4.82
N ASP C 70 6.49 -27.69 -4.46
CA ASP C 70 6.52 -26.59 -3.50
C ASP C 70 5.75 -25.42 -4.08
N VAL C 71 5.92 -25.15 -5.36
CA VAL C 71 5.22 -24.06 -6.00
C VAL C 71 3.72 -24.27 -6.04
N ILE C 72 3.28 -25.47 -6.37
CA ILE C 72 1.86 -25.78 -6.46
C ILE C 72 1.20 -25.75 -5.09
N GLU C 73 1.81 -26.47 -4.16
CA GLU C 73 1.32 -26.57 -2.80
C GLU C 73 1.50 -25.35 -1.90
N ASN C 74 2.64 -24.66 -2.00
CA ASN C 74 2.91 -23.53 -1.12
C ASN C 74 2.77 -22.10 -1.65
N ALA C 75 2.73 -21.92 -2.97
CA ALA C 75 2.59 -20.57 -3.53
C ALA C 75 1.15 -20.27 -3.93
N THR C 76 0.91 -19.03 -4.34
CA THR C 76 -0.42 -18.64 -4.76
C THR C 76 -0.52 -18.62 -6.27
N LEU C 77 -1.68 -19.00 -6.79
CA LEU C 77 -1.89 -19.00 -8.22
C LEU C 77 -2.23 -17.56 -8.55
N LEU C 78 -1.56 -17.00 -9.54
CA LEU C 78 -1.79 -15.63 -9.91
C LEU C 78 -2.75 -15.48 -11.08
N SER C 79 -2.74 -16.47 -11.98
CA SER C 79 -3.59 -16.49 -13.17
C SER C 79 -3.18 -17.71 -14.02
N ILE C 80 -3.97 -18.05 -15.04
CA ILE C 80 -3.59 -19.19 -15.90
C ILE C 80 -3.57 -18.79 -17.37
N LEU C 81 -2.37 -18.74 -17.95
CA LEU C 81 -2.20 -18.38 -19.36
C LEU C 81 -2.78 -19.45 -20.26
N SER C 82 -3.24 -19.04 -21.43
CA SER C 82 -3.80 -19.99 -22.36
C SER C 82 -3.36 -19.70 -23.77
N TYR C 83 -2.58 -20.64 -24.31
CA TYR C 83 -2.09 -20.55 -25.67
C TYR C 83 -3.05 -21.37 -26.53
N SER C 84 -3.74 -20.68 -27.42
CA SER C 84 -4.71 -21.32 -28.30
C SER C 84 -4.41 -20.96 -29.75
N TYR C 85 -5.03 -21.68 -30.68
CA TYR C 85 -4.83 -21.41 -32.10
C TYR C 85 -5.93 -22.02 -32.97
N ASP C 86 -7.19 -21.73 -32.62
CA ASP C 86 -8.35 -22.21 -33.38
C ASP C 86 -9.05 -21.00 -34.01
N LYS C 87 -10.18 -20.60 -33.42
CA LYS C 87 -10.93 -19.44 -33.92
C LYS C 87 -12.06 -19.04 -32.96
N TYR C 88 -12.17 -19.78 -31.86
CA TYR C 88 -13.22 -19.51 -30.88
C TYR C 88 -14.60 -19.74 -31.49
N ASN C 89 -14.65 -20.57 -32.52
CA ASN C 89 -15.89 -20.91 -33.20
C ASN C 89 -16.30 -22.34 -32.82
N ALA C 90 -15.94 -22.73 -31.61
CA ALA C 90 -16.26 -24.06 -31.10
C ALA C 90 -17.74 -24.14 -30.78
N VAL C 91 -18.40 -22.99 -30.70
CA VAL C 91 -19.81 -22.95 -30.38
C VAL C 91 -20.66 -23.56 -31.46
N GLU C 92 -20.33 -23.26 -32.73
CA GLU C 92 -21.09 -23.77 -33.85
C GLU C 92 -21.05 -25.29 -33.79
N ARG C 93 -19.87 -25.83 -33.55
CA ARG C 93 -19.69 -27.28 -33.49
C ARG C 93 -20.35 -27.96 -32.30
N LYS C 94 -20.19 -27.38 -31.10
CA LYS C 94 -20.76 -27.95 -29.88
C LYS C 94 -22.28 -27.90 -29.81
N LEU C 95 -22.85 -26.81 -30.29
CA LEU C 95 -24.29 -26.57 -30.25
C LEU C 95 -25.16 -27.60 -30.98
N VAL C 96 -24.64 -28.11 -32.08
CA VAL C 96 -25.35 -29.05 -32.95
C VAL C 96 -25.81 -30.30 -32.21
N LYS C 97 -24.99 -30.77 -31.29
CA LYS C 97 -25.32 -31.96 -30.53
C LYS C 97 -26.66 -31.72 -29.83
N TYR C 98 -26.94 -30.47 -29.47
CA TYR C 98 -28.18 -30.12 -28.79
C TYR C 98 -29.28 -29.55 -29.69
N ALA C 99 -29.03 -29.48 -30.99
CA ALA C 99 -30.02 -28.94 -31.92
C ALA C 99 -31.04 -29.98 -32.39
N LYS C 100 -31.11 -31.09 -31.66
CA LYS C 100 -32.01 -32.19 -31.97
C LYS C 100 -33.49 -31.83 -31.92
N GLY C 101 -33.85 -30.90 -31.05
CA GLY C 101 -35.25 -30.48 -30.92
C GLY C 101 -35.70 -29.70 -32.14
N LYS C 102 -36.99 -29.40 -32.19
CA LYS C 102 -37.58 -28.68 -33.31
C LYS C 102 -37.69 -27.20 -33.01
N PRO C 103 -37.02 -26.35 -33.81
CA PRO C 103 -37.02 -24.88 -33.65
C PRO C 103 -38.39 -24.31 -33.32
N LEU C 104 -38.41 -23.16 -32.66
CA LEU C 104 -39.67 -22.54 -32.31
C LEU C 104 -40.09 -21.58 -33.38
N GLU C 105 -41.38 -21.48 -33.58
CA GLU C 105 -41.93 -20.57 -34.58
C GLU C 105 -42.78 -19.56 -33.83
N ALA C 106 -42.39 -18.30 -33.95
CA ALA C 106 -43.08 -17.21 -33.29
C ALA C 106 -44.40 -16.82 -33.96
N ASP C 107 -45.47 -16.78 -33.18
CA ASP C 107 -46.77 -16.38 -33.72
C ASP C 107 -46.75 -14.87 -33.83
N LEU C 108 -46.25 -14.38 -34.96
CA LEU C 108 -46.14 -12.94 -35.21
C LEU C 108 -47.44 -12.16 -35.04
N THR C 109 -48.47 -12.83 -34.55
CA THR C 109 -49.77 -12.21 -34.32
C THR C 109 -50.04 -12.10 -32.84
N VAL C 110 -49.10 -11.55 -32.09
CA VAL C 110 -49.28 -11.45 -30.66
C VAL C 110 -49.06 -10.04 -30.12
N ASN C 111 -48.19 -9.29 -30.78
CA ASN C 111 -47.87 -7.96 -30.32
C ASN C 111 -48.68 -6.81 -30.91
N GLU C 112 -49.41 -6.11 -30.05
CA GLU C 112 -50.22 -4.99 -30.47
C GLU C 112 -49.38 -4.07 -31.34
N LEU C 113 -48.12 -3.87 -30.98
CA LEU C 113 -47.22 -3.03 -31.78
C LEU C 113 -46.31 -3.89 -32.66
N ASP C 114 -46.59 -3.83 -33.97
CA ASP C 114 -45.87 -4.59 -34.98
C ASP C 114 -44.44 -4.97 -34.66
N TYR C 115 -43.58 -3.98 -34.42
CA TYR C 115 -42.17 -4.23 -34.12
C TYR C 115 -41.93 -4.99 -32.80
N GLU C 116 -42.95 -5.07 -31.95
CA GLU C 116 -42.82 -5.79 -30.70
C GLU C 116 -42.83 -7.28 -31.04
N ASN C 117 -43.42 -7.63 -32.19
CA ASN C 117 -43.50 -9.03 -32.66
C ASN C 117 -42.12 -9.55 -33.08
N ASN C 118 -41.87 -10.83 -32.90
CA ASN C 118 -40.56 -11.37 -33.24
C ASN C 118 -40.39 -11.73 -34.70
N LYS C 119 -40.56 -10.74 -35.57
CA LYS C 119 -40.44 -10.96 -37.02
C LYS C 119 -38.99 -11.19 -37.44
N MET C 120 -38.79 -11.32 -38.75
CA MET C 120 -37.45 -11.51 -39.29
C MET C 120 -36.88 -10.11 -39.39
N THR C 121 -35.65 -9.95 -38.91
CA THR C 121 -35.01 -8.65 -38.93
C THR C 121 -35.13 -7.94 -40.28
N SER C 122 -34.85 -8.67 -41.35
CA SER C 122 -34.92 -8.12 -42.71
C SER C 122 -36.28 -7.53 -43.03
N GLU C 123 -37.28 -7.86 -42.21
CA GLU C 123 -38.63 -7.37 -42.39
C GLU C 123 -38.82 -6.05 -41.64
N LEU C 124 -38.43 -6.03 -40.37
CA LEU C 124 -38.56 -4.83 -39.56
C LEU C 124 -37.62 -3.74 -40.07
N PHE C 125 -36.47 -4.18 -40.62
CA PHE C 125 -35.46 -3.27 -41.18
C PHE C 125 -34.97 -3.86 -42.49
N PRO C 126 -35.58 -3.45 -43.61
CA PRO C 126 -35.24 -3.91 -44.96
C PRO C 126 -33.81 -3.58 -45.38
N THR C 127 -33.36 -2.37 -45.04
CA THR C 127 -32.03 -1.89 -45.39
C THR C 127 -31.14 -1.68 -44.17
N ALA C 128 -29.83 -1.73 -44.40
CA ALA C 128 -28.87 -1.54 -43.33
C ALA C 128 -28.97 -0.18 -42.66
N GLU C 129 -29.15 0.87 -43.45
CA GLU C 129 -29.24 2.20 -42.86
C GLU C 129 -30.57 2.38 -42.12
N GLU C 130 -31.37 1.32 -42.11
CA GLU C 130 -32.65 1.39 -41.42
C GLU C 130 -32.64 0.59 -40.14
N TYR C 131 -31.75 -0.40 -40.08
CA TYR C 131 -31.62 -1.27 -38.91
C TYR C 131 -31.14 -0.53 -37.67
N THR C 132 -31.59 -1.01 -36.51
CA THR C 132 -31.24 -0.43 -35.24
C THR C 132 -31.44 -1.41 -34.10
N ASP C 133 -30.36 -1.91 -33.54
CA ASP C 133 -30.47 -2.85 -32.42
C ASP C 133 -31.03 -2.10 -31.21
N SER C 134 -31.45 -0.86 -31.42
CA SER C 134 -32.00 -0.06 -30.34
C SER C 134 -33.25 -0.66 -29.71
N LEU C 135 -33.75 -1.73 -30.29
CA LEU C 135 -34.97 -2.36 -29.77
C LEU C 135 -34.77 -3.72 -29.13
N MET C 136 -33.55 -4.26 -29.14
CA MET C 136 -33.31 -5.57 -28.56
C MET C 136 -31.92 -5.76 -27.93
N ASP C 137 -31.09 -4.73 -28.04
CA ASP C 137 -29.74 -4.77 -27.51
C ASP C 137 -29.60 -5.25 -26.07
N PRO C 138 -28.91 -6.39 -25.88
CA PRO C 138 -28.71 -6.93 -24.54
C PRO C 138 -28.05 -5.86 -23.69
N ALA C 139 -27.28 -4.99 -24.35
CA ALA C 139 -26.59 -3.89 -23.71
C ALA C 139 -25.56 -4.35 -22.66
N ILE C 140 -25.24 -5.63 -22.69
CA ILE C 140 -24.31 -6.20 -21.74
C ILE C 140 -23.00 -6.58 -22.44
N LEU C 141 -21.87 -6.36 -21.77
CA LEU C 141 -20.59 -6.66 -22.37
C LEU C 141 -20.16 -8.11 -22.36
N THR C 142 -21.13 -9.00 -22.65
CA THR C 142 -20.83 -10.42 -22.73
C THR C 142 -21.52 -10.95 -24.00
N SER C 143 -21.00 -12.02 -24.56
CA SER C 143 -21.59 -12.53 -25.79
C SER C 143 -22.53 -13.70 -25.63
N LEU C 144 -23.45 -13.81 -26.59
CA LEU C 144 -24.45 -14.87 -26.63
C LEU C 144 -23.75 -16.22 -26.79
N SER C 145 -22.68 -16.23 -27.58
CA SER C 145 -21.91 -17.43 -27.81
C SER C 145 -21.28 -17.85 -26.49
N SER C 146 -20.85 -16.85 -25.71
CA SER C 146 -20.23 -17.13 -24.42
C SER C 146 -21.25 -17.81 -23.53
N ASN C 147 -22.47 -17.27 -23.49
CA ASN C 147 -23.51 -17.86 -22.65
C ASN C 147 -23.75 -19.28 -23.12
N LEU C 148 -23.83 -19.46 -24.43
CA LEU C 148 -24.06 -20.77 -24.99
C LEU C 148 -22.88 -21.63 -24.63
N ASN C 149 -21.69 -21.06 -24.68
CA ASN C 149 -20.53 -21.85 -24.34
C ASN C 149 -20.56 -22.22 -22.87
N ALA C 150 -20.88 -21.24 -22.03
CA ALA C 150 -20.92 -21.47 -20.61
C ALA C 150 -21.95 -22.53 -20.25
N VAL C 151 -23.11 -22.48 -20.90
CA VAL C 151 -24.16 -23.45 -20.61
C VAL C 151 -23.73 -24.85 -20.98
N MET C 152 -23.04 -24.97 -22.10
CA MET C 152 -22.61 -26.27 -22.55
C MET C 152 -21.60 -26.87 -21.63
N PHE C 153 -20.76 -26.02 -21.06
CA PHE C 153 -19.75 -26.48 -20.13
C PHE C 153 -20.37 -27.13 -18.90
N TRP C 154 -21.42 -26.52 -18.37
CA TRP C 154 -22.09 -27.05 -17.18
C TRP C 154 -22.68 -28.43 -17.45
N LEU C 155 -23.31 -28.57 -18.60
CA LEU C 155 -23.95 -29.81 -19.01
C LEU C 155 -22.96 -30.94 -19.21
N GLU C 156 -21.79 -30.60 -19.73
CA GLU C 156 -20.74 -31.58 -19.96
C GLU C 156 -20.30 -32.06 -18.59
N LYS C 157 -20.15 -31.12 -17.68
CA LYS C 157 -19.72 -31.45 -16.33
C LYS C 157 -20.76 -32.21 -15.53
N HIS C 158 -22.02 -31.87 -15.69
CA HIS C 158 -23.07 -32.57 -14.95
C HIS C 158 -23.91 -33.51 -15.78
N GLU C 159 -23.28 -34.17 -16.75
CA GLU C 159 -23.93 -35.13 -17.64
C GLU C 159 -24.01 -36.52 -16.98
N ASN C 160 -23.34 -36.68 -15.85
CA ASN C 160 -23.32 -37.95 -15.15
C ASN C 160 -23.77 -37.85 -13.69
N ASP C 161 -24.19 -36.68 -13.25
CA ASP C 161 -24.64 -36.53 -11.86
C ASP C 161 -25.73 -37.55 -11.62
N VAL C 162 -25.94 -37.95 -10.36
CA VAL C 162 -26.97 -38.94 -10.07
C VAL C 162 -28.04 -38.42 -9.13
N ALA C 163 -29.06 -39.25 -8.90
CA ALA C 163 -30.17 -38.92 -8.03
C ALA C 163 -30.80 -37.60 -8.40
N GLU C 164 -31.14 -36.80 -7.41
CA GLU C 164 -31.80 -35.52 -7.65
C GLU C 164 -30.95 -34.55 -8.46
N LYS C 165 -29.64 -34.62 -8.31
CA LYS C 165 -28.78 -33.72 -9.05
C LYS C 165 -29.01 -33.94 -10.53
N LEU C 166 -29.17 -35.19 -10.91
CA LEU C 166 -29.37 -35.56 -12.30
C LEU C 166 -30.63 -34.94 -12.85
N LYS C 167 -31.69 -34.92 -12.04
CA LYS C 167 -32.97 -34.40 -12.47
C LYS C 167 -32.81 -32.95 -12.88
N VAL C 168 -31.97 -32.22 -12.16
CA VAL C 168 -31.73 -30.82 -12.49
C VAL C 168 -31.13 -30.83 -13.87
N TYR C 169 -30.25 -31.78 -14.14
CA TYR C 169 -29.64 -31.86 -15.46
C TYR C 169 -30.66 -32.15 -16.55
N LYS C 170 -31.55 -33.12 -16.29
CA LYS C 170 -32.54 -33.50 -17.29
C LYS C 170 -33.37 -32.29 -17.61
N ARG C 171 -33.72 -31.52 -16.58
CA ARG C 171 -34.52 -30.34 -16.81
C ARG C 171 -33.71 -29.32 -17.60
N ARG C 172 -32.47 -29.12 -17.18
CA ARG C 172 -31.59 -28.15 -17.83
C ARG C 172 -31.30 -28.59 -19.24
N LEU C 173 -31.13 -29.89 -19.40
CA LEU C 173 -30.83 -30.46 -20.71
C LEU C 173 -32.00 -30.23 -21.67
N ASP C 174 -33.20 -30.56 -21.22
CA ASP C 174 -34.40 -30.42 -22.01
C ASP C 174 -34.51 -28.99 -22.51
N LEU C 175 -34.75 -28.08 -21.57
CA LEU C 175 -34.87 -26.66 -21.88
C LEU C 175 -33.79 -26.14 -22.81
N PHE C 176 -32.54 -26.28 -22.42
CA PHE C 176 -31.48 -25.79 -23.26
C PHE C 176 -31.67 -26.18 -24.70
N THR C 177 -32.20 -27.38 -24.91
CA THR C 177 -32.41 -27.87 -26.27
C THR C 177 -33.31 -26.92 -27.04
N ILE C 178 -34.31 -26.35 -26.37
CA ILE C 178 -35.20 -25.41 -27.03
C ILE C 178 -34.34 -24.28 -27.55
N VAL C 179 -33.40 -23.81 -26.72
CA VAL C 179 -32.54 -22.72 -27.14
C VAL C 179 -31.58 -23.15 -28.23
N ALA C 180 -30.96 -24.30 -28.05
CA ALA C 180 -29.99 -24.77 -29.02
C ALA C 180 -30.63 -25.04 -30.36
N SER C 181 -31.80 -25.67 -30.33
CA SER C 181 -32.51 -26.03 -31.55
C SER C 181 -32.92 -24.82 -32.36
N THR C 182 -33.47 -23.82 -31.70
CA THR C 182 -33.89 -22.60 -32.38
C THR C 182 -32.69 -21.81 -32.91
N ILE C 183 -31.69 -21.65 -32.06
CA ILE C 183 -30.53 -20.88 -32.45
C ILE C 183 -29.85 -21.55 -33.62
N ASN C 184 -29.76 -22.87 -33.56
CA ASN C 184 -29.08 -23.61 -34.59
C ASN C 184 -29.66 -23.36 -35.98
N LYS C 185 -30.99 -23.26 -36.05
CA LYS C 185 -31.65 -23.02 -37.33
C LYS C 185 -31.08 -21.79 -38.03
N TYR C 186 -30.79 -20.74 -37.26
CA TYR C 186 -30.28 -19.50 -37.83
C TYR C 186 -28.78 -19.34 -37.59
N GLY C 187 -28.22 -20.26 -36.80
CA GLY C 187 -26.81 -20.20 -36.48
C GLY C 187 -26.59 -19.32 -35.27
N VAL C 188 -25.38 -19.32 -34.73
CA VAL C 188 -25.10 -18.52 -33.56
C VAL C 188 -24.53 -17.17 -34.00
N PRO C 189 -25.31 -16.09 -33.80
CA PRO C 189 -24.97 -14.71 -34.13
C PRO C 189 -23.59 -14.31 -33.63
N ARG C 190 -22.84 -13.60 -34.47
CA ARG C 190 -21.51 -13.19 -34.09
C ARG C 190 -21.53 -11.78 -33.55
N HIS C 191 -20.82 -11.59 -32.44
CA HIS C 191 -20.72 -10.31 -31.75
C HIS C 191 -19.45 -9.56 -32.07
N ASN C 192 -19.55 -8.25 -32.22
CA ASN C 192 -18.39 -7.44 -32.50
C ASN C 192 -17.78 -6.95 -31.19
N ALA C 193 -16.58 -6.37 -31.29
CA ALA C 193 -15.87 -5.84 -30.12
C ALA C 193 -16.78 -5.12 -29.14
N LYS C 194 -17.70 -4.29 -29.64
CA LYS C 194 -18.62 -3.56 -28.79
C LYS C 194 -19.75 -4.44 -28.28
N TYR C 195 -19.59 -5.74 -28.42
CA TYR C 195 -20.60 -6.68 -27.95
C TYR C 195 -22.01 -6.37 -28.45
N ARG C 196 -22.08 -5.61 -29.54
CA ARG C 196 -23.36 -5.27 -30.17
C ARG C 196 -23.67 -6.30 -31.25
N TYR C 197 -24.83 -6.20 -31.87
CA TYR C 197 -25.19 -7.14 -32.93
C TYR C 197 -25.56 -6.34 -34.19
N GLU C 198 -24.64 -6.31 -35.14
CA GLU C 198 -24.80 -5.56 -36.38
C GLU C 198 -25.98 -5.97 -37.25
N TYR C 199 -26.10 -5.38 -38.43
CA TYR C 199 -27.20 -5.68 -39.35
C TYR C 199 -27.04 -6.92 -40.20
N ASP C 200 -25.82 -7.18 -40.65
CA ASP C 200 -25.59 -8.35 -41.50
C ASP C 200 -25.86 -9.67 -40.78
N VAL C 201 -25.39 -9.79 -39.54
CA VAL C 201 -25.60 -11.03 -38.78
C VAL C 201 -27.07 -11.22 -38.50
N MET C 202 -27.68 -10.14 -38.03
CA MET C 202 -29.09 -10.08 -37.69
C MET C 202 -30.11 -10.12 -38.83
N LYS C 203 -29.70 -9.64 -40.00
CA LYS C 203 -30.61 -9.50 -41.14
C LYS C 203 -31.47 -10.72 -41.49
N ASP C 204 -30.94 -11.94 -41.39
CA ASP C 204 -31.76 -13.10 -41.72
C ASP C 204 -32.22 -13.89 -40.50
N LYS C 205 -32.21 -13.28 -39.33
CA LYS C 205 -32.62 -13.98 -38.12
C LYS C 205 -33.72 -13.25 -37.37
N PRO C 206 -34.50 -13.97 -36.55
CA PRO C 206 -35.59 -13.40 -35.76
C PRO C 206 -35.11 -12.28 -34.84
N TYR C 207 -35.21 -11.05 -35.33
CA TYR C 207 -34.78 -9.86 -34.60
C TYR C 207 -34.57 -10.02 -33.09
N TYR C 208 -35.62 -10.46 -32.39
CA TYR C 208 -35.52 -10.64 -30.95
C TYR C 208 -34.90 -11.97 -30.54
N LEU C 209 -33.93 -12.44 -31.30
CA LEU C 209 -33.31 -13.72 -30.97
C LEU C 209 -32.27 -13.62 -29.87
N VAL C 210 -31.27 -12.76 -30.07
CA VAL C 210 -30.19 -12.65 -29.11
C VAL C 210 -30.65 -12.34 -27.68
N THR C 211 -31.54 -11.38 -27.52
CA THR C 211 -31.98 -11.06 -26.18
C THR C 211 -32.71 -12.21 -25.59
N TRP C 212 -33.50 -12.87 -26.42
CA TRP C 212 -34.29 -14.00 -25.96
C TRP C 212 -33.41 -15.13 -25.45
N ALA C 213 -32.35 -15.42 -26.19
CA ALA C 213 -31.45 -16.49 -25.82
C ALA C 213 -30.84 -16.20 -24.46
N ASN C 214 -30.50 -14.93 -24.20
CA ASN C 214 -29.90 -14.52 -22.94
C ASN C 214 -30.88 -14.77 -21.79
N SER C 215 -32.12 -14.36 -21.98
CA SER C 215 -33.14 -14.53 -20.97
C SER C 215 -33.48 -16.00 -20.74
N SER C 216 -33.54 -16.77 -21.82
CA SER C 216 -33.83 -18.21 -21.75
C SER C 216 -32.68 -18.92 -21.05
N ILE C 217 -31.46 -18.52 -21.38
CA ILE C 217 -30.27 -19.08 -20.79
C ILE C 217 -30.16 -18.68 -19.32
N GLU C 218 -30.51 -17.44 -19.03
CA GLU C 218 -30.49 -16.93 -17.66
C GLU C 218 -31.47 -17.70 -16.79
N MET C 219 -32.67 -17.95 -17.32
CA MET C 219 -33.68 -18.70 -16.60
C MET C 219 -33.47 -20.21 -16.49
N LEU C 220 -33.03 -20.84 -17.57
CA LEU C 220 -32.84 -22.29 -17.55
C LEU C 220 -31.69 -22.69 -16.67
N MET C 221 -30.81 -21.73 -16.43
CA MET C 221 -29.65 -21.93 -15.57
C MET C 221 -29.98 -21.41 -14.18
N SER C 222 -31.29 -21.41 -13.86
CA SER C 222 -31.80 -20.95 -12.59
C SER C 222 -32.87 -21.94 -12.12
N VAL C 223 -32.93 -23.07 -12.79
CA VAL C 223 -33.92 -24.09 -12.47
C VAL C 223 -33.32 -25.15 -11.57
N PHE C 224 -34.14 -25.70 -10.69
CA PHE C 224 -33.71 -26.78 -9.80
C PHE C 224 -34.84 -27.77 -9.58
N SER C 225 -35.95 -27.31 -9.03
CA SER C 225 -37.07 -28.20 -8.76
C SER C 225 -37.93 -28.24 -9.98
N HIS C 226 -38.80 -29.24 -10.00
CA HIS C 226 -39.72 -29.45 -11.10
C HIS C 226 -40.49 -28.20 -11.52
N ASP C 227 -40.99 -27.48 -10.53
CA ASP C 227 -41.74 -26.27 -10.75
C ASP C 227 -40.88 -25.21 -11.46
N ASP C 228 -39.61 -25.15 -11.11
CA ASP C 228 -38.74 -24.16 -11.75
C ASP C 228 -38.76 -24.48 -13.23
N TYR C 229 -38.68 -25.77 -13.55
CA TYR C 229 -38.66 -26.21 -14.94
C TYR C 229 -39.90 -25.87 -15.75
N LEU C 230 -41.07 -26.08 -15.17
CA LEU C 230 -42.30 -25.78 -15.88
C LEU C 230 -42.31 -24.30 -16.13
N ILE C 231 -41.96 -23.54 -15.09
CA ILE C 231 -41.94 -22.09 -15.13
C ILE C 231 -40.90 -21.56 -16.11
N ALA C 232 -39.70 -22.09 -16.04
CA ALA C 232 -38.68 -21.63 -16.94
C ALA C 232 -39.14 -22.03 -18.32
N LYS C 233 -39.76 -23.19 -18.42
CA LYS C 233 -40.23 -23.71 -19.71
C LYS C 233 -41.36 -22.92 -20.34
N GLU C 234 -42.36 -22.58 -19.55
CA GLU C 234 -43.48 -21.84 -20.10
C GLU C 234 -43.06 -20.45 -20.51
N LEU C 235 -42.31 -19.75 -19.65
CA LEU C 235 -41.85 -18.40 -19.94
C LEU C 235 -40.89 -18.40 -21.12
N ILE C 236 -39.99 -19.36 -21.13
CA ILE C 236 -39.04 -19.46 -22.20
C ILE C 236 -39.76 -19.54 -23.54
N VAL C 237 -40.78 -20.39 -23.62
CA VAL C 237 -41.50 -20.56 -24.88
C VAL C 237 -42.40 -19.42 -25.30
N LEU C 238 -43.24 -18.96 -24.40
CA LEU C 238 -44.13 -17.89 -24.76
C LEU C 238 -43.41 -16.58 -25.07
N SER C 239 -42.30 -16.34 -24.38
CA SER C 239 -41.49 -15.13 -24.55
C SER C 239 -40.94 -15.00 -25.96
N TYR C 240 -40.71 -16.13 -26.61
CA TYR C 240 -40.16 -16.12 -27.96
C TYR C 240 -41.04 -15.36 -28.95
N SER C 241 -42.35 -15.41 -28.74
CA SER C 241 -43.31 -14.71 -29.59
C SER C 241 -43.92 -13.52 -28.85
N ASN C 242 -44.34 -13.71 -27.61
CA ASN C 242 -44.90 -12.62 -26.81
C ASN C 242 -43.77 -11.81 -26.20
N ARG C 243 -43.72 -10.53 -26.52
CA ARG C 243 -42.68 -9.67 -25.99
C ARG C 243 -43.29 -8.35 -25.55
N SER C 244 -44.46 -8.39 -24.94
CA SER C 244 -45.09 -7.16 -24.52
C SER C 244 -46.15 -7.28 -23.43
N THR C 245 -46.45 -8.49 -22.96
CA THR C 245 -47.45 -8.65 -21.92
C THR C 245 -47.24 -9.91 -21.10
N LEU C 246 -46.24 -10.69 -21.46
CA LEU C 246 -45.98 -11.93 -20.75
C LEU C 246 -45.59 -11.66 -19.30
N ALA C 247 -44.70 -10.68 -19.10
CA ALA C 247 -44.21 -10.29 -17.78
C ALA C 247 -45.32 -9.62 -16.96
N LYS C 248 -46.08 -8.77 -17.61
CA LYS C 248 -47.17 -8.09 -16.94
C LYS C 248 -48.26 -9.11 -16.58
N LEU C 249 -48.59 -10.01 -17.50
CA LEU C 249 -49.64 -10.99 -17.27
C LEU C 249 -49.33 -12.02 -16.18
N VAL C 250 -48.10 -12.51 -16.18
CA VAL C 250 -47.68 -13.50 -15.20
C VAL C 250 -47.65 -12.92 -13.79
N SER C 251 -47.22 -11.67 -13.67
CA SER C 251 -47.14 -11.01 -12.38
C SER C 251 -48.48 -10.49 -11.86
N SER C 252 -49.18 -9.72 -12.69
CA SER C 252 -50.46 -9.11 -12.34
C SER C 252 -51.33 -9.66 -11.20
N PRO C 253 -51.61 -10.98 -11.16
CA PRO C 253 -52.44 -11.60 -10.11
C PRO C 253 -51.87 -11.57 -8.71
N MET C 254 -50.56 -11.36 -8.59
CA MET C 254 -49.88 -11.32 -7.30
C MET C 254 -50.48 -10.26 -6.37
N SER C 255 -50.96 -9.17 -6.94
CA SER C 255 -51.55 -8.15 -6.13
C SER C 255 -52.81 -8.66 -5.42
N ILE C 256 -53.68 -9.37 -6.13
CA ILE C 256 -54.88 -9.89 -5.51
C ILE C 256 -54.62 -11.04 -4.55
N LEU C 257 -53.61 -11.85 -4.84
CA LEU C 257 -53.25 -13.00 -4.01
C LEU C 257 -52.85 -12.68 -2.57
N VAL C 258 -52.17 -11.55 -2.39
CA VAL C 258 -51.73 -11.17 -1.06
C VAL C 258 -52.91 -10.98 -0.12
N ALA C 259 -54.01 -10.46 -0.64
CA ALA C 259 -55.20 -10.26 0.17
C ALA C 259 -55.79 -11.59 0.65
N LEU C 260 -55.65 -12.61 -0.19
CA LEU C 260 -56.19 -13.93 0.12
C LEU C 260 -55.74 -14.66 1.40
N VAL C 261 -54.45 -14.65 1.75
CA VAL C 261 -54.03 -15.36 2.97
C VAL C 261 -54.12 -14.62 4.30
N ASP C 262 -54.58 -15.34 5.31
CA ASP C 262 -54.75 -14.82 6.67
C ASP C 262 -53.38 -14.47 7.23
N ILE C 263 -53.31 -14.22 8.53
CA ILE C 263 -52.05 -13.90 9.21
C ILE C 263 -51.97 -14.67 10.54
N ASN C 264 -51.10 -15.67 10.57
CA ASN C 264 -50.90 -16.49 11.77
C ASN C 264 -49.60 -16.02 12.42
N GLY C 265 -49.70 -15.02 13.27
CA GLY C 265 -48.50 -14.50 13.91
C GLY C 265 -47.66 -13.72 12.93
N THR C 266 -47.39 -12.46 13.25
CA THR C 266 -46.61 -11.57 12.40
C THR C 266 -45.80 -10.61 13.25
N PHE C 267 -44.83 -9.95 12.62
CA PHE C 267 -44.01 -8.98 13.33
C PHE C 267 -44.58 -7.59 13.13
N ILE C 268 -44.46 -6.74 14.14
CA ILE C 268 -44.99 -5.39 14.09
C ILE C 268 -43.96 -4.35 14.51
N THR C 269 -44.39 -3.08 14.50
CA THR C 269 -43.52 -1.99 14.90
C THR C 269 -43.97 -1.41 16.24
N ASN C 270 -43.12 -1.56 17.24
CA ASN C 270 -43.42 -1.09 18.59
C ASN C 270 -42.94 0.34 18.75
N GLU C 271 -43.24 0.93 19.91
CA GLU C 271 -42.89 2.31 20.23
C GLU C 271 -41.45 2.70 19.97
N GLU C 272 -40.54 1.73 20.09
CA GLU C 272 -39.11 1.95 19.86
C GLU C 272 -38.75 1.69 18.41
N LEU C 273 -39.78 1.67 17.56
CA LEU C 273 -39.67 1.45 16.11
C LEU C 273 -38.74 0.31 15.72
N GLU C 274 -38.96 -0.83 16.35
CA GLU C 274 -38.18 -2.03 16.10
C GLU C 274 -39.16 -3.18 15.91
N LEU C 275 -38.86 -4.06 14.96
CA LEU C 275 -39.72 -5.19 14.67
C LEU C 275 -39.93 -6.03 15.91
N GLU C 276 -41.20 -6.24 16.25
CA GLU C 276 -41.54 -7.01 17.43
C GLU C 276 -42.51 -8.09 17.02
N PHE C 277 -42.22 -9.33 17.40
CA PHE C 277 -43.10 -10.45 17.05
C PHE C 277 -44.43 -10.38 17.77
N SER C 278 -45.52 -10.40 17.01
CA SER C 278 -46.86 -10.36 17.56
C SER C 278 -47.55 -11.66 17.18
N ASN C 279 -48.39 -12.18 18.06
CA ASN C 279 -49.08 -13.44 17.79
C ASN C 279 -50.44 -13.22 17.12
N LYS C 280 -50.81 -11.96 16.97
CA LYS C 280 -52.09 -11.58 16.35
C LYS C 280 -52.48 -12.47 15.17
N TYR C 281 -53.79 -12.64 15.00
CA TYR C 281 -54.35 -13.45 13.93
C TYR C 281 -55.35 -12.60 13.17
N VAL C 282 -55.27 -12.59 11.84
CA VAL C 282 -56.22 -11.81 11.06
C VAL C 282 -56.76 -12.64 9.89
N ARG C 283 -58.10 -12.77 9.82
CA ARG C 283 -58.72 -13.53 8.76
C ARG C 283 -58.75 -12.70 7.49
N ALA C 284 -58.11 -13.23 6.46
CA ALA C 284 -58.06 -12.55 5.17
C ALA C 284 -59.41 -12.68 4.50
N ILE C 285 -60.30 -11.73 4.75
CA ILE C 285 -61.62 -11.79 4.15
C ILE C 285 -61.72 -10.96 2.88
N VAL C 286 -62.15 -11.61 1.80
CA VAL C 286 -62.28 -10.91 0.53
C VAL C 286 -63.69 -11.04 -0.05
N PRO C 287 -64.18 -9.97 -0.68
CA PRO C 287 -65.52 -9.91 -1.30
C PRO C 287 -65.59 -10.76 -2.55
N ASP C 288 -66.79 -11.19 -2.92
CA ASP C 288 -66.99 -12.02 -4.10
C ASP C 288 -66.43 -11.41 -5.40
N GLN C 289 -66.73 -10.13 -5.62
CA GLN C 289 -66.30 -9.46 -6.85
C GLN C 289 -64.78 -9.50 -7.01
N THR C 290 -64.06 -9.41 -5.90
CA THR C 290 -62.60 -9.44 -5.90
C THR C 290 -62.10 -10.77 -6.45
N PHE C 291 -62.82 -11.84 -6.14
CA PHE C 291 -62.44 -13.14 -6.64
C PHE C 291 -62.55 -13.19 -8.16
N ASP C 292 -63.60 -12.57 -8.70
CA ASP C 292 -63.82 -12.53 -10.14
C ASP C 292 -62.69 -11.78 -10.79
N GLU C 293 -62.25 -10.70 -10.14
CA GLU C 293 -61.17 -9.90 -10.68
C GLU C 293 -59.98 -10.83 -10.86
N LEU C 294 -59.73 -11.69 -9.87
CA LEU C 294 -58.62 -12.63 -9.96
C LEU C 294 -58.85 -13.67 -11.04
N ASN C 295 -60.09 -14.10 -11.22
CA ASN C 295 -60.35 -15.11 -12.24
C ASN C 295 -59.99 -14.57 -13.63
N GLN C 296 -60.35 -13.31 -13.89
CA GLN C 296 -60.08 -12.67 -15.17
C GLN C 296 -58.57 -12.59 -15.42
N MET C 297 -57.80 -12.36 -14.36
CA MET C 297 -56.34 -12.31 -14.47
C MET C 297 -55.85 -13.68 -14.91
N LEU C 298 -56.47 -14.71 -14.34
CA LEU C 298 -56.13 -16.07 -14.68
C LEU C 298 -56.56 -16.37 -16.11
N ASP C 299 -57.75 -15.92 -16.50
CA ASP C 299 -58.25 -16.16 -17.85
C ASP C 299 -57.38 -15.49 -18.87
N ASN C 300 -57.00 -14.24 -18.61
CA ASN C 300 -56.16 -13.47 -19.52
C ASN C 300 -54.84 -14.17 -19.71
N MET C 301 -54.35 -14.77 -18.62
CA MET C 301 -53.12 -15.53 -18.66
C MET C 301 -53.36 -16.74 -19.53
N ARG C 302 -54.53 -17.35 -19.34
CA ARG C 302 -54.86 -18.56 -20.11
C ARG C 302 -55.07 -18.26 -21.59
N LYS C 303 -55.87 -17.24 -21.89
CA LYS C 303 -56.16 -16.90 -23.27
C LYS C 303 -54.92 -16.45 -24.00
N ALA C 304 -53.83 -16.26 -23.26
CA ALA C 304 -52.57 -15.78 -23.83
C ALA C 304 -51.50 -16.84 -24.05
N GLY C 305 -51.88 -18.11 -23.90
CA GLY C 305 -50.93 -19.20 -24.13
C GLY C 305 -50.55 -20.00 -22.90
N LEU C 306 -50.48 -19.31 -21.77
CA LEU C 306 -50.12 -19.94 -20.51
C LEU C 306 -50.96 -21.17 -20.21
N VAL C 307 -50.41 -22.08 -19.42
CA VAL C 307 -51.10 -23.31 -19.09
C VAL C 307 -50.77 -23.79 -17.69
N ASP C 308 -49.51 -24.19 -17.48
CA ASP C 308 -49.03 -24.67 -16.20
C ASP C 308 -48.99 -23.63 -15.09
N ILE C 309 -48.49 -22.43 -15.41
CA ILE C 309 -48.42 -21.38 -14.40
C ILE C 309 -49.83 -21.02 -13.90
N PRO C 310 -50.79 -20.89 -14.82
CA PRO C 310 -52.13 -20.55 -14.34
C PRO C 310 -52.65 -21.67 -13.47
N LYS C 311 -52.34 -22.89 -13.88
CA LYS C 311 -52.81 -24.04 -13.14
C LYS C 311 -52.28 -23.99 -11.72
N MET C 312 -51.01 -23.61 -11.56
CA MET C 312 -50.38 -23.58 -10.23
C MET C 312 -51.08 -22.63 -9.28
N ILE C 313 -51.40 -21.44 -9.74
CA ILE C 313 -52.08 -20.46 -8.91
C ILE C 313 -53.45 -21.03 -8.56
N GLN C 314 -54.05 -21.72 -9.52
CA GLN C 314 -55.37 -22.30 -9.31
C GLN C 314 -55.33 -23.31 -8.18
N ASP C 315 -54.28 -24.13 -8.16
CA ASP C 315 -54.13 -25.13 -7.11
C ASP C 315 -53.92 -24.43 -5.79
N TRP C 316 -53.18 -23.34 -5.83
CA TRP C 316 -52.90 -22.59 -4.62
C TRP C 316 -54.16 -22.02 -3.98
N LEU C 317 -55.08 -21.54 -4.81
CA LEU C 317 -56.32 -20.96 -4.33
C LEU C 317 -57.30 -21.92 -3.63
N VAL C 318 -57.02 -23.22 -3.65
CA VAL C 318 -57.93 -24.18 -3.01
C VAL C 318 -57.83 -24.14 -1.50
N ASP C 319 -56.65 -23.80 -1.01
CA ASP C 319 -56.44 -23.72 0.43
C ASP C 319 -55.73 -22.42 0.83
N ARG C 320 -55.09 -21.77 -0.14
CA ARG C 320 -54.39 -20.52 0.11
C ARG C 320 -53.59 -20.56 1.40
N SER C 321 -52.72 -21.57 1.50
CA SER C 321 -51.90 -21.74 2.69
C SER C 321 -50.57 -21.03 2.54
N ILE C 322 -50.29 -20.09 3.44
CA ILE C 322 -49.02 -19.38 3.37
C ILE C 322 -47.86 -20.37 3.30
N GLU C 323 -48.10 -21.59 3.81
CA GLU C 323 -47.07 -22.63 3.83
C GLU C 323 -46.67 -23.05 2.43
N LYS C 324 -47.57 -22.83 1.47
CA LYS C 324 -47.33 -23.16 0.06
C LYS C 324 -47.33 -21.89 -0.78
N PHE C 325 -47.08 -20.76 -0.14
CA PHE C 325 -47.02 -19.48 -0.83
C PHE C 325 -45.71 -19.28 -1.59
N PRO C 326 -44.59 -19.84 -1.08
CA PRO C 326 -43.32 -19.70 -1.74
C PRO C 326 -43.37 -19.82 -3.26
N LEU C 327 -44.27 -20.67 -3.75
CA LEU C 327 -44.42 -20.89 -5.18
C LEU C 327 -44.98 -19.67 -5.90
N MET C 328 -45.97 -19.05 -5.28
CA MET C 328 -46.60 -17.89 -5.87
C MET C 328 -45.53 -16.83 -6.04
N ALA C 329 -44.59 -16.80 -5.10
CA ALA C 329 -43.48 -15.85 -5.12
C ALA C 329 -42.49 -16.13 -6.23
N LYS C 330 -42.19 -17.39 -6.46
CA LYS C 330 -41.25 -17.75 -7.49
C LYS C 330 -41.78 -17.28 -8.84
N ILE C 331 -43.10 -17.34 -9.01
CA ILE C 331 -43.73 -16.92 -10.28
C ILE C 331 -43.61 -15.42 -10.52
N TYR C 332 -43.93 -14.64 -9.50
CA TYR C 332 -43.89 -13.19 -9.57
C TYR C 332 -42.43 -12.72 -9.80
N SER C 333 -41.47 -13.38 -9.15
CA SER C 333 -40.07 -13.04 -9.35
C SER C 333 -39.57 -13.49 -10.72
N TRP C 334 -39.99 -14.67 -11.13
CA TRP C 334 -39.58 -15.24 -12.42
C TRP C 334 -40.09 -14.48 -13.64
N SER C 335 -41.29 -13.93 -13.55
CA SER C 335 -41.88 -13.24 -14.66
C SER C 335 -41.00 -12.08 -15.14
N PHE C 336 -40.16 -11.54 -14.26
CA PHE C 336 -39.26 -10.44 -14.61
C PHE C 336 -38.06 -10.82 -15.46
N HIS C 337 -37.61 -12.08 -15.39
CA HIS C 337 -36.43 -12.53 -16.13
C HIS C 337 -36.71 -12.87 -17.59
N VAL C 338 -37.78 -12.31 -18.13
CA VAL C 338 -38.14 -12.56 -19.52
C VAL C 338 -37.50 -11.50 -20.41
N GLY C 339 -36.98 -10.43 -19.80
CA GLY C 339 -36.33 -9.38 -20.56
C GLY C 339 -36.88 -7.98 -20.32
N PHE C 340 -36.35 -7.01 -21.05
CA PHE C 340 -36.78 -5.61 -20.93
C PHE C 340 -37.68 -5.17 -22.08
N ARG C 341 -38.85 -4.62 -21.77
CA ARG C 341 -39.74 -4.16 -22.84
C ARG C 341 -39.18 -2.88 -23.48
N LYS C 342 -38.36 -3.03 -24.51
CA LYS C 342 -37.76 -1.87 -25.18
C LYS C 342 -38.47 -1.51 -26.49
N GLN C 343 -39.48 -0.64 -26.37
CA GLN C 343 -40.23 -0.18 -27.53
C GLN C 343 -39.71 1.14 -28.08
N LYS C 344 -40.20 1.54 -29.25
CA LYS C 344 -39.76 2.79 -29.87
C LYS C 344 -40.11 4.00 -28.99
N MET C 345 -39.17 4.93 -28.87
CA MET C 345 -39.37 6.11 -28.05
C MET C 345 -40.72 6.80 -28.19
N LEU C 346 -41.19 6.96 -29.43
CA LEU C 346 -42.47 7.63 -29.71
C LEU C 346 -43.66 6.88 -29.19
N ASP C 347 -43.62 5.57 -29.28
CA ASP C 347 -44.71 4.76 -28.80
C ASP C 347 -44.80 4.94 -27.30
N ALA C 348 -43.64 4.94 -26.65
CA ALA C 348 -43.60 5.07 -25.20
C ALA C 348 -44.19 6.41 -24.83
N ALA C 349 -43.80 7.44 -25.57
CA ALA C 349 -44.26 8.81 -25.37
C ALA C 349 -45.75 8.99 -25.60
N LEU C 350 -46.28 8.26 -26.56
CA LEU C 350 -47.67 8.32 -26.97
C LEU C 350 -48.73 7.98 -25.93
N ASP C 351 -48.44 7.06 -25.00
CA ASP C 351 -49.44 6.64 -24.02
C ASP C 351 -50.03 7.83 -23.28
N GLN C 352 -49.23 8.84 -22.99
CA GLN C 352 -49.71 10.03 -22.31
C GLN C 352 -50.70 10.82 -23.17
N GLU C 364 -61.81 21.64 -11.64
CA GLU C 364 -63.07 21.72 -10.91
C GLU C 364 -63.05 20.88 -9.62
N MET C 365 -62.65 19.62 -9.74
CA MET C 365 -62.60 18.75 -8.56
C MET C 365 -61.17 18.53 -8.09
N TYR C 366 -60.28 19.42 -8.51
CA TYR C 366 -58.88 19.37 -8.14
C TYR C 366 -58.55 20.49 -7.17
N ARG C 367 -59.59 21.17 -6.70
CA ARG C 367 -59.41 22.26 -5.74
C ARG C 367 -58.87 21.69 -4.43
N GLU C 368 -59.49 20.61 -3.97
CA GLU C 368 -59.09 19.96 -2.73
C GLU C 368 -57.72 19.35 -2.89
N TYR C 369 -57.51 18.71 -4.02
CA TYR C 369 -56.26 18.03 -4.32
C TYR C 369 -55.03 18.93 -4.44
N THR C 370 -55.12 19.97 -5.26
CA THR C 370 -54.00 20.88 -5.44
C THR C 370 -53.75 21.68 -4.18
N MET C 371 -54.81 21.99 -3.44
CA MET C 371 -54.71 22.77 -2.21
C MET C 371 -53.78 22.06 -1.22
N LEU C 372 -53.89 20.75 -1.10
CA LEU C 372 -53.03 20.00 -0.19
C LEU C 372 -51.59 19.99 -0.68
N ILE C 373 -51.40 19.88 -2.00
CA ILE C 373 -50.06 19.85 -2.56
C ILE C 373 -49.33 21.15 -2.24
N ARG C 374 -50.04 22.27 -2.35
CA ARG C 374 -49.46 23.58 -2.07
C ARG C 374 -49.12 23.68 -0.59
N ASP C 375 -50.06 23.29 0.25
CA ASP C 375 -49.89 23.36 1.69
C ASP C 375 -48.71 22.52 2.18
N GLU C 376 -48.56 21.34 1.60
CA GLU C 376 -47.47 20.44 1.97
C GLU C 376 -46.15 21.09 1.61
N VAL C 377 -46.14 21.78 0.47
CA VAL C 377 -44.95 22.46 -0.02
C VAL C 377 -44.54 23.55 0.96
N VAL C 378 -45.55 24.25 1.47
CA VAL C 378 -45.30 25.33 2.39
C VAL C 378 -44.71 24.83 3.70
N LYS C 379 -45.26 23.76 4.25
CA LYS C 379 -44.75 23.26 5.53
C LYS C 379 -43.30 22.91 5.38
N MET C 380 -42.97 22.20 4.31
CA MET C 380 -41.61 21.79 4.09
C MET C 380 -40.67 22.99 4.02
N LEU C 381 -41.20 24.16 3.65
CA LEU C 381 -40.37 25.36 3.50
C LEU C 381 -40.91 26.58 4.25
N GLU C 382 -41.57 26.34 5.37
CA GLU C 382 -42.15 27.44 6.13
C GLU C 382 -41.14 28.07 7.06
N GLU C 383 -40.58 27.28 7.98
CA GLU C 383 -39.63 27.82 8.92
C GLU C 383 -38.36 28.32 8.25
N PRO C 384 -37.82 27.57 7.30
CA PRO C 384 -36.59 28.01 6.65
C PRO C 384 -36.71 29.35 5.94
N VAL C 385 -37.83 29.58 5.31
CA VAL C 385 -38.04 30.83 4.57
C VAL C 385 -38.11 32.08 5.42
N LYS C 386 -38.83 32.02 6.53
CA LYS C 386 -38.94 33.20 7.38
C LYS C 386 -37.61 33.55 8.03
N HIS C 387 -36.93 32.54 8.54
CA HIS C 387 -35.64 32.75 9.17
C HIS C 387 -34.60 33.23 8.17
N ASP C 388 -34.75 32.84 6.91
CA ASP C 388 -33.85 33.23 5.83
C ASP C 388 -32.66 32.31 5.85
N ASP C 389 -32.95 31.02 5.79
CA ASP C 389 -31.94 29.99 5.80
C ASP C 389 -30.83 30.32 4.85
N HIS C 390 -29.59 30.08 5.27
CA HIS C 390 -28.46 30.38 4.41
C HIS C 390 -28.51 29.56 3.13
N LEU C 391 -29.03 28.33 3.25
CA LEU C 391 -29.13 27.44 2.10
C LEU C 391 -30.03 28.06 1.03
N LEU C 392 -31.14 28.63 1.46
CA LEU C 392 -32.07 29.26 0.55
C LEU C 392 -31.42 30.51 -0.05
N ARG C 393 -30.70 31.25 0.78
CA ARG C 393 -30.05 32.45 0.30
C ARG C 393 -28.95 32.14 -0.72
N ASP C 394 -28.11 31.14 -0.44
CA ASP C 394 -27.03 30.80 -1.36
C ASP C 394 -27.28 29.59 -2.23
N SER C 395 -28.56 29.29 -2.46
CA SER C 395 -28.98 28.15 -3.26
C SER C 395 -28.20 27.95 -4.55
N GLU C 396 -27.72 29.04 -5.14
CA GLU C 396 -26.97 28.96 -6.39
C GLU C 396 -25.63 28.23 -6.25
N LEU C 397 -24.93 28.48 -5.15
CA LEU C 397 -23.65 27.81 -4.93
C LEU C 397 -23.89 26.31 -4.63
N ALA C 398 -24.88 26.03 -3.79
CA ALA C 398 -25.16 24.66 -3.41
C ALA C 398 -25.54 23.82 -4.63
N GLY C 399 -26.43 24.36 -5.46
CA GLY C 399 -26.84 23.64 -6.64
C GLY C 399 -25.64 23.46 -7.53
N LEU C 400 -24.79 24.48 -7.58
CA LEU C 400 -23.60 24.43 -8.41
C LEU C 400 -22.69 23.33 -7.93
N LEU C 401 -22.51 23.25 -6.61
CA LEU C 401 -21.63 22.24 -6.02
C LEU C 401 -22.16 20.82 -6.23
N SER C 402 -23.48 20.69 -6.10
CA SER C 402 -24.18 19.43 -6.25
C SER C 402 -24.06 18.77 -7.63
N MET C 403 -23.92 19.58 -8.68
CA MET C 403 -23.78 19.07 -10.04
C MET C 403 -23.22 17.65 -10.17
N SER C 404 -22.28 17.27 -9.31
CA SER C 404 -21.71 15.92 -9.36
C SER C 404 -22.82 14.89 -9.18
N SER C 405 -23.82 15.24 -8.37
CA SER C 405 -24.96 14.37 -8.12
C SER C 405 -26.17 14.98 -8.83
N ALA C 406 -25.93 15.50 -10.02
CA ALA C 406 -27.00 16.09 -10.81
C ALA C 406 -27.36 15.13 -11.92
N SER C 407 -28.50 15.38 -12.57
CA SER C 407 -28.97 14.51 -13.66
C SER C 407 -28.03 14.56 -14.85
N ASN C 408 -28.59 14.55 -16.06
CA ASN C 408 -27.79 14.60 -17.28
C ASN C 408 -28.43 15.51 -18.34
N GLY C 409 -27.59 16.05 -19.21
CA GLY C 409 -28.06 16.92 -20.27
C GLY C 409 -27.51 16.47 -21.61
N GLU C 410 -27.86 17.19 -22.67
CA GLU C 410 -27.40 16.84 -24.02
C GLU C 410 -25.88 16.85 -24.12
N SER C 411 -25.32 15.92 -24.91
CA SER C 411 -23.86 15.85 -25.07
C SER C 411 -23.40 17.01 -25.93
N ARG C 412 -23.31 18.19 -25.32
CA ARG C 412 -22.89 19.39 -26.01
C ARG C 412 -21.47 19.30 -26.55
N GLN C 413 -21.04 20.38 -27.20
CA GLN C 413 -19.69 20.45 -27.75
C GLN C 413 -18.93 21.45 -26.89
N LEU C 414 -17.66 21.14 -26.61
CA LEU C 414 -16.85 22.02 -25.78
C LEU C 414 -15.42 22.20 -26.27
N LYS C 415 -14.76 23.20 -25.70
CA LYS C 415 -13.38 23.54 -26.02
C LYS C 415 -12.69 24.06 -24.76
N PHE C 416 -11.63 23.37 -24.33
CA PHE C 416 -10.87 23.77 -23.15
C PHE C 416 -9.38 23.82 -23.48
N GLY C 417 -8.84 25.03 -23.53
CA GLY C 417 -7.43 25.19 -23.85
C GLY C 417 -7.23 25.32 -25.35
N ARG C 418 -7.14 24.19 -26.04
CA ARG C 418 -6.94 24.17 -27.48
C ARG C 418 -7.45 22.88 -28.11
N LYS C 419 -8.53 22.33 -27.56
CA LYS C 419 -9.12 21.10 -28.08
C LYS C 419 -10.64 21.10 -28.03
N THR C 420 -11.23 19.98 -28.44
CA THR C 420 -12.66 19.83 -28.48
C THR C 420 -13.12 18.51 -27.86
N ILE C 421 -14.25 18.54 -27.17
CA ILE C 421 -14.79 17.33 -26.55
C ILE C 421 -16.32 17.25 -26.62
N PHE C 422 -16.84 16.04 -26.44
CA PHE C 422 -18.28 15.80 -26.48
C PHE C 422 -18.80 15.40 -25.11
N SER C 423 -18.67 16.27 -24.13
CA SER C 423 -19.14 15.96 -22.78
C SER C 423 -20.65 16.10 -22.65
N THR C 424 -21.24 15.19 -21.89
CA THR C 424 -22.68 15.18 -21.66
C THR C 424 -23.00 15.56 -20.23
N LYS C 425 -21.97 15.61 -19.38
CA LYS C 425 -22.14 15.96 -17.99
C LYS C 425 -22.51 17.43 -17.79
N LYS C 426 -23.57 17.65 -17.03
CA LYS C 426 -24.11 18.98 -16.77
C LYS C 426 -23.14 19.94 -16.08
N ASN C 427 -22.27 19.41 -15.21
CA ASN C 427 -21.30 20.25 -14.49
C ASN C 427 -20.32 20.92 -15.44
N MET C 428 -19.80 20.18 -16.40
CA MET C 428 -18.86 20.74 -17.35
C MET C 428 -19.50 21.86 -18.15
N HIS C 429 -20.78 21.72 -18.44
CA HIS C 429 -21.47 22.75 -19.21
C HIS C 429 -21.32 24.04 -18.44
N VAL C 430 -21.42 23.98 -17.11
CA VAL C 430 -21.28 25.18 -16.31
C VAL C 430 -19.90 25.78 -16.52
N MET C 431 -18.89 24.93 -16.67
CA MET C 431 -17.53 25.43 -16.87
C MET C 431 -17.37 26.17 -18.18
N ASP C 432 -17.90 25.61 -19.26
CA ASP C 432 -17.80 26.22 -20.57
C ASP C 432 -18.53 27.55 -20.56
N ASP C 433 -19.72 27.56 -19.99
CA ASP C 433 -20.55 28.75 -19.93
C ASP C 433 -20.00 29.87 -19.05
N MET C 434 -19.41 29.53 -17.91
CA MET C 434 -18.85 30.56 -17.04
C MET C 434 -17.65 31.24 -17.69
N ALA C 435 -16.79 30.42 -18.31
CA ALA C 435 -15.59 30.91 -18.98
C ALA C 435 -15.92 31.43 -20.36
N ASN C 436 -17.21 31.66 -20.61
CA ASN C 436 -17.63 32.17 -21.90
C ASN C 436 -18.70 33.25 -21.78
N GLU C 437 -18.93 33.71 -20.55
CA GLU C 437 -19.92 34.76 -20.31
C GLU C 437 -21.34 34.30 -20.68
N ARG C 438 -21.46 33.03 -21.05
CA ARG C 438 -22.74 32.43 -21.44
C ARG C 438 -23.51 31.99 -20.20
N TYR C 439 -22.78 31.62 -19.15
CA TYR C 439 -23.39 31.19 -17.91
C TYR C 439 -24.39 32.26 -17.44
N THR C 440 -25.68 31.91 -17.39
CA THR C 440 -26.70 32.86 -16.95
C THR C 440 -27.86 32.18 -16.24
N PRO C 441 -27.62 31.65 -15.04
CA PRO C 441 -28.65 30.96 -14.24
C PRO C 441 -29.89 31.77 -13.93
N GLY C 442 -29.74 33.08 -13.80
CA GLY C 442 -30.90 33.90 -13.50
C GLY C 442 -31.92 33.80 -14.62
N ILE C 443 -31.46 33.28 -15.76
CA ILE C 443 -32.30 33.11 -16.94
C ILE C 443 -32.37 31.63 -17.27
N ILE C 444 -33.44 30.98 -16.79
CA ILE C 444 -33.67 29.56 -17.02
C ILE C 444 -34.35 29.30 -18.36
N PRO C 445 -33.62 28.70 -19.29
CA PRO C 445 -34.08 28.36 -20.63
C PRO C 445 -35.52 27.88 -20.71
N PRO C 446 -36.29 28.41 -21.68
CA PRO C 446 -37.68 28.03 -21.86
C PRO C 446 -37.74 26.63 -22.45
N VAL C 447 -38.65 25.82 -21.94
CA VAL C 447 -38.79 24.46 -22.40
C VAL C 447 -40.09 24.29 -23.19
N ASN C 448 -40.18 24.98 -24.31
CA ASN C 448 -41.36 24.89 -25.16
C ASN C 448 -40.97 24.74 -26.63
N VAL C 449 -41.91 25.11 -27.49
CA VAL C 449 -41.74 25.00 -28.93
C VAL C 449 -40.40 25.53 -29.44
N ASP C 450 -40.00 26.71 -28.96
CA ASP C 450 -38.74 27.29 -29.38
C ASP C 450 -37.58 26.37 -29.00
N LYS C 451 -37.41 26.15 -27.70
CA LYS C 451 -36.34 25.29 -27.21
C LYS C 451 -36.92 24.10 -26.44
N PRO C 452 -37.46 23.10 -27.16
CA PRO C 452 -38.05 21.90 -26.57
C PRO C 452 -37.10 21.13 -25.66
N ILE C 453 -37.58 20.01 -25.12
CA ILE C 453 -36.83 19.18 -24.20
C ILE C 453 -36.39 17.86 -24.80
N PRO C 454 -35.08 17.58 -24.82
CA PRO C 454 -34.64 16.30 -25.38
C PRO C 454 -35.28 15.20 -24.56
N LEU C 455 -34.92 13.95 -24.82
CA LEU C 455 -35.54 12.89 -24.05
C LEU C 455 -34.66 11.72 -23.67
N GLY C 456 -34.93 11.21 -22.47
CA GLY C 456 -34.20 10.08 -21.95
C GLY C 456 -35.24 9.04 -21.63
N ARG C 457 -34.80 7.84 -21.26
CA ARG C 457 -35.75 6.78 -20.97
C ARG C 457 -35.33 5.83 -19.87
N ARG C 458 -36.33 5.09 -19.38
CA ARG C 458 -36.16 4.11 -18.32
C ARG C 458 -36.99 2.87 -18.61
N ASP C 459 -36.34 1.75 -18.84
CA ASP C 459 -37.07 0.51 -19.13
C ASP C 459 -37.12 -0.38 -17.92
N VAL C 460 -38.20 -1.16 -17.82
CA VAL C 460 -38.38 -2.08 -16.71
C VAL C 460 -39.23 -3.26 -17.18
N PRO C 461 -38.91 -4.48 -16.73
CA PRO C 461 -39.69 -5.64 -17.15
C PRO C 461 -41.14 -5.53 -16.73
N GLY C 462 -42.05 -5.86 -17.65
CA GLY C 462 -43.46 -5.83 -17.34
C GLY C 462 -44.12 -4.49 -17.11
N ARG C 463 -43.77 -3.50 -17.92
CA ARG C 463 -44.38 -2.18 -17.80
C ARG C 463 -44.09 -1.29 -18.99
N ARG C 464 -45.09 -0.51 -19.39
CA ARG C 464 -44.94 0.40 -20.53
C ARG C 464 -43.79 1.34 -20.28
N THR C 465 -42.98 1.53 -21.32
CA THR C 465 -41.82 2.39 -21.24
C THR C 465 -42.19 3.82 -20.84
N ARG C 466 -41.40 4.39 -19.94
CA ARG C 466 -41.62 5.75 -19.49
C ARG C 466 -40.47 6.65 -19.93
N ILE C 467 -40.80 7.90 -20.28
CA ILE C 467 -39.78 8.84 -20.74
C ILE C 467 -39.24 9.75 -19.63
N ILE C 468 -38.05 10.28 -19.89
CA ILE C 468 -37.32 11.14 -18.97
C ILE C 468 -36.92 12.42 -19.68
N PHE C 469 -37.32 13.58 -19.14
CA PHE C 469 -36.97 14.88 -19.73
C PHE C 469 -35.48 14.98 -19.82
N ILE C 470 -35.00 16.10 -20.31
CA ILE C 470 -33.58 16.35 -20.42
C ILE C 470 -33.46 17.87 -20.38
N LEU C 471 -33.77 18.43 -19.21
CA LEU C 471 -33.72 19.86 -19.01
C LEU C 471 -32.26 20.29 -18.82
N PRO C 472 -31.92 21.55 -19.16
CA PRO C 472 -30.56 22.06 -19.02
C PRO C 472 -30.20 22.19 -17.53
N TYR C 473 -29.00 22.71 -17.26
CA TYR C 473 -28.54 22.88 -15.88
C TYR C 473 -29.19 24.01 -15.07
N GLU C 474 -29.76 25.00 -15.74
CA GLU C 474 -30.37 26.10 -15.00
C GLU C 474 -31.46 25.51 -14.12
N TYR C 475 -32.10 24.45 -14.60
CA TYR C 475 -33.18 23.77 -13.87
C TYR C 475 -32.77 23.04 -12.56
N PHE C 476 -31.62 22.36 -12.59
CA PHE C 476 -31.12 21.64 -11.41
C PHE C 476 -30.70 22.62 -10.30
N ILE C 477 -30.06 23.70 -10.74
CA ILE C 477 -29.57 24.74 -9.88
C ILE C 477 -30.73 25.45 -9.20
N ALA C 478 -31.80 25.70 -9.93
CA ALA C 478 -32.96 26.36 -9.37
C ALA C 478 -33.83 25.39 -8.59
N GLN C 479 -33.36 24.16 -8.43
CA GLN C 479 -34.15 23.17 -7.71
C GLN C 479 -33.46 22.40 -6.59
N HIS C 480 -32.13 22.46 -6.52
CA HIS C 480 -31.41 21.70 -5.49
C HIS C 480 -31.65 22.13 -4.04
N ALA C 481 -31.56 23.42 -3.76
CA ALA C 481 -31.74 23.88 -2.41
C ALA C 481 -33.14 23.65 -1.88
N VAL C 482 -34.13 23.99 -2.67
CA VAL C 482 -35.52 23.84 -2.23
C VAL C 482 -35.90 22.40 -1.96
N VAL C 483 -35.46 21.50 -2.83
CA VAL C 483 -35.77 20.08 -2.71
C VAL C 483 -35.06 19.52 -1.49
N GLU C 484 -33.81 19.94 -1.32
CA GLU C 484 -33.00 19.47 -0.22
C GLU C 484 -33.61 19.86 1.10
N LYS C 485 -34.16 21.06 1.15
CA LYS C 485 -34.84 21.54 2.33
C LYS C 485 -36.15 20.79 2.51
N MET C 486 -36.77 20.42 1.39
CA MET C 486 -38.05 19.68 1.42
C MET C 486 -37.81 18.34 2.02
N LEU C 487 -36.74 17.69 1.59
CA LEU C 487 -36.42 16.35 2.07
C LEU C 487 -36.19 16.27 3.57
N ILE C 488 -35.58 17.30 4.14
CA ILE C 488 -35.31 17.31 5.57
C ILE C 488 -36.63 17.18 6.33
N TYR C 489 -37.67 17.83 5.80
CA TYR C 489 -38.99 17.75 6.43
C TYR C 489 -39.50 16.33 6.29
N ALA C 490 -39.31 15.77 5.10
CA ALA C 490 -39.76 14.42 4.82
C ALA C 490 -39.03 13.48 5.74
N LYS C 491 -37.73 13.72 5.86
CA LYS C 491 -36.82 12.93 6.67
C LYS C 491 -37.35 12.62 8.06
N HIS C 492 -38.16 13.53 8.61
CA HIS C 492 -38.73 13.33 9.94
C HIS C 492 -40.26 13.19 9.97
N THR C 493 -40.83 12.90 8.81
CA THR C 493 -42.27 12.71 8.65
C THR C 493 -42.54 11.27 8.15
N ARG C 494 -43.16 10.46 8.99
CA ARG C 494 -43.39 9.06 8.68
C ARG C 494 -44.28 8.75 7.48
N GLU C 495 -45.15 9.70 7.12
CA GLU C 495 -46.03 9.52 5.98
C GLU C 495 -45.23 9.15 4.73
N TYR C 496 -44.05 9.73 4.58
CA TYR C 496 -43.16 9.44 3.46
C TYR C 496 -42.26 8.26 3.80
N ALA C 497 -42.81 7.06 3.72
CA ALA C 497 -42.09 5.84 4.06
C ALA C 497 -40.76 5.61 3.36
N GLU C 498 -40.41 6.48 2.42
CA GLU C 498 -39.15 6.31 1.71
C GLU C 498 -38.04 7.14 2.32
N PHE C 499 -38.39 8.29 2.89
CA PHE C 499 -37.40 9.18 3.46
C PHE C 499 -37.14 9.08 4.96
N TYR C 500 -38.21 8.96 5.75
CA TYR C 500 -38.14 8.91 7.21
C TYR C 500 -36.89 8.31 7.85
N SER C 501 -36.14 9.15 8.55
CA SER C 501 -34.92 8.74 9.23
C SER C 501 -34.06 7.80 8.39
N GLN C 502 -33.42 6.85 9.05
CA GLN C 502 -32.57 5.91 8.35
C GLN C 502 -33.35 4.65 8.06
N SER C 503 -34.66 4.73 8.28
CA SER C 503 -35.60 3.64 8.09
C SER C 503 -35.30 2.73 6.90
N ASN C 504 -35.37 1.42 7.14
CA ASN C 504 -35.16 0.43 6.10
C ASN C 504 -36.57 -0.14 5.83
N GLN C 505 -36.71 -0.90 4.73
CA GLN C 505 -37.99 -1.47 4.35
C GLN C 505 -38.69 -2.28 5.42
N LEU C 506 -37.92 -2.78 6.39
CA LEU C 506 -38.46 -3.59 7.48
C LEU C 506 -39.37 -2.79 8.38
N LEU C 507 -39.01 -1.53 8.60
CA LEU C 507 -39.81 -0.66 9.44
C LEU C 507 -41.16 -0.44 8.78
N SER C 508 -41.11 -0.22 7.48
CA SER C 508 -42.29 0.01 6.67
C SER C 508 -43.18 -1.22 6.74
N TYR C 509 -42.55 -2.39 6.71
CA TYR C 509 -43.27 -3.66 6.75
C TYR C 509 -44.01 -3.83 8.08
N GLY C 510 -43.32 -3.55 9.18
CA GLY C 510 -43.89 -3.68 10.50
C GLY C 510 -45.04 -2.73 10.79
N ASP C 511 -44.96 -1.52 10.22
CA ASP C 511 -45.99 -0.51 10.42
C ASP C 511 -47.36 -0.97 9.90
N VAL C 512 -47.36 -1.65 8.75
CA VAL C 512 -48.60 -2.14 8.15
C VAL C 512 -49.30 -3.27 8.94
N THR C 513 -48.52 -4.26 9.38
CA THR C 513 -49.05 -5.35 10.16
C THR C 513 -49.52 -4.83 11.52
N ARG C 514 -48.81 -3.83 12.03
CA ARG C 514 -49.11 -3.19 13.33
C ARG C 514 -50.59 -3.14 13.73
N PHE C 515 -51.35 -2.26 13.06
CA PHE C 515 -52.76 -2.08 13.38
C PHE C 515 -53.72 -3.09 12.79
N LEU C 516 -53.22 -4.00 11.96
CA LEU C 516 -54.10 -5.00 11.36
C LEU C 516 -54.87 -5.80 12.40
N SER C 517 -56.19 -5.67 12.34
CA SER C 517 -57.08 -6.36 13.25
C SER C 517 -58.39 -6.63 12.52
N ASN C 518 -59.23 -7.47 13.10
CA ASN C 518 -60.50 -7.80 12.46
C ASN C 518 -61.46 -6.60 12.38
N ASN C 519 -60.98 -5.41 12.72
CA ASN C 519 -61.85 -4.26 12.67
C ASN C 519 -61.15 -3.15 11.90
N THR C 520 -60.28 -3.56 10.99
CA THR C 520 -59.53 -2.59 10.20
C THR C 520 -59.04 -3.20 8.89
N MET C 521 -59.38 -2.54 7.79
CA MET C 521 -59.01 -2.99 6.45
C MET C 521 -57.93 -2.11 5.82
N VAL C 522 -56.99 -2.75 5.15
CA VAL C 522 -55.89 -2.04 4.50
C VAL C 522 -56.23 -1.75 3.06
N LEU C 523 -55.68 -0.65 2.56
CA LEU C 523 -55.93 -0.23 1.19
C LEU C 523 -54.64 0.22 0.51
N TYR C 524 -54.30 -0.43 -0.60
CA TYR C 524 -53.11 -0.07 -1.35
C TYR C 524 -53.44 0.36 -2.77
N THR C 525 -52.56 1.14 -3.38
CA THR C 525 -52.83 1.62 -4.72
C THR C 525 -51.58 1.58 -5.59
N ASP C 526 -51.77 1.84 -6.88
CA ASP C 526 -50.70 1.82 -7.86
C ASP C 526 -50.80 3.07 -8.73
N VAL C 527 -50.70 4.23 -8.12
CA VAL C 527 -50.80 5.49 -8.85
C VAL C 527 -49.67 5.80 -9.84
N SER C 528 -49.07 4.79 -10.45
CA SER C 528 -47.98 5.02 -11.40
C SER C 528 -48.43 5.81 -12.64
N GLN C 529 -49.57 5.42 -13.20
CA GLN C 529 -50.12 6.05 -14.37
C GLN C 529 -50.60 7.46 -14.07
N TRP C 530 -51.14 7.66 -12.87
CA TRP C 530 -51.63 8.96 -12.43
C TRP C 530 -50.55 10.03 -12.39
N ASP C 531 -49.32 9.62 -12.07
CA ASP C 531 -48.21 10.56 -12.01
C ASP C 531 -47.83 11.10 -13.39
N SER C 532 -48.40 10.51 -14.44
CA SER C 532 -48.10 10.96 -15.80
C SER C 532 -49.38 11.24 -16.58
N SER C 533 -50.48 11.35 -15.87
CA SER C 533 -51.78 11.62 -16.47
C SER C 533 -51.88 13.12 -16.79
N GLN C 534 -52.03 13.46 -18.06
CA GLN C 534 -52.12 14.85 -18.48
C GLN C 534 -52.95 15.70 -17.53
N HIS C 535 -53.91 15.05 -16.87
CA HIS C 535 -54.79 15.71 -15.92
C HIS C 535 -53.98 16.22 -14.73
N ASN C 536 -53.05 15.40 -14.29
CA ASN C 536 -52.21 15.69 -13.13
C ASN C 536 -51.32 16.93 -13.21
N THR C 537 -50.79 17.22 -14.39
CA THR C 537 -49.85 18.32 -14.53
C THR C 537 -50.35 19.68 -14.07
N GLN C 538 -51.56 20.05 -14.44
CA GLN C 538 -52.07 21.35 -14.00
C GLN C 538 -52.10 21.46 -12.48
N PRO C 539 -52.81 20.55 -11.80
CA PRO C 539 -52.87 20.60 -10.34
C PRO C 539 -51.49 20.59 -9.73
N PHE C 540 -50.72 19.56 -10.09
CA PHE C 540 -49.37 19.39 -9.58
C PHE C 540 -48.57 20.68 -9.67
N ARG C 541 -48.52 21.29 -10.85
CA ARG C 541 -47.78 22.53 -11.04
C ARG C 541 -48.42 23.70 -10.29
N LYS C 542 -49.75 23.76 -10.32
CA LYS C 542 -50.41 24.86 -9.65
C LYS C 542 -50.11 24.86 -8.17
N GLY C 543 -50.15 23.70 -7.55
CA GLY C 543 -49.88 23.62 -6.13
C GLY C 543 -48.47 24.02 -5.73
N ILE C 544 -47.49 23.59 -6.51
CA ILE C 544 -46.10 23.91 -6.21
C ILE C 544 -45.86 25.41 -6.35
N ILE C 545 -46.40 25.97 -7.42
CA ILE C 545 -46.26 27.39 -7.67
C ILE C 545 -47.00 28.23 -6.65
N MET C 546 -48.19 27.77 -6.28
CA MET C 546 -49.00 28.50 -5.31
C MET C 546 -48.24 28.57 -4.00
N GLY C 547 -47.67 27.45 -3.58
CA GLY C 547 -46.95 27.44 -2.31
C GLY C 547 -45.78 28.39 -2.35
N LEU C 548 -45.06 28.39 -3.47
CA LEU C 548 -43.92 29.26 -3.60
C LEU C 548 -44.38 30.71 -3.41
N ASP C 549 -45.57 31.01 -3.90
CA ASP C 549 -46.12 32.35 -3.76
C ASP C 549 -46.32 32.68 -2.28
N ILE C 550 -46.89 31.74 -1.53
CA ILE C 550 -47.15 31.94 -0.10
C ILE C 550 -45.86 32.13 0.68
N LEU C 551 -44.85 31.35 0.32
CA LEU C 551 -43.56 31.45 0.99
C LEU C 551 -42.86 32.76 0.68
N ALA C 552 -42.97 33.23 -0.57
CA ALA C 552 -42.35 34.48 -1.00
C ALA C 552 -42.88 35.67 -0.19
N ASN C 553 -44.15 35.63 0.20
CA ASN C 553 -44.75 36.69 1.01
C ASN C 553 -44.51 36.37 2.48
N MET C 554 -43.32 35.83 2.77
CA MET C 554 -42.94 35.48 4.12
C MET C 554 -41.55 36.00 4.42
N THR C 555 -40.83 36.42 3.38
CA THR C 555 -39.48 36.93 3.56
C THR C 555 -39.21 38.21 2.79
N ASN C 556 -38.15 38.90 3.19
CA ASN C 556 -37.72 40.16 2.58
C ASN C 556 -36.27 40.00 2.13
N ASP C 557 -35.82 38.75 2.05
CA ASP C 557 -34.45 38.46 1.64
C ASP C 557 -34.39 38.28 0.14
N ALA C 558 -33.62 39.13 -0.53
CA ALA C 558 -33.51 39.09 -1.98
C ALA C 558 -32.97 37.75 -2.46
N LYS C 559 -32.00 37.19 -1.73
CA LYS C 559 -31.40 35.92 -2.11
C LYS C 559 -32.49 34.84 -2.10
N VAL C 560 -33.26 34.81 -1.03
CA VAL C 560 -34.32 33.81 -0.89
C VAL C 560 -35.44 34.02 -1.88
N LEU C 561 -35.90 35.26 -2.00
CA LEU C 561 -36.99 35.56 -2.91
C LEU C 561 -36.51 35.25 -4.31
N GLN C 562 -35.23 35.52 -4.58
CA GLN C 562 -34.72 35.23 -5.91
C GLN C 562 -34.87 33.73 -6.16
N THR C 563 -34.50 32.93 -5.17
CA THR C 563 -34.58 31.46 -5.27
C THR C 563 -36.03 30.97 -5.30
N LEU C 564 -36.87 31.56 -4.46
CA LEU C 564 -38.28 31.19 -4.40
C LEU C 564 -38.95 31.46 -5.74
N ASN C 565 -38.59 32.57 -6.37
CA ASN C 565 -39.16 32.92 -7.66
C ASN C 565 -38.67 32.02 -8.80
N LEU C 566 -37.37 31.79 -8.87
CA LEU C 566 -36.79 30.99 -9.96
C LEU C 566 -37.36 29.59 -10.04
N TYR C 567 -37.61 29.00 -8.88
CA TYR C 567 -38.17 27.66 -8.78
C TYR C 567 -39.59 27.68 -9.37
N LYS C 568 -40.29 28.77 -9.09
CA LYS C 568 -41.67 28.96 -9.56
C LYS C 568 -41.68 28.95 -11.10
N GLN C 569 -40.71 29.62 -11.68
CA GLN C 569 -40.63 29.72 -13.12
C GLN C 569 -40.42 28.35 -13.77
N THR C 570 -39.69 27.45 -13.10
CA THR C 570 -39.44 26.12 -13.65
C THR C 570 -40.78 25.48 -13.92
N GLN C 571 -41.71 25.69 -13.00
CA GLN C 571 -43.02 25.12 -13.16
C GLN C 571 -43.75 25.76 -14.32
N ILE C 572 -43.66 27.08 -14.42
CA ILE C 572 -44.35 27.78 -15.50
C ILE C 572 -43.83 27.40 -16.89
N ASN C 573 -42.53 27.27 -17.05
CA ASN C 573 -41.98 26.87 -18.33
C ASN C 573 -42.47 25.47 -18.66
N LEU C 574 -42.57 24.63 -17.63
CA LEU C 574 -43.04 23.24 -17.76
C LEU C 574 -44.51 23.12 -18.16
N MET C 575 -45.33 24.00 -17.58
CA MET C 575 -46.76 23.99 -17.85
C MET C 575 -47.05 23.71 -19.31
N ASP C 576 -46.19 24.25 -20.19
CA ASP C 576 -46.31 24.07 -21.63
C ASP C 576 -44.92 23.62 -22.12
N SER C 577 -44.71 22.32 -22.20
CA SER C 577 -43.41 21.77 -22.61
C SER C 577 -43.44 20.87 -23.83
N TYR C 578 -42.65 21.20 -24.84
CA TYR C 578 -42.62 20.37 -26.05
C TYR C 578 -41.49 19.36 -25.95
N VAL C 579 -41.69 18.22 -26.60
CA VAL C 579 -40.70 17.17 -26.55
C VAL C 579 -40.03 16.85 -27.87
N GLN C 580 -38.71 16.79 -27.83
CA GLN C 580 -37.92 16.48 -28.99
C GLN C 580 -38.00 14.95 -29.15
N ILE C 581 -39.17 14.43 -29.55
CA ILE C 581 -39.31 12.98 -29.71
C ILE C 581 -38.89 12.43 -31.05
N PRO C 582 -37.92 11.52 -31.07
CA PRO C 582 -37.47 10.95 -32.34
C PRO C 582 -38.57 10.08 -32.93
N ASP C 583 -38.42 9.78 -34.22
CA ASP C 583 -39.38 8.95 -34.94
C ASP C 583 -38.66 8.42 -36.16
N GLY C 584 -37.63 7.62 -35.91
CA GLY C 584 -36.84 7.04 -36.97
C GLY C 584 -35.48 7.68 -36.95
N ASN C 585 -34.86 7.79 -38.13
CA ASN C 585 -33.55 8.43 -38.20
C ASN C 585 -33.79 9.94 -38.20
N VAL C 586 -35.06 10.32 -37.99
CA VAL C 586 -35.50 11.71 -37.95
C VAL C 586 -35.94 12.08 -36.53
N ILE C 587 -35.86 13.37 -36.18
CA ILE C 587 -36.26 13.81 -34.85
C ILE C 587 -37.53 14.64 -34.93
N LYS C 588 -38.67 14.01 -34.71
CA LYS C 588 -39.94 14.74 -34.78
C LYS C 588 -39.96 15.78 -33.67
N LYS C 589 -41.13 16.34 -33.40
CA LYS C 589 -41.26 17.36 -32.37
C LYS C 589 -42.72 17.57 -32.05
N ILE C 590 -43.24 16.80 -31.10
CA ILE C 590 -44.64 16.92 -30.71
C ILE C 590 -44.78 17.66 -29.39
N GLN C 591 -46.02 17.89 -28.98
CA GLN C 591 -46.30 18.59 -27.73
C GLN C 591 -46.22 17.59 -26.59
N TYR C 592 -46.69 17.98 -25.41
CA TYR C 592 -46.64 17.08 -24.25
C TYR C 592 -47.27 17.72 -23.02
N GLY C 593 -48.52 17.36 -22.74
CA GLY C 593 -49.21 17.92 -21.60
C GLY C 593 -49.16 17.09 -20.34
N ALA C 594 -48.19 16.18 -20.27
CA ALA C 594 -48.04 15.31 -19.10
C ALA C 594 -46.77 15.68 -18.36
N VAL C 595 -46.64 15.21 -17.12
CA VAL C 595 -45.44 15.46 -16.33
C VAL C 595 -44.54 14.24 -16.42
N ALA C 596 -43.23 14.49 -16.51
CA ALA C 596 -42.27 13.39 -16.56
C ALA C 596 -41.17 13.61 -15.51
N SER C 597 -40.22 12.68 -15.44
CA SER C 597 -39.13 12.81 -14.48
C SER C 597 -37.94 13.51 -15.14
N GLY C 598 -37.05 14.05 -14.32
CA GLY C 598 -35.88 14.73 -14.86
C GLY C 598 -35.55 15.98 -14.05
N GLU C 599 -36.45 16.31 -13.13
CA GLU C 599 -36.26 17.48 -12.31
C GLU C 599 -35.80 16.99 -10.94
N LYS C 600 -35.14 17.87 -10.21
CA LYS C 600 -34.67 17.52 -8.87
C LYS C 600 -35.90 17.11 -8.07
N GLN C 601 -36.90 17.98 -8.11
CA GLN C 601 -38.14 17.77 -7.36
C GLN C 601 -38.94 16.56 -7.76
N THR C 602 -38.55 15.90 -8.84
CA THR C 602 -39.26 14.72 -9.32
C THR C 602 -39.62 13.77 -8.18
N LYS C 603 -38.63 13.03 -7.68
CA LYS C 603 -38.88 12.04 -6.64
C LYS C 603 -39.50 12.65 -5.38
N ALA C 604 -39.02 13.80 -4.96
CA ALA C 604 -39.59 14.45 -3.78
C ALA C 604 -40.98 15.02 -4.02
N ALA C 605 -41.14 15.80 -5.08
CA ALA C 605 -42.43 16.43 -5.42
C ALA C 605 -43.49 15.40 -5.80
N ASN C 606 -43.04 14.33 -6.44
CA ASN C 606 -43.95 13.29 -6.87
C ASN C 606 -44.66 12.76 -5.62
N SER C 607 -43.88 12.50 -4.58
CA SER C 607 -44.44 11.96 -3.35
C SER C 607 -45.45 12.91 -2.74
N ILE C 608 -45.13 14.19 -2.78
CA ILE C 608 -45.99 15.21 -2.22
C ILE C 608 -47.37 15.09 -2.86
N ALA C 609 -47.35 14.92 -4.19
CA ALA C 609 -48.58 14.80 -4.96
C ALA C 609 -49.31 13.49 -4.66
N ASN C 610 -48.56 12.38 -4.63
CA ASN C 610 -49.17 11.09 -4.36
C ASN C 610 -49.78 11.09 -2.98
N LEU C 611 -49.08 11.71 -2.02
CA LEU C 611 -49.62 11.75 -0.68
C LEU C 611 -50.86 12.62 -0.69
N ALA C 612 -50.77 13.73 -1.43
CA ALA C 612 -51.89 14.66 -1.55
C ALA C 612 -53.11 13.96 -2.13
N LEU C 613 -52.87 13.07 -3.09
CA LEU C 613 -53.94 12.35 -3.75
C LEU C 613 -54.72 11.41 -2.84
N ILE C 614 -54.00 10.60 -2.07
CA ILE C 614 -54.65 9.66 -1.18
C ILE C 614 -55.44 10.39 -0.11
N LYS C 615 -54.89 11.50 0.38
CA LYS C 615 -55.56 12.28 1.41
C LYS C 615 -56.91 12.73 0.88
N THR C 616 -56.91 13.11 -0.39
CA THR C 616 -58.12 13.59 -1.05
C THR C 616 -59.15 12.50 -1.23
N VAL C 617 -58.71 11.34 -1.68
CA VAL C 617 -59.63 10.24 -1.87
C VAL C 617 -60.14 9.73 -0.54
N LEU C 618 -59.25 9.60 0.42
CA LEU C 618 -59.63 9.07 1.72
C LEU C 618 -60.66 9.94 2.42
N SER C 619 -60.51 11.27 2.33
CA SER C 619 -61.44 12.16 2.99
C SER C 619 -62.83 12.08 2.36
N ARG C 620 -62.87 12.02 1.02
CA ARG C 620 -64.13 11.95 0.29
C ARG C 620 -64.93 10.68 0.59
N ILE C 621 -64.25 9.54 0.64
CA ILE C 621 -64.93 8.28 0.94
C ILE C 621 -65.53 8.33 2.33
N SER C 622 -64.91 9.11 3.22
CA SER C 622 -65.38 9.19 4.59
C SER C 622 -66.83 9.62 4.64
N ASN C 623 -67.22 10.54 3.76
CA ASN C 623 -68.60 11.00 3.74
C ASN C 623 -69.59 9.87 3.99
N LYS C 624 -69.29 8.67 3.50
CA LYS C 624 -70.17 7.53 3.70
C LYS C 624 -69.88 6.75 4.97
N HIS C 625 -68.80 5.97 4.97
CA HIS C 625 -68.43 5.17 6.12
C HIS C 625 -67.48 5.89 7.08
N SER C 626 -67.66 5.63 8.36
CA SER C 626 -66.81 6.23 9.38
C SER C 626 -65.73 5.25 9.79
N PHE C 627 -64.49 5.70 9.73
CA PHE C 627 -63.33 4.89 10.08
C PHE C 627 -62.41 5.70 10.97
N ALA C 628 -61.14 5.32 10.98
CA ALA C 628 -60.10 5.99 11.77
C ALA C 628 -58.80 5.76 11.02
N THR C 629 -58.18 6.82 10.54
CA THR C 629 -56.92 6.68 9.81
C THR C 629 -55.77 6.35 10.77
N LYS C 630 -55.40 5.08 10.84
CA LYS C 630 -54.32 4.67 11.71
C LYS C 630 -52.98 5.04 11.11
N ILE C 631 -52.77 4.74 9.84
CA ILE C 631 -51.51 5.10 9.18
C ILE C 631 -51.77 5.42 7.72
N ILE C 632 -50.99 6.37 7.19
CA ILE C 632 -51.07 6.79 5.79
C ILE C 632 -49.63 6.83 5.33
N ARG C 633 -49.36 6.35 4.12
CA ARG C 633 -48.00 6.34 3.61
C ARG C 633 -47.91 6.47 2.09
N VAL C 634 -46.74 6.92 1.63
CA VAL C 634 -46.45 7.06 0.22
C VAL C 634 -45.14 6.31 -0.06
N ASP C 635 -44.92 5.95 -1.32
CA ASP C 635 -43.70 5.27 -1.71
C ASP C 635 -43.59 5.19 -3.22
N GLY C 636 -43.22 6.30 -3.84
CA GLY C 636 -43.09 6.32 -5.27
C GLY C 636 -44.40 6.18 -6.01
N ASP C 637 -44.60 5.00 -6.60
CA ASP C 637 -45.82 4.73 -7.36
C ASP C 637 -46.87 3.95 -6.58
N ASP C 638 -46.84 4.06 -5.25
CA ASP C 638 -47.80 3.37 -4.41
C ASP C 638 -48.05 4.18 -3.15
N ASN C 639 -49.30 4.19 -2.70
CA ASN C 639 -49.67 4.91 -1.48
C ASN C 639 -50.70 4.05 -0.80
N TYR C 640 -50.58 3.90 0.53
CA TYR C 640 -51.52 3.07 1.26
C TYR C 640 -51.99 3.65 2.58
N ALA C 641 -52.90 2.95 3.25
CA ALA C 641 -53.45 3.40 4.53
C ALA C 641 -54.25 2.34 5.25
N VAL C 642 -54.05 2.22 6.57
CA VAL C 642 -54.81 1.25 7.35
C VAL C 642 -55.86 2.06 8.09
N LEU C 643 -57.13 1.79 7.83
CA LEU C 643 -58.21 2.52 8.47
C LEU C 643 -58.98 1.57 9.37
N GLN C 644 -59.34 2.03 10.57
CA GLN C 644 -60.06 1.20 11.53
C GLN C 644 -61.55 1.51 11.53
N PHE C 645 -62.35 0.48 11.76
CA PHE C 645 -63.81 0.61 11.77
C PHE C 645 -64.45 0.29 13.11
N ASN C 646 -65.45 1.09 13.48
CA ASN C 646 -66.13 0.91 14.76
C ASN C 646 -66.89 -0.41 14.90
N THR C 647 -66.61 -1.34 14.00
CA THR C 647 -67.28 -2.64 14.01
C THR C 647 -66.47 -3.67 13.22
N GLU C 648 -66.86 -4.93 13.30
CA GLU C 648 -66.15 -5.99 12.59
C GLU C 648 -66.30 -5.83 11.08
N VAL C 649 -65.21 -6.10 10.37
CA VAL C 649 -65.19 -5.98 8.91
C VAL C 649 -65.88 -7.15 8.24
N THR C 650 -66.85 -6.85 7.39
CA THR C 650 -67.60 -7.85 6.64
C THR C 650 -67.19 -7.79 5.17
N LYS C 651 -67.41 -8.89 4.45
CA LYS C 651 -67.03 -8.93 3.05
C LYS C 651 -67.72 -7.77 2.35
N GLN C 652 -68.98 -7.53 2.73
CA GLN C 652 -69.76 -6.47 2.12
C GLN C 652 -69.09 -5.13 2.33
N MET C 653 -68.56 -4.92 3.51
CA MET C 653 -67.92 -3.66 3.83
C MET C 653 -66.70 -3.40 2.95
N ILE C 654 -65.88 -4.43 2.75
CA ILE C 654 -64.68 -4.26 1.94
C ILE C 654 -65.10 -3.97 0.49
N GLN C 655 -66.13 -4.67 0.04
CA GLN C 655 -66.61 -4.47 -1.32
C GLN C 655 -67.11 -3.07 -1.50
N ASP C 656 -67.83 -2.54 -0.50
CA ASP C 656 -68.35 -1.18 -0.60
C ASP C 656 -67.28 -0.09 -0.60
N VAL C 657 -66.33 -0.20 0.31
CA VAL C 657 -65.27 0.76 0.41
C VAL C 657 -64.41 0.76 -0.85
N SER C 658 -64.10 -0.44 -1.34
CA SER C 658 -63.28 -0.51 -2.53
C SER C 658 -63.95 0.20 -3.70
N ASN C 659 -65.25 -0.02 -3.83
CA ASN C 659 -66.03 0.59 -4.90
C ASN C 659 -66.02 2.09 -4.77
N ASP C 660 -66.27 2.55 -3.56
CA ASP C 660 -66.32 3.97 -3.27
C ASP C 660 -64.96 4.59 -3.55
N VAL C 661 -63.90 3.84 -3.24
CA VAL C 661 -62.56 4.32 -3.48
C VAL C 661 -62.25 4.41 -4.98
N ARG C 662 -62.56 3.35 -5.71
CA ARG C 662 -62.29 3.30 -7.14
C ARG C 662 -63.09 4.34 -7.91
N GLU C 663 -64.34 4.52 -7.53
CA GLU C 663 -65.17 5.49 -8.20
C GLU C 663 -64.57 6.86 -7.94
N THR C 664 -64.12 7.09 -6.71
CA THR C 664 -63.53 8.38 -6.35
C THR C 664 -62.30 8.64 -7.23
N TYR C 665 -61.45 7.62 -7.37
CA TYR C 665 -60.26 7.74 -8.19
C TYR C 665 -60.69 8.01 -9.61
N ALA C 666 -61.80 7.38 -9.99
CA ALA C 666 -62.36 7.52 -11.32
C ALA C 666 -62.84 8.95 -11.56
N ARG C 667 -63.51 9.53 -10.57
CA ARG C 667 -64.05 10.86 -10.75
C ARG C 667 -62.94 11.82 -11.11
N MET C 668 -61.78 11.66 -10.49
CA MET C 668 -60.64 12.53 -10.76
C MET C 668 -59.96 12.12 -12.06
N ASN C 669 -60.64 11.29 -12.84
CA ASN C 669 -60.10 10.81 -14.10
C ASN C 669 -58.64 10.44 -13.96
N ALA C 670 -58.39 9.36 -13.25
CA ALA C 670 -57.04 8.88 -13.02
C ALA C 670 -57.01 7.35 -13.08
N LYS C 671 -56.10 6.81 -13.90
CA LYS C 671 -55.96 5.37 -14.03
C LYS C 671 -55.18 4.85 -12.83
N VAL C 672 -55.82 3.99 -12.03
CA VAL C 672 -55.17 3.45 -10.86
C VAL C 672 -55.66 2.07 -10.47
N LYS C 673 -54.82 1.38 -9.71
CA LYS C 673 -55.10 0.03 -9.21
C LYS C 673 -55.46 0.12 -7.73
N ALA C 674 -56.68 0.54 -7.44
CA ALA C 674 -57.07 0.67 -6.05
C ALA C 674 -57.64 -0.62 -5.53
N LEU C 675 -56.87 -1.34 -4.72
CA LEU C 675 -57.33 -2.60 -4.11
C LEU C 675 -57.53 -2.37 -2.62
N VAL C 676 -58.05 -3.37 -1.93
CA VAL C 676 -58.31 -3.26 -0.49
C VAL C 676 -58.29 -4.64 0.17
N SER C 677 -57.60 -4.76 1.28
CA SER C 677 -57.56 -6.05 1.99
C SER C 677 -57.63 -5.87 3.49
N THR C 678 -57.36 -6.95 4.23
CA THR C 678 -57.36 -6.88 5.68
C THR C 678 -56.11 -7.52 6.26
N VAL C 679 -55.27 -8.11 5.42
CA VAL C 679 -54.08 -8.76 5.93
C VAL C 679 -52.82 -8.57 5.10
N GLY C 680 -52.99 -8.19 3.83
CA GLY C 680 -51.81 -8.02 3.02
C GLY C 680 -51.87 -6.87 2.03
N ILE C 681 -50.69 -6.48 1.56
CA ILE C 681 -50.57 -5.42 0.56
C ILE C 681 -49.39 -5.70 -0.35
N GLU C 682 -49.53 -5.20 -1.59
CA GLU C 682 -48.51 -5.34 -2.61
C GLU C 682 -48.23 -3.95 -3.16
N ILE C 683 -46.99 -3.71 -3.51
CA ILE C 683 -46.61 -2.47 -4.10
C ILE C 683 -45.37 -2.76 -4.87
N ALA C 684 -44.89 -1.78 -5.61
CA ALA C 684 -43.72 -1.94 -6.45
C ALA C 684 -42.44 -2.39 -5.77
N LYS C 685 -42.23 -1.97 -4.52
CA LYS C 685 -41.01 -2.34 -3.81
C LYS C 685 -41.11 -3.58 -2.92
N ARG C 686 -42.26 -3.81 -2.32
CA ARG C 686 -42.39 -4.95 -1.43
C ARG C 686 -43.81 -5.47 -1.26
N TYR C 687 -43.99 -6.77 -1.16
CA TYR C 687 -45.33 -7.27 -0.96
C TYR C 687 -45.45 -8.08 0.32
N ILE C 688 -46.47 -7.77 1.12
CA ILE C 688 -46.65 -8.44 2.40
C ILE C 688 -47.74 -9.49 2.37
N ALA C 689 -47.40 -10.69 1.94
CA ALA C 689 -48.38 -11.75 1.88
C ALA C 689 -48.28 -12.70 3.06
N GLY C 690 -49.36 -12.83 3.80
CA GLY C 690 -49.37 -13.73 4.94
C GLY C 690 -48.74 -13.16 6.18
N GLY C 691 -48.67 -11.85 6.29
CA GLY C 691 -48.07 -11.25 7.47
C GLY C 691 -46.56 -11.29 7.39
N LYS C 692 -46.04 -11.93 6.34
CA LYS C 692 -44.60 -12.03 6.14
C LYS C 692 -44.16 -11.05 5.05
N ILE C 693 -42.98 -10.46 5.17
CA ILE C 693 -42.49 -9.51 4.19
C ILE C 693 -41.78 -10.20 3.04
N PHE C 694 -42.18 -9.85 1.81
CA PHE C 694 -41.58 -10.41 0.61
C PHE C 694 -41.03 -9.33 -0.34
N PHE C 695 -40.00 -9.68 -1.11
CA PHE C 695 -39.38 -8.74 -2.03
C PHE C 695 -39.26 -9.44 -3.38
N ARG C 696 -39.48 -8.72 -4.48
CA ARG C 696 -39.37 -9.40 -5.77
C ARG C 696 -37.91 -9.70 -6.02
N ALA C 697 -37.66 -10.73 -6.82
CA ALA C 697 -36.29 -11.14 -7.10
C ALA C 697 -35.95 -11.27 -8.57
N GLY C 698 -36.47 -10.36 -9.39
CA GLY C 698 -36.22 -10.46 -10.82
C GLY C 698 -35.30 -9.47 -11.48
N ILE C 699 -34.01 -9.55 -11.21
CA ILE C 699 -33.05 -8.66 -11.83
C ILE C 699 -32.37 -9.39 -12.97
N ASN C 700 -32.76 -9.06 -14.19
CA ASN C 700 -32.17 -9.70 -15.36
C ASN C 700 -30.66 -9.68 -15.23
N LEU C 701 -30.05 -10.84 -15.41
CA LEU C 701 -28.62 -10.99 -15.27
C LEU C 701 -27.83 -10.98 -16.57
N LEU C 702 -28.41 -11.54 -17.62
CA LEU C 702 -27.77 -11.64 -18.92
C LEU C 702 -28.29 -10.70 -19.97
N ASN C 703 -29.01 -9.67 -19.55
CA ASN C 703 -29.57 -8.66 -20.44
C ASN C 703 -29.70 -7.35 -19.65
N ASN C 704 -28.81 -6.39 -19.87
CA ASN C 704 -28.88 -5.12 -19.14
C ASN C 704 -29.87 -4.14 -19.76
N GLU C 705 -30.32 -3.17 -18.97
CA GLU C 705 -31.28 -2.18 -19.44
C GLU C 705 -30.68 -1.22 -20.48
N LYS C 706 -29.59 -0.56 -20.10
CA LYS C 706 -28.94 0.37 -21.02
C LYS C 706 -27.43 0.19 -20.98
N ARG C 707 -26.77 0.61 -22.05
CA ARG C 707 -25.33 0.51 -22.16
C ARG C 707 -24.67 1.69 -21.49
N GLY C 708 -24.28 1.53 -20.23
CA GLY C 708 -23.63 2.60 -19.51
C GLY C 708 -22.18 2.79 -19.93
N GLN C 709 -21.33 3.14 -18.96
CA GLN C 709 -19.91 3.35 -19.22
C GLN C 709 -19.01 2.42 -18.40
N SER C 710 -19.61 1.39 -17.81
CA SER C 710 -18.88 0.42 -17.01
C SER C 710 -17.96 -0.38 -17.92
N THR C 711 -17.04 -1.14 -17.32
CA THR C 711 -16.12 -1.94 -18.13
C THR C 711 -16.49 -3.40 -18.03
N GLN C 712 -15.79 -4.24 -18.78
CA GLN C 712 -16.09 -5.66 -18.76
C GLN C 712 -15.86 -6.20 -17.35
N TRP C 713 -14.79 -5.76 -16.67
CA TRP C 713 -14.50 -6.25 -15.32
C TRP C 713 -15.54 -5.82 -14.33
N ASP C 714 -15.88 -4.55 -14.40
CA ASP C 714 -16.88 -3.98 -13.52
C ASP C 714 -18.23 -4.60 -13.84
N GLN C 715 -18.41 -4.95 -15.12
CA GLN C 715 -19.65 -5.55 -15.58
C GLN C 715 -19.83 -6.87 -14.83
N ALA C 716 -18.74 -7.59 -14.63
CA ALA C 716 -18.80 -8.86 -13.93
C ALA C 716 -19.07 -8.68 -12.44
N ALA C 717 -18.37 -7.76 -11.81
CA ALA C 717 -18.55 -7.51 -10.38
C ALA C 717 -19.98 -7.06 -10.15
N ILE C 718 -20.54 -6.36 -11.14
CA ILE C 718 -21.92 -5.91 -11.10
C ILE C 718 -22.84 -7.12 -11.25
N LEU C 719 -22.46 -8.06 -12.14
CA LEU C 719 -23.26 -9.25 -12.37
C LEU C 719 -23.32 -10.10 -11.11
N TYR C 720 -22.16 -10.26 -10.46
CA TYR C 720 -22.12 -11.02 -9.21
C TYR C 720 -22.95 -10.29 -8.15
N SER C 721 -22.93 -8.96 -8.17
CA SER C 721 -23.72 -8.26 -7.18
C SER C 721 -25.16 -8.62 -7.40
N ASN C 722 -25.58 -8.57 -8.66
CA ASN C 722 -26.97 -8.85 -9.01
C ASN C 722 -27.40 -10.24 -8.61
N TYR C 723 -26.49 -11.20 -8.81
CA TYR C 723 -26.75 -12.58 -8.47
C TYR C 723 -27.03 -12.74 -6.97
N ILE C 724 -26.20 -12.12 -6.14
CA ILE C 724 -26.37 -12.21 -4.69
C ILE C 724 -27.69 -11.58 -4.26
N VAL C 725 -28.06 -10.46 -4.85
CA VAL C 725 -29.30 -9.85 -4.43
C VAL C 725 -30.45 -10.78 -4.72
N ASN C 726 -30.38 -11.44 -5.87
CA ASN C 726 -31.45 -12.35 -6.26
C ASN C 726 -31.51 -13.54 -5.37
N ARG C 727 -30.36 -14.10 -5.06
CA ARG C 727 -30.35 -15.26 -4.22
C ARG C 727 -31.01 -14.86 -2.91
N LEU C 728 -30.61 -13.73 -2.37
CA LEU C 728 -31.16 -13.28 -1.11
C LEU C 728 -32.66 -13.07 -1.20
N ARG C 729 -33.15 -12.54 -2.31
CA ARG C 729 -34.58 -12.29 -2.45
C ARG C 729 -35.44 -13.49 -2.81
N GLY C 730 -34.87 -14.42 -3.56
CA GLY C 730 -35.60 -15.62 -3.96
C GLY C 730 -34.98 -16.34 -5.15
N PHE C 731 -35.07 -15.73 -6.32
CA PHE C 731 -34.52 -16.29 -7.55
C PHE C 731 -33.06 -16.66 -7.29
N GLU C 732 -32.59 -17.78 -7.83
CA GLU C 732 -31.19 -18.19 -7.63
C GLU C 732 -30.55 -18.82 -8.87
N THR C 733 -29.69 -18.06 -9.55
CA THR C 733 -29.00 -18.59 -10.72
C THR C 733 -27.84 -19.43 -10.18
N ASP C 734 -27.70 -20.66 -10.67
CA ASP C 734 -26.64 -21.57 -10.23
C ASP C 734 -25.29 -20.86 -10.18
N ARG C 735 -24.65 -20.90 -9.00
CA ARG C 735 -23.37 -20.23 -8.77
C ARG C 735 -22.25 -20.67 -9.69
N GLU C 736 -22.30 -21.91 -10.15
CA GLU C 736 -21.29 -22.40 -11.06
C GLU C 736 -21.37 -21.61 -12.36
N PHE C 737 -22.58 -21.28 -12.79
CA PHE C 737 -22.78 -20.52 -14.02
C PHE C 737 -22.18 -19.14 -13.88
N ILE C 738 -22.41 -18.53 -12.73
CA ILE C 738 -21.87 -17.21 -12.45
C ILE C 738 -20.36 -17.26 -12.44
N LEU C 739 -19.80 -18.32 -11.90
CA LEU C 739 -18.35 -18.41 -11.87
C LEU C 739 -17.86 -18.43 -13.30
N THR C 740 -18.59 -19.13 -14.15
CA THR C 740 -18.22 -19.26 -15.56
C THR C 740 -18.22 -17.91 -16.25
N LYS C 741 -19.22 -17.09 -15.95
CA LYS C 741 -19.32 -15.78 -16.57
C LYS C 741 -18.16 -14.88 -16.17
N ILE C 742 -17.82 -14.94 -14.90
CA ILE C 742 -16.72 -14.17 -14.35
C ILE C 742 -15.43 -14.61 -15.01
N MET C 743 -15.33 -15.90 -15.30
CA MET C 743 -14.16 -16.44 -15.96
C MET C 743 -14.07 -15.86 -17.36
N GLN C 744 -15.21 -15.77 -18.05
CA GLN C 744 -15.25 -15.22 -19.40
C GLN C 744 -15.05 -13.71 -19.40
N MET C 745 -15.78 -13.03 -18.52
CA MET C 745 -15.73 -11.57 -18.42
C MET C 745 -14.43 -10.90 -17.91
N THR C 746 -13.70 -11.58 -17.03
CA THR C 746 -12.44 -11.06 -16.48
C THR C 746 -11.23 -11.31 -17.36
N SER C 747 -11.16 -12.48 -17.97
CA SER C 747 -10.02 -12.77 -18.82
C SER C 747 -9.70 -11.67 -19.82
N VAL C 748 -8.41 -11.53 -20.12
CA VAL C 748 -7.94 -10.52 -21.06
C VAL C 748 -6.84 -11.12 -21.92
N ALA C 749 -6.85 -10.79 -23.22
CA ALA C 749 -5.87 -11.31 -24.17
C ALA C 749 -4.67 -10.40 -24.37
N ILE C 750 -3.48 -10.98 -24.37
CA ILE C 750 -2.27 -10.19 -24.58
C ILE C 750 -1.85 -10.33 -26.05
N THR C 751 -2.24 -11.46 -26.66
CA THR C 751 -1.96 -11.71 -28.08
C THR C 751 -3.25 -12.18 -28.73
N GLY C 752 -3.19 -12.53 -30.00
CA GLY C 752 -4.38 -12.98 -30.68
C GLY C 752 -4.70 -14.43 -30.40
N SER C 753 -3.76 -15.12 -29.76
CA SER C 753 -3.94 -16.52 -29.45
C SER C 753 -3.51 -16.83 -28.02
N LEU C 754 -3.63 -15.82 -27.14
CA LEU C 754 -3.24 -15.98 -25.76
C LEU C 754 -4.06 -15.10 -24.82
N ARG C 755 -4.95 -15.75 -24.07
CA ARG C 755 -5.78 -15.04 -23.10
C ARG C 755 -5.17 -15.29 -21.71
N LEU C 756 -5.41 -14.36 -20.78
CA LEU C 756 -4.89 -14.46 -19.42
C LEU C 756 -6.02 -14.45 -18.40
N PHE C 757 -6.40 -15.62 -17.92
CA PHE C 757 -7.49 -15.72 -16.95
C PHE C 757 -6.99 -15.48 -15.54
N PRO C 758 -7.42 -14.37 -14.91
CA PRO C 758 -7.02 -14.03 -13.54
C PRO C 758 -7.46 -15.09 -12.56
N SER C 759 -6.67 -15.30 -11.52
CA SER C 759 -6.95 -16.31 -10.51
C SER C 759 -8.00 -15.89 -9.50
N GLU C 760 -8.39 -16.84 -8.65
CA GLU C 760 -9.39 -16.61 -7.61
C GLU C 760 -8.84 -15.62 -6.57
N ARG C 761 -7.57 -15.75 -6.22
CA ARG C 761 -6.98 -14.83 -5.27
C ARG C 761 -6.97 -13.42 -5.84
N VAL C 762 -6.65 -13.27 -7.12
CA VAL C 762 -6.66 -11.95 -7.71
C VAL C 762 -8.07 -11.40 -7.71
N LEU C 763 -9.02 -12.24 -8.08
CA LEU C 763 -10.42 -11.85 -8.16
C LEU C 763 -11.22 -11.56 -6.88
N THR C 764 -10.96 -12.30 -5.81
CA THR C 764 -11.70 -12.10 -4.58
C THR C 764 -10.99 -11.32 -3.48
N THR C 765 -9.68 -11.14 -3.61
CA THR C 765 -8.95 -10.40 -2.59
C THR C 765 -9.50 -8.98 -2.56
N ASN C 766 -9.84 -8.53 -1.36
CA ASN C 766 -10.39 -7.19 -1.19
C ASN C 766 -9.53 -6.06 -1.78
N SER C 767 -9.92 -5.58 -2.96
CA SER C 767 -9.20 -4.51 -3.64
C SER C 767 -10.11 -3.74 -4.61
N THR C 768 -9.51 -2.88 -5.42
CA THR C 768 -10.26 -2.07 -6.39
C THR C 768 -10.62 -2.85 -7.63
N PHE C 769 -10.25 -4.12 -7.63
CA PHE C 769 -10.55 -5.01 -8.74
C PHE C 769 -11.32 -6.23 -8.25
N LYS C 770 -11.68 -6.24 -6.97
CA LYS C 770 -12.41 -7.37 -6.40
C LYS C 770 -13.76 -7.53 -7.06
N VAL C 771 -14.00 -8.71 -7.62
CA VAL C 771 -15.25 -8.98 -8.30
C VAL C 771 -16.30 -9.73 -7.46
N PHE C 772 -15.88 -10.73 -6.67
CA PHE C 772 -16.83 -11.47 -5.84
C PHE C 772 -16.19 -11.98 -4.55
N ASP C 773 -16.80 -13.01 -3.96
CA ASP C 773 -16.32 -13.62 -2.71
C ASP C 773 -16.15 -15.11 -2.93
N SER C 774 -15.25 -15.75 -2.21
CA SER C 774 -15.04 -17.18 -2.40
C SER C 774 -16.12 -18.01 -1.68
N GLU C 775 -17.04 -17.29 -1.05
CA GLU C 775 -18.16 -17.89 -0.32
C GLU C 775 -19.20 -16.81 -0.16
N ASP C 776 -20.22 -16.85 -1.01
CA ASP C 776 -21.29 -15.84 -0.98
C ASP C 776 -21.69 -15.46 0.44
N PHE C 777 -21.96 -14.18 0.62
CA PHE C 777 -22.38 -13.62 1.90
C PHE C 777 -21.27 -13.46 2.93
N ILE C 778 -20.07 -13.90 2.58
CA ILE C 778 -18.94 -13.80 3.47
C ILE C 778 -17.77 -13.04 2.85
N ILE C 779 -17.31 -11.99 3.53
CA ILE C 779 -16.19 -11.19 3.03
C ILE C 779 -14.90 -11.52 3.79
N GLU C 780 -13.83 -11.87 3.07
CA GLU C 780 -12.55 -12.20 3.72
C GLU C 780 -11.60 -11.00 3.67
N TYR C 781 -10.53 -11.12 4.43
CA TYR C 781 -9.51 -10.09 4.53
C TYR C 781 -8.13 -10.75 4.67
N GLY C 782 -7.15 -10.20 3.96
CA GLY C 782 -5.81 -10.76 4.00
C GLY C 782 -5.37 -11.22 5.37
N THR C 783 -5.21 -12.53 5.52
CA THR C 783 -4.76 -13.04 6.80
C THR C 783 -3.38 -13.65 6.60
N THR C 784 -3.14 -14.18 5.40
CA THR C 784 -1.85 -14.77 5.11
C THR C 784 -0.92 -13.69 4.58
N VAL C 785 0.38 -13.99 4.59
CA VAL C 785 1.39 -13.06 4.11
C VAL C 785 1.19 -12.79 2.61
N ASP C 786 0.85 -13.84 1.87
CA ASP C 786 0.65 -13.71 0.44
C ASP C 786 -0.49 -12.74 0.14
N GLU C 787 -1.61 -12.87 0.84
CA GLU C 787 -2.75 -12.01 0.57
C GLU C 787 -2.36 -10.55 0.78
N VAL C 788 -1.68 -10.28 1.87
CA VAL C 788 -1.24 -8.93 2.16
C VAL C 788 -0.17 -8.49 1.17
N TYR C 789 0.73 -9.42 0.83
CA TYR C 789 1.82 -9.10 -0.08
C TYR C 789 1.19 -8.63 -1.39
N ILE C 790 0.22 -9.40 -1.87
CA ILE C 790 -0.51 -9.06 -3.09
C ILE C 790 -1.41 -7.87 -2.86
N GLN C 791 -1.96 -7.78 -1.67
CA GLN C 791 -2.89 -6.70 -1.33
C GLN C 791 -2.23 -5.32 -1.46
N ARG C 792 -1.02 -5.18 -0.92
CA ARG C 792 -0.29 -3.91 -1.01
C ARG C 792 0.13 -3.66 -2.44
N ALA C 793 0.46 -4.74 -3.14
CA ALA C 793 0.88 -4.66 -4.54
C ALA C 793 -0.23 -4.16 -5.47
N PHE C 794 -1.46 -4.61 -5.25
CA PHE C 794 -2.56 -4.18 -6.10
C PHE C 794 -2.90 -2.70 -5.98
N MET C 795 -2.83 -2.16 -4.76
CA MET C 795 -3.18 -0.76 -4.55
C MET C 795 -2.33 0.11 -5.45
N SER C 796 -1.07 -0.28 -5.65
CA SER C 796 -0.15 0.46 -6.50
C SER C 796 -0.81 0.96 -7.77
N LEU C 797 -1.03 0.06 -8.73
CA LEU C 797 -1.65 0.44 -9.99
C LEU C 797 -3.18 0.57 -9.88
N SER C 798 -3.65 1.22 -8.81
CA SER C 798 -5.07 1.40 -8.59
C SER C 798 -5.60 2.63 -9.34
N SER C 799 -4.92 3.76 -9.17
CA SER C 799 -5.31 4.98 -9.84
C SER C 799 -4.22 5.44 -10.79
N GLN C 800 -4.45 5.23 -12.08
CA GLN C 800 -3.50 5.62 -13.12
C GLN C 800 -3.98 6.85 -13.84
N LYS C 801 -3.19 7.92 -13.74
CA LYS C 801 -3.51 9.20 -14.37
C LYS C 801 -4.11 9.08 -15.77
N SER C 802 -4.90 10.09 -16.16
CA SER C 802 -5.50 10.13 -17.48
C SER C 802 -4.94 11.33 -18.24
N GLY C 803 -4.34 11.05 -19.40
CA GLY C 803 -3.76 12.12 -20.20
C GLY C 803 -4.81 13.03 -20.79
N ILE C 804 -5.84 13.30 -20.01
CA ILE C 804 -6.94 14.17 -20.42
C ILE C 804 -7.51 14.85 -19.17
N ALA C 805 -7.68 14.06 -18.11
CA ALA C 805 -8.23 14.55 -16.84
C ALA C 805 -7.32 15.56 -16.14
N ASP C 806 -6.09 15.70 -16.61
CA ASP C 806 -5.14 16.63 -16.00
C ASP C 806 -5.08 17.92 -16.82
N GLU C 807 -5.01 17.77 -18.14
CA GLU C 807 -4.95 18.90 -19.05
C GLU C 807 -6.21 19.75 -18.93
N ILE C 808 -7.32 19.09 -18.62
CA ILE C 808 -8.61 19.77 -18.45
C ILE C 808 -8.58 20.72 -17.27
N ALA C 809 -7.78 20.39 -16.27
CA ALA C 809 -7.64 21.23 -15.09
C ALA C 809 -6.55 22.25 -15.36
N ALA C 810 -5.95 22.16 -16.55
CA ALA C 810 -4.87 23.06 -16.95
C ALA C 810 -5.37 24.29 -17.70
N SER C 811 -6.59 24.21 -18.22
CA SER C 811 -7.17 25.33 -18.96
C SER C 811 -7.71 26.37 -17.98
N SER C 812 -7.85 27.61 -18.46
CA SER C 812 -8.36 28.70 -17.66
C SER C 812 -9.77 28.40 -17.17
N THR C 813 -10.48 27.59 -17.94
CA THR C 813 -11.85 27.20 -17.64
C THR C 813 -11.97 26.52 -16.29
N PHE C 814 -11.19 25.45 -16.12
CA PHE C 814 -11.22 24.70 -14.88
C PHE C 814 -10.77 25.57 -13.71
N LYS C 815 -9.68 26.30 -13.90
CA LYS C 815 -9.14 27.17 -12.86
C LYS C 815 -10.14 28.27 -12.47
N ASN C 816 -10.79 28.86 -13.46
CA ASN C 816 -11.77 29.92 -13.21
C ASN C 816 -13.01 29.38 -12.49
N TYR C 817 -13.44 28.20 -12.91
CA TYR C 817 -14.62 27.56 -12.34
C TYR C 817 -14.41 27.20 -10.87
N VAL C 818 -13.24 26.64 -10.58
CA VAL C 818 -12.90 26.24 -9.21
C VAL C 818 -12.75 27.48 -8.33
N THR C 819 -12.00 28.45 -8.84
CA THR C 819 -11.75 29.68 -8.11
C THR C 819 -13.05 30.44 -7.95
N ARG C 820 -13.85 30.47 -9.01
CA ARG C 820 -15.09 31.19 -8.97
C ARG C 820 -15.99 30.60 -7.90
N LEU C 821 -16.04 29.27 -7.82
CA LEU C 821 -16.87 28.63 -6.81
C LEU C 821 -16.31 28.89 -5.42
N SER C 822 -14.99 28.80 -5.29
CA SER C 822 -14.35 29.00 -4.00
C SER C 822 -14.42 30.44 -3.50
N GLU C 823 -14.16 31.41 -4.38
CA GLU C 823 -14.19 32.83 -4.00
C GLU C 823 -15.44 33.21 -3.20
N GLN C 824 -16.51 32.45 -3.38
CA GLN C 824 -17.76 32.71 -2.67
C GLN C 824 -18.01 31.63 -1.62
N LEU C 825 -16.95 30.90 -1.29
CA LEU C 825 -17.02 29.82 -0.32
C LEU C 825 -15.90 29.92 0.72
N LEU C 826 -14.82 30.60 0.39
CA LEU C 826 -13.67 30.72 1.29
C LEU C 826 -13.31 32.13 1.76
N PHE C 827 -12.49 32.19 2.80
CA PHE C 827 -12.01 33.45 3.38
C PHE C 827 -10.52 33.35 3.69
N SER C 828 -10.15 32.33 4.48
CA SER C 828 -8.76 32.10 4.85
C SER C 828 -8.07 31.23 3.81
N LYS C 829 -7.18 30.33 4.26
CA LYS C 829 -6.48 29.44 3.34
C LYS C 829 -7.10 28.04 3.31
N ASN C 830 -8.22 27.98 2.59
CA ASN C 830 -9.08 26.81 2.36
C ASN C 830 -8.56 25.57 1.63
N ASN C 831 -7.39 25.64 1.02
CA ASN C 831 -6.87 24.56 0.17
C ASN C 831 -7.19 23.12 0.57
N ILE C 832 -7.38 22.81 1.85
CA ILE C 832 -7.75 21.43 2.17
C ILE C 832 -9.08 21.19 1.44
N VAL C 833 -9.95 22.19 1.50
CA VAL C 833 -11.26 22.18 0.84
C VAL C 833 -11.06 22.31 -0.68
N SER C 834 -10.13 23.19 -1.04
CA SER C 834 -9.84 23.44 -2.45
C SER C 834 -9.27 22.24 -3.19
N ARG C 835 -8.39 21.49 -2.55
CA ARG C 835 -7.79 20.31 -3.18
C ARG C 835 -8.84 19.27 -3.49
N GLY C 836 -9.80 19.12 -2.59
CA GLY C 836 -10.87 18.15 -2.76
C GLY C 836 -11.85 18.43 -3.88
N ILE C 837 -12.18 19.70 -4.06
CA ILE C 837 -13.13 20.09 -5.10
C ILE C 837 -12.60 19.72 -6.48
N ALA C 838 -11.30 19.92 -6.70
CA ALA C 838 -10.69 19.62 -7.98
C ALA C 838 -10.79 18.15 -8.32
N LEU C 839 -10.46 17.30 -7.34
CA LEU C 839 -10.51 15.87 -7.54
C LEU C 839 -11.96 15.42 -7.64
N THR C 840 -12.85 16.20 -7.04
CA THR C 840 -14.29 15.89 -7.07
C THR C 840 -14.72 15.81 -8.52
N GLU C 841 -14.09 16.63 -9.37
CA GLU C 841 -14.39 16.68 -10.78
C GLU C 841 -13.52 15.68 -11.54
N LYS C 842 -12.25 15.60 -11.12
CA LYS C 842 -11.30 14.70 -11.76
C LYS C 842 -11.65 13.24 -11.49
N ALA C 843 -12.70 13.01 -10.69
CA ALA C 843 -13.14 11.67 -10.36
C ALA C 843 -14.31 11.24 -11.24
N LYS C 844 -15.02 12.21 -11.79
CA LYS C 844 -16.17 11.94 -12.65
C LYS C 844 -15.79 12.18 -14.11
N LEU C 845 -14.88 13.13 -14.32
CA LEU C 845 -14.41 13.49 -15.66
C LEU C 845 -14.11 12.29 -16.56
N ASN C 846 -13.59 11.21 -15.97
CA ASN C 846 -13.27 10.00 -16.71
C ASN C 846 -14.46 9.50 -17.52
N SER C 847 -15.66 9.75 -17.01
CA SER C 847 -16.90 9.35 -17.68
C SER C 847 -16.74 9.57 -19.19
N TYR C 848 -16.38 10.80 -19.55
CA TYR C 848 -16.18 11.16 -20.95
C TYR C 848 -15.37 10.06 -21.63
N ALA C 849 -16.01 9.37 -22.56
CA ALA C 849 -15.42 8.25 -23.31
C ALA C 849 -13.92 8.32 -23.51
N PRO C 850 -13.42 9.40 -24.15
CA PRO C 850 -11.98 9.55 -24.38
C PRO C 850 -11.12 9.38 -23.12
N ILE C 851 -11.74 9.54 -21.95
CA ILE C 851 -11.03 9.41 -20.68
C ILE C 851 -11.26 8.04 -20.03
N SER C 852 -12.51 7.58 -20.03
CA SER C 852 -12.84 6.27 -19.45
C SER C 852 -12.18 5.18 -20.29
N LEU C 853 -12.26 5.35 -21.61
CA LEU C 853 -11.68 4.44 -22.59
C LEU C 853 -10.15 4.47 -22.59
N GLU C 854 -9.60 5.67 -22.43
CA GLU C 854 -8.15 5.86 -22.38
C GLU C 854 -7.61 5.21 -21.10
N LYS C 855 -8.30 5.45 -19.98
CA LYS C 855 -7.91 4.89 -18.70
C LYS C 855 -8.10 3.37 -18.68
N ARG C 856 -9.22 2.90 -19.24
CA ARG C 856 -9.54 1.47 -19.30
C ARG C 856 -8.57 0.68 -20.17
N ARG C 857 -8.24 1.22 -21.35
CA ARG C 857 -7.32 0.55 -22.28
C ARG C 857 -5.88 0.53 -21.76
N ALA C 858 -5.47 1.65 -21.15
CA ALA C 858 -4.14 1.81 -20.57
C ALA C 858 -3.97 0.90 -19.34
N GLN C 859 -5.05 0.74 -18.58
CA GLN C 859 -5.07 -0.11 -17.38
C GLN C 859 -4.71 -1.56 -17.70
N ILE C 860 -5.11 -2.02 -18.88
CA ILE C 860 -4.84 -3.38 -19.32
C ILE C 860 -3.34 -3.63 -19.45
N SER C 861 -2.60 -2.67 -20.01
CA SER C 861 -1.16 -2.81 -20.18
C SER C 861 -0.48 -2.91 -18.82
N ALA C 862 -0.91 -2.07 -17.90
CA ALA C 862 -0.37 -2.06 -16.55
C ALA C 862 -0.78 -3.32 -15.81
N LEU C 863 -2.04 -3.71 -15.97
CA LEU C 863 -2.57 -4.90 -15.30
C LEU C 863 -1.90 -6.19 -15.76
N LEU C 864 -1.70 -6.33 -17.06
CA LEU C 864 -1.07 -7.54 -17.61
C LEU C 864 0.36 -7.65 -17.11
N THR C 865 1.06 -6.53 -17.16
CA THR C 865 2.44 -6.47 -16.71
C THR C 865 2.50 -6.69 -15.19
N MET C 866 1.48 -6.21 -14.49
CA MET C 866 1.44 -6.33 -13.04
C MET C 866 1.49 -7.78 -12.58
N LEU C 867 0.74 -8.64 -13.25
CA LEU C 867 0.76 -10.06 -12.89
C LEU C 867 2.17 -10.61 -13.10
N GLN C 868 2.83 -10.16 -14.16
CA GLN C 868 4.18 -10.64 -14.48
C GLN C 868 5.14 -10.58 -13.29
N LYS C 869 5.71 -9.41 -13.02
CA LYS C 869 6.67 -9.28 -11.92
C LYS C 869 6.58 -7.99 -11.11
N PRO C 870 6.37 -8.11 -9.79
CA PRO C 870 6.26 -7.00 -8.85
C PRO C 870 7.55 -6.85 -8.02
N VAL C 871 7.52 -7.40 -6.81
CA VAL C 871 8.63 -7.41 -5.87
C VAL C 871 9.28 -6.06 -5.54
N THR C 872 8.81 -4.98 -6.15
CA THR C 872 9.39 -3.66 -5.89
C THR C 872 8.34 -2.59 -5.57
N PHE C 873 7.86 -2.57 -4.33
CA PHE C 873 6.85 -1.60 -3.90
C PHE C 873 7.19 -0.95 -2.56
N LYS C 874 7.11 0.38 -2.52
CA LYS C 874 7.40 1.12 -1.30
C LYS C 874 6.15 1.33 -0.48
N SER C 875 5.60 0.23 0.03
CA SER C 875 4.40 0.27 0.84
C SER C 875 4.61 1.12 2.09
N SER C 876 3.55 1.74 2.57
CA SER C 876 3.61 2.57 3.76
C SER C 876 2.21 2.94 4.20
N LYS C 877 1.26 2.78 3.28
CA LYS C 877 -0.13 3.08 3.55
C LYS C 877 -0.82 1.88 4.17
N ILE C 878 -1.65 2.12 5.18
CA ILE C 878 -2.35 1.05 5.84
C ILE C 878 -3.85 1.06 5.62
N THR C 879 -4.43 -0.13 5.57
CA THR C 879 -5.85 -0.31 5.34
C THR C 879 -6.48 -1.24 6.37
N ILE C 880 -7.78 -1.48 6.20
CA ILE C 880 -8.54 -2.33 7.09
C ILE C 880 -7.85 -3.70 7.14
N ASN C 881 -7.30 -4.12 6.02
CA ASN C 881 -6.63 -5.41 5.94
C ASN C 881 -5.46 -5.46 6.91
N ASP C 882 -4.69 -4.39 6.96
CA ASP C 882 -3.56 -4.33 7.84
C ASP C 882 -3.99 -4.23 9.30
N ILE C 883 -5.03 -3.45 9.57
CA ILE C 883 -5.50 -3.29 10.93
C ILE C 883 -6.10 -4.58 11.48
N LEU C 884 -6.96 -5.20 10.70
CA LEU C 884 -7.61 -6.42 11.14
C LEU C 884 -6.63 -7.54 11.33
N ARG C 885 -5.64 -7.63 10.45
CA ARG C 885 -4.64 -8.68 10.54
C ARG C 885 -3.94 -8.57 11.89
N ASP C 886 -3.76 -7.36 12.38
CA ASP C 886 -3.10 -7.16 13.66
C ASP C 886 -3.89 -7.73 14.83
N ILE C 887 -5.20 -7.45 14.86
CA ILE C 887 -6.06 -7.90 15.95
C ILE C 887 -6.30 -9.40 16.03
N LYS C 888 -6.26 -10.07 14.89
CA LYS C 888 -6.53 -11.50 14.85
C LYS C 888 -5.88 -12.34 15.95
N PRO C 889 -4.54 -12.28 16.07
CA PRO C 889 -3.79 -13.05 17.06
C PRO C 889 -4.20 -12.88 18.53
N PHE C 890 -4.90 -11.80 18.84
CA PHE C 890 -5.32 -11.52 20.21
C PHE C 890 -6.71 -12.01 20.57
N PHE C 891 -7.36 -12.69 19.63
CA PHE C 891 -8.70 -13.21 19.87
C PHE C 891 -8.67 -14.72 20.09
N THR C 892 -9.28 -15.16 21.18
CA THR C 892 -9.31 -16.58 21.49
C THR C 892 -10.70 -17.16 21.27
N VAL C 893 -10.84 -17.96 20.20
CA VAL C 893 -12.12 -18.56 19.87
C VAL C 893 -12.44 -19.89 20.55
N SER C 894 -13.70 -20.05 20.95
CA SER C 894 -14.15 -21.28 21.59
C SER C 894 -15.62 -21.53 21.29
N ASP C 895 -15.94 -22.79 20.99
CA ASP C 895 -17.32 -23.15 20.67
C ASP C 895 -18.31 -22.59 21.67
N ALA C 896 -19.36 -21.99 21.14
CA ALA C 896 -20.44 -21.42 21.92
C ALA C 896 -21.74 -21.85 21.26
N HIS C 897 -22.86 -21.66 21.93
CA HIS C 897 -24.13 -22.06 21.36
C HIS C 897 -25.19 -20.99 21.43
N LEU C 898 -25.97 -20.88 20.36
CA LEU C 898 -27.04 -19.91 20.25
C LEU C 898 -28.32 -20.57 19.73
N PRO C 899 -29.41 -20.45 20.49
CA PRO C 899 -30.70 -21.02 20.16
C PRO C 899 -31.50 -20.13 19.22
N ILE C 900 -32.35 -20.75 18.42
CA ILE C 900 -33.19 -20.00 17.48
C ILE C 900 -34.45 -19.55 18.21
N GLN C 901 -34.65 -18.23 18.33
CA GLN C 901 -35.82 -17.74 19.03
C GLN C 901 -36.73 -16.82 18.21
N TYR C 902 -36.15 -16.07 17.29
CA TYR C 902 -36.92 -15.15 16.47
C TYR C 902 -37.50 -15.89 15.27
N GLN C 903 -38.79 -15.69 15.02
CA GLN C 903 -39.47 -16.36 13.91
C GLN C 903 -39.02 -15.81 12.55
N LYS C 904 -39.62 -16.34 11.50
CA LYS C 904 -39.29 -15.90 10.16
C LYS C 904 -40.30 -14.91 9.60
N PHE C 905 -39.81 -13.94 8.82
CA PHE C 905 -40.65 -12.94 8.21
C PHE C 905 -40.20 -12.62 6.78
N MET C 906 -39.05 -13.15 6.39
CA MET C 906 -38.52 -12.96 5.03
C MET C 906 -38.17 -14.36 4.54
N PRO C 907 -39.18 -15.24 4.45
CA PRO C 907 -39.08 -16.63 4.03
C PRO C 907 -38.17 -16.96 2.88
N THR C 908 -37.78 -15.99 2.06
CA THR C 908 -36.92 -16.30 0.92
C THR C 908 -35.44 -16.40 1.24
N LEU C 909 -35.02 -15.72 2.29
CA LEU C 909 -33.61 -15.74 2.68
C LEU C 909 -33.03 -17.14 2.73
N PRO C 910 -31.88 -17.32 2.10
CA PRO C 910 -31.19 -18.62 2.08
C PRO C 910 -31.04 -19.07 3.53
N ASP C 911 -31.18 -20.37 3.76
CA ASP C 911 -31.07 -20.92 5.10
C ASP C 911 -29.90 -20.40 5.91
N ASN C 912 -28.70 -20.40 5.36
CA ASN C 912 -27.60 -19.91 6.17
C ASN C 912 -27.80 -18.46 6.58
N VAL C 913 -28.34 -17.61 5.70
CA VAL C 913 -28.59 -16.22 6.05
C VAL C 913 -29.74 -16.09 7.06
N GLN C 914 -30.80 -16.86 6.83
CA GLN C 914 -31.99 -16.82 7.67
C GLN C 914 -31.66 -17.26 9.08
N TYR C 915 -30.72 -18.20 9.22
CA TYR C 915 -30.32 -18.71 10.52
C TYR C 915 -29.77 -17.63 11.45
N ILE C 916 -29.03 -16.67 10.92
CA ILE C 916 -28.48 -15.59 11.72
C ILE C 916 -29.58 -14.73 12.30
N ILE C 917 -30.58 -14.40 11.49
CA ILE C 917 -31.70 -13.60 11.93
C ILE C 917 -32.52 -14.36 12.98
N GLN C 918 -32.64 -15.67 12.81
CA GLN C 918 -33.39 -16.54 13.74
C GLN C 918 -32.75 -16.53 15.11
N CYS C 919 -31.44 -16.38 15.17
CA CYS C 919 -30.71 -16.35 16.43
C CYS C 919 -30.46 -14.96 16.99
N ILE C 920 -29.99 -14.02 16.19
CA ILE C 920 -29.71 -12.70 16.72
C ILE C 920 -30.69 -11.60 16.30
N GLY C 921 -31.58 -11.88 15.38
CA GLY C 921 -32.56 -10.89 14.99
C GLY C 921 -32.11 -9.99 13.85
N SER C 922 -32.92 -8.99 13.54
CA SER C 922 -32.60 -8.05 12.47
C SER C 922 -32.95 -6.64 12.81
N ARG C 923 -32.37 -5.68 12.10
CA ARG C 923 -32.66 -4.28 12.38
C ARG C 923 -33.56 -3.59 11.37
N THR C 924 -34.27 -2.56 11.80
CA THR C 924 -35.10 -1.83 10.87
C THR C 924 -34.51 -0.45 10.70
N TYR C 925 -33.19 -0.37 10.74
CA TYR C 925 -32.48 0.89 10.59
C TYR C 925 -31.14 0.74 9.88
N GLN C 926 -30.62 1.86 9.38
CA GLN C 926 -29.35 1.92 8.67
C GLN C 926 -28.31 2.45 9.64
N ILE C 927 -27.08 1.95 9.54
CA ILE C 927 -26.03 2.38 10.45
C ILE C 927 -25.27 3.59 9.91
N GLU C 928 -25.44 4.74 10.56
CA GLU C 928 -24.77 5.97 10.18
C GLU C 928 -23.37 5.70 9.62
N ASP C 929 -23.20 5.87 8.32
CA ASP C 929 -21.90 5.62 7.69
C ASP C 929 -21.36 6.80 6.88
N ASP C 930 -21.68 8.01 7.33
CA ASP C 930 -21.23 9.21 6.63
C ASP C 930 -20.86 10.35 7.58
N GLY C 931 -21.03 10.11 8.89
CA GLY C 931 -20.71 11.13 9.88
C GLY C 931 -21.72 12.26 9.92
N SER C 932 -22.79 12.11 9.17
CA SER C 932 -23.84 13.10 9.11
C SER C 932 -24.40 13.47 10.47
N LYS C 933 -24.33 12.54 11.42
CA LYS C 933 -24.86 12.80 12.75
C LYS C 933 -23.82 13.19 13.80
N SER C 934 -22.87 14.03 13.40
CA SER C 934 -21.83 14.52 14.30
C SER C 934 -21.99 16.02 14.48
N ALA C 935 -21.54 16.51 15.64
CA ALA C 935 -21.67 17.92 15.98
C ALA C 935 -20.91 18.84 15.02
N ILE C 936 -19.71 18.43 14.64
CA ILE C 936 -18.90 19.25 13.74
C ILE C 936 -19.60 19.40 12.40
N SER C 937 -20.16 18.30 11.90
CA SER C 937 -20.83 18.33 10.63
C SER C 937 -22.02 19.30 10.72
N ARG C 938 -22.79 19.19 11.79
CA ARG C 938 -23.96 20.03 11.96
C ARG C 938 -23.53 21.48 11.97
N LEU C 939 -22.40 21.75 12.59
CA LEU C 939 -21.93 23.13 12.66
C LEU C 939 -21.53 23.61 11.27
N ILE C 940 -20.83 22.78 10.52
CA ILE C 940 -20.40 23.15 9.19
C ILE C 940 -21.64 23.44 8.34
N SER C 941 -22.69 22.64 8.55
CA SER C 941 -23.96 22.80 7.83
C SER C 941 -24.80 24.01 8.28
N LYS C 942 -24.82 24.27 9.57
CA LYS C 942 -25.61 25.37 10.13
C LYS C 942 -25.26 26.73 9.54
N TYR C 943 -23.99 26.95 9.26
CA TYR C 943 -23.55 28.21 8.71
C TYR C 943 -23.11 28.15 7.24
N SER C 944 -22.29 27.16 6.89
CA SER C 944 -21.85 27.04 5.50
C SER C 944 -22.73 26.04 4.74
N VAL C 945 -22.73 26.16 3.41
CA VAL C 945 -23.53 25.30 2.54
C VAL C 945 -22.68 24.13 2.06
N TYR C 946 -21.38 24.25 2.24
CA TYR C 946 -20.44 23.21 1.85
C TYR C 946 -20.78 21.89 2.56
N LYS C 947 -20.40 20.78 1.94
CA LYS C 947 -20.66 19.47 2.50
C LYS C 947 -19.45 18.58 2.31
N PRO C 948 -18.63 18.42 3.37
CA PRO C 948 -17.42 17.58 3.33
C PRO C 948 -17.81 16.11 3.56
N SER C 949 -17.25 15.22 2.75
CA SER C 949 -17.54 13.80 2.85
C SER C 949 -17.05 13.22 4.17
N ILE C 950 -17.30 11.93 4.37
CA ILE C 950 -16.86 11.26 5.59
C ILE C 950 -15.36 11.32 5.61
N GLU C 951 -14.75 11.14 4.43
CA GLU C 951 -13.29 11.13 4.33
C GLU C 951 -12.71 12.46 4.79
N GLU C 952 -13.33 13.55 4.37
CA GLU C 952 -12.84 14.86 4.76
C GLU C 952 -13.02 15.08 6.26
N LEU C 953 -14.18 14.70 6.78
CA LEU C 953 -14.44 14.84 8.20
C LEU C 953 -13.43 14.00 8.97
N TYR C 954 -13.11 12.84 8.42
CA TYR C 954 -12.13 11.93 9.03
C TYR C 954 -10.75 12.56 9.07
N LYS C 955 -10.32 13.15 7.95
CA LYS C 955 -9.01 13.78 7.90
C LYS C 955 -8.97 15.02 8.79
N VAL C 956 -10.04 15.80 8.73
CA VAL C 956 -10.16 17.03 9.51
C VAL C 956 -10.17 16.77 11.00
N ILE C 957 -10.92 15.75 11.42
CA ILE C 957 -11.04 15.39 12.82
C ILE C 957 -9.67 14.95 13.37
N SER C 958 -8.90 14.28 12.52
CA SER C 958 -7.57 13.82 12.90
C SER C 958 -6.58 14.97 13.01
N LEU C 959 -7.05 16.21 12.94
CA LEU C 959 -6.15 17.36 13.02
C LEU C 959 -6.01 17.95 14.42
N HIS C 960 -5.08 18.90 14.55
CA HIS C 960 -4.83 19.57 15.82
C HIS C 960 -5.88 20.65 16.03
N GLU C 961 -6.24 20.86 17.30
CA GLU C 961 -7.24 21.85 17.68
C GLU C 961 -7.08 23.19 16.97
N ASN C 962 -5.83 23.63 16.82
CA ASN C 962 -5.54 24.91 16.16
C ASN C 962 -5.94 24.92 14.69
N GLU C 963 -5.62 23.85 13.99
CA GLU C 963 -5.94 23.72 12.58
C GLU C 963 -7.44 23.62 12.31
N ILE C 964 -8.12 22.81 13.12
CA ILE C 964 -9.55 22.57 12.98
C ILE C 964 -10.36 23.85 13.16
N GLN C 965 -9.89 24.73 14.05
CA GLN C 965 -10.57 25.98 14.32
C GLN C 965 -10.63 26.88 13.07
N LEU C 966 -9.52 26.94 12.33
CA LEU C 966 -9.41 27.74 11.11
C LEU C 966 -10.33 27.20 10.00
N TYR C 967 -10.44 25.86 9.95
CA TYR C 967 -11.24 25.17 8.94
C TYR C 967 -12.67 25.68 9.05
N LEU C 968 -13.21 25.73 10.26
CA LEU C 968 -14.58 26.21 10.49
C LEU C 968 -14.73 27.67 10.08
N ILE C 969 -13.73 28.47 10.44
CA ILE C 969 -13.74 29.89 10.11
C ILE C 969 -13.71 30.03 8.60
N SER C 970 -12.82 29.27 7.97
CA SER C 970 -12.65 29.32 6.51
C SER C 970 -13.96 29.09 5.75
N LEU C 971 -14.89 28.38 6.40
CA LEU C 971 -16.17 28.08 5.78
C LEU C 971 -17.24 29.08 6.17
N GLY C 972 -17.08 29.70 7.34
CA GLY C 972 -18.05 30.68 7.77
C GLY C 972 -18.59 30.57 9.17
N ILE C 973 -18.26 29.49 9.87
CA ILE C 973 -18.75 29.35 11.24
C ILE C 973 -18.25 30.55 12.04
N PRO C 974 -19.11 31.15 12.88
CA PRO C 974 -18.74 32.30 13.71
C PRO C 974 -17.66 31.91 14.72
N LYS C 975 -16.70 32.81 14.95
CA LYS C 975 -15.58 32.54 15.85
C LYS C 975 -15.98 32.22 17.28
N ILE C 976 -16.99 32.89 17.81
CA ILE C 976 -17.41 32.62 19.18
C ILE C 976 -17.84 31.16 19.24
N ASP C 977 -18.64 30.76 18.25
CA ASP C 977 -19.13 29.39 18.14
C ASP C 977 -18.07 28.38 17.73
N ALA C 978 -17.18 28.78 16.82
CA ALA C 978 -16.11 27.91 16.36
C ALA C 978 -15.17 27.57 17.51
N ASP C 979 -14.84 28.57 18.31
CA ASP C 979 -13.95 28.39 19.44
C ASP C 979 -14.59 27.48 20.50
N THR C 980 -15.88 27.61 20.70
CA THR C 980 -16.58 26.78 21.68
C THR C 980 -16.51 25.29 21.35
N TYR C 981 -16.59 24.95 20.06
CA TYR C 981 -16.51 23.56 19.66
C TYR C 981 -15.10 23.00 19.87
N VAL C 982 -14.09 23.73 19.40
CA VAL C 982 -12.70 23.28 19.48
C VAL C 982 -12.27 22.75 20.84
N GLY C 983 -12.74 23.40 21.89
CA GLY C 983 -12.38 22.95 23.22
C GLY C 983 -13.35 21.91 23.71
N SER C 984 -14.61 22.32 23.79
CA SER C 984 -15.72 21.49 24.26
C SER C 984 -15.51 19.98 24.24
N LYS C 985 -16.12 19.33 25.23
CA LYS C 985 -16.05 17.89 25.39
C LYS C 985 -16.69 17.20 24.18
N ILE C 986 -17.71 17.82 23.64
CA ILE C 986 -18.45 17.28 22.49
C ILE C 986 -17.53 17.01 21.31
N TYR C 987 -16.54 17.88 21.12
CA TYR C 987 -15.57 17.70 20.02
C TYR C 987 -14.80 16.37 20.16
N SER C 988 -14.44 16.03 21.40
CA SER C 988 -13.69 14.80 21.64
C SER C 988 -14.51 13.60 21.21
N ARG C 989 -15.78 13.59 21.59
CA ARG C 989 -16.69 12.50 21.26
C ARG C 989 -16.86 12.47 19.77
N ASP C 990 -16.96 13.66 19.18
CA ASP C 990 -17.14 13.79 17.76
C ASP C 990 -15.97 13.15 17.03
N LYS C 991 -14.82 13.07 17.70
CA LYS C 991 -13.65 12.46 17.11
C LYS C 991 -13.91 10.96 17.00
N TYR C 992 -14.63 10.42 17.98
CA TYR C 992 -14.96 9.00 18.00
C TYR C 992 -15.99 8.65 16.94
N ARG C 993 -17.02 9.49 16.83
CA ARG C 993 -18.09 9.25 15.86
C ARG C 993 -17.68 9.32 14.39
N ILE C 994 -16.78 10.24 14.06
CA ILE C 994 -16.32 10.36 12.69
C ILE C 994 -15.62 9.07 12.31
N LEU C 995 -14.83 8.52 13.21
CA LEU C 995 -14.10 7.28 12.94
C LEU C 995 -15.06 6.13 12.79
N GLU C 996 -16.09 6.12 13.63
CA GLU C 996 -17.04 5.02 13.55
C GLU C 996 -17.68 5.00 12.16
N SER C 997 -18.16 6.15 11.69
CA SER C 997 -18.81 6.21 10.40
C SER C 997 -17.84 5.79 9.30
N TYR C 998 -16.59 6.23 9.38
CA TYR C 998 -15.60 5.86 8.39
C TYR C 998 -15.35 4.35 8.36
N VAL C 999 -15.27 3.74 9.54
CA VAL C 999 -15.02 2.30 9.63
C VAL C 999 -16.15 1.47 9.12
N TYR C 1000 -17.37 1.84 9.50
CA TYR C 1000 -18.56 1.13 9.05
C TYR C 1000 -18.67 1.24 7.54
N ASN C 1001 -18.29 2.39 7.01
CA ASN C 1001 -18.36 2.55 5.57
C ASN C 1001 -17.44 1.54 4.91
N LEU C 1002 -16.24 1.38 5.45
CA LEU C 1002 -15.25 0.47 4.88
C LEU C 1002 -15.60 -1.00 5.05
N LEU C 1003 -16.63 -1.28 5.83
CA LEU C 1003 -17.02 -2.66 6.06
C LEU C 1003 -18.34 -2.94 5.39
N SER C 1004 -18.82 -1.95 4.65
CA SER C 1004 -20.06 -2.08 3.92
C SER C 1004 -21.12 -2.65 4.83
N ILE C 1005 -21.03 -2.31 6.11
CA ILE C 1005 -21.97 -2.83 7.09
C ILE C 1005 -23.41 -2.47 6.74
N ASN C 1006 -23.58 -1.51 5.83
CA ASN C 1006 -24.93 -1.09 5.43
C ASN C 1006 -25.43 -1.71 4.12
N TYR C 1007 -24.52 -2.26 3.33
CA TYR C 1007 -24.87 -2.87 2.06
C TYR C 1007 -25.01 -4.37 2.27
N GLY C 1008 -24.67 -5.15 1.25
CA GLY C 1008 -24.75 -6.61 1.35
C GLY C 1008 -25.80 -7.24 2.24
N CYS C 1009 -25.49 -8.43 2.75
CA CYS C 1009 -26.42 -9.16 3.62
C CYS C 1009 -26.34 -8.64 5.05
N TYR C 1010 -25.22 -8.01 5.42
CA TYR C 1010 -25.06 -7.48 6.77
C TYR C 1010 -26.14 -6.47 7.12
N GLN C 1011 -26.67 -5.76 6.12
CA GLN C 1011 -27.66 -4.76 6.44
C GLN C 1011 -28.91 -5.36 7.03
N LEU C 1012 -29.01 -6.68 7.00
CA LEU C 1012 -30.18 -7.39 7.53
C LEU C 1012 -29.93 -7.97 8.91
N PHE C 1013 -28.72 -7.78 9.43
CA PHE C 1013 -28.32 -8.31 10.74
C PHE C 1013 -28.29 -7.27 11.83
N ASP C 1014 -28.86 -7.62 12.98
CA ASP C 1014 -28.88 -6.71 14.11
C ASP C 1014 -27.54 -6.87 14.77
N PHE C 1015 -26.59 -6.00 14.42
CA PHE C 1015 -25.22 -6.04 14.96
C PHE C 1015 -25.11 -5.59 16.38
N ASN C 1016 -26.23 -5.31 17.01
CA ASN C 1016 -26.21 -4.89 18.38
C ASN C 1016 -27.15 -5.80 19.13
N SER C 1017 -27.36 -6.97 18.53
CA SER C 1017 -28.20 -7.99 19.10
C SER C 1017 -27.68 -8.41 20.45
N PRO C 1018 -28.55 -8.53 21.44
CA PRO C 1018 -28.15 -8.95 22.78
C PRO C 1018 -27.57 -10.34 22.67
N ASP C 1019 -28.15 -11.11 21.78
CA ASP C 1019 -27.73 -12.47 21.55
C ASP C 1019 -26.32 -12.56 20.98
N LEU C 1020 -25.98 -11.65 20.06
CA LEU C 1020 -24.63 -11.60 19.47
C LEU C 1020 -23.60 -11.04 20.44
N GLU C 1021 -24.03 -10.04 21.22
CA GLU C 1021 -23.15 -9.37 22.17
C GLU C 1021 -22.61 -10.33 23.22
N LYS C 1022 -23.44 -11.24 23.71
CA LYS C 1022 -23.01 -12.20 24.72
C LYS C 1022 -21.87 -13.07 24.19
N LEU C 1023 -21.95 -13.45 22.92
CA LEU C 1023 -20.91 -14.27 22.32
C LEU C 1023 -19.54 -13.59 22.27
N ILE C 1024 -19.49 -12.30 22.59
CA ILE C 1024 -18.23 -11.58 22.56
C ILE C 1024 -17.77 -11.21 23.96
N ARG C 1025 -16.50 -11.40 24.23
CA ARG C 1025 -15.95 -11.11 25.54
C ARG C 1025 -14.77 -10.15 25.41
N ILE C 1026 -14.93 -8.92 25.90
CA ILE C 1026 -13.87 -7.93 25.81
C ILE C 1026 -13.70 -7.06 27.07
N PRO C 1027 -12.57 -7.24 27.79
CA PRO C 1027 -12.27 -6.48 29.01
C PRO C 1027 -11.81 -5.07 28.66
N PHE C 1028 -12.18 -4.09 29.48
CA PHE C 1028 -11.79 -2.70 29.22
C PHE C 1028 -10.41 -2.36 29.79
N LYS C 1029 -9.38 -2.62 28.99
CA LYS C 1029 -8.00 -2.35 29.38
C LYS C 1029 -7.87 -0.87 29.75
N GLY C 1030 -8.66 -0.04 29.08
CA GLY C 1030 -8.66 1.39 29.31
C GLY C 1030 -9.80 2.01 28.51
N LYS C 1031 -10.42 3.07 29.03
CA LYS C 1031 -11.53 3.73 28.33
C LYS C 1031 -11.10 4.37 27.01
N ILE C 1032 -10.57 3.56 26.10
CA ILE C 1032 -10.13 4.04 24.79
C ILE C 1032 -11.15 3.62 23.73
N PRO C 1033 -12.22 4.41 23.58
CA PRO C 1033 -13.33 4.19 22.65
C PRO C 1033 -12.98 3.72 21.23
N ALA C 1034 -11.83 4.11 20.71
CA ALA C 1034 -11.46 3.70 19.37
C ALA C 1034 -11.14 2.21 19.30
N VAL C 1035 -10.09 1.81 20.00
CA VAL C 1035 -9.68 0.41 20.00
C VAL C 1035 -10.76 -0.51 20.56
N THR C 1036 -11.44 -0.11 21.61
CA THR C 1036 -12.45 -1.00 22.15
C THR C 1036 -13.48 -1.24 21.07
N PHE C 1037 -13.75 -0.20 20.27
CA PHE C 1037 -14.73 -0.30 19.21
C PHE C 1037 -14.40 -1.30 18.11
N ILE C 1038 -13.18 -1.24 17.57
CA ILE C 1038 -12.80 -2.15 16.49
C ILE C 1038 -12.69 -3.60 16.94
N LEU C 1039 -12.18 -3.82 18.15
CA LEU C 1039 -12.01 -5.16 18.65
C LEU C 1039 -13.38 -5.81 18.67
N HIS C 1040 -14.37 -5.02 19.11
CA HIS C 1040 -15.74 -5.49 19.21
C HIS C 1040 -16.38 -5.81 17.86
N LEU C 1041 -16.25 -4.87 16.92
CA LEU C 1041 -16.82 -5.04 15.60
C LEU C 1041 -16.11 -6.16 14.91
N TYR C 1042 -14.81 -6.25 15.11
CA TYR C 1042 -14.06 -7.34 14.51
C TYR C 1042 -14.57 -8.61 15.15
N ALA C 1043 -14.88 -8.54 16.44
CA ALA C 1043 -15.39 -9.70 17.14
C ALA C 1043 -16.74 -10.11 16.56
N LYS C 1044 -17.62 -9.14 16.36
CA LYS C 1044 -18.93 -9.42 15.83
C LYS C 1044 -18.91 -9.98 14.41
N LEU C 1045 -18.11 -9.40 13.53
CA LEU C 1045 -18.06 -9.88 12.16
C LEU C 1045 -17.58 -11.31 12.10
N GLU C 1046 -16.55 -11.61 12.89
CA GLU C 1046 -15.96 -12.95 12.92
C GLU C 1046 -17.01 -13.97 13.33
N VAL C 1047 -17.75 -13.67 14.37
CA VAL C 1047 -18.76 -14.59 14.84
C VAL C 1047 -19.86 -14.78 13.80
N ILE C 1048 -20.29 -13.70 13.17
CA ILE C 1048 -21.35 -13.78 12.18
C ILE C 1048 -20.94 -14.62 10.99
N ASN C 1049 -19.75 -14.35 10.48
CA ASN C 1049 -19.24 -15.05 9.31
C ASN C 1049 -19.08 -16.53 9.56
N TYR C 1050 -18.69 -16.88 10.78
CA TYR C 1050 -18.53 -18.28 11.14
C TYR C 1050 -19.91 -18.91 11.09
N ALA C 1051 -20.90 -18.16 11.56
CA ALA C 1051 -22.26 -18.64 11.62
C ALA C 1051 -22.77 -18.99 10.24
N ILE C 1052 -22.49 -18.11 9.29
CA ILE C 1052 -22.89 -18.29 7.91
C ILE C 1052 -22.20 -19.47 7.25
N LYS C 1053 -20.93 -19.66 7.58
CA LYS C 1053 -20.15 -20.75 6.99
C LYS C 1053 -20.07 -22.00 7.86
N ASN C 1054 -20.99 -22.16 8.82
CA ASN C 1054 -20.94 -23.34 9.69
C ASN C 1054 -22.23 -23.70 10.40
N GLY C 1055 -23.15 -22.77 10.50
CA GLY C 1055 -24.40 -23.09 11.16
C GLY C 1055 -24.29 -23.16 12.66
N SER C 1056 -23.06 -23.07 13.17
CA SER C 1056 -22.84 -23.10 14.61
C SER C 1056 -22.13 -21.82 15.01
N TRP C 1057 -22.22 -21.46 16.28
CA TRP C 1057 -21.60 -20.24 16.75
C TRP C 1057 -20.30 -20.51 17.50
N ILE C 1058 -19.52 -19.44 17.68
CA ILE C 1058 -18.25 -19.47 18.37
C ILE C 1058 -18.19 -18.24 19.25
N SER C 1059 -17.54 -18.36 20.40
CA SER C 1059 -17.40 -17.24 21.31
C SER C 1059 -15.96 -16.78 21.30
N LEU C 1060 -15.76 -15.47 21.21
CA LEU C 1060 -14.41 -14.90 21.18
C LEU C 1060 -14.02 -14.13 22.43
N PHE C 1061 -12.79 -14.36 22.86
CA PHE C 1061 -12.23 -13.71 24.04
C PHE C 1061 -11.10 -12.81 23.58
N CYS C 1062 -10.94 -11.66 24.23
CA CYS C 1062 -9.87 -10.74 23.87
C CYS C 1062 -9.04 -10.22 25.05
N ASN C 1063 -7.75 -10.48 25.00
CA ASN C 1063 -6.81 -10.06 26.02
C ASN C 1063 -5.76 -9.13 25.41
N TYR C 1064 -6.22 -8.16 24.62
CA TYR C 1064 -5.33 -7.21 23.95
C TYR C 1064 -4.54 -6.40 24.98
N PRO C 1065 -3.21 -6.54 24.97
CA PRO C 1065 -2.34 -5.82 25.90
C PRO C 1065 -2.54 -4.30 25.79
N LYS C 1066 -2.24 -3.60 26.88
CA LYS C 1066 -2.38 -2.14 26.93
C LYS C 1066 -1.38 -1.47 26.00
N SER C 1067 -0.22 -2.10 25.86
CA SER C 1067 0.85 -1.58 25.01
C SER C 1067 0.49 -1.63 23.54
N GLU C 1068 -0.11 -2.74 23.12
CA GLU C 1068 -0.53 -2.95 21.75
C GLU C 1068 -1.60 -1.97 21.28
N MET C 1069 -2.46 -1.54 22.20
CA MET C 1069 -3.54 -0.62 21.90
C MET C 1069 -3.06 0.72 21.34
N ILE C 1070 -1.95 1.23 21.87
CA ILE C 1070 -1.41 2.49 21.38
C ILE C 1070 -0.89 2.39 19.95
N LYS C 1071 -0.25 1.26 19.63
CA LYS C 1071 0.27 1.08 18.29
C LYS C 1071 -0.92 1.04 17.32
N LEU C 1072 -1.94 0.29 17.73
CA LEU C 1072 -3.16 0.11 16.94
C LEU C 1072 -3.91 1.43 16.75
N TRP C 1073 -3.89 2.24 17.79
CA TRP C 1073 -4.56 3.54 17.79
C TRP C 1073 -3.99 4.44 16.70
N LYS C 1074 -2.68 4.35 16.47
CA LYS C 1074 -2.07 5.16 15.44
C LYS C 1074 -2.56 4.71 14.07
N LYS C 1075 -2.64 3.39 13.89
CA LYS C 1075 -3.07 2.83 12.63
C LYS C 1075 -4.46 3.28 12.24
N MET C 1076 -5.35 3.42 13.22
CA MET C 1076 -6.74 3.79 12.96
C MET C 1076 -6.91 5.07 12.16
N TRP C 1077 -6.02 6.05 12.34
CA TRP C 1077 -6.14 7.29 11.60
C TRP C 1077 -5.22 7.39 10.38
N ASN C 1078 -5.10 6.29 9.65
CA ASN C 1078 -4.26 6.24 8.45
C ASN C 1078 -4.75 5.16 7.48
N ILE C 1079 -6.05 4.86 7.54
CA ILE C 1079 -6.62 3.84 6.67
C ILE C 1079 -7.08 4.44 5.34
N THR C 1080 -6.64 3.84 4.24
CA THR C 1080 -7.03 4.30 2.93
C THR C 1080 -8.17 3.44 2.40
N SER C 1081 -8.72 3.80 1.25
CA SER C 1081 -9.84 3.06 0.68
C SER C 1081 -9.55 2.19 -0.54
N LEU C 1082 -10.63 1.64 -1.11
CA LEU C 1082 -10.60 0.77 -2.28
C LEU C 1082 -11.96 0.94 -2.97
N ARG C 1083 -11.98 1.86 -3.93
N ARG C 1083 -11.76 1.87 -3.76
CA ARG C 1083 -13.16 2.27 -4.72
CA ARG C 1083 -12.85 2.30 -4.62
C ARG C 1083 -14.28 1.33 -5.24
C ARG C 1083 -14.06 1.44 -5.08
N SER C 1084 -13.92 0.24 -5.91
N SER C 1084 -13.91 0.11 -5.21
CA SER C 1084 -14.89 -0.69 -6.51
CA SER C 1084 -15.02 -0.73 -5.68
C SER C 1084 -16.35 -0.56 -6.03
C SER C 1084 -16.43 -0.25 -5.33
N PRO C 1085 -17.20 0.12 -6.84
N PRO C 1085 -17.16 0.27 -6.34
CA PRO C 1085 -18.63 0.40 -6.63
CA PRO C 1085 -18.50 0.84 -6.44
C PRO C 1085 -19.59 -0.73 -7.00
C PRO C 1085 -19.50 0.68 -5.29
N TYR C 1086 -19.08 -1.68 -7.77
N TYR C 1086 -20.18 1.80 -4.99
CA TYR C 1086 -19.86 -2.82 -8.24
CA TYR C 1086 -21.19 1.91 -3.93
C TYR C 1086 -20.41 -3.69 -7.13
C TYR C 1086 -21.66 3.38 -3.78
N THR C 1087 -19.60 -3.81 -6.10
N THR C 1087 -22.50 3.66 -2.78
CA THR C 1087 -19.86 -4.57 -4.88
CA THR C 1087 -23.00 5.02 -2.57
C THR C 1087 -21.22 -4.20 -4.22
C THR C 1087 -22.14 5.88 -1.62
N ASN C 1088 -21.84 -3.15 -4.77
N ASN C 1088 -20.97 6.33 -2.08
CA ASN C 1088 -23.08 -2.46 -4.39
CA ASN C 1088 -20.06 7.15 -1.27
C ASN C 1088 -24.37 -3.09 -3.77
C ASN C 1088 -19.41 8.31 -2.05
N ALA C 1089 -24.37 -4.40 -3.49
N ALA C 1089 -19.37 9.49 -1.42
CA ALA C 1089 -25.52 -5.20 -2.96
CA ALA C 1089 -18.81 10.70 -2.03
C ALA C 1089 -26.68 -4.59 -2.10
C ALA C 1089 -17.31 10.89 -1.81
N ASN C 1090 -26.57 -3.32 -1.73
N ASN C 1090 -16.65 11.41 -2.85
CA ASN C 1090 -27.53 -2.53 -0.93
CA ASN C 1090 -15.21 11.69 -2.83
C ASN C 1090 -29.07 -2.65 -1.06
C ASN C 1090 -14.34 10.44 -2.67
N PHE C 1091 -29.61 -3.64 -1.78
CA PHE C 1091 -31.05 -3.69 -2.13
C PHE C 1091 -32.19 -3.12 -1.25
N PHE C 1092 -32.40 -3.44 0.03
CA PHE C 1092 -33.48 -2.67 0.66
C PHE C 1092 -33.07 -1.27 1.14
N GLY D 8 -21.21 3.39 -12.38
CA GLY D 8 -21.47 2.13 -13.16
C GLY D 8 -21.93 2.39 -14.59
N LYS D 9 -22.60 3.53 -14.79
CA LYS D 9 -23.11 3.90 -16.11
C LYS D 9 -21.96 4.36 -16.98
N TYR D 10 -20.86 4.79 -16.37
CA TYR D 10 -19.70 5.23 -17.13
C TYR D 10 -19.05 4.08 -17.88
N ASN D 11 -18.90 2.93 -17.23
CA ASN D 11 -18.28 1.80 -17.90
C ASN D 11 -19.09 1.35 -19.12
N LEU D 12 -20.40 1.27 -18.98
CA LEU D 12 -21.23 0.85 -20.10
C LEU D 12 -21.30 1.92 -21.20
N ILE D 13 -21.35 3.18 -20.79
CA ILE D 13 -21.43 4.27 -21.75
C ILE D 13 -20.21 4.21 -22.64
N LEU D 14 -19.07 3.91 -22.03
CA LEU D 14 -17.81 3.84 -22.76
C LEU D 14 -17.92 2.83 -23.88
N SER D 15 -18.68 1.76 -23.68
CA SER D 15 -18.84 0.76 -24.71
C SER D 15 -19.50 1.35 -25.96
N GLU D 16 -20.50 2.20 -25.74
CA GLU D 16 -21.22 2.81 -26.85
C GLU D 16 -20.26 3.65 -27.64
N TYR D 17 -19.46 4.41 -26.93
CA TYR D 17 -18.51 5.31 -27.54
C TYR D 17 -17.50 4.54 -28.40
N LEU D 18 -17.00 3.43 -27.89
CA LEU D 18 -16.05 2.67 -28.66
C LEU D 18 -16.70 2.02 -29.88
N SER D 19 -17.87 1.42 -29.68
CA SER D 19 -18.56 0.77 -30.78
C SER D 19 -18.88 1.84 -31.79
N PHE D 20 -19.24 3.02 -31.29
CA PHE D 20 -19.60 4.12 -32.16
C PHE D 20 -18.41 4.51 -33.05
N ILE D 21 -17.25 4.74 -32.46
CA ILE D 21 -16.08 5.13 -33.23
C ILE D 21 -15.54 4.05 -34.16
N TYR D 22 -15.50 2.81 -33.65
CA TYR D 22 -14.96 1.69 -34.41
C TYR D 22 -16.05 0.81 -35.00
N ASN D 23 -15.92 0.48 -36.28
CA ASN D 23 -16.92 -0.34 -36.97
C ASN D 23 -16.32 -1.57 -37.65
N SER D 24 -15.00 -1.62 -37.69
CA SER D 24 -14.27 -2.73 -38.32
C SER D 24 -14.78 -4.11 -37.90
N VAL D 28 -12.61 -5.03 -32.64
CA VAL D 28 -13.01 -5.89 -31.54
C VAL D 28 -12.81 -5.22 -30.17
N GLN D 29 -13.62 -5.65 -29.20
CA GLN D 29 -13.53 -5.12 -27.85
C GLN D 29 -13.31 -6.24 -26.88
N ILE D 30 -12.12 -6.27 -26.29
CA ILE D 30 -11.74 -7.31 -25.35
C ILE D 30 -11.69 -6.76 -23.93
N PRO D 31 -12.80 -6.88 -23.19
CA PRO D 31 -12.83 -6.38 -21.81
C PRO D 31 -11.75 -7.08 -20.99
N ILE D 32 -11.37 -6.48 -19.88
CA ILE D 32 -10.35 -7.08 -19.00
C ILE D 32 -10.85 -7.01 -17.59
N TYR D 33 -10.95 -8.15 -16.92
CA TYR D 33 -11.43 -8.18 -15.56
C TYR D 33 -10.36 -8.63 -14.56
N TYR D 34 -10.31 -7.96 -13.41
CA TYR D 34 -9.37 -8.31 -12.37
C TYR D 34 -10.20 -8.61 -11.13
N SER D 35 -9.56 -9.20 -10.12
CA SER D 35 -10.24 -9.53 -8.88
C SER D 35 -9.29 -9.92 -7.76
N SER D 36 -9.69 -9.58 -6.55
CA SER D 36 -8.91 -9.89 -5.37
C SER D 36 -8.98 -11.40 -5.19
N ASN D 37 -10.14 -11.97 -5.51
CA ASN D 37 -10.33 -13.41 -5.38
C ASN D 37 -9.32 -14.12 -6.26
N SER D 38 -8.61 -15.09 -5.70
CA SER D 38 -7.59 -15.80 -6.44
C SER D 38 -8.11 -16.77 -7.50
N GLU D 39 -9.14 -17.51 -7.18
CA GLU D 39 -9.70 -18.47 -8.13
C GLU D 39 -10.33 -17.74 -9.33
N LEU D 40 -11.08 -16.69 -9.01
CA LEU D 40 -11.77 -15.88 -10.00
C LEU D 40 -10.74 -15.26 -10.91
N GLU D 41 -9.61 -14.88 -10.34
CA GLU D 41 -8.55 -14.24 -11.10
C GLU D 41 -8.03 -15.13 -12.21
N ASN D 42 -7.83 -16.41 -11.93
CA ASN D 42 -7.36 -17.35 -12.95
C ASN D 42 -8.48 -17.47 -13.99
N ARG D 43 -9.71 -17.43 -13.51
CA ARG D 43 -10.88 -17.49 -14.39
C ARG D 43 -10.85 -16.27 -15.28
N CYS D 44 -10.47 -15.13 -14.70
CA CYS D 44 -10.40 -13.90 -15.46
C CYS D 44 -9.35 -14.04 -16.55
N ILE D 45 -8.22 -14.62 -16.20
CA ILE D 45 -7.14 -14.80 -17.17
C ILE D 45 -7.55 -15.73 -18.30
N GLU D 46 -8.28 -16.80 -17.97
CA GLU D 46 -8.71 -17.74 -19.00
C GLU D 46 -9.66 -17.04 -19.96
N PHE D 47 -10.59 -16.29 -19.41
CA PHE D 47 -11.58 -15.57 -20.20
C PHE D 47 -10.91 -14.58 -21.13
N HIS D 48 -9.90 -13.90 -20.60
CA HIS D 48 -9.14 -12.91 -21.35
C HIS D 48 -8.37 -13.56 -22.49
N SER D 49 -7.67 -14.65 -22.17
CA SER D 49 -6.85 -15.34 -23.16
C SER D 49 -7.66 -15.90 -24.30
N LYS D 50 -8.78 -16.51 -23.96
CA LYS D 50 -9.65 -17.07 -24.99
C LYS D 50 -10.24 -16.00 -25.89
N CYS D 51 -10.52 -14.82 -25.30
CA CYS D 51 -11.10 -13.71 -26.05
C CYS D 51 -10.16 -13.22 -27.15
N LEU D 52 -8.88 -13.11 -26.86
CA LEU D 52 -7.95 -12.67 -27.90
C LEU D 52 -7.96 -13.70 -29.03
N GLU D 53 -7.86 -14.96 -28.65
CA GLU D 53 -7.80 -16.02 -29.63
C GLU D 53 -9.04 -16.00 -30.50
N ASN D 54 -10.20 -15.85 -29.88
CA ASN D 54 -11.42 -15.86 -30.67
C ASN D 54 -11.43 -14.70 -31.66
N SER D 55 -11.07 -13.52 -31.18
CA SER D 55 -11.07 -12.35 -32.04
C SER D 55 -10.00 -12.37 -33.13
N LYS D 56 -8.78 -12.79 -32.80
CA LYS D 56 -7.69 -12.87 -33.78
C LYS D 56 -7.91 -14.04 -34.73
N ASN D 57 -9.12 -14.61 -34.68
CA ASN D 57 -9.48 -15.74 -35.53
C ASN D 57 -10.85 -15.46 -36.14
N GLY D 58 -11.32 -14.24 -35.92
CA GLY D 58 -12.61 -13.83 -36.46
C GLY D 58 -13.78 -14.68 -36.04
N LEU D 59 -13.82 -15.06 -34.77
CA LEU D 59 -14.92 -15.87 -34.26
C LEU D 59 -15.72 -15.07 -33.25
N SER D 60 -16.93 -15.54 -32.97
CA SER D 60 -17.82 -14.89 -32.02
C SER D 60 -17.19 -14.73 -30.64
N LEU D 61 -18.00 -14.35 -29.66
CA LEU D 61 -17.55 -14.16 -28.30
C LEU D 61 -18.75 -14.23 -27.38
N ARG D 62 -19.90 -14.50 -27.95
CA ARG D 62 -21.13 -14.59 -27.17
C ARG D 62 -21.08 -15.79 -26.26
N LYS D 63 -20.60 -16.91 -26.81
CA LYS D 63 -20.50 -18.14 -26.04
C LYS D 63 -19.51 -17.97 -24.87
N LEU D 64 -18.40 -17.29 -25.12
CA LEU D 64 -17.40 -17.06 -24.08
C LEU D 64 -17.92 -16.25 -22.92
N PHE D 65 -18.74 -15.24 -23.21
CA PHE D 65 -19.29 -14.40 -22.14
C PHE D 65 -20.25 -15.19 -21.28
N VAL D 66 -21.00 -16.07 -21.90
CA VAL D 66 -21.91 -16.91 -21.14
C VAL D 66 -21.07 -17.85 -20.29
N GLU D 67 -19.95 -18.28 -20.86
CA GLU D 67 -19.02 -19.19 -20.19
C GLU D 67 -18.18 -18.48 -19.14
N TYR D 68 -18.47 -17.22 -18.87
CA TYR D 68 -17.73 -16.46 -17.88
C TYR D 68 -18.62 -15.44 -17.20
N ASN D 69 -19.87 -15.85 -16.95
CA ASN D 69 -20.84 -14.96 -16.32
C ASN D 69 -20.29 -14.57 -14.96
N ASP D 70 -19.57 -15.49 -14.33
CA ASP D 70 -19.01 -15.21 -13.03
C ASP D 70 -18.05 -14.03 -13.16
N VAL D 71 -17.26 -14.01 -14.23
CA VAL D 71 -16.32 -12.92 -14.44
C VAL D 71 -17.00 -11.59 -14.68
N ILE D 72 -18.06 -11.60 -15.50
CA ILE D 72 -18.78 -10.36 -15.81
C ILE D 72 -19.52 -9.82 -14.59
N GLU D 73 -20.28 -10.72 -13.97
CA GLU D 73 -21.07 -10.39 -12.80
C GLU D 73 -20.32 -10.19 -11.48
N ASN D 74 -19.30 -11.00 -11.21
CA ASN D 74 -18.58 -10.91 -9.94
C ASN D 74 -17.20 -10.24 -9.89
N ALA D 75 -16.55 -10.06 -11.03
CA ALA D 75 -15.24 -9.40 -11.02
C ALA D 75 -15.32 -7.93 -11.39
N THR D 76 -14.19 -7.25 -11.32
CA THR D 76 -14.16 -5.83 -11.65
C THR D 76 -13.58 -5.63 -13.04
N LEU D 77 -14.12 -4.65 -13.76
CA LEU D 77 -13.62 -4.36 -15.09
C LEU D 77 -12.39 -3.51 -14.86
N LEU D 78 -11.29 -3.88 -15.50
CA LEU D 78 -10.04 -3.15 -15.32
C LEU D 78 -9.81 -2.13 -16.41
N SER D 79 -10.29 -2.42 -17.62
CA SER D 79 -10.14 -1.57 -18.80
C SER D 79 -10.71 -2.31 -20.01
N ILE D 80 -10.87 -1.64 -21.14
CA ILE D 80 -11.38 -2.32 -22.34
C ILE D 80 -10.45 -2.10 -23.54
N LEU D 81 -9.76 -3.16 -23.95
CA LEU D 81 -8.85 -3.10 -25.09
C LEU D 81 -9.61 -2.87 -26.38
N SER D 82 -8.96 -2.23 -27.33
CA SER D 82 -9.60 -1.96 -28.60
C SER D 82 -8.65 -2.18 -29.75
N TYR D 83 -8.96 -3.20 -30.55
CA TYR D 83 -8.19 -3.54 -31.73
C TYR D 83 -8.88 -2.88 -32.90
N SER D 84 -8.19 -1.93 -33.51
CA SER D 84 -8.73 -1.18 -34.64
C SER D 84 -7.75 -1.24 -35.80
N TYR D 85 -8.21 -0.86 -36.99
CA TYR D 85 -7.36 -0.86 -38.18
C TYR D 85 -7.91 0.02 -39.30
N ASP D 86 -8.24 1.27 -38.97
CA ASP D 86 -8.76 2.24 -39.94
C ASP D 86 -7.73 3.36 -40.10
N LYS D 87 -8.01 4.51 -39.50
CA LYS D 87 -7.10 5.66 -39.56
C LYS D 87 -7.53 6.78 -38.62
N TYR D 88 -8.63 6.57 -37.91
CA TYR D 88 -9.14 7.56 -36.99
C TYR D 88 -9.59 8.82 -37.75
N ASN D 89 -9.91 8.63 -39.02
CA ASN D 89 -10.35 9.73 -39.88
C ASN D 89 -11.86 9.58 -40.12
N ALA D 90 -12.54 9.03 -39.12
CA ALA D 90 -13.99 8.83 -39.20
C ALA D 90 -14.71 10.15 -39.06
N VAL D 91 -13.97 11.17 -38.59
CA VAL D 91 -14.56 12.49 -38.39
C VAL D 91 -14.96 13.14 -39.70
N GLU D 92 -14.10 13.01 -40.70
CA GLU D 92 -14.35 13.62 -42.00
C GLU D 92 -15.66 13.04 -42.54
N ARG D 93 -15.79 11.73 -42.43
CA ARG D 93 -16.98 11.05 -42.92
C ARG D 93 -18.27 11.35 -42.14
N LYS D 94 -18.19 11.32 -40.81
CA LYS D 94 -19.36 11.57 -39.96
C LYS D 94 -19.87 13.01 -40.00
N LEU D 95 -18.95 13.95 -40.06
CA LEU D 95 -19.27 15.38 -40.04
C LEU D 95 -20.16 15.88 -41.18
N VAL D 96 -19.97 15.28 -42.36
CA VAL D 96 -20.69 15.68 -43.57
C VAL D 96 -22.20 15.62 -43.42
N LYS D 97 -22.68 14.62 -42.69
CA LYS D 97 -24.10 14.47 -42.48
C LYS D 97 -24.64 15.76 -41.85
N TYR D 98 -23.81 16.43 -41.06
CA TYR D 98 -24.21 17.67 -40.39
C TYR D 98 -23.76 18.95 -41.08
N ALA D 99 -23.11 18.83 -42.24
CA ALA D 99 -22.62 20.02 -42.96
C ALA D 99 -23.68 20.62 -43.88
N LYS D 100 -24.94 20.25 -43.64
CA LYS D 100 -26.07 20.73 -44.43
C LYS D 100 -26.30 22.24 -44.35
N GLY D 101 -25.97 22.84 -43.22
CA GLY D 101 -26.14 24.28 -43.06
C GLY D 101 -25.17 25.06 -43.90
N LYS D 102 -25.34 26.38 -43.94
CA LYS D 102 -24.49 27.25 -44.74
C LYS D 102 -23.38 27.85 -43.90
N PRO D 103 -22.12 27.58 -44.25
CA PRO D 103 -20.93 28.09 -43.53
C PRO D 103 -21.05 29.55 -43.11
N LEU D 104 -20.34 29.92 -42.06
CA LEU D 104 -20.40 31.29 -41.59
C LEU D 104 -19.30 32.09 -42.24
N GLU D 105 -19.59 33.36 -42.49
CA GLU D 105 -18.61 34.25 -43.10
C GLU D 105 -18.34 35.34 -42.09
N ALA D 106 -17.08 35.44 -41.67
CA ALA D 106 -16.66 36.42 -40.69
C ALA D 106 -16.52 37.83 -41.27
N ASP D 107 -17.17 38.80 -40.63
CA ASP D 107 -17.08 40.18 -41.06
C ASP D 107 -15.74 40.70 -40.58
N LEU D 108 -14.69 40.50 -41.38
CA LEU D 108 -13.34 40.90 -41.05
C LEU D 108 -13.18 42.39 -40.69
N THR D 109 -14.32 43.08 -40.58
CA THR D 109 -14.33 44.49 -40.24
C THR D 109 -14.92 44.69 -38.85
N VAL D 110 -14.41 43.94 -37.88
CA VAL D 110 -14.93 44.06 -36.53
C VAL D 110 -13.87 44.31 -35.48
N ASN D 111 -12.68 43.81 -35.73
CA ASN D 111 -11.60 43.95 -34.75
C ASN D 111 -10.68 45.15 -34.92
N GLU D 112 -10.68 46.01 -33.91
CA GLU D 112 -9.84 47.20 -33.93
C GLU D 112 -8.42 46.79 -34.31
N LEU D 113 -7.96 45.65 -33.80
CA LEU D 113 -6.62 45.17 -34.13
C LEU D 113 -6.69 44.09 -35.20
N ASP D 114 -6.23 44.44 -36.39
CA ASP D 114 -6.22 43.58 -37.56
C ASP D 114 -6.17 42.09 -37.30
N TYR D 115 -5.12 41.62 -36.63
CA TYR D 115 -4.97 40.18 -36.34
C TYR D 115 -6.04 39.61 -35.41
N GLU D 116 -6.80 40.48 -34.74
CA GLU D 116 -7.86 40.02 -33.87
C GLU D 116 -9.00 39.52 -34.76
N ASN D 117 -9.05 40.02 -36.00
CA ASN D 117 -10.07 39.65 -36.98
C ASN D 117 -9.88 38.20 -37.46
N ASN D 118 -10.95 37.51 -37.76
CA ASN D 118 -10.81 36.11 -38.18
C ASN D 118 -10.49 35.93 -39.65
N LYS D 119 -9.37 36.50 -40.07
CA LYS D 119 -8.95 36.40 -41.47
C LYS D 119 -8.48 35.00 -41.85
N MET D 120 -8.01 34.85 -43.08
CA MET D 120 -7.49 33.57 -43.54
C MET D 120 -6.06 33.53 -43.04
N THR D 121 -5.67 32.41 -42.44
CA THR D 121 -4.34 32.27 -41.89
C THR D 121 -3.25 32.72 -42.87
N SER D 122 -3.36 32.28 -44.12
CA SER D 122 -2.38 32.63 -45.15
C SER D 122 -2.23 34.14 -45.32
N GLU D 123 -3.18 34.89 -44.79
CA GLU D 123 -3.17 36.34 -44.87
C GLU D 123 -2.40 36.93 -43.69
N LEU D 124 -2.75 36.48 -42.48
CA LEU D 124 -2.09 36.97 -41.27
C LEU D 124 -0.63 36.51 -41.26
N PHE D 125 -0.39 35.32 -41.82
CA PHE D 125 0.95 34.73 -41.91
C PHE D 125 1.14 34.15 -43.31
N PRO D 126 1.72 34.95 -44.22
CA PRO D 126 1.97 34.56 -45.61
C PRO D 126 2.92 33.37 -45.75
N THR D 127 3.97 33.35 -44.93
CA THR D 127 4.97 32.30 -44.96
C THR D 127 4.99 31.46 -43.69
N ALA D 128 5.50 30.24 -43.81
CA ALA D 128 5.57 29.33 -42.68
C ALA D 128 6.44 29.86 -41.55
N GLU D 129 7.58 30.45 -41.86
CA GLU D 129 8.44 30.97 -40.82
C GLU D 129 7.85 32.21 -40.19
N GLU D 130 6.65 32.59 -40.64
CA GLU D 130 6.00 33.77 -40.09
C GLU D 130 4.82 33.40 -39.22
N TYR D 131 4.26 32.21 -39.49
CA TYR D 131 3.12 31.71 -38.74
C TYR D 131 3.43 31.43 -37.28
N THR D 132 2.41 31.60 -36.44
CA THR D 132 2.53 31.39 -35.02
C THR D 132 1.18 31.16 -34.37
N ASP D 133 0.90 29.93 -33.95
CA ASP D 133 -0.36 29.64 -33.30
C ASP D 133 -0.40 30.34 -31.95
N SER D 134 0.59 31.18 -31.69
CA SER D 134 0.67 31.91 -30.44
C SER D 134 -0.53 32.81 -30.19
N LEU D 135 -1.40 32.94 -31.18
CA LEU D 135 -2.55 33.82 -31.05
C LEU D 135 -3.90 33.12 -30.97
N MET D 136 -3.92 31.79 -31.09
CA MET D 136 -5.19 31.06 -31.05
C MET D 136 -5.10 29.67 -30.43
N ASP D 137 -3.90 29.26 -30.07
CA ASP D 137 -3.68 27.95 -29.49
C ASP D 137 -4.60 27.55 -28.34
N PRO D 138 -5.39 26.49 -28.56
CA PRO D 138 -6.32 26.02 -27.52
C PRO D 138 -5.50 25.73 -26.27
N ALA D 139 -4.24 25.36 -26.48
CA ALA D 139 -3.31 25.06 -25.39
C ALA D 139 -3.76 23.86 -24.54
N ILE D 140 -4.72 23.11 -25.05
CA ILE D 140 -5.25 21.99 -24.31
C ILE D 140 -4.85 20.67 -25.00
N LEU D 141 -4.53 19.65 -24.21
CA LEU D 141 -4.10 18.39 -24.77
C LEU D 141 -5.20 17.49 -25.29
N THR D 142 -6.17 18.09 -25.98
CA THR D 142 -7.25 17.33 -26.59
C THR D 142 -7.44 17.86 -28.00
N SER D 143 -7.96 17.04 -28.90
CA SER D 143 -8.11 17.49 -30.27
C SER D 143 -9.50 17.95 -30.66
N LEU D 144 -9.53 18.84 -31.65
CA LEU D 144 -10.77 19.39 -32.19
C LEU D 144 -11.61 18.28 -32.79
N SER D 145 -10.94 17.34 -33.43
CA SER D 145 -11.61 16.20 -34.06
C SER D 145 -12.26 15.38 -32.96
N SER D 146 -11.57 15.27 -31.83
CA SER D 146 -12.08 14.52 -30.70
C SER D 146 -13.38 15.17 -30.23
N ASN D 147 -13.35 16.49 -30.08
CA ASN D 147 -14.54 17.20 -29.62
C ASN D 147 -15.66 16.96 -30.62
N LEU D 148 -15.32 17.05 -31.89
CA LEU D 148 -16.30 16.85 -32.95
C LEU D 148 -16.76 15.43 -32.84
N ASN D 149 -15.85 14.52 -32.59
CA ASN D 149 -16.24 13.13 -32.48
C ASN D 149 -17.14 12.93 -31.29
N ALA D 150 -16.75 13.52 -30.16
CA ALA D 150 -17.51 13.38 -28.94
C ALA D 150 -18.92 13.95 -29.11
N VAL D 151 -19.02 15.09 -29.78
CA VAL D 151 -20.33 15.71 -29.97
C VAL D 151 -21.23 14.84 -30.81
N MET D 152 -20.65 14.22 -31.83
CA MET D 152 -21.43 13.40 -32.73
C MET D 152 -21.95 12.19 -32.03
N PHE D 153 -21.15 11.66 -31.11
CA PHE D 153 -21.56 10.49 -30.36
C PHE D 153 -22.81 10.76 -29.53
N TRP D 154 -22.87 11.92 -28.89
CA TRP D 154 -24.02 12.27 -28.06
C TRP D 154 -25.29 12.36 -28.88
N LEU D 155 -25.18 12.98 -30.05
CA LEU D 155 -26.30 13.17 -30.96
C LEU D 155 -26.84 11.86 -31.50
N GLU D 156 -25.93 10.91 -31.75
CA GLU D 156 -26.32 9.61 -32.26
C GLU D 156 -27.11 8.94 -31.16
N LYS D 157 -26.61 9.06 -29.93
CA LYS D 157 -27.27 8.46 -28.79
C LYS D 157 -28.60 9.10 -28.45
N HIS D 158 -28.69 10.42 -28.56
CA HIS D 158 -29.94 11.09 -28.24
C HIS D 158 -30.70 11.61 -29.43
N GLU D 159 -30.66 10.85 -30.53
CA GLU D 159 -31.36 11.18 -31.77
C GLU D 159 -32.83 10.74 -31.71
N ASN D 160 -33.17 9.97 -30.68
CA ASN D 160 -34.53 9.45 -30.53
C ASN D 160 -35.17 9.81 -29.20
N ASP D 161 -34.48 10.59 -28.36
CA ASP D 161 -35.06 10.97 -27.07
C ASP D 161 -36.41 11.61 -27.32
N VAL D 162 -37.31 11.58 -26.34
CA VAL D 162 -38.63 12.17 -26.54
C VAL D 162 -38.93 13.30 -25.57
N ALA D 163 -40.08 13.93 -25.76
CA ALA D 163 -40.52 15.03 -24.91
C ALA D 163 -39.48 16.11 -24.80
N GLU D 164 -39.30 16.65 -23.60
CA GLU D 164 -38.35 17.72 -23.38
C GLU D 164 -36.91 17.32 -23.68
N LYS D 165 -36.57 16.07 -23.47
CA LYS D 165 -35.21 15.63 -23.73
C LYS D 165 -34.90 15.87 -25.19
N LEU D 166 -35.88 15.59 -26.04
CA LEU D 166 -35.71 15.75 -27.47
C LEU D 166 -35.41 17.19 -27.84
N LYS D 167 -36.08 18.12 -27.17
CA LYS D 167 -35.91 19.54 -27.47
C LYS D 167 -34.46 19.93 -27.26
N VAL D 168 -33.83 19.34 -26.25
CA VAL D 168 -32.43 19.63 -26.00
C VAL D 168 -31.68 19.17 -27.22
N TYR D 169 -32.08 18.03 -27.77
CA TYR D 169 -31.42 17.52 -28.95
C TYR D 169 -31.61 18.44 -30.14
N LYS D 170 -32.83 18.92 -30.36
CA LYS D 170 -33.12 19.77 -31.50
C LYS D 170 -32.24 20.99 -31.39
N ARG D 171 -32.12 21.53 -30.19
CA ARG D 171 -31.30 22.69 -30.00
C ARG D 171 -29.85 22.35 -30.26
N ARG D 172 -29.39 21.24 -29.69
CA ARG D 172 -28.01 20.81 -29.84
C ARG D 172 -27.74 20.47 -31.28
N LEU D 173 -28.71 19.87 -31.92
CA LEU D 173 -28.59 19.48 -33.32
C LEU D 173 -28.43 20.71 -34.22
N ASP D 174 -29.30 21.69 -34.02
CA ASP D 174 -29.29 22.92 -34.79
C ASP D 174 -27.92 23.55 -34.70
N LEU D 175 -27.59 24.03 -33.51
CA LEU D 175 -26.32 24.67 -33.25
C LEU D 175 -25.12 23.90 -33.81
N PHE D 176 -24.96 22.65 -33.41
CA PHE D 176 -23.83 21.90 -33.89
C PHE D 176 -23.68 22.03 -35.39
N THR D 177 -24.80 22.13 -36.09
CA THR D 177 -24.76 22.24 -37.55
C THR D 177 -23.97 23.47 -37.96
N ILE D 178 -24.09 24.56 -37.19
CA ILE D 178 -23.34 25.76 -37.52
C ILE D 178 -21.87 25.38 -37.48
N VAL D 179 -21.47 24.62 -36.46
CA VAL D 179 -20.07 24.23 -36.36
C VAL D 179 -19.67 23.25 -37.44
N ALA D 180 -20.51 22.25 -37.67
CA ALA D 180 -20.19 21.25 -38.67
C ALA D 180 -20.13 21.84 -40.07
N SER D 181 -21.09 22.71 -40.37
CA SER D 181 -21.17 23.33 -41.69
C SER D 181 -19.96 24.19 -42.00
N THR D 182 -19.56 25.01 -41.04
CA THR D 182 -18.40 25.88 -41.24
C THR D 182 -17.11 25.07 -41.30
N ILE D 183 -16.94 24.14 -40.39
CA ILE D 183 -15.73 23.36 -40.35
C ILE D 183 -15.61 22.56 -41.63
N ASN D 184 -16.72 22.02 -42.08
CA ASN D 184 -16.71 21.18 -43.26
C ASN D 184 -16.16 21.91 -44.48
N LYS D 185 -16.51 23.19 -44.62
CA LYS D 185 -16.04 23.98 -45.74
C LYS D 185 -14.52 23.93 -45.87
N TYR D 186 -13.83 23.97 -44.73
CA TYR D 186 -12.36 23.97 -44.73
C TYR D 186 -11.80 22.61 -44.32
N GLY D 187 -12.69 21.71 -43.91
CA GLY D 187 -12.27 20.39 -43.49
C GLY D 187 -11.93 20.42 -42.02
N VAL D 188 -11.72 19.25 -41.43
CA VAL D 188 -11.39 19.20 -40.02
C VAL D 188 -9.87 19.16 -39.84
N PRO D 189 -9.31 20.25 -39.30
CA PRO D 189 -7.89 20.44 -39.05
C PRO D 189 -7.25 19.27 -38.33
N ARG D 190 -6.06 18.87 -38.76
CA ARG D 190 -5.38 17.74 -38.14
C ARG D 190 -4.41 18.23 -37.10
N HIS D 191 -4.44 17.55 -35.96
CA HIS D 191 -3.59 17.87 -34.81
C HIS D 191 -2.37 16.95 -34.71
N ASN D 192 -1.24 17.53 -34.35
CA ASN D 192 -0.03 16.75 -34.19
C ASN D 192 0.09 16.27 -32.75
N ALA D 193 1.04 15.35 -32.52
CA ALA D 193 1.28 14.80 -31.20
C ALA D 193 1.19 15.84 -30.08
N LYS D 194 1.77 17.01 -30.30
CA LYS D 194 1.74 18.07 -29.29
C LYS D 194 0.40 18.79 -29.27
N TYR D 195 -0.60 18.19 -29.88
CA TYR D 195 -1.93 18.77 -29.90
C TYR D 195 -1.97 20.23 -30.35
N ARG D 196 -0.92 20.64 -31.07
CA ARG D 196 -0.83 21.99 -31.61
C ARG D 196 -1.39 21.98 -33.02
N TYR D 197 -1.47 23.15 -33.65
CA TYR D 197 -1.98 23.23 -35.02
C TYR D 197 -0.93 23.94 -35.89
N GLU D 198 -0.22 23.15 -36.68
CA GLU D 198 0.86 23.65 -37.54
C GLU D 198 0.43 24.67 -38.59
N TYR D 199 1.35 25.07 -39.46
CA TYR D 199 1.07 26.06 -40.51
C TYR D 199 0.41 25.52 -41.76
N ASP D 200 0.79 24.31 -42.18
CA ASP D 200 0.20 23.75 -43.38
C ASP D 200 -1.29 23.49 -43.26
N VAL D 201 -1.72 22.93 -42.14
CA VAL D 201 -3.14 22.63 -41.94
C VAL D 201 -3.94 23.93 -41.87
N MET D 202 -3.42 24.84 -41.07
CA MET D 202 -3.98 26.16 -40.84
C MET D 202 -3.93 27.17 -41.99
N LYS D 203 -2.91 27.04 -42.85
CA LYS D 203 -2.68 28.01 -43.91
C LYS D 203 -3.88 28.41 -44.76
N ASP D 204 -4.76 27.49 -45.10
CA ASP D 204 -5.91 27.87 -45.93
C ASP D 204 -7.22 27.93 -45.15
N LYS D 205 -7.15 28.06 -43.83
CA LYS D 205 -8.37 28.11 -43.03
C LYS D 205 -8.42 29.34 -42.15
N PRO D 206 -9.63 29.76 -41.74
CA PRO D 206 -9.83 30.93 -40.89
C PRO D 206 -9.07 30.81 -39.57
N TYR D 207 -7.86 31.38 -39.55
CA TYR D 207 -6.98 31.34 -38.38
C TYR D 207 -7.64 30.99 -37.04
N TYR D 208 -8.65 31.76 -36.65
CA TYR D 208 -9.34 31.51 -35.39
C TYR D 208 -10.42 30.44 -35.49
N LEU D 209 -10.18 29.41 -36.28
CA LEU D 209 -11.18 28.37 -36.43
C LEU D 209 -11.16 27.36 -35.30
N VAL D 210 -10.01 26.75 -35.06
CA VAL D 210 -9.91 25.70 -34.05
C VAL D 210 -10.38 26.14 -32.67
N THR D 211 -9.93 27.31 -32.21
CA THR D 211 -10.32 27.74 -30.88
C THR D 211 -11.80 27.98 -30.86
N TRP D 212 -12.31 28.54 -31.94
CA TRP D 212 -13.72 28.84 -32.02
C TRP D 212 -14.58 27.59 -31.92
N ALA D 213 -14.16 26.56 -32.63
CA ALA D 213 -14.91 25.32 -32.62
C ALA D 213 -14.97 24.75 -31.21
N ASN D 214 -13.88 24.87 -30.46
CA ASN D 214 -13.84 24.36 -29.10
C ASN D 214 -14.82 25.11 -28.21
N SER D 215 -14.83 26.43 -28.34
CA SER D 215 -15.73 27.26 -27.56
C SER D 215 -17.19 27.03 -27.94
N SER D 216 -17.44 26.89 -29.24
CA SER D 216 -18.79 26.66 -29.76
C SER D 216 -19.28 25.29 -29.30
N ILE D 217 -18.38 24.31 -29.35
CA ILE D 217 -18.67 22.95 -28.93
C ILE D 217 -18.87 22.90 -27.42
N GLU D 218 -18.05 23.64 -26.69
CA GLU D 218 -18.14 23.70 -25.23
C GLU D 218 -19.48 24.30 -24.81
N MET D 219 -19.90 25.36 -25.50
CA MET D 219 -21.18 26.00 -25.21
C MET D 219 -22.43 25.26 -25.67
N LEU D 220 -22.40 24.69 -26.88
CA LEU D 220 -23.58 24.02 -27.41
C LEU D 220 -23.86 22.74 -26.65
N MET D 221 -22.82 22.23 -26.00
CA MET D 221 -22.92 21.03 -25.19
C MET D 221 -23.15 21.43 -23.75
N SER D 222 -23.71 22.62 -23.55
CA SER D 222 -24.02 23.19 -22.24
C SER D 222 -25.41 23.79 -22.29
N VAL D 223 -26.13 23.50 -23.35
CA VAL D 223 -27.46 24.05 -23.52
C VAL D 223 -28.52 23.05 -23.08
N PHE D 224 -29.62 23.57 -22.55
CA PHE D 224 -30.72 22.73 -22.12
C PHE D 224 -32.05 23.41 -22.40
N SER D 225 -32.26 24.57 -21.79
CA SER D 225 -33.51 25.29 -21.99
C SER D 225 -33.37 26.16 -23.18
N HIS D 226 -34.52 26.62 -23.66
CA HIS D 226 -34.60 27.49 -24.83
C HIS D 226 -33.64 28.67 -24.78
N ASP D 227 -33.57 29.32 -23.63
CA ASP D 227 -32.72 30.47 -23.44
C ASP D 227 -31.25 30.08 -23.60
N ASP D 228 -30.88 28.89 -23.16
CA ASP D 228 -29.49 28.48 -23.29
C ASP D 228 -29.19 28.47 -24.76
N TYR D 229 -30.13 27.98 -25.56
CA TYR D 229 -29.96 27.89 -27.00
C TYR D 229 -29.78 29.23 -27.71
N LEU D 230 -30.60 30.21 -27.36
CA LEU D 230 -30.50 31.51 -27.99
C LEU D 230 -29.14 32.06 -27.65
N ILE D 231 -28.79 31.92 -26.36
CA ILE D 231 -27.52 32.42 -25.84
C ILE D 231 -26.33 31.70 -26.45
N ALA D 232 -26.38 30.39 -26.49
CA ALA D 232 -25.28 29.66 -27.06
C ALA D 232 -25.24 30.04 -28.52
N LYS D 233 -26.41 30.21 -29.11
CA LYS D 233 -26.51 30.55 -30.53
C LYS D 233 -25.99 31.94 -30.89
N GLU D 234 -26.35 32.94 -30.11
CA GLU D 234 -25.90 34.28 -30.42
C GLU D 234 -24.41 34.41 -30.23
N LEU D 235 -23.89 33.89 -29.11
CA LEU D 235 -22.46 33.96 -28.81
C LEU D 235 -21.68 33.14 -29.81
N ILE D 236 -22.18 31.96 -30.13
CA ILE D 236 -21.51 31.11 -31.08
C ILE D 236 -21.30 31.83 -32.39
N VAL D 237 -22.35 32.50 -32.88
CA VAL D 237 -22.25 33.20 -34.16
C VAL D 237 -21.44 34.47 -34.17
N LEU D 238 -21.69 35.36 -33.23
CA LEU D 238 -20.94 36.59 -33.22
C LEU D 238 -19.44 36.40 -32.94
N SER D 239 -19.13 35.40 -32.12
CA SER D 239 -17.75 35.08 -31.74
C SER D 239 -16.89 34.71 -32.94
N TYR D 240 -17.52 34.14 -33.96
CA TYR D 240 -16.80 33.71 -35.15
C TYR D 240 -16.06 34.87 -35.83
N SER D 241 -16.65 36.06 -35.76
CA SER D 241 -16.06 37.26 -36.35
C SER D 241 -15.54 38.20 -35.27
N ASN D 242 -16.34 38.45 -34.23
CA ASN D 242 -15.92 39.30 -33.12
C ASN D 242 -15.07 38.48 -32.15
N ARG D 243 -13.83 38.91 -31.93
CA ARG D 243 -12.95 38.21 -31.02
C ARG D 243 -12.21 39.21 -30.17
N SER D 244 -12.89 40.25 -29.72
CA SER D 244 -12.23 41.24 -28.91
C SER D 244 -13.13 42.11 -28.03
N THR D 245 -14.45 41.94 -28.10
CA THR D 245 -15.34 42.75 -27.28
C THR D 245 -16.66 42.05 -27.00
N LEU D 246 -16.84 40.87 -27.57
CA LEU D 246 -18.09 40.14 -27.37
C LEU D 246 -18.28 39.78 -25.90
N ALA D 247 -17.21 39.27 -25.27
CA ALA D 247 -17.23 38.87 -23.86
C ALA D 247 -17.36 40.07 -22.95
N LYS D 248 -16.65 41.13 -23.26
CA LYS D 248 -16.72 42.34 -22.47
C LYS D 248 -18.11 42.99 -22.63
N LEU D 249 -18.62 43.03 -23.85
CA LEU D 249 -19.92 43.65 -24.10
C LEU D 249 -21.10 42.93 -23.48
N VAL D 250 -21.11 41.61 -23.58
CA VAL D 250 -22.18 40.79 -23.01
C VAL D 250 -22.22 40.88 -21.51
N SER D 251 -21.06 40.92 -20.87
CA SER D 251 -20.98 40.98 -19.43
C SER D 251 -21.20 42.39 -18.85
N SER D 252 -20.47 43.36 -19.37
CA SER D 252 -20.53 44.75 -18.92
C SER D 252 -21.75 45.29 -18.14
N PRO D 253 -22.98 45.09 -18.65
CA PRO D 253 -24.21 45.57 -17.99
C PRO D 253 -24.53 44.95 -16.64
N MET D 254 -23.95 43.80 -16.36
CA MET D 254 -24.18 43.10 -15.10
C MET D 254 -23.85 43.96 -13.89
N SER D 255 -22.87 44.82 -14.02
CA SER D 255 -22.51 45.69 -12.92
C SER D 255 -23.67 46.63 -12.57
N ILE D 256 -24.30 47.24 -13.58
CA ILE D 256 -25.41 48.14 -13.30
C ILE D 256 -26.67 47.43 -12.85
N LEU D 257 -26.89 46.22 -13.35
CA LEU D 257 -28.08 45.42 -13.01
C LEU D 257 -28.22 45.06 -11.53
N VAL D 258 -27.10 44.82 -10.86
CA VAL D 258 -27.14 44.45 -9.46
C VAL D 258 -27.77 45.55 -8.63
N ALA D 259 -27.49 46.79 -8.99
CA ALA D 259 -28.05 47.93 -8.27
C ALA D 259 -29.58 47.97 -8.40
N LEU D 260 -30.08 47.54 -9.54
CA LEU D 260 -31.51 47.57 -9.81
C LEU D 260 -32.47 46.80 -8.88
N VAL D 261 -32.15 45.58 -8.45
CA VAL D 261 -33.09 44.86 -7.58
C VAL D 261 -33.01 45.12 -6.08
N ASP D 262 -34.19 45.22 -5.46
CA ASP D 262 -34.33 45.47 -4.03
C ASP D 262 -33.77 44.27 -3.27
N ILE D 263 -34.04 44.21 -1.97
CA ILE D 263 -33.59 43.10 -1.13
C ILE D 263 -34.73 42.67 -0.21
N ASN D 264 -35.31 41.49 -0.49
CA ASN D 264 -36.40 40.94 0.32
C ASN D 264 -35.81 39.85 1.19
N GLY D 265 -35.31 40.24 2.36
CA GLY D 265 -34.71 39.26 3.24
C GLY D 265 -33.36 38.81 2.70
N THR D 266 -32.33 38.98 3.52
CA THR D 266 -30.97 38.62 3.14
C THR D 266 -30.20 38.15 4.35
N PHE D 267 -29.06 37.51 4.12
CA PHE D 267 -28.21 37.04 5.22
C PHE D 267 -27.15 38.07 5.52
N ILE D 268 -26.78 38.18 6.79
CA ILE D 268 -25.80 39.17 7.22
C ILE D 268 -24.72 38.55 8.10
N THR D 269 -23.78 39.39 8.55
CA THR D 269 -22.70 38.93 9.42
C THR D 269 -22.89 39.47 10.83
N ASN D 270 -23.11 38.56 11.77
CA ASN D 270 -23.34 38.91 13.16
C ASN D 270 -22.02 38.95 13.90
N GLU D 271 -22.09 39.37 15.16
CA GLU D 271 -20.91 39.49 16.02
C GLU D 271 -19.97 38.30 16.06
N GLU D 272 -20.54 37.11 15.86
CA GLU D 272 -19.76 35.86 15.86
C GLU D 272 -19.28 35.54 14.44
N LEU D 273 -19.32 36.54 13.57
CA LEU D 273 -18.91 36.47 12.17
C LEU D 273 -19.40 35.24 11.44
N GLU D 274 -20.70 34.98 11.57
CA GLU D 274 -21.34 33.85 10.93
C GLU D 274 -22.59 34.38 10.22
N LEU D 275 -22.86 33.85 9.04
CA LEU D 275 -24.02 34.28 8.26
C LEU D 275 -25.29 34.11 9.06
N GLU D 276 -26.04 35.18 9.19
CA GLU D 276 -27.28 35.14 9.94
C GLU D 276 -28.39 35.71 9.07
N PHE D 277 -29.48 34.98 8.95
CA PHE D 277 -30.60 35.42 8.13
C PHE D 277 -31.29 36.65 8.72
N SER D 278 -31.38 37.70 7.92
CA SER D 278 -32.04 38.93 8.34
C SER D 278 -33.24 39.14 7.42
N ASN D 279 -34.32 39.69 7.97
CA ASN D 279 -35.52 39.91 7.17
C ASN D 279 -35.55 41.29 6.52
N LYS D 280 -34.55 42.10 6.85
CA LYS D 280 -34.43 43.46 6.32
C LYS D 280 -34.86 43.59 4.87
N TYR D 281 -35.40 44.77 4.54
CA TYR D 281 -35.86 45.09 3.19
C TYR D 281 -35.19 46.37 2.75
N VAL D 282 -34.64 46.39 1.55
CA VAL D 282 -33.99 47.60 1.05
C VAL D 282 -34.43 47.90 -0.38
N ARG D 283 -34.98 49.09 -0.60
CA ARG D 283 -35.42 49.48 -1.93
C ARG D 283 -34.23 49.89 -2.77
N ALA D 284 -34.05 49.17 -3.88
CA ALA D 284 -32.96 49.45 -4.79
C ALA D 284 -33.29 50.72 -5.57
N ILE D 285 -32.88 51.86 -5.03
CA ILE D 285 -33.16 53.11 -5.72
C ILE D 285 -32.00 53.58 -6.57
N VAL D 286 -32.26 53.83 -7.84
CA VAL D 286 -31.23 54.29 -8.75
C VAL D 286 -31.60 55.59 -9.44
N PRO D 287 -30.61 56.48 -9.65
CA PRO D 287 -30.79 57.78 -10.30
C PRO D 287 -31.04 57.63 -11.79
N ASP D 288 -31.68 58.63 -12.38
CA ASP D 288 -32.00 58.61 -13.81
C ASP D 288 -30.78 58.39 -14.72
N GLN D 289 -29.70 59.12 -14.45
CA GLN D 289 -28.50 59.04 -15.27
C GLN D 289 -27.94 57.62 -15.31
N THR D 290 -28.05 56.92 -14.20
CA THR D 290 -27.57 55.53 -14.10
C THR D 290 -28.30 54.65 -15.09
N PHE D 291 -29.58 54.91 -15.27
CA PHE D 291 -30.37 54.13 -16.21
C PHE D 291 -29.86 54.33 -17.64
N ASP D 292 -29.49 55.56 -17.97
CA ASP D 292 -28.97 55.87 -19.30
C ASP D 292 -27.66 55.13 -19.51
N GLU D 293 -26.86 55.04 -18.46
CA GLU D 293 -25.58 54.35 -18.56
C GLU D 293 -25.90 52.93 -18.99
N LEU D 294 -26.92 52.33 -18.40
CA LEU D 294 -27.30 50.97 -18.76
C LEU D 294 -27.85 50.89 -20.18
N ASN D 295 -28.59 51.91 -20.60
CA ASN D 295 -29.13 51.86 -21.95
C ASN D 295 -27.99 51.80 -22.98
N GLN D 296 -26.95 52.61 -22.76
CA GLN D 296 -25.80 52.66 -23.66
C GLN D 296 -25.11 51.31 -23.74
N MET D 297 -25.08 50.59 -22.61
CA MET D 297 -24.47 49.26 -22.58
C MET D 297 -25.30 48.35 -23.47
N LEU D 298 -26.61 48.53 -23.40
CA LEU D 298 -27.51 47.75 -24.22
C LEU D 298 -27.36 48.14 -25.69
N ASP D 299 -27.24 49.44 -25.96
CA ASP D 299 -27.09 49.91 -27.33
C ASP D 299 -25.82 49.40 -27.94
N ASN D 300 -24.73 49.47 -27.18
CA ASN D 300 -23.41 49.03 -27.65
C ASN D 300 -23.49 47.56 -27.99
N MET D 301 -24.25 46.82 -27.19
CA MET D 301 -24.44 45.40 -27.43
C MET D 301 -25.23 45.26 -28.71
N ARG D 302 -26.23 46.12 -28.88
CA ARG D 302 -27.06 46.06 -30.06
C ARG D 302 -26.30 46.46 -31.33
N LYS D 303 -25.60 47.59 -31.28
CA LYS D 303 -24.88 48.08 -32.44
C LYS D 303 -23.77 47.12 -32.83
N ALA D 304 -23.53 46.12 -31.99
CA ALA D 304 -22.45 45.14 -32.22
C ALA D 304 -22.90 43.78 -32.75
N GLY D 305 -24.17 43.69 -33.13
CA GLY D 305 -24.67 42.44 -33.69
C GLY D 305 -25.69 41.73 -32.85
N LEU D 306 -25.53 41.82 -31.54
CA LEU D 306 -26.43 41.17 -30.59
C LEU D 306 -27.89 41.51 -30.87
N VAL D 307 -28.79 40.62 -30.45
CA VAL D 307 -30.21 40.81 -30.69
C VAL D 307 -31.04 40.23 -29.56
N ASP D 308 -31.02 38.91 -29.43
CA ASP D 308 -31.78 38.21 -28.39
C ASP D 308 -31.30 38.45 -26.96
N ILE D 309 -29.99 38.43 -26.75
CA ILE D 309 -29.46 38.66 -25.41
C ILE D 309 -29.84 40.07 -24.93
N PRO D 310 -29.71 41.08 -25.79
CA PRO D 310 -30.07 42.43 -25.34
C PRO D 310 -31.55 42.46 -25.02
N LYS D 311 -32.32 41.76 -25.83
CA LYS D 311 -33.76 41.75 -25.64
C LYS D 311 -34.08 41.18 -24.28
N MET D 312 -33.37 40.11 -23.88
CA MET D 312 -33.65 39.44 -22.60
C MET D 312 -33.46 40.37 -21.42
N ILE D 313 -32.37 41.12 -21.41
CA ILE D 313 -32.10 42.04 -20.31
C ILE D 313 -33.20 43.09 -20.32
N GLN D 314 -33.63 43.48 -21.51
CA GLN D 314 -34.66 44.50 -21.66
C GLN D 314 -35.95 44.02 -21.00
N ASP D 315 -36.30 42.76 -21.23
CA ASP D 315 -37.50 42.20 -20.64
C ASP D 315 -37.35 42.15 -19.14
N TRP D 316 -36.14 41.84 -18.69
CA TRP D 316 -35.88 41.76 -17.26
C TRP D 316 -36.09 43.11 -16.55
N LEU D 317 -35.67 44.18 -17.21
CA LEU D 317 -35.80 45.52 -16.63
C LEU D 317 -37.22 46.05 -16.46
N VAL D 318 -38.23 45.33 -16.95
CA VAL D 318 -39.61 45.80 -16.82
C VAL D 318 -40.14 45.62 -15.41
N ASP D 319 -39.63 44.60 -14.72
CA ASP D 319 -40.05 44.33 -13.36
C ASP D 319 -38.85 44.10 -12.42
N ARG D 320 -37.71 43.79 -13.01
CA ARG D 320 -36.48 43.57 -12.23
C ARG D 320 -36.75 42.71 -11.01
N SER D 321 -37.34 41.55 -11.23
CA SER D 321 -37.68 40.63 -10.15
C SER D 321 -36.54 39.65 -9.89
N ILE D 322 -36.00 39.66 -8.70
CA ILE D 322 -34.92 38.74 -8.38
C ILE D 322 -35.34 37.31 -8.73
N GLU D 323 -36.65 37.06 -8.75
CA GLU D 323 -37.19 35.74 -9.07
C GLU D 323 -36.86 35.31 -10.48
N LYS D 324 -36.61 36.30 -11.35
CA LYS D 324 -36.26 36.05 -12.74
C LYS D 324 -34.84 36.55 -13.02
N PHE D 325 -34.05 36.68 -11.97
CA PHE D 325 -32.67 37.12 -12.11
C PHE D 325 -31.74 36.00 -12.62
N PRO D 326 -32.03 34.74 -12.27
CA PRO D 326 -31.20 33.64 -12.74
C PRO D 326 -30.73 33.76 -14.18
N LEU D 327 -31.57 34.33 -15.03
CA LEU D 327 -31.25 34.49 -16.44
C LEU D 327 -30.14 35.48 -16.66
N MET D 328 -30.19 36.58 -15.94
CA MET D 328 -29.19 37.62 -16.07
C MET D 328 -27.86 37.01 -15.74
N ALA D 329 -27.86 36.08 -14.79
CA ALA D 329 -26.66 35.38 -14.35
C ALA D 329 -26.12 34.44 -15.40
N LYS D 330 -27.00 33.72 -16.07
CA LYS D 330 -26.57 32.79 -17.08
C LYS D 330 -25.84 33.52 -18.18
N ILE D 331 -26.27 34.75 -18.46
CA ILE D 331 -25.64 35.57 -19.52
C ILE D 331 -24.22 36.01 -19.15
N TYR D 332 -24.07 36.51 -17.92
CA TYR D 332 -22.80 36.99 -17.43
C TYR D 332 -21.80 35.81 -17.34
N SER D 333 -22.28 34.64 -16.92
CA SER D 333 -21.42 33.46 -16.86
C SER D 333 -21.09 32.92 -18.25
N TRP D 334 -22.08 32.94 -19.13
CA TRP D 334 -21.92 32.44 -20.49
C TRP D 334 -20.97 33.27 -21.37
N SER D 335 -20.97 34.57 -21.16
CA SER D 335 -20.14 35.44 -21.96
C SER D 335 -18.66 35.06 -21.89
N PHE D 336 -18.26 34.41 -20.80
CA PHE D 336 -16.87 33.97 -20.62
C PHE D 336 -16.44 32.78 -21.45
N HIS D 337 -17.38 31.92 -21.83
CA HIS D 337 -17.06 30.70 -22.61
C HIS D 337 -16.88 30.94 -24.09
N VAL D 338 -16.57 32.17 -24.46
CA VAL D 338 -16.36 32.52 -25.85
C VAL D 338 -14.88 32.35 -26.20
N GLY D 339 -14.04 32.19 -25.19
CA GLY D 339 -12.62 32.01 -25.43
C GLY D 339 -11.71 33.00 -24.71
N PHE D 340 -10.40 32.89 -24.95
CA PHE D 340 -9.42 33.79 -24.35
C PHE D 340 -8.91 34.86 -25.30
N ARG D 341 -8.96 36.13 -24.89
CA ARG D 341 -8.46 37.19 -25.76
C ARG D 341 -6.93 37.16 -25.81
N LYS D 342 -6.37 36.40 -26.75
CA LYS D 342 -4.91 36.30 -26.86
C LYS D 342 -4.34 37.17 -27.98
N GLN D 343 -3.99 38.42 -27.61
CA GLN D 343 -3.42 39.36 -28.56
C GLN D 343 -1.89 39.37 -28.51
N LYS D 344 -1.27 40.05 -29.47
CA LYS D 344 0.19 40.13 -29.52
C LYS D 344 0.76 40.82 -28.27
N MET D 345 1.83 40.25 -27.73
CA MET D 345 2.44 40.80 -26.52
C MET D 345 2.62 42.32 -26.49
N LEU D 346 3.07 42.89 -27.61
CA LEU D 346 3.31 44.34 -27.70
C LEU D 346 2.05 45.16 -27.61
N ASP D 347 0.99 44.66 -28.21
CA ASP D 347 -0.26 45.36 -28.17
C ASP D 347 -0.74 45.41 -26.73
N ALA D 348 -0.59 44.29 -26.03
CA ALA D 348 -1.03 44.20 -24.65
C ALA D 348 -0.24 45.19 -23.84
N ALA D 349 1.07 45.24 -24.09
CA ALA D 349 1.99 46.13 -23.41
C ALA D 349 1.71 47.61 -23.67
N LEU D 350 1.28 47.90 -24.88
CA LEU D 350 1.01 49.26 -25.34
C LEU D 350 -0.06 50.05 -24.60
N ASP D 351 -1.10 49.39 -24.09
CA ASP D 351 -2.19 50.12 -23.43
C ASP D 351 -1.68 51.04 -22.33
N GLN D 352 -0.65 50.61 -21.62
CA GLN D 352 -0.07 51.44 -20.56
C GLN D 352 0.60 52.69 -21.12
N GLU D 364 1.42 66.11 -7.23
CA GLU D 364 0.77 67.26 -6.62
C GLU D 364 -0.44 66.87 -5.77
N MET D 365 -1.33 66.06 -6.33
CA MET D 365 -2.52 65.62 -5.58
C MET D 365 -2.39 64.17 -5.12
N TYR D 366 -1.15 63.69 -5.09
CA TYR D 366 -0.84 62.33 -4.66
C TYR D 366 -0.17 62.36 -3.31
N ARG D 367 -0.13 63.53 -2.69
CA ARG D 367 0.48 63.68 -1.37
C ARG D 367 -0.33 62.90 -0.35
N GLU D 368 -1.65 63.07 -0.40
CA GLU D 368 -2.54 62.38 0.52
C GLU D 368 -2.53 60.88 0.25
N TYR D 369 -2.55 60.54 -1.02
CA TYR D 369 -2.57 59.16 -1.46
C TYR D 369 -1.33 58.33 -1.12
N THR D 370 -0.16 58.84 -1.48
CA THR D 370 1.07 58.13 -1.20
C THR D 370 1.35 58.09 0.29
N MET D 371 0.95 59.14 1.00
CA MET D 371 1.18 59.23 2.45
C MET D 371 0.51 58.05 3.15
N LEU D 372 -0.70 57.69 2.74
CA LEU D 372 -1.39 56.55 3.35
C LEU D 372 -0.70 55.24 3.01
N ILE D 373 -0.22 55.11 1.78
CA ILE D 373 0.46 53.90 1.36
C ILE D 373 1.68 53.65 2.22
N ARG D 374 2.43 54.71 2.49
CA ARG D 374 3.64 54.61 3.31
C ARG D 374 3.27 54.22 4.72
N ASP D 375 2.28 54.91 5.28
CA ASP D 375 1.83 54.67 6.64
C ASP D 375 1.34 53.25 6.84
N GLU D 376 0.61 52.73 5.87
CA GLU D 376 0.08 51.37 5.95
C GLU D 376 1.24 50.40 5.98
N VAL D 377 2.28 50.72 5.20
CA VAL D 377 3.46 49.86 5.12
C VAL D 377 4.15 49.81 6.46
N VAL D 378 4.19 50.95 7.13
CA VAL D 378 4.83 51.04 8.41
C VAL D 378 4.11 50.23 9.47
N LYS D 379 2.79 50.33 9.51
CA LYS D 379 2.04 49.59 10.52
C LYS D 379 2.29 48.11 10.37
N MET D 380 2.23 47.65 9.15
CA MET D 380 2.44 46.24 8.88
C MET D 380 3.83 45.80 9.36
N LEU D 381 4.78 46.72 9.44
CA LEU D 381 6.15 46.37 9.84
C LEU D 381 6.70 47.26 10.95
N GLU D 382 5.83 47.72 11.84
CA GLU D 382 6.27 48.59 12.92
C GLU D 382 6.79 47.80 14.11
N GLU D 383 5.96 46.95 14.67
CA GLU D 383 6.39 46.18 15.83
C GLU D 383 7.52 45.22 15.52
N PRO D 384 7.43 44.51 14.38
CA PRO D 384 8.48 43.56 14.05
C PRO D 384 9.86 44.19 13.93
N VAL D 385 9.91 45.37 13.34
CA VAL D 385 11.19 46.05 13.13
C VAL D 385 11.90 46.50 14.39
N LYS D 386 11.16 47.07 15.34
CA LYS D 386 11.80 47.54 16.57
C LYS D 386 12.32 46.37 17.40
N HIS D 387 11.49 45.34 17.54
CA HIS D 387 11.87 44.16 18.30
C HIS D 387 13.04 43.44 17.64
N ASP D 388 13.14 43.53 16.32
CA ASP D 388 14.21 42.89 15.56
C ASP D 388 13.84 41.45 15.32
N ASP D 389 12.66 41.29 14.73
CA ASP D 389 12.12 39.98 14.43
C ASP D 389 13.17 39.11 13.77
N HIS D 390 13.24 37.85 14.16
CA HIS D 390 14.22 36.95 13.59
C HIS D 390 14.00 36.80 12.08
N LEU D 391 12.74 36.84 11.67
CA LEU D 391 12.38 36.70 10.25
C LEU D 391 13.01 37.82 9.45
N LEU D 392 12.95 39.04 9.98
CA LEU D 392 13.52 40.19 9.32
C LEU D 392 15.04 40.07 9.31
N ARG D 393 15.60 39.59 10.41
CA ARG D 393 17.03 39.44 10.49
C ARG D 393 17.55 38.36 9.52
N ASP D 394 16.88 37.22 9.45
CA ASP D 394 17.33 36.15 8.56
C ASP D 394 16.56 36.01 7.27
N SER D 395 15.95 37.12 6.85
CA SER D 395 15.14 37.18 5.64
C SER D 395 15.75 36.47 4.42
N GLU D 396 17.08 36.44 4.36
CA GLU D 396 17.76 35.79 3.24
C GLU D 396 17.55 34.28 3.19
N LEU D 397 17.57 33.64 4.35
CA LEU D 397 17.36 32.20 4.40
C LEU D 397 15.89 31.86 4.07
N ALA D 398 14.98 32.63 4.65
CA ALA D 398 13.56 32.39 4.45
C ALA D 398 13.19 32.53 2.97
N GLY D 399 13.66 33.61 2.35
CA GLY D 399 13.37 33.82 0.94
C GLY D 399 13.98 32.69 0.15
N LEU D 400 15.16 32.26 0.58
CA LEU D 400 15.85 31.19 -0.12
C LEU D 400 15.06 29.92 -0.03
N LEU D 401 14.53 29.63 1.16
CA LEU D 401 13.75 28.42 1.39
C LEU D 401 12.44 28.44 0.61
N SER D 402 11.82 29.61 0.56
CA SER D 402 10.56 29.84 -0.12
C SER D 402 10.57 29.57 -1.63
N MET D 403 11.72 29.80 -2.27
CA MET D 403 11.87 29.59 -3.71
C MET D 403 10.91 28.56 -4.34
N SER D 404 10.58 27.51 -3.61
CA SER D 404 9.64 26.50 -4.14
C SER D 404 8.31 27.16 -4.47
N SER D 405 7.95 28.16 -3.67
CA SER D 405 6.71 28.90 -3.86
C SER D 405 7.08 30.28 -4.38
N ALA D 406 8.07 30.35 -5.25
CA ALA D 406 8.51 31.60 -5.83
C ALA D 406 8.00 31.68 -7.26
N SER D 407 8.07 32.86 -7.84
CA SER D 407 7.60 33.08 -9.21
C SER D 407 8.43 32.28 -10.21
N ASN D 408 8.70 32.89 -11.37
CA ASN D 408 9.50 32.25 -12.41
C ASN D 408 10.46 33.23 -13.08
N GLY D 409 11.56 32.70 -13.61
CA GLY D 409 12.55 33.52 -14.27
C GLY D 409 12.88 32.93 -15.63
N GLU D 410 13.79 33.58 -16.36
CA GLU D 410 14.18 33.13 -17.69
C GLU D 410 14.76 31.71 -17.66
N SER D 411 14.48 30.92 -18.69
CA SER D 411 14.99 29.55 -18.75
C SER D 411 16.48 29.58 -19.06
N ARG D 412 17.27 29.86 -18.04
CA ARG D 412 18.71 29.94 -18.16
C ARG D 412 19.34 28.62 -18.58
N GLN D 413 20.66 28.64 -18.73
CA GLN D 413 21.41 27.45 -19.09
C GLN D 413 22.20 27.02 -17.85
N LEU D 414 22.27 25.72 -17.61
CA LEU D 414 22.96 25.21 -16.44
C LEU D 414 23.80 23.98 -16.71
N LYS D 415 24.67 23.67 -15.75
CA LYS D 415 25.57 22.51 -15.80
C LYS D 415 25.77 21.97 -14.38
N PHE D 416 25.37 20.71 -14.18
CA PHE D 416 25.50 20.07 -12.88
C PHE D 416 26.19 18.72 -13.04
N GLY D 417 27.44 18.64 -12.57
CA GLY D 417 28.19 17.40 -12.69
C GLY D 417 28.96 17.36 -14.00
N ARG D 418 28.28 16.92 -15.06
CA ARG D 418 28.92 16.82 -16.37
C ARG D 418 27.88 16.89 -17.50
N LYS D 419 26.82 17.67 -17.29
CA LYS D 419 25.78 17.81 -18.30
C LYS D 419 25.23 19.24 -18.37
N THR D 420 24.23 19.43 -19.23
CA THR D 420 23.62 20.72 -19.45
C THR D 420 22.09 20.63 -19.42
N ILE D 421 21.45 21.66 -18.88
CA ILE D 421 19.99 21.69 -18.81
C ILE D 421 19.41 23.10 -19.03
N PHE D 422 18.14 23.15 -19.38
CA PHE D 422 17.45 24.41 -19.63
C PHE D 422 16.37 24.66 -18.57
N SER D 423 16.79 24.77 -17.31
CA SER D 423 15.82 25.01 -16.24
C SER D 423 15.37 26.46 -16.19
N THR D 424 14.10 26.65 -15.89
CA THR D 424 13.49 27.96 -15.80
C THR D 424 13.14 28.31 -14.35
N LYS D 425 13.22 27.31 -13.48
CA LYS D 425 12.91 27.50 -12.07
C LYS D 425 13.96 28.34 -11.35
N LYS D 426 13.48 29.36 -10.66
CA LYS D 426 14.32 30.31 -9.94
C LYS D 426 15.20 29.70 -8.86
N ASN D 427 14.72 28.65 -8.20
CA ASN D 427 15.48 27.99 -7.14
C ASN D 427 16.77 27.37 -7.66
N MET D 428 16.69 26.69 -8.79
CA MET D 428 17.87 26.06 -9.37
C MET D 428 18.92 27.13 -9.72
N HIS D 429 18.46 28.29 -10.14
CA HIS D 429 19.40 29.34 -10.51
C HIS D 429 20.25 29.60 -9.29
N VAL D 430 19.64 29.58 -8.10
CA VAL D 430 20.41 29.82 -6.88
C VAL D 430 21.48 28.76 -6.74
N MET D 431 21.16 27.52 -7.12
CA MET D 431 22.14 26.44 -7.00
C MET D 431 23.35 26.64 -7.90
N ASP D 432 23.09 27.01 -9.16
CA ASP D 432 24.17 27.22 -10.10
C ASP D 432 25.05 28.37 -9.64
N ASP D 433 24.41 29.44 -9.21
CA ASP D 433 25.11 30.63 -8.76
C ASP D 433 25.92 30.46 -7.48
N MET D 434 25.39 29.71 -6.51
CA MET D 434 26.12 29.49 -5.27
C MET D 434 27.37 28.65 -5.50
N ALA D 435 27.21 27.61 -6.32
CA ALA D 435 28.31 26.70 -6.65
C ALA D 435 29.17 27.29 -7.74
N ASN D 436 29.03 28.58 -7.98
CA ASN D 436 29.82 29.25 -9.00
C ASN D 436 30.31 30.61 -8.55
N GLU D 437 30.15 30.91 -7.26
CA GLU D 437 30.60 32.19 -6.71
C GLU D 437 29.86 33.38 -7.35
N ARG D 438 28.88 33.06 -8.20
CA ARG D 438 28.08 34.07 -8.89
C ARG D 438 26.95 34.56 -7.98
N TYR D 439 26.48 33.68 -7.10
CA TYR D 439 25.41 34.01 -6.19
C TYR D 439 25.79 35.28 -5.41
N THR D 440 25.02 36.36 -5.61
CA THR D 440 25.30 37.62 -4.92
C THR D 440 24.04 38.42 -4.62
N PRO D 441 23.21 37.92 -3.70
CA PRO D 441 21.95 38.58 -3.34
C PRO D 441 22.08 40.02 -2.83
N GLY D 442 23.20 40.33 -2.18
CA GLY D 442 23.38 41.68 -1.69
C GLY D 442 23.38 42.67 -2.84
N ILE D 443 23.54 42.13 -4.04
CA ILE D 443 23.56 42.93 -5.25
C ILE D 443 22.40 42.51 -6.14
N ILE D 444 21.29 43.24 -6.04
CA ILE D 444 20.09 42.97 -6.82
C ILE D 444 20.15 43.61 -8.21
N PRO D 445 20.27 42.78 -9.24
CA PRO D 445 20.34 43.18 -10.64
C PRO D 445 19.45 44.37 -11.02
N PRO D 446 20.02 45.33 -11.77
CA PRO D 446 19.27 46.51 -12.18
C PRO D 446 18.30 46.11 -13.28
N VAL D 447 17.09 46.64 -13.19
CA VAL D 447 16.06 46.33 -14.16
C VAL D 447 15.78 47.53 -15.04
N ASN D 448 16.78 47.93 -15.82
CA ASN D 448 16.62 49.06 -16.73
C ASN D 448 17.20 48.74 -18.10
N VAL D 449 17.52 49.80 -18.83
CA VAL D 449 18.06 49.72 -20.18
C VAL D 449 19.17 48.68 -20.33
N ASP D 450 20.12 48.69 -19.40
CA ASP D 450 21.22 47.74 -19.46
C ASP D 450 20.69 46.32 -19.37
N LYS D 451 20.06 45.98 -18.25
CA LYS D 451 19.51 44.66 -18.05
C LYS D 451 17.99 44.72 -17.86
N PRO D 452 17.23 44.92 -18.95
CA PRO D 452 15.77 45.01 -18.92
C PRO D 452 15.10 43.79 -18.30
N ILE D 453 13.76 43.82 -18.29
CA ILE D 453 12.96 42.76 -17.70
C ILE D 453 12.22 41.93 -18.74
N PRO D 454 12.44 40.60 -18.76
CA PRO D 454 11.74 39.77 -19.73
C PRO D 454 10.25 39.94 -19.46
N LEU D 455 9.42 39.18 -20.15
CA LEU D 455 7.99 39.34 -19.90
C LEU D 455 7.15 38.08 -19.94
N GLY D 456 6.17 38.07 -19.06
CA GLY D 456 5.25 36.95 -18.97
C GLY D 456 3.87 37.54 -19.16
N ARG D 457 2.86 36.69 -19.25
CA ARG D 457 1.50 37.17 -19.48
C ARG D 457 0.41 36.38 -18.80
N ARG D 458 -0.75 37.01 -18.72
CA ARG D 458 -1.95 36.44 -18.11
C ARG D 458 -3.18 36.81 -18.94
N ASP D 459 -3.82 35.81 -19.53
CA ASP D 459 -5.00 36.08 -20.32
C ASP D 459 -6.27 35.74 -19.57
N VAL D 460 -7.33 36.46 -19.87
CA VAL D 460 -8.62 36.23 -19.22
C VAL D 460 -9.73 36.64 -20.18
N PRO D 461 -10.84 35.89 -20.21
CA PRO D 461 -11.94 36.23 -21.11
C PRO D 461 -12.51 37.60 -20.80
N GLY D 462 -12.75 38.39 -21.85
CA GLY D 462 -13.34 39.70 -21.66
C GLY D 462 -12.52 40.77 -20.99
N ARG D 463 -11.23 40.85 -21.31
CA ARG D 463 -10.37 41.88 -20.74
C ARG D 463 -9.04 41.99 -21.47
N ARG D 464 -8.57 43.23 -21.62
CA ARG D 464 -7.30 43.49 -22.29
C ARG D 464 -6.20 42.72 -21.61
N THR D 465 -5.35 42.10 -22.42
CA THR D 465 -4.24 41.32 -21.92
C THR D 465 -3.31 42.13 -21.02
N ARG D 466 -2.90 41.55 -19.90
CA ARG D 466 -1.99 42.20 -18.98
C ARG D 466 -0.65 41.47 -18.95
N ILE D 467 0.43 42.23 -18.82
CA ILE D 467 1.76 41.66 -18.78
C ILE D 467 2.30 41.39 -17.37
N ILE D 468 3.27 40.48 -17.31
CA ILE D 468 3.89 40.05 -16.07
C ILE D 468 5.41 40.16 -16.19
N PHE D 469 6.03 40.91 -15.27
CA PHE D 469 7.49 41.08 -15.29
C PHE D 469 8.13 39.73 -15.22
N ILE D 470 9.45 39.71 -15.18
CA ILE D 470 10.20 38.48 -15.07
C ILE D 470 11.52 38.90 -14.44
N LEU D 471 11.43 39.30 -13.17
CA LEU D 471 12.59 39.75 -12.42
C LEU D 471 13.39 38.53 -11.97
N PRO D 472 14.71 38.68 -11.77
CA PRO D 472 15.58 37.58 -11.32
C PRO D 472 15.22 37.18 -9.88
N TYR D 473 15.98 36.22 -9.33
CA TYR D 473 15.74 35.75 -7.97
C TYR D 473 16.16 36.71 -6.84
N GLU D 474 17.07 37.63 -7.11
CA GLU D 474 17.50 38.54 -6.07
C GLU D 474 16.28 39.29 -5.57
N TYR D 475 15.33 39.55 -6.46
CA TYR D 475 14.10 40.27 -6.14
C TYR D 475 13.11 39.54 -5.19
N PHE D 476 12.93 38.23 -5.39
CA PHE D 476 12.04 37.44 -4.55
C PHE D 476 12.58 37.31 -3.12
N ILE D 477 13.90 37.12 -3.06
CA ILE D 477 14.63 36.98 -1.81
C ILE D 477 14.55 38.26 -1.00
N ALA D 478 14.67 39.39 -1.67
CA ALA D 478 14.62 40.67 -0.98
C ALA D 478 13.19 41.08 -0.73
N GLN D 479 12.24 40.21 -1.03
CA GLN D 479 10.84 40.55 -0.80
C GLN D 479 9.98 39.56 -0.03
N HIS D 480 10.47 38.33 0.17
CA HIS D 480 9.66 37.33 0.88
C HIS D 480 9.38 37.61 2.37
N ALA D 481 10.41 37.97 3.12
CA ALA D 481 10.21 38.20 4.54
C ALA D 481 9.32 39.38 4.81
N VAL D 482 9.56 40.49 4.14
CA VAL D 482 8.79 41.70 4.38
C VAL D 482 7.32 41.52 4.03
N VAL D 483 7.05 40.86 2.92
CA VAL D 483 5.68 40.64 2.46
C VAL D 483 4.97 39.71 3.42
N GLU D 484 5.70 38.67 3.82
CA GLU D 484 5.16 37.67 4.73
C GLU D 484 4.76 38.29 6.04
N LYS D 485 5.57 39.22 6.50
CA LYS D 485 5.28 39.94 7.72
C LYS D 485 4.12 40.90 7.49
N MET D 486 4.03 41.42 6.26
CA MET D 486 2.94 42.34 5.91
C MET D 486 1.63 41.61 5.95
N LEU D 487 1.63 40.42 5.38
CA LEU D 487 0.42 39.62 5.33
C LEU D 487 -0.16 39.27 6.71
N ILE D 488 0.70 39.03 7.68
CA ILE D 488 0.24 38.68 9.01
C ILE D 488 -0.61 39.82 9.55
N TYR D 489 -0.22 41.05 9.24
CA TYR D 489 -0.99 42.21 9.68
C TYR D 489 -2.33 42.20 8.95
N ALA D 490 -2.28 41.90 7.67
CA ALA D 490 -3.47 41.87 6.84
C ALA D 490 -4.38 40.79 7.38
N LYS D 491 -3.77 39.65 7.69
CA LYS D 491 -4.44 38.47 8.20
C LYS D 491 -5.43 38.77 9.31
N HIS D 492 -5.15 39.81 10.10
CA HIS D 492 -6.04 40.18 11.21
C HIS D 492 -6.71 41.55 11.06
N THR D 493 -6.71 42.06 9.83
CA THR D 493 -7.31 43.35 9.49
C THR D 493 -8.42 43.13 8.46
N ARG D 494 -9.67 43.37 8.86
CA ARG D 494 -10.82 43.12 8.01
C ARG D 494 -10.92 43.92 6.72
N GLU D 495 -10.27 45.08 6.68
CA GLU D 495 -10.28 45.93 5.49
C GLU D 495 -9.84 45.13 4.27
N TYR D 496 -8.87 44.24 4.46
CA TYR D 496 -8.36 43.39 3.38
C TYR D 496 -9.19 42.11 3.31
N ALA D 497 -10.37 42.21 2.73
CA ALA D 497 -11.30 41.07 2.62
C ALA D 497 -10.75 39.81 2.01
N GLU D 498 -9.52 39.85 1.51
CA GLU D 498 -8.95 38.67 0.89
C GLU D 498 -8.09 37.87 1.86
N PHE D 499 -7.46 38.56 2.80
CA PHE D 499 -6.58 37.91 3.75
C PHE D 499 -7.16 37.54 5.11
N TYR D 500 -7.94 38.44 5.70
CA TYR D 500 -8.54 38.26 7.02
C TYR D 500 -8.86 36.84 7.48
N SER D 501 -8.15 36.38 8.51
CA SER D 501 -8.36 35.06 9.07
C SER D 501 -8.52 33.98 8.01
N GLN D 502 -9.36 33.01 8.29
CA GLN D 502 -9.59 31.92 7.35
C GLN D 502 -10.83 32.23 6.53
N SER D 503 -11.30 33.47 6.66
CA SER D 503 -12.48 33.97 5.98
C SER D 503 -12.68 33.46 4.57
N ASN D 504 -13.92 33.05 4.27
CA ASN D 504 -14.29 32.57 2.94
C ASN D 504 -15.16 33.70 2.36
N GLN D 505 -15.42 33.64 1.06
CA GLN D 505 -16.20 34.68 0.37
C GLN D 505 -17.56 34.96 0.98
N LEU D 506 -18.09 34.00 1.75
CA LEU D 506 -19.40 34.14 2.39
C LEU D 506 -19.39 35.22 3.45
N LEU D 507 -18.28 35.30 4.18
CA LEU D 507 -18.15 36.31 5.22
C LEU D 507 -18.17 37.69 4.59
N SER D 508 -17.44 37.80 3.48
CA SER D 508 -17.35 39.05 2.75
C SER D 508 -18.73 39.44 2.25
N TYR D 509 -19.50 38.44 1.82
CA TYR D 509 -20.85 38.67 1.31
C TYR D 509 -21.77 39.21 2.40
N GLY D 510 -21.72 38.59 3.57
CA GLY D 510 -22.55 38.98 4.69
C GLY D 510 -22.25 40.37 5.23
N ASP D 511 -20.98 40.75 5.18
CA ASP D 511 -20.56 42.07 5.67
C ASP D 511 -21.21 43.21 4.90
N VAL D 512 -21.35 43.05 3.59
CA VAL D 512 -21.97 44.08 2.75
C VAL D 512 -23.49 44.28 2.99
N THR D 513 -24.22 43.18 3.06
CA THR D 513 -25.65 43.23 3.32
C THR D 513 -25.90 43.76 4.72
N ARG D 514 -25.00 43.41 5.64
CA ARG D 514 -25.06 43.83 7.05
C ARG D 514 -25.67 45.21 7.32
N PHE D 515 -24.95 46.26 6.99
CA PHE D 515 -25.40 47.63 7.25
C PHE D 515 -26.37 48.22 6.23
N LEU D 516 -26.65 47.49 5.16
CA LEU D 516 -27.57 47.99 4.14
C LEU D 516 -28.93 48.36 4.72
N SER D 517 -29.26 49.64 4.61
CA SER D 517 -30.51 50.18 5.12
C SER D 517 -30.91 51.35 4.23
N ASN D 518 -32.14 51.80 4.36
CA ASN D 518 -32.62 52.92 3.56
C ASN D 518 -31.90 54.24 3.87
N ASN D 519 -30.85 54.18 4.68
CA ASN D 519 -30.15 55.40 5.00
C ASN D 519 -28.67 55.19 4.79
N THR D 520 -28.35 54.29 3.87
CA THR D 520 -26.96 53.99 3.57
C THR D 520 -26.80 53.41 2.18
N MET D 521 -25.92 54.03 1.40
CA MET D 521 -25.65 53.61 0.02
C MET D 521 -24.28 52.96 -0.12
N VAL D 522 -24.23 51.89 -0.92
CA VAL D 522 -23.00 51.17 -1.15
C VAL D 522 -22.30 51.69 -2.38
N LEU D 523 -20.98 51.59 -2.37
CA LEU D 523 -20.16 52.06 -3.48
C LEU D 523 -19.07 51.07 -3.84
N TYR D 524 -19.07 50.60 -5.07
CA TYR D 524 -18.05 49.66 -5.52
C TYR D 524 -17.25 50.22 -6.68
N THR D 525 -16.04 49.71 -6.87
CA THR D 525 -15.20 50.22 -7.94
C THR D 525 -14.46 49.09 -8.65
N ASP D 526 -13.79 49.45 -9.74
CA ASP D 526 -13.05 48.51 -10.56
C ASP D 526 -11.69 49.09 -10.89
N VAL D 527 -10.90 49.38 -9.87
CA VAL D 527 -9.58 49.95 -10.06
C VAL D 527 -8.54 49.08 -10.75
N SER D 528 -8.95 48.21 -11.66
CA SER D 528 -8.00 47.34 -12.35
C SER D 528 -7.00 48.12 -13.22
N GLN D 529 -7.51 49.08 -13.98
CA GLN D 529 -6.70 49.90 -14.86
C GLN D 529 -5.79 50.82 -14.07
N TRP D 530 -6.28 51.31 -12.93
CA TRP D 530 -5.51 52.20 -12.06
C TRP D 530 -4.24 51.56 -11.52
N ASP D 531 -4.29 50.25 -11.29
CA ASP D 531 -3.12 49.54 -10.78
C ASP D 531 -1.99 49.46 -11.81
N SER D 532 -2.28 49.87 -13.04
CA SER D 532 -1.27 49.83 -14.09
C SER D 532 -1.16 51.18 -14.80
N SER D 533 -1.73 52.20 -14.20
CA SER D 533 -1.72 53.55 -14.75
C SER D 533 -0.36 54.18 -14.45
N GLN D 534 0.38 54.53 -15.52
CA GLN D 534 1.71 55.14 -15.36
C GLN D 534 1.76 56.15 -14.23
N HIS D 535 0.62 56.76 -13.95
CA HIS D 535 0.50 57.75 -12.90
C HIS D 535 0.75 57.11 -11.55
N ASN D 536 0.20 55.91 -11.38
CA ASN D 536 0.29 55.16 -10.14
C ASN D 536 1.68 54.76 -9.66
N THR D 537 2.58 54.45 -10.58
CA THR D 537 3.90 53.96 -10.20
C THR D 537 4.70 54.88 -9.29
N GLN D 538 4.74 56.17 -9.58
CA GLN D 538 5.50 57.07 -8.73
C GLN D 538 4.99 57.03 -7.29
N PRO D 539 3.70 57.33 -7.07
CA PRO D 539 3.15 57.30 -5.71
C PRO D 539 3.38 55.97 -5.05
N PHE D 540 2.92 54.91 -5.72
CA PHE D 540 3.04 53.56 -5.21
C PHE D 540 4.45 53.27 -4.73
N ARG D 541 5.45 53.52 -5.58
CA ARG D 541 6.84 53.28 -5.19
C ARG D 541 7.31 54.24 -4.12
N LYS D 542 6.92 55.50 -4.22
CA LYS D 542 7.37 56.47 -3.23
C LYS D 542 6.90 56.08 -1.84
N GLY D 543 5.64 55.67 -1.73
CA GLY D 543 5.11 55.29 -0.43
C GLY D 543 5.79 54.09 0.20
N ILE D 544 6.07 53.07 -0.61
CA ILE D 544 6.72 51.88 -0.10
C ILE D 544 8.12 52.18 0.37
N ILE D 545 8.83 52.96 -0.43
CA ILE D 545 10.20 53.33 -0.10
C ILE D 545 10.24 54.26 1.11
N MET D 546 9.30 55.19 1.18
CA MET D 546 9.26 56.13 2.28
C MET D 546 9.07 55.36 3.57
N GLY D 547 8.15 54.40 3.57
CA GLY D 547 7.90 53.65 4.78
C GLY D 547 9.13 52.89 5.21
N LEU D 548 9.82 52.30 4.25
CA LEU D 548 11.02 51.53 4.56
C LEU D 548 12.00 52.47 5.25
N ASP D 549 12.03 53.72 4.82
CA ASP D 549 12.94 54.69 5.43
C ASP D 549 12.56 54.89 6.90
N ILE D 550 11.28 55.04 7.18
CA ILE D 550 10.80 55.26 8.55
C ILE D 550 11.10 54.07 9.44
N LEU D 551 10.92 52.88 8.90
CA LEU D 551 11.19 51.66 9.64
C LEU D 551 12.69 51.48 9.93
N ALA D 552 13.53 51.85 8.96
CA ALA D 552 14.98 51.73 9.10
C ALA D 552 15.50 52.59 10.26
N ASN D 553 14.86 53.73 10.50
CA ASN D 553 15.24 54.61 11.61
C ASN D 553 14.49 54.17 12.86
N MET D 554 14.32 52.87 13.00
CA MET D 554 13.63 52.30 14.14
C MET D 554 14.44 51.14 14.73
N THR D 555 15.46 50.70 14.00
CA THR D 555 16.29 49.60 14.47
C THR D 555 17.77 49.85 14.28
N ASN D 556 18.58 49.08 15.00
CA ASN D 556 20.03 49.17 14.96
C ASN D 556 20.58 47.78 14.60
N ASP D 557 19.70 46.93 14.08
CA ASP D 557 20.09 45.58 13.71
C ASP D 557 20.55 45.56 12.25
N ALA D 558 21.81 45.19 12.04
CA ALA D 558 22.39 45.15 10.69
C ALA D 558 21.62 44.22 9.78
N LYS D 559 21.20 43.07 10.31
CA LYS D 559 20.47 42.09 9.52
C LYS D 559 19.16 42.71 9.02
N VAL D 560 18.44 43.36 9.93
CA VAL D 560 17.17 43.99 9.58
C VAL D 560 17.35 45.19 8.66
N LEU D 561 18.29 46.05 9.01
CA LEU D 561 18.52 47.23 8.19
C LEU D 561 18.98 46.77 6.83
N GLN D 562 19.76 45.70 6.78
CA GLN D 562 20.20 45.21 5.50
C GLN D 562 18.98 44.83 4.66
N THR D 563 18.03 44.14 5.30
CA THR D 563 16.79 43.71 4.64
C THR D 563 15.89 44.89 4.29
N LEU D 564 15.76 45.83 5.22
CA LEU D 564 14.93 47.01 5.02
C LEU D 564 15.45 47.82 3.85
N ASN D 565 16.77 47.91 3.72
CA ASN D 565 17.38 48.64 2.63
C ASN D 565 17.23 47.96 1.28
N LEU D 566 17.51 46.66 1.23
CA LEU D 566 17.46 45.91 -0.02
C LEU D 566 16.09 45.96 -0.71
N TYR D 567 15.05 45.90 0.11
CA TYR D 567 13.68 45.95 -0.35
C TYR D 567 13.43 47.33 -1.00
N LYS D 568 14.00 48.36 -0.39
CA LYS D 568 13.88 49.73 -0.86
C LYS D 568 14.46 49.83 -2.26
N GLN D 569 15.61 49.21 -2.46
CA GLN D 569 16.28 49.26 -3.75
C GLN D 569 15.43 48.64 -4.86
N THR D 570 14.66 47.60 -4.53
CA THR D 570 13.83 46.93 -5.55
C THR D 570 12.92 47.98 -6.13
N GLN D 571 12.41 48.85 -5.28
CA GLN D 571 11.53 49.88 -5.76
C GLN D 571 12.28 50.87 -6.63
N ILE D 572 13.48 51.25 -6.21
CA ILE D 572 14.26 52.22 -6.98
C ILE D 572 14.65 51.70 -8.35
N ASN D 573 15.06 50.44 -8.45
CA ASN D 573 15.41 49.88 -9.74
C ASN D 573 14.18 49.86 -10.63
N LEU D 574 13.03 49.60 -10.01
CA LEU D 574 11.73 49.55 -10.71
C LEU D 574 11.28 50.91 -11.24
N MET D 575 11.50 51.94 -10.44
CA MET D 575 11.11 53.30 -10.80
C MET D 575 11.34 53.57 -12.28
N ASP D 576 12.44 53.01 -12.80
CA ASP D 576 12.81 53.15 -14.21
C ASP D 576 13.11 51.73 -14.72
N SER D 577 12.09 51.08 -15.28
CA SER D 577 12.25 49.70 -15.76
C SER D 577 11.94 49.50 -17.24
N TYR D 578 12.90 48.96 -17.98
CA TYR D 578 12.68 48.72 -19.40
C TYR D 578 12.17 47.30 -19.62
N VAL D 579 11.39 47.12 -20.67
CA VAL D 579 10.82 45.82 -20.95
C VAL D 579 11.29 45.17 -22.23
N GLN D 580 11.69 43.92 -22.11
CA GLN D 580 12.15 43.15 -23.24
C GLN D 580 10.88 42.71 -23.98
N ILE D 581 10.19 43.64 -24.64
CA ILE D 581 8.97 43.27 -25.36
C ILE D 581 9.19 42.78 -26.78
N PRO D 582 8.74 41.55 -27.07
CA PRO D 582 8.90 41.02 -28.43
C PRO D 582 8.02 41.77 -29.40
N ASP D 583 8.32 41.62 -30.68
CA ASP D 583 7.57 42.26 -31.74
C ASP D 583 7.84 41.49 -33.02
N GLY D 584 7.41 40.23 -33.01
CA GLY D 584 7.61 39.36 -34.16
C GLY D 584 8.62 38.32 -33.78
N ASN D 585 9.40 37.86 -34.75
CA ASN D 585 10.43 36.86 -34.47
C ASN D 585 11.63 37.62 -33.91
N VAL D 586 11.42 38.92 -33.66
CA VAL D 586 12.44 39.82 -33.12
C VAL D 586 12.05 40.27 -31.71
N ILE D 587 13.04 40.62 -30.88
CA ILE D 587 12.75 41.06 -29.52
C ILE D 587 13.05 42.53 -29.37
N LYS D 588 12.02 43.38 -29.51
CA LYS D 588 12.23 44.81 -29.39
C LYS D 588 12.67 45.13 -27.96
N LYS D 589 12.64 46.40 -27.61
CA LYS D 589 13.05 46.81 -26.27
C LYS D 589 12.61 48.23 -26.01
N ILE D 590 11.40 48.38 -25.48
CA ILE D 590 10.86 49.69 -25.19
C ILE D 590 10.91 50.00 -23.69
N GLN D 591 10.53 51.22 -23.33
CA GLN D 591 10.53 51.63 -21.94
C GLN D 591 9.26 51.13 -21.27
N TYR D 592 8.97 51.62 -20.07
CA TYR D 592 7.77 51.19 -19.35
C TYR D 592 7.62 51.92 -18.03
N GLY D 593 6.76 52.94 -18.01
CA GLY D 593 6.55 53.71 -16.79
C GLY D 593 5.37 53.28 -15.96
N ALA D 594 4.90 52.06 -16.18
CA ALA D 594 3.76 51.53 -15.43
C ALA D 594 4.22 50.41 -14.50
N VAL D 595 3.38 50.05 -13.54
CA VAL D 595 3.71 48.96 -12.62
C VAL D 595 3.02 47.70 -13.10
N ALA D 596 3.71 46.57 -12.98
CA ALA D 596 3.14 45.30 -13.38
C ALA D 596 3.30 44.27 -12.24
N SER D 597 2.82 43.05 -12.47
CA SER D 597 2.93 42.02 -11.44
C SER D 597 4.19 41.20 -11.68
N GLY D 598 4.65 40.49 -10.65
CA GLY D 598 5.84 39.68 -10.78
C GLY D 598 6.71 39.76 -9.54
N GLU D 599 6.32 40.66 -8.63
CA GLU D 599 7.05 40.83 -7.40
C GLU D 599 6.27 40.13 -6.31
N LYS D 600 6.95 39.78 -5.23
CA LYS D 600 6.30 39.12 -4.11
C LYS D 600 5.21 40.08 -3.63
N GLN D 601 5.61 41.32 -3.41
CA GLN D 601 4.71 42.35 -2.91
C GLN D 601 3.55 42.71 -3.80
N THR D 602 3.56 42.18 -5.03
CA THR D 602 2.49 42.47 -5.97
C THR D 602 1.10 42.39 -5.34
N LYS D 603 0.63 41.17 -5.07
CA LYS D 603 -0.71 40.99 -4.52
C LYS D 603 -0.91 41.69 -3.19
N ALA D 604 0.08 41.62 -2.31
CA ALA D 604 -0.02 42.29 -1.02
C ALA D 604 0.06 43.81 -1.12
N ALA D 605 1.09 44.31 -1.82
CA ALA D 605 1.32 45.75 -1.99
C ALA D 605 0.22 46.42 -2.83
N ASN D 606 -0.30 45.66 -3.79
CA ASN D 606 -1.33 46.18 -4.66
C ASN D 606 -2.51 46.56 -3.78
N SER D 607 -2.87 45.68 -2.86
CA SER D 607 -4.00 45.93 -1.98
C SER D 607 -3.79 47.16 -1.14
N ILE D 608 -2.56 47.31 -0.65
CA ILE D 608 -2.22 48.44 0.19
C ILE D 608 -2.55 49.73 -0.56
N ALA D 609 -2.17 49.75 -1.84
CA ALA D 609 -2.40 50.89 -2.70
C ALA D 609 -3.89 51.10 -2.98
N ASN D 610 -4.58 50.02 -3.32
CA ASN D 610 -6.00 50.10 -3.62
C ASN D 610 -6.75 50.57 -2.41
N LEU D 611 -6.35 50.09 -1.24
CA LEU D 611 -7.04 50.51 -0.03
C LEU D 611 -6.72 51.98 0.19
N ALA D 612 -5.46 52.33 -0.05
CA ALA D 612 -5.00 53.71 0.12
C ALA D 612 -5.80 54.65 -0.78
N LEU D 613 -6.10 54.17 -1.99
CA LEU D 613 -6.83 54.96 -2.96
C LEU D 613 -8.26 55.29 -2.55
N ILE D 614 -8.99 54.29 -2.10
CA ILE D 614 -10.38 54.51 -1.71
C ILE D 614 -10.45 55.43 -0.50
N LYS D 615 -9.50 55.28 0.42
CA LYS D 615 -9.48 56.11 1.62
C LYS D 615 -9.36 57.55 1.20
N THR D 616 -8.52 57.78 0.18
CA THR D 616 -8.28 59.11 -0.33
C THR D 616 -9.50 59.71 -1.01
N VAL D 617 -10.16 58.92 -1.83
CA VAL D 617 -11.34 59.41 -2.52
C VAL D 617 -12.48 59.61 -1.53
N LEU D 618 -12.65 58.66 -0.63
CA LEU D 618 -13.75 58.76 0.33
C LEU D 618 -13.64 59.98 1.23
N SER D 619 -12.42 60.30 1.68
CA SER D 619 -12.24 61.45 2.54
C SER D 619 -12.55 62.76 1.82
N ARG D 620 -12.10 62.86 0.57
CA ARG D 620 -12.31 64.06 -0.23
C ARG D 620 -13.78 64.35 -0.50
N ILE D 621 -14.54 63.31 -0.85
CA ILE D 621 -15.95 63.49 -1.12
C ILE D 621 -16.67 63.96 0.13
N SER D 622 -16.14 63.59 1.29
CA SER D 622 -16.78 63.97 2.55
C SER D 622 -16.93 65.47 2.63
N ASN D 623 -15.94 66.22 2.17
CA ASN D 623 -16.02 67.66 2.21
C ASN D 623 -17.43 68.18 1.93
N LYS D 624 -18.15 67.51 1.02
CA LYS D 624 -19.51 67.92 0.69
C LYS D 624 -20.57 67.29 1.59
N HIS D 625 -20.86 66.01 1.36
CA HIS D 625 -21.86 65.31 2.14
C HIS D 625 -21.29 64.60 3.37
N SER D 626 -22.07 64.59 4.44
CA SER D 626 -21.67 63.95 5.68
C SER D 626 -22.29 62.56 5.76
N PHE D 627 -21.44 61.57 5.97
CA PHE D 627 -21.86 60.17 6.08
C PHE D 627 -21.20 59.54 7.29
N ALA D 628 -21.09 58.22 7.24
CA ALA D 628 -20.46 57.43 8.30
C ALA D 628 -19.91 56.18 7.64
N THR D 629 -18.61 56.01 7.66
CA THR D 629 -18.01 54.83 7.04
C THR D 629 -18.25 53.59 7.89
N LYS D 630 -19.23 52.79 7.48
CA LYS D 630 -19.55 51.58 8.20
C LYS D 630 -18.53 50.49 7.91
N ILE D 631 -18.22 50.28 6.64
CA ILE D 631 -17.21 49.28 6.28
C ILE D 631 -16.46 49.72 5.04
N ILE D 632 -15.17 49.37 4.99
CA ILE D 632 -14.31 49.68 3.86
C ILE D 632 -13.57 48.39 3.57
N ARG D 633 -13.42 48.05 2.29
CA ARG D 633 -12.75 46.80 1.93
C ARG D 633 -12.02 46.87 0.59
N VAL D 634 -11.05 45.97 0.44
CA VAL D 634 -10.27 45.84 -0.78
C VAL D 634 -10.35 44.38 -1.22
N ASP D 635 -10.08 44.13 -2.49
CA ASP D 635 -10.09 42.78 -3.02
C ASP D 635 -9.52 42.75 -4.43
N GLY D 636 -8.21 42.84 -4.54
CA GLY D 636 -7.59 42.81 -5.84
C GLY D 636 -7.88 44.03 -6.68
N ASP D 637 -8.71 43.85 -7.69
CA ASP D 637 -9.07 44.94 -8.59
C ASP D 637 -10.41 45.59 -8.26
N ASP D 638 -10.82 45.52 -7.00
CA ASP D 638 -12.07 46.11 -6.57
C ASP D 638 -11.97 46.55 -5.12
N ASN D 639 -12.57 47.69 -4.79
CA ASN D 639 -12.56 48.22 -3.43
C ASN D 639 -13.93 48.82 -3.21
N TYR D 640 -14.52 48.56 -2.06
CA TYR D 640 -15.85 49.10 -1.77
C TYR D 640 -16.03 49.66 -0.38
N ALA D 641 -17.22 50.21 -0.11
CA ALA D 641 -17.51 50.79 1.19
C ALA D 641 -18.98 51.11 1.38
N VAL D 642 -19.54 50.80 2.55
CA VAL D 642 -20.93 51.12 2.84
C VAL D 642 -20.89 52.33 3.75
N LEU D 643 -21.47 53.45 3.30
CA LEU D 643 -21.47 54.68 4.09
C LEU D 643 -22.90 55.00 4.49
N GLN D 644 -23.09 55.41 5.74
CA GLN D 644 -24.43 55.72 6.24
C GLN D 644 -24.70 57.22 6.24
N PHE D 645 -25.94 57.60 5.97
CA PHE D 645 -26.35 59.01 5.92
C PHE D 645 -27.36 59.40 6.98
N ASN D 646 -27.18 60.59 7.55
CA ASN D 646 -28.07 61.08 8.60
C ASN D 646 -29.50 61.31 8.16
N THR D 647 -29.86 60.78 6.99
CA THR D 647 -31.20 60.95 6.44
C THR D 647 -31.48 59.89 5.38
N GLU D 648 -32.73 59.80 4.93
CA GLU D 648 -33.10 58.81 3.93
C GLU D 648 -32.42 59.11 2.59
N VAL D 649 -31.99 58.04 1.92
CA VAL D 649 -31.32 58.18 0.63
C VAL D 649 -32.30 58.45 -0.49
N THR D 650 -32.03 59.52 -1.24
CA THR D 650 -32.86 59.91 -2.38
C THR D 650 -32.10 59.66 -3.67
N LYS D 651 -32.82 59.53 -4.78
CA LYS D 651 -32.17 59.24 -6.04
C LYS D 651 -31.17 60.35 -6.29
N GLN D 652 -31.54 61.58 -5.95
CA GLN D 652 -30.67 62.72 -6.16
C GLN D 652 -29.38 62.54 -5.40
N MET D 653 -29.48 62.05 -4.18
CA MET D 653 -28.30 61.87 -3.35
C MET D 653 -27.32 60.89 -3.97
N ILE D 654 -27.83 59.77 -4.48
CA ILE D 654 -26.94 58.77 -5.06
C ILE D 654 -26.28 59.35 -6.31
N GLN D 655 -27.05 60.11 -7.09
CA GLN D 655 -26.53 60.71 -8.29
C GLN D 655 -25.43 61.70 -7.94
N ASP D 656 -25.62 62.47 -6.88
CA ASP D 656 -24.61 63.45 -6.48
C ASP D 656 -23.32 62.83 -5.98
N VAL D 657 -23.44 61.84 -5.11
CA VAL D 657 -22.28 61.19 -4.55
C VAL D 657 -21.49 60.47 -5.64
N SER D 658 -22.20 59.80 -6.54
CA SER D 658 -21.52 59.08 -7.59
C SER D 658 -20.69 60.03 -8.44
N ASN D 659 -21.27 61.17 -8.75
CA ASN D 659 -20.61 62.19 -9.56
C ASN D 659 -19.37 62.70 -8.86
N ASP D 660 -19.55 63.02 -7.59
CA ASP D 660 -18.46 63.54 -6.77
C ASP D 660 -17.37 62.51 -6.68
N VAL D 661 -17.75 61.24 -6.60
CA VAL D 661 -16.77 60.17 -6.52
C VAL D 661 -16.00 60.01 -7.84
N ARG D 662 -16.73 59.98 -8.95
CA ARG D 662 -16.12 59.80 -10.26
C ARG D 662 -15.21 60.97 -10.64
N GLU D 663 -15.65 62.17 -10.31
CA GLU D 663 -14.85 63.34 -10.62
C GLU D 663 -13.57 63.24 -9.79
N THR D 664 -13.70 62.81 -8.54
CA THR D 664 -12.53 62.70 -7.67
C THR D 664 -11.54 61.69 -8.26
N TYR D 665 -12.06 60.56 -8.73
CA TYR D 665 -11.21 59.54 -9.34
C TYR D 665 -10.58 60.14 -10.57
N ALA D 666 -11.36 60.98 -11.25
CA ALA D 666 -10.91 61.64 -12.47
C ALA D 666 -9.78 62.60 -12.16
N ARG D 667 -9.91 63.37 -11.10
CA ARG D 667 -8.89 64.35 -10.78
C ARG D 667 -7.54 63.67 -10.65
N MET D 668 -7.52 62.49 -10.05
CA MET D 668 -6.27 61.75 -9.87
C MET D 668 -5.87 61.07 -11.16
N ASN D 669 -6.52 61.46 -12.26
CA ASN D 669 -6.24 60.87 -13.55
C ASN D 669 -6.10 59.36 -13.45
N ALA D 670 -7.22 58.70 -13.20
CA ALA D 670 -7.25 57.26 -13.07
C ALA D 670 -8.51 56.70 -13.72
N LYS D 671 -8.32 55.71 -14.60
CA LYS D 671 -9.45 55.08 -15.28
C LYS D 671 -10.10 54.08 -14.31
N VAL D 672 -11.36 54.34 -13.97
CA VAL D 672 -12.06 53.46 -13.05
C VAL D 672 -13.55 53.41 -13.26
N LYS D 673 -14.15 52.33 -12.77
CA LYS D 673 -15.59 52.07 -12.86
C LYS D 673 -16.21 52.35 -11.50
N ALA D 674 -16.40 53.61 -11.16
CA ALA D 674 -16.97 53.93 -9.87
C ALA D 674 -18.47 53.98 -9.94
N LEU D 675 -19.13 52.95 -9.41
CA LEU D 675 -20.59 52.89 -9.39
C LEU D 675 -21.06 53.07 -7.94
N VAL D 676 -22.37 53.15 -7.74
CA VAL D 676 -22.92 53.33 -6.40
C VAL D 676 -24.34 52.80 -6.33
N SER D 677 -24.65 52.02 -5.29
CA SER D 677 -26.01 51.49 -5.15
C SER D 677 -26.47 51.51 -3.70
N THR D 678 -27.58 50.83 -3.42
CA THR D 678 -28.09 50.76 -2.06
C THR D 678 -28.43 49.33 -1.68
N VAL D 679 -28.30 48.39 -2.62
CA VAL D 679 -28.64 47.03 -2.31
C VAL D 679 -27.71 45.98 -2.89
N GLY D 680 -26.95 46.34 -3.92
CA GLY D 680 -26.07 45.36 -4.50
C GLY D 680 -24.74 45.88 -4.97
N ILE D 681 -23.81 44.95 -5.15
CA ILE D 681 -22.48 45.27 -5.64
C ILE D 681 -21.93 44.15 -6.50
N GLU D 682 -21.09 44.53 -7.46
CA GLU D 682 -20.45 43.60 -8.36
C GLU D 682 -18.96 43.86 -8.31
N ILE D 683 -18.18 42.81 -8.43
CA ILE D 683 -16.76 42.94 -8.46
C ILE D 683 -16.27 41.72 -9.19
N ALA D 684 -14.97 41.67 -9.43
CA ALA D 684 -14.38 40.58 -10.18
C ALA D 684 -14.58 39.18 -9.63
N LYS D 685 -14.64 39.05 -8.29
CA LYS D 685 -14.80 37.73 -7.69
C LYS D 685 -16.24 37.32 -7.36
N ARG D 686 -17.08 38.28 -7.00
CA ARG D 686 -18.44 37.93 -6.63
C ARG D 686 -19.44 39.07 -6.81
N TYR D 687 -20.66 38.78 -7.23
CA TYR D 687 -21.64 39.84 -7.34
C TYR D 687 -22.85 39.57 -6.49
N ILE D 688 -23.26 40.58 -5.72
CA ILE D 688 -24.40 40.43 -4.83
C ILE D 688 -25.66 41.09 -5.35
N ALA D 689 -26.39 40.37 -6.18
CA ALA D 689 -27.62 40.92 -6.72
C ALA D 689 -28.86 40.41 -6.00
N GLY D 690 -29.64 41.33 -5.46
CA GLY D 690 -30.85 40.94 -4.78
C GLY D 690 -30.64 40.47 -3.35
N GLY D 691 -29.52 40.85 -2.75
CA GLY D 691 -29.27 40.43 -1.38
C GLY D 691 -28.75 39.01 -1.34
N LYS D 692 -28.70 38.37 -2.51
CA LYS D 692 -28.20 37.00 -2.62
C LYS D 692 -26.79 37.02 -3.21
N ILE D 693 -25.93 36.11 -2.76
CA ILE D 693 -24.56 36.05 -3.26
C ILE D 693 -24.44 35.22 -4.52
N PHE D 694 -23.81 35.80 -5.54
CA PHE D 694 -23.61 35.12 -6.83
C PHE D 694 -22.13 35.05 -7.22
N PHE D 695 -21.76 34.02 -7.97
CA PHE D 695 -20.38 33.84 -8.43
C PHE D 695 -20.40 33.57 -9.93
N ARG D 696 -19.44 34.11 -10.67
CA ARG D 696 -19.48 33.85 -12.10
C ARG D 696 -19.13 32.41 -12.34
N ALA D 697 -19.60 31.85 -13.45
CA ALA D 697 -19.36 30.45 -13.76
C ALA D 697 -18.78 30.18 -15.13
N GLY D 698 -17.86 31.05 -15.57
CA GLY D 698 -17.31 30.88 -16.89
C GLY D 698 -15.89 30.42 -17.05
N ILE D 699 -15.62 29.16 -16.72
CA ILE D 699 -14.27 28.61 -16.88
C ILE D 699 -14.21 27.78 -18.16
N ASN D 700 -13.59 28.36 -19.18
CA ASN D 700 -13.47 27.66 -20.45
C ASN D 700 -12.98 26.25 -20.20
N LEU D 701 -13.68 25.28 -20.77
CA LEU D 701 -13.37 23.89 -20.57
C LEU D 701 -12.56 23.24 -21.71
N LEU D 702 -12.85 23.66 -22.93
CA LEU D 702 -12.20 23.11 -24.12
C LEU D 702 -11.17 24.00 -24.76
N ASN D 703 -10.70 25.01 -24.02
CA ASN D 703 -9.69 25.95 -24.49
C ASN D 703 -8.93 26.47 -23.27
N ASN D 704 -7.71 25.98 -23.04
CA ASN D 704 -6.95 26.45 -21.87
C ASN D 704 -6.22 27.77 -22.13
N GLU D 705 -5.86 28.48 -21.07
CA GLU D 705 -5.16 29.75 -21.20
C GLU D 705 -3.73 29.59 -21.72
N LYS D 706 -2.93 28.79 -21.04
CA LYS D 706 -1.56 28.57 -21.47
C LYS D 706 -1.20 27.09 -21.38
N ARG D 707 -0.19 26.70 -22.14
CA ARG D 707 0.27 25.32 -22.17
C ARG D 707 1.25 25.08 -21.04
N GLY D 708 0.75 24.57 -19.92
CA GLY D 708 1.61 24.29 -18.79
C GLY D 708 2.43 23.03 -18.98
N GLN D 709 2.65 22.29 -17.89
CA GLN D 709 3.44 21.06 -17.94
C GLN D 709 2.63 19.84 -17.48
N SER D 710 1.32 20.00 -17.38
CA SER D 710 0.43 18.93 -16.97
C SER D 710 0.42 17.84 -18.03
N THR D 711 -0.13 16.68 -17.72
CA THR D 711 -0.17 15.60 -18.68
C THR D 711 -1.59 15.41 -19.19
N GLN D 712 -1.78 14.51 -20.15
CA GLN D 712 -3.10 14.29 -20.70
C GLN D 712 -4.03 13.81 -19.60
N TRP D 713 -3.55 12.91 -18.73
CA TRP D 713 -4.39 12.37 -17.65
C TRP D 713 -4.77 13.43 -16.66
N ASP D 714 -3.79 14.20 -16.25
CA ASP D 714 -4.00 15.27 -15.30
C ASP D 714 -4.86 16.34 -15.96
N GLN D 715 -4.72 16.48 -17.27
CA GLN D 715 -5.49 17.45 -18.02
C GLN D 715 -6.96 17.11 -17.87
N ALA D 716 -7.28 15.82 -17.89
CA ALA D 716 -8.65 15.37 -17.73
C ALA D 716 -9.18 15.59 -16.32
N ALA D 717 -8.39 15.22 -15.33
CA ALA D 717 -8.80 15.37 -13.94
C ALA D 717 -9.01 16.87 -13.66
N ILE D 718 -8.22 17.69 -14.35
CA ILE D 718 -8.34 19.13 -14.25
C ILE D 718 -9.63 19.58 -14.93
N LEU D 719 -9.94 18.96 -16.07
CA LEU D 719 -11.16 19.31 -16.82
C LEU D 719 -12.39 18.97 -15.99
N TYR D 720 -12.38 17.79 -15.36
CA TYR D 720 -13.49 17.40 -14.51
C TYR D 720 -13.57 18.36 -13.32
N SER D 721 -12.43 18.81 -12.81
CA SER D 721 -12.50 19.72 -11.70
C SER D 721 -13.22 20.97 -12.16
N ASN D 722 -12.83 21.46 -13.33
CA ASN D 722 -13.42 22.67 -13.87
C ASN D 722 -14.90 22.57 -14.09
N TYR D 723 -15.32 21.40 -14.56
CA TYR D 723 -16.73 21.11 -14.81
C TYR D 723 -17.55 21.23 -13.52
N ILE D 724 -17.06 20.62 -12.44
CA ILE D 724 -17.76 20.66 -11.17
C ILE D 724 -17.85 22.07 -10.63
N VAL D 725 -16.79 22.86 -10.77
CA VAL D 725 -16.87 24.20 -10.23
C VAL D 725 -17.95 24.96 -10.96
N ASN D 726 -18.04 24.75 -12.27
CA ASN D 726 -19.03 25.45 -13.07
C ASN D 726 -20.42 25.04 -12.72
N ARG D 727 -20.61 23.73 -12.57
CA ARG D 727 -21.93 23.26 -12.23
C ARG D 727 -22.34 23.93 -10.94
N LEU D 728 -21.44 23.92 -9.97
CA LEU D 728 -21.74 24.50 -8.68
C LEU D 728 -22.06 25.98 -8.80
N ARG D 729 -21.34 26.70 -9.66
CA ARG D 729 -21.55 28.14 -9.80
C ARG D 729 -22.75 28.54 -10.66
N GLY D 730 -23.05 27.72 -11.68
CA GLY D 730 -24.17 28.03 -12.56
C GLY D 730 -24.10 27.27 -13.88
N PHE D 731 -23.16 27.64 -14.73
CA PHE D 731 -22.96 27.02 -16.03
C PHE D 731 -22.86 25.52 -15.81
N GLU D 732 -23.44 24.71 -16.71
CA GLU D 732 -23.38 23.24 -16.59
C GLU D 732 -23.20 22.51 -17.91
N THR D 733 -22.01 22.02 -18.17
CA THR D 733 -21.76 21.27 -19.40
C THR D 733 -22.28 19.85 -19.13
N ASP D 734 -23.08 19.32 -20.05
CA ASP D 734 -23.66 17.98 -19.92
C ASP D 734 -22.61 16.97 -19.48
N ARG D 735 -22.87 16.28 -18.37
CA ARG D 735 -21.95 15.29 -17.78
C ARG D 735 -21.57 14.17 -18.72
N GLU D 736 -22.47 13.80 -19.62
CA GLU D 736 -22.17 12.76 -20.57
C GLU D 736 -21.02 13.19 -21.47
N PHE D 737 -20.99 14.46 -21.82
CA PHE D 737 -19.94 14.99 -22.68
C PHE D 737 -18.60 14.91 -21.96
N ILE D 738 -18.62 15.26 -20.69
CA ILE D 738 -17.41 15.21 -19.88
C ILE D 738 -16.93 13.79 -19.76
N LEU D 739 -17.85 12.85 -19.63
CA LEU D 739 -17.43 11.47 -19.52
C LEU D 739 -16.72 11.09 -20.81
N THR D 740 -17.24 11.59 -21.92
CA THR D 740 -16.67 11.29 -23.23
C THR D 740 -15.25 11.81 -23.34
N LYS D 741 -15.02 13.01 -22.83
CA LYS D 741 -13.69 13.61 -22.90
C LYS D 741 -12.68 12.81 -22.09
N ILE D 742 -13.11 12.40 -20.91
CA ILE D 742 -12.29 11.60 -20.01
C ILE D 742 -11.95 10.28 -20.70
N MET D 743 -12.90 9.76 -21.45
CA MET D 743 -12.70 8.52 -22.18
C MET D 743 -11.61 8.73 -23.23
N GLN D 744 -11.68 9.87 -23.92
CA GLN D 744 -10.70 10.20 -24.94
C GLN D 744 -9.33 10.55 -24.34
N MET D 745 -9.35 11.40 -23.33
CA MET D 745 -8.13 11.86 -22.66
C MET D 745 -7.31 10.85 -21.82
N THR D 746 -7.98 9.86 -21.23
CA THR D 746 -7.31 8.84 -20.42
C THR D 746 -6.76 7.68 -21.23
N SER D 747 -7.48 7.25 -22.24
CA SER D 747 -7.01 6.14 -23.05
C SER D 747 -5.56 6.29 -23.51
N VAL D 748 -4.87 5.16 -23.61
CA VAL D 748 -3.48 5.13 -24.06
C VAL D 748 -3.27 3.95 -24.99
N ALA D 749 -2.49 4.17 -26.05
CA ALA D 749 -2.22 3.13 -27.05
C ALA D 749 -0.95 2.35 -26.78
N ILE D 750 -1.03 1.03 -26.91
CA ILE D 750 0.14 0.19 -26.70
C ILE D 750 0.75 -0.16 -28.08
N THR D 751 -0.10 -0.15 -29.11
CA THR D 751 0.33 -0.40 -30.49
C THR D 751 -0.27 0.70 -31.37
N GLY D 752 -0.03 0.60 -32.66
CA GLY D 752 -0.58 1.59 -33.56
C GLY D 752 -2.03 1.36 -33.89
N SER D 753 -2.54 0.20 -33.49
CA SER D 753 -3.92 -0.14 -33.76
C SER D 753 -4.59 -0.75 -32.53
N LEU D 754 -4.12 -0.35 -31.36
CA LEU D 754 -4.66 -0.86 -30.11
C LEU D 754 -4.57 0.15 -28.98
N ARG D 755 -5.72 0.71 -28.62
CA ARG D 755 -5.79 1.66 -27.52
C ARG D 755 -6.32 0.92 -26.28
N LEU D 756 -5.97 1.40 -25.09
CA LEU D 756 -6.43 0.79 -23.84
C LEU D 756 -7.21 1.78 -22.98
N PHE D 757 -8.53 1.69 -23.03
CA PHE D 757 -9.36 2.61 -22.26
C PHE D 757 -9.55 2.14 -20.84
N PRO D 758 -8.99 2.88 -19.86
CA PRO D 758 -9.09 2.54 -18.45
C PRO D 758 -10.54 2.51 -18.00
N SER D 759 -10.85 1.62 -17.06
CA SER D 759 -12.20 1.46 -16.54
C SER D 759 -12.60 2.52 -15.53
N GLU D 760 -13.88 2.50 -15.16
CA GLU D 760 -14.44 3.44 -14.19
C GLU D 760 -13.81 3.21 -12.81
N ARG D 761 -13.61 1.95 -12.44
CA ARG D 761 -13.00 1.65 -11.15
C ARG D 761 -11.58 2.19 -11.13
N VAL D 762 -10.84 2.03 -12.23
CA VAL D 762 -9.49 2.54 -12.26
C VAL D 762 -9.51 4.05 -12.15
N LEU D 763 -10.42 4.66 -12.90
CA LEU D 763 -10.54 6.11 -12.93
C LEU D 763 -11.06 6.87 -11.71
N THR D 764 -12.02 6.30 -11.00
CA THR D 764 -12.59 6.98 -9.85
C THR D 764 -12.10 6.51 -8.48
N THR D 765 -11.45 5.37 -8.41
CA THR D 765 -10.96 4.88 -7.14
C THR D 765 -9.96 5.88 -6.59
N ASN D 766 -10.16 6.28 -5.35
CA ASN D 766 -9.28 7.26 -4.72
C ASN D 766 -7.80 6.89 -4.75
N SER D 767 -7.05 7.49 -5.68
CA SER D 767 -5.62 7.25 -5.84
C SER D 767 -4.91 8.43 -6.48
N THR D 768 -3.65 8.23 -6.86
CA THR D 768 -2.84 9.29 -7.49
C THR D 768 -3.14 9.43 -8.96
N PHE D 769 -4.11 8.64 -9.42
CA PHE D 769 -4.53 8.67 -10.82
C PHE D 769 -6.02 8.94 -10.90
N LYS D 770 -6.66 9.19 -9.76
CA LYS D 770 -8.09 9.43 -9.73
C LYS D 770 -8.44 10.68 -10.51
N VAL D 771 -9.32 10.52 -11.50
CA VAL D 771 -9.73 11.64 -12.34
C VAL D 771 -11.05 12.31 -11.95
N PHE D 772 -12.06 11.52 -11.57
CA PHE D 772 -13.36 12.08 -11.18
C PHE D 772 -14.07 11.22 -10.14
N ASP D 773 -15.39 11.38 -10.03
CA ASP D 773 -16.23 10.63 -9.09
C ASP D 773 -17.36 9.97 -9.87
N SER D 774 -17.88 8.86 -9.38
CA SER D 774 -18.94 8.17 -10.08
C SER D 774 -20.30 8.84 -9.83
N GLU D 775 -20.26 9.90 -9.05
CA GLU D 775 -21.44 10.68 -8.70
C GLU D 775 -20.95 12.04 -8.23
N ASP D 776 -21.00 13.03 -9.11
CA ASP D 776 -20.54 14.38 -8.76
C ASP D 776 -20.91 14.79 -7.35
N PHE D 777 -19.97 15.47 -6.70
CA PHE D 777 -20.16 15.98 -5.35
C PHE D 777 -20.03 14.93 -4.25
N ILE D 778 -19.85 13.68 -4.65
CA ILE D 778 -19.71 12.59 -3.69
C ILE D 778 -18.42 11.81 -3.87
N ILE D 779 -17.63 11.72 -2.81
CA ILE D 779 -16.37 10.98 -2.87
C ILE D 779 -16.50 9.60 -2.21
N GLU D 780 -16.14 8.52 -2.91
CA GLU D 780 -16.21 7.18 -2.34
C GLU D 780 -14.85 6.72 -1.84
N TYR D 781 -14.88 5.62 -1.10
CA TYR D 781 -13.68 5.01 -0.53
C TYR D 781 -13.82 3.50 -0.55
N GLY D 782 -12.73 2.82 -0.90
CA GLY D 782 -12.76 1.38 -0.98
C GLY D 782 -13.52 0.71 0.14
N THR D 783 -14.64 0.08 -0.21
CA THR D 783 -15.43 -0.60 0.78
C THR D 783 -15.39 -2.09 0.47
N THR D 784 -15.28 -2.42 -0.81
CA THR D 784 -15.22 -3.81 -1.21
C THR D 784 -13.77 -4.25 -1.20
N VAL D 785 -13.58 -5.57 -1.19
CA VAL D 785 -12.24 -6.17 -1.20
C VAL D 785 -11.50 -5.78 -2.48
N ASP D 786 -12.22 -5.78 -3.60
CA ASP D 786 -11.62 -5.45 -4.87
C ASP D 786 -11.07 -4.03 -4.87
N GLU D 787 -11.85 -3.08 -4.36
CA GLU D 787 -11.40 -1.70 -4.36
C GLU D 787 -10.11 -1.56 -3.58
N VAL D 788 -10.07 -2.18 -2.41
CA VAL D 788 -8.88 -2.12 -1.60
C VAL D 788 -7.75 -2.91 -2.24
N TYR D 789 -8.08 -4.05 -2.83
CA TYR D 789 -7.08 -4.90 -3.47
C TYR D 789 -6.40 -4.05 -4.54
N ILE D 790 -7.20 -3.38 -5.34
CA ILE D 790 -6.68 -2.51 -6.40
C ILE D 790 -6.08 -1.26 -5.80
N GLN D 791 -6.66 -0.78 -4.70
CA GLN D 791 -6.19 0.44 -4.06
C GLN D 791 -4.74 0.31 -3.59
N ARG D 792 -4.40 -0.80 -2.94
CA ARG D 792 -3.04 -1.04 -2.47
C ARG D 792 -2.11 -1.25 -3.65
N ALA D 793 -2.65 -1.88 -4.69
CA ALA D 793 -1.89 -2.15 -5.90
C ALA D 793 -1.49 -0.88 -6.66
N PHE D 794 -2.38 0.10 -6.72
CA PHE D 794 -2.06 1.34 -7.43
C PHE D 794 -0.96 2.15 -6.77
N MET D 795 -0.97 2.20 -5.45
CA MET D 795 0.02 3.00 -4.73
C MET D 795 1.41 2.57 -5.15
N SER D 796 1.60 1.28 -5.38
CA SER D 796 2.89 0.74 -5.79
C SER D 796 3.59 1.62 -6.83
N LEU D 797 3.11 1.57 -8.06
CA LEU D 797 3.70 2.37 -9.14
C LEU D 797 3.25 3.83 -9.10
N SER D 798 3.21 4.43 -7.90
CA SER D 798 2.78 5.81 -7.74
C SER D 798 3.94 6.78 -8.00
N SER D 799 5.07 6.52 -7.35
CA SER D 799 6.24 7.37 -7.52
C SER D 799 7.39 6.58 -8.13
N GLN D 800 7.63 6.81 -9.41
CA GLN D 800 8.69 6.13 -10.13
C GLN D 800 9.86 7.06 -10.36
N LYS D 801 11.01 6.69 -9.79
CA LYS D 801 12.24 7.48 -9.89
C LYS D 801 12.47 8.09 -11.28
N SER D 802 13.21 9.20 -11.30
CA SER D 802 13.55 9.87 -12.55
C SER D 802 15.06 9.83 -12.74
N GLY D 803 15.50 9.24 -13.85
CA GLY D 803 16.91 9.13 -14.13
C GLY D 803 17.56 10.48 -14.40
N ILE D 804 17.12 11.48 -13.65
CA ILE D 804 17.64 12.84 -13.78
C ILE D 804 17.52 13.52 -12.42
N ALA D 805 16.38 13.33 -11.77
CA ALA D 805 16.12 13.93 -10.46
C ALA D 805 17.01 13.40 -9.34
N ASP D 806 17.74 12.33 -9.63
CA ASP D 806 18.63 11.72 -8.64
C ASP D 806 20.07 12.19 -8.88
N GLU D 807 20.48 12.15 -10.14
CA GLU D 807 21.83 12.55 -10.54
C GLU D 807 22.06 14.02 -10.19
N ILE D 808 20.99 14.80 -10.25
CA ILE D 808 21.05 16.23 -9.95
C ILE D 808 21.42 16.46 -8.48
N ALA D 809 21.01 15.52 -7.63
CA ALA D 809 21.32 15.61 -6.21
C ALA D 809 22.67 14.96 -5.97
N ALA D 810 23.27 14.45 -7.05
CA ALA D 810 24.56 13.79 -6.98
C ALA D 810 25.73 14.74 -7.23
N SER D 811 25.45 15.88 -7.83
CA SER D 811 26.49 16.88 -8.12
C SER D 811 26.80 17.69 -6.87
N SER D 812 28.00 18.28 -6.84
CA SER D 812 28.43 19.09 -5.71
C SER D 812 27.50 20.26 -5.50
N THR D 813 26.86 20.69 -6.59
CA THR D 813 25.94 21.82 -6.56
C THR D 813 24.79 21.59 -5.60
N PHE D 814 24.07 20.49 -5.80
CA PHE D 814 22.94 20.16 -4.95
C PHE D 814 23.39 19.96 -3.50
N LYS D 815 24.46 19.22 -3.31
CA LYS D 815 24.98 18.95 -1.97
C LYS D 815 25.42 20.24 -1.26
N ASN D 816 26.08 21.13 -2.00
CA ASN D 816 26.54 22.40 -1.43
C ASN D 816 25.38 23.32 -1.08
N TYR D 817 24.38 23.34 -1.96
CA TYR D 817 23.20 24.17 -1.78
C TYR D 817 22.40 23.74 -0.56
N VAL D 818 22.20 22.44 -0.41
CA VAL D 818 21.45 21.89 0.72
C VAL D 818 22.21 22.12 2.01
N THR D 819 23.50 21.80 1.99
CA THR D 819 24.35 21.95 3.15
C THR D 819 24.48 23.42 3.49
N ARG D 820 24.65 24.24 2.46
CA ARG D 820 24.81 25.67 2.69
C ARG D 820 23.57 26.22 3.36
N LEU D 821 22.40 25.79 2.92
CA LEU D 821 21.16 26.27 3.53
C LEU D 821 21.04 25.75 4.95
N SER D 822 21.36 24.47 5.13
CA SER D 822 21.27 23.86 6.45
C SER D 822 22.27 24.40 7.47
N GLU D 823 23.52 24.56 7.06
CA GLU D 823 24.57 25.06 7.95
C GLU D 823 24.15 26.31 8.73
N GLN D 824 23.20 27.05 8.19
CA GLN D 824 22.70 28.26 8.85
C GLN D 824 21.29 28.04 9.37
N LEU D 825 20.91 26.77 9.47
CA LEU D 825 19.59 26.39 9.93
C LEU D 825 19.65 25.32 11.02
N LEU D 826 20.74 24.56 11.07
CA LEU D 826 20.88 23.48 12.03
C LEU D 826 22.03 23.60 13.04
N PHE D 827 21.96 22.78 14.08
CA PHE D 827 22.98 22.75 15.15
C PHE D 827 23.28 21.29 15.51
N SER D 828 22.25 20.54 15.87
CA SER D 828 22.38 19.12 16.24
C SER D 828 22.29 18.25 14.99
N LYS D 829 21.66 17.08 15.13
CA LYS D 829 21.50 16.17 13.99
C LYS D 829 20.11 16.27 13.37
N ASN D 830 19.94 17.34 12.59
CA ASN D 830 18.74 17.73 11.87
C ASN D 830 18.15 16.87 10.76
N ASN D 831 18.86 15.84 10.32
CA ASN D 831 18.45 15.04 9.15
C ASN D 831 16.96 14.80 8.94
N ILE D 832 16.13 14.79 9.98
CA ILE D 832 14.70 14.62 9.71
C ILE D 832 14.32 15.83 8.83
N VAL D 833 14.84 17.00 9.21
CA VAL D 833 14.63 18.25 8.48
C VAL D 833 15.41 18.22 7.18
N SER D 834 16.62 17.68 7.25
CA SER D 834 17.50 17.59 6.09
C SER D 834 16.95 16.69 4.97
N ARG D 835 16.37 15.55 5.35
CA ARG D 835 15.83 14.63 4.36
C ARG D 835 14.69 15.27 3.58
N GLY D 836 13.87 16.04 4.27
CA GLY D 836 12.73 16.71 3.66
C GLY D 836 13.08 17.80 2.65
N ILE D 837 14.11 18.57 2.95
CA ILE D 837 14.53 19.66 2.08
C ILE D 837 14.93 19.13 0.71
N ALA D 838 15.64 18.01 0.70
CA ALA D 838 16.11 17.42 -0.55
C ALA D 838 14.94 17.01 -1.45
N LEU D 839 13.96 16.34 -0.85
CA LEU D 839 12.79 15.89 -1.59
C LEU D 839 11.94 17.10 -1.96
N THR D 840 12.06 18.17 -1.19
CA THR D 840 11.31 19.39 -1.46
C THR D 840 11.66 19.88 -2.86
N GLU D 841 12.91 19.63 -3.25
CA GLU D 841 13.40 20.03 -4.57
C GLU D 841 13.16 18.91 -5.57
N LYS D 842 13.36 17.68 -5.13
CA LYS D 842 13.17 16.50 -5.98
C LYS D 842 11.71 16.31 -6.33
N ALA D 843 10.84 17.15 -5.77
CA ALA D 843 9.41 17.07 -6.03
C ALA D 843 8.97 18.07 -7.08
N LYS D 844 9.77 19.11 -7.28
CA LYS D 844 9.48 20.15 -8.26
C LYS D 844 10.39 19.98 -9.48
N LEU D 845 11.60 19.47 -9.23
CA LEU D 845 12.59 19.25 -10.28
C LEU D 845 12.03 18.61 -11.55
N ASN D 846 11.06 17.71 -11.38
CA ASN D 846 10.42 17.03 -12.51
C ASN D 846 9.90 18.03 -13.55
N SER D 847 9.50 19.20 -13.08
CA SER D 847 8.99 20.26 -13.95
C SER D 847 9.82 20.29 -15.23
N TYR D 848 11.14 20.41 -15.06
CA TYR D 848 12.06 20.45 -16.18
C TYR D 848 11.66 19.35 -17.17
N ALA D 849 11.22 19.77 -18.35
CA ALA D 849 10.77 18.87 -19.42
C ALA D 849 11.44 17.50 -19.45
N PRO D 850 12.78 17.46 -19.59
CA PRO D 850 13.49 16.18 -19.63
C PRO D 850 13.17 15.24 -18.46
N ILE D 851 12.62 15.79 -17.38
CA ILE D 851 12.27 15.00 -16.20
C ILE D 851 10.76 14.68 -16.15
N SER D 852 9.93 15.70 -16.44
CA SER D 852 8.48 15.50 -16.45
C SER D 852 8.10 14.57 -17.58
N LEU D 853 8.74 14.79 -18.74
CA LEU D 853 8.54 13.98 -19.95
C LEU D 853 9.11 12.57 -19.80
N GLU D 854 10.26 12.46 -19.15
CA GLU D 854 10.90 11.17 -18.91
C GLU D 854 10.05 10.35 -17.94
N LYS D 855 9.57 11.02 -16.89
CA LYS D 855 8.72 10.37 -15.90
C LYS D 855 7.35 10.00 -16.49
N ARG D 856 6.78 10.92 -17.27
CA ARG D 856 5.48 10.73 -17.89
C ARG D 856 5.49 9.61 -18.94
N ARG D 857 6.52 9.56 -19.78
CA ARG D 857 6.64 8.52 -20.82
C ARG D 857 6.92 7.14 -20.23
N ALA D 858 7.78 7.11 -19.21
CA ALA D 858 8.14 5.89 -18.50
C ALA D 858 6.95 5.32 -17.72
N GLN D 859 6.13 6.22 -17.17
CA GLN D 859 4.95 5.86 -16.40
C GLN D 859 3.95 5.05 -17.23
N ILE D 860 3.88 5.34 -18.52
CA ILE D 860 3.00 4.64 -19.44
C ILE D 860 3.35 3.15 -19.53
N SER D 861 4.64 2.84 -19.61
CA SER D 861 5.09 1.46 -19.71
C SER D 861 4.72 0.69 -18.45
N ALA D 862 4.92 1.33 -17.31
CA ALA D 862 4.59 0.73 -16.02
C ALA D 862 3.09 0.62 -15.87
N LEU D 863 2.38 1.68 -16.26
CA LEU D 863 0.91 1.71 -16.15
C LEU D 863 0.24 0.66 -17.02
N LEU D 864 0.68 0.51 -18.26
CA LEU D 864 0.09 -0.46 -19.18
C LEU D 864 0.31 -1.87 -18.65
N THR D 865 1.53 -2.13 -18.20
CA THR D 865 1.89 -3.42 -17.65
C THR D 865 1.12 -3.66 -16.35
N MET D 866 0.90 -2.59 -15.60
CA MET D 866 0.21 -2.68 -14.31
C MET D 866 -1.18 -3.27 -14.45
N LEU D 867 -1.92 -2.84 -15.46
CA LEU D 867 -3.25 -3.37 -15.67
C LEU D 867 -3.15 -4.87 -15.97
N GLN D 868 -2.13 -5.27 -16.72
CA GLN D 868 -1.94 -6.66 -17.09
C GLN D 868 -2.02 -7.62 -15.90
N LYS D 869 -0.92 -7.77 -15.14
CA LYS D 869 -0.91 -8.68 -14.02
C LYS D 869 -0.16 -8.21 -12.78
N PRO D 870 -0.85 -8.14 -11.63
CA PRO D 870 -0.31 -7.71 -10.33
C PRO D 870 -0.06 -8.91 -9.43
N VAL D 871 -1.02 -9.17 -8.53
CA VAL D 871 -1.00 -10.27 -7.56
C VAL D 871 0.25 -10.43 -6.69
N THR D 872 1.24 -9.56 -6.88
CA THR D 872 2.46 -9.65 -6.08
C THR D 872 2.89 -8.32 -5.45
N PHE D 873 2.24 -7.96 -4.34
CA PHE D 873 2.55 -6.70 -3.66
C PHE D 873 2.70 -6.88 -2.14
N LYS D 874 3.78 -6.34 -1.60
CA LYS D 874 4.05 -6.44 -0.16
C LYS D 874 3.46 -5.24 0.57
N SER D 875 2.13 -5.15 0.57
CA SER D 875 1.43 -4.07 1.24
C SER D 875 1.73 -4.06 2.73
N SER D 876 1.72 -2.87 3.32
CA SER D 876 1.98 -2.72 4.75
C SER D 876 1.63 -1.31 5.17
N LYS D 877 1.53 -0.42 4.19
CA LYS D 877 1.19 0.97 4.45
C LYS D 877 -0.32 1.14 4.50
N ILE D 878 -0.79 1.94 5.45
CA ILE D 878 -2.22 2.17 5.58
C ILE D 878 -2.63 3.59 5.27
N THR D 879 -3.84 3.71 4.71
CA THR D 879 -4.39 4.99 4.31
C THR D 879 -5.80 5.19 4.85
N ILE D 880 -6.40 6.32 4.49
CA ILE D 880 -7.74 6.67 4.92
C ILE D 880 -8.69 5.55 4.49
N ASN D 881 -8.41 4.97 3.34
CA ASN D 881 -9.25 3.89 2.82
C ASN D 881 -9.27 2.72 3.77
N ASP D 882 -8.10 2.38 4.30
CA ASP D 882 -7.99 1.27 5.23
C ASP D 882 -8.63 1.62 6.57
N ILE D 883 -8.43 2.84 7.03
CA ILE D 883 -9.00 3.24 8.32
C ILE D 883 -10.51 3.31 8.27
N LEU D 884 -11.04 3.95 7.24
CA LEU D 884 -12.48 4.10 7.11
C LEU D 884 -13.17 2.77 6.94
N ARG D 885 -12.55 1.88 6.17
CA ARG D 885 -13.13 0.57 5.93
C ARG D 885 -13.33 -0.14 7.26
N ASP D 886 -12.43 0.09 8.20
CA ASP D 886 -12.53 -0.54 9.50
C ASP D 886 -13.75 -0.08 10.29
N ILE D 887 -13.97 1.24 10.32
CA ILE D 887 -15.08 1.81 11.08
C ILE D 887 -16.47 1.50 10.55
N LYS D 888 -16.58 1.30 9.24
CA LYS D 888 -17.88 1.06 8.63
C LYS D 888 -18.80 0.08 9.36
N PRO D 889 -18.33 -1.16 9.60
CA PRO D 889 -19.11 -2.20 10.28
C PRO D 889 -19.69 -1.85 11.66
N PHE D 890 -19.13 -0.84 12.31
CA PHE D 890 -19.57 -0.44 13.64
C PHE D 890 -20.62 0.66 13.67
N PHE D 891 -21.06 1.09 12.49
CA PHE D 891 -22.06 2.14 12.40
C PHE D 891 -23.42 1.56 12.02
N THR D 892 -24.43 1.91 12.80
CA THR D 892 -25.78 1.42 12.53
C THR D 892 -26.67 2.53 11.98
N VAL D 893 -26.99 2.44 10.69
CA VAL D 893 -27.81 3.46 10.05
C VAL D 893 -29.32 3.25 10.13
N SER D 894 -30.05 4.33 10.33
CA SER D 894 -31.50 4.28 10.41
C SER D 894 -32.11 5.58 9.91
N ASP D 895 -33.18 5.47 9.13
CA ASP D 895 -33.84 6.64 8.60
C ASP D 895 -34.11 7.70 9.63
N ALA D 896 -33.75 8.92 9.29
CA ALA D 896 -33.94 10.08 10.15
C ALA D 896 -34.51 11.19 9.26
N HIS D 897 -35.00 12.25 9.87
CA HIS D 897 -35.57 13.34 9.08
C HIS D 897 -35.06 14.71 9.49
N LEU D 898 -34.80 15.54 8.48
CA LEU D 898 -34.31 16.89 8.68
C LEU D 898 -35.12 17.89 7.84
N PRO D 899 -35.69 18.90 8.50
CA PRO D 899 -36.49 19.93 7.86
C PRO D 899 -35.65 21.04 7.29
N ILE D 900 -36.15 21.68 6.25
CA ILE D 900 -35.44 22.79 5.61
C ILE D 900 -35.79 24.07 6.35
N GLN D 901 -34.78 24.71 6.95
CA GLN D 901 -35.04 25.93 7.69
C GLN D 901 -34.27 27.15 7.23
N TYR D 902 -33.06 26.95 6.72
CA TYR D 902 -32.22 28.04 6.25
C TYR D 902 -32.58 28.40 4.83
N GLN D 903 -32.78 29.69 4.57
CA GLN D 903 -33.13 30.17 3.24
C GLN D 903 -31.99 30.04 2.25
N LYS D 904 -32.23 30.49 1.03
CA LYS D 904 -31.21 30.41 -0.01
C LYS D 904 -30.51 31.75 -0.21
N PHE D 905 -29.21 31.67 -0.52
CA PHE D 905 -28.40 32.86 -0.75
C PHE D 905 -27.42 32.64 -1.91
N MET D 906 -27.32 31.41 -2.39
CA MET D 906 -26.44 31.08 -3.52
C MET D 906 -27.32 30.29 -4.48
N PRO D 907 -28.38 30.93 -4.98
CA PRO D 907 -29.36 30.38 -5.90
C PRO D 907 -28.88 29.48 -7.02
N THR D 908 -27.60 29.51 -7.36
CA THR D 908 -27.13 28.68 -8.45
C THR D 908 -26.81 27.24 -8.08
N LEU D 909 -26.50 27.02 -6.82
CA LEU D 909 -26.17 25.68 -6.36
C LEU D 909 -27.18 24.64 -6.80
N PRO D 910 -26.69 23.53 -7.37
CA PRO D 910 -27.56 22.44 -7.83
C PRO D 910 -28.45 22.04 -6.67
N ASP D 911 -29.70 21.70 -6.98
CA ASP D 911 -30.65 21.33 -5.94
C ASP D 911 -30.11 20.35 -4.90
N ASN D 912 -29.48 19.27 -5.32
CA ASN D 912 -29.00 18.35 -4.29
C ASN D 912 -27.99 19.03 -3.36
N VAL D 913 -27.12 19.89 -3.90
CA VAL D 913 -26.15 20.59 -3.05
C VAL D 913 -26.84 21.63 -2.16
N GLN D 914 -27.76 22.37 -2.76
CA GLN D 914 -28.48 23.43 -2.07
C GLN D 914 -29.30 22.88 -0.92
N TYR D 915 -29.81 21.66 -1.08
CA TYR D 915 -30.62 21.02 -0.06
C TYR D 915 -29.88 20.84 1.26
N ILE D 916 -28.59 20.51 1.20
CA ILE D 916 -27.80 20.33 2.42
C ILE D 916 -27.68 21.62 3.20
N ILE D 917 -27.43 22.71 2.49
CA ILE D 917 -27.31 24.01 3.12
C ILE D 917 -28.65 24.44 3.72
N GLN D 918 -29.74 24.10 3.04
CA GLN D 918 -31.11 24.43 3.50
C GLN D 918 -31.42 23.76 4.82
N CYS D 919 -30.85 22.57 5.04
CA CYS D 919 -31.06 21.83 6.26
C CYS D 919 -30.02 22.03 7.34
N ILE D 920 -28.73 21.98 7.00
CA ILE D 920 -27.72 22.15 8.02
C ILE D 920 -26.96 23.49 7.99
N GLY D 921 -27.16 24.28 6.96
CA GLY D 921 -26.49 25.56 6.92
C GLY D 921 -25.13 25.54 6.25
N SER D 922 -24.43 26.68 6.31
CA SER D 922 -23.10 26.78 5.69
C SER D 922 -22.16 27.57 6.54
N ARG D 923 -20.86 27.41 6.30
CA ARG D 923 -19.88 28.16 7.08
C ARG D 923 -19.21 29.30 6.35
N THR D 924 -18.75 30.31 7.08
CA THR D 924 -18.06 31.40 6.45
C THR D 924 -16.60 31.34 6.88
N TYR D 925 -16.09 30.13 7.05
CA TYR D 925 -14.71 29.93 7.46
C TYR D 925 -14.10 28.67 6.87
N GLN D 926 -12.77 28.63 6.87
CA GLN D 926 -11.99 27.50 6.36
C GLN D 926 -11.57 26.64 7.54
N ILE D 927 -11.52 25.34 7.35
CA ILE D 927 -11.13 24.44 8.42
C ILE D 927 -9.63 24.19 8.46
N GLU D 928 -8.97 24.72 9.48
CA GLU D 928 -7.53 24.54 9.69
C GLU D 928 -7.06 23.17 9.17
N ASP D 929 -6.34 23.16 8.06
CA ASP D 929 -5.87 21.91 7.48
C ASP D 929 -4.35 21.88 7.26
N ASP D 930 -3.60 22.57 8.11
CA ASP D 930 -2.16 22.62 7.97
C ASP D 930 -1.43 22.60 9.31
N GLY D 931 -2.21 22.60 10.40
CA GLY D 931 -1.60 22.58 11.74
C GLY D 931 -1.02 23.92 12.14
N SER D 932 -1.22 24.92 11.30
CA SER D 932 -0.72 26.26 11.54
C SER D 932 -1.13 26.81 12.90
N LYS D 933 -2.27 26.36 13.40
CA LYS D 933 -2.77 26.86 14.69
C LYS D 933 -2.47 25.94 15.88
N SER D 934 -1.26 25.39 15.93
CA SER D 934 -0.85 24.52 17.02
C SER D 934 0.31 25.19 17.77
N ALA D 935 0.43 24.87 19.05
CA ALA D 935 1.45 25.46 19.89
C ALA D 935 2.87 25.13 19.44
N ILE D 936 3.10 23.89 19.02
CA ILE D 936 4.43 23.50 18.58
C ILE D 936 4.83 24.30 17.35
N SER D 937 3.89 24.45 16.43
CA SER D 937 4.18 25.18 15.21
C SER D 937 4.57 26.61 15.57
N ARG D 938 3.78 27.22 16.45
CA ARG D 938 4.02 28.60 16.85
C ARG D 938 5.40 28.71 17.44
N LEU D 939 5.78 27.72 18.22
CA LEU D 939 7.10 27.75 18.86
C LEU D 939 8.19 27.64 17.80
N ILE D 940 8.02 26.75 16.85
CA ILE D 940 9.01 26.57 15.80
C ILE D 940 9.15 27.88 15.03
N SER D 941 8.03 28.57 14.84
CA SER D 941 8.01 29.86 14.14
C SER D 941 8.55 31.03 14.94
N LYS D 942 8.26 31.05 16.24
CA LYS D 942 8.71 32.15 17.11
C LYS D 942 10.21 32.34 17.12
N TYR D 943 10.95 31.25 17.04
CA TYR D 943 12.41 31.32 17.07
C TYR D 943 13.07 30.99 15.75
N SER D 944 12.66 29.90 15.10
CA SER D 944 13.25 29.53 13.81
C SER D 944 12.39 30.07 12.65
N VAL D 945 13.01 30.19 11.48
CA VAL D 945 12.34 30.69 10.29
C VAL D 945 11.83 29.52 9.45
N TYR D 946 12.32 28.34 9.77
CA TYR D 946 11.92 27.12 9.08
C TYR D 946 10.40 26.93 9.19
N LYS D 947 9.82 26.22 8.23
CA LYS D 947 8.40 25.96 8.22
C LYS D 947 8.14 24.53 7.79
N PRO D 948 7.87 23.65 8.77
CA PRO D 948 7.59 22.23 8.50
C PRO D 948 6.12 22.05 8.11
N SER D 949 5.87 21.27 7.06
CA SER D 949 4.52 21.03 6.57
C SER D 949 3.68 20.29 7.60
N ILE D 950 2.42 20.06 7.27
CA ILE D 950 1.52 19.33 8.16
C ILE D 950 2.08 17.94 8.31
N GLU D 951 2.60 17.38 7.22
CA GLU D 951 3.15 16.03 7.23
C GLU D 951 4.30 15.92 8.23
N GLU D 952 5.18 16.91 8.22
CA GLU D 952 6.31 16.89 9.12
C GLU D 952 5.85 17.04 10.57
N LEU D 953 4.91 17.95 10.80
CA LEU D 953 4.40 18.15 12.14
C LEU D 953 3.73 16.86 12.60
N TYR D 954 3.07 16.18 11.66
CA TYR D 954 2.39 14.93 11.95
C TYR D 954 3.40 13.84 12.34
N LYS D 955 4.49 13.73 11.58
CA LYS D 955 5.50 12.72 11.89
C LYS D 955 6.22 13.07 13.19
N VAL D 956 6.54 14.35 13.35
CA VAL D 956 7.24 14.83 14.54
C VAL D 956 6.43 14.65 15.80
N ILE D 957 5.13 14.97 15.73
CA ILE D 957 4.24 14.85 16.87
C ILE D 957 4.13 13.38 17.30
N SER D 958 4.16 12.49 16.33
CA SER D 958 4.08 11.06 16.60
C SER D 958 5.36 10.52 17.23
N LEU D 959 6.28 11.40 17.61
CA LEU D 959 7.54 10.97 18.21
C LEU D 959 7.55 10.95 19.72
N HIS D 960 8.63 10.41 20.29
CA HIS D 960 8.80 10.33 21.74
C HIS D 960 9.26 11.67 22.28
N GLU D 961 8.82 11.99 23.49
CA GLU D 961 9.16 13.25 24.14
C GLU D 961 10.64 13.62 24.02
N ASN D 962 11.51 12.63 24.16
CA ASN D 962 12.96 12.84 24.08
C ASN D 962 13.40 13.32 22.70
N GLU D 963 12.87 12.69 21.66
CA GLU D 963 13.21 13.04 20.29
C GLU D 963 12.70 14.42 19.88
N ILE D 964 11.45 14.72 20.26
CA ILE D 964 10.80 15.98 19.93
C ILE D 964 11.54 17.16 20.53
N GLN D 965 12.10 16.99 21.72
CA GLN D 965 12.83 18.05 22.40
C GLN D 965 14.06 18.49 21.59
N LEU D 966 14.79 17.53 21.04
CA LEU D 966 15.99 17.79 20.23
C LEU D 966 15.64 18.52 18.93
N TYR D 967 14.49 18.17 18.35
CA TYR D 967 14.02 18.74 17.10
C TYR D 967 13.91 20.25 17.27
N LEU D 968 13.29 20.69 18.37
CA LEU D 968 13.13 22.12 18.66
C LEU D 968 14.48 22.80 18.83
N ILE D 969 15.38 22.12 19.55
CA ILE D 969 16.70 22.65 19.80
C ILE D 969 17.42 22.77 18.48
N SER D 970 17.34 21.72 17.67
CA SER D 970 18.01 21.68 16.37
C SER D 970 17.65 22.87 15.48
N LEU D 971 16.48 23.44 15.71
CA LEU D 971 16.00 24.58 14.93
C LEU D 971 16.34 25.91 15.59
N GLY D 972 16.46 25.89 16.92
CA GLY D 972 16.80 27.12 17.61
C GLY D 972 15.96 27.48 18.81
N ILE D 973 14.88 26.75 19.07
CA ILE D 973 14.05 27.06 20.23
C ILE D 973 14.94 26.97 21.46
N PRO D 974 14.81 27.93 22.41
CA PRO D 974 15.61 27.93 23.64
C PRO D 974 15.25 26.72 24.51
N LYS D 975 16.27 26.12 25.15
CA LYS D 975 16.07 24.92 25.95
C LYS D 975 15.10 25.08 27.10
N ILE D 976 15.11 26.22 27.78
CA ILE D 976 14.20 26.42 28.89
C ILE D 976 12.78 26.30 28.34
N ASP D 977 12.55 26.98 27.21
CA ASP D 977 11.26 26.97 26.54
C ASP D 977 10.93 25.64 25.86
N ALA D 978 11.94 25.03 25.26
CA ALA D 978 11.75 23.75 24.58
C ALA D 978 11.34 22.68 25.58
N ASP D 979 11.99 22.67 26.72
CA ASP D 979 11.70 21.69 27.77
C ASP D 979 10.30 21.89 28.34
N THR D 980 9.87 23.14 28.46
CA THR D 980 8.54 23.44 28.99
C THR D 980 7.43 22.86 28.10
N TYR D 981 7.61 22.92 26.79
CA TYR D 981 6.61 22.37 25.89
C TYR D 981 6.54 20.84 25.97
N VAL D 982 7.70 20.19 25.89
CA VAL D 982 7.77 18.73 25.91
C VAL D 982 6.94 18.05 27.00
N GLY D 983 6.91 18.65 28.17
CA GLY D 983 6.14 18.05 29.25
C GLY D 983 4.73 18.57 29.21
N SER D 984 4.61 19.88 29.35
CA SER D 984 3.33 20.60 29.36
C SER D 984 2.12 19.86 28.78
N LYS D 985 0.98 20.14 29.38
CA LYS D 985 -0.30 19.56 28.98
C LYS D 985 -0.63 20.00 27.54
N ILE D 986 -0.25 21.22 27.20
CA ILE D 986 -0.53 21.79 25.88
C ILE D 986 0.04 20.91 24.76
N TYR D 987 1.19 20.29 25.01
CA TYR D 987 1.80 19.42 24.02
C TYR D 987 0.89 18.22 23.70
N SER D 988 0.24 17.68 24.72
CA SER D 988 -0.63 16.53 24.52
C SER D 988 -1.78 16.89 23.59
N ARG D 989 -2.38 18.06 23.83
CA ARG D 989 -3.50 18.55 23.04
C ARG D 989 -3.00 18.79 21.64
N ASP D 990 -1.79 19.35 21.55
CA ASP D 990 -1.18 19.66 20.28
C ASP D 990 -1.03 18.38 19.46
N LYS D 991 -0.96 17.25 20.15
CA LYS D 991 -0.84 15.97 19.45
C LYS D 991 -2.17 15.70 18.75
N TYR D 992 -3.27 16.11 19.38
CA TYR D 992 -4.60 15.92 18.82
C TYR D 992 -4.84 16.84 17.63
N ARG D 993 -4.44 18.10 17.77
CA ARG D 993 -4.65 19.07 16.71
C ARG D 993 -3.86 18.81 15.42
N ILE D 994 -2.63 18.32 15.55
CA ILE D 994 -1.83 18.03 14.37
C ILE D 994 -2.55 16.95 13.57
N LEU D 995 -3.08 15.95 14.25
CA LEU D 995 -3.78 14.86 13.57
C LEU D 995 -5.04 15.36 12.92
N GLU D 996 -5.73 16.26 13.59
CA GLU D 996 -6.97 16.76 13.02
C GLU D 996 -6.67 17.45 11.69
N SER D 997 -5.67 18.33 11.67
CA SER D 997 -5.34 19.04 10.45
C SER D 997 -4.94 18.06 9.35
N TYR D 998 -4.16 17.04 9.71
CA TYR D 998 -3.73 16.06 8.73
C TYR D 998 -4.93 15.30 8.14
N VAL D 999 -5.87 14.92 8.98
CA VAL D 999 -7.05 14.19 8.54
C VAL D 999 -7.95 14.99 7.65
N TYR D 1000 -8.20 16.22 8.04
CA TYR D 1000 -9.06 17.11 7.26
C TYR D 1000 -8.41 17.36 5.91
N ASN D 1001 -7.09 17.44 5.89
CA ASN D 1001 -6.41 17.67 4.63
C ASN D 1001 -6.69 16.49 3.70
N LEU D 1002 -6.61 15.28 4.24
CA LEU D 1002 -6.84 14.08 3.44
C LEU D 1002 -8.26 13.87 3.01
N LEU D 1003 -9.17 14.68 3.53
CA LEU D 1003 -10.57 14.54 3.17
C LEU D 1003 -11.00 15.73 2.33
N SER D 1004 -10.05 16.57 2.01
CA SER D 1004 -10.31 17.75 1.18
C SER D 1004 -11.51 18.47 1.72
N ILE D 1005 -11.70 18.41 3.02
CA ILE D 1005 -12.84 19.04 3.64
C ILE D 1005 -12.90 20.53 3.35
N ASN D 1006 -11.80 21.09 2.88
CA ASN D 1006 -11.75 22.52 2.56
C ASN D 1006 -11.93 22.86 1.08
N TYR D 1007 -11.78 21.87 0.22
CA TYR D 1007 -11.93 22.08 -1.21
C TYR D 1007 -13.33 21.67 -1.62
N GLY D 1008 -13.48 21.14 -2.83
CA GLY D 1008 -14.78 20.70 -3.32
C GLY D 1008 -16.05 21.40 -2.84
N CYS D 1009 -17.14 20.66 -2.80
CA CYS D 1009 -18.42 21.22 -2.35
C CYS D 1009 -18.53 21.21 -0.83
N TYR D 1010 -17.73 20.37 -0.16
CA TYR D 1010 -17.76 20.32 1.29
C TYR D 1010 -17.40 21.65 1.92
N GLN D 1011 -16.61 22.46 1.24
CA GLN D 1011 -16.21 23.73 1.84
C GLN D 1011 -17.40 24.65 2.05
N LEU D 1012 -18.54 24.27 1.50
CA LEU D 1012 -19.76 25.08 1.62
C LEU D 1012 -20.71 24.55 2.69
N PHE D 1013 -20.33 23.45 3.33
CA PHE D 1013 -21.16 22.80 4.36
C PHE D 1013 -20.69 23.07 5.76
N ASP D 1014 -21.63 23.40 6.64
CA ASP D 1014 -21.32 23.67 8.02
C ASP D 1014 -21.24 22.29 8.67
N PHE D 1015 -20.02 21.75 8.77
CA PHE D 1015 -19.80 20.41 9.36
C PHE D 1015 -19.93 20.37 10.84
N ASN D 1016 -20.32 21.48 11.44
CA ASN D 1016 -20.50 21.52 12.87
C ASN D 1016 -21.90 22.02 13.13
N SER D 1017 -22.73 21.85 12.11
CA SER D 1017 -24.12 22.23 12.17
C SER D 1017 -24.82 21.51 13.28
N PRO D 1018 -25.61 22.22 14.07
CA PRO D 1018 -26.34 21.61 15.17
C PRO D 1018 -27.30 20.59 14.58
N ASP D 1019 -27.80 20.92 13.41
CA ASP D 1019 -28.72 20.05 12.71
C ASP D 1019 -28.08 18.75 12.25
N LEU D 1020 -26.83 18.81 11.79
CA LEU D 1020 -26.08 17.61 11.38
C LEU D 1020 -25.63 16.78 12.57
N GLU D 1021 -25.22 17.48 13.64
CA GLU D 1021 -24.73 16.83 14.85
C GLU D 1021 -25.77 15.92 15.50
N LYS D 1022 -27.03 16.34 15.50
CA LYS D 1022 -28.09 15.54 16.10
C LYS D 1022 -28.23 14.20 15.36
N LEU D 1023 -28.09 14.22 14.04
CA LEU D 1023 -28.20 13.00 13.26
C LEU D 1023 -27.10 11.97 13.59
N ILE D 1024 -26.10 12.36 14.38
CA ILE D 1024 -25.05 11.43 14.74
C ILE D 1024 -25.12 11.05 16.20
N ARG D 1025 -24.95 9.76 16.48
CA ARG D 1025 -25.01 9.26 17.85
C ARG D 1025 -23.73 8.51 18.19
N ILE D 1026 -22.93 9.07 19.10
CA ILE D 1026 -21.69 8.42 19.50
C ILE D 1026 -21.39 8.48 20.99
N PRO D 1027 -21.43 7.32 21.68
CA PRO D 1027 -21.15 7.22 23.11
C PRO D 1027 -19.65 7.31 23.38
N PHE D 1028 -19.26 7.94 24.49
CA PHE D 1028 -17.84 8.08 24.82
C PHE D 1028 -17.30 6.88 25.58
N LYS D 1029 -16.85 5.88 24.83
CA LYS D 1029 -16.29 4.66 25.41
C LYS D 1029 -15.12 5.03 26.34
N GLY D 1030 -14.44 6.11 25.97
CA GLY D 1030 -13.31 6.60 26.74
C GLY D 1030 -12.87 7.94 26.16
N LYS D 1031 -12.37 8.85 27.00
CA LYS D 1031 -11.93 10.16 26.52
C LYS D 1031 -10.71 10.08 25.60
N ILE D 1032 -10.87 9.36 24.49
CA ILE D 1032 -9.80 9.21 23.51
C ILE D 1032 -10.10 10.09 22.30
N PRO D 1033 -9.74 11.37 22.38
CA PRO D 1033 -9.95 12.39 21.34
C PRO D 1033 -9.68 11.99 19.89
N ALA D 1034 -8.73 11.09 19.66
CA ALA D 1034 -8.42 10.70 18.30
C ALA D 1034 -9.55 9.89 17.68
N VAL D 1035 -9.81 8.71 18.26
CA VAL D 1035 -10.84 7.84 17.74
C VAL D 1035 -12.24 8.48 17.81
N THR D 1036 -12.55 9.19 18.88
CA THR D 1036 -13.87 9.78 18.95
C THR D 1036 -14.00 10.74 17.77
N PHE D 1037 -12.90 11.41 17.43
CA PHE D 1037 -12.91 12.36 16.33
C PHE D 1037 -13.22 11.77 14.96
N ILE D 1038 -12.53 10.69 14.59
CA ILE D 1038 -12.75 10.09 13.28
C ILE D 1038 -14.12 9.45 13.13
N LEU D 1039 -14.60 8.82 14.20
CA LEU D 1039 -15.89 8.15 14.14
C LEU D 1039 -16.92 9.19 13.81
N HIS D 1040 -16.76 10.37 14.43
CA HIS D 1040 -17.68 11.47 14.24
C HIS D 1040 -17.65 12.05 12.82
N LEU D 1041 -16.44 12.32 12.33
CA LEU D 1041 -16.26 12.88 11.01
C LEU D 1041 -16.70 11.87 10.00
N TYR D 1042 -16.40 10.61 10.26
CA TYR D 1042 -16.82 9.57 9.34
C TYR D 1042 -18.35 9.56 9.39
N ALA D 1043 -18.90 9.79 10.58
CA ALA D 1043 -20.33 9.80 10.73
C ALA D 1043 -20.94 10.96 9.93
N LYS D 1044 -20.34 12.14 10.06
CA LYS D 1044 -20.82 13.30 9.34
C LYS D 1044 -20.74 13.18 7.82
N LEU D 1045 -19.63 12.70 7.31
CA LEU D 1045 -19.47 12.57 5.87
C LEU D 1045 -20.50 11.62 5.30
N GLU D 1046 -20.70 10.49 5.99
CA GLU D 1046 -21.64 9.48 5.54
C GLU D 1046 -23.04 10.06 5.44
N VAL D 1047 -23.46 10.81 6.45
CA VAL D 1047 -24.77 11.39 6.43
C VAL D 1047 -24.91 12.42 5.33
N ILE D 1048 -23.89 13.24 5.13
CA ILE D 1048 -23.96 14.27 4.12
C ILE D 1048 -24.06 13.68 2.72
N ASN D 1049 -23.21 12.70 2.45
CA ASN D 1049 -23.17 12.04 1.16
C ASN D 1049 -24.47 11.36 0.82
N TYR D 1050 -25.11 10.80 1.84
CA TYR D 1050 -26.39 10.12 1.63
C TYR D 1050 -27.39 11.19 1.23
N ALA D 1051 -27.29 12.35 1.88
CA ALA D 1051 -28.19 13.45 1.63
C ALA D 1051 -28.12 13.90 0.19
N ILE D 1052 -26.90 14.01 -0.31
CA ILE D 1052 -26.65 14.42 -1.68
C ILE D 1052 -27.17 13.39 -2.70
N LYS D 1053 -27.02 12.12 -2.37
CA LYS D 1053 -27.43 11.05 -3.27
C LYS D 1053 -28.82 10.48 -2.95
N ASN D 1054 -29.65 11.21 -2.21
CA ASN D 1054 -30.97 10.69 -1.87
C ASN D 1054 -32.01 11.72 -1.44
N GLY D 1055 -31.57 12.91 -1.07
CA GLY D 1055 -32.54 13.92 -0.69
C GLY D 1055 -33.15 13.69 0.67
N SER D 1056 -32.85 12.54 1.26
CA SER D 1056 -33.35 12.22 2.59
C SER D 1056 -32.17 11.98 3.52
N TRP D 1057 -32.40 12.11 4.81
CA TRP D 1057 -31.33 11.92 5.77
C TRP D 1057 -31.39 10.56 6.46
N ILE D 1058 -30.28 10.21 7.10
CA ILE D 1058 -30.13 8.96 7.82
C ILE D 1058 -29.42 9.27 9.12
N SER D 1059 -29.74 8.54 10.17
CA SER D 1059 -29.10 8.75 11.46
C SER D 1059 -28.18 7.57 11.74
N LEU D 1060 -26.97 7.85 12.19
CA LEU D 1060 -26.00 6.80 12.49
C LEU D 1060 -25.70 6.61 13.97
N PHE D 1061 -25.63 5.35 14.37
CA PHE D 1061 -25.34 4.98 15.75
C PHE D 1061 -24.01 4.27 15.77
N CYS D 1062 -23.22 4.49 16.83
CA CYS D 1062 -21.92 3.83 16.94
C CYS D 1062 -21.66 3.17 18.29
N ASN D 1063 -21.41 1.86 18.25
CA ASN D 1063 -21.13 1.06 19.44
C ASN D 1063 -19.72 0.46 19.31
N TYR D 1064 -18.76 1.28 18.92
CA TYR D 1064 -17.38 0.83 18.74
C TYR D 1064 -16.81 0.31 20.07
N PRO D 1065 -16.46 -0.98 20.12
CA PRO D 1065 -15.90 -1.60 21.32
C PRO D 1065 -14.64 -0.89 21.80
N LYS D 1066 -14.37 -0.98 23.09
CA LYS D 1066 -13.19 -0.34 23.69
C LYS D 1066 -11.91 -0.99 23.18
N SER D 1067 -11.98 -2.28 22.91
CA SER D 1067 -10.84 -3.04 22.40
C SER D 1067 -10.43 -2.61 21.01
N GLU D 1068 -11.42 -2.42 20.15
CA GLU D 1068 -11.21 -2.02 18.77
C GLU D 1068 -10.56 -0.63 18.63
N MET D 1069 -10.86 0.25 19.58
CA MET D 1069 -10.33 1.62 19.57
C MET D 1069 -8.81 1.67 19.63
N ILE D 1070 -8.19 0.78 20.40
CA ILE D 1070 -6.73 0.76 20.48
C ILE D 1070 -6.08 0.33 19.17
N LYS D 1071 -6.69 -0.65 18.49
CA LYS D 1071 -6.14 -1.10 17.22
C LYS D 1071 -6.22 0.06 16.23
N LEU D 1072 -7.37 0.72 16.22
CA LEU D 1072 -7.64 1.85 15.35
C LEU D 1072 -6.71 3.03 15.62
N TRP D 1073 -6.41 3.23 16.89
CA TRP D 1073 -5.54 4.31 17.35
C TRP D 1073 -4.15 4.16 16.74
N LYS D 1074 -3.67 2.92 16.59
CA LYS D 1074 -2.37 2.71 16.01
C LYS D 1074 -2.39 3.10 14.53
N LYS D 1075 -3.47 2.72 13.86
CA LYS D 1075 -3.59 3.02 12.44
C LYS D 1075 -3.55 4.50 12.16
N MET D 1076 -4.13 5.30 13.03
CA MET D 1076 -4.20 6.74 12.83
C MET D 1076 -2.85 7.41 12.58
N TRP D 1077 -1.79 6.91 13.20
CA TRP D 1077 -0.47 7.52 12.98
C TRP D 1077 0.40 6.77 11.98
N ASN D 1078 -0.20 6.32 10.89
CA ASN D 1078 0.52 5.61 9.84
C ASN D 1078 -0.18 5.76 8.49
N ILE D 1079 -0.92 6.85 8.31
CA ILE D 1079 -1.65 7.08 7.08
C ILE D 1079 -0.78 7.81 6.06
N THR D 1080 -0.71 7.26 4.86
CA THR D 1080 0.07 7.88 3.79
C THR D 1080 -0.86 8.68 2.89
N SER D 1081 -0.29 9.39 1.92
CA SER D 1081 -1.10 10.21 1.03
C SER D 1081 -1.26 9.72 -0.41
N LEU D 1082 -1.87 10.57 -1.23
CA LEU D 1082 -2.15 10.32 -2.64
C LEU D 1082 -2.21 11.69 -3.32
N ARG D 1083 -1.06 12.10 -3.85
N ARG D 1083 -1.03 11.90 -3.67
CA ARG D 1083 -0.81 13.41 -4.50
CA ARG D 1083 -0.72 13.13 -4.38
C ARG D 1083 -1.80 14.15 -5.43
C ARG D 1083 -1.70 13.97 -5.24
N SER D 1084 -2.34 13.47 -6.45
N SER D 1084 -2.71 13.37 -5.85
CA SER D 1084 -3.24 14.10 -7.43
CA SER D 1084 -3.64 14.15 -6.70
C SER D 1084 -3.82 15.48 -7.06
C SER D 1084 -3.86 15.61 -6.31
N PRO D 1085 -3.22 16.56 -7.61
N PRO D 1085 -3.27 16.54 -7.10
CA PRO D 1085 -3.56 17.98 -7.42
CA PRO D 1085 -3.22 18.01 -7.07
C PRO D 1085 -4.72 18.50 -8.28
C PRO D 1085 -4.15 18.80 -6.16
N TYR D 1086 -5.05 17.75 -9.31
N TYR D 1086 -3.56 19.81 -5.50
CA TYR D 1086 -6.10 18.11 -10.26
CA TYR D 1086 -4.22 20.73 -4.55
C TYR D 1086 -7.46 18.25 -9.61
C TYR D 1086 -3.20 21.67 -3.90
N THR D 1087 -7.70 17.37 -8.65
N THR D 1087 -3.64 22.47 -2.93
CA THR D 1087 -8.91 17.26 -7.85
CA THR D 1087 -2.74 23.41 -2.25
C THR D 1087 -9.33 18.62 -7.21
C THR D 1087 -2.08 22.84 -0.96
N ASN D 1088 -8.42 19.60 -7.36
N ASN D 1088 -1.11 21.94 -1.14
CA ASN D 1088 -8.44 20.98 -6.84
CA ASN D 1088 -0.41 21.33 0.01
C ASN D 1088 -9.65 21.92 -6.62
C ASN D 1088 1.11 21.18 -0.20
N ALA D 1089 -10.88 21.44 -6.87
N ALA D 1089 1.87 21.52 0.84
CA ALA D 1089 -12.16 22.19 -6.79
CA ALA D 1089 3.33 21.46 0.79
C ALA D 1089 -12.39 23.44 -5.85
C ALA D 1089 3.94 20.11 1.18
N ASN D 1090 -11.42 23.75 -5.01
N ASN D 1090 5.02 19.75 0.48
CA ASN D 1090 -11.40 24.89 -4.05
CA ASN D 1090 5.75 18.50 0.73
C ASN D 1090 -11.99 26.29 -4.34
C ASN D 1090 4.94 17.23 0.46
N PHE D 1091 -12.72 26.49 -5.43
CA PHE D 1091 -13.14 27.84 -5.88
C PHE D 1091 -13.40 29.04 -4.94
N PHE D 1092 -14.24 29.04 -3.91
CA PHE D 1092 -14.21 30.28 -3.12
C PHE D 1092 -13.06 30.35 -2.10
N GLY E 8 0.34 21.83 -11.75
CA GLY E 8 -0.51 21.69 -12.97
C GLY E 8 0.10 22.31 -14.21
N LYS E 9 0.91 23.35 -14.02
CA LYS E 9 1.56 24.03 -15.11
C LYS E 9 2.71 23.18 -15.65
N TYR E 10 3.22 22.26 -14.83
CA TYR E 10 4.29 21.38 -15.26
C TYR E 10 3.83 20.42 -16.35
N ASN E 11 2.64 19.84 -16.19
CA ASN E 11 2.17 18.91 -17.19
C ASN E 11 1.98 19.58 -18.55
N LEU E 12 1.39 20.78 -18.56
CA LEU E 12 1.19 21.48 -19.82
C LEU E 12 2.50 21.98 -20.42
N ILE E 13 3.39 22.46 -19.56
CA ILE E 13 4.67 22.98 -20.02
C ILE E 13 5.40 21.87 -20.76
N LEU E 14 5.30 20.67 -20.23
CA LEU E 14 5.96 19.51 -20.82
C LEU E 14 5.50 19.33 -22.26
N SER E 15 4.25 19.66 -22.54
CA SER E 15 3.75 19.52 -23.89
C SER E 15 4.50 20.43 -24.86
N GLU E 16 4.80 21.64 -24.41
CA GLU E 16 5.50 22.60 -25.26
C GLU E 16 6.86 22.07 -25.58
N TYR E 17 7.51 21.54 -24.55
CA TYR E 17 8.84 21.00 -24.69
C TYR E 17 8.88 19.85 -25.69
N LEU E 18 7.91 18.96 -25.62
CA LEU E 18 7.89 17.85 -26.56
C LEU E 18 7.59 18.32 -27.97
N SER E 19 6.60 19.18 -28.12
CA SER E 19 6.23 19.67 -29.44
C SER E 19 7.43 20.42 -29.98
N PHE E 20 8.11 21.14 -29.09
CA PHE E 20 9.26 21.90 -29.49
C PHE E 20 10.36 21.00 -30.05
N ILE E 21 10.72 19.96 -29.33
CA ILE E 21 11.77 19.06 -29.79
C ILE E 21 11.39 18.23 -31.02
N TYR E 22 10.17 17.73 -31.03
CA TYR E 22 9.70 16.88 -32.12
C TYR E 22 8.79 17.62 -33.09
N ASN E 23 9.06 17.48 -34.39
CA ASN E 23 8.27 18.17 -35.42
C ASN E 23 7.71 17.23 -36.48
N SER E 24 8.14 15.97 -36.42
CA SER E 24 7.69 14.95 -37.37
C SER E 24 6.18 14.92 -37.56
N VAL E 28 4.09 12.21 -32.93
CA VAL E 28 2.78 12.21 -32.28
C VAL E 28 2.89 12.16 -30.75
N GLN E 29 1.87 12.70 -30.08
CA GLN E 29 1.83 12.72 -28.63
C GLN E 29 0.56 12.05 -28.16
N ILE E 30 0.72 10.88 -27.55
CA ILE E 30 -0.40 10.10 -27.05
C ILE E 30 -0.47 10.15 -25.53
N PRO E 31 -1.24 11.10 -24.98
CA PRO E 31 -1.37 11.20 -23.53
C PRO E 31 -1.91 9.91 -22.96
N ILE E 32 -1.71 9.67 -21.67
CA ILE E 32 -2.21 8.46 -21.03
C ILE E 32 -2.87 8.85 -19.73
N TYR E 33 -4.14 8.50 -19.59
CA TYR E 33 -4.87 8.84 -18.37
C TYR E 33 -5.27 7.62 -17.55
N TYR E 34 -5.13 7.73 -16.23
CA TYR E 34 -5.50 6.66 -15.34
C TYR E 34 -6.52 7.25 -14.38
N SER E 35 -7.21 6.37 -13.64
CA SER E 35 -8.20 6.81 -12.68
C SER E 35 -8.64 5.70 -11.73
N SER E 36 -8.97 6.12 -10.51
CA SER E 36 -9.43 5.21 -9.49
C SER E 36 -10.80 4.73 -9.92
N ASN E 37 -11.57 5.63 -10.52
CA ASN E 37 -12.91 5.30 -10.98
C ASN E 37 -12.83 4.15 -11.99
N SER E 38 -13.63 3.12 -11.78
CA SER E 38 -13.59 1.96 -12.66
C SER E 38 -14.18 2.18 -14.06
N GLU E 39 -15.30 2.87 -14.13
CA GLU E 39 -15.92 3.11 -15.43
C GLU E 39 -15.06 4.03 -16.29
N LEU E 40 -14.55 5.08 -15.64
CA LEU E 40 -13.71 6.08 -16.30
C LEU E 40 -12.47 5.40 -16.80
N GLU E 41 -11.98 4.43 -16.04
CA GLU E 41 -10.77 3.73 -16.40
C GLU E 41 -10.90 3.01 -17.73
N ASN E 42 -12.04 2.35 -17.96
CA ASN E 42 -12.27 1.65 -19.22
C ASN E 42 -12.36 2.72 -20.32
N ARG E 43 -12.95 3.85 -19.96
CA ARG E 43 -13.07 4.98 -20.88
C ARG E 43 -11.66 5.45 -21.21
N CYS E 44 -10.78 5.45 -20.21
CA CYS E 44 -9.41 5.87 -20.43
C CYS E 44 -8.74 4.91 -21.40
N ILE E 45 -8.98 3.62 -21.21
CA ILE E 45 -8.38 2.63 -22.07
C ILE E 45 -8.87 2.75 -23.51
N GLU E 46 -10.16 3.04 -23.69
CA GLU E 46 -10.71 3.18 -25.04
C GLU E 46 -10.07 4.37 -25.73
N PHE E 47 -9.97 5.47 -24.99
CA PHE E 47 -9.39 6.70 -25.52
C PHE E 47 -7.95 6.48 -25.93
N HIS E 48 -7.23 5.74 -25.11
CA HIS E 48 -5.83 5.43 -25.35
C HIS E 48 -5.67 4.56 -26.57
N SER E 49 -6.48 3.51 -26.67
CA SER E 49 -6.39 2.56 -27.77
C SER E 49 -6.70 3.20 -29.09
N LYS E 50 -7.74 4.02 -29.12
CA LYS E 50 -8.13 4.70 -30.34
C LYS E 50 -7.06 5.68 -30.80
N CYS E 51 -6.39 6.31 -29.83
CA CYS E 51 -5.35 7.30 -30.13
C CYS E 51 -4.17 6.67 -30.88
N LEU E 52 -3.75 5.48 -30.47
CA LEU E 52 -2.64 4.86 -31.17
C LEU E 52 -3.09 4.57 -32.60
N GLU E 53 -4.28 4.01 -32.74
CA GLU E 53 -4.77 3.65 -34.06
C GLU E 53 -4.85 4.88 -34.93
N ASN E 54 -5.36 5.97 -34.40
CA ASN E 54 -5.49 7.15 -35.23
C ASN E 54 -4.12 7.64 -35.68
N SER E 55 -3.16 7.68 -34.75
CA SER E 55 -1.83 8.15 -35.09
C SER E 55 -1.06 7.22 -36.03
N LYS E 56 -1.12 5.92 -35.78
CA LYS E 56 -0.42 4.94 -36.62
C LYS E 56 -1.13 4.80 -37.97
N ASN E 57 -2.05 5.71 -38.24
CA ASN E 57 -2.80 5.71 -39.49
C ASN E 57 -2.81 7.13 -40.05
N GLY E 58 -2.02 7.99 -39.41
CA GLY E 58 -1.90 9.37 -39.86
C GLY E 58 -3.20 10.14 -39.89
N LEU E 59 -4.04 9.95 -38.87
CA LEU E 59 -5.30 10.66 -38.81
C LEU E 59 -5.31 11.62 -37.64
N SER E 60 -6.24 12.56 -37.66
CA SER E 60 -6.37 13.56 -36.61
C SER E 60 -6.55 12.94 -35.22
N LEU E 61 -6.89 13.76 -34.25
CA LEU E 61 -7.11 13.31 -32.89
C LEU E 61 -7.94 14.34 -32.16
N ARG E 62 -8.35 15.37 -32.88
CA ARG E 62 -9.16 16.43 -32.30
C ARG E 62 -10.52 15.90 -31.94
N LYS E 63 -11.09 15.09 -32.83
CA LYS E 63 -12.40 14.53 -32.59
C LYS E 63 -12.37 13.58 -31.38
N LEU E 64 -11.30 12.80 -31.25
CA LEU E 64 -11.18 11.87 -30.14
C LEU E 64 -11.12 12.57 -28.80
N PHE E 65 -10.43 13.71 -28.72
CA PHE E 65 -10.33 14.45 -27.47
C PHE E 65 -11.66 15.01 -27.06
N VAL E 66 -12.45 15.43 -28.03
CA VAL E 66 -13.77 15.94 -27.74
C VAL E 66 -14.61 14.77 -27.26
N GLU E 67 -14.36 13.61 -27.85
CA GLU E 67 -15.08 12.37 -27.51
C GLU E 67 -14.59 11.76 -26.21
N TYR E 68 -13.72 12.47 -25.50
CA TYR E 68 -13.21 11.97 -24.23
C TYR E 68 -12.92 13.12 -23.28
N ASN E 69 -13.79 14.13 -23.31
CA ASN E 69 -13.63 15.29 -22.47
C ASN E 69 -13.63 14.83 -21.03
N ASP E 70 -14.42 13.80 -20.75
CA ASP E 70 -14.48 13.28 -19.40
C ASP E 70 -13.09 12.81 -18.98
N VAL E 71 -12.38 12.15 -19.89
CA VAL E 71 -11.05 11.67 -19.59
C VAL E 71 -10.06 12.79 -19.35
N ILE E 72 -10.10 13.83 -20.18
CA ILE E 72 -9.18 14.96 -20.04
C ILE E 72 -9.47 15.76 -18.77
N GLU E 73 -10.74 16.11 -18.61
CA GLU E 73 -11.18 16.88 -17.46
C GLU E 73 -11.27 16.17 -16.13
N ASN E 74 -11.71 14.91 -16.11
CA ASN E 74 -11.88 14.18 -14.86
C ASN E 74 -10.85 13.13 -14.44
N ALA E 75 -10.02 12.67 -15.36
CA ALA E 75 -9.01 11.66 -15.00
C ALA E 75 -7.64 12.29 -14.76
N THR E 76 -6.70 11.47 -14.34
CA THR E 76 -5.35 11.95 -14.10
C THR E 76 -4.43 11.58 -15.25
N LEU E 77 -3.50 12.47 -15.57
CA LEU E 77 -2.57 12.21 -16.63
C LEU E 77 -1.49 11.33 -15.99
N LEU E 78 -1.18 10.21 -16.64
CA LEU E 78 -0.19 9.31 -16.09
C LEU E 78 1.19 9.52 -16.67
N SER E 79 1.24 9.94 -17.94
CA SER E 79 2.49 10.19 -18.67
C SER E 79 2.13 10.54 -20.12
N ILE E 80 3.08 11.00 -20.91
CA ILE E 80 2.81 11.31 -22.31
C ILE E 80 3.77 10.60 -23.25
N LEU E 81 3.27 9.61 -24.00
CA LEU E 81 4.10 8.86 -24.94
C LEU E 81 4.53 9.74 -26.09
N SER E 82 5.68 9.42 -26.67
CA SER E 82 6.17 10.19 -27.79
C SER E 82 6.77 9.31 -28.85
N TYR E 83 6.10 9.30 -30.00
CA TYR E 83 6.54 8.53 -31.16
C TYR E 83 7.33 9.49 -32.03
N SER E 84 8.62 9.22 -32.16
CA SER E 84 9.51 10.06 -32.96
C SER E 84 10.25 9.21 -33.96
N TYR E 85 10.88 9.85 -34.94
CA TYR E 85 11.64 9.14 -35.96
C TYR E 85 12.63 10.05 -36.70
N ASP E 86 13.46 10.76 -35.93
CA ASP E 86 14.48 11.66 -36.49
C ASP E 86 15.85 11.11 -36.12
N LYS E 87 16.51 11.73 -35.13
CA LYS E 87 17.83 11.29 -34.68
C LYS E 87 18.27 12.01 -33.41
N TYR E 88 17.42 12.92 -32.94
CA TYR E 88 17.72 13.69 -31.74
C TYR E 88 18.94 14.59 -31.98
N ASN E 89 19.18 14.91 -33.25
CA ASN E 89 20.28 15.78 -33.65
C ASN E 89 19.72 17.14 -34.04
N ALA E 90 18.62 17.53 -33.40
CA ALA E 90 17.98 18.80 -33.67
C ALA E 90 18.80 19.93 -33.08
N VAL E 91 19.73 19.58 -32.20
CA VAL E 91 20.58 20.58 -31.55
C VAL E 91 21.50 21.26 -32.53
N GLU E 92 22.10 20.47 -33.43
CA GLU E 92 23.03 21.02 -34.40
C GLU E 92 22.29 22.07 -35.22
N ARG E 93 21.09 21.73 -35.65
CA ARG E 93 20.29 22.64 -36.46
C ARG E 93 19.78 23.89 -35.72
N LYS E 94 19.27 23.71 -34.51
CA LYS E 94 18.74 24.83 -33.73
C LYS E 94 19.80 25.82 -33.24
N LEU E 95 20.95 25.30 -32.86
CA LEU E 95 22.05 26.10 -32.31
C LEU E 95 22.61 27.17 -33.23
N VAL E 96 22.63 26.88 -34.53
CA VAL E 96 23.19 27.77 -35.55
C VAL E 96 22.55 29.15 -35.56
N LYS E 97 21.25 29.19 -35.30
CA LYS E 97 20.53 30.45 -35.29
C LYS E 97 21.20 31.36 -34.25
N TYR E 98 21.76 30.78 -33.20
CA TYR E 98 22.41 31.54 -32.14
C TYR E 98 23.93 31.62 -32.24
N ALA E 99 24.51 31.03 -33.29
CA ALA E 99 25.97 31.06 -33.45
C ALA E 99 26.48 32.31 -34.14
N LYS E 100 25.63 33.34 -34.17
CA LYS E 100 25.94 34.62 -34.79
C LYS E 100 27.12 35.36 -34.17
N GLY E 101 27.31 35.20 -32.86
CA GLY E 101 28.41 35.85 -32.17
C GLY E 101 29.75 35.27 -32.57
N LYS E 102 30.82 35.89 -32.10
CA LYS E 102 32.17 35.46 -32.42
C LYS E 102 32.74 34.58 -31.33
N PRO E 103 33.10 33.32 -31.66
CA PRO E 103 33.65 32.36 -30.71
C PRO E 103 34.69 32.95 -29.77
N LEU E 104 34.85 32.34 -28.60
CA LEU E 104 35.81 32.84 -27.64
C LEU E 104 37.13 32.14 -27.82
N GLU E 105 38.21 32.88 -27.59
CA GLU E 105 39.54 32.32 -27.72
C GLU E 105 40.17 32.38 -26.36
N ALA E 106 40.53 31.21 -25.84
CA ALA E 106 41.13 31.09 -24.52
C ALA E 106 42.61 31.49 -24.48
N ASP E 107 42.96 32.39 -23.58
CA ASP E 107 44.34 32.83 -23.43
C ASP E 107 45.06 31.73 -22.67
N LEU E 108 45.55 30.74 -23.42
CA LEU E 108 46.24 29.59 -22.84
C LEU E 108 47.42 29.95 -21.92
N THR E 109 47.58 31.24 -21.64
CA THR E 109 48.65 31.72 -20.78
C THR E 109 48.06 32.25 -19.48
N VAL E 110 47.22 31.45 -18.84
CA VAL E 110 46.61 31.89 -17.59
C VAL E 110 46.78 30.91 -16.44
N ASN E 111 46.86 29.64 -16.78
CA ASN E 111 46.98 28.62 -15.74
C ASN E 111 48.38 28.19 -15.35
N GLU E 112 48.73 28.43 -14.09
CA GLU E 112 50.04 28.05 -13.57
C GLU E 112 50.34 26.63 -13.96
N LEU E 113 49.33 25.76 -13.90
CA LEU E 113 49.52 24.36 -14.29
C LEU E 113 48.99 24.11 -15.69
N ASP E 114 49.92 23.89 -16.62
CA ASP E 114 49.64 23.65 -18.02
C ASP E 114 48.29 23.06 -18.37
N TYR E 115 47.99 21.87 -17.84
CA TYR E 115 46.71 21.21 -18.13
C TYR E 115 45.48 21.95 -17.57
N GLU E 116 45.70 22.92 -16.69
CA GLU E 116 44.59 23.68 -16.15
C GLU E 116 44.13 24.63 -17.25
N ASN E 117 45.02 24.94 -18.20
CA ASN E 117 44.71 25.83 -19.33
C ASN E 117 43.75 25.17 -20.31
N ASN E 118 42.89 25.95 -20.95
CA ASN E 118 41.92 25.37 -21.87
C ASN E 118 42.46 25.10 -23.25
N LYS E 119 43.50 24.27 -23.34
CA LYS E 119 44.10 23.95 -24.62
C LYS E 119 43.22 23.03 -25.47
N MET E 120 43.74 22.62 -26.62
CA MET E 120 43.02 21.72 -27.51
C MET E 120 43.29 20.34 -26.94
N THR E 121 42.23 19.55 -26.80
CA THR E 121 42.36 18.22 -26.24
C THR E 121 43.51 17.42 -26.88
N SER E 122 43.58 17.45 -28.21
CA SER E 122 44.62 16.73 -28.95
C SER E 122 46.03 17.13 -28.50
N GLU E 123 46.13 18.24 -27.79
CA GLU E 123 47.41 18.75 -27.30
C GLU E 123 47.70 18.15 -25.93
N LEU E 124 46.74 18.25 -25.01
CA LEU E 124 46.91 17.72 -23.67
C LEU E 124 47.01 16.20 -23.72
N PHE E 125 46.31 15.60 -24.68
CA PHE E 125 46.31 14.14 -24.88
C PHE E 125 46.42 13.85 -26.38
N PRO E 126 47.67 13.66 -26.85
CA PRO E 126 47.97 13.38 -28.26
C PRO E 126 47.33 12.09 -28.78
N THR E 127 47.38 11.04 -27.95
CA THR E 127 46.84 9.73 -28.30
C THR E 127 45.64 9.34 -27.46
N ALA E 128 44.82 8.44 -28.01
CA ALA E 128 43.63 7.97 -27.32
C ALA E 128 43.93 7.28 -26.00
N GLU E 129 44.96 6.44 -25.98
CA GLU E 129 45.29 5.74 -24.74
C GLU E 129 45.90 6.70 -23.72
N GLU E 130 45.99 7.97 -24.09
CA GLU E 130 46.54 8.96 -23.19
C GLU E 130 45.47 9.87 -22.62
N TYR E 131 44.37 10.00 -23.37
CA TYR E 131 43.25 10.84 -22.98
C TYR E 131 42.55 10.36 -21.72
N THR E 132 42.02 11.32 -20.97
CA THR E 132 41.32 11.02 -19.72
C THR E 132 40.40 12.17 -19.33
N ASP E 133 39.10 11.96 -19.45
CA ASP E 133 38.14 13.00 -19.07
C ASP E 133 38.20 13.18 -17.56
N SER E 134 39.17 12.54 -16.91
CA SER E 134 39.32 12.64 -15.48
C SER E 134 39.58 14.06 -14.99
N LEU E 135 39.77 14.98 -15.92
CA LEU E 135 40.06 16.36 -15.54
C LEU E 135 38.96 17.37 -15.85
N MET E 136 37.87 16.93 -16.49
CA MET E 136 36.80 17.85 -16.83
C MET E 136 35.39 17.24 -16.80
N ASP E 137 35.32 15.95 -16.53
CA ASP E 137 34.05 15.24 -16.49
C ASP E 137 32.95 15.88 -15.68
N PRO E 138 31.86 16.27 -16.34
CA PRO E 138 30.73 16.89 -15.64
C PRO E 138 30.26 15.95 -14.55
N ALA E 139 30.48 14.65 -14.78
CA ALA E 139 30.12 13.61 -13.83
C ALA E 139 28.62 13.55 -13.54
N ILE E 140 27.84 14.21 -14.37
CA ILE E 140 26.40 14.27 -14.18
C ILE E 140 25.70 13.48 -15.28
N LEU E 141 24.63 12.76 -14.94
CA LEU E 141 23.93 11.95 -15.92
C LEU E 141 22.98 12.71 -16.83
N THR E 142 23.42 13.86 -17.31
CA THR E 142 22.63 14.65 -18.25
C THR E 142 23.57 15.11 -19.35
N SER E 143 23.04 15.37 -20.53
CA SER E 143 23.91 15.76 -21.62
C SER E 143 23.97 17.24 -21.92
N LEU E 144 25.11 17.66 -22.49
CA LEU E 144 25.35 19.04 -22.86
C LEU E 144 24.35 19.48 -23.92
N SER E 145 24.04 18.56 -24.82
CA SER E 145 23.07 18.82 -25.88
C SER E 145 21.73 19.07 -25.25
N SER E 146 21.43 18.31 -24.20
CA SER E 146 20.16 18.45 -23.50
C SER E 146 20.08 19.85 -22.92
N ASN E 147 21.15 20.29 -22.26
CA ASN E 147 21.17 21.62 -21.66
C ASN E 147 20.97 22.65 -22.76
N LEU E 148 21.66 22.45 -23.88
CA LEU E 148 21.55 23.36 -24.99
C LEU E 148 20.14 23.29 -25.49
N ASN E 149 19.59 22.09 -25.53
CA ASN E 149 18.23 21.97 -26.00
C ASN E 149 17.27 22.66 -25.05
N ALA E 150 17.47 22.42 -23.77
CA ALA E 150 16.62 23.00 -22.76
C ALA E 150 16.67 24.52 -22.80
N VAL E 151 17.86 25.07 -22.99
CA VAL E 151 18.02 26.52 -23.03
C VAL E 151 17.29 27.11 -24.21
N MET E 152 17.37 26.42 -25.34
CA MET E 152 16.75 26.92 -26.54
C MET E 152 15.25 26.94 -26.42
N PHE E 153 14.73 25.95 -25.71
CA PHE E 153 13.29 25.86 -25.51
C PHE E 153 12.77 27.07 -24.74
N TRP E 154 13.48 27.49 -23.71
CA TRP E 154 13.06 28.64 -22.91
C TRP E 154 13.01 29.91 -23.73
N LEU E 155 14.04 30.10 -24.55
CA LEU E 155 14.16 31.28 -25.40
C LEU E 155 13.06 31.35 -26.45
N GLU E 156 12.67 30.20 -26.97
CA GLU E 156 11.64 30.13 -27.97
C GLU E 156 10.35 30.54 -27.30
N LYS E 157 10.15 30.05 -26.08
CA LYS E 157 8.97 30.37 -25.32
C LYS E 157 8.91 31.82 -24.86
N HIS E 158 10.04 32.36 -24.46
CA HIS E 158 10.06 33.75 -24.00
C HIS E 158 10.70 34.74 -24.96
N GLU E 159 10.49 34.50 -26.26
CA GLU E 159 11.02 35.36 -27.33
C GLU E 159 10.10 36.56 -27.56
N ASN E 160 8.92 36.54 -26.94
CA ASN E 160 7.96 37.63 -27.11
C ASN E 160 7.51 38.26 -25.80
N ASP E 161 8.09 37.83 -24.67
CA ASP E 161 7.71 38.42 -23.39
C ASP E 161 7.88 39.92 -23.48
N VAL E 162 7.16 40.69 -22.66
CA VAL E 162 7.28 42.14 -22.72
C VAL E 162 7.75 42.75 -21.42
N ALA E 163 7.97 44.05 -21.44
CA ALA E 163 8.41 44.81 -20.27
C ALA E 163 9.66 44.20 -19.67
N GLU E 164 9.71 44.14 -18.34
CA GLU E 164 10.87 43.61 -17.64
C GLU E 164 11.15 42.15 -17.95
N LYS E 165 10.12 41.38 -18.22
CA LYS E 165 10.32 39.96 -18.52
C LYS E 165 11.20 39.86 -19.74
N LEU E 166 10.96 40.74 -20.71
CA LEU E 166 11.72 40.73 -21.95
C LEU E 166 13.19 40.99 -21.70
N LYS E 167 13.49 41.90 -20.79
CA LYS E 167 14.87 42.25 -20.49
C LYS E 167 15.62 41.02 -20.03
N VAL E 168 14.95 40.15 -19.28
CA VAL E 168 15.58 38.94 -18.82
C VAL E 168 15.93 38.15 -20.06
N TYR E 169 15.04 38.16 -21.05
CA TYR E 169 15.29 37.44 -22.28
C TYR E 169 16.48 38.03 -23.03
N LYS E 170 16.54 39.35 -23.14
CA LYS E 170 17.61 40.00 -23.87
C LYS E 170 18.92 39.60 -23.23
N ARG E 171 18.94 39.59 -21.91
CA ARG E 171 20.15 39.22 -21.20
C ARG E 171 20.47 37.77 -21.48
N ARG E 172 19.47 36.91 -21.34
CA ARG E 172 19.63 35.48 -21.53
C ARG E 172 20.00 35.20 -22.97
N LEU E 173 19.40 35.95 -23.87
CA LEU E 173 19.66 35.79 -25.30
C LEU E 173 21.11 36.13 -25.62
N ASP E 174 21.56 37.28 -25.13
CA ASP E 174 22.91 37.75 -25.36
C ASP E 174 23.89 36.68 -24.93
N LEU E 175 23.95 36.47 -23.62
CA LEU E 175 24.84 35.48 -23.03
C LEU E 175 24.83 34.15 -23.75
N PHE E 176 23.66 33.53 -23.85
CA PHE E 176 23.60 32.23 -24.50
C PHE E 176 24.36 32.23 -25.81
N THR E 177 24.32 33.36 -26.51
CA THR E 177 24.99 33.46 -27.80
C THR E 177 26.49 33.18 -27.63
N ILE E 178 27.07 33.63 -26.52
CA ILE E 178 28.48 33.38 -26.28
C ILE E 178 28.65 31.86 -26.27
N VAL E 179 27.75 31.16 -25.61
CA VAL E 179 27.86 29.71 -25.55
C VAL E 179 27.59 29.06 -26.90
N ALA E 180 26.53 29.51 -27.57
CA ALA E 180 26.18 28.93 -28.84
C ALA E 180 27.26 29.17 -29.89
N SER E 181 27.79 30.39 -29.91
CA SER E 181 28.80 30.77 -30.88
C SER E 181 30.08 29.97 -30.74
N THR E 182 30.54 29.81 -29.51
CA THR E 182 31.75 29.05 -29.25
C THR E 182 31.55 27.57 -29.53
N ILE E 183 30.45 27.02 -29.03
CA ILE E 183 30.19 25.61 -29.21
C ILE E 183 30.06 25.31 -30.68
N ASN E 184 29.38 26.19 -31.40
CA ASN E 184 29.14 25.97 -32.81
C ASN E 184 30.43 25.78 -33.60
N LYS E 185 31.45 26.57 -33.25
CA LYS E 185 32.72 26.48 -33.94
C LYS E 185 33.26 25.05 -33.95
N TYR E 186 33.10 24.34 -32.84
CA TYR E 186 33.61 22.98 -32.72
C TYR E 186 32.48 21.95 -32.83
N GLY E 187 31.24 22.44 -32.88
CA GLY E 187 30.10 21.56 -32.96
C GLY E 187 29.67 21.15 -31.58
N VAL E 188 28.52 20.50 -31.47
CA VAL E 188 28.04 20.07 -30.18
C VAL E 188 28.47 18.64 -29.91
N PRO E 189 29.38 18.46 -28.94
CA PRO E 189 29.94 17.18 -28.52
C PRO E 189 28.88 16.12 -28.26
N ARG E 190 29.12 14.90 -28.72
CA ARG E 190 28.16 13.83 -28.53
C ARG E 190 28.50 13.02 -27.32
N HIS E 191 27.48 12.73 -26.53
CA HIS E 191 27.59 11.97 -25.29
C HIS E 191 27.19 10.51 -25.44
N ASN E 192 27.94 9.63 -24.81
CA ASN E 192 27.64 8.21 -24.88
C ASN E 192 26.70 7.84 -23.72
N ALA E 193 26.16 6.62 -23.79
CA ALA E 193 25.25 6.11 -22.77
C ALA E 193 25.67 6.49 -21.36
N LYS E 194 26.96 6.36 -21.05
CA LYS E 194 27.46 6.70 -19.72
C LYS E 194 27.60 8.20 -19.52
N TYR E 195 26.98 8.96 -20.40
CA TYR E 195 27.01 10.41 -20.30
C TYR E 195 28.42 10.99 -20.15
N ARG E 196 29.41 10.21 -20.56
CA ARG E 196 30.81 10.63 -20.53
C ARG E 196 31.16 11.26 -21.87
N TYR E 197 32.37 11.78 -22.00
CA TYR E 197 32.80 12.37 -23.26
C TYR E 197 34.11 11.71 -23.70
N GLU E 198 34.00 10.81 -24.68
CA GLU E 198 35.12 10.04 -25.19
C GLU E 198 36.26 10.87 -25.79
N TYR E 199 37.27 10.20 -26.36
CA TYR E 199 38.42 10.88 -26.95
C TYR E 199 38.22 11.39 -28.36
N ASP E 200 37.48 10.65 -29.19
CA ASP E 200 37.28 11.08 -30.56
C ASP E 200 36.48 12.38 -30.68
N VAL E 201 35.41 12.51 -29.89
CA VAL E 201 34.59 13.72 -29.94
C VAL E 201 35.39 14.90 -29.44
N MET E 202 36.04 14.68 -28.31
CA MET E 202 36.87 15.67 -27.63
C MET E 202 38.20 16.04 -28.29
N LYS E 203 38.78 15.10 -29.04
CA LYS E 203 40.11 15.30 -29.62
C LYS E 203 40.36 16.62 -30.35
N ASP E 204 39.40 17.14 -31.09
CA ASP E 204 39.65 18.40 -31.79
C ASP E 204 38.94 19.61 -31.16
N LYS E 205 38.56 19.49 -29.89
CA LYS E 205 37.86 20.59 -29.24
C LYS E 205 38.55 21.01 -27.95
N PRO E 206 38.33 22.25 -27.51
CA PRO E 206 38.91 22.81 -26.28
C PRO E 206 38.56 21.96 -25.06
N TYR E 207 39.46 21.04 -24.72
CA TYR E 207 39.27 20.12 -23.59
C TYR E 207 38.22 20.53 -22.55
N TYR E 208 38.38 21.71 -21.97
CA TYR E 208 37.43 22.19 -20.98
C TYR E 208 36.18 22.82 -21.57
N LEU E 209 35.70 22.29 -22.68
CA LEU E 209 34.52 22.87 -23.29
C LEU E 209 33.21 22.41 -22.65
N VAL E 210 33.01 21.10 -22.59
CA VAL E 210 31.76 20.58 -22.06
C VAL E 210 31.43 21.08 -20.64
N THR E 211 32.40 21.03 -19.73
CA THR E 211 32.11 21.46 -18.39
C THR E 211 31.79 22.92 -18.38
N TRP E 212 32.51 23.68 -19.20
CA TRP E 212 32.31 25.11 -19.27
C TRP E 212 30.91 25.46 -19.74
N ALA E 213 30.45 24.75 -20.75
CA ALA E 213 29.13 25.01 -21.28
C ALA E 213 28.07 24.78 -20.22
N ASN E 214 28.26 23.75 -19.40
CA ASN E 214 27.31 23.44 -18.34
C ASN E 214 27.26 24.57 -17.32
N SER E 215 28.43 25.04 -16.91
CA SER E 215 28.51 26.13 -15.95
C SER E 215 27.96 27.44 -16.50
N SER E 216 28.26 27.71 -17.77
CA SER E 216 27.79 28.92 -18.45
C SER E 216 26.29 28.86 -18.60
N ILE E 217 25.78 27.69 -18.96
CA ILE E 217 24.36 27.45 -19.12
C ILE E 217 23.65 27.52 -17.77
N GLU E 218 24.29 26.96 -16.75
CA GLU E 218 23.74 26.96 -15.40
C GLU E 218 23.62 28.40 -14.89
N MET E 219 24.63 29.21 -15.13
CA MET E 219 24.62 30.62 -14.73
C MET E 219 23.73 31.55 -15.54
N LEU E 220 23.73 31.40 -16.86
CA LEU E 220 22.95 32.30 -17.71
C LEU E 220 21.48 32.06 -17.54
N MET E 221 21.15 30.88 -17.04
CA MET E 221 19.77 30.49 -16.78
C MET E 221 19.48 30.75 -15.31
N SER E 222 20.22 31.68 -14.73
CA SER E 222 20.07 32.07 -13.33
C SER E 222 20.13 33.58 -13.25
N VAL E 223 20.04 34.23 -14.39
CA VAL E 223 20.11 35.68 -14.43
C VAL E 223 18.72 36.28 -14.49
N PHE E 224 18.57 37.45 -13.90
CA PHE E 224 17.29 38.16 -13.92
C PHE E 224 17.52 39.67 -14.02
N SER E 225 18.20 40.23 -13.03
CA SER E 225 18.46 41.65 -13.02
C SER E 225 19.71 41.91 -13.77
N HIS E 226 19.90 43.18 -14.13
CA HIS E 226 21.07 43.64 -14.87
C HIS E 226 22.39 43.15 -14.29
N ASP E 227 22.51 43.26 -12.98
CA ASP E 227 23.71 42.83 -12.28
C ASP E 227 23.96 41.34 -12.47
N ASP E 228 22.89 40.55 -12.49
CA ASP E 228 23.08 39.12 -12.66
C ASP E 228 23.77 38.93 -14.00
N TYR E 229 23.32 39.68 -14.99
CA TYR E 229 23.87 39.60 -16.33
C TYR E 229 25.36 39.95 -16.45
N LEU E 230 25.75 41.03 -15.81
CA LEU E 230 27.16 41.43 -15.88
C LEU E 230 27.96 40.34 -15.24
N ILE E 231 27.46 39.88 -14.09
CA ILE E 231 28.12 38.83 -13.31
C ILE E 231 28.17 37.51 -14.06
N ALA E 232 27.05 37.10 -14.61
CA ALA E 232 27.03 35.85 -15.33
C ALA E 232 27.94 36.05 -16.52
N LYS E 233 27.91 37.24 -17.09
CA LYS E 233 28.72 37.54 -18.26
C LYS E 233 30.23 37.57 -18.01
N GLU E 234 30.65 38.21 -16.94
CA GLU E 234 32.07 38.28 -16.66
C GLU E 234 32.61 36.92 -16.31
N LEU E 235 31.92 36.18 -15.45
CA LEU E 235 32.36 34.85 -15.04
C LEU E 235 32.34 33.89 -16.21
N ILE E 236 31.28 33.97 -17.00
CA ILE E 236 31.15 33.10 -18.15
C ILE E 236 32.36 33.25 -19.06
N VAL E 237 32.75 34.50 -19.33
CA VAL E 237 33.87 34.75 -20.22
C VAL E 237 35.25 34.43 -19.68
N LEU E 238 35.54 34.91 -18.49
CA LEU E 238 36.85 34.65 -17.94
C LEU E 238 37.10 33.16 -17.64
N SER E 239 36.05 32.47 -17.24
CA SER E 239 36.11 31.04 -16.91
C SER E 239 36.55 30.19 -18.08
N TYR E 240 36.25 30.65 -19.30
CA TYR E 240 36.61 29.91 -20.49
C TYR E 240 38.12 29.66 -20.61
N SER E 241 38.90 30.62 -20.14
CA SER E 241 40.36 30.54 -20.15
C SER E 241 40.92 30.32 -18.76
N ASN E 242 40.43 31.08 -17.77
CA ASN E 242 40.87 30.91 -16.39
C ASN E 242 40.09 29.76 -15.75
N ARG E 243 40.81 28.75 -15.28
CA ARG E 243 40.16 27.61 -14.65
C ARG E 243 40.94 27.21 -13.42
N SER E 244 41.40 28.18 -12.66
CA SER E 244 42.16 27.87 -11.47
C SER E 244 42.25 28.95 -10.40
N THR E 245 41.68 30.12 -10.63
CA THR E 245 41.73 31.19 -9.65
C THR E 245 40.56 32.16 -9.77
N LEU E 246 39.72 31.94 -10.75
CA LEU E 246 38.58 32.83 -10.95
C LEU E 246 37.64 32.80 -9.77
N ALA E 247 37.33 31.58 -9.30
CA ALA E 247 36.43 31.36 -8.17
C ALA E 247 37.04 31.84 -6.86
N LYS E 248 38.33 31.56 -6.69
CA LYS E 248 39.03 32.01 -5.50
C LYS E 248 39.14 33.54 -5.50
N LEU E 249 39.49 34.12 -6.65
CA LEU E 249 39.67 35.56 -6.75
C LEU E 249 38.38 36.38 -6.55
N VAL E 250 37.30 35.91 -7.15
CA VAL E 250 36.01 36.59 -7.03
C VAL E 250 35.48 36.57 -5.63
N SER E 251 35.67 35.45 -4.93
CA SER E 251 35.19 35.30 -3.57
C SER E 251 36.07 35.96 -2.52
N SER E 252 37.38 35.65 -2.55
CA SER E 252 38.35 36.18 -1.60
C SER E 252 38.09 37.44 -0.79
N PRO E 253 37.68 38.56 -1.43
CA PRO E 253 37.40 39.84 -0.73
C PRO E 253 36.24 39.83 0.24
N MET E 254 35.35 38.85 0.09
CA MET E 254 34.18 38.74 0.96
C MET E 254 34.55 38.66 2.44
N SER E 255 35.69 38.05 2.73
CA SER E 255 36.12 37.95 4.11
C SER E 255 36.38 39.33 4.69
N ILE E 256 37.07 40.20 3.97
CA ILE E 256 37.33 41.54 4.48
C ILE E 256 36.12 42.44 4.52
N LEU E 257 35.20 42.26 3.57
CA LEU E 257 33.98 43.06 3.47
C LEU E 257 33.05 42.97 4.68
N VAL E 258 32.97 41.78 5.28
CA VAL E 258 32.09 41.60 6.43
C VAL E 258 32.48 42.51 7.57
N ALA E 259 33.78 42.72 7.74
CA ALA E 259 34.26 43.60 8.80
C ALA E 259 33.82 45.04 8.59
N LEU E 260 33.74 45.44 7.32
CA LEU E 260 33.36 46.80 6.96
C LEU E 260 32.01 47.37 7.45
N VAL E 261 30.91 46.61 7.39
CA VAL E 261 29.63 47.18 7.84
C VAL E 261 29.28 47.09 9.32
N ASP E 262 28.73 48.19 9.83
CA ASP E 262 28.32 48.30 11.23
C ASP E 262 27.20 47.31 11.51
N ILE E 263 26.55 47.46 12.65
CA ILE E 263 25.43 46.59 13.04
C ILE E 263 24.30 47.45 13.62
N ASN E 264 23.22 47.58 12.86
CA ASN E 264 22.05 48.35 13.29
C ASN E 264 20.98 47.36 13.72
N GLY E 265 21.03 46.96 14.98
CA GLY E 265 20.07 45.99 15.46
C GLY E 265 20.36 44.61 14.90
N THR E 266 20.55 43.65 15.81
CA THR E 266 20.87 42.28 15.42
C THR E 266 20.26 41.31 16.41
N PHE E 267 20.20 40.04 16.04
CA PHE E 267 19.66 39.01 16.93
C PHE E 267 20.80 38.36 17.69
N ILE E 268 20.53 37.97 18.93
CA ILE E 268 21.52 37.36 19.79
C ILE E 268 21.05 36.08 20.44
N THR E 269 21.90 35.47 21.26
CA THR E 269 21.56 34.24 21.96
C THR E 269 21.39 34.52 23.45
N ASN E 270 20.18 34.35 23.94
CA ASN E 270 19.85 34.58 25.34
C ASN E 270 20.05 33.32 26.14
N GLU E 271 19.89 33.43 27.46
CA GLU E 271 20.08 32.33 28.39
C GLU E 271 19.37 31.03 28.04
N GLU E 272 18.24 31.14 27.34
CA GLU E 272 17.46 29.98 26.92
C GLU E 272 17.89 29.52 25.53
N LEU E 273 19.08 29.97 25.12
CA LEU E 273 19.70 29.65 23.84
C LEU E 273 18.76 29.72 22.65
N GLU E 274 18.05 30.84 22.57
CA GLU E 274 17.11 31.10 21.49
C GLU E 274 17.40 32.48 20.94
N LEU E 275 17.32 32.63 19.63
CA LEU E 275 17.58 33.91 18.99
C LEU E 275 16.68 34.99 19.56
N GLU E 276 17.28 36.06 20.03
CA GLU E 276 16.53 37.15 20.61
C GLU E 276 16.96 38.43 19.94
N PHE E 277 16.00 39.22 19.45
CA PHE E 277 16.31 40.47 18.79
C PHE E 277 16.89 41.51 19.74
N SER E 278 18.07 42.02 19.41
CA SER E 278 18.71 43.04 20.22
C SER E 278 18.84 44.29 19.37
N ASN E 279 18.71 45.45 20.00
CA ASN E 279 18.80 46.72 19.25
C ASN E 279 20.22 47.27 19.20
N LYS E 280 21.13 46.60 19.90
CA LYS E 280 22.53 47.00 19.95
C LYS E 280 23.07 47.55 18.62
N TYR E 281 24.01 48.48 18.73
CA TYR E 281 24.64 49.12 17.59
C TYR E 281 26.15 48.97 17.74
N VAL E 282 26.82 48.54 16.68
CA VAL E 282 28.27 48.41 16.75
C VAL E 282 28.94 49.01 15.50
N ARG E 283 29.84 49.96 15.73
CA ARG E 283 30.55 50.61 14.64
C ARG E 283 31.63 49.69 14.11
N ALA E 284 31.52 49.35 12.83
CA ALA E 284 32.50 48.47 12.19
C ALA E 284 33.75 49.28 11.95
N ILE E 285 34.67 49.27 12.91
CA ILE E 285 35.91 50.01 12.76
C ILE E 285 37.05 49.15 12.25
N VAL E 286 37.66 49.58 11.15
CA VAL E 286 38.77 48.82 10.58
C VAL E 286 40.02 49.68 10.42
N PRO E 287 41.20 49.07 10.66
CA PRO E 287 42.50 49.75 10.56
C PRO E 287 42.87 50.03 9.11
N ASP E 288 43.73 51.02 8.90
CA ASP E 288 44.16 51.40 7.55
C ASP E 288 44.75 50.25 6.73
N GLN E 289 45.65 49.48 7.35
CA GLN E 289 46.32 48.39 6.66
C GLN E 289 45.33 47.37 6.11
N THR E 290 44.24 47.15 6.85
CA THR E 290 43.20 46.21 6.45
C THR E 290 42.57 46.65 5.13
N PHE E 291 42.42 47.95 4.97
CA PHE E 291 41.86 48.47 3.74
C PHE E 291 42.75 48.17 2.54
N ASP E 292 44.06 48.27 2.75
CA ASP E 292 45.03 47.98 1.70
C ASP E 292 44.93 46.53 1.32
N GLU E 293 44.73 45.67 2.31
CA GLU E 293 44.63 44.24 2.05
C GLU E 293 43.47 44.06 1.08
N LEU E 294 42.37 44.78 1.31
CA LEU E 294 41.22 44.67 0.42
C LEU E 294 41.51 45.25 -0.95
N ASN E 295 42.30 46.33 -1.01
CA ASN E 295 42.61 46.90 -2.32
C ASN E 295 43.35 45.89 -3.19
N GLN E 296 44.31 45.19 -2.60
CA GLN E 296 45.11 44.20 -3.31
C GLN E 296 44.22 43.08 -3.85
N MET E 297 43.19 42.71 -3.09
CA MET E 297 42.25 41.69 -3.53
C MET E 297 41.54 42.19 -4.77
N LEU E 298 41.21 43.48 -4.74
CA LEU E 298 40.56 44.11 -5.86
C LEU E 298 41.51 44.20 -7.04
N ASP E 299 42.76 44.56 -6.78
CA ASP E 299 43.76 44.68 -7.84
C ASP E 299 44.00 43.36 -8.50
N ASN E 300 44.14 42.31 -7.69
CA ASN E 300 44.41 40.95 -8.19
C ASN E 300 43.26 40.53 -9.07
N MET E 301 42.05 40.93 -8.69
CA MET E 301 40.87 40.63 -9.47
C MET E 301 40.98 41.40 -10.78
N ARG E 302 41.42 42.64 -10.67
CA ARG E 302 41.55 43.48 -11.86
C ARG E 302 42.65 43.01 -12.80
N LYS E 303 43.84 42.74 -12.26
CA LYS E 303 44.96 42.31 -13.07
C LYS E 303 44.68 40.96 -13.72
N ALA E 304 43.58 40.33 -13.30
CA ALA E 304 43.22 39.00 -13.81
C ALA E 304 42.12 38.98 -14.87
N GLY E 305 41.75 40.15 -15.36
CA GLY E 305 40.73 40.22 -16.39
C GLY E 305 39.42 40.87 -15.99
N LEU E 306 39.05 40.66 -14.72
CA LEU E 306 37.82 41.21 -14.18
C LEU E 306 37.70 42.71 -14.43
N VAL E 307 36.47 43.20 -14.45
CA VAL E 307 36.23 44.61 -14.72
C VAL E 307 35.00 45.11 -13.96
N ASP E 308 33.84 44.62 -14.36
CA ASP E 308 32.57 45.01 -13.74
C ASP E 308 32.39 44.56 -12.30
N ILE E 309 32.74 43.31 -12.01
CA ILE E 309 32.60 42.81 -10.64
C ILE E 309 33.48 43.63 -9.68
N PRO E 310 34.72 43.92 -10.08
CA PRO E 310 35.56 44.69 -9.17
C PRO E 310 34.94 46.07 -8.97
N LYS E 311 34.40 46.60 -10.06
CA LYS E 311 33.81 47.92 -10.00
C LYS E 311 32.69 47.92 -9.00
N MET E 312 31.87 46.87 -8.99
CA MET E 312 30.70 46.80 -8.10
C MET E 312 31.10 46.87 -6.64
N ILE E 313 32.10 46.11 -6.25
CA ILE E 313 32.55 46.12 -4.87
C ILE E 313 33.07 47.52 -4.55
N GLN E 314 33.72 48.14 -5.54
CA GLN E 314 34.28 49.46 -5.36
C GLN E 314 33.17 50.46 -5.04
N ASP E 315 32.06 50.35 -5.75
CA ASP E 315 30.93 51.24 -5.54
C ASP E 315 30.37 50.98 -4.17
N TRP E 316 30.35 49.71 -3.77
CA TRP E 316 29.81 49.35 -2.48
C TRP E 316 30.60 49.96 -1.33
N LEU E 317 31.92 50.01 -1.47
CA LEU E 317 32.79 50.55 -0.44
C LEU E 317 32.67 52.05 -0.17
N VAL E 318 31.90 52.78 -1.00
CA VAL E 318 31.77 54.22 -0.80
C VAL E 318 30.88 54.55 0.39
N ASP E 319 29.92 53.68 0.66
CA ASP E 319 29.02 53.88 1.78
C ASP E 319 28.87 52.62 2.63
N ARG E 320 29.24 51.47 2.07
CA ARG E 320 29.17 50.20 2.79
C ARG E 320 27.87 50.07 3.57
N SER E 321 26.76 50.22 2.86
CA SER E 321 25.44 50.14 3.47
C SER E 321 24.90 48.73 3.41
N ILE E 322 24.62 48.13 4.56
CA ILE E 322 24.09 46.79 4.58
C ILE E 322 22.86 46.70 3.67
N GLU E 323 22.20 47.84 3.45
CA GLU E 323 21.02 47.90 2.60
C GLU E 323 21.32 47.54 1.16
N LYS E 324 22.58 47.70 0.77
CA LYS E 324 23.05 47.39 -0.58
C LYS E 324 24.07 46.25 -0.53
N PHE E 325 24.04 45.48 0.55
CA PHE E 325 24.96 44.37 0.70
C PHE E 325 24.54 43.14 -0.12
N PRO E 326 23.22 42.95 -0.33
CA PRO E 326 22.75 41.82 -1.11
C PRO E 326 23.58 41.51 -2.35
N LEU E 327 24.10 42.55 -2.97
CA LEU E 327 24.91 42.41 -4.18
C LEU E 327 26.22 41.73 -3.92
N MET E 328 26.86 42.13 -2.83
CA MET E 328 28.15 41.57 -2.46
C MET E 328 27.96 40.07 -2.29
N ALA E 329 26.80 39.70 -1.77
CA ALA E 329 26.45 38.30 -1.55
C ALA E 329 26.24 37.52 -2.84
N LYS E 330 25.59 38.14 -3.80
CA LYS E 330 25.34 37.48 -5.06
C LYS E 330 26.66 37.13 -5.72
N ILE E 331 27.66 37.99 -5.55
CA ILE E 331 28.99 37.76 -6.13
C ILE E 331 29.71 36.56 -5.51
N TYR E 332 29.72 36.51 -4.18
CA TYR E 332 30.37 35.45 -3.44
C TYR E 332 29.67 34.11 -3.74
N SER E 333 28.36 34.12 -3.85
CA SER E 333 27.62 32.90 -4.18
C SER E 333 27.83 32.49 -5.64
N TRP E 334 27.83 33.48 -6.52
CA TRP E 334 28.01 33.25 -7.94
C TRP E 334 29.37 32.71 -8.36
N SER E 335 30.41 33.15 -7.66
CA SER E 335 31.75 32.74 -7.99
C SER E 335 31.92 31.22 -7.94
N PHE E 336 31.08 30.54 -7.17
CA PHE E 336 31.12 29.08 -7.06
C PHE E 336 30.58 28.32 -8.26
N HIS E 337 29.66 28.91 -9.01
CA HIS E 337 29.04 28.24 -10.17
C HIS E 337 29.89 28.25 -11.44
N VAL E 338 31.19 28.42 -11.26
CA VAL E 338 32.10 28.45 -12.39
C VAL E 338 32.62 27.03 -12.66
N GLY E 339 32.38 26.12 -11.72
CA GLY E 339 32.80 24.74 -11.90
C GLY E 339 33.68 24.20 -10.78
N PHE E 340 34.15 22.95 -10.94
CA PHE E 340 35.01 22.30 -9.96
C PHE E 340 36.48 22.28 -10.38
N ARG E 341 37.38 22.74 -9.51
CA ARG E 341 38.81 22.71 -9.86
C ARG E 341 39.32 21.27 -9.79
N LYS E 342 39.24 20.54 -10.90
CA LYS E 342 39.72 19.15 -10.93
C LYS E 342 41.10 19.00 -11.56
N GLN E 343 42.13 19.09 -10.73
CA GLN E 343 43.50 18.95 -11.18
C GLN E 343 44.03 17.52 -11.01
N LYS E 344 45.20 17.25 -11.57
CA LYS E 344 45.79 15.92 -11.47
C LYS E 344 46.09 15.54 -10.01
N MET E 345 45.77 14.30 -9.64
CA MET E 345 45.98 13.84 -8.28
C MET E 345 47.32 14.22 -7.64
N LEU E 346 48.40 14.06 -8.42
CA LEU E 346 49.75 14.36 -7.92
C LEU E 346 49.98 15.81 -7.62
N ASP E 347 49.42 16.67 -8.44
CA ASP E 347 49.56 18.10 -8.23
C ASP E 347 48.88 18.45 -6.93
N ALA E 348 47.70 17.87 -6.72
CA ALA E 348 46.93 18.15 -5.52
C ALA E 348 47.73 17.71 -4.32
N ALA E 349 48.32 16.52 -4.43
CA ALA E 349 49.14 15.92 -3.38
C ALA E 349 50.40 16.72 -3.06
N LEU E 350 50.98 17.31 -4.11
CA LEU E 350 52.22 18.07 -4.02
C LEU E 350 52.24 19.31 -3.12
N ASP E 351 51.11 20.01 -2.99
CA ASP E 351 51.08 21.24 -2.19
C ASP E 351 51.62 21.01 -0.78
N GLN E 352 51.34 19.85 -0.21
CA GLN E 352 51.83 19.53 1.13
C GLN E 352 53.35 19.38 1.16
N GLU E 364 59.62 22.39 19.19
CA GLU E 364 60.14 23.36 20.14
C GLU E 364 59.05 24.30 20.67
N MET E 365 58.27 24.89 19.77
CA MET E 365 57.20 25.79 20.19
C MET E 365 55.82 25.13 20.07
N TYR E 366 55.83 23.80 20.01
CA TYR E 366 54.61 23.01 19.90
C TYR E 366 54.34 22.29 21.21
N ARG E 367 55.11 22.63 22.23
CA ARG E 367 54.94 22.02 23.54
C ARG E 367 53.59 22.44 24.12
N GLU E 368 53.28 23.73 24.03
CA GLU E 368 52.03 24.26 24.53
C GLU E 368 50.88 23.73 23.71
N TYR E 369 51.08 23.73 22.39
CA TYR E 369 50.05 23.30 21.46
C TYR E 369 49.66 21.82 21.55
N THR E 370 50.63 20.93 21.51
CA THR E 370 50.35 19.51 21.59
C THR E 370 49.83 19.13 22.97
N MET E 371 50.31 19.83 23.99
CA MET E 371 49.89 19.56 25.37
C MET E 371 48.39 19.71 25.51
N LEU E 372 47.82 20.74 24.89
CA LEU E 372 46.37 20.95 24.95
C LEU E 372 45.63 19.87 24.19
N ILE E 373 46.16 19.45 23.05
CA ILE E 373 45.52 18.43 22.24
C ILE E 373 45.41 17.15 23.04
N ARG E 374 46.47 16.78 23.76
CA ARG E 374 46.48 15.57 24.56
C ARG E 374 45.47 15.69 25.69
N ASP E 375 45.50 16.82 26.37
CA ASP E 375 44.61 17.06 27.50
C ASP E 375 43.14 17.00 27.09
N GLU E 376 42.82 17.57 25.94
CA GLU E 376 41.46 17.58 25.45
C GLU E 376 41.02 16.16 25.18
N VAL E 377 41.94 15.34 24.68
CA VAL E 377 41.67 13.95 24.37
C VAL E 377 41.33 13.19 25.63
N VAL E 378 42.06 13.51 26.69
CA VAL E 378 41.86 12.85 27.96
C VAL E 378 40.50 13.18 28.56
N LYS E 379 40.11 14.44 28.52
CA LYS E 379 38.83 14.82 29.10
C LYS E 379 37.72 14.07 28.42
N MET E 380 37.77 14.05 27.10
CA MET E 380 36.75 13.37 26.34
C MET E 380 36.67 11.88 26.71
N LEU E 381 37.76 11.33 27.22
CA LEU E 381 37.79 9.90 27.55
C LEU E 381 38.30 9.61 28.97
N GLU E 382 38.04 10.53 29.89
CA GLU E 382 38.51 10.36 31.26
C GLU E 382 37.56 9.51 32.08
N GLU E 383 36.32 9.95 32.20
CA GLU E 383 35.36 9.20 32.99
C GLU E 383 35.06 7.83 32.43
N PRO E 384 34.86 7.74 31.11
CA PRO E 384 34.56 6.44 30.51
C PRO E 384 35.62 5.39 30.76
N VAL E 385 36.88 5.78 30.69
CA VAL E 385 37.98 4.85 30.85
C VAL E 385 38.11 4.26 32.25
N LYS E 386 37.98 5.08 33.28
CA LYS E 386 38.12 4.57 34.64
C LYS E 386 36.98 3.63 34.99
N HIS E 387 35.76 4.02 34.65
CA HIS E 387 34.60 3.20 34.92
C HIS E 387 34.63 1.90 34.13
N ASP E 388 35.26 1.93 32.96
CA ASP E 388 35.40 0.76 32.10
C ASP E 388 34.14 0.62 31.29
N ASP E 389 33.81 1.70 30.59
CA ASP E 389 32.63 1.76 29.76
C ASP E 389 32.51 0.52 28.91
N HIS E 390 31.31 -0.01 28.78
CA HIS E 390 31.11 -1.21 27.98
C HIS E 390 31.49 -0.96 26.53
N LEU E 391 31.26 0.28 26.06
CA LEU E 391 31.56 0.64 24.68
C LEU E 391 33.06 0.50 24.43
N LEU E 392 33.86 0.96 25.38
CA LEU E 392 35.30 0.87 25.27
C LEU E 392 35.73 -0.59 25.33
N ARG E 393 35.09 -1.36 26.19
CA ARG E 393 35.43 -2.75 26.33
C ARG E 393 35.07 -3.55 25.06
N ASP E 394 33.89 -3.31 24.50
CA ASP E 394 33.48 -4.06 23.31
C ASP E 394 33.61 -3.29 22.01
N SER E 395 34.49 -2.31 22.00
CA SER E 395 34.75 -1.45 20.85
C SER E 395 34.83 -2.19 19.51
N GLU E 396 35.28 -3.44 19.54
CA GLU E 396 35.41 -4.22 18.32
C GLU E 396 34.06 -4.55 17.66
N LEU E 397 33.07 -4.89 18.48
CA LEU E 397 31.75 -5.20 17.95
C LEU E 397 31.09 -3.91 17.39
N ALA E 398 31.20 -2.83 18.16
CA ALA E 398 30.57 -1.58 17.76
C ALA E 398 31.14 -1.09 16.43
N GLY E 399 32.46 -1.10 16.32
CA GLY E 399 33.10 -0.66 15.10
C GLY E 399 32.66 -1.57 13.98
N LEU E 400 32.54 -2.86 14.30
CA LEU E 400 32.14 -3.83 13.30
C LEU E 400 30.74 -3.55 12.82
N LEU E 401 29.86 -3.23 13.76
CA LEU E 401 28.45 -2.94 13.43
C LEU E 401 28.33 -1.67 12.61
N SER E 402 29.12 -0.67 12.98
CA SER E 402 29.13 0.64 12.34
C SER E 402 29.52 0.62 10.85
N MET E 403 30.35 -0.32 10.44
CA MET E 403 30.78 -0.43 9.06
C MET E 403 29.83 0.15 8.01
N SER E 404 28.53 0.03 8.23
CA SER E 404 27.55 0.59 7.29
C SER E 404 27.78 2.09 7.13
N SER E 405 28.20 2.72 8.22
CA SER E 405 28.47 4.15 8.23
C SER E 405 29.98 4.33 8.33
N ALA E 406 30.71 3.47 7.63
CA ALA E 406 32.17 3.55 7.62
C ALA E 406 32.61 4.15 6.29
N SER E 407 33.87 4.54 6.23
CA SER E 407 34.42 5.14 5.02
C SER E 407 34.43 4.16 3.86
N ASN E 408 35.50 4.20 3.05
CA ASN E 408 35.63 3.29 1.91
C ASN E 408 37.06 2.79 1.75
N GLY E 409 37.20 1.61 1.15
CA GLY E 409 38.50 1.02 0.94
C GLY E 409 38.66 0.58 -0.51
N GLU E 410 39.81 0.03 -0.86
CA GLU E 410 40.07 -0.41 -2.22
C GLU E 410 39.06 -1.45 -2.69
N SER E 411 38.70 -1.40 -3.97
CA SER E 411 37.73 -2.35 -4.52
C SER E 411 38.39 -3.71 -4.67
N ARG E 412 38.51 -4.41 -3.55
CA ARG E 412 39.14 -5.73 -3.53
C ARG E 412 38.39 -6.75 -4.37
N GLN E 413 38.92 -7.97 -4.39
CA GLN E 413 38.32 -9.06 -5.13
C GLN E 413 37.74 -10.02 -4.10
N LEU E 414 36.56 -10.57 -4.38
CA LEU E 414 35.92 -11.47 -3.44
C LEU E 414 35.26 -12.68 -4.11
N LYS E 415 34.92 -13.66 -3.27
CA LYS E 415 34.27 -14.90 -3.69
C LYS E 415 33.33 -15.36 -2.59
N PHE E 416 32.04 -15.45 -2.93
CA PHE E 416 31.03 -15.89 -1.98
C PHE E 416 30.19 -17.01 -2.59
N GLY E 417 30.36 -18.23 -2.09
CA GLY E 417 29.62 -19.36 -2.62
C GLY E 417 30.36 -20.00 -3.77
N ARG E 418 30.17 -19.46 -4.97
CA ARG E 418 30.82 -19.99 -6.17
C ARG E 418 30.97 -18.92 -7.25
N LYS E 419 31.17 -17.67 -6.84
CA LYS E 419 31.33 -16.57 -7.80
C LYS E 419 32.38 -15.55 -7.35
N THR E 420 32.51 -14.51 -8.16
CA THR E 420 33.50 -13.46 -7.89
C THR E 420 32.88 -12.06 -8.03
N ILE E 421 33.31 -11.15 -7.17
CA ILE E 421 32.81 -9.77 -7.23
C ILE E 421 33.89 -8.73 -6.93
N PHE E 422 33.62 -7.49 -7.33
CA PHE E 422 34.55 -6.39 -7.12
C PHE E 422 33.98 -5.37 -6.13
N SER E 423 33.72 -5.80 -4.90
CA SER E 423 33.18 -4.89 -3.92
C SER E 423 34.23 -3.97 -3.33
N THR E 424 33.82 -2.72 -3.09
CA THR E 424 34.70 -1.71 -2.55
C THR E 424 34.31 -1.36 -1.11
N LYS E 425 33.15 -1.84 -0.69
CA LYS E 425 32.64 -1.58 0.65
C LYS E 425 33.44 -2.31 1.72
N LYS E 426 33.88 -1.55 2.72
CA LYS E 426 34.69 -2.06 3.81
C LYS E 426 34.06 -3.16 4.64
N ASN E 427 32.74 -3.12 4.80
CA ASN E 427 32.03 -4.14 5.58
C ASN E 427 32.15 -5.53 4.96
N MET E 428 31.99 -5.62 3.64
CA MET E 428 32.09 -6.89 2.97
C MET E 428 33.50 -7.48 3.14
N HIS E 429 34.50 -6.62 3.18
CA HIS E 429 35.87 -7.10 3.33
C HIS E 429 35.91 -7.88 4.62
N VAL E 430 35.21 -7.40 5.64
CA VAL E 430 35.20 -8.11 6.92
C VAL E 430 34.62 -9.50 6.73
N MET E 431 33.60 -9.61 5.86
CA MET E 431 32.98 -10.90 5.63
C MET E 431 33.92 -11.91 4.98
N ASP E 432 34.64 -11.46 3.96
CA ASP E 432 35.56 -12.32 3.24
C ASP E 432 36.67 -12.77 4.19
N ASP E 433 37.19 -11.82 4.95
CA ASP E 433 38.28 -12.09 5.89
C ASP E 433 37.90 -13.00 7.06
N MET E 434 36.70 -12.83 7.62
CA MET E 434 36.28 -13.67 8.73
C MET E 434 36.10 -15.12 8.28
N ALA E 435 35.47 -15.29 7.12
CA ALA E 435 35.22 -16.60 6.55
C ALA E 435 36.44 -17.13 5.85
N ASN E 436 37.59 -16.52 6.11
CA ASN E 436 38.84 -16.96 5.50
C ASN E 436 39.99 -16.97 6.49
N GLU E 437 39.68 -16.80 7.77
CA GLU E 437 40.72 -16.81 8.81
C GLU E 437 41.72 -15.66 8.62
N ARG E 438 41.44 -14.80 7.65
CA ARG E 438 42.28 -13.65 7.35
C ARG E 438 41.95 -12.48 8.26
N TYR E 439 40.69 -12.41 8.70
CA TYR E 439 40.25 -11.36 9.59
C TYR E 439 41.16 -11.31 10.82
N THR E 440 41.88 -10.21 11.00
CA THR E 440 42.80 -10.08 12.14
C THR E 440 42.91 -8.63 12.62
N PRO E 441 41.83 -8.09 13.21
CA PRO E 441 41.82 -6.71 13.70
C PRO E 441 42.89 -6.36 14.74
N GLY E 442 43.29 -7.35 15.54
CA GLY E 442 44.30 -7.07 16.54
C GLY E 442 45.60 -6.64 15.86
N ILE E 443 45.66 -6.89 14.57
CA ILE E 443 46.84 -6.56 13.76
C ILE E 443 46.43 -5.56 12.69
N ILE E 444 46.62 -4.27 12.98
CA ILE E 444 46.27 -3.20 12.06
C ILE E 444 47.38 -2.94 11.05
N PRO E 445 47.12 -3.27 9.78
CA PRO E 445 48.03 -3.10 8.66
C PRO E 445 48.88 -1.83 8.70
N PRO E 446 50.19 -1.98 8.43
CA PRO E 446 51.09 -0.83 8.45
C PRO E 446 50.84 0.01 7.21
N VAL E 447 50.84 1.32 7.40
CA VAL E 447 50.60 2.23 6.31
C VAL E 447 51.87 2.99 5.95
N ASN E 448 52.87 2.25 5.47
CA ASN E 448 54.13 2.85 5.06
C ASN E 448 54.59 2.29 3.73
N VAL E 449 55.89 2.41 3.49
CA VAL E 449 56.53 1.98 2.26
C VAL E 449 56.10 0.58 1.81
N ASP E 450 56.07 -0.37 2.74
CA ASP E 450 55.68 -1.73 2.41
C ASP E 450 54.25 -1.74 1.89
N LYS E 451 53.30 -1.35 2.74
CA LYS E 451 51.90 -1.31 2.35
C LYS E 451 51.35 0.13 2.44
N PRO E 452 51.68 0.97 1.45
CA PRO E 452 51.24 2.37 1.41
C PRO E 452 49.73 2.53 1.44
N ILE E 453 49.28 3.78 1.36
CA ILE E 453 47.86 4.12 1.42
C ILE E 453 47.31 4.58 0.09
N PRO E 454 46.26 3.92 -0.42
CA PRO E 454 45.69 4.35 -1.70
C PRO E 454 45.21 5.77 -1.51
N LEU E 455 44.54 6.34 -2.50
CA LEU E 455 44.09 7.70 -2.33
C LEU E 455 42.73 8.05 -2.92
N GLY E 456 42.03 8.91 -2.19
CA GLY E 456 40.73 9.36 -2.62
C GLY E 456 40.82 10.87 -2.68
N ARG E 457 39.77 11.52 -3.18
CA ARG E 457 39.80 12.96 -3.30
C ARG E 457 38.49 13.67 -3.07
N ARG E 458 38.59 14.98 -2.84
CA ARG E 458 37.44 15.84 -2.60
C ARG E 458 37.65 17.18 -3.32
N ASP E 459 36.81 17.47 -4.30
CA ASP E 459 36.94 18.72 -5.02
C ASP E 459 35.91 19.73 -4.56
N VAL E 460 36.27 21.00 -4.65
CA VAL E 460 35.37 22.08 -4.24
C VAL E 460 35.71 23.33 -5.05
N PRO E 461 34.69 24.09 -5.46
CA PRO E 461 34.96 25.30 -6.25
C PRO E 461 35.80 26.30 -5.48
N GLY E 462 36.79 26.87 -6.14
CA GLY E 462 37.63 27.88 -5.52
C GLY E 462 38.57 27.43 -4.41
N ARG E 463 39.21 26.28 -4.58
CA ARG E 463 40.17 25.80 -3.59
C ARG E 463 41.02 24.65 -4.10
N ARG E 464 42.29 24.66 -3.71
CA ARG E 464 43.21 23.61 -4.12
C ARG E 464 42.68 22.25 -3.71
N THR E 465 42.76 21.29 -4.63
CA THR E 465 42.28 19.95 -4.38
C THR E 465 42.96 19.31 -3.17
N ARG E 466 42.16 18.65 -2.34
CA ARG E 466 42.67 17.96 -1.17
C ARG E 466 42.50 16.46 -1.32
N ILE E 467 43.48 15.71 -0.80
CA ILE E 467 43.43 14.26 -0.90
C ILE E 467 42.85 13.57 0.34
N ILE E 468 42.39 12.34 0.12
CA ILE E 468 41.75 11.53 1.13
C ILE E 468 42.42 10.16 1.19
N PHE E 469 42.92 9.77 2.37
CA PHE E 469 43.58 8.48 2.55
C PHE E 469 42.63 7.40 2.13
N ILE E 470 43.07 6.15 2.27
CA ILE E 470 42.23 5.01 1.95
C ILE E 470 42.80 3.88 2.80
N LEU E 471 42.62 4.02 4.11
CA LEU E 471 43.10 3.04 5.07
C LEU E 471 42.16 1.83 5.07
N PRO E 472 42.67 0.65 5.42
CA PRO E 472 41.87 -0.57 5.47
C PRO E 472 40.84 -0.50 6.61
N TYR E 473 40.07 -1.56 6.81
CA TYR E 473 39.06 -1.59 7.86
C TYR E 473 39.57 -1.74 9.30
N GLU E 474 40.79 -2.24 9.47
CA GLU E 474 41.30 -2.39 10.82
C GLU E 474 41.32 -1.02 11.47
N TYR E 475 41.56 0.02 10.67
CA TYR E 475 41.62 1.41 11.15
C TYR E 475 40.28 2.00 11.66
N PHE E 476 39.18 1.71 10.95
CA PHE E 476 37.87 2.22 11.35
C PHE E 476 37.38 1.57 12.65
N ILE E 477 37.65 0.27 12.75
CA ILE E 477 37.30 -0.55 13.89
C ILE E 477 38.05 -0.07 15.12
N ALA E 478 39.31 0.25 14.96
CA ALA E 478 40.12 0.71 16.08
C ALA E 478 39.88 2.17 16.37
N GLN E 479 38.91 2.77 15.68
CA GLN E 479 38.63 4.18 15.89
C GLN E 479 37.18 4.58 16.17
N HIS E 480 36.23 3.69 15.90
CA HIS E 480 34.82 4.04 16.10
C HIS E 480 34.37 4.30 17.55
N ALA E 481 34.74 3.41 18.46
CA ALA E 481 34.31 3.58 19.84
C ALA E 481 34.90 4.82 20.49
N VAL E 482 36.20 5.02 20.31
CA VAL E 482 36.86 6.16 20.94
C VAL E 482 36.33 7.49 20.44
N VAL E 483 36.12 7.58 19.14
CA VAL E 483 35.63 8.81 18.51
C VAL E 483 34.21 9.08 18.98
N GLU E 484 33.42 8.01 19.01
CA GLU E 484 32.03 8.10 19.40
C GLU E 484 31.91 8.60 20.81
N LYS E 485 32.81 8.14 21.68
CA LYS E 485 32.84 8.59 23.04
C LYS E 485 33.33 10.02 23.11
N MET E 486 34.23 10.38 22.18
CA MET E 486 34.78 11.74 22.12
C MET E 486 33.68 12.70 21.78
N LEU E 487 32.88 12.32 20.79
CA LEU E 487 31.80 13.17 20.33
C LEU E 487 30.77 13.50 21.41
N ILE E 488 30.48 12.54 22.28
CA ILE E 488 29.51 12.76 23.33
C ILE E 488 29.96 13.92 24.20
N TYR E 489 31.27 14.01 24.43
CA TYR E 489 31.82 15.11 25.21
C TYR E 489 31.62 16.40 24.44
N ALA E 490 31.89 16.33 23.15
CA ALA E 490 31.77 17.50 22.29
C ALA E 490 30.33 17.93 22.28
N LYS E 491 29.45 16.94 22.18
CA LYS E 491 28.00 17.12 22.13
C LYS E 491 27.48 18.07 23.19
N HIS E 492 28.16 18.12 24.34
CA HIS E 492 27.73 19.02 25.42
C HIS E 492 28.72 20.12 25.77
N THR E 493 29.65 20.38 24.84
CA THR E 493 30.66 21.42 24.98
C THR E 493 30.49 22.45 23.85
N ARG E 494 30.10 23.67 24.22
CA ARG E 494 29.82 24.71 23.25
C ARG E 494 30.96 25.18 22.37
N GLU E 495 32.20 24.99 22.84
CA GLU E 495 33.37 25.37 22.08
C GLU E 495 33.33 24.76 20.68
N TYR E 496 32.83 23.53 20.59
CA TYR E 496 32.71 22.83 19.31
C TYR E 496 31.36 23.15 18.68
N ALA E 497 31.26 24.34 18.09
CA ALA E 497 30.02 24.81 17.47
C ALA E 497 29.37 23.89 16.46
N GLU E 498 30.03 22.79 16.11
CA GLU E 498 29.46 21.88 15.14
C GLU E 498 28.70 20.75 15.79
N PHE E 499 29.14 20.33 16.97
CA PHE E 499 28.52 19.23 17.66
C PHE E 499 27.48 19.54 18.71
N TYR E 500 27.74 20.54 19.55
CA TYR E 500 26.85 20.94 20.64
C TYR E 500 25.36 20.71 20.48
N SER E 501 24.81 19.82 21.31
CA SER E 501 23.39 19.51 21.29
C SER E 501 22.84 19.36 19.88
N GLN E 502 21.60 19.78 19.70
CA GLN E 502 20.96 19.68 18.39
C GLN E 502 21.11 21.00 17.66
N SER E 503 21.96 21.86 18.23
CA SER E 503 22.24 23.20 17.70
C SER E 503 22.29 23.30 16.19
N ASN E 504 21.62 24.32 15.65
CA ASN E 504 21.60 24.59 14.22
C ASN E 504 22.49 25.83 14.06
N GLN E 505 22.86 26.15 12.82
CA GLN E 505 23.74 27.29 12.53
C GLN E 505 23.27 28.62 13.09
N LEU E 506 21.96 28.72 13.37
CA LEU E 506 21.38 29.95 13.92
C LEU E 506 21.88 30.24 15.31
N LEU E 507 22.05 29.20 16.10
CA LEU E 507 22.55 29.35 17.45
C LEU E 507 23.96 29.90 17.41
N SER E 508 24.74 29.34 16.50
CA SER E 508 26.13 29.74 16.31
C SER E 508 26.17 31.20 15.90
N TYR E 509 25.23 31.60 15.06
CA TYR E 509 25.15 32.97 14.57
C TYR E 509 24.86 33.94 15.70
N GLY E 510 23.89 33.59 16.54
CA GLY E 510 23.50 34.43 17.66
C GLY E 510 24.57 34.61 18.72
N ASP E 511 25.36 33.56 18.92
CA ASP E 511 26.43 33.59 19.92
C ASP E 511 27.47 34.67 19.61
N VAL E 512 27.82 34.83 18.33
CA VAL E 512 28.80 35.82 17.90
C VAL E 512 28.35 37.29 18.08
N THR E 513 27.13 37.59 17.66
CA THR E 513 26.58 38.92 17.81
C THR E 513 26.38 39.24 19.27
N ARG E 514 26.05 38.22 20.06
CA ARG E 514 25.84 38.33 21.50
C ARG E 514 26.68 39.38 22.24
N PHE E 515 27.96 39.08 22.41
CA PHE E 515 28.87 39.97 23.14
C PHE E 515 29.43 41.15 22.35
N LEU E 516 29.13 41.23 21.06
CA LEU E 516 29.64 42.33 20.26
C LEU E 516 29.25 43.70 20.83
N SER E 517 30.27 44.46 21.20
CA SER E 517 30.09 45.78 21.76
C SER E 517 31.29 46.61 21.37
N ASN E 518 31.19 47.93 21.58
CA ASN E 518 32.30 48.82 21.23
C ASN E 518 33.55 48.59 22.09
N ASN E 519 33.56 47.53 22.89
CA ASN E 519 34.71 47.29 23.72
C ASN E 519 35.13 45.84 23.56
N THR E 520 34.84 45.29 22.39
CA THR E 520 35.17 43.91 22.12
C THR E 520 35.29 43.65 20.63
N MET E 521 36.43 43.10 20.22
CA MET E 521 36.70 42.78 18.82
C MET E 521 36.68 41.29 18.54
N VAL E 522 36.10 40.93 17.39
CA VAL E 522 36.00 39.54 17.00
C VAL E 522 37.17 39.15 16.14
N LEU E 523 37.55 37.88 16.21
CA LEU E 523 38.66 37.36 15.43
C LEU E 523 38.34 36.01 14.82
N TYR E 524 38.42 35.93 13.50
CA TYR E 524 38.15 34.68 12.80
C TYR E 524 39.37 34.21 12.01
N THR E 525 39.43 32.91 11.74
CA THR E 525 40.57 32.37 11.02
C THR E 525 40.14 31.34 9.99
N ASP E 526 41.12 30.92 9.18
CA ASP E 526 40.89 29.95 8.12
C ASP E 526 42.00 28.90 8.15
N VAL E 527 42.11 28.19 9.27
CA VAL E 527 43.14 27.17 9.43
C VAL E 527 43.03 25.94 8.53
N SER E 528 42.49 26.09 7.33
CA SER E 528 42.36 24.94 6.43
C SER E 528 43.71 24.34 6.01
N GLN E 529 44.65 25.21 5.66
CA GLN E 529 45.97 24.79 5.23
C GLN E 529 46.77 24.21 6.39
N TRP E 530 46.56 24.77 7.58
CA TRP E 530 47.26 24.31 8.79
C TRP E 530 46.94 22.85 9.14
N ASP E 531 45.71 22.42 8.84
CA ASP E 531 45.32 21.05 9.11
C ASP E 531 46.05 20.04 8.24
N SER E 532 46.78 20.53 7.24
CA SER E 532 47.51 19.64 6.34
C SER E 532 48.98 20.06 6.22
N SER E 533 49.40 20.92 7.13
CA SER E 533 50.77 21.42 7.15
C SER E 533 51.67 20.35 7.77
N GLN E 534 52.64 19.86 7.00
CA GLN E 534 53.56 18.82 7.48
C GLN E 534 54.00 19.05 8.92
N HIS E 535 54.01 20.31 9.32
CA HIS E 535 54.41 20.70 10.66
C HIS E 535 53.41 20.15 11.67
N ASN E 536 52.14 20.22 11.32
CA ASN E 536 51.04 19.79 12.18
C ASN E 536 51.00 18.32 12.57
N THR E 537 51.41 17.44 11.66
CA THR E 537 51.32 16.01 11.93
C THR E 537 52.02 15.53 13.19
N GLN E 538 53.24 15.96 13.43
CA GLN E 538 53.94 15.52 14.63
C GLN E 538 53.16 15.87 15.89
N PRO E 539 52.88 17.16 16.10
CA PRO E 539 52.14 17.59 17.29
C PRO E 539 50.82 16.85 17.40
N PHE E 540 50.02 16.96 16.35
CA PHE E 540 48.72 16.33 16.29
C PHE E 540 48.77 14.88 16.74
N ARG E 541 49.65 14.09 16.13
CA ARG E 541 49.79 12.68 16.50
C ARG E 541 50.35 12.51 17.90
N LYS E 542 51.33 13.32 18.27
CA LYS E 542 51.92 13.18 19.58
C LYS E 542 50.88 13.38 20.67
N GLY E 543 50.06 14.42 20.51
CA GLY E 543 49.04 14.69 21.52
C GLY E 543 48.01 13.58 21.68
N ILE E 544 47.55 13.02 20.57
CA ILE E 544 46.55 11.96 20.63
C ILE E 544 47.13 10.73 21.29
N ILE E 545 48.35 10.39 20.91
CA ILE E 545 49.03 9.22 21.47
C ILE E 545 49.34 9.43 22.94
N MET E 546 49.78 10.63 23.28
CA MET E 546 50.13 10.93 24.65
C MET E 546 48.91 10.75 25.54
N GLY E 547 47.77 11.28 25.09
CA GLY E 547 46.57 11.16 25.89
C GLY E 547 46.18 9.71 26.07
N LEU E 548 46.30 8.92 25.02
CA LEU E 548 45.95 7.52 25.10
C LEU E 548 46.81 6.87 26.19
N ASP E 549 48.07 7.31 26.28
CA ASP E 549 48.95 6.78 27.29
C ASP E 549 48.43 7.09 28.69
N ILE E 550 47.99 8.33 28.89
CA ILE E 550 47.49 8.76 30.20
C ILE E 550 46.22 8.00 30.58
N LEU E 551 45.36 7.78 29.61
CA LEU E 551 44.13 7.05 29.83
C LEU E 551 44.39 5.57 30.15
N ALA E 552 45.37 4.99 29.46
CA ALA E 552 45.72 3.58 29.68
C ALA E 552 46.18 3.32 31.11
N ASN E 553 46.84 4.30 31.72
CA ASN E 553 47.29 4.18 33.12
C ASN E 553 46.15 4.65 34.03
N MET E 554 44.93 4.33 33.64
CA MET E 554 43.75 4.70 34.41
C MET E 554 42.83 3.50 34.56
N THR E 555 43.09 2.44 33.80
CA THR E 555 42.26 1.24 33.88
C THR E 555 43.07 -0.04 33.92
N ASN E 556 42.40 -1.11 34.35
CA ASN E 556 43.00 -2.44 34.46
C ASN E 556 42.16 -3.41 33.64
N ASP E 557 41.33 -2.86 32.74
CA ASP E 557 40.46 -3.67 31.91
C ASP E 557 41.17 -4.00 30.61
N ALA E 558 41.38 -5.29 30.37
CA ALA E 558 42.08 -5.76 29.17
C ALA E 558 41.36 -5.30 27.90
N LYS E 559 40.04 -5.35 27.91
CA LYS E 559 39.26 -4.95 26.74
C LYS E 559 39.53 -3.49 26.42
N VAL E 560 39.48 -2.65 27.46
CA VAL E 560 39.70 -1.23 27.28
C VAL E 560 41.14 -0.91 26.92
N LEU E 561 42.08 -1.50 27.65
CA LEU E 561 43.48 -1.25 27.37
C LEU E 561 43.78 -1.74 25.98
N GLN E 562 43.15 -2.85 25.58
CA GLN E 562 43.39 -3.35 24.24
C GLN E 562 42.97 -2.29 23.24
N THR E 563 41.81 -1.67 23.47
CA THR E 563 41.26 -0.63 22.59
C THR E 563 42.08 0.66 22.66
N LEU E 564 42.48 1.04 23.88
CA LEU E 564 43.27 2.23 24.09
C LEU E 564 44.61 2.12 23.37
N ASN E 565 45.19 0.93 23.40
CA ASN E 565 46.46 0.70 22.73
C ASN E 565 46.35 0.68 21.20
N LEU E 566 45.36 -0.04 20.68
CA LEU E 566 45.20 -0.16 19.23
C LEU E 566 45.04 1.17 18.51
N TYR E 567 44.30 2.06 19.16
CA TYR E 567 44.04 3.41 18.64
C TYR E 567 45.38 4.15 18.56
N LYS E 568 46.21 3.94 19.58
CA LYS E 568 47.52 4.58 19.66
C LYS E 568 48.37 4.16 18.46
N GLN E 569 48.32 2.89 18.13
CA GLN E 569 49.09 2.36 17.02
C GLN E 569 48.70 3.01 15.69
N THR E 570 47.42 3.35 15.53
CA THR E 570 46.96 3.95 14.28
C THR E 570 47.76 5.21 14.07
N GLN E 571 47.99 5.93 15.15
CA GLN E 571 48.76 7.14 15.04
C GLN E 571 50.20 6.86 14.68
N ILE E 572 50.79 5.85 15.31
CA ILE E 572 52.17 5.51 15.05
C ILE E 572 52.40 5.05 13.61
N ASN E 573 51.52 4.23 13.07
CA ASN E 573 51.66 3.79 11.69
C ASN E 573 51.57 5.00 10.77
N LEU E 574 50.70 5.94 11.13
CA LEU E 574 50.49 7.18 10.37
C LEU E 574 51.69 8.12 10.39
N MET E 575 52.33 8.21 11.54
CA MET E 575 53.49 9.09 11.71
C MET E 575 54.38 9.06 10.47
N ASP E 576 54.50 7.88 9.86
CA ASP E 576 55.30 7.67 8.66
C ASP E 576 54.39 6.94 7.67
N SER E 577 53.70 7.69 6.81
CA SER E 577 52.77 7.10 5.85
C SER E 577 53.07 7.41 4.38
N TYR E 578 53.22 6.37 3.57
CA TYR E 578 53.50 6.59 2.16
C TYR E 578 52.20 6.58 1.37
N VAL E 579 52.18 7.33 0.27
CA VAL E 579 50.99 7.42 -0.54
C VAL E 579 51.11 6.84 -1.93
N GLN E 580 50.13 6.02 -2.27
CA GLN E 580 50.08 5.39 -3.57
C GLN E 580 49.54 6.47 -4.52
N ILE E 581 50.36 7.48 -4.83
CA ILE E 581 49.90 8.54 -5.74
C ILE E 581 50.12 8.26 -7.21
N PRO E 582 49.03 8.26 -7.99
CA PRO E 582 49.17 8.01 -9.43
C PRO E 582 49.88 9.18 -10.10
N ASP E 583 50.35 8.92 -11.31
CA ASP E 583 51.05 9.93 -12.09
C ASP E 583 50.99 9.49 -13.54
N GLY E 584 49.77 9.44 -14.05
CA GLY E 584 49.55 9.02 -15.43
C GLY E 584 48.87 7.69 -15.41
N ASN E 585 49.12 6.87 -16.42
CA ASN E 585 48.52 5.54 -16.46
C ASN E 585 49.36 4.65 -15.56
N VAL E 586 50.30 5.28 -14.86
CA VAL E 586 51.21 4.61 -13.92
C VAL E 586 50.91 5.04 -12.48
N ILE E 587 51.23 4.19 -11.51
CA ILE E 587 50.97 4.52 -10.10
C ILE E 587 52.27 4.74 -9.37
N LYS E 588 52.68 6.01 -9.25
CA LYS E 588 53.93 6.31 -8.56
C LYS E 588 53.80 5.91 -7.10
N LYS E 589 54.73 6.36 -6.27
CA LYS E 589 54.70 6.03 -4.86
C LYS E 589 55.64 6.93 -4.11
N ILE E 590 55.15 8.09 -3.66
CA ILE E 590 55.96 9.02 -2.92
C ILE E 590 55.67 8.98 -1.43
N GLN E 591 56.42 9.74 -0.65
CA GLN E 591 56.23 9.78 0.79
C GLN E 591 55.10 10.75 1.10
N TYR E 592 54.94 11.12 2.37
CA TYR E 592 53.87 12.03 2.76
C TYR E 592 53.92 12.35 4.26
N GLY E 593 54.48 13.50 4.60
CA GLY E 593 54.60 13.88 5.99
C GLY E 593 53.49 14.79 6.50
N ALA E 594 52.37 14.81 5.79
CA ALA E 594 51.23 15.64 6.19
C ALA E 594 50.09 14.75 6.63
N VAL E 595 49.10 15.34 7.32
CA VAL E 595 47.93 14.59 7.76
C VAL E 595 46.80 14.82 6.76
N ALA E 596 46.03 13.77 6.50
CA ALA E 596 44.91 13.89 5.59
C ALA E 596 43.65 13.30 6.25
N SER E 597 42.53 13.34 5.53
CA SER E 597 41.28 12.80 6.07
C SER E 597 41.12 11.35 5.63
N GLY E 598 40.28 10.60 6.34
CA GLY E 598 40.04 9.22 6.00
C GLY E 598 39.93 8.35 7.25
N GLU E 599 40.21 8.97 8.39
CA GLU E 599 40.12 8.26 9.65
C GLU E 599 38.84 8.68 10.32
N LYS E 600 38.35 7.84 11.23
CA LYS E 600 37.12 8.14 11.95
C LYS E 600 37.37 9.46 12.66
N GLN E 601 38.48 9.51 13.38
CA GLN E 601 38.85 10.68 14.18
C GLN E 601 39.09 11.94 13.40
N THR E 602 39.13 11.84 12.08
CA THR E 602 39.37 13.01 11.23
C THR E 602 38.58 14.23 11.68
N LYS E 603 37.27 14.23 11.40
CA LYS E 603 36.43 15.37 11.73
C LYS E 603 36.44 15.71 13.21
N ALA E 604 36.38 14.70 14.07
CA ALA E 604 36.41 14.95 15.51
C ALA E 604 37.78 15.41 16.01
N ALA E 605 38.82 14.67 15.65
CA ALA E 605 40.20 14.98 16.07
C ALA E 605 40.71 16.29 15.47
N ASN E 606 40.26 16.57 14.26
CA ASN E 606 40.68 17.78 13.58
C ASN E 606 40.25 18.97 14.44
N SER E 607 39.02 18.92 14.92
CA SER E 607 38.49 20.02 15.72
C SER E 607 39.29 20.19 16.99
N ILE E 608 39.65 19.07 17.59
CA ILE E 608 40.40 19.09 18.84
C ILE E 608 41.68 19.89 18.62
N ALA E 609 42.32 19.64 17.48
CA ALA E 609 43.56 20.30 17.12
C ALA E 609 43.32 21.79 16.82
N ASN E 610 42.30 22.08 16.04
CA ASN E 610 42.00 23.46 15.67
C ASN E 610 41.66 24.25 16.91
N LEU E 611 40.93 23.62 17.83
CA LEU E 611 40.57 24.32 19.06
C LEU E 611 41.85 24.53 19.85
N ALA E 612 42.68 23.49 19.87
CA ALA E 612 43.95 23.54 20.60
C ALA E 612 44.82 24.67 20.07
N LEU E 613 44.79 24.87 18.75
CA LEU E 613 45.59 25.89 18.11
C LEU E 613 45.21 27.32 18.51
N ILE E 614 43.92 27.62 18.46
CA ILE E 614 43.47 28.96 18.79
C ILE E 614 43.76 29.27 20.26
N LYS E 615 43.61 28.26 21.12
CA LYS E 615 43.84 28.46 22.55
C LYS E 615 45.29 28.88 22.73
N THR E 616 46.16 28.26 21.95
CA THR E 616 47.59 28.53 22.01
C THR E 616 47.93 29.93 21.54
N VAL E 617 47.35 30.32 20.42
CA VAL E 617 47.61 31.63 19.88
C VAL E 617 47.01 32.71 20.77
N LEU E 618 45.79 32.47 21.22
CA LEU E 618 45.12 33.47 22.05
C LEU E 618 45.85 33.73 23.36
N SER E 619 46.36 32.68 23.99
CA SER E 619 47.06 32.85 25.26
C SER E 619 48.35 33.65 25.08
N ARG E 620 49.10 33.34 24.00
CA ARG E 620 50.36 34.02 23.71
C ARG E 620 50.18 35.51 23.46
N ILE E 621 49.18 35.88 22.67
CA ILE E 621 48.94 37.29 22.38
C ILE E 621 48.61 38.04 23.66
N SER E 622 48.02 37.34 24.62
CA SER E 622 47.63 37.97 25.87
C SER E 622 48.82 38.64 26.53
N ASN E 623 49.98 38.00 26.47
CA ASN E 623 51.18 38.58 27.06
C ASN E 623 51.23 40.10 26.89
N LYS E 624 50.76 40.60 25.74
CA LYS E 624 50.77 42.04 25.49
C LYS E 624 49.50 42.75 25.97
N HIS E 625 48.41 42.58 25.24
CA HIS E 625 47.15 43.23 25.61
C HIS E 625 46.27 42.36 26.51
N SER E 626 45.57 43.01 27.43
CA SER E 626 44.68 42.33 28.34
C SER E 626 43.25 42.41 27.83
N PHE E 627 42.61 41.25 27.71
CA PHE E 627 41.24 41.15 27.23
C PHE E 627 40.46 40.23 28.14
N ALA E 628 39.39 39.67 27.60
CA ALA E 628 38.53 38.73 28.31
C ALA E 628 37.90 37.83 27.27
N THR E 629 38.21 36.54 27.33
CA THR E 629 37.66 35.61 26.34
C THR E 629 36.19 35.35 26.61
N LYS E 630 35.32 36.01 25.85
CA LYS E 630 33.90 35.83 26.02
C LYS E 630 33.44 34.52 25.41
N ILE E 631 33.86 34.23 24.18
CA ILE E 631 33.50 32.97 23.54
C ILE E 631 34.63 32.50 22.65
N ILE E 632 34.79 31.18 22.56
CA ILE E 632 35.81 30.56 21.71
C ILE E 632 35.08 29.45 21.01
N ARG E 633 35.34 29.26 19.72
CA ARG E 633 34.65 28.22 18.96
C ARG E 633 35.49 27.65 17.81
N VAL E 634 35.12 26.44 17.39
CA VAL E 634 35.77 25.76 16.29
C VAL E 634 34.66 25.33 15.31
N ASP E 635 35.04 25.08 14.06
CA ASP E 635 34.09 24.65 13.05
C ASP E 635 34.82 24.21 11.79
N GLY E 636 35.40 23.02 11.83
CA GLY E 636 36.10 22.52 10.68
C GLY E 636 37.37 23.29 10.37
N ASP E 637 37.32 24.07 9.30
CA ASP E 637 38.48 24.84 8.87
C ASP E 637 38.43 26.30 9.32
N ASP E 638 37.74 26.57 10.41
CA ASP E 638 37.64 27.92 10.93
C ASP E 638 37.48 27.88 12.45
N ASN E 639 38.11 28.82 13.14
CA ASN E 639 38.03 28.90 14.59
C ASN E 639 37.98 30.37 14.92
N TYR E 640 37.10 30.77 15.83
CA TYR E 640 36.98 32.18 16.18
C TYR E 640 36.85 32.45 17.68
N ALA E 641 36.81 33.73 18.04
CA ALA E 641 36.69 34.12 19.45
C ALA E 641 36.38 35.59 19.63
N VAL E 642 35.46 35.92 20.54
CA VAL E 642 35.13 37.32 20.81
C VAL E 642 35.82 37.65 22.11
N LEU E 643 36.74 38.61 22.10
CA LEU E 643 37.48 38.99 23.30
C LEU E 643 37.10 40.41 23.67
N GLN E 644 36.89 40.66 24.96
CA GLN E 644 36.50 41.98 25.43
C GLN E 644 37.68 42.75 26.00
N PHE E 645 37.67 44.06 25.81
CA PHE E 645 38.74 44.94 26.27
C PHE E 645 38.31 45.96 27.31
N ASN E 646 39.16 46.16 28.32
CA ASN E 646 38.86 47.09 29.40
C ASN E 646 38.73 48.55 28.97
N THR E 647 38.62 48.77 27.67
CA THR E 647 38.51 50.12 27.12
C THR E 647 37.92 50.09 25.71
N GLU E 648 37.59 51.25 25.15
CA GLU E 648 37.00 51.31 23.82
C GLU E 648 38.02 50.88 22.76
N VAL E 649 37.53 50.14 21.77
CA VAL E 649 38.37 49.64 20.69
C VAL E 649 38.71 50.73 19.68
N THR E 650 40.00 50.92 19.44
CA THR E 650 40.50 51.91 18.48
C THR E 650 41.04 51.19 17.26
N LYS E 651 41.12 51.90 16.14
CA LYS E 651 41.61 51.27 14.91
C LYS E 651 42.99 50.73 15.20
N GLN E 652 43.77 51.49 15.96
CA GLN E 652 45.13 51.10 16.28
C GLN E 652 45.14 49.77 17.01
N MET E 653 44.20 49.61 17.93
CA MET E 653 44.13 48.39 18.71
C MET E 653 43.88 47.17 17.85
N ILE E 654 42.96 47.29 16.90
CA ILE E 654 42.64 46.16 16.05
C ILE E 654 43.85 45.83 15.18
N GLN E 655 44.53 46.87 14.70
CA GLN E 655 45.69 46.66 13.87
C GLN E 655 46.78 45.96 14.67
N ASP E 656 46.96 46.34 15.92
CA ASP E 656 47.99 45.72 16.75
C ASP E 656 47.72 44.25 17.08
N VAL E 657 46.50 43.96 17.48
CA VAL E 657 46.12 42.62 17.83
C VAL E 657 46.20 41.70 16.61
N SER E 658 45.74 42.19 15.47
CA SER E 658 45.78 41.36 14.28
C SER E 658 47.21 40.98 13.94
N ASN E 659 48.11 41.95 14.06
CA ASN E 659 49.51 41.74 13.75
C ASN E 659 50.11 40.73 14.71
N ASP E 660 49.81 40.91 15.98
CA ASP E 660 50.33 40.02 17.01
C ASP E 660 49.79 38.64 16.79
N VAL E 661 48.54 38.54 16.33
CA VAL E 661 47.94 37.25 16.06
C VAL E 661 48.59 36.56 14.86
N ARG E 662 48.75 37.30 13.77
CA ARG E 662 49.32 36.77 12.54
C ARG E 662 50.78 36.34 12.73
N GLU E 663 51.53 37.16 13.46
CA GLU E 663 52.92 36.84 13.70
C GLU E 663 52.95 35.56 14.51
N THR E 664 52.06 35.44 15.49
CA THR E 664 52.02 34.26 16.34
C THR E 664 51.75 33.02 15.48
N TYR E 665 50.79 33.13 14.57
CA TYR E 665 50.44 32.03 13.69
C TYR E 665 51.66 31.73 12.83
N ALA E 666 52.37 32.80 12.47
CA ALA E 666 53.56 32.68 11.66
C ALA E 666 54.66 31.95 12.39
N ARG E 667 54.85 32.27 13.68
CA ARG E 667 55.92 31.64 14.42
C ARG E 667 55.77 30.14 14.39
N MET E 668 54.53 29.66 14.48
CA MET E 668 54.27 28.23 14.46
C MET E 668 54.32 27.70 13.04
N ASN E 669 54.85 28.51 12.13
CA ASN E 669 54.97 28.14 10.73
C ASN E 669 53.69 27.45 10.24
N ALA E 670 52.64 28.26 10.14
CA ALA E 670 51.34 27.77 9.69
C ALA E 670 50.69 28.79 8.78
N LYS E 671 50.26 28.34 7.60
CA LYS E 671 49.58 29.21 6.64
C LYS E 671 48.15 29.40 7.09
N VAL E 672 47.78 30.64 7.40
CA VAL E 672 46.42 30.93 7.85
C VAL E 672 45.95 32.31 7.51
N LYS E 673 44.63 32.47 7.50
CA LYS E 673 43.95 33.72 7.21
C LYS E 673 43.42 34.31 8.51
N ALA E 674 44.31 34.90 9.30
CA ALA E 674 43.88 35.47 10.56
C ALA E 674 43.42 36.89 10.38
N LEU E 675 42.10 37.11 10.42
CA LEU E 675 41.53 38.45 10.31
C LEU E 675 40.96 38.85 11.67
N VAL E 676 40.49 40.08 11.78
CA VAL E 676 39.93 40.58 13.03
C VAL E 676 38.95 41.71 12.78
N SER E 677 37.78 41.66 13.40
CA SER E 677 36.80 42.73 13.21
C SER E 677 36.09 43.07 14.53
N THR E 678 35.01 43.85 14.42
CA THR E 678 34.24 44.20 15.60
C THR E 678 32.76 44.00 15.36
N VAL E 679 32.36 43.62 14.16
CA VAL E 679 30.96 43.42 13.88
C VAL E 679 30.62 42.23 13.01
N GLY E 680 31.60 41.72 12.27
CA GLY E 680 31.30 40.59 11.42
C GLY E 680 32.39 39.55 11.30
N ILE E 681 32.00 38.37 10.85
CA ILE E 681 32.93 37.28 10.63
C ILE E 681 32.50 36.44 9.44
N GLU E 682 33.48 35.84 8.78
CA GLU E 682 33.27 34.98 7.64
C GLU E 682 33.99 33.68 7.91
N ILE E 683 33.41 32.59 7.45
CA ILE E 683 34.04 31.30 7.59
C ILE E 683 33.45 30.47 6.49
N ALA E 684 33.96 29.26 6.35
CA ALA E 684 33.53 28.37 5.28
C ALA E 684 32.04 28.04 5.24
N LYS E 685 31.40 27.95 6.40
CA LYS E 685 29.98 27.60 6.43
C LYS E 685 29.01 28.78 6.45
N ARG E 686 29.38 29.87 7.09
CA ARG E 686 28.47 30.99 7.19
C ARG E 686 29.16 32.35 7.40
N TYR E 687 28.64 33.40 6.79
CA TYR E 687 29.26 34.70 7.02
C TYR E 687 28.27 35.68 7.60
N ILE E 688 28.68 36.37 8.67
CA ILE E 688 27.81 37.32 9.34
C ILE E 688 28.14 38.76 9.02
N ALA E 689 27.59 39.25 7.92
CA ALA E 689 27.85 40.62 7.53
C ALA E 689 26.70 41.54 7.90
N GLY E 690 27.00 42.56 8.69
CA GLY E 690 25.98 43.52 9.07
C GLY E 690 25.09 43.06 10.21
N GLY E 691 25.57 42.11 11.00
CA GLY E 691 24.77 41.63 12.11
C GLY E 691 23.72 40.65 11.63
N LYS E 692 23.66 40.45 10.32
CA LYS E 692 22.70 39.52 9.73
C LYS E 692 23.44 38.24 9.30
N ILE E 693 22.79 37.08 9.43
CA ILE E 693 23.41 35.82 9.05
C ILE E 693 23.25 35.51 7.58
N PHE E 694 24.36 35.18 6.92
CA PHE E 694 24.34 34.85 5.50
C PHE E 694 24.96 33.47 5.23
N PHE E 695 24.51 32.82 4.16
CA PHE E 695 25.00 31.49 3.79
C PHE E 695 25.36 31.52 2.31
N ARG E 696 26.44 30.86 1.91
CA ARG E 696 26.77 30.90 0.49
C ARG E 696 25.75 30.08 -0.26
N ALA E 697 25.55 30.41 -1.52
CA ALA E 697 24.56 29.71 -2.34
C ALA E 697 25.08 29.16 -3.66
N GLY E 698 26.31 28.64 -3.65
CA GLY E 698 26.87 28.16 -4.88
C GLY E 698 27.03 26.67 -5.09
N ILE E 699 25.92 25.95 -5.26
CA ILE E 699 25.99 24.52 -5.51
C ILE E 699 25.81 24.26 -6.99
N ASN E 700 26.91 23.95 -7.67
CA ASN E 700 26.87 23.68 -9.09
C ASN E 700 25.73 22.70 -9.37
N LEU E 701 24.89 23.07 -10.32
CA LEU E 701 23.74 22.26 -10.66
C LEU E 701 23.91 21.37 -11.90
N LEU E 702 24.64 21.86 -12.88
CA LEU E 702 24.86 21.14 -14.12
C LEU E 702 26.24 20.53 -14.29
N ASN E 703 26.97 20.40 -13.19
CA ASN E 703 28.31 19.81 -13.17
C ASN E 703 28.53 19.21 -11.78
N ASN E 704 28.45 17.89 -11.65
CA ASN E 704 28.67 17.25 -10.34
C ASN E 704 30.14 17.05 -10.02
N GLU E 705 30.45 16.90 -8.73
CA GLU E 705 31.83 16.70 -8.30
C GLU E 705 32.40 15.35 -8.73
N LYS E 706 31.73 14.27 -8.36
CA LYS E 706 32.18 12.94 -8.72
C LYS E 706 31.02 12.08 -9.17
N ARG E 707 31.34 11.05 -9.95
CA ARG E 707 30.33 10.14 -10.47
C ARG E 707 30.03 9.06 -9.46
N GLY E 708 28.98 9.28 -8.67
CA GLY E 708 28.60 8.30 -7.67
C GLY E 708 27.89 7.10 -8.27
N GLN E 709 26.91 6.57 -7.53
CA GLN E 709 26.15 5.40 -7.99
C GLN E 709 24.66 5.69 -8.12
N SER E 710 24.29 6.97 -8.06
CA SER E 710 22.90 7.39 -8.17
C SER E 710 22.40 7.08 -9.58
N THR E 711 21.09 7.19 -9.79
CA THR E 711 20.53 6.90 -11.10
C THR E 711 20.08 8.20 -11.74
N GLN E 712 19.63 8.11 -12.99
CA GLN E 712 19.20 9.30 -13.69
C GLN E 712 18.02 9.93 -12.94
N TRP E 713 17.09 9.11 -12.44
CA TRP E 713 15.91 9.63 -11.74
C TRP E 713 16.29 10.30 -10.45
N ASP E 714 17.13 9.61 -9.70
CA ASP E 714 17.60 10.12 -8.43
C ASP E 714 18.47 11.35 -8.68
N GLN E 715 19.15 11.35 -9.83
CA GLN E 715 20.00 12.47 -10.20
C GLN E 715 19.14 13.72 -10.31
N ALA E 716 17.93 13.56 -10.84
CA ALA E 716 17.02 14.68 -10.99
C ALA E 716 16.47 15.15 -9.66
N ALA E 717 16.03 14.21 -8.82
CA ALA E 717 15.48 14.55 -7.51
C ALA E 717 16.57 15.26 -6.69
N ILE E 718 17.81 14.86 -6.94
CA ILE E 718 18.96 15.47 -6.30
C ILE E 718 19.17 16.88 -6.86
N LEU E 719 18.97 17.03 -8.17
CA LEU E 719 19.13 18.34 -8.83
C LEU E 719 18.10 19.31 -8.29
N TYR E 720 16.85 18.85 -8.17
CA TYR E 720 15.79 19.69 -7.64
C TYR E 720 16.12 20.03 -6.17
N SER E 721 16.70 19.08 -5.45
CA SER E 721 17.02 19.39 -4.07
C SER E 721 18.01 20.53 -4.06
N ASN E 722 19.02 20.43 -4.92
CA ASN E 722 20.07 21.44 -4.99
C ASN E 722 19.53 22.80 -5.35
N TYR E 723 18.58 22.81 -6.27
CA TYR E 723 17.94 24.04 -6.72
C TYR E 723 17.25 24.76 -5.56
N ILE E 724 16.47 24.02 -4.77
CA ILE E 724 15.77 24.59 -3.64
C ILE E 724 16.73 25.14 -2.60
N VAL E 725 17.82 24.44 -2.34
CA VAL E 725 18.73 24.94 -1.34
C VAL E 725 19.29 26.28 -1.79
N ASN E 726 19.59 26.37 -3.08
CA ASN E 726 20.15 27.60 -3.63
C ASN E 726 19.17 28.73 -3.58
N ARG E 727 17.94 28.43 -3.95
CA ARG E 727 16.96 29.47 -3.94
C ARG E 727 16.87 30.00 -2.52
N LEU E 728 16.79 29.09 -1.56
CA LEU E 728 16.67 29.50 -0.18
C LEU E 728 17.88 30.32 0.25
N ARG E 729 19.08 29.95 -0.18
CA ARG E 729 20.28 30.68 0.22
C ARG E 729 20.54 31.98 -0.51
N GLY E 730 20.15 32.05 -1.78
CA GLY E 730 20.35 33.26 -2.56
C GLY E 730 20.25 33.03 -4.06
N PHE E 731 21.23 32.33 -4.62
CA PHE E 731 21.27 32.01 -6.05
C PHE E 731 19.94 31.39 -6.42
N GLU E 732 19.41 31.70 -7.61
CA GLU E 732 18.13 31.12 -8.05
C GLU E 732 18.09 30.79 -9.54
N THR E 733 18.19 29.51 -9.88
CA THR E 733 18.12 29.10 -11.27
C THR E 733 16.63 29.08 -11.62
N ASP E 734 16.25 29.69 -12.73
CA ASP E 734 14.86 29.75 -13.18
C ASP E 734 14.19 28.38 -13.10
N ARG E 735 13.08 28.32 -12.36
CA ARG E 735 12.33 27.07 -12.13
C ARG E 735 11.86 26.39 -13.41
N GLU E 736 11.60 27.16 -14.45
CA GLU E 736 11.18 26.56 -15.70
C GLU E 736 12.30 25.71 -16.25
N PHE E 737 13.54 26.16 -16.08
CA PHE E 737 14.69 25.42 -16.57
C PHE E 737 14.81 24.09 -15.85
N ILE E 738 14.61 24.14 -14.55
CA ILE E 738 14.66 22.95 -13.72
C ILE E 738 13.58 21.98 -14.13
N LEU E 739 12.41 22.50 -14.45
CA LEU E 739 11.33 21.62 -14.85
C LEU E 739 11.76 20.92 -16.12
N THR E 740 12.43 21.64 -17.00
CA THR E 740 12.89 21.10 -18.27
C THR E 740 13.87 19.96 -18.05
N LYS E 741 14.78 20.14 -17.10
CA LYS E 741 15.77 19.11 -16.82
C LYS E 741 15.13 17.83 -16.31
N ILE E 742 14.17 18.00 -15.42
CA ILE E 742 13.43 16.89 -14.84
C ILE E 742 12.69 16.16 -15.95
N MET E 743 12.21 16.92 -16.92
CA MET E 743 11.51 16.34 -18.06
C MET E 743 12.48 15.48 -18.86
N GLN E 744 13.69 15.99 -19.05
CA GLN E 744 14.71 15.25 -19.78
C GLN E 744 15.25 14.06 -18.98
N MET E 745 15.58 14.30 -17.73
CA MET E 745 16.14 13.29 -16.83
C MET E 745 15.23 12.12 -16.40
N THR E 746 13.92 12.35 -16.29
CA THR E 746 12.98 11.31 -15.89
C THR E 746 12.50 10.44 -17.04
N SER E 747 12.26 11.03 -18.19
CA SER E 747 11.80 10.25 -19.33
C SER E 747 12.61 8.99 -19.57
N VAL E 748 11.93 7.95 -20.06
CA VAL E 748 12.57 6.68 -20.36
C VAL E 748 12.00 6.13 -21.67
N ALA E 749 12.88 5.55 -22.49
CA ALA E 749 12.47 5.00 -23.79
C ALA E 749 12.16 3.51 -23.74
N ILE E 750 11.05 3.13 -24.38
CA ILE E 750 10.66 1.72 -24.42
C ILE E 750 11.11 1.14 -25.76
N THR E 751 11.24 2.00 -26.78
CA THR E 751 11.72 1.61 -28.11
C THR E 751 12.77 2.60 -28.54
N GLY E 752 13.28 2.44 -29.75
CA GLY E 752 14.29 3.35 -30.22
C GLY E 752 13.70 4.65 -30.73
N SER E 753 12.39 4.70 -30.86
CA SER E 753 11.72 5.89 -31.36
C SER E 753 10.49 6.21 -30.52
N LEU E 754 10.54 5.84 -29.24
CA LEU E 754 9.43 6.09 -28.34
C LEU E 754 9.87 6.26 -26.90
N ARG E 755 9.81 7.52 -26.44
CA ARG E 755 10.16 7.84 -25.07
C ARG E 755 8.86 8.00 -24.28
N LEU E 756 8.93 7.76 -22.97
CA LEU E 756 7.75 7.88 -22.09
C LEU E 756 8.00 8.91 -20.97
N PHE E 757 7.48 10.11 -21.16
CA PHE E 757 7.67 11.15 -20.17
C PHE E 757 6.64 11.06 -19.05
N PRO E 758 7.10 10.75 -17.84
CA PRO E 758 6.21 10.62 -16.67
C PRO E 758 5.51 11.94 -16.38
N SER E 759 4.27 11.85 -15.90
CA SER E 759 3.46 13.03 -15.59
C SER E 759 3.83 13.70 -14.29
N GLU E 760 3.22 14.86 -14.06
CA GLU E 760 3.45 15.64 -12.84
C GLU E 760 2.93 14.89 -11.61
N ARG E 761 1.78 14.23 -11.75
CA ARG E 761 1.23 13.47 -10.64
C ARG E 761 2.19 12.33 -10.30
N VAL E 762 2.73 11.66 -11.30
CA VAL E 762 3.64 10.57 -11.02
C VAL E 762 4.89 11.12 -10.34
N LEU E 763 5.38 12.23 -10.85
CA LEU E 763 6.59 12.86 -10.34
C LEU E 763 6.58 13.54 -8.96
N THR E 764 5.48 14.18 -8.61
CA THR E 764 5.41 14.87 -7.33
C THR E 764 4.65 14.16 -6.22
N THR E 765 3.87 13.15 -6.56
CA THR E 765 3.13 12.43 -5.53
C THR E 765 4.11 11.81 -4.57
N ASN E 766 3.90 12.05 -3.28
CA ASN E 766 4.79 11.54 -2.25
C ASN E 766 5.01 10.02 -2.31
N SER E 767 6.14 9.60 -2.87
CA SER E 767 6.49 8.19 -2.99
C SER E 767 8.01 7.99 -3.07
N THR E 768 8.42 6.76 -3.39
CA THR E 768 9.84 6.42 -3.49
C THR E 768 10.44 6.85 -4.81
N PHE E 769 9.62 7.50 -5.62
CA PHE E 769 10.04 8.01 -6.92
C PHE E 769 9.78 9.50 -7.01
N LYS E 770 9.32 10.10 -5.93
CA LYS E 770 9.01 11.53 -5.91
C LYS E 770 10.26 12.34 -6.17
N VAL E 771 10.21 13.17 -7.22
CA VAL E 771 11.35 14.00 -7.58
C VAL E 771 11.30 15.45 -7.06
N PHE E 772 10.13 16.09 -7.11
CA PHE E 772 10.00 17.47 -6.63
C PHE E 772 8.61 17.77 -6.07
N ASP E 773 8.25 19.05 -6.02
CA ASP E 773 6.95 19.50 -5.51
C ASP E 773 6.29 20.38 -6.57
N SER E 774 4.97 20.43 -6.59
CA SER E 774 4.30 21.23 -7.59
C SER E 774 4.29 22.73 -7.22
N GLU E 775 4.91 23.01 -6.07
CA GLU E 775 5.03 24.36 -5.56
C GLU E 775 6.17 24.34 -4.55
N ASP E 776 7.34 24.80 -4.97
CA ASP E 776 8.51 24.82 -4.10
C ASP E 776 8.18 25.22 -2.67
N PHE E 777 8.83 24.54 -1.74
CA PHE E 777 8.67 24.80 -0.30
C PHE E 777 7.39 24.23 0.30
N ILE E 778 6.55 23.65 -0.54
CA ILE E 778 5.29 23.09 -0.07
C ILE E 778 5.16 21.61 -0.44
N ILE E 779 4.93 20.77 0.56
CA ILE E 779 4.76 19.34 0.33
C ILE E 779 3.29 18.92 0.40
N GLU E 780 2.77 18.26 -0.64
CA GLU E 780 1.38 17.82 -0.65
C GLU E 780 1.27 16.36 -0.26
N TYR E 781 0.03 15.94 0.00
CA TYR E 781 -0.29 14.57 0.38
C TYR E 781 -1.62 14.17 -0.25
N GLY E 782 -1.68 12.95 -0.75
CA GLY E 782 -2.89 12.46 -1.38
C GLY E 782 -4.17 12.88 -0.69
N THR E 783 -4.95 13.72 -1.34
CA THR E 783 -6.20 14.15 -0.75
C THR E 783 -7.33 13.60 -1.62
N THR E 784 -7.07 13.47 -2.91
CA THR E 784 -8.08 12.96 -3.81
C THR E 784 -7.96 11.44 -3.86
N VAL E 785 -9.01 10.79 -4.35
CA VAL E 785 -9.05 9.34 -4.48
C VAL E 785 -7.96 8.87 -5.44
N ASP E 786 -7.78 9.62 -6.53
CA ASP E 786 -6.79 9.26 -7.53
C ASP E 786 -5.38 9.25 -6.92
N GLU E 787 -5.05 10.27 -6.15
CA GLU E 787 -3.71 10.34 -5.58
C GLU E 787 -3.46 9.15 -4.70
N VAL E 788 -4.42 8.80 -3.87
CA VAL E 788 -4.28 7.66 -3.00
C VAL E 788 -4.30 6.36 -3.81
N TYR E 789 -5.16 6.31 -4.82
CA TYR E 789 -5.28 5.12 -5.66
C TYR E 789 -3.91 4.85 -6.26
N ILE E 790 -3.30 5.89 -6.79
CA ILE E 790 -1.97 5.80 -7.39
C ILE E 790 -0.92 5.62 -6.30
N GLN E 791 -1.15 6.25 -5.16
CA GLN E 791 -0.20 6.20 -4.05
C GLN E 791 0.02 4.77 -3.55
N ARG E 792 -1.07 4.03 -3.36
CA ARG E 792 -0.98 2.64 -2.91
C ARG E 792 -0.37 1.79 -4.00
N ALA E 793 -0.70 2.13 -5.25
CA ALA E 793 -0.18 1.41 -6.40
C ALA E 793 1.34 1.53 -6.57
N PHE E 794 1.89 2.71 -6.32
CA PHE E 794 3.33 2.89 -6.46
C PHE E 794 4.15 2.12 -5.45
N MET E 795 3.67 2.04 -4.22
CA MET E 795 4.41 1.35 -3.17
C MET E 795 4.69 -0.07 -3.61
N SER E 796 3.75 -0.67 -4.31
CA SER E 796 3.91 -2.04 -4.80
C SER E 796 5.31 -2.31 -5.35
N LEU E 797 5.58 -1.81 -6.55
CA LEU E 797 6.89 -2.01 -7.17
C LEU E 797 7.96 -1.07 -6.60
N SER E 798 7.99 -0.92 -5.27
CA SER E 798 8.95 -0.04 -4.63
C SER E 798 10.28 -0.75 -4.39
N SER E 799 10.21 -1.95 -3.81
CA SER E 799 11.40 -2.73 -3.53
C SER E 799 11.36 -4.04 -4.30
N GLN E 800 12.15 -4.10 -5.38
CA GLN E 800 12.22 -5.29 -6.22
C GLN E 800 13.50 -6.04 -5.98
N LYS E 801 13.37 -7.28 -5.50
CA LYS E 801 14.51 -8.13 -5.19
C LYS E 801 15.66 -8.04 -6.20
N SER E 802 16.87 -8.34 -5.73
CA SER E 802 18.04 -8.33 -6.59
C SER E 802 18.60 -9.75 -6.66
N GLY E 803 18.69 -10.29 -7.88
CA GLY E 803 19.21 -11.63 -8.06
C GLY E 803 20.68 -11.75 -7.74
N ILE E 804 21.09 -11.04 -6.70
CA ILE E 804 22.48 -11.03 -6.25
C ILE E 804 22.49 -10.78 -4.74
N ALA E 805 21.67 -9.82 -4.31
CA ALA E 805 21.58 -9.45 -2.89
C ALA E 805 21.00 -10.55 -2.00
N ASP E 806 20.45 -11.59 -2.62
CA ASP E 806 19.86 -12.70 -1.87
C ASP E 806 20.85 -13.86 -1.81
N GLU E 807 21.46 -14.18 -2.94
CA GLU E 807 22.43 -15.26 -3.04
C GLU E 807 23.62 -14.98 -2.13
N ILE E 808 23.94 -13.70 -1.97
CA ILE E 808 25.05 -13.29 -1.13
C ILE E 808 24.81 -13.64 0.33
N ALA E 809 23.53 -13.65 0.73
CA ALA E 809 23.16 -14.00 2.09
C ALA E 809 22.99 -15.51 2.16
N ALA E 810 23.18 -16.17 1.02
CA ALA E 810 23.05 -17.62 0.92
C ALA E 810 24.36 -18.37 1.16
N SER E 811 25.48 -17.66 1.03
CA SER E 811 26.79 -18.25 1.24
C SER E 811 27.10 -18.35 2.73
N SER E 812 28.00 -19.26 3.07
CA SER E 812 28.40 -19.46 4.46
C SER E 812 29.00 -18.18 5.04
N THR E 813 29.57 -17.37 4.16
CA THR E 813 30.20 -16.11 4.55
C THR E 813 29.22 -15.18 5.25
N PHE E 814 28.12 -14.89 4.58
CA PHE E 814 27.10 -14.01 5.14
C PHE E 814 26.52 -14.58 6.42
N LYS E 815 26.20 -15.87 6.40
CA LYS E 815 25.62 -16.53 7.56
C LYS E 815 26.59 -16.53 8.74
N ASN E 816 27.88 -16.79 8.47
CA ASN E 816 28.89 -16.82 9.53
C ASN E 816 29.13 -15.44 10.10
N TYR E 817 29.15 -14.44 9.23
CA TYR E 817 29.37 -13.05 9.62
C TYR E 817 28.25 -12.53 10.52
N VAL E 818 27.01 -12.82 10.13
CA VAL E 818 25.85 -12.39 10.89
C VAL E 818 25.80 -13.10 12.24
N THR E 819 25.99 -14.42 12.19
CA THR E 819 25.95 -15.24 13.38
C THR E 819 27.12 -14.86 14.28
N ARG E 820 28.28 -14.66 13.66
CA ARG E 820 29.46 -14.33 14.44
C ARG E 820 29.23 -13.02 15.18
N LEU E 821 28.64 -12.05 14.51
CA LEU E 821 28.37 -10.77 15.15
C LEU E 821 27.33 -10.92 16.25
N SER E 822 26.28 -11.69 15.95
CA SER E 822 25.21 -11.91 16.91
C SER E 822 25.62 -12.72 18.13
N GLU E 823 26.35 -13.81 17.92
CA GLU E 823 26.79 -14.67 19.02
C GLU E 823 27.41 -13.90 20.18
N GLN E 824 27.93 -12.71 19.90
CA GLN E 824 28.53 -11.86 20.93
C GLN E 824 27.64 -10.66 21.21
N LEU E 825 26.39 -10.76 20.77
CA LEU E 825 25.41 -9.68 20.95
C LEU E 825 24.10 -10.19 21.54
N LEU E 826 23.83 -11.48 21.37
CA LEU E 826 22.57 -12.06 21.84
C LEU E 826 22.69 -13.15 22.91
N PHE E 827 21.55 -13.46 23.55
CA PHE E 827 21.46 -14.49 24.59
C PHE E 827 20.18 -15.31 24.38
N SER E 828 19.05 -14.62 24.33
CA SER E 828 17.75 -15.28 24.13
C SER E 828 17.45 -15.40 22.65
N LYS E 829 16.18 -15.23 22.26
CA LYS E 829 15.80 -15.34 20.85
C LYS E 829 15.64 -13.96 20.22
N ASN E 830 16.79 -13.38 19.90
CA ASN E 830 17.00 -12.07 19.29
C ASN E 830 16.50 -11.74 17.89
N ASN E 831 16.03 -12.73 17.14
CA ASN E 831 15.66 -12.57 15.73
C ASN E 831 15.03 -11.23 15.32
N ILE E 832 14.31 -10.54 16.20
CA ILE E 832 13.78 -9.24 15.77
C ILE E 832 15.03 -8.41 15.41
N VAL E 833 16.05 -8.50 16.26
CA VAL E 833 17.33 -7.82 16.06
C VAL E 833 18.08 -8.47 14.90
N SER E 834 18.02 -9.79 14.86
CA SER E 834 18.70 -10.56 13.82
C SER E 834 18.18 -10.31 12.41
N ARG E 835 16.87 -10.18 12.27
CA ARG E 835 16.28 -9.94 10.96
C ARG E 835 16.73 -8.60 10.40
N GLY E 836 16.83 -7.60 11.28
CA GLY E 836 17.25 -6.26 10.87
C GLY E 836 18.68 -6.14 10.40
N ILE E 837 19.58 -6.85 11.07
CA ILE E 837 20.99 -6.80 10.71
C ILE E 837 21.23 -7.27 9.29
N ALA E 838 20.52 -8.32 8.90
CA ALA E 838 20.67 -8.88 7.56
C ALA E 838 20.27 -7.88 6.49
N LEU E 839 19.12 -7.24 6.70
CA LEU E 839 18.62 -6.25 5.75
C LEU E 839 19.50 -5.01 5.80
N THR E 840 20.15 -4.80 6.94
CA THR E 840 21.04 -3.65 7.12
C THR E 840 22.12 -3.71 6.04
N GLU E 841 22.49 -4.94 5.68
CA GLU E 841 23.52 -5.16 4.67
C GLU E 841 22.87 -5.25 3.30
N LYS E 842 21.71 -5.92 3.23
CA LYS E 842 20.99 -6.10 1.99
C LYS E 842 20.45 -4.78 1.47
N ALA E 843 20.65 -3.70 2.24
CA ALA E 843 20.18 -2.38 1.86
C ALA E 843 21.29 -1.55 1.24
N LYS E 844 22.54 -1.92 1.55
CA LYS E 844 23.70 -1.21 1.01
C LYS E 844 24.35 -2.04 -0.10
N LEU E 845 24.24 -3.36 0.03
CA LEU E 845 24.81 -4.30 -0.94
C LEU E 845 24.56 -3.90 -2.40
N ASN E 846 23.39 -3.33 -2.67
CA ASN E 846 23.03 -2.90 -4.03
C ASN E 846 24.11 -2.00 -4.63
N SER E 847 24.79 -1.24 -3.77
CA SER E 847 25.85 -0.33 -4.20
C SER E 847 26.67 -1.01 -5.30
N TYR E 848 27.16 -2.22 -4.99
CA TYR E 848 27.95 -2.98 -5.93
C TYR E 848 27.26 -2.94 -7.30
N ALA E 849 27.93 -2.29 -8.26
CA ALA E 849 27.43 -2.12 -9.62
C ALA E 849 26.51 -3.22 -10.14
N PRO E 850 26.99 -4.48 -10.16
CA PRO E 850 26.16 -5.59 -10.64
C PRO E 850 24.79 -5.70 -9.96
N ILE E 851 24.65 -5.06 -8.80
CA ILE E 851 23.39 -5.09 -8.05
C ILE E 851 22.58 -3.80 -8.25
N SER E 852 23.26 -2.65 -8.19
CA SER E 852 22.60 -1.36 -8.39
C SER E 852 22.11 -1.26 -9.83
N LEU E 853 22.97 -1.70 -10.74
CA LEU E 853 22.70 -1.72 -12.18
C LEU E 853 21.63 -2.75 -12.55
N GLU E 854 21.69 -3.91 -11.90
CA GLU E 854 20.72 -4.98 -12.14
C GLU E 854 19.35 -4.53 -11.64
N LYS E 855 19.34 -3.93 -10.45
CA LYS E 855 18.09 -3.43 -9.86
C LYS E 855 17.53 -2.24 -10.65
N ARG E 856 18.42 -1.34 -11.05
CA ARG E 856 18.04 -0.14 -11.82
C ARG E 856 17.50 -0.47 -13.21
N ARG E 857 18.15 -1.39 -13.92
CA ARG E 857 17.72 -1.80 -15.26
C ARG E 857 16.41 -2.59 -15.24
N ALA E 858 16.29 -3.47 -14.24
CA ALA E 858 15.09 -4.30 -14.04
C ALA E 858 13.89 -3.43 -13.63
N GLN E 859 14.16 -2.38 -12.85
CA GLN E 859 13.14 -1.45 -12.37
C GLN E 859 12.42 -0.76 -13.53
N ILE E 860 13.16 -0.50 -14.61
CA ILE E 860 12.60 0.14 -15.79
C ILE E 860 11.49 -0.71 -16.43
N SER E 861 11.71 -2.02 -16.52
CA SER E 861 10.73 -2.92 -17.11
C SER E 861 9.45 -2.92 -16.29
N ALA E 862 9.62 -2.97 -14.97
CA ALA E 862 8.49 -2.95 -14.05
C ALA E 862 7.82 -1.59 -14.08
N LEU E 863 8.61 -0.54 -14.08
CA LEU E 863 8.10 0.82 -14.09
C LEU E 863 7.30 1.16 -15.35
N LEU E 864 7.82 0.77 -16.51
CA LEU E 864 7.15 1.04 -17.78
C LEU E 864 5.82 0.31 -17.82
N THR E 865 5.84 -0.95 -17.40
CA THR E 865 4.64 -1.78 -17.38
C THR E 865 3.67 -1.23 -16.34
N MET E 866 4.21 -0.70 -15.25
CA MET E 866 3.39 -0.17 -14.16
C MET E 866 2.45 0.93 -14.63
N LEU E 867 2.96 1.83 -15.45
CA LEU E 867 2.12 2.91 -15.96
C LEU E 867 1.00 2.30 -16.81
N GLN E 868 1.32 1.26 -17.57
CA GLN E 868 0.34 0.61 -18.42
C GLN E 868 -0.98 0.27 -17.72
N LYS E 869 -1.00 -0.84 -17.00
CA LYS E 869 -2.23 -1.26 -16.32
C LYS E 869 -2.04 -1.87 -14.93
N PRO E 870 -2.68 -1.28 -13.90
CA PRO E 870 -2.63 -1.73 -12.51
C PRO E 870 -3.93 -2.44 -12.12
N VAL E 871 -4.82 -1.70 -11.48
CA VAL E 871 -6.14 -2.17 -11.02
C VAL E 871 -6.17 -3.44 -10.18
N THR E 872 -5.02 -4.05 -9.92
CA THR E 872 -4.99 -5.28 -9.14
C THR E 872 -3.94 -5.26 -8.01
N PHE E 873 -4.29 -4.60 -6.91
CA PHE E 873 -3.39 -4.49 -5.76
C PHE E 873 -4.08 -4.79 -4.42
N LYS E 874 -3.46 -5.66 -3.62
CA LYS E 874 -4.00 -6.03 -2.33
C LYS E 874 -3.48 -5.11 -1.23
N SER E 875 -3.86 -3.85 -1.32
CA SER E 875 -3.44 -2.85 -0.34
C SER E 875 -3.92 -3.23 1.06
N SER E 876 -3.15 -2.84 2.07
CA SER E 876 -3.49 -3.12 3.46
C SER E 876 -2.58 -2.33 4.36
N LYS E 877 -1.47 -1.85 3.80
CA LYS E 877 -0.50 -1.07 4.56
C LYS E 877 -0.90 0.40 4.55
N ILE E 878 -0.76 1.05 5.69
CA ILE E 878 -1.11 2.46 5.78
C ILE E 878 0.09 3.37 6.02
N THR E 879 -0.02 4.57 5.46
CA THR E 879 1.03 5.56 5.55
C THR E 879 0.50 6.92 6.00
N ILE E 880 1.39 7.89 6.06
CA ILE E 880 1.06 9.24 6.48
C ILE E 880 -0.06 9.76 5.59
N ASN E 881 -0.01 9.38 4.32
CA ASN E 881 -1.02 9.81 3.36
C ASN E 881 -2.40 9.35 3.78
N ASP E 882 -2.49 8.10 4.22
CA ASP E 882 -3.75 7.56 4.65
C ASP E 882 -4.20 8.18 5.97
N ILE E 883 -3.27 8.39 6.89
CA ILE E 883 -3.63 8.98 8.17
C ILE E 883 -4.08 10.43 8.04
N LEU E 884 -3.32 11.21 7.29
CA LEU E 884 -3.64 12.62 7.13
C LEU E 884 -4.95 12.81 6.39
N ARG E 885 -5.19 11.97 5.39
CA ARG E 885 -6.41 12.06 4.61
C ARG E 885 -7.61 11.91 5.54
N ASP E 886 -7.46 11.08 6.56
CA ASP E 886 -8.54 10.86 7.50
C ASP E 886 -8.89 12.12 8.31
N ILE E 887 -7.87 12.78 8.83
CA ILE E 887 -8.05 13.98 9.66
C ILE E 887 -8.59 15.20 8.95
N LYS E 888 -8.30 15.32 7.66
CA LYS E 888 -8.71 16.49 6.90
C LYS E 888 -10.16 16.95 7.12
N PRO E 889 -11.14 16.06 6.90
CA PRO E 889 -12.57 16.38 7.05
C PRO E 889 -13.00 16.94 8.41
N PHE E 890 -12.21 16.74 9.44
CA PHE E 890 -12.54 17.20 10.78
C PHE E 890 -11.98 18.56 11.15
N PHE E 891 -11.31 19.20 10.20
CA PHE E 891 -10.73 20.51 10.45
C PHE E 891 -11.53 21.60 9.77
N THR E 892 -11.89 22.63 10.53
CA THR E 892 -12.68 23.72 9.98
C THR E 892 -11.83 24.99 9.84
N VAL E 893 -11.51 25.34 8.60
CA VAL E 893 -10.68 26.50 8.34
C VAL E 893 -11.43 27.84 8.20
N SER E 894 -10.83 28.89 8.77
CA SER E 894 -11.42 30.22 8.70
C SER E 894 -10.33 31.28 8.70
N ASP E 895 -10.49 32.29 7.85
CA ASP E 895 -9.51 33.35 7.76
C ASP E 895 -9.12 33.90 9.10
N ALA E 896 -7.80 34.02 9.29
CA ALA E 896 -7.22 34.56 10.52
C ALA E 896 -6.13 35.53 10.09
N HIS E 897 -5.63 36.32 11.03
CA HIS E 897 -4.60 37.29 10.67
C HIS E 897 -3.41 37.26 11.62
N LEU E 898 -2.22 37.39 11.04
CA LEU E 898 -0.98 37.38 11.78
C LEU E 898 -0.07 38.54 11.34
N PRO E 899 0.32 39.39 12.30
CA PRO E 899 1.16 40.55 12.04
C PRO E 899 2.63 40.19 12.02
N ILE E 900 3.41 40.96 11.27
CA ILE E 900 4.85 40.73 11.16
C ILE E 900 5.53 41.45 12.32
N GLN E 901 6.19 40.69 13.19
CA GLN E 901 6.86 41.31 14.33
C GLN E 901 8.35 41.05 14.45
N TYR E 902 8.78 39.89 14.00
CA TYR E 902 10.19 39.52 14.07
C TYR E 902 10.93 40.08 12.86
N GLN E 903 12.06 40.73 13.11
CA GLN E 903 12.86 41.32 12.05
C GLN E 903 13.55 40.28 11.19
N LYS E 904 14.32 40.74 10.21
CA LYS E 904 15.02 39.84 9.32
C LYS E 904 16.48 39.67 9.70
N PHE E 905 16.99 38.45 9.50
CA PHE E 905 18.38 38.12 9.81
C PHE E 905 18.98 37.20 8.75
N MET E 906 18.16 36.70 7.84
CA MET E 906 18.61 35.85 6.74
C MET E 906 18.02 36.46 5.48
N PRO E 907 18.39 37.72 5.18
CA PRO E 907 17.94 38.49 4.04
C PRO E 907 17.78 37.80 2.70
N THR E 908 18.40 36.64 2.51
CA THR E 908 18.27 35.98 1.22
C THR E 908 17.01 35.16 1.03
N LEU E 909 16.43 34.70 2.12
CA LEU E 909 15.22 33.90 2.05
C LEU E 909 14.17 34.50 1.16
N PRO E 910 13.62 33.69 0.25
CA PRO E 910 12.57 34.14 -0.67
C PRO E 910 11.46 34.77 0.17
N ASP E 911 10.85 35.82 -0.34
CA ASP E 911 9.80 36.51 0.38
C ASP E 911 8.75 35.60 1.00
N ASN E 912 8.20 34.66 0.25
CA ASN E 912 7.20 33.81 0.87
C ASN E 912 7.77 33.05 2.07
N VAL E 913 9.01 32.57 1.99
CA VAL E 913 9.60 31.87 3.12
C VAL E 913 9.91 32.81 4.29
N GLN E 914 10.46 33.98 3.95
CA GLN E 914 10.83 34.98 4.93
C GLN E 914 9.63 35.46 5.71
N TYR E 915 8.48 35.53 5.04
CA TYR E 915 7.24 35.99 5.67
C TYR E 915 6.84 35.14 6.87
N ILE E 916 7.03 33.82 6.80
CA ILE E 916 6.67 32.94 7.89
C ILE E 916 7.50 33.22 9.12
N ILE E 917 8.80 33.42 8.92
CA ILE E 917 9.71 33.73 10.02
C ILE E 917 9.37 35.09 10.63
N GLN E 918 8.97 36.04 9.78
CA GLN E 918 8.60 37.39 10.22
C GLN E 918 7.39 37.36 11.14
N CYS E 919 6.49 36.40 10.92
CA CYS E 919 5.31 36.25 11.74
C CYS E 919 5.43 35.27 12.90
N ILE E 920 5.96 34.09 12.67
CA ILE E 920 6.06 33.13 13.76
C ILE E 920 7.47 32.89 14.31
N GLY E 921 8.48 33.42 13.66
CA GLY E 921 9.83 33.24 14.17
C GLY E 921 10.53 32.02 13.66
N SER E 922 11.73 31.76 14.20
CA SER E 922 12.51 30.60 13.79
C SER E 922 13.19 29.94 14.95
N ARG E 923 13.60 28.69 14.77
CA ARG E 923 14.27 27.98 15.86
C ARG E 923 15.78 27.81 15.68
N THR E 924 16.50 27.69 16.79
CA THR E 924 17.92 27.46 16.68
C THR E 924 18.22 26.06 17.17
N TYR E 925 17.29 25.15 16.90
CA TYR E 925 17.44 23.75 17.31
C TYR E 925 16.82 22.79 16.32
N GLN E 926 17.23 21.51 16.42
CA GLN E 926 16.75 20.43 15.57
C GLN E 926 15.71 19.65 16.35
N ILE E 927 14.68 19.17 15.66
CA ILE E 927 13.64 18.42 16.34
C ILE E 927 13.93 16.92 16.40
N GLU E 928 14.21 16.43 17.60
CA GLU E 928 14.49 15.01 17.83
C GLU E 928 13.68 14.12 16.87
N ASP E 929 14.36 13.52 15.90
CA ASP E 929 13.68 12.67 14.92
C ASP E 929 14.28 11.27 14.82
N ASP E 930 14.80 10.75 15.93
CA ASP E 930 15.40 9.42 15.93
C ASP E 930 15.11 8.65 17.23
N GLY E 931 14.41 9.29 18.16
CA GLY E 931 14.09 8.65 19.42
C GLY E 931 15.27 8.54 20.37
N SER E 932 16.38 9.14 19.96
CA SER E 932 17.59 9.12 20.75
C SER E 932 17.40 9.61 22.18
N LYS E 933 16.41 10.48 22.38
CA LYS E 933 16.16 11.03 23.70
C LYS E 933 15.02 10.36 24.47
N SER E 934 14.95 9.03 24.38
CA SER E 934 13.93 8.26 25.09
C SER E 934 14.61 7.37 26.13
N ALA E 935 13.87 7.06 27.19
CA ALA E 935 14.41 6.25 28.27
C ALA E 935 14.80 4.84 27.85
N ILE E 936 13.99 4.23 27.00
CA ILE E 936 14.28 2.87 26.54
C ILE E 936 15.58 2.85 25.76
N SER E 937 15.76 3.85 24.90
CA SER E 937 16.96 3.91 24.09
C SER E 937 18.16 4.05 25.01
N ARG E 938 18.06 4.93 26.00
CA ARG E 938 19.17 5.16 26.91
C ARG E 938 19.52 3.87 27.62
N LEU E 939 18.49 3.11 27.96
CA LEU E 939 18.73 1.86 28.67
C LEU E 939 19.44 0.87 27.75
N ILE E 940 18.98 0.79 26.51
CA ILE E 940 19.59 -0.14 25.56
C ILE E 940 21.06 0.24 25.37
N SER E 941 21.33 1.55 25.37
CA SER E 941 22.69 2.07 25.23
C SER E 941 23.56 1.91 26.47
N LYS E 942 22.97 2.10 27.64
CA LYS E 942 23.72 2.02 28.90
C LYS E 942 24.41 0.67 29.11
N TYR E 943 23.76 -0.40 28.67
CA TYR E 943 24.32 -1.73 28.84
C TYR E 943 24.78 -2.38 27.55
N SER E 944 23.97 -2.34 26.50
CA SER E 944 24.37 -2.93 25.23
C SER E 944 24.98 -1.86 24.30
N VAL E 945 25.75 -2.31 23.32
CA VAL E 945 26.42 -1.44 22.36
C VAL E 945 25.57 -1.30 21.11
N TYR E 946 24.60 -2.21 20.97
CA TYR E 946 23.70 -2.21 19.83
C TYR E 946 22.96 -0.88 19.75
N LYS E 947 22.54 -0.51 18.54
CA LYS E 947 21.83 0.73 18.31
C LYS E 947 20.68 0.50 17.34
N PRO E 948 19.45 0.37 17.87
CA PRO E 948 18.25 0.15 17.05
C PRO E 948 17.74 1.49 16.50
N SER E 949 17.40 1.52 15.22
CA SER E 949 16.92 2.73 14.58
C SER E 949 15.59 3.18 15.16
N ILE E 950 15.08 4.31 14.66
CA ILE E 950 13.81 4.82 15.13
C ILE E 950 12.75 3.80 14.78
N GLU E 951 12.88 3.20 13.60
CA GLU E 951 11.92 2.20 13.13
C GLU E 951 11.84 1.03 14.09
N GLU E 952 13.00 0.55 14.53
CA GLU E 952 13.02 -0.57 15.45
C GLU E 952 12.42 -0.18 16.79
N LEU E 953 12.76 0.99 17.29
CA LEU E 953 12.24 1.46 18.56
C LEU E 953 10.73 1.59 18.42
N TYR E 954 10.29 2.03 17.25
CA TYR E 954 8.86 2.20 16.97
C TYR E 954 8.14 0.86 16.99
N LYS E 955 8.72 -0.15 16.34
CA LYS E 955 8.10 -1.47 16.29
C LYS E 955 8.14 -2.10 17.68
N VAL E 956 9.28 -1.96 18.36
CA VAL E 956 9.47 -2.53 19.68
C VAL E 956 8.53 -1.91 20.71
N ILE E 957 8.39 -0.60 20.67
CA ILE E 957 7.52 0.12 21.60
C ILE E 957 6.07 -0.32 21.42
N SER E 958 5.70 -0.60 20.17
CA SER E 958 4.34 -1.04 19.86
C SER E 958 4.08 -2.47 20.34
N LEU E 959 5.01 -3.04 21.11
CA LEU E 959 4.85 -4.42 21.58
C LEU E 959 4.24 -4.53 22.97
N HIS E 960 3.94 -5.76 23.37
CA HIS E 960 3.36 -6.05 24.67
C HIS E 960 4.46 -6.05 25.73
N GLU E 961 4.10 -5.61 26.93
CA GLU E 961 5.04 -5.53 28.05
C GLU E 961 5.91 -6.77 28.19
N ASN E 962 5.32 -7.94 28.00
CA ASN E 962 6.03 -9.20 28.13
C ASN E 962 7.13 -9.36 27.09
N GLU E 963 6.82 -9.02 25.85
CA GLU E 963 7.76 -9.12 24.75
C GLU E 963 8.93 -8.13 24.87
N ILE E 964 8.60 -6.89 25.23
CA ILE E 964 9.57 -5.81 25.37
C ILE E 964 10.61 -6.13 26.44
N GLN E 965 10.18 -6.80 27.51
CA GLN E 965 11.08 -7.15 28.60
C GLN E 965 12.20 -8.09 28.14
N LEU E 966 11.85 -9.08 27.31
CA LEU E 966 12.82 -10.04 26.77
C LEU E 966 13.83 -9.37 25.82
N TYR E 967 13.34 -8.39 25.07
CA TYR E 967 14.16 -7.66 24.11
C TYR E 967 15.34 -7.04 24.84
N LEU E 968 15.08 -6.38 25.97
CA LEU E 968 16.11 -5.74 26.78
C LEU E 968 17.09 -6.78 27.31
N ILE E 969 16.56 -7.90 27.78
CA ILE E 969 17.37 -8.98 28.32
C ILE E 969 18.24 -9.52 27.21
N SER E 970 17.63 -9.75 26.05
CA SER E 970 18.33 -10.30 24.90
C SER E 970 19.57 -9.48 24.52
N LEU E 971 19.56 -8.20 24.85
CA LEU E 971 20.68 -7.32 24.54
C LEU E 971 21.66 -7.21 25.70
N GLY E 972 21.17 -7.41 26.92
CA GLY E 972 22.06 -7.34 28.05
C GLY E 972 21.61 -6.51 29.24
N ILE E 973 20.51 -5.78 29.09
CA ILE E 973 20.04 -4.97 30.22
C ILE E 973 19.78 -5.92 31.39
N PRO E 974 20.18 -5.53 32.61
CA PRO E 974 19.98 -6.35 33.81
C PRO E 974 18.48 -6.51 34.10
N LYS E 975 18.08 -7.71 34.54
CA LYS E 975 16.67 -8.00 34.79
C LYS E 975 16.01 -7.12 35.85
N ILE E 976 16.74 -6.77 36.90
CA ILE E 976 16.16 -5.92 37.94
C ILE E 976 15.78 -4.60 37.27
N ASP E 977 16.70 -4.07 36.47
CA ASP E 977 16.51 -2.83 35.75
C ASP E 977 15.53 -2.94 34.58
N ALA E 978 15.59 -4.05 33.87
CA ALA E 978 14.71 -4.28 32.73
C ALA E 978 13.26 -4.34 33.20
N ASP E 979 13.03 -5.04 34.31
CA ASP E 979 11.69 -5.17 34.86
C ASP E 979 11.15 -3.83 35.34
N THR E 980 12.01 -3.00 35.91
CA THR E 980 11.59 -1.68 36.40
C THR E 980 11.07 -0.79 35.27
N TYR E 981 11.69 -0.86 34.11
CA TYR E 981 11.23 -0.06 32.99
C TYR E 981 9.87 -0.54 32.46
N VAL E 982 9.74 -1.85 32.24
CA VAL E 982 8.52 -2.42 31.68
C VAL E 982 7.23 -1.96 32.35
N GLY E 983 7.27 -1.80 33.66
CA GLY E 983 6.07 -1.36 34.36
C GLY E 983 6.03 0.15 34.41
N SER E 984 7.06 0.71 35.04
CA SER E 984 7.22 2.15 35.22
C SER E 984 6.40 3.06 34.30
N LYS E 985 6.00 4.19 34.87
CA LYS E 985 5.22 5.20 34.18
C LYS E 985 6.03 5.76 33.00
N ILE E 986 7.34 5.86 33.20
CA ILE E 986 8.24 6.40 32.19
C ILE E 986 8.13 5.65 30.87
N TYR E 987 7.92 4.33 30.94
CA TYR E 987 7.77 3.52 29.73
C TYR E 987 6.56 3.97 28.90
N SER E 988 5.48 4.32 29.58
CA SER E 988 4.27 4.74 28.88
C SER E 988 4.54 6.01 28.08
N ARG E 989 5.23 6.97 28.72
CA ARG E 989 5.56 8.24 28.08
C ARG E 989 6.50 7.94 26.92
N ASP E 990 7.42 7.02 27.17
CA ASP E 990 8.39 6.65 26.16
C ASP E 990 7.68 6.11 24.93
N LYS E 991 6.47 5.60 25.13
CA LYS E 991 5.70 5.09 24.00
C LYS E 991 5.27 6.27 23.14
N TYR E 992 4.99 7.40 23.79
CA TYR E 992 4.60 8.63 23.10
C TYR E 992 5.75 9.24 22.34
N ARG E 993 6.91 9.31 22.99
CA ARG E 993 8.09 9.91 22.37
C ARG E 993 8.64 9.17 21.15
N ILE E 994 8.61 7.85 21.19
CA ILE E 994 9.09 7.08 20.05
C ILE E 994 8.24 7.41 18.84
N LEU E 995 6.94 7.52 19.04
CA LEU E 995 6.03 7.84 17.93
C LEU E 995 6.26 9.23 17.42
N GLU E 996 6.52 10.16 18.33
CA GLU E 996 6.75 11.52 17.91
C GLU E 996 7.96 11.57 16.97
N SER E 997 9.06 10.95 17.38
CA SER E 997 10.27 10.98 16.57
C SER E 997 10.01 10.32 15.22
N TYR E 998 9.27 9.22 15.20
CA TYR E 998 8.96 8.54 13.96
C TYR E 998 8.13 9.42 13.02
N VAL E 999 7.15 10.12 13.58
CA VAL E 999 6.28 10.99 12.78
C VAL E 999 7.01 12.17 12.21
N TYR E 1000 7.81 12.82 13.04
CA TYR E 1000 8.57 13.97 12.60
C TYR E 1000 9.54 13.55 11.50
N ASN E 1001 10.08 12.35 11.63
CA ASN E 1001 11.01 11.88 10.61
C ASN E 1001 10.27 11.80 9.27
N LEU E 1002 9.05 11.25 9.30
CA LEU E 1002 8.26 11.10 8.08
C LEU E 1002 7.76 12.39 7.49
N LEU E 1003 7.93 13.49 8.21
CA LEU E 1003 7.46 14.76 7.71
C LEU E 1003 8.64 15.65 7.38
N SER E 1004 9.83 15.07 7.48
CA SER E 1004 11.06 15.78 7.16
C SER E 1004 11.04 17.13 7.83
N ILE E 1005 10.42 17.19 9.00
CA ILE E 1005 10.31 18.44 9.72
C ILE E 1005 11.67 19.04 10.02
N ASN E 1006 12.73 18.23 9.90
CA ASN E 1006 14.08 18.71 10.18
C ASN E 1006 14.89 19.10 8.93
N TYR E 1007 14.44 18.68 7.76
CA TYR E 1007 15.11 18.98 6.52
C TYR E 1007 14.44 20.18 5.87
N GLY E 1008 14.41 20.21 4.54
CA GLY E 1008 13.77 21.29 3.82
C GLY E 1008 13.74 22.69 4.43
N CYS E 1009 12.71 23.46 4.09
CA CYS E 1009 12.56 24.82 4.61
C CYS E 1009 11.93 24.81 6.00
N TYR E 1010 11.23 23.74 6.34
CA TYR E 1010 10.60 23.64 7.67
C TYR E 1010 11.62 23.73 8.80
N GLN E 1011 12.85 23.31 8.55
CA GLN E 1011 13.83 23.35 9.61
C GLN E 1011 14.11 24.77 10.07
N LEU E 1012 13.62 25.75 9.32
CA LEU E 1012 13.83 27.15 9.65
C LEU E 1012 12.64 27.79 10.35
N PHE E 1013 11.58 27.00 10.54
CA PHE E 1013 10.34 27.47 11.17
C PHE E 1013 10.17 27.04 12.60
N ASP E 1014 9.79 27.97 13.45
CA ASP E 1014 9.58 27.68 14.86
C ASP E 1014 8.19 27.08 14.93
N PHE E 1015 8.10 25.74 14.90
CA PHE E 1015 6.82 25.04 14.94
C PHE E 1015 6.15 25.03 16.28
N ASN E 1016 6.74 25.75 17.23
CA ASN E 1016 6.14 25.84 18.54
C ASN E 1016 5.98 27.29 18.85
N SER E 1017 5.94 28.08 17.79
CA SER E 1017 5.77 29.51 17.88
C SER E 1017 4.46 29.83 18.57
N PRO E 1018 4.49 30.78 19.49
CA PRO E 1018 3.28 31.18 20.22
C PRO E 1018 2.31 31.74 19.19
N ASP E 1019 2.87 32.41 18.22
CA ASP E 1019 2.08 33.02 17.17
C ASP E 1019 1.37 31.97 16.29
N LEU E 1020 2.05 30.87 15.99
CA LEU E 1020 1.45 29.78 15.20
C LEU E 1020 0.43 28.99 16.01
N GLU E 1021 0.75 28.78 17.29
CA GLU E 1021 -0.10 28.00 18.19
C GLU E 1021 -1.48 28.61 18.35
N LYS E 1022 -1.57 29.93 18.42
CA LYS E 1022 -2.87 30.60 18.56
C LYS E 1022 -3.76 30.31 17.35
N LEU E 1023 -3.18 30.27 16.16
CA LEU E 1023 -3.95 30.00 14.98
C LEU E 1023 -4.57 28.60 14.95
N ILE E 1024 -4.21 27.76 15.91
CA ILE E 1024 -4.77 26.41 15.97
C ILE E 1024 -5.70 26.25 17.15
N ARG E 1025 -6.83 25.61 16.92
CA ARG E 1025 -7.81 25.41 17.97
C ARG E 1025 -8.14 23.93 18.10
N ILE E 1026 -7.75 23.31 19.22
CA ILE E 1026 -8.02 21.89 19.43
C ILE E 1026 -8.45 21.54 20.86
N PRO E 1027 -9.72 21.12 21.03
CA PRO E 1027 -10.27 20.73 22.33
C PRO E 1027 -9.78 19.34 22.73
N PHE E 1028 -9.54 19.13 24.03
CA PHE E 1028 -9.05 17.83 24.50
C PHE E 1028 -10.19 16.85 24.77
N LYS E 1029 -10.59 16.13 23.73
CA LYS E 1029 -11.66 15.13 23.83
C LYS E 1029 -11.29 14.12 24.92
N GLY E 1030 -9.99 13.87 25.06
CA GLY E 1030 -9.48 12.95 26.06
C GLY E 1030 -7.96 13.04 26.07
N LYS E 1031 -7.34 12.84 27.23
CA LYS E 1031 -5.89 12.92 27.34
C LYS E 1031 -5.17 11.82 26.56
N ILE E 1032 -5.40 11.79 25.24
CA ILE E 1032 -4.77 10.79 24.36
C ILE E 1032 -3.65 11.47 23.57
N PRO E 1033 -2.47 11.58 24.19
CA PRO E 1033 -1.27 12.21 23.61
C PRO E 1033 -0.94 11.91 22.15
N ALA E 1034 -1.29 10.72 21.66
CA ALA E 1034 -0.99 10.39 20.27
C ALA E 1034 -1.83 11.20 19.32
N VAL E 1035 -3.14 10.99 19.36
CA VAL E 1035 -4.05 11.69 18.47
C VAL E 1035 -4.01 13.21 18.66
N THR E 1036 -3.93 13.67 19.90
CA THR E 1036 -3.92 15.11 20.08
C THR E 1036 -2.69 15.64 19.36
N PHE E 1037 -1.61 14.88 19.40
CA PHE E 1037 -0.37 15.30 18.76
C PHE E 1037 -0.45 15.47 17.25
N ILE E 1038 -0.97 14.47 16.54
CA ILE E 1038 -1.05 14.56 15.09
C ILE E 1038 -2.02 15.62 14.60
N LEU E 1039 -3.13 15.78 15.29
CA LEU E 1039 -4.14 16.74 14.88
C LEU E 1039 -3.48 18.09 14.90
N HIS E 1040 -2.67 18.32 15.93
CA HIS E 1040 -1.97 19.60 16.12
C HIS E 1040 -0.91 19.84 15.04
N LEU E 1041 -0.07 18.85 14.80
CA LEU E 1041 1.00 18.97 13.81
C LEU E 1041 0.38 19.09 12.46
N TYR E 1042 -0.69 18.36 12.23
CA TYR E 1042 -1.37 18.45 10.94
C TYR E 1042 -1.92 19.85 10.87
N ALA E 1043 -2.39 20.37 12.00
CA ALA E 1043 -2.94 21.70 12.03
C ALA E 1043 -1.85 22.73 11.70
N LYS E 1044 -0.68 22.58 12.32
CA LYS E 1044 0.41 23.50 12.08
C LYS E 1044 0.92 23.48 10.65
N LEU E 1045 1.11 22.29 10.07
CA LEU E 1045 1.62 22.20 8.71
C LEU E 1045 0.67 22.87 7.74
N GLU E 1046 -0.62 22.62 7.92
CA GLU E 1046 -1.63 23.18 7.03
C GLU E 1046 -1.59 24.69 7.06
N VAL E 1047 -1.49 25.26 8.24
CA VAL E 1047 -1.46 26.70 8.35
C VAL E 1047 -0.19 27.27 7.73
N ILE E 1048 0.94 26.62 7.95
CA ILE E 1048 2.19 27.11 7.40
C ILE E 1048 2.19 27.09 5.89
N ASN E 1049 1.76 25.97 5.33
CA ASN E 1049 1.72 25.79 3.89
C ASN E 1049 0.82 26.79 3.21
N TYR E 1050 -0.29 27.12 3.87
CA TYR E 1050 -1.21 28.09 3.31
C TYR E 1050 -0.50 29.43 3.28
N ALA E 1051 0.28 29.69 4.34
CA ALA E 1051 0.99 30.95 4.47
C ALA E 1051 1.95 31.13 3.32
N ILE E 1052 2.67 30.06 3.00
CA ILE E 1052 3.65 30.07 1.92
C ILE E 1052 2.99 30.25 0.56
N LYS E 1053 1.83 29.64 0.37
CA LYS E 1053 1.13 29.73 -0.90
C LYS E 1053 0.02 30.78 -0.94
N ASN E 1054 0.07 31.78 -0.05
CA ASN E 1054 -0.95 32.81 -0.04
C ASN E 1054 -0.62 34.10 0.66
N GLY E 1055 0.40 34.08 1.51
CA GLY E 1055 0.77 35.32 2.17
C GLY E 1055 -0.17 35.72 3.28
N SER E 1056 -1.27 34.99 3.40
CA SER E 1056 -2.24 35.26 4.45
C SER E 1056 -2.39 34.01 5.30
N TRP E 1057 -2.87 34.19 6.53
CA TRP E 1057 -3.03 33.05 7.42
C TRP E 1057 -4.48 32.60 7.52
N ILE E 1058 -4.65 31.39 8.06
CA ILE E 1058 -5.94 30.76 8.25
C ILE E 1058 -5.93 30.11 9.62
N SER E 1059 -7.07 30.09 10.27
CA SER E 1059 -7.17 29.47 11.59
C SER E 1059 -7.98 28.18 11.47
N LEU E 1060 -7.49 27.12 12.08
CA LEU E 1060 -8.17 25.82 12.02
C LEU E 1060 -8.80 25.38 13.33
N PHE E 1061 -10.01 24.84 13.22
CA PHE E 1061 -10.76 24.36 14.36
C PHE E 1061 -10.91 22.86 14.22
N CYS E 1062 -10.87 22.12 15.33
CA CYS E 1062 -11.01 20.68 15.28
C CYS E 1062 -12.00 20.10 16.28
N ASN E 1063 -13.02 19.42 15.75
CA ASN E 1063 -14.06 18.79 16.55
C ASN E 1063 -14.05 17.28 16.32
N TYR E 1064 -12.85 16.70 16.36
CA TYR E 1064 -12.69 15.26 16.14
C TYR E 1064 -13.45 14.45 17.19
N PRO E 1065 -14.45 13.67 16.76
CA PRO E 1065 -15.26 12.85 17.67
C PRO E 1065 -14.39 11.90 18.49
N LYS E 1066 -14.88 11.51 19.66
CA LYS E 1066 -14.15 10.60 20.55
C LYS E 1066 -14.06 9.21 19.94
N SER E 1067 -15.08 8.84 19.17
CA SER E 1067 -15.14 7.54 18.51
C SER E 1067 -14.08 7.40 17.43
N GLU E 1068 -13.93 8.45 16.64
CA GLU E 1068 -12.96 8.50 15.54
C GLU E 1068 -11.52 8.38 16.01
N MET E 1069 -11.23 8.91 17.19
CA MET E 1069 -9.88 8.89 17.76
C MET E 1069 -9.34 7.49 17.95
N ILE E 1070 -10.17 6.55 18.37
CA ILE E 1070 -9.72 5.17 18.56
C ILE E 1070 -9.34 4.50 17.23
N LYS E 1071 -10.12 4.78 16.18
CA LYS E 1071 -9.82 4.19 14.88
C LYS E 1071 -8.47 4.73 14.42
N LEU E 1072 -8.30 6.04 14.58
CA LEU E 1072 -7.08 6.75 14.19
C LEU E 1072 -5.87 6.28 14.98
N TRP E 1073 -6.09 5.97 16.25
CA TRP E 1073 -5.05 5.51 17.15
C TRP E 1073 -4.45 4.21 16.64
N LYS E 1074 -5.29 3.34 16.07
CA LYS E 1074 -4.78 2.08 15.55
C LYS E 1074 -3.89 2.35 14.36
N LYS E 1075 -4.31 3.26 13.50
CA LYS E 1075 -3.56 3.58 12.31
C LYS E 1075 -2.16 4.08 12.62
N MET E 1076 -2.02 4.84 13.69
CA MET E 1076 -0.74 5.43 14.07
C MET E 1076 0.39 4.41 14.20
N TRP E 1077 0.10 3.21 14.66
CA TRP E 1077 1.16 2.21 14.81
C TRP E 1077 1.22 1.19 13.67
N ASN E 1078 1.05 1.68 12.44
CA ASN E 1078 1.11 0.82 11.26
C ASN E 1078 1.51 1.62 10.01
N ILE E 1079 2.26 2.71 10.23
CA ILE E 1079 2.69 3.55 9.11
C ILE E 1079 4.01 3.06 8.54
N THR E 1080 4.04 2.89 7.22
CA THR E 1080 5.25 2.45 6.56
C THR E 1080 5.96 3.66 5.95
N SER E 1081 7.15 3.44 5.40
CA SER E 1081 7.92 4.54 4.83
C SER E 1081 8.00 4.61 3.31
N LEU E 1082 8.83 5.55 2.84
CA LEU E 1082 9.07 5.80 1.42
C LEU E 1082 10.49 6.40 1.32
N ARG E 1083 11.44 5.50 1.09
N ARG E 1083 11.20 5.39 1.18
CA ARG E 1083 12.89 5.77 1.02
CA ARG E 1083 12.65 5.57 1.02
C ARG E 1083 13.56 7.01 0.37
C ARG E 1083 13.36 6.84 0.49
N SER E 1084 13.18 7.36 -0.87
N SER E 1084 12.73 7.63 -0.39
CA SER E 1084 13.78 8.48 -1.60
CA SER E 1084 13.40 8.82 -0.94
C SER E 1084 14.61 9.48 -0.77
C SER E 1084 14.42 9.52 -0.02
N PRO E 1085 15.96 9.34 -0.80
N PRO E 1085 15.72 9.34 -0.33
CA PRO E 1085 16.98 10.14 -0.10
CA PRO E 1085 16.98 9.81 0.26
C PRO E 1085 17.36 11.46 -0.78
C PRO E 1085 16.98 10.90 1.34
N TYR E 1086 17.00 11.58 -2.05
N TYR E 1086 17.78 10.66 2.37
CA TYR E 1086 17.32 12.75 -2.86
CA TYR E 1086 17.97 11.53 3.54
C TYR E 1086 16.70 14.03 -2.32
C TYR E 1086 18.86 10.86 4.59
N THR E 1087 15.50 13.87 -1.80
N THR E 1087 19.01 11.50 5.76
CA THR E 1087 14.67 14.92 -1.20
CA THR E 1087 19.86 10.93 6.82
C THR E 1087 15.43 15.74 -0.12
C THR E 1087 19.11 10.04 7.83
N ASN E 1088 16.63 15.25 0.20
N ASN E 1088 18.75 8.82 7.40
CA ASN E 1088 17.61 15.71 1.21
CA ASN E 1088 18.02 7.87 8.27
C ASN E 1088 17.88 17.17 1.68
C ASN E 1088 18.51 6.42 8.14
N ALA E 1089 17.16 18.16 1.17
N ALA E 1089 18.65 5.76 9.28
CA ALA E 1089 17.31 19.62 1.43
CA ALA E 1089 19.13 4.38 9.34
C ALA E 1089 17.93 20.20 2.76
C ALA E 1089 18.04 3.30 9.22
N ASN E 1090 18.21 19.36 3.72
N ASN E 1090 18.37 2.21 8.52
CA ASN E 1090 18.80 19.65 5.04
CA ASN E 1090 17.48 1.08 8.32
C ASN E 1090 19.90 20.72 5.28
C ASN E 1090 16.22 1.42 7.52
N PHE E 1091 20.25 21.56 4.30
CA PHE E 1091 21.43 22.45 4.38
C PHE E 1091 22.00 23.06 5.69
N PHE E 1092 21.29 23.76 6.57
CA PHE E 1092 22.05 24.12 7.77
C PHE E 1092 22.12 23.00 8.83
#